data_1RYP
#
_entry.id   1RYP
#
_cell.length_a   135.490
_cell.length_b   300.700
_cell.length_c   144.420
_cell.angle_alpha   90.00
_cell.angle_beta   112.89
_cell.angle_gamma   90.00
#
_symmetry.space_group_name_H-M   'P 1 21 1'
#
loop_
_entity.id
_entity.type
_entity.pdbx_description
1 polymer '20S PROTEASOME'
2 polymer '20S PROTEASOME'
3 polymer '20S PROTEASOME'
4 polymer '20S PROTEASOME'
5 polymer '20S PROTEASOME'
6 polymer '20S PROTEASOME'
7 polymer '20S PROTEASOME'
8 polymer '20S PROTEASOME'
9 polymer '20S PROTEASOME'
10 polymer '20S PROTEASOME'
11 polymer '20S PROTEASOME'
12 polymer '20S PROTEASOME'
13 polymer '20S PROTEASOME'
14 polymer '20S PROTEASOME'
15 non-polymer 'MAGNESIUM ION'
16 water water
#
loop_
_entity_poly.entity_id
_entity_poly.type
_entity_poly.pdbx_seq_one_letter_code
_entity_poly.pdbx_strand_id
1 'polypeptide(L)'
;AGYDRHITIFSPEGRLYQVEYAFKATNQTNINSLAVRGKDCTVVISQKKVPDKLLDPTTVSYIFCISRTIGMVVNGPIPD
ARNAALRAKAEAAEFRYKYGYDMPCDVLAKRMANLSQIYTQRAYMRPLGVILTFVSVDEELGPSIYKTDPAGYYVGYKAT
ATGPKQQEITTNLENHFKKSKIDHINEESWEKVVEFAITHMIDALGTEFSKNDLEVGVATKDKFFTLSAENIEERLVAIA
EQD
;
A,O
2 'polypeptide(L)'
;MTDRYSFSLTTFSPSGKLGQIDYALTAVKQGVTSLGIKATNGVVIATEKKSSSPLAMSETLSKVSLLTPDIGAVYSGMGP
DYRVLVDKSRKVAHTSYKRIYGEYPPTKLLVSEVAKIMQEATQSGGVRPFGVSLLIAGHDEFNGFSLYQVDPSGSYFPWK
ATAIGKGSVAAKTFLEKRWNDELELEDAIHIALLTLKESVEGEFNGDTIELAIIGDENPDLLGYTGIPTDKGPRFRKLTS
QEINDRLEAL
;
B,P
3 'polypeptide(L)'
;GSRRYDSRTTIFSPEGRLYQVEYALESISHAGTAIGIMASDGIVLAAERKVTSTLLEQDTSTEKLYKLNDKIAVAVAGLT
ADAEILINTARIHAQNYLKTYNEDIPVEILVRRLSDIKQGYTQHGGLRPFGVSFIYAGYDDRYGYQLYTSNPSGNYTGWK
AISVGANTSAAQTLLQMDYKDDMKVDDAIELALKTLSKTTDSSALTYDRLEFATIRKGANDGEVYQKIFKPQEIKDILVK
TGIT
;
C,Q
4 'polypeptide(L)'
;GYDRALSIFSPDGHIFQVEYALEAVKRGTCAVGVKGKNCVVLGCERRSTLKLQDTRITPSKVSKIDSHVVLSFSGLNADS
RILIEKARVEAQSHRLTLEDPVTVEYLTRYVAGVQQRYTQSGGVRPFGVSTLIAGFDPRDDEPKLYQTEPSGIYSSWSAQ
TIGRNSKTVREFLEKNYDRKEPPATVEECVKLTVRSLLEVVQTGAKNIEITVVKPDSDIVALSSEEINQYVTQIEQEKQE
Q
;
D,R
5 'polypeptide(L)'
;DRGVSTFSPEGRLFQVEYSLEAIKLGSTAIGIATKEGVVLGVEKRATSPLLESDSIEKIVEIDRHIGCAMSGLTADARSM
IEHARTAAVTHNLYYDEDINVESLTQSVCDLALRFGEGASGEERLMSRPFGVALLIAGHDADDGYQLFHAEPSGTFYRYN
AKAIGSGSEGAQAELLNEWHSSLTLKEAELLVLKILKQVMEEKLDENNAQLSCITKQDGFKIYDNEKTAELIKELKEKEA
AE
;
E,S
6 'polypeptide(L)'
;FRNNYDGDTVTFSPTGRLFQVEYALEAIKQGSVTVGLRSNTHAVLVALKRNADELSSYQKKIIKCDEHMGLSLAGLAPDA
RVLSNYLRQQCNYSSLVFNRKLAVERAGHLLCDKAQKNTQSYGGRPYGVGLLIIGYDKSGAHLLEFQPSGNVTELYGTAI
GARSQGAKTYLERTLDTFIKIDGNPDELIKAGVEAISQSLRDESLTVDNLSIAIVGKDTPFTIYDGEAVAKYI
;
F,T
7 'polypeptide(L)'
;GTGYDLSNSVFSPDGRNFQVEYAVKAVENGTTSIGIKCNDGVVFAVEKLITSKLLVPQKNVKIQVVDRHIGCVYSGLIPD
GRHLVNRGREEAASFKKLYKTPIPIPAFADRLGQYVQAHTLYNSVRPFGVSTIFGGVDKNGAHLYMLEPSGSYWGYKGAA
TGKGRQSAKAELEKLVDHHPEGLSAREAVKQAAKIIYLAHEDNKEKDFELEISWCSLSETNGLHKFVKGDLLQEAIDFAQ
KEIN
;
G,U
8 'polypeptide(L)'
;LKKGEVSLGASIMAVTFKDGVILGADSRTTTGAYIANRVTDKLTRVHDKIWCCRSGSAADTQAIADIVQYHLELYTSQYG
TPSTETAASVFKELCYENKDNLTAGIIVAGYDDKNKGEVYTIPLGGSVHKLPYAIAGSGSTFIYGYCDKNFRENMSKEET
VDFIKHSLSQAIKWDGSSGGVIRMVVLTAAGVERLIFYPDEYEQL
;
H,V
9 'polypeptide(L)'
;TTIVGVKFNNGVVIAADTRSTQGPIVADKNCAKLHRISPKIWCAGAGTAADTEAVTQLIGSNIELHSLYTSREPRVVSAL
QMLKQHLFKYQGHIGAYLIVAGVDPTGSHLFSIHAHGSTDVGYYLSLGSGSLAAMAVLESHWKQDLTKEEAIKLASDAIQ
AGIWNDLGSGSNVDVCVMEIGKDAEYLRNYLTPNVREEKQKSYKFPRGTTAVLKESIVNICD
;
I,W
10 'polypeptide(L)'
;SDPSSINGGIVVAMTGKDCVAIACDLRLGSQSLGVSNKFEKIFHYGHVFLGITGLATDVTTLNEMFRYKTNLYKLKEERA
IEPETFTQLVSSSLYERRFGPYFVGPVVAGINSKSGKPFIAGFDLIGCIDEAKDFIVSGTASDQLFGMCESLYEPNLEPE
DLFETISQALLNAADRDALSGWGAVVYIIKKDEVVKRYLKMRQD
;
J,X
11 'polypeptide(L)'
;MDIILGIRVQDSVILASSKAVTRGISVLKDSDDKTRQLSPHTLMSFAGEAGDTVQFAEYIQANIQLYSIREDYELSPQAV
SSFVRQELAKSIRSRRPYQVNVLIGGYDKKKNKPELYQIDYLGTKVELPYGAHGYSGFYTFSLLDHHYRPDMTTEEGLDL
LKLCVQELEKRMPMDFKGVIVKIVDKDGIRQVDDFQAQ
;
K,Y
12 'polypeptide(L)'
;TTTLAFRFQGGIIVAVDSRATAGNWVASQTVKRVIEINPFLLGTMAGGAADCQFWETWLGSQCRLHELREKERISVAAAS
KILSNLVYQYKGAGLSMGTMICGYTRKEGPTIYYVDSDGTRLKGDIFCVGSGQTFAYGVLDSNYKWDLSVEDALYLGKRS
ILAAAHRDAYSGGSVNLYHVTEDGWIYHGNHDVGELFWKVKEEEGSFNNVIG
;
L,Z
13 'polypeptide(L)'
;QFNPYGDNGGTILGIAGEDFAVLAGDTRNITDYSINSRYEPKVFDCGDNIVMSANGFAADGDALVKRFKNSVKWYHFDHN
DKKLSINSAARNIQHLLYGKRFFPYYVHTIIAGLDEDGKGAVYSFDPVGSYEREQCRAGGAAASLIMPFLDNQVNFKNQY
EPGTNGKVKKPLKYLSVEEVIKLVRDSFTSATERHIQVGDGLEILIVTKDGVRKEFYELKRD
;
M,1
14 'polypeptide(L)'
;TQQPIVTGTSVISMKYDNGVIIAADNLGSYGSLLRFNGVERLIPVGDNTVVGISGDISDMQHIERLLKDLVTENAYDNPL
ADAEEALEPSYIFEYLATVMYQRRSKMNPLWNAIIVAGVQSNGDQFLRYVNLLGVTYSSPTLATGFGAHMANPLLRKVVD
RESDIPKTTVQVAEEAIVNAMRVLYYRDARSSRNFSLAIIDKNTGLTFKKNLQVENMKWDFAKDIKGYGTQKI
;
N,2
#
# COMPACT_ATOMS: atom_id res chain seq x y z
N ALA A 1 -62.70 2.75 -38.28
CA ALA A 1 -62.74 3.58 -39.54
C ALA A 1 -63.38 4.98 -39.35
N GLY A 2 -64.59 5.02 -38.75
CA GLY A 2 -65.28 6.30 -38.53
C GLY A 2 -64.75 7.18 -37.40
N TYR A 3 -63.80 6.64 -36.64
CA TYR A 3 -63.20 7.35 -35.53
C TYR A 3 -62.17 8.33 -36.04
N ASP A 4 -62.10 8.50 -37.36
CA ASP A 4 -61.13 9.41 -37.95
C ASP A 4 -61.38 10.87 -37.58
N ARG A 5 -62.39 11.12 -36.76
CA ARG A 5 -62.68 12.47 -36.34
C ARG A 5 -62.37 12.65 -34.86
N HIS A 6 -61.89 11.61 -34.20
CA HIS A 6 -61.59 11.68 -32.78
C HIS A 6 -60.11 11.78 -32.44
N ILE A 7 -59.26 11.20 -33.28
CA ILE A 7 -57.82 11.25 -33.04
C ILE A 7 -57.17 11.85 -34.26
N THR A 8 -55.90 12.21 -34.14
CA THR A 8 -55.22 12.83 -35.25
C THR A 8 -54.74 11.94 -36.37
N ILE A 9 -55.68 11.36 -37.09
CA ILE A 9 -55.34 10.57 -38.27
C ILE A 9 -56.06 11.25 -39.46
N PHE A 10 -55.59 11.02 -40.68
CA PHE A 10 -56.18 11.66 -41.84
C PHE A 10 -57.59 11.21 -42.15
N SER A 11 -58.41 12.14 -42.60
CA SER A 11 -59.76 11.84 -43.03
C SER A 11 -59.53 11.50 -44.50
N PRO A 12 -60.51 10.89 -45.19
CA PRO A 12 -60.33 10.55 -46.61
C PRO A 12 -60.01 11.73 -47.53
N GLU A 13 -60.14 12.94 -47.01
CA GLU A 13 -59.87 14.15 -47.77
C GLU A 13 -58.50 14.73 -47.41
N GLY A 14 -57.82 14.06 -46.48
CA GLY A 14 -56.50 14.48 -46.03
C GLY A 14 -56.54 15.58 -45.01
N ARG A 15 -57.63 15.64 -44.25
CA ARG A 15 -57.78 16.67 -43.23
C ARG A 15 -57.62 16.06 -41.87
N LEU A 16 -57.25 16.87 -40.88
CA LEU A 16 -57.11 16.38 -39.51
C LEU A 16 -58.13 17.18 -38.75
N TYR A 17 -59.32 16.61 -38.58
CA TYR A 17 -60.39 17.30 -37.91
C TYR A 17 -60.12 17.72 -36.50
N GLN A 18 -59.36 16.93 -35.74
CA GLN A 18 -59.07 17.32 -34.36
C GLN A 18 -58.25 18.58 -34.34
N VAL A 19 -57.45 18.82 -35.36
CA VAL A 19 -56.68 20.03 -35.41
C VAL A 19 -57.65 21.16 -35.70
N GLU A 20 -58.55 20.93 -36.64
CA GLU A 20 -59.56 21.94 -36.99
C GLU A 20 -60.45 22.30 -35.82
N TYR A 21 -60.83 21.33 -35.03
CA TYR A 21 -61.66 21.57 -33.88
C TYR A 21 -60.87 22.30 -32.78
N ALA A 22 -59.55 22.14 -32.80
CA ALA A 22 -58.70 22.80 -31.82
C ALA A 22 -58.70 24.29 -32.18
N PHE A 23 -58.77 24.61 -33.47
CA PHE A 23 -58.82 26.01 -33.92
C PHE A 23 -60.11 26.73 -33.52
N LYS A 24 -61.19 25.98 -33.32
CA LYS A 24 -62.45 26.59 -32.94
C LYS A 24 -62.45 26.89 -31.45
N ALA A 25 -61.69 26.10 -30.69
CA ALA A 25 -61.60 26.27 -29.23
C ALA A 25 -60.85 27.52 -28.85
N THR A 26 -59.96 27.95 -29.73
CA THR A 26 -59.20 29.14 -29.45
C THR A 26 -60.13 30.35 -29.33
N ASN A 27 -61.32 30.25 -29.92
CA ASN A 27 -62.29 31.35 -29.90
C ASN A 27 -63.31 31.30 -28.76
N GLN A 28 -63.23 30.28 -27.92
CA GLN A 28 -64.16 30.11 -26.81
C GLN A 28 -64.20 31.22 -25.76
N THR A 29 -63.12 32.00 -25.64
CA THR A 29 -63.06 33.07 -24.63
C THR A 29 -63.64 34.41 -25.06
N ASN A 30 -63.81 34.59 -26.37
CA ASN A 30 -64.37 35.83 -26.92
C ASN A 30 -63.50 37.07 -26.58
N ILE A 31 -62.19 36.90 -26.67
CA ILE A 31 -61.18 37.93 -26.40
C ILE A 31 -60.38 38.13 -27.67
N ASN A 32 -60.11 39.38 -28.04
CA ASN A 32 -59.32 39.66 -29.24
C ASN A 32 -58.07 40.31 -28.80
N SER A 33 -57.01 40.12 -29.57
CA SER A 33 -55.73 40.70 -29.26
C SER A 33 -55.09 41.13 -30.55
N LEU A 34 -54.13 42.02 -30.47
CA LEU A 34 -53.42 42.43 -31.67
C LEU A 34 -52.04 42.80 -31.22
N ALA A 35 -51.12 42.80 -32.15
CA ALA A 35 -49.76 43.15 -31.84
C ALA A 35 -49.20 43.96 -32.97
N VAL A 36 -48.44 44.98 -32.60
CA VAL A 36 -47.81 45.83 -33.59
C VAL A 36 -46.40 46.07 -33.14
N ARG A 37 -45.55 46.40 -34.09
CA ARG A 37 -44.16 46.68 -33.81
C ARG A 37 -43.88 48.15 -34.00
N GLY A 38 -43.10 48.71 -33.08
CA GLY A 38 -42.73 50.09 -33.15
C GLY A 38 -41.41 50.18 -33.87
N LYS A 39 -40.63 51.21 -33.53
CA LYS A 39 -39.31 51.45 -34.12
C LYS A 39 -38.29 50.63 -33.33
N ASP A 40 -38.57 50.46 -32.05
CA ASP A 40 -37.71 49.69 -31.18
C ASP A 40 -38.50 49.08 -30.02
N CYS A 41 -39.71 48.62 -30.30
CA CYS A 41 -40.59 48.00 -29.31
C CYS A 41 -41.64 47.16 -30.03
N THR A 42 -42.43 46.42 -29.27
CA THR A 42 -43.47 45.59 -29.84
C THR A 42 -44.55 45.64 -28.80
N VAL A 43 -45.78 45.92 -29.22
CA VAL A 43 -46.85 46.01 -28.26
C VAL A 43 -47.93 45.04 -28.60
N VAL A 44 -48.52 44.46 -27.58
CA VAL A 44 -49.62 43.55 -27.77
C VAL A 44 -50.74 44.08 -26.93
N ILE A 45 -51.91 44.13 -27.53
CA ILE A 45 -53.08 44.57 -26.83
C ILE A 45 -54.04 43.41 -26.88
N SER A 46 -54.73 43.20 -25.78
CA SER A 46 -55.69 42.12 -25.68
C SER A 46 -56.81 42.63 -24.82
N GLN A 47 -58.03 42.29 -25.20
CA GLN A 47 -59.20 42.70 -24.43
C GLN A 47 -59.22 41.96 -23.14
N LYS A 48 -59.81 42.59 -22.14
CA LYS A 48 -59.94 41.99 -20.82
C LYS A 48 -61.41 42.08 -20.48
N LYS A 49 -62.03 40.93 -20.24
CA LYS A 49 -63.43 40.86 -19.90
C LYS A 49 -63.60 40.10 -18.59
N VAL A 50 -63.98 40.81 -17.55
CA VAL A 50 -64.21 40.19 -16.24
C VAL A 50 -65.71 40.25 -15.97
N PRO A 51 -66.43 39.15 -16.22
CA PRO A 51 -67.87 39.07 -16.00
C PRO A 51 -68.28 39.00 -14.53
N ASP A 52 -67.99 37.88 -13.89
CA ASP A 52 -68.33 37.63 -12.49
C ASP A 52 -67.77 38.71 -11.56
N LYS A 53 -68.64 39.34 -10.77
CA LYS A 53 -68.20 40.39 -9.85
C LYS A 53 -67.44 39.83 -8.67
N LEU A 54 -67.40 38.52 -8.58
CA LEU A 54 -66.70 37.83 -7.50
C LEU A 54 -65.22 37.51 -7.78
N LEU A 55 -64.79 37.79 -8.99
CA LEU A 55 -63.41 37.53 -9.38
C LEU A 55 -62.46 38.65 -8.97
N ASP A 56 -61.19 38.31 -8.73
CA ASP A 56 -60.15 39.29 -8.39
C ASP A 56 -59.57 39.68 -9.77
N PRO A 57 -59.94 40.87 -10.30
CA PRO A 57 -59.48 41.37 -11.59
C PRO A 57 -57.99 41.27 -11.88
N THR A 58 -57.18 41.33 -10.83
CA THR A 58 -55.73 41.29 -10.98
C THR A 58 -55.14 39.96 -11.44
N THR A 59 -55.95 38.90 -11.38
CA THR A 59 -55.51 37.58 -11.75
C THR A 59 -56.01 37.09 -13.12
N VAL A 60 -56.85 37.89 -13.78
CA VAL A 60 -57.38 37.51 -15.08
C VAL A 60 -56.48 38.07 -16.16
N SER A 61 -55.63 37.23 -16.73
CA SER A 61 -54.73 37.69 -17.77
C SER A 61 -54.48 36.57 -18.74
N TYR A 62 -54.22 36.94 -19.99
CA TYR A 62 -53.92 36.00 -21.03
C TYR A 62 -52.59 36.43 -21.62
N ILE A 63 -51.91 37.33 -20.91
CA ILE A 63 -50.61 37.81 -21.32
C ILE A 63 -49.64 37.24 -20.28
N PHE A 64 -48.56 36.63 -20.76
CA PHE A 64 -47.56 36.03 -19.91
C PHE A 64 -46.18 36.55 -20.20
N CYS A 65 -45.40 36.70 -19.14
CA CYS A 65 -44.02 37.14 -19.29
C CYS A 65 -43.24 35.83 -19.36
N ILE A 66 -42.82 35.46 -20.55
CA ILE A 66 -42.12 34.20 -20.72
C ILE A 66 -40.70 34.25 -20.19
N SER A 67 -39.97 35.29 -20.53
CA SER A 67 -38.62 35.47 -20.07
C SER A 67 -38.43 36.95 -19.88
N ARG A 68 -37.26 37.36 -19.45
CA ARG A 68 -36.97 38.76 -19.26
C ARG A 68 -37.27 39.50 -20.56
N THR A 69 -37.13 38.83 -21.71
CA THR A 69 -37.35 39.47 -23.01
C THR A 69 -38.58 39.08 -23.86
N ILE A 70 -39.09 37.89 -23.66
CA ILE A 70 -40.20 37.42 -24.45
C ILE A 70 -41.50 37.50 -23.72
N GLY A 71 -42.52 38.00 -24.40
CA GLY A 71 -43.85 38.07 -23.81
C GLY A 71 -44.72 37.22 -24.70
N MET A 72 -45.79 36.69 -24.14
CA MET A 72 -46.69 35.86 -24.93
C MET A 72 -48.16 36.10 -24.64
N VAL A 73 -48.96 36.32 -25.69
CA VAL A 73 -50.39 36.51 -25.50
C VAL A 73 -51.10 35.31 -26.08
N VAL A 74 -52.01 34.75 -25.30
CA VAL A 74 -52.73 33.56 -25.71
C VAL A 74 -54.19 33.83 -26.01
N ASN A 75 -54.66 33.25 -27.09
CA ASN A 75 -56.05 33.34 -27.45
C ASN A 75 -56.49 31.90 -27.32
N GLY A 76 -57.20 31.59 -26.25
CA GLY A 76 -57.66 30.23 -26.03
C GLY A 76 -57.98 30.04 -24.57
N PRO A 77 -58.59 28.90 -24.19
CA PRO A 77 -58.96 28.59 -22.80
C PRO A 77 -57.77 28.75 -21.88
N ILE A 78 -58.01 29.24 -20.68
CA ILE A 78 -56.92 29.48 -19.76
C ILE A 78 -56.12 28.24 -19.37
N PRO A 79 -56.77 27.07 -19.16
CA PRO A 79 -55.90 25.95 -18.80
C PRO A 79 -54.89 25.55 -19.88
N ASP A 80 -55.28 25.60 -21.14
CA ASP A 80 -54.33 25.26 -22.18
C ASP A 80 -53.32 26.36 -22.33
N ALA A 81 -53.76 27.58 -22.10
CA ALA A 81 -52.89 28.74 -22.18
C ALA A 81 -51.79 28.65 -21.16
N ARG A 82 -52.13 28.28 -19.94
CA ARG A 82 -51.14 28.14 -18.89
C ARG A 82 -50.22 26.93 -19.05
N ASN A 83 -50.71 25.88 -19.69
CA ASN A 83 -49.94 24.69 -19.96
C ASN A 83 -48.85 25.14 -20.89
N ALA A 84 -49.19 25.96 -21.88
CA ALA A 84 -48.22 26.46 -22.87
C ALA A 84 -47.22 27.47 -22.27
N ALA A 85 -47.71 28.36 -21.42
CA ALA A 85 -46.86 29.34 -20.79
C ALA A 85 -45.75 28.65 -19.99
N LEU A 86 -46.11 27.67 -19.16
CA LEU A 86 -45.15 26.91 -18.35
C LEU A 86 -44.07 26.24 -19.19
N ARG A 87 -44.48 25.60 -20.27
CA ARG A 87 -43.52 24.94 -21.14
C ARG A 87 -42.58 25.95 -21.77
N ALA A 88 -43.15 27.06 -22.25
CA ALA A 88 -42.38 28.11 -22.89
C ALA A 88 -41.34 28.72 -21.95
N LYS A 89 -41.73 28.89 -20.69
CA LYS A 89 -40.82 29.44 -19.69
C LYS A 89 -39.69 28.44 -19.43
N ALA A 90 -39.99 27.14 -19.43
CA ALA A 90 -38.98 26.12 -19.20
C ALA A 90 -38.04 26.01 -20.37
N GLU A 91 -38.60 26.08 -21.58
CA GLU A 91 -37.80 26.01 -22.80
C GLU A 91 -36.85 27.18 -22.88
N ALA A 92 -37.33 28.35 -22.48
CA ALA A 92 -36.53 29.56 -22.54
C ALA A 92 -35.38 29.58 -21.56
N ALA A 93 -35.62 29.02 -20.38
CA ALA A 93 -34.59 28.94 -19.34
C ALA A 93 -33.55 27.92 -19.74
N GLU A 94 -34.00 26.75 -20.17
CA GLU A 94 -33.09 25.70 -20.58
C GLU A 94 -32.20 26.14 -21.73
N PHE A 95 -32.77 26.87 -22.68
CA PHE A 95 -31.99 27.36 -23.81
C PHE A 95 -30.85 28.26 -23.35
N ARG A 96 -31.14 29.16 -22.41
CA ARG A 96 -30.12 30.07 -21.91
C ARG A 96 -28.98 29.31 -21.19
N TYR A 97 -29.33 28.30 -20.41
CA TYR A 97 -28.35 27.51 -19.68
C TYR A 97 -27.44 26.77 -20.63
N LYS A 98 -28.05 26.10 -21.60
CA LYS A 98 -27.32 25.31 -22.59
C LYS A 98 -26.56 26.07 -23.62
N TYR A 99 -27.14 27.13 -24.16
CA TYR A 99 -26.46 27.87 -25.22
C TYR A 99 -25.80 29.21 -24.89
N GLY A 100 -25.95 29.67 -23.66
CA GLY A 100 -25.28 30.88 -23.25
C GLY A 100 -25.84 32.21 -23.65
N TYR A 101 -26.99 32.21 -24.32
CA TYR A 101 -27.63 33.46 -24.71
C TYR A 101 -29.13 33.30 -24.63
N ASP A 102 -29.83 34.42 -24.54
CA ASP A 102 -31.28 34.42 -24.43
C ASP A 102 -31.99 33.88 -25.66
N MET A 103 -32.97 33.02 -25.43
CA MET A 103 -33.72 32.42 -26.50
C MET A 103 -34.52 33.44 -27.27
N PRO A 104 -34.32 33.48 -28.59
CA PRO A 104 -35.02 34.42 -29.45
C PRO A 104 -36.48 34.05 -29.57
N CYS A 105 -37.29 35.08 -29.65
CA CYS A 105 -38.74 34.97 -29.79
C CYS A 105 -39.07 34.03 -30.93
N ASP A 106 -38.41 34.21 -32.07
CA ASP A 106 -38.68 33.34 -33.19
C ASP A 106 -38.30 31.90 -32.97
N VAL A 107 -37.26 31.65 -32.18
CA VAL A 107 -36.83 30.29 -31.93
C VAL A 107 -37.77 29.67 -30.93
N LEU A 108 -38.24 30.45 -29.97
CA LEU A 108 -39.18 29.91 -29.00
C LEU A 108 -40.46 29.51 -29.72
N ALA A 109 -40.88 30.33 -30.69
CA ALA A 109 -42.07 30.06 -31.47
C ALA A 109 -41.90 28.78 -32.25
N LYS A 110 -40.79 28.63 -32.95
CA LYS A 110 -40.53 27.43 -33.71
C LYS A 110 -40.58 26.19 -32.83
N ARG A 111 -40.00 26.28 -31.64
CA ARG A 111 -40.00 25.16 -30.70
C ARG A 111 -41.43 24.84 -30.28
N MET A 112 -42.19 25.85 -29.86
CA MET A 112 -43.55 25.60 -29.44
C MET A 112 -44.39 25.06 -30.57
N ALA A 113 -44.10 25.50 -31.78
CA ALA A 113 -44.82 25.02 -32.97
C ALA A 113 -44.47 23.56 -33.24
N ASN A 114 -43.21 23.18 -33.04
CA ASN A 114 -42.76 21.80 -33.24
C ASN A 114 -43.42 20.87 -32.26
N LEU A 115 -43.61 21.32 -31.04
CA LEU A 115 -44.29 20.53 -30.04
C LEU A 115 -45.73 20.35 -30.50
N SER A 116 -46.35 21.42 -31.02
CA SER A 116 -47.72 21.35 -31.51
C SER A 116 -47.82 20.37 -32.67
N GLN A 117 -46.88 20.42 -33.60
CA GLN A 117 -46.87 19.49 -34.72
C GLN A 117 -46.94 18.07 -34.21
N ILE A 118 -46.23 17.77 -33.13
CA ILE A 118 -46.23 16.44 -32.56
C ILE A 118 -47.62 15.96 -32.13
N TYR A 119 -48.41 16.83 -31.50
CA TYR A 119 -49.77 16.46 -31.05
C TYR A 119 -50.68 16.15 -32.26
N THR A 120 -50.27 16.69 -33.39
CA THR A 120 -50.94 16.55 -34.66
C THR A 120 -50.66 15.20 -35.30
N GLN A 121 -49.51 14.61 -34.95
CA GLN A 121 -49.07 13.36 -35.53
C GLN A 121 -49.23 12.14 -34.65
N ARG A 122 -49.05 12.33 -33.33
CA ARG A 122 -49.19 11.25 -32.37
C ARG A 122 -50.61 11.25 -31.78
N ALA A 123 -51.28 10.11 -31.92
CA ALA A 123 -52.65 9.92 -31.49
C ALA A 123 -52.94 10.05 -30.00
N TYR A 124 -51.95 9.82 -29.15
CA TYR A 124 -52.20 9.92 -27.71
C TYR A 124 -52.28 11.36 -27.19
N MET A 125 -51.66 12.28 -27.90
CA MET A 125 -51.62 13.67 -27.51
C MET A 125 -52.71 14.47 -28.24
N ARG A 126 -53.47 15.27 -27.50
CA ARG A 126 -54.49 16.12 -28.11
C ARG A 126 -53.85 17.49 -28.34
N PRO A 127 -54.25 18.16 -29.41
CA PRO A 127 -53.67 19.46 -29.63
C PRO A 127 -54.13 20.39 -28.50
N LEU A 128 -53.43 21.48 -28.28
CA LEU A 128 -53.89 22.41 -27.25
C LEU A 128 -54.75 23.38 -28.06
N GLY A 129 -55.88 23.81 -27.53
CA GLY A 129 -56.71 24.74 -28.29
C GLY A 129 -56.32 26.20 -28.09
N VAL A 130 -55.10 26.57 -28.47
CA VAL A 130 -54.62 27.94 -28.27
C VAL A 130 -53.76 28.44 -29.41
N ILE A 131 -53.70 29.77 -29.54
CA ILE A 131 -52.88 30.43 -30.53
C ILE A 131 -51.93 31.27 -29.68
N LEU A 132 -50.65 31.19 -29.97
CA LEU A 132 -49.66 31.89 -29.19
C LEU A 132 -48.98 32.97 -29.99
N THR A 133 -49.02 34.19 -29.47
CA THR A 133 -48.39 35.30 -30.12
C THR A 133 -47.22 35.65 -29.23
N PHE A 134 -46.01 35.51 -29.76
CA PHE A 134 -44.81 35.81 -29.02
C PHE A 134 -44.28 37.10 -29.54
N VAL A 135 -43.88 37.96 -28.62
CA VAL A 135 -43.33 39.25 -28.97
C VAL A 135 -42.09 39.56 -28.14
N SER A 136 -41.20 40.33 -28.73
CA SER A 136 -39.98 40.77 -28.08
C SER A 136 -39.33 41.76 -29.00
N VAL A 137 -38.17 42.28 -28.58
CA VAL A 137 -37.35 43.16 -29.41
C VAL A 137 -36.06 42.35 -29.43
N ASP A 138 -35.91 41.55 -30.47
CA ASP A 138 -34.77 40.68 -30.63
C ASP A 138 -33.45 41.43 -30.83
N GLU A 139 -32.38 40.92 -30.23
CA GLU A 139 -31.08 41.58 -30.36
C GLU A 139 -30.52 41.53 -31.75
N GLU A 140 -31.01 40.62 -32.58
CA GLU A 140 -30.53 40.53 -33.95
C GLU A 140 -31.59 40.96 -34.95
N LEU A 141 -32.84 40.64 -34.66
CA LEU A 141 -33.95 40.93 -35.56
C LEU A 141 -34.77 42.19 -35.32
N GLY A 142 -34.66 42.78 -34.13
CA GLY A 142 -35.43 43.97 -33.85
C GLY A 142 -36.78 43.53 -33.33
N PRO A 143 -37.77 44.44 -33.23
CA PRO A 143 -39.10 44.08 -32.74
C PRO A 143 -39.62 42.86 -33.49
N SER A 144 -40.25 41.92 -32.79
CA SER A 144 -40.70 40.71 -33.41
C SER A 144 -42.03 40.21 -32.93
N ILE A 145 -42.78 39.63 -33.86
CA ILE A 145 -44.08 39.01 -33.57
C ILE A 145 -44.12 37.69 -34.31
N TYR A 146 -44.19 36.59 -33.56
CA TYR A 146 -44.26 35.27 -34.16
C TYR A 146 -45.42 34.61 -33.49
N LYS A 147 -46.32 34.06 -34.29
CA LYS A 147 -47.54 33.45 -33.78
C LYS A 147 -47.64 32.01 -34.22
N THR A 148 -47.98 31.12 -33.30
CA THR A 148 -48.07 29.71 -33.59
C THR A 148 -49.49 29.27 -33.30
N ASP A 149 -49.93 28.20 -33.95
CA ASP A 149 -51.30 27.69 -33.80
C ASP A 149 -51.40 26.17 -33.59
N PRO A 150 -52.63 25.62 -33.46
CA PRO A 150 -52.79 24.17 -33.25
C PRO A 150 -52.30 23.22 -34.34
N ALA A 151 -52.11 23.73 -35.55
CA ALA A 151 -51.63 22.91 -36.66
C ALA A 151 -50.10 22.82 -36.66
N GLY A 152 -49.46 23.54 -35.75
CA GLY A 152 -48.02 23.56 -35.69
C GLY A 152 -47.44 24.55 -36.67
N TYR A 153 -48.25 25.50 -37.12
CA TYR A 153 -47.79 26.52 -38.07
C TYR A 153 -47.37 27.74 -37.25
N TYR A 154 -46.41 28.48 -37.76
CA TYR A 154 -45.96 29.70 -37.10
C TYR A 154 -45.27 30.51 -38.18
N VAL A 155 -45.31 31.83 -38.02
CA VAL A 155 -44.66 32.72 -38.96
C VAL A 155 -44.49 34.04 -38.23
N GLY A 156 -43.69 34.94 -38.80
CA GLY A 156 -43.48 36.25 -38.19
C GLY A 156 -44.38 37.27 -38.85
N TYR A 157 -44.82 38.28 -38.12
CA TYR A 157 -45.73 39.28 -38.66
C TYR A 157 -45.30 40.73 -38.53
N LYS A 158 -45.82 41.59 -39.41
CA LYS A 158 -45.56 43.02 -39.36
C LYS A 158 -46.43 43.48 -38.20
N ALA A 159 -47.59 42.86 -38.09
CA ALA A 159 -48.55 43.10 -37.02
C ALA A 159 -49.52 41.96 -37.19
N THR A 160 -50.38 41.70 -36.21
CA THR A 160 -51.31 40.59 -36.35
C THR A 160 -52.41 40.73 -35.34
N ALA A 161 -53.49 40.00 -35.54
CA ALA A 161 -54.61 40.05 -34.63
C ALA A 161 -55.13 38.66 -34.49
N THR A 162 -55.78 38.39 -33.39
CA THR A 162 -56.27 37.05 -33.14
C THR A 162 -57.50 37.13 -32.26
N GLY A 163 -58.46 36.24 -32.53
CA GLY A 163 -59.70 36.18 -31.77
C GLY A 163 -60.89 36.09 -32.72
N PRO A 164 -62.13 36.09 -32.22
CA PRO A 164 -63.37 36.01 -33.01
C PRO A 164 -63.50 37.10 -34.06
N LYS A 165 -63.05 38.30 -33.72
CA LYS A 165 -63.12 39.46 -34.62
C LYS A 165 -61.77 39.79 -35.26
N GLN A 166 -60.96 38.76 -35.45
CA GLN A 166 -59.63 38.85 -36.05
C GLN A 166 -59.65 39.63 -37.37
N GLN A 167 -60.57 39.26 -38.25
CA GLN A 167 -60.67 39.87 -39.57
C GLN A 167 -60.86 41.38 -39.56
N GLU A 168 -61.70 41.91 -38.69
CA GLU A 168 -61.89 43.34 -38.67
C GLU A 168 -60.61 44.05 -38.31
N ILE A 169 -59.92 43.56 -37.29
CA ILE A 169 -58.66 44.14 -36.84
C ILE A 169 -57.62 44.01 -37.94
N THR A 170 -57.50 42.83 -38.52
CA THR A 170 -56.54 42.59 -39.58
C THR A 170 -56.74 43.49 -40.79
N THR A 171 -57.98 43.68 -41.23
CA THR A 171 -58.22 44.56 -42.37
C THR A 171 -57.84 45.99 -42.00
N ASN A 172 -58.17 46.41 -40.78
CA ASN A 172 -57.80 47.75 -40.32
C ASN A 172 -56.27 47.97 -40.41
N LEU A 173 -55.51 47.09 -39.76
CA LEU A 173 -54.05 47.17 -39.76
C LEU A 173 -53.55 47.11 -41.20
N GLU A 174 -54.07 46.18 -41.98
CA GLU A 174 -53.67 46.05 -43.38
C GLU A 174 -53.80 47.37 -44.12
N ASN A 175 -54.89 48.06 -43.86
CA ASN A 175 -55.12 49.35 -44.51
C ASN A 175 -54.10 50.38 -44.07
N HIS A 176 -53.79 50.42 -42.78
CA HIS A 176 -52.79 51.38 -42.30
C HIS A 176 -51.45 51.18 -42.97
N PHE A 177 -51.01 49.93 -43.08
CA PHE A 177 -49.70 49.61 -43.67
C PHE A 177 -49.58 49.80 -45.17
N LYS A 178 -50.72 49.78 -45.87
CA LYS A 178 -50.72 50.00 -47.30
C LYS A 178 -50.65 51.51 -47.53
N LYS A 179 -51.23 52.25 -46.58
CA LYS A 179 -51.27 53.72 -46.58
C LYS A 179 -49.90 54.31 -46.20
N SER A 180 -49.26 53.79 -45.15
CA SER A 180 -47.96 54.30 -44.72
C SER A 180 -46.76 53.74 -45.49
N LYS A 181 -46.87 52.52 -46.02
CA LYS A 181 -45.82 51.87 -46.82
C LYS A 181 -44.63 51.24 -46.09
N ILE A 182 -44.66 51.27 -44.75
CA ILE A 182 -43.60 50.71 -43.93
C ILE A 182 -44.11 49.49 -43.14
N ASP A 183 -43.18 48.71 -42.61
CA ASP A 183 -43.55 47.52 -41.84
C ASP A 183 -43.63 47.75 -40.32
N HIS A 184 -43.86 48.99 -39.87
CA HIS A 184 -43.90 49.26 -38.44
C HIS A 184 -44.46 50.63 -38.16
N ILE A 185 -44.96 50.86 -36.94
CA ILE A 185 -45.50 52.17 -36.58
C ILE A 185 -44.31 53.10 -36.45
N ASN A 186 -44.32 54.24 -37.13
CA ASN A 186 -43.17 55.14 -37.05
C ASN A 186 -43.17 56.10 -35.87
N GLU A 187 -43.17 55.54 -34.65
CA GLU A 187 -43.13 56.33 -33.43
C GLU A 187 -41.94 55.88 -32.57
N GLU A 188 -41.34 56.83 -31.86
CA GLU A 188 -40.17 56.56 -31.05
C GLU A 188 -40.49 56.03 -29.67
N SER A 189 -41.59 56.46 -29.11
CA SER A 189 -41.94 56.00 -27.80
C SER A 189 -42.92 54.85 -27.83
N TRP A 190 -42.67 53.84 -26.99
CA TRP A 190 -43.57 52.72 -26.93
C TRP A 190 -44.97 53.18 -26.54
N GLU A 191 -45.04 54.30 -25.82
CA GLU A 191 -46.32 54.86 -25.37
C GLU A 191 -47.22 55.26 -26.54
N LYS A 192 -46.62 55.79 -27.59
CA LYS A 192 -47.37 56.18 -28.76
C LYS A 192 -47.79 54.96 -29.59
N VAL A 193 -46.96 53.93 -29.60
CA VAL A 193 -47.28 52.69 -30.30
C VAL A 193 -48.44 52.06 -29.57
N VAL A 194 -48.40 52.07 -28.25
CA VAL A 194 -49.48 51.51 -27.47
C VAL A 194 -50.73 52.27 -27.82
N GLU A 195 -50.61 53.59 -27.90
CA GLU A 195 -51.77 54.39 -28.25
C GLU A 195 -52.26 54.00 -29.64
N PHE A 196 -51.35 53.95 -30.63
CA PHE A 196 -51.73 53.57 -31.98
C PHE A 196 -52.53 52.28 -31.95
N ALA A 197 -52.02 51.34 -31.19
CA ALA A 197 -52.64 50.06 -31.05
C ALA A 197 -54.04 50.18 -30.55
N ILE A 198 -54.22 50.81 -29.40
CA ILE A 198 -55.54 50.95 -28.81
C ILE A 198 -56.49 51.68 -29.73
N THR A 199 -55.98 52.69 -30.41
CA THR A 199 -56.76 53.47 -31.33
C THR A 199 -57.30 52.60 -32.44
N HIS A 200 -56.42 51.83 -33.06
CA HIS A 200 -56.85 50.98 -34.14
C HIS A 200 -57.74 49.86 -33.71
N MET A 201 -57.60 49.43 -32.46
CA MET A 201 -58.49 48.38 -31.99
C MET A 201 -59.88 48.98 -31.84
N ILE A 202 -59.95 50.21 -31.32
CA ILE A 202 -61.22 50.90 -31.15
C ILE A 202 -61.85 51.14 -32.53
N ASP A 203 -61.10 51.72 -33.46
CA ASP A 203 -61.59 51.99 -34.81
C ASP A 203 -62.09 50.73 -35.51
N ALA A 204 -61.39 49.62 -35.31
CA ALA A 204 -61.74 48.35 -35.92
C ALA A 204 -62.95 47.64 -35.30
N LEU A 205 -62.96 47.49 -33.98
CA LEU A 205 -64.06 46.80 -33.32
C LEU A 205 -65.25 47.71 -33.09
N GLY A 206 -65.09 48.99 -33.40
CA GLY A 206 -66.17 49.93 -33.17
C GLY A 206 -66.56 50.02 -31.71
N THR A 207 -65.62 49.74 -30.81
CA THR A 207 -65.92 49.78 -29.40
C THR A 207 -64.99 50.69 -28.64
N GLU A 208 -65.52 51.25 -27.56
CA GLU A 208 -64.78 52.15 -26.69
C GLU A 208 -64.26 51.33 -25.51
N PHE A 209 -63.12 51.69 -24.97
CA PHE A 209 -62.56 50.93 -23.86
C PHE A 209 -62.28 51.77 -22.64
N SER A 210 -62.38 51.16 -21.46
CA SER A 210 -62.03 51.82 -20.22
C SER A 210 -60.70 51.15 -19.84
N LYS A 211 -60.17 51.47 -18.67
CA LYS A 211 -58.89 50.92 -18.21
C LYS A 211 -58.94 49.45 -17.78
N ASN A 212 -60.11 49.00 -17.36
CA ASN A 212 -60.29 47.63 -16.92
C ASN A 212 -60.74 46.72 -18.05
N ASP A 213 -60.79 47.24 -19.27
CA ASP A 213 -61.25 46.47 -20.42
C ASP A 213 -60.11 46.06 -21.33
N LEU A 214 -58.92 46.59 -21.03
CA LEU A 214 -57.74 46.28 -21.81
C LEU A 214 -56.64 45.67 -20.98
N GLU A 215 -55.73 45.02 -21.70
CA GLU A 215 -54.60 44.36 -21.13
C GLU A 215 -53.53 44.69 -22.13
N VAL A 216 -52.38 45.18 -21.65
CA VAL A 216 -51.30 45.57 -22.56
C VAL A 216 -49.90 45.09 -22.20
N GLY A 217 -49.17 44.58 -23.18
CA GLY A 217 -47.82 44.13 -22.93
C GLY A 217 -46.91 44.86 -23.90
N VAL A 218 -45.75 45.28 -23.42
CA VAL A 218 -44.81 45.97 -24.28
C VAL A 218 -43.45 45.32 -24.19
N ALA A 219 -42.79 45.19 -25.33
CA ALA A 219 -41.47 44.61 -25.39
C ALA A 219 -40.50 45.68 -25.86
N THR A 220 -39.44 45.90 -25.10
CA THR A 220 -38.40 46.87 -25.44
C THR A 220 -37.07 46.14 -25.27
N LYS A 221 -35.97 46.71 -25.76
CA LYS A 221 -34.68 46.06 -25.61
C LYS A 221 -34.39 45.65 -24.17
N ASP A 222 -34.18 44.36 -24.01
CA ASP A 222 -33.86 43.76 -22.72
C ASP A 222 -34.99 43.62 -21.68
N LYS A 223 -36.22 43.98 -22.05
CA LYS A 223 -37.34 43.78 -21.13
C LYS A 223 -38.72 43.73 -21.79
N PHE A 224 -39.63 42.97 -21.18
CA PHE A 224 -41.01 42.85 -21.61
C PHE A 224 -41.78 43.03 -20.32
N PHE A 225 -42.81 43.86 -20.37
CA PHE A 225 -43.60 44.11 -19.18
C PHE A 225 -45.04 44.36 -19.56
N THR A 226 -45.90 44.28 -18.55
CA THR A 226 -47.30 44.52 -18.74
C THR A 226 -47.65 45.85 -18.08
N LEU A 227 -48.57 46.59 -18.70
CA LEU A 227 -48.99 47.87 -18.18
C LEU A 227 -50.06 47.70 -17.10
N SER A 228 -50.04 48.60 -16.15
CA SER A 228 -51.01 48.57 -15.07
C SER A 228 -52.27 49.27 -15.57
N ALA A 229 -53.35 49.14 -14.80
CA ALA A 229 -54.58 49.81 -15.15
C ALA A 229 -54.24 51.29 -15.33
N GLU A 230 -53.59 51.87 -14.32
CA GLU A 230 -53.23 53.28 -14.35
C GLU A 230 -52.35 53.71 -15.52
N ASN A 231 -51.46 52.84 -15.99
CA ASN A 231 -50.61 53.21 -17.13
C ASN A 231 -51.48 53.19 -18.38
N ILE A 232 -52.42 52.24 -18.43
CA ILE A 232 -53.32 52.14 -19.58
C ILE A 232 -54.18 53.39 -19.63
N GLU A 233 -54.75 53.77 -18.49
CA GLU A 233 -55.60 54.98 -18.40
C GLU A 233 -54.87 56.18 -18.97
N GLU A 234 -53.60 56.36 -18.62
CA GLU A 234 -52.81 57.47 -19.14
C GLU A 234 -52.74 57.37 -20.66
N ARG A 235 -52.84 56.16 -21.19
CA ARG A 235 -52.81 55.95 -22.63
C ARG A 235 -54.16 56.37 -23.19
N LEU A 236 -55.22 55.94 -22.51
CA LEU A 236 -56.59 56.25 -22.88
C LEU A 236 -56.85 57.76 -22.87
N VAL A 237 -56.40 58.41 -21.81
CA VAL A 237 -56.56 59.84 -21.64
C VAL A 237 -55.75 60.61 -22.66
N ALA A 238 -54.72 60.00 -23.23
CA ALA A 238 -53.93 60.69 -24.23
C ALA A 238 -54.58 60.53 -25.60
N ILE A 239 -55.26 59.40 -25.82
CA ILE A 239 -55.92 59.17 -27.11
C ILE A 239 -57.20 60.01 -27.32
N ALA A 240 -57.90 60.33 -26.23
CA ALA A 240 -59.13 61.12 -26.30
C ALA A 240 -58.86 62.60 -26.64
N GLU A 241 -57.98 62.82 -27.61
CA GLU A 241 -57.59 64.15 -28.07
C GLU A 241 -57.32 64.19 -29.58
N GLN A 242 -57.17 63.01 -30.20
CA GLN A 242 -57.00 62.91 -31.66
C GLN A 242 -58.44 62.61 -32.15
N ASP A 243 -59.20 61.95 -31.27
CA ASP A 243 -60.61 61.59 -31.48
C ASP A 243 -61.38 62.23 -30.31
N MET B 1 -52.88 7.22 -17.99
CA MET B 1 -51.90 8.08 -18.71
C MET B 1 -51.03 7.14 -19.56
N THR B 2 -50.09 7.72 -20.31
CA THR B 2 -49.14 7.00 -21.17
C THR B 2 -49.63 6.64 -22.58
N ASP B 3 -48.69 6.65 -23.53
CA ASP B 3 -49.00 6.33 -24.91
C ASP B 3 -49.33 4.85 -24.96
N ARG B 4 -50.61 4.54 -24.83
CA ARG B 4 -51.03 3.15 -24.89
C ARG B 4 -51.31 2.79 -26.35
N TYR B 5 -51.08 3.74 -27.26
CA TYR B 5 -51.31 3.51 -28.69
C TYR B 5 -50.06 2.85 -29.24
N SER B 6 -49.90 1.57 -28.95
CA SER B 6 -48.72 0.87 -29.43
C SER B 6 -49.03 0.06 -30.67
N PHE B 7 -50.23 0.26 -31.21
CA PHE B 7 -50.67 -0.44 -32.41
C PHE B 7 -50.60 0.46 -33.65
N SER B 8 -50.57 -0.15 -34.82
CA SER B 8 -50.52 0.61 -36.07
C SER B 8 -51.83 1.39 -36.27
N LEU B 9 -51.70 2.58 -36.85
CA LEU B 9 -52.87 3.38 -37.17
C LEU B 9 -53.11 3.25 -38.68
N THR B 10 -52.11 2.74 -39.38
CA THR B 10 -52.20 2.49 -40.82
C THR B 10 -52.25 0.97 -40.92
N THR B 11 -53.32 0.43 -41.50
CA THR B 11 -53.45 -1.00 -41.65
C THR B 11 -53.99 -1.28 -43.04
N PHE B 12 -53.80 -2.49 -43.53
CA PHE B 12 -54.31 -2.87 -44.87
C PHE B 12 -55.83 -3.06 -44.88
N SER B 13 -56.50 -2.44 -45.84
CA SER B 13 -57.95 -2.60 -45.98
C SER B 13 -58.13 -3.80 -46.92
N PRO B 14 -59.33 -4.38 -46.98
CA PRO B 14 -59.56 -5.53 -47.85
C PRO B 14 -59.07 -5.50 -49.29
N SER B 15 -58.91 -4.32 -49.88
CA SER B 15 -58.46 -4.17 -51.26
C SER B 15 -56.94 -4.04 -51.38
N GLY B 16 -56.26 -4.15 -50.25
CA GLY B 16 -54.82 -4.04 -50.25
C GLY B 16 -54.35 -2.60 -50.21
N LYS B 17 -55.24 -1.70 -49.84
CA LYS B 17 -54.91 -0.31 -49.77
C LYS B 17 -54.48 0.08 -48.38
N LEU B 18 -53.47 0.93 -48.29
CA LEU B 18 -53.01 1.43 -47.00
C LEU B 18 -53.69 2.80 -46.88
N GLY B 19 -54.87 2.79 -46.28
CA GLY B 19 -55.68 3.99 -46.11
C GLY B 19 -54.99 5.28 -45.77
N GLN B 20 -54.33 5.35 -44.62
CA GLN B 20 -53.64 6.55 -44.20
C GLN B 20 -52.60 7.07 -45.17
N ILE B 21 -51.97 6.19 -45.94
CA ILE B 21 -50.97 6.62 -46.90
C ILE B 21 -51.65 7.29 -48.11
N ASP B 22 -52.77 6.71 -48.56
CA ASP B 22 -53.55 7.26 -49.67
C ASP B 22 -54.12 8.65 -49.31
N TYR B 23 -54.59 8.78 -48.08
CA TYR B 23 -55.14 10.05 -47.58
C TYR B 23 -54.04 11.12 -47.41
N ALA B 24 -52.84 10.70 -47.04
CA ALA B 24 -51.72 11.62 -46.88
C ALA B 24 -51.35 12.13 -48.26
N LEU B 25 -51.39 11.25 -49.25
CA LEU B 25 -51.07 11.63 -50.62
C LEU B 25 -52.09 12.63 -51.16
N THR B 26 -53.32 12.57 -50.67
CA THR B 26 -54.39 13.49 -51.06
C THR B 26 -54.07 14.85 -50.44
N ALA B 27 -53.55 14.85 -49.22
CA ALA B 27 -53.16 16.09 -48.54
C ALA B 27 -52.07 16.77 -49.34
N VAL B 28 -51.14 15.97 -49.86
CA VAL B 28 -50.05 16.47 -50.68
C VAL B 28 -50.58 17.10 -51.99
N LYS B 29 -51.66 16.52 -52.55
CA LYS B 29 -52.29 17.02 -53.79
C LYS B 29 -52.88 18.41 -53.68
N GLN B 30 -53.34 18.78 -52.49
CA GLN B 30 -53.94 20.09 -52.24
C GLN B 30 -52.91 21.14 -51.86
N GLY B 31 -51.64 20.75 -51.85
CA GLY B 31 -50.59 21.68 -51.47
C GLY B 31 -50.08 22.47 -52.65
N VAL B 32 -49.36 23.55 -52.35
CA VAL B 32 -48.81 24.41 -53.38
C VAL B 32 -47.88 23.58 -54.26
N THR B 33 -47.68 24.00 -55.49
CA THR B 33 -46.84 23.29 -56.43
C THR B 33 -45.35 23.50 -56.13
N SER B 34 -44.56 22.46 -56.27
CA SER B 34 -43.12 22.56 -56.13
C SER B 34 -42.53 21.69 -57.22
N LEU B 35 -41.40 22.10 -57.77
CA LEU B 35 -40.82 21.33 -58.82
C LEU B 35 -39.33 21.31 -58.71
N GLY B 36 -38.69 20.48 -59.50
CA GLY B 36 -37.26 20.41 -59.48
C GLY B 36 -36.83 20.01 -60.87
N ILE B 37 -35.75 20.59 -61.35
CA ILE B 37 -35.30 20.27 -62.68
C ILE B 37 -33.83 20.03 -62.61
N LYS B 38 -33.38 18.96 -63.22
CA LYS B 38 -31.99 18.62 -63.18
C LYS B 38 -31.32 18.96 -64.50
N ALA B 39 -30.27 19.77 -64.45
CA ALA B 39 -29.50 20.17 -65.63
C ALA B 39 -28.15 19.44 -65.67
N THR B 40 -27.28 19.76 -66.63
CA THR B 40 -25.97 19.09 -66.73
C THR B 40 -25.00 19.54 -65.65
N ASN B 41 -25.08 20.81 -65.30
CA ASN B 41 -24.21 21.38 -64.29
C ASN B 41 -24.97 22.00 -63.13
N GLY B 42 -26.11 21.41 -62.76
CA GLY B 42 -26.89 21.92 -61.64
C GLY B 42 -28.29 21.35 -61.50
N VAL B 43 -29.01 21.77 -60.47
CA VAL B 43 -30.39 21.34 -60.23
C VAL B 43 -31.08 22.53 -59.62
N VAL B 44 -32.34 22.68 -59.95
CA VAL B 44 -33.08 23.78 -59.43
C VAL B 44 -34.34 23.22 -58.81
N ILE B 45 -34.67 23.70 -57.63
CA ILE B 45 -35.88 23.27 -56.99
C ILE B 45 -36.61 24.56 -56.76
N ALA B 46 -37.92 24.55 -56.95
CA ALA B 46 -38.67 25.77 -56.82
C ALA B 46 -40.05 25.54 -56.29
N THR B 47 -40.62 26.58 -55.70
CA THR B 47 -41.95 26.50 -55.18
C THR B 47 -42.51 27.89 -55.05
N GLU B 48 -43.82 28.00 -54.84
CA GLU B 48 -44.46 29.30 -54.68
C GLU B 48 -44.69 29.55 -53.19
N LYS B 49 -44.53 30.80 -52.75
CA LYS B 49 -44.73 31.17 -51.36
C LYS B 49 -46.19 31.61 -51.18
N LYS B 50 -47.03 30.64 -50.88
CA LYS B 50 -48.45 30.91 -50.68
C LYS B 50 -48.66 31.58 -49.33
N SER B 51 -48.28 32.83 -49.22
CA SER B 51 -48.46 33.53 -47.96
C SER B 51 -49.95 33.59 -47.61
N SER B 52 -50.28 33.12 -46.42
CA SER B 52 -51.67 33.10 -45.95
C SER B 52 -52.21 34.44 -45.44
N SER B 53 -51.51 35.53 -45.73
CA SER B 53 -51.88 36.91 -45.33
C SER B 53 -50.80 37.91 -45.75
N PRO B 54 -51.18 39.18 -45.96
CA PRO B 54 -50.17 40.17 -46.36
C PRO B 54 -49.45 40.82 -45.18
N LEU B 55 -49.95 40.54 -43.97
CA LEU B 55 -49.31 41.06 -42.76
C LEU B 55 -48.17 40.13 -42.34
N ALA B 56 -48.18 38.92 -42.87
CA ALA B 56 -47.14 37.98 -42.55
C ALA B 56 -45.93 38.39 -43.35
N MET B 57 -44.75 38.10 -42.82
CA MET B 57 -43.50 38.39 -43.47
C MET B 57 -43.06 37.09 -44.13
N SER B 58 -43.32 37.00 -45.43
CA SER B 58 -43.01 35.81 -46.19
C SER B 58 -41.57 35.27 -46.14
N GLU B 59 -40.59 36.12 -45.82
CA GLU B 59 -39.18 35.69 -45.78
C GLU B 59 -38.87 34.82 -44.56
N THR B 60 -39.67 34.96 -43.51
CA THR B 60 -39.46 34.21 -42.29
C THR B 60 -39.98 32.78 -42.39
N LEU B 61 -40.42 32.39 -43.57
CA LEU B 61 -40.94 31.07 -43.79
C LEU B 61 -40.23 30.51 -45.01
N SER B 62 -39.21 29.70 -44.81
CA SER B 62 -38.49 29.13 -45.93
C SER B 62 -39.07 27.76 -46.26
N LYS B 63 -39.50 27.61 -47.52
CA LYS B 63 -40.03 26.34 -48.01
C LYS B 63 -38.92 25.55 -48.67
N VAL B 64 -37.87 26.24 -49.07
CA VAL B 64 -36.71 25.60 -49.67
C VAL B 64 -35.67 25.60 -48.56
N SER B 65 -35.28 24.42 -48.10
CA SER B 65 -34.31 24.30 -47.01
C SER B 65 -33.01 23.60 -47.38
N LEU B 66 -31.93 24.03 -46.73
CA LEU B 66 -30.61 23.43 -46.91
C LEU B 66 -30.55 22.28 -45.91
N LEU B 67 -30.14 21.10 -46.38
CA LEU B 67 -30.03 19.94 -45.50
C LEU B 67 -28.56 19.76 -45.20
N THR B 68 -27.73 19.88 -46.22
CA THR B 68 -26.28 19.82 -46.08
C THR B 68 -25.80 20.87 -47.07
N PRO B 69 -24.55 21.30 -46.98
CA PRO B 69 -24.05 22.29 -47.91
C PRO B 69 -24.16 21.97 -49.40
N ASP B 70 -24.53 20.74 -49.74
CA ASP B 70 -24.65 20.35 -51.14
C ASP B 70 -26.01 19.72 -51.41
N ILE B 71 -26.94 19.81 -50.48
CA ILE B 71 -28.27 19.20 -50.67
C ILE B 71 -29.38 20.12 -50.18
N GLY B 72 -30.44 20.26 -50.98
CA GLY B 72 -31.56 21.11 -50.61
C GLY B 72 -32.88 20.38 -50.77
N ALA B 73 -33.92 20.85 -50.09
CA ALA B 73 -35.23 20.23 -50.17
C ALA B 73 -36.36 21.22 -50.29
N VAL B 74 -37.44 20.79 -50.93
CA VAL B 74 -38.62 21.61 -51.07
C VAL B 74 -39.75 20.60 -50.94
N TYR B 75 -40.99 21.04 -50.71
CA TYR B 75 -42.10 20.10 -50.57
C TYR B 75 -43.43 20.65 -51.04
N SER B 76 -44.46 19.83 -50.88
CA SER B 76 -45.84 20.19 -51.17
C SER B 76 -46.60 19.37 -50.17
N GLY B 77 -47.47 20.00 -49.40
CA GLY B 77 -48.22 19.24 -48.41
C GLY B 77 -48.38 20.03 -47.14
N MET B 78 -48.26 19.37 -46.00
CA MET B 78 -48.39 20.03 -44.70
C MET B 78 -47.07 20.61 -44.25
N GLY B 79 -46.99 21.93 -44.23
CA GLY B 79 -45.78 22.63 -43.84
C GLY B 79 -45.15 22.21 -42.54
N PRO B 80 -45.87 22.16 -41.43
CA PRO B 80 -45.27 21.75 -40.17
C PRO B 80 -44.65 20.36 -40.25
N ASP B 81 -45.25 19.44 -40.99
CA ASP B 81 -44.69 18.10 -41.11
C ASP B 81 -43.33 18.16 -41.80
N TYR B 82 -43.21 19.06 -42.77
CA TYR B 82 -41.96 19.24 -43.51
C TYR B 82 -40.90 19.85 -42.64
N ARG B 83 -41.30 20.82 -41.84
CA ARG B 83 -40.37 21.50 -40.96
C ARG B 83 -39.70 20.49 -40.03
N VAL B 84 -40.46 19.59 -39.41
CA VAL B 84 -39.86 18.60 -38.53
C VAL B 84 -39.07 17.56 -39.28
N LEU B 85 -39.42 17.30 -40.54
CA LEU B 85 -38.69 16.34 -41.35
C LEU B 85 -37.35 16.90 -41.72
N VAL B 86 -37.27 18.21 -41.88
CA VAL B 86 -36.02 18.91 -42.21
C VAL B 86 -35.05 18.86 -41.04
N ASP B 87 -35.55 19.12 -39.83
CA ASP B 87 -34.73 19.09 -38.62
C ASP B 87 -34.11 17.71 -38.48
N LYS B 88 -34.95 16.67 -38.60
CA LYS B 88 -34.55 15.28 -38.49
C LYS B 88 -33.57 14.89 -39.57
N SER B 89 -33.72 15.46 -40.77
CA SER B 89 -32.83 15.16 -41.87
C SER B 89 -31.50 15.83 -41.69
N ARG B 90 -31.49 17.07 -41.23
CA ARG B 90 -30.23 17.76 -40.99
C ARG B 90 -29.46 17.01 -39.91
N LYS B 91 -30.17 16.57 -38.88
CA LYS B 91 -29.55 15.83 -37.78
C LYS B 91 -29.00 14.47 -38.19
N VAL B 92 -29.79 13.66 -38.89
CA VAL B 92 -29.33 12.34 -39.30
C VAL B 92 -28.14 12.46 -40.24
N ALA B 93 -28.05 13.54 -40.99
CA ALA B 93 -26.93 13.75 -41.88
C ALA B 93 -25.66 13.73 -41.06
N HIS B 94 -25.77 14.19 -39.82
CA HIS B 94 -24.64 14.24 -38.90
C HIS B 94 -24.46 12.94 -38.14
N THR B 95 -25.51 12.49 -37.46
CA THR B 95 -25.44 11.28 -36.67
C THR B 95 -25.10 9.97 -37.41
N SER B 96 -25.64 9.77 -38.61
CA SER B 96 -25.40 8.55 -39.38
C SER B 96 -24.36 8.67 -40.46
N TYR B 97 -23.70 9.82 -40.54
CA TYR B 97 -22.71 10.01 -41.58
C TYR B 97 -21.55 10.94 -41.26
N LYS B 98 -21.77 12.22 -41.00
CA LYS B 98 -20.63 13.08 -40.75
C LYS B 98 -19.83 12.69 -39.53
N ARG B 99 -20.49 12.23 -38.46
CA ARG B 99 -19.78 11.85 -37.24
C ARG B 99 -19.10 10.50 -37.32
N ILE B 100 -19.26 9.83 -38.45
CA ILE B 100 -18.69 8.53 -38.67
C ILE B 100 -17.63 8.58 -39.75
N TYR B 101 -17.96 9.20 -40.88
CA TYR B 101 -17.09 9.31 -42.05
C TYR B 101 -16.41 10.67 -42.27
N GLY B 102 -16.73 11.66 -41.46
CA GLY B 102 -16.09 12.95 -41.63
C GLY B 102 -16.47 13.69 -42.89
N GLU B 103 -17.56 13.28 -43.53
CA GLU B 103 -18.02 13.95 -44.73
C GLU B 103 -19.53 13.90 -44.76
N TYR B 104 -20.15 14.78 -45.52
CA TYR B 104 -21.60 14.79 -45.58
C TYR B 104 -22.05 13.64 -46.47
N PRO B 105 -23.24 13.10 -46.20
CA PRO B 105 -23.75 11.99 -47.00
C PRO B 105 -24.06 12.32 -48.44
N PRO B 106 -24.07 11.31 -49.31
CA PRO B 106 -24.38 11.55 -50.72
C PRO B 106 -25.90 11.67 -50.78
N THR B 107 -26.41 12.39 -51.77
CA THR B 107 -27.85 12.61 -51.90
C THR B 107 -28.73 11.39 -51.71
N LYS B 108 -28.48 10.34 -52.47
CA LYS B 108 -29.28 9.14 -52.39
C LYS B 108 -29.38 8.59 -50.98
N LEU B 109 -28.29 8.63 -50.23
CA LEU B 109 -28.31 8.09 -48.89
C LEU B 109 -29.04 8.97 -47.94
N LEU B 110 -28.88 10.28 -48.06
CA LEU B 110 -29.63 11.15 -47.17
C LEU B 110 -31.12 10.94 -47.50
N VAL B 111 -31.41 10.81 -48.79
CA VAL B 111 -32.78 10.57 -49.28
C VAL B 111 -33.28 9.31 -48.64
N SER B 112 -32.45 8.28 -48.67
CA SER B 112 -32.80 7.01 -48.08
C SER B 112 -33.05 7.11 -46.60
N GLU B 113 -32.38 8.04 -45.91
CA GLU B 113 -32.60 8.19 -44.47
C GLU B 113 -33.92 8.91 -44.16
N VAL B 114 -34.27 9.90 -44.97
CA VAL B 114 -35.52 10.63 -44.76
C VAL B 114 -36.67 9.66 -45.02
N ALA B 115 -36.53 8.89 -46.11
CA ALA B 115 -37.52 7.91 -46.51
C ALA B 115 -37.81 6.92 -45.41
N LYS B 116 -36.78 6.46 -44.72
CA LYS B 116 -36.96 5.52 -43.63
C LYS B 116 -37.78 6.15 -42.51
N ILE B 117 -37.52 7.42 -42.21
CA ILE B 117 -38.26 8.13 -41.18
C ILE B 117 -39.74 8.19 -41.55
N MET B 118 -40.02 8.39 -42.83
CA MET B 118 -41.38 8.44 -43.32
C MET B 118 -42.09 7.07 -43.32
N GLN B 119 -41.35 6.01 -43.67
CA GLN B 119 -41.89 4.67 -43.67
C GLN B 119 -42.29 4.27 -42.28
N GLU B 120 -41.46 4.56 -41.29
CA GLU B 120 -41.79 4.17 -39.95
C GLU B 120 -43.04 4.83 -39.42
N ALA B 121 -43.39 6.00 -39.94
CA ALA B 121 -44.61 6.72 -39.54
C ALA B 121 -45.80 6.05 -40.16
N THR B 122 -45.51 5.10 -41.02
CA THR B 122 -46.46 4.31 -41.77
C THR B 122 -46.72 2.93 -41.13
N GLN B 123 -45.97 2.58 -40.09
CA GLN B 123 -46.10 1.28 -39.46
C GLN B 123 -45.97 1.27 -37.94
N SER B 124 -45.17 2.17 -37.37
CA SER B 124 -44.97 2.25 -35.93
C SER B 124 -46.28 2.52 -35.24
N GLY B 125 -46.30 2.26 -33.95
CA GLY B 125 -47.53 2.44 -33.22
C GLY B 125 -47.90 3.84 -32.89
N GLY B 126 -49.19 4.09 -32.98
CA GLY B 126 -49.73 5.38 -32.62
C GLY B 126 -49.39 6.65 -33.37
N VAL B 127 -48.97 6.57 -34.63
CA VAL B 127 -48.67 7.76 -35.41
C VAL B 127 -49.37 7.68 -36.75
N ARG B 128 -49.55 8.81 -37.42
CA ARG B 128 -50.16 8.85 -38.76
C ARG B 128 -48.99 9.20 -39.64
N PRO B 129 -49.07 8.89 -40.93
CA PRO B 129 -47.99 9.20 -41.87
C PRO B 129 -47.75 10.70 -42.00
N PHE B 130 -46.63 11.07 -42.63
CA PHE B 130 -46.36 12.48 -42.87
C PHE B 130 -47.17 12.90 -44.09
N GLY B 131 -47.81 14.06 -44.04
CA GLY B 131 -48.59 14.52 -45.16
C GLY B 131 -47.77 15.37 -46.11
N VAL B 132 -46.58 14.92 -46.50
CA VAL B 132 -45.75 15.69 -47.41
C VAL B 132 -45.01 14.81 -48.39
N SER B 133 -44.60 15.39 -49.51
CA SER B 133 -43.81 14.70 -50.52
C SER B 133 -42.69 15.69 -50.66
N LEU B 134 -41.46 15.21 -50.75
CA LEU B 134 -40.34 16.10 -50.85
C LEU B 134 -39.59 15.92 -52.14
N LEU B 135 -38.91 16.98 -52.58
CA LEU B 135 -38.08 16.91 -53.75
C LEU B 135 -36.76 17.31 -53.15
N ILE B 136 -35.79 16.41 -53.21
CA ILE B 136 -34.49 16.67 -52.66
C ILE B 136 -33.52 16.69 -53.80
N ALA B 137 -32.75 17.76 -53.88
CA ALA B 137 -31.78 17.94 -54.93
C ALA B 137 -30.44 18.08 -54.29
N GLY B 138 -29.43 17.47 -54.86
CA GLY B 138 -28.11 17.59 -54.30
C GLY B 138 -26.99 17.17 -55.22
N HIS B 139 -25.76 17.24 -54.73
CA HIS B 139 -24.58 16.82 -55.48
C HIS B 139 -23.60 16.15 -54.54
N ASP B 140 -22.77 15.27 -55.08
CA ASP B 140 -21.73 14.63 -54.30
C ASP B 140 -20.72 14.12 -55.29
N GLU B 141 -19.47 14.06 -54.86
CA GLU B 141 -18.35 13.67 -55.67
C GLU B 141 -18.55 12.52 -56.63
N PHE B 142 -19.00 11.39 -56.14
CA PHE B 142 -19.13 10.23 -57.00
C PHE B 142 -20.38 10.01 -57.83
N ASN B 143 -21.45 10.75 -57.53
CA ASN B 143 -22.70 10.56 -58.27
C ASN B 143 -23.11 11.78 -59.08
N GLY B 144 -22.47 12.90 -58.80
CA GLY B 144 -22.79 14.11 -59.54
C GLY B 144 -24.07 14.70 -59.00
N PHE B 145 -24.91 15.22 -59.90
CA PHE B 145 -26.18 15.84 -59.54
C PHE B 145 -27.34 14.86 -59.57
N SER B 146 -28.28 15.06 -58.65
CA SER B 146 -29.46 14.21 -58.58
C SER B 146 -30.64 14.94 -57.96
N LEU B 147 -31.83 14.45 -58.29
CA LEU B 147 -33.10 15.00 -57.83
C LEU B 147 -33.92 13.78 -57.47
N TYR B 148 -34.53 13.79 -56.30
CA TYR B 148 -35.31 12.66 -55.85
C TYR B 148 -36.60 13.17 -55.28
N GLN B 149 -37.63 12.33 -55.35
CA GLN B 149 -38.95 12.62 -54.80
C GLN B 149 -39.17 11.57 -53.74
N VAL B 150 -39.73 11.96 -52.60
CA VAL B 150 -40.00 11.02 -51.52
C VAL B 150 -41.47 11.19 -51.17
N ASP B 151 -42.22 10.10 -51.16
CA ASP B 151 -43.66 10.11 -50.88
C ASP B 151 -44.00 9.70 -49.46
N PRO B 152 -45.24 9.97 -49.01
CA PRO B 152 -45.66 9.60 -47.66
C PRO B 152 -45.45 8.15 -47.25
N SER B 153 -45.36 7.26 -48.23
CA SER B 153 -45.16 5.84 -47.95
C SER B 153 -43.70 5.55 -47.61
N GLY B 154 -42.83 6.42 -48.09
CA GLY B 154 -41.42 6.24 -47.89
C GLY B 154 -40.75 5.84 -49.19
N SER B 155 -41.50 5.71 -50.28
CA SER B 155 -40.93 5.34 -51.56
C SER B 155 -40.28 6.57 -52.10
N TYR B 156 -39.12 6.41 -52.73
CA TYR B 156 -38.41 7.53 -53.31
C TYR B 156 -37.99 7.11 -54.71
N PHE B 157 -37.84 8.07 -55.62
CA PHE B 157 -37.44 7.75 -56.98
C PHE B 157 -36.65 8.90 -57.54
N PRO B 158 -35.68 8.62 -58.41
CA PRO B 158 -34.88 9.66 -59.02
C PRO B 158 -35.55 10.22 -60.27
N TRP B 159 -35.44 11.52 -60.47
CA TRP B 159 -36.05 12.20 -61.60
C TRP B 159 -35.09 13.12 -62.34
N LYS B 160 -35.43 13.39 -63.61
CA LYS B 160 -34.68 14.30 -64.45
C LYS B 160 -35.32 15.62 -64.14
N ALA B 161 -36.63 15.58 -63.97
CA ALA B 161 -37.44 16.75 -63.62
C ALA B 161 -38.78 16.21 -63.17
N THR B 162 -39.46 16.96 -62.32
CA THR B 162 -40.75 16.52 -61.88
C THR B 162 -41.39 17.64 -61.14
N ALA B 163 -42.66 17.46 -60.79
CA ALA B 163 -43.39 18.47 -60.08
C ALA B 163 -44.32 17.72 -59.19
N ILE B 164 -44.63 18.30 -58.05
CA ILE B 164 -45.53 17.69 -57.10
C ILE B 164 -46.49 18.76 -56.60
N GLY B 165 -47.63 18.34 -56.07
CA GLY B 165 -48.61 19.28 -55.58
C GLY B 165 -49.72 19.56 -56.56
N LYS B 166 -50.50 20.60 -56.27
CA LYS B 166 -51.66 21.06 -57.05
C LYS B 166 -51.68 20.82 -58.56
N GLY B 167 -50.87 21.53 -59.32
CA GLY B 167 -50.92 21.30 -60.75
C GLY B 167 -49.83 20.40 -61.25
N SER B 168 -49.42 19.42 -60.46
CA SER B 168 -48.31 18.56 -60.87
C SER B 168 -48.52 17.82 -62.15
N VAL B 169 -49.77 17.51 -62.49
CA VAL B 169 -50.00 16.78 -63.73
C VAL B 169 -49.73 17.63 -64.94
N ALA B 170 -50.17 18.89 -64.90
CA ALA B 170 -49.97 19.80 -66.00
C ALA B 170 -48.48 20.15 -66.09
N ALA B 171 -47.89 20.43 -64.93
CA ALA B 171 -46.49 20.80 -64.84
C ALA B 171 -45.59 19.65 -65.27
N LYS B 172 -45.87 18.44 -64.85
CA LYS B 172 -45.06 17.30 -65.27
C LYS B 172 -45.13 17.23 -66.79
N THR B 173 -46.24 17.67 -67.37
CA THR B 173 -46.39 17.65 -68.80
C THR B 173 -45.53 18.75 -69.43
N PHE B 174 -45.56 19.97 -68.90
CA PHE B 174 -44.74 21.04 -69.47
C PHE B 174 -43.27 20.65 -69.41
N LEU B 175 -42.87 20.04 -68.30
CA LEU B 175 -41.48 19.61 -68.13
C LEU B 175 -41.05 18.54 -69.14
N GLU B 176 -41.89 17.55 -69.42
CA GLU B 176 -41.54 16.50 -70.40
C GLU B 176 -41.18 17.04 -71.80
N LYS B 177 -41.82 18.14 -72.19
CA LYS B 177 -41.58 18.75 -73.50
C LYS B 177 -40.28 19.54 -73.52
N ARG B 178 -40.13 20.41 -72.53
CA ARG B 178 -38.96 21.28 -72.41
C ARG B 178 -37.63 20.60 -72.02
N TRP B 179 -37.69 19.49 -71.29
CA TRP B 179 -36.47 18.78 -70.85
C TRP B 179 -35.70 17.95 -71.87
N ASN B 180 -34.39 18.12 -71.83
CA ASN B 180 -33.47 17.39 -72.69
C ASN B 180 -32.16 17.33 -71.91
N ASP B 181 -31.28 16.37 -72.22
CA ASP B 181 -30.02 16.25 -71.48
C ASP B 181 -28.83 17.15 -71.85
N GLU B 182 -29.09 18.33 -72.40
CA GLU B 182 -28.01 19.26 -72.77
C GLU B 182 -28.21 20.65 -72.16
N LEU B 183 -29.14 20.73 -71.21
CA LEU B 183 -29.49 21.96 -70.53
C LEU B 183 -28.46 22.46 -69.54
N GLU B 184 -28.12 23.75 -69.63
CA GLU B 184 -27.19 24.36 -68.69
C GLU B 184 -28.11 24.81 -67.55
N LEU B 185 -27.56 25.06 -66.36
CA LEU B 185 -28.36 25.48 -65.22
C LEU B 185 -29.25 26.71 -65.44
N GLU B 186 -28.77 27.70 -66.18
CA GLU B 186 -29.57 28.90 -66.42
C GLU B 186 -30.85 28.57 -67.19
N ASP B 187 -30.75 27.56 -68.07
CA ASP B 187 -31.87 27.12 -68.89
C ASP B 187 -32.89 26.38 -68.03
N ALA B 188 -32.42 25.65 -67.04
CA ALA B 188 -33.31 24.93 -66.15
C ALA B 188 -34.02 25.92 -65.24
N ILE B 189 -33.31 26.95 -64.82
CA ILE B 189 -33.90 27.96 -63.96
C ILE B 189 -35.02 28.60 -64.77
N HIS B 190 -34.73 28.81 -66.04
CA HIS B 190 -35.70 29.39 -66.95
C HIS B 190 -36.93 28.51 -67.03
N ILE B 191 -36.75 27.28 -67.49
CA ILE B 191 -37.87 26.36 -67.59
C ILE B 191 -38.63 26.21 -66.27
N ALA B 192 -37.91 26.30 -65.15
CA ALA B 192 -38.53 26.19 -63.85
C ALA B 192 -39.46 27.37 -63.65
N LEU B 193 -38.99 28.56 -64.00
CA LEU B 193 -39.78 29.78 -63.87
C LEU B 193 -41.04 29.71 -64.74
N LEU B 194 -40.91 29.20 -65.95
CA LEU B 194 -42.05 29.06 -66.85
C LEU B 194 -43.10 28.08 -66.31
N THR B 195 -42.64 26.90 -65.90
CA THR B 195 -43.51 25.85 -65.36
C THR B 195 -44.25 26.36 -64.16
N LEU B 196 -43.54 27.08 -63.31
CA LEU B 196 -44.16 27.61 -62.12
C LEU B 196 -45.20 28.68 -62.41
N LYS B 197 -44.92 29.53 -63.39
CA LYS B 197 -45.85 30.61 -63.76
C LYS B 197 -47.27 30.11 -64.00
N GLU B 198 -47.40 28.94 -64.61
CA GLU B 198 -48.71 28.34 -64.91
C GLU B 198 -49.48 27.86 -63.69
N SER B 199 -48.76 27.43 -62.67
CA SER B 199 -49.38 26.93 -61.45
C SER B 199 -49.77 28.11 -60.55
N VAL B 200 -49.01 29.19 -60.64
CA VAL B 200 -49.24 30.38 -59.85
C VAL B 200 -50.44 31.19 -60.30
N GLU B 201 -51.36 31.37 -59.36
CA GLU B 201 -52.59 32.12 -59.59
C GLU B 201 -52.39 33.63 -59.77
N GLY B 202 -51.84 34.28 -58.74
CA GLY B 202 -51.65 35.73 -58.77
C GLY B 202 -50.34 36.40 -59.17
N GLU B 203 -49.77 37.17 -58.24
CA GLU B 203 -48.52 37.90 -58.48
C GLU B 203 -47.33 36.95 -58.56
N PHE B 204 -46.60 37.02 -59.67
CA PHE B 204 -45.44 36.15 -59.90
C PHE B 204 -44.19 36.99 -59.94
N ASN B 205 -43.44 36.96 -58.85
CA ASN B 205 -42.21 37.73 -58.76
C ASN B 205 -41.28 37.15 -57.71
N GLY B 206 -40.14 37.81 -57.52
CA GLY B 206 -39.15 37.38 -56.55
C GLY B 206 -39.54 37.36 -55.09
N ASP B 207 -40.70 37.87 -54.74
CA ASP B 207 -41.13 37.85 -53.35
C ASP B 207 -42.24 36.82 -53.11
N THR B 208 -42.68 36.18 -54.19
CA THR B 208 -43.75 35.19 -54.11
C THR B 208 -43.29 33.84 -54.63
N ILE B 209 -42.02 33.77 -54.99
CA ILE B 209 -41.42 32.55 -55.52
C ILE B 209 -40.20 32.26 -54.66
N GLU B 210 -39.81 31.00 -54.59
CA GLU B 210 -38.65 30.58 -53.84
C GLU B 210 -37.95 29.57 -54.75
N LEU B 211 -36.70 29.85 -55.10
CA LEU B 211 -35.94 28.97 -55.97
C LEU B 211 -34.59 28.79 -55.36
N ALA B 212 -33.99 27.63 -55.56
CA ALA B 212 -32.66 27.36 -55.06
C ALA B 212 -32.07 26.41 -56.04
N ILE B 213 -30.76 26.45 -56.15
CA ILE B 213 -30.07 25.56 -57.06
C ILE B 213 -28.99 24.83 -56.29
N ILE B 214 -28.47 23.78 -56.92
CA ILE B 214 -27.38 23.02 -56.37
C ILE B 214 -26.50 23.12 -57.58
N GLY B 215 -25.43 23.89 -57.50
CA GLY B 215 -24.56 24.06 -58.65
C GLY B 215 -23.07 24.01 -58.39
N ASP B 216 -22.36 25.07 -58.79
CA ASP B 216 -20.92 25.15 -58.59
C ASP B 216 -20.67 25.48 -57.15
N GLU B 217 -19.43 25.29 -56.70
CA GLU B 217 -19.05 25.60 -55.32
C GLU B 217 -19.02 27.12 -55.16
N ASN B 218 -19.57 27.62 -54.05
CA ASN B 218 -19.61 29.07 -53.76
C ASN B 218 -18.65 29.44 -52.63
N PRO B 219 -17.37 29.69 -52.95
CA PRO B 219 -16.40 30.05 -51.91
C PRO B 219 -16.78 31.28 -51.08
N ASP B 220 -17.53 32.21 -51.66
CA ASP B 220 -17.93 33.42 -50.93
C ASP B 220 -18.96 33.16 -49.84
N LEU B 221 -19.45 31.93 -49.77
CA LEU B 221 -20.44 31.54 -48.76
C LEU B 221 -19.89 30.55 -47.74
N LEU B 222 -18.57 30.31 -47.77
CA LEU B 222 -17.90 29.39 -46.84
C LEU B 222 -17.69 30.00 -45.48
N GLY B 223 -17.23 31.25 -45.46
CA GLY B 223 -17.02 31.94 -44.20
C GLY B 223 -15.59 31.95 -43.70
N TYR B 224 -14.71 31.22 -44.37
CA TYR B 224 -13.30 31.15 -43.99
C TYR B 224 -12.46 30.80 -45.19
N THR B 225 -11.16 31.06 -45.10
CA THR B 225 -10.22 30.73 -46.18
C THR B 225 -9.07 29.95 -45.53
N GLY B 226 -8.32 29.20 -46.33
CA GLY B 226 -7.20 28.47 -45.76
C GLY B 226 -7.17 26.98 -45.95
N ILE B 227 -8.32 26.34 -45.93
CA ILE B 227 -8.35 24.89 -46.13
C ILE B 227 -8.82 24.69 -47.55
N PRO B 228 -7.97 24.10 -48.40
CA PRO B 228 -8.31 23.85 -49.81
C PRO B 228 -9.21 22.66 -50.19
N THR B 229 -9.36 21.63 -49.35
CA THR B 229 -10.20 20.49 -49.72
C THR B 229 -11.71 20.78 -49.71
N ASP B 230 -12.14 21.67 -48.81
CA ASP B 230 -13.57 22.04 -48.72
C ASP B 230 -13.69 23.38 -49.47
N LYS B 231 -14.23 23.33 -50.69
CA LYS B 231 -14.35 24.53 -51.53
C LYS B 231 -15.62 25.38 -51.42
N GLY B 232 -16.53 25.04 -50.51
CA GLY B 232 -17.75 25.84 -50.38
C GLY B 232 -19.00 25.03 -50.65
N PRO B 233 -20.17 25.52 -50.22
CA PRO B 233 -21.45 24.83 -50.42
C PRO B 233 -21.96 24.99 -51.86
N ARG B 234 -22.54 23.93 -52.40
CA ARG B 234 -23.07 23.97 -53.75
C ARG B 234 -24.52 24.44 -53.77
N PHE B 235 -25.13 24.48 -52.59
CA PHE B 235 -26.51 24.93 -52.42
C PHE B 235 -26.54 26.45 -52.31
N ARG B 236 -27.45 27.08 -53.05
CA ARG B 236 -27.59 28.53 -53.01
C ARG B 236 -29.03 28.91 -53.29
N LYS B 237 -29.62 29.69 -52.40
CA LYS B 237 -30.98 30.14 -52.56
C LYS B 237 -30.85 31.42 -53.38
N LEU B 238 -31.66 31.57 -54.42
CA LEU B 238 -31.61 32.78 -55.23
C LEU B 238 -32.34 33.85 -54.44
N THR B 239 -31.83 35.07 -54.49
CA THR B 239 -32.44 36.19 -53.78
C THR B 239 -33.61 36.73 -54.59
N SER B 240 -34.43 37.55 -53.94
CA SER B 240 -35.59 38.17 -54.58
C SER B 240 -35.17 38.81 -55.90
N GLN B 241 -34.07 39.56 -55.90
CA GLN B 241 -33.59 40.23 -57.10
C GLN B 241 -33.07 39.28 -58.18
N GLU B 242 -32.36 38.22 -57.79
CA GLU B 242 -31.85 37.27 -58.79
C GLU B 242 -32.98 36.61 -59.59
N ILE B 243 -34.11 36.38 -58.94
CA ILE B 243 -35.27 35.78 -59.60
C ILE B 243 -35.85 36.79 -60.60
N ASN B 244 -36.09 38.02 -60.15
CA ASN B 244 -36.63 39.10 -61.00
C ASN B 244 -35.81 39.30 -62.28
N ASP B 245 -34.48 39.36 -62.13
CA ASP B 245 -33.58 39.52 -63.28
C ASP B 245 -33.84 38.43 -64.32
N ARG B 246 -34.19 37.23 -63.86
CA ARG B 246 -34.45 36.14 -64.77
C ARG B 246 -35.87 36.14 -65.31
N LEU B 247 -36.78 36.77 -64.59
CA LEU B 247 -38.16 36.84 -65.02
C LEU B 247 -38.32 37.79 -66.18
N GLU B 248 -37.45 38.79 -66.23
CA GLU B 248 -37.48 39.78 -67.30
C GLU B 248 -36.95 39.21 -68.64
N ALA B 249 -36.22 38.10 -68.59
CA ALA B 249 -35.69 37.46 -69.79
C ALA B 249 -36.59 36.25 -70.11
N LEU B 250 -37.90 36.48 -69.99
CA LEU B 250 -38.95 35.48 -70.20
C LEU B 250 -39.17 35.18 -71.69
N GLY C 1 -61.02 5.04 -23.25
CA GLY C 1 -59.81 4.17 -23.37
C GLY C 1 -59.28 4.18 -24.79
N SER C 2 -58.22 3.39 -25.04
CA SER C 2 -57.58 3.32 -26.37
C SER C 2 -57.92 2.07 -27.20
N ARG C 3 -58.45 1.03 -26.54
CA ARG C 3 -58.86 -0.22 -27.20
C ARG C 3 -59.71 0.10 -28.41
N ARG C 4 -60.50 1.14 -28.25
CA ARG C 4 -61.43 1.64 -29.25
C ARG C 4 -60.85 1.78 -30.65
N TYR C 5 -59.61 2.26 -30.73
CA TYR C 5 -58.96 2.51 -32.02
C TYR C 5 -58.06 1.43 -32.57
N ASP C 6 -57.96 0.33 -31.85
CA ASP C 6 -57.11 -0.78 -32.25
C ASP C 6 -57.76 -1.68 -33.32
N SER C 7 -57.12 -1.79 -34.49
CA SER C 7 -57.62 -2.61 -35.58
C SER C 7 -57.37 -4.09 -35.35
N ARG C 8 -56.51 -4.43 -34.38
CA ARG C 8 -56.18 -5.81 -34.05
C ARG C 8 -55.60 -6.52 -35.29
N THR C 9 -54.39 -6.11 -35.67
CA THR C 9 -53.72 -6.68 -36.83
C THR C 9 -53.26 -8.12 -36.73
N THR C 10 -53.22 -8.68 -35.51
CA THR C 10 -52.76 -10.06 -35.35
C THR C 10 -53.81 -11.07 -34.90
N ILE C 11 -55.02 -10.96 -35.42
CA ILE C 11 -56.04 -11.92 -35.05
C ILE C 11 -56.38 -12.85 -36.23
N PHE C 12 -56.97 -13.98 -35.88
CA PHE C 12 -57.38 -14.99 -36.84
C PHE C 12 -58.84 -14.68 -37.21
N SER C 13 -59.20 -14.95 -38.46
CA SER C 13 -60.58 -14.78 -38.93
C SER C 13 -61.29 -16.05 -38.51
N PRO C 14 -62.63 -16.08 -38.58
CA PRO C 14 -63.30 -17.30 -38.16
C PRO C 14 -62.87 -18.55 -38.96
N GLU C 15 -62.22 -18.34 -40.09
CA GLU C 15 -61.74 -19.45 -40.91
C GLU C 15 -60.26 -19.80 -40.71
N GLY C 16 -59.62 -19.18 -39.72
CA GLY C 16 -58.22 -19.46 -39.45
C GLY C 16 -57.24 -18.80 -40.40
N ARG C 17 -57.63 -17.66 -40.96
CA ARG C 17 -56.73 -16.97 -41.86
C ARG C 17 -56.29 -15.68 -41.17
N LEU C 18 -55.14 -15.14 -41.55
CA LEU C 18 -54.69 -13.92 -40.93
C LEU C 18 -55.16 -12.77 -41.81
N TYR C 19 -56.12 -12.00 -41.31
CA TYR C 19 -56.69 -10.88 -42.06
C TYR C 19 -55.63 -10.02 -42.72
N GLN C 20 -54.84 -9.33 -41.92
CA GLN C 20 -53.82 -8.46 -42.44
C GLN C 20 -52.90 -9.12 -43.44
N VAL C 21 -52.54 -10.38 -43.24
CA VAL C 21 -51.66 -11.06 -44.19
C VAL C 21 -52.39 -11.23 -45.52
N GLU C 22 -53.65 -11.66 -45.47
CA GLU C 22 -54.44 -11.86 -46.66
C GLU C 22 -54.59 -10.54 -47.42
N TYR C 23 -54.81 -9.46 -46.69
CA TYR C 23 -54.96 -8.15 -47.32
C TYR C 23 -53.61 -7.65 -47.86
N ALA C 24 -52.51 -8.02 -47.21
CA ALA C 24 -51.21 -7.59 -47.70
C ALA C 24 -50.89 -8.30 -49.00
N LEU C 25 -51.28 -9.57 -49.10
CA LEU C 25 -51.04 -10.37 -50.30
C LEU C 25 -51.80 -9.78 -51.49
N GLU C 26 -52.95 -9.20 -51.18
CA GLU C 26 -53.79 -8.54 -52.18
C GLU C 26 -53.08 -7.31 -52.72
N SER C 27 -52.50 -6.52 -51.82
CA SER C 27 -51.76 -5.33 -52.23
C SER C 27 -50.64 -5.78 -53.16
N ILE C 28 -49.94 -6.82 -52.77
CA ILE C 28 -48.81 -7.35 -53.54
C ILE C 28 -49.18 -7.76 -54.95
N SER C 29 -50.36 -8.35 -55.10
CA SER C 29 -50.78 -8.77 -56.41
C SER C 29 -50.90 -7.63 -57.41
N HIS C 30 -50.80 -6.37 -56.97
CA HIS C 30 -50.91 -5.23 -57.88
C HIS C 30 -49.54 -4.68 -58.28
N ALA C 31 -48.48 -5.24 -57.73
CA ALA C 31 -47.13 -4.78 -58.00
C ALA C 31 -46.60 -5.41 -59.29
N GLY C 32 -45.64 -4.76 -59.92
CA GLY C 32 -45.06 -5.32 -61.13
C GLY C 32 -44.54 -6.72 -60.86
N THR C 33 -44.68 -7.63 -61.82
CA THR C 33 -44.26 -9.00 -61.64
C THR C 33 -42.76 -9.14 -61.56
N ALA C 34 -42.30 -10.02 -60.69
CA ALA C 34 -40.89 -10.30 -60.54
C ALA C 34 -40.79 -11.78 -60.82
N ILE C 35 -39.83 -12.18 -61.63
CA ILE C 35 -39.67 -13.58 -61.97
C ILE C 35 -38.25 -14.02 -61.67
N GLY C 36 -38.14 -15.24 -61.18
CA GLY C 36 -36.84 -15.81 -60.90
C GLY C 36 -36.80 -17.19 -61.53
N ILE C 37 -35.74 -17.50 -62.27
CA ILE C 37 -35.61 -18.80 -62.91
C ILE C 37 -34.23 -19.39 -62.63
N MET C 38 -34.20 -20.59 -62.08
CA MET C 38 -32.97 -21.26 -61.71
C MET C 38 -32.45 -22.24 -62.77
N ALA C 39 -31.22 -22.05 -63.21
CA ALA C 39 -30.60 -22.91 -64.21
C ALA C 39 -29.50 -23.78 -63.58
N SER C 40 -28.86 -24.61 -64.40
CA SER C 40 -27.78 -25.47 -63.91
C SER C 40 -26.52 -24.63 -63.66
N ASP C 41 -26.41 -23.53 -64.41
CA ASP C 41 -25.26 -22.66 -64.34
C ASP C 41 -25.52 -21.19 -64.02
N GLY C 42 -26.56 -20.91 -63.24
CA GLY C 42 -26.88 -19.54 -62.90
C GLY C 42 -28.34 -19.31 -62.60
N ILE C 43 -28.69 -18.11 -62.17
CA ILE C 43 -30.06 -17.78 -61.85
C ILE C 43 -30.40 -16.48 -62.53
N VAL C 44 -31.66 -16.30 -62.88
CA VAL C 44 -32.10 -15.08 -63.53
C VAL C 44 -33.18 -14.46 -62.68
N LEU C 45 -33.14 -13.14 -62.54
CA LEU C 45 -34.14 -12.39 -61.81
C LEU C 45 -34.57 -11.29 -62.76
N ALA C 46 -35.85 -11.22 -63.06
CA ALA C 46 -36.36 -10.20 -63.99
C ALA C 46 -37.55 -9.57 -63.32
N ALA C 47 -37.72 -8.27 -63.48
CA ALA C 47 -38.84 -7.61 -62.86
C ALA C 47 -39.34 -6.43 -63.67
N GLU C 48 -40.64 -6.24 -63.60
CA GLU C 48 -41.33 -5.17 -64.30
C GLU C 48 -41.57 -4.01 -63.36
N ARG C 49 -41.16 -2.82 -63.78
CA ARG C 49 -41.32 -1.62 -62.99
C ARG C 49 -42.74 -1.06 -62.98
N LYS C 50 -43.16 -0.60 -61.81
CA LYS C 50 -44.48 -0.03 -61.56
C LYS C 50 -44.29 1.49 -61.48
N VAL C 51 -45.33 2.25 -61.83
CA VAL C 51 -45.32 3.74 -61.81
C VAL C 51 -44.03 4.34 -62.42
N THR C 52 -44.03 4.46 -63.75
CA THR C 52 -42.89 5.00 -64.46
C THR C 52 -43.26 6.27 -65.20
N SER C 53 -42.43 6.67 -66.16
CA SER C 53 -42.63 7.85 -66.95
C SER C 53 -41.42 8.10 -67.85
N THR C 54 -41.52 9.09 -68.71
CA THR C 54 -40.45 9.44 -69.64
C THR C 54 -39.32 10.16 -68.91
N LEU C 55 -39.70 10.84 -67.83
CA LEU C 55 -38.80 11.65 -67.00
C LEU C 55 -38.06 10.96 -65.85
N LEU C 56 -38.44 9.75 -65.51
CA LEU C 56 -37.80 9.02 -64.43
C LEU C 56 -36.41 8.61 -64.86
N GLU C 57 -35.46 8.75 -63.93
CA GLU C 57 -34.09 8.39 -64.19
C GLU C 57 -33.98 6.90 -64.02
N GLN C 58 -33.92 6.15 -65.12
CA GLN C 58 -33.81 4.70 -65.03
C GLN C 58 -32.38 4.27 -64.72
N ASP C 59 -31.41 5.04 -65.19
CA ASP C 59 -30.00 4.75 -64.95
C ASP C 59 -29.73 4.61 -63.44
N THR C 60 -29.99 5.69 -62.70
CA THR C 60 -29.75 5.74 -61.25
C THR C 60 -30.90 5.12 -60.44
N SER C 61 -31.59 4.13 -61.00
CA SER C 61 -32.70 3.56 -60.26
C SER C 61 -32.53 2.11 -59.86
N THR C 62 -33.32 1.74 -58.84
CA THR C 62 -33.36 0.41 -58.25
C THR C 62 -34.58 0.41 -57.32
N GLU C 63 -35.64 -0.24 -57.73
CA GLU C 63 -36.85 -0.32 -56.91
C GLU C 63 -37.30 -1.76 -56.80
N LYS C 64 -36.69 -2.64 -57.59
CA LYS C 64 -37.09 -4.02 -57.54
C LYS C 64 -35.99 -5.03 -57.28
N LEU C 65 -34.78 -4.79 -57.79
CA LEU C 65 -33.67 -5.71 -57.58
C LEU C 65 -32.61 -5.13 -56.65
N TYR C 66 -32.36 -5.81 -55.55
CA TYR C 66 -31.38 -5.38 -54.56
C TYR C 66 -30.36 -6.47 -54.20
N LYS C 67 -29.13 -6.05 -54.02
CA LYS C 67 -28.05 -6.93 -53.67
C LYS C 67 -28.05 -7.08 -52.15
N LEU C 68 -28.10 -8.30 -51.64
CA LEU C 68 -28.08 -8.51 -50.19
C LEU C 68 -26.69 -8.94 -49.79
N ASN C 69 -25.97 -9.48 -50.74
CA ASN C 69 -24.64 -10.01 -50.54
C ASN C 69 -24.03 -10.09 -51.92
N ASP C 70 -22.77 -10.49 -52.02
CA ASP C 70 -22.15 -10.63 -53.34
C ASP C 70 -22.66 -11.93 -53.95
N LYS C 71 -23.33 -12.76 -53.16
CA LYS C 71 -23.82 -14.01 -53.66
C LYS C 71 -25.31 -14.14 -53.49
N ILE C 72 -25.98 -13.14 -52.94
CA ILE C 72 -27.43 -13.21 -52.73
C ILE C 72 -28.09 -11.93 -53.16
N ALA C 73 -29.22 -12.04 -53.84
CA ALA C 73 -29.97 -10.87 -54.29
C ALA C 73 -31.44 -11.17 -54.17
N VAL C 74 -32.27 -10.13 -54.05
CA VAL C 74 -33.70 -10.32 -53.98
C VAL C 74 -34.40 -9.49 -55.02
N ALA C 75 -35.58 -9.95 -55.40
CA ALA C 75 -36.45 -9.24 -56.31
C ALA C 75 -37.60 -8.92 -55.38
N VAL C 76 -38.12 -7.71 -55.45
CA VAL C 76 -39.19 -7.26 -54.56
C VAL C 76 -40.52 -7.02 -55.23
N ALA C 77 -41.58 -7.47 -54.58
CA ALA C 77 -42.94 -7.24 -55.08
C ALA C 77 -43.74 -6.70 -53.91
N GLY C 78 -44.12 -5.44 -53.98
CA GLY C 78 -44.91 -4.86 -52.91
C GLY C 78 -44.48 -3.44 -52.64
N LEU C 79 -44.60 -3.02 -51.39
CA LEU C 79 -44.20 -1.68 -51.00
C LEU C 79 -42.70 -1.56 -50.96
N THR C 80 -42.13 -0.77 -51.83
CA THR C 80 -40.68 -0.59 -51.87
C THR C 80 -40.09 -0.20 -50.52
N ALA C 81 -40.68 0.75 -49.83
CA ALA C 81 -40.16 1.20 -48.54
C ALA C 81 -40.15 0.11 -47.48
N ASP C 82 -41.17 -0.74 -47.43
CA ASP C 82 -41.19 -1.82 -46.45
C ASP C 82 -40.06 -2.77 -46.80
N ALA C 83 -39.85 -2.97 -48.08
CA ALA C 83 -38.81 -3.85 -48.54
C ALA C 83 -37.45 -3.37 -48.11
N GLU C 84 -37.18 -2.07 -48.24
CA GLU C 84 -35.87 -1.55 -47.86
C GLU C 84 -35.60 -1.76 -46.37
N ILE C 85 -36.63 -1.66 -45.54
CA ILE C 85 -36.46 -1.89 -44.11
C ILE C 85 -35.90 -3.29 -43.89
N LEU C 86 -36.55 -4.29 -44.49
CA LEU C 86 -36.15 -5.69 -44.37
C LEU C 86 -34.83 -6.00 -45.03
N ILE C 87 -34.63 -5.44 -46.21
CA ILE C 87 -33.42 -5.65 -46.95
C ILE C 87 -32.24 -5.25 -46.09
N ASN C 88 -32.33 -4.11 -45.42
CA ASN C 88 -31.20 -3.70 -44.59
C ASN C 88 -30.94 -4.62 -43.42
N THR C 89 -31.97 -5.18 -42.80
CA THR C 89 -31.72 -6.09 -41.71
C THR C 89 -31.10 -7.36 -42.26
N ALA C 90 -31.42 -7.74 -43.50
CA ALA C 90 -30.84 -8.93 -44.12
C ALA C 90 -29.36 -8.72 -44.42
N ARG C 91 -29.04 -7.54 -44.92
CA ARG C 91 -27.65 -7.18 -45.22
C ARG C 91 -26.80 -7.28 -43.95
N ILE C 92 -27.33 -6.82 -42.82
CA ILE C 92 -26.62 -6.87 -41.54
C ILE C 92 -26.47 -8.32 -41.04
N HIS C 93 -27.53 -9.13 -41.11
CA HIS C 93 -27.46 -10.53 -40.71
C HIS C 93 -26.39 -11.25 -41.51
N ALA C 94 -26.33 -10.99 -42.80
CA ALA C 94 -25.33 -11.62 -43.62
C ALA C 94 -23.94 -11.27 -43.09
N GLN C 95 -23.71 -10.02 -42.70
CA GLN C 95 -22.40 -9.64 -42.19
C GLN C 95 -22.14 -10.15 -40.77
N ASN C 96 -23.19 -10.32 -39.98
CA ASN C 96 -23.03 -10.84 -38.63
C ASN C 96 -22.53 -12.28 -38.71
N TYR C 97 -23.11 -13.05 -39.63
CA TYR C 97 -22.74 -14.44 -39.84
C TYR C 97 -21.31 -14.52 -40.35
N LEU C 98 -20.97 -13.70 -41.32
CA LEU C 98 -19.60 -13.71 -41.82
C LEU C 98 -18.61 -13.44 -40.69
N LYS C 99 -18.89 -12.45 -39.83
CA LYS C 99 -18.00 -12.13 -38.72
C LYS C 99 -17.87 -13.29 -37.77
N THR C 100 -19.00 -13.88 -37.41
CA THR C 100 -19.00 -15.00 -36.50
C THR C 100 -18.31 -16.25 -37.02
N TYR C 101 -18.59 -16.63 -38.26
CA TYR C 101 -18.05 -17.86 -38.76
C TYR C 101 -16.99 -17.76 -39.83
N ASN C 102 -16.74 -16.57 -40.34
CA ASN C 102 -15.75 -16.42 -41.39
C ASN C 102 -16.04 -17.22 -42.65
N GLU C 103 -17.34 -17.38 -42.91
CA GLU C 103 -17.83 -18.05 -44.11
C GLU C 103 -19.07 -17.26 -44.54
N ASP C 104 -19.33 -17.17 -45.84
CA ASP C 104 -20.50 -16.46 -46.34
C ASP C 104 -21.74 -17.18 -45.84
N ILE C 105 -22.80 -16.43 -45.54
CA ILE C 105 -24.02 -17.04 -45.02
C ILE C 105 -24.76 -17.86 -46.04
N PRO C 106 -25.07 -19.11 -45.70
CA PRO C 106 -25.81 -19.98 -46.61
C PRO C 106 -27.14 -19.30 -46.89
N VAL C 107 -27.63 -19.41 -48.12
CA VAL C 107 -28.87 -18.77 -48.55
C VAL C 107 -30.09 -19.02 -47.70
N GLU C 108 -30.39 -20.28 -47.40
CA GLU C 108 -31.57 -20.56 -46.59
C GLU C 108 -31.52 -19.93 -45.21
N ILE C 109 -30.34 -19.75 -44.64
CA ILE C 109 -30.26 -19.15 -43.32
C ILE C 109 -30.69 -17.71 -43.38
N LEU C 110 -30.27 -17.01 -44.41
CA LEU C 110 -30.67 -15.63 -44.57
C LEU C 110 -32.16 -15.55 -44.82
N VAL C 111 -32.66 -16.38 -45.72
CA VAL C 111 -34.07 -16.43 -46.05
C VAL C 111 -34.92 -16.74 -44.83
N ARG C 112 -34.55 -17.75 -44.08
CA ARG C 112 -35.31 -18.12 -42.89
C ARG C 112 -35.41 -16.99 -41.89
N ARG C 113 -34.29 -16.33 -41.63
CA ARG C 113 -34.27 -15.23 -40.69
C ARG C 113 -35.22 -14.12 -41.09
N LEU C 114 -35.15 -13.70 -42.35
CA LEU C 114 -36.02 -12.65 -42.87
C LEU C 114 -37.47 -13.03 -42.70
N SER C 115 -37.79 -14.27 -43.05
CA SER C 115 -39.15 -14.77 -42.92
C SER C 115 -39.58 -14.76 -41.48
N ASP C 116 -38.69 -15.13 -40.58
CA ASP C 116 -39.04 -15.14 -39.18
C ASP C 116 -39.41 -13.75 -38.68
N ILE C 117 -38.78 -12.72 -39.24
CA ILE C 117 -39.08 -11.34 -38.86
C ILE C 117 -40.49 -10.98 -39.33
N LYS C 118 -40.83 -11.41 -40.54
CA LYS C 118 -42.14 -11.17 -41.09
C LYS C 118 -43.19 -11.89 -40.26
N GLN C 119 -42.89 -13.12 -39.89
CA GLN C 119 -43.79 -13.92 -39.08
C GLN C 119 -44.08 -13.24 -37.77
N GLY C 120 -43.06 -12.65 -37.18
CA GLY C 120 -43.24 -11.98 -35.91
C GLY C 120 -44.31 -10.91 -36.00
N TYR C 121 -44.25 -10.08 -37.03
CA TYR C 121 -45.24 -9.03 -37.20
C TYR C 121 -46.64 -9.59 -37.35
N THR C 122 -46.70 -10.90 -37.51
CA THR C 122 -47.90 -11.68 -37.69
C THR C 122 -48.52 -12.23 -36.41
N GLN C 123 -47.70 -12.44 -35.37
CA GLN C 123 -48.22 -13.04 -34.16
C GLN C 123 -48.24 -12.18 -32.90
N HIS C 124 -47.44 -11.12 -32.87
CA HIS C 124 -47.41 -10.25 -31.70
C HIS C 124 -47.03 -8.82 -32.09
N GLY C 125 -47.27 -7.87 -31.19
CA GLY C 125 -46.90 -6.51 -31.45
C GLY C 125 -47.96 -5.53 -31.91
N GLY C 126 -49.01 -6.00 -32.54
CA GLY C 126 -50.06 -5.10 -33.00
C GLY C 126 -49.74 -4.14 -34.12
N LEU C 127 -48.75 -4.47 -34.93
CA LEU C 127 -48.37 -3.61 -36.04
C LEU C 127 -48.79 -4.28 -37.35
N ARG C 128 -48.98 -3.48 -38.39
CA ARG C 128 -49.36 -4.06 -39.64
C ARG C 128 -48.16 -4.82 -40.18
N PRO C 129 -48.40 -5.84 -40.98
CA PRO C 129 -47.32 -6.63 -41.55
C PRO C 129 -46.62 -5.83 -42.62
N PHE C 130 -45.55 -6.39 -43.16
CA PHE C 130 -44.81 -5.75 -44.24
C PHE C 130 -45.50 -6.20 -45.50
N GLY C 131 -45.85 -5.27 -46.39
CA GLY C 131 -46.52 -5.64 -47.61
C GLY C 131 -45.52 -5.93 -48.69
N VAL C 132 -44.75 -6.99 -48.49
CA VAL C 132 -43.70 -7.33 -49.43
C VAL C 132 -43.56 -8.81 -49.63
N SER C 133 -43.19 -9.21 -50.83
CA SER C 133 -42.95 -10.61 -51.15
C SER C 133 -41.61 -10.54 -51.82
N PHE C 134 -40.73 -11.47 -51.49
CA PHE C 134 -39.38 -11.51 -52.04
C PHE C 134 -39.11 -12.77 -52.81
N ILE C 135 -38.23 -12.66 -53.80
CA ILE C 135 -37.75 -13.82 -54.54
C ILE C 135 -36.28 -13.67 -54.22
N TYR C 136 -35.66 -14.69 -53.66
CA TYR C 136 -34.26 -14.62 -53.32
C TYR C 136 -33.50 -15.51 -54.29
N ALA C 137 -32.46 -14.97 -54.89
CA ALA C 137 -31.65 -15.74 -55.82
C ALA C 137 -30.29 -15.76 -55.17
N GLY C 138 -29.73 -16.93 -54.91
CA GLY C 138 -28.42 -16.95 -54.30
C GLY C 138 -27.65 -18.23 -54.50
N TYR C 139 -26.37 -18.19 -54.17
CA TYR C 139 -25.47 -19.33 -54.29
C TYR C 139 -24.63 -19.58 -53.02
N ASP C 140 -24.36 -20.85 -52.74
CA ASP C 140 -23.51 -21.23 -51.62
C ASP C 140 -22.90 -22.60 -51.89
N ASP C 141 -21.86 -22.96 -51.17
CA ASP C 141 -21.17 -24.23 -51.34
C ASP C 141 -21.94 -25.50 -50.99
N ARG C 142 -23.07 -25.38 -50.31
CA ARG C 142 -23.83 -26.58 -49.91
C ARG C 142 -24.90 -27.01 -50.90
N TYR C 143 -25.65 -26.05 -51.43
CA TYR C 143 -26.71 -26.35 -52.36
C TYR C 143 -26.57 -25.65 -53.72
N GLY C 144 -25.51 -24.89 -53.92
CA GLY C 144 -25.36 -24.23 -55.20
C GLY C 144 -26.40 -23.15 -55.43
N TYR C 145 -26.87 -23.03 -56.67
CA TYR C 145 -27.87 -22.03 -57.01
C TYR C 145 -29.18 -22.35 -56.37
N GLN C 146 -29.80 -21.36 -55.75
CA GLN C 146 -31.06 -21.53 -55.09
C GLN C 146 -31.98 -20.37 -55.38
N LEU C 147 -33.26 -20.59 -55.21
CA LEU C 147 -34.24 -19.54 -55.46
C LEU C 147 -35.30 -19.79 -54.43
N TYR C 148 -35.65 -18.78 -53.65
CA TYR C 148 -36.66 -18.96 -52.64
C TYR C 148 -37.63 -17.82 -52.78
N THR C 149 -38.69 -17.87 -52.00
CA THR C 149 -39.67 -16.83 -52.03
C THR C 149 -40.32 -16.75 -50.65
N SER C 150 -40.59 -15.54 -50.19
CA SER C 150 -41.27 -15.32 -48.90
C SER C 150 -42.36 -14.26 -49.09
N ASN C 151 -43.46 -14.40 -48.34
CA ASN C 151 -44.60 -13.50 -48.42
C ASN C 151 -44.92 -12.94 -47.03
N PRO C 152 -45.85 -11.96 -46.91
CA PRO C 152 -46.22 -11.39 -45.63
C PRO C 152 -46.45 -12.32 -44.46
N SER C 153 -46.87 -13.56 -44.72
CA SER C 153 -47.14 -14.52 -43.64
C SER C 153 -45.86 -14.96 -42.99
N GLY C 154 -44.79 -14.93 -43.76
CA GLY C 154 -43.50 -15.36 -43.27
C GLY C 154 -43.22 -16.77 -43.70
N ASN C 155 -44.04 -17.31 -44.58
CA ASN C 155 -43.78 -18.66 -45.04
C ASN C 155 -42.84 -18.49 -46.19
N TYR C 156 -41.89 -19.42 -46.33
CA TYR C 156 -40.98 -19.35 -47.46
C TYR C 156 -40.89 -20.74 -48.04
N THR C 157 -40.59 -20.79 -49.34
CA THR C 157 -40.50 -22.05 -50.06
C THR C 157 -39.43 -21.94 -51.17
N GLY C 158 -38.96 -23.08 -51.70
CA GLY C 158 -37.94 -23.09 -52.75
C GLY C 158 -38.47 -23.44 -54.12
N TRP C 159 -37.89 -22.88 -55.17
CA TRP C 159 -38.37 -23.11 -56.52
C TRP C 159 -37.29 -23.20 -57.58
N LYS C 160 -37.66 -23.77 -58.72
CA LYS C 160 -36.75 -23.88 -59.86
C LYS C 160 -37.07 -22.65 -60.71
N ALA C 161 -38.30 -22.15 -60.58
CA ALA C 161 -38.75 -20.96 -61.29
C ALA C 161 -39.97 -20.48 -60.54
N ILE C 162 -40.10 -19.18 -60.36
CA ILE C 162 -41.22 -18.64 -59.61
C ILE C 162 -41.43 -17.17 -60.00
N SER C 163 -42.56 -16.62 -59.59
CA SER C 163 -42.88 -15.23 -59.86
C SER C 163 -43.68 -14.74 -58.68
N VAL C 164 -43.67 -13.45 -58.46
CA VAL C 164 -44.44 -12.85 -57.37
C VAL C 164 -45.00 -11.59 -57.96
N GLY C 165 -46.03 -11.08 -57.33
CA GLY C 165 -46.64 -9.85 -57.80
C GLY C 165 -47.87 -10.12 -58.63
N ALA C 166 -48.12 -9.22 -59.58
CA ALA C 166 -49.27 -9.34 -60.47
C ALA C 166 -49.18 -10.52 -61.41
N ASN C 167 -50.34 -11.08 -61.72
CA ASN C 167 -50.48 -12.19 -62.68
C ASN C 167 -49.61 -13.40 -62.41
N THR C 168 -49.51 -13.82 -61.16
CA THR C 168 -48.71 -14.99 -60.84
C THR C 168 -49.27 -16.26 -61.47
N SER C 169 -50.56 -16.53 -61.31
CA SER C 169 -51.19 -17.73 -61.90
C SER C 169 -50.81 -17.88 -63.37
N ALA C 170 -50.97 -16.81 -64.13
CA ALA C 170 -50.64 -16.81 -65.53
C ALA C 170 -49.16 -17.10 -65.77
N ALA C 171 -48.29 -16.37 -65.05
CA ALA C 171 -46.84 -16.53 -65.19
C ALA C 171 -46.34 -17.90 -64.79
N GLN C 172 -46.89 -18.43 -63.73
CA GLN C 172 -46.50 -19.73 -63.24
C GLN C 172 -46.90 -20.79 -64.27
N THR C 173 -48.07 -20.64 -64.88
CA THR C 173 -48.51 -21.58 -65.89
C THR C 173 -47.56 -21.60 -67.09
N LEU C 174 -47.10 -20.43 -67.50
CA LEU C 174 -46.20 -20.34 -68.64
C LEU C 174 -44.83 -20.89 -68.34
N LEU C 175 -44.40 -20.68 -67.11
CA LEU C 175 -43.10 -21.16 -66.64
C LEU C 175 -43.11 -22.66 -66.59
N GLN C 176 -44.13 -23.20 -65.94
CA GLN C 176 -44.29 -24.64 -65.82
C GLN C 176 -44.39 -25.32 -67.19
N MET C 177 -44.72 -24.54 -68.22
CA MET C 177 -44.85 -25.05 -69.55
C MET C 177 -43.51 -25.20 -70.26
N ASP C 178 -42.78 -24.10 -70.40
CA ASP C 178 -41.49 -24.08 -71.09
C ASP C 178 -40.24 -24.42 -70.28
N TYR C 179 -40.38 -24.65 -68.98
CA TYR C 179 -39.20 -24.95 -68.14
C TYR C 179 -38.72 -26.41 -68.19
N LYS C 180 -37.41 -26.57 -68.35
CA LYS C 180 -36.78 -27.89 -68.39
C LYS C 180 -35.58 -27.94 -67.44
N ASP C 181 -35.56 -28.95 -66.56
CA ASP C 181 -34.51 -29.15 -65.55
C ASP C 181 -33.04 -28.91 -65.92
N ASP C 182 -32.72 -29.09 -67.20
CA ASP C 182 -31.36 -28.93 -67.69
C ASP C 182 -31.09 -27.59 -68.37
N MET C 183 -31.97 -26.61 -68.16
CA MET C 183 -31.81 -25.30 -68.77
C MET C 183 -30.46 -24.65 -68.54
N LYS C 184 -30.10 -23.77 -69.46
CA LYS C 184 -28.86 -23.03 -69.42
C LYS C 184 -29.31 -21.59 -69.12
N VAL C 185 -28.45 -20.76 -68.52
CA VAL C 185 -28.83 -19.38 -68.20
C VAL C 185 -29.34 -18.59 -69.40
N ASP C 186 -28.58 -18.63 -70.50
CA ASP C 186 -28.99 -17.91 -71.71
C ASP C 186 -30.42 -18.26 -72.07
N ASP C 187 -30.80 -19.51 -71.82
CA ASP C 187 -32.13 -19.97 -72.11
C ASP C 187 -33.13 -19.45 -71.07
N ALA C 188 -32.72 -19.37 -69.81
CA ALA C 188 -33.56 -18.88 -68.72
C ALA C 188 -33.90 -17.41 -68.93
N ILE C 189 -32.92 -16.65 -69.40
CA ILE C 189 -33.12 -15.25 -69.66
C ILE C 189 -34.32 -15.09 -70.59
N GLU C 190 -34.26 -15.77 -71.73
CA GLU C 190 -35.33 -15.74 -72.73
C GLU C 190 -36.68 -16.08 -72.12
N LEU C 191 -36.76 -17.19 -71.38
CA LEU C 191 -38.01 -17.56 -70.78
C LEU C 191 -38.55 -16.48 -69.84
N ALA C 192 -37.72 -15.96 -68.95
CA ALA C 192 -38.17 -14.95 -68.01
C ALA C 192 -38.76 -13.79 -68.77
N LEU C 193 -38.02 -13.30 -69.75
CA LEU C 193 -38.47 -12.19 -70.57
C LEU C 193 -39.73 -12.51 -71.37
N LYS C 194 -39.79 -13.72 -71.93
CA LYS C 194 -40.97 -14.15 -72.70
C LYS C 194 -42.18 -14.09 -71.79
N THR C 195 -42.06 -14.71 -70.63
CA THR C 195 -43.14 -14.75 -69.66
C THR C 195 -43.66 -13.37 -69.27
N LEU C 196 -42.76 -12.45 -68.96
CA LEU C 196 -43.20 -11.11 -68.61
C LEU C 196 -43.94 -10.51 -69.78
N SER C 197 -43.40 -10.67 -70.98
CA SER C 197 -44.00 -10.13 -72.19
C SER C 197 -45.44 -10.57 -72.40
N LYS C 198 -45.76 -11.79 -72.04
CA LYS C 198 -47.11 -12.28 -72.22
C LYS C 198 -48.06 -12.00 -71.07
N THR C 199 -47.53 -11.51 -69.96
CA THR C 199 -48.35 -11.23 -68.79
C THR C 199 -48.46 -9.75 -68.44
N THR C 200 -47.62 -8.93 -69.04
CA THR C 200 -47.63 -7.48 -68.81
C THR C 200 -49.04 -6.94 -68.98
N ASP C 201 -49.37 -5.94 -68.19
CA ASP C 201 -50.68 -5.33 -68.28
C ASP C 201 -50.57 -4.12 -69.20
N SER C 202 -49.33 -3.81 -69.58
CA SER C 202 -49.05 -2.67 -70.43
C SER C 202 -48.76 -3.07 -71.87
N SER C 203 -48.84 -2.10 -72.76
CA SER C 203 -48.64 -2.26 -74.21
C SER C 203 -47.59 -3.27 -74.63
N ALA C 204 -46.34 -2.84 -74.60
CA ALA C 204 -45.24 -3.69 -74.99
C ALA C 204 -44.16 -3.62 -73.93
N LEU C 205 -43.38 -4.69 -73.84
CA LEU C 205 -42.31 -4.78 -72.88
C LEU C 205 -41.12 -4.00 -73.44
N THR C 206 -40.82 -2.86 -72.83
CA THR C 206 -39.71 -2.04 -73.26
C THR C 206 -38.68 -2.01 -72.16
N TYR C 207 -37.42 -1.74 -72.53
CA TYR C 207 -36.32 -1.71 -71.59
C TYR C 207 -36.50 -0.82 -70.38
N ASP C 208 -37.03 0.37 -70.61
CA ASP C 208 -37.24 1.34 -69.54
C ASP C 208 -38.22 0.85 -68.48
N ARG C 209 -38.89 -0.27 -68.75
CA ARG C 209 -39.86 -0.79 -67.81
C ARG C 209 -39.37 -2.03 -67.13
N LEU C 210 -38.08 -2.32 -67.25
CA LEU C 210 -37.54 -3.53 -66.65
C LEU C 210 -36.31 -3.36 -65.80
N GLU C 211 -36.07 -4.39 -64.99
CA GLU C 211 -34.91 -4.51 -64.14
C GLU C 211 -34.57 -5.97 -64.39
N PHE C 212 -33.29 -6.27 -64.55
CA PHE C 212 -32.88 -7.62 -64.87
C PHE C 212 -31.56 -7.95 -64.18
N ALA C 213 -31.42 -9.16 -63.67
CA ALA C 213 -30.19 -9.58 -63.01
C ALA C 213 -29.96 -11.05 -63.17
N THR C 214 -28.69 -11.45 -63.20
CA THR C 214 -28.33 -12.86 -63.29
C THR C 214 -27.20 -13.11 -62.33
N ILE C 215 -27.15 -14.31 -61.78
CA ILE C 215 -26.08 -14.69 -60.88
C ILE C 215 -25.47 -15.89 -61.61
N ARG C 216 -24.26 -15.71 -62.15
CA ARG C 216 -23.55 -16.75 -62.90
C ARG C 216 -22.19 -17.10 -62.33
N LYS C 217 -21.74 -18.32 -62.56
CA LYS C 217 -20.43 -18.76 -62.10
C LYS C 217 -19.61 -18.90 -63.38
N GLY C 218 -19.17 -17.75 -63.91
CA GLY C 218 -18.38 -17.76 -65.14
C GLY C 218 -17.21 -18.73 -65.04
N ALA C 219 -17.21 -19.80 -65.86
CA ALA C 219 -16.17 -20.83 -65.87
C ALA C 219 -14.70 -20.35 -65.91
N ASN C 220 -14.49 -19.11 -66.32
CA ASN C 220 -13.15 -18.51 -66.40
C ASN C 220 -12.98 -17.57 -65.20
N ASP C 221 -12.99 -18.17 -64.00
CA ASP C 221 -12.86 -17.46 -62.74
C ASP C 221 -13.11 -18.51 -61.63
N GLY C 222 -13.98 -18.18 -60.68
CA GLY C 222 -14.29 -19.07 -59.58
C GLY C 222 -15.35 -18.45 -58.70
N GLU C 223 -15.17 -17.16 -58.36
CA GLU C 223 -16.13 -16.44 -57.52
C GLU C 223 -17.42 -16.27 -58.35
N VAL C 224 -18.56 -16.35 -57.67
CA VAL C 224 -19.87 -16.19 -58.32
C VAL C 224 -20.11 -14.71 -58.59
N TYR C 225 -20.47 -14.38 -59.83
CA TYR C 225 -20.69 -12.99 -60.21
C TYR C 225 -22.16 -12.60 -60.30
N GLN C 226 -22.53 -11.57 -59.54
CA GLN C 226 -23.88 -11.05 -59.53
C GLN C 226 -23.83 -9.87 -60.47
N LYS C 227 -24.64 -9.88 -61.51
CA LYS C 227 -24.64 -8.76 -62.47
C LYS C 227 -25.99 -8.08 -62.54
N ILE C 228 -26.05 -6.82 -62.14
CA ILE C 228 -27.31 -6.07 -62.22
C ILE C 228 -27.25 -5.37 -63.57
N PHE C 229 -28.13 -5.78 -64.48
CA PHE C 229 -28.13 -5.22 -65.82
C PHE C 229 -28.40 -3.73 -65.84
N LYS C 230 -27.67 -3.07 -66.70
CA LYS C 230 -27.79 -1.65 -66.87
C LYS C 230 -28.78 -1.43 -68.01
N PRO C 231 -29.50 -0.28 -68.02
CA PRO C 231 -30.47 0.03 -69.06
C PRO C 231 -30.09 -0.46 -70.45
N GLN C 232 -28.98 0.00 -70.98
CA GLN C 232 -28.57 -0.42 -72.32
C GLN C 232 -28.40 -1.92 -72.47
N GLU C 233 -28.03 -2.61 -71.40
CA GLU C 233 -27.83 -4.06 -71.46
C GLU C 233 -29.18 -4.79 -71.53
N ILE C 234 -30.19 -4.20 -70.91
CA ILE C 234 -31.54 -4.77 -70.93
C ILE C 234 -32.10 -4.55 -72.32
N LYS C 235 -31.78 -3.42 -72.93
CA LYS C 235 -32.24 -3.14 -74.30
C LYS C 235 -31.59 -4.18 -75.22
N ASP C 236 -30.29 -4.40 -75.06
CA ASP C 236 -29.56 -5.37 -75.87
C ASP C 236 -30.11 -6.80 -75.75
N ILE C 237 -30.25 -7.32 -74.53
CA ILE C 237 -30.76 -8.68 -74.34
C ILE C 237 -32.22 -8.85 -74.78
N LEU C 238 -32.97 -7.75 -74.81
CA LEU C 238 -34.37 -7.77 -75.20
C LEU C 238 -34.50 -7.96 -76.72
N VAL C 239 -33.50 -7.53 -77.47
CA VAL C 239 -33.48 -7.68 -78.93
C VAL C 239 -33.10 -9.11 -79.32
N LYS C 240 -31.96 -9.59 -78.81
CA LYS C 240 -31.48 -10.94 -79.12
C LYS C 240 -32.56 -11.99 -78.94
N THR C 241 -33.33 -11.89 -77.86
CA THR C 241 -34.40 -12.84 -77.59
C THR C 241 -35.60 -12.67 -78.52
N GLY C 242 -35.81 -11.46 -79.03
CA GLY C 242 -36.90 -11.22 -79.97
C GLY C 242 -38.20 -10.55 -79.56
N ILE C 243 -38.14 -9.49 -78.77
CA ILE C 243 -39.35 -8.78 -78.35
C ILE C 243 -39.29 -7.38 -78.95
N THR C 244 -38.09 -6.99 -79.37
CA THR C 244 -37.77 -5.69 -79.97
C THR C 244 -38.18 -4.60 -78.97
N GLY D 1 -45.11 -2.97 -25.46
CA GLY D 1 -46.20 -2.12 -24.92
C GLY D 1 -47.54 -2.69 -25.29
N TYR D 2 -47.60 -3.38 -26.44
CA TYR D 2 -48.83 -3.97 -26.90
C TYR D 2 -49.22 -5.18 -26.07
N ASP D 3 -50.28 -5.07 -25.28
CA ASP D 3 -50.73 -6.17 -24.47
C ASP D 3 -52.24 -6.39 -24.47
N ARG D 4 -52.92 -6.09 -25.58
CA ARG D 4 -54.37 -6.27 -25.67
C ARG D 4 -54.68 -7.74 -25.52
N ALA D 5 -55.72 -8.05 -24.75
CA ALA D 5 -56.12 -9.42 -24.53
C ALA D 5 -56.79 -9.88 -25.82
N LEU D 6 -56.07 -10.67 -26.60
CA LEU D 6 -56.60 -11.17 -27.84
C LEU D 6 -57.36 -12.46 -27.65
N SER D 7 -56.93 -13.30 -26.70
CA SER D 7 -57.63 -14.54 -26.42
C SER D 7 -58.37 -14.31 -25.16
N ILE D 8 -59.69 -14.26 -25.25
CA ILE D 8 -60.54 -14.01 -24.09
C ILE D 8 -61.76 -14.91 -24.18
N PHE D 9 -62.47 -15.04 -23.08
CA PHE D 9 -63.67 -15.86 -23.06
C PHE D 9 -64.85 -15.07 -23.62
N SER D 10 -65.64 -15.73 -24.45
CA SER D 10 -66.85 -15.14 -25.00
C SER D 10 -67.98 -15.73 -24.14
N PRO D 11 -69.19 -15.14 -24.17
CA PRO D 11 -70.36 -15.58 -23.39
C PRO D 11 -70.59 -17.07 -23.12
N ASP D 12 -70.32 -17.91 -24.09
CA ASP D 12 -70.55 -19.35 -23.94
C ASP D 12 -69.39 -20.18 -23.40
N GLY D 13 -68.29 -19.53 -23.03
CA GLY D 13 -67.15 -20.25 -22.50
C GLY D 13 -66.15 -20.71 -23.54
N HIS D 14 -66.11 -20.07 -24.69
CA HIS D 14 -65.16 -20.45 -25.71
C HIS D 14 -64.13 -19.36 -25.90
N ILE D 15 -62.95 -19.73 -26.37
CA ILE D 15 -61.90 -18.76 -26.64
C ILE D 15 -61.74 -18.84 -28.14
N PHE D 16 -62.39 -17.92 -28.83
CA PHE D 16 -62.38 -17.88 -30.29
C PHE D 16 -61.02 -17.98 -30.91
N GLN D 17 -60.09 -17.13 -30.51
CA GLN D 17 -58.76 -17.17 -31.10
C GLN D 17 -58.14 -18.57 -31.10
N VAL D 18 -58.35 -19.33 -30.03
CA VAL D 18 -57.81 -20.68 -29.97
C VAL D 18 -58.61 -21.56 -30.92
N GLU D 19 -59.94 -21.37 -30.94
CA GLU D 19 -60.81 -22.15 -31.81
C GLU D 19 -60.54 -21.87 -33.26
N TYR D 20 -60.20 -20.62 -33.56
CA TYR D 20 -59.92 -20.23 -34.93
C TYR D 20 -58.56 -20.73 -35.33
N ALA D 21 -57.67 -20.91 -34.34
CA ALA D 21 -56.33 -21.43 -34.62
C ALA D 21 -56.48 -22.85 -35.14
N LEU D 22 -57.40 -23.60 -34.53
CA LEU D 22 -57.70 -24.98 -34.92
C LEU D 22 -58.13 -25.04 -36.38
N GLU D 23 -58.93 -24.05 -36.80
CA GLU D 23 -59.41 -23.96 -38.17
C GLU D 23 -58.27 -23.80 -39.14
N ALA D 24 -57.20 -23.16 -38.69
CA ALA D 24 -56.02 -22.98 -39.51
C ALA D 24 -55.35 -24.33 -39.68
N VAL D 25 -55.40 -25.14 -38.63
CA VAL D 25 -54.81 -26.47 -38.69
C VAL D 25 -55.61 -27.32 -39.69
N LYS D 26 -56.94 -27.22 -39.62
CA LYS D 26 -57.84 -27.96 -40.51
C LYS D 26 -57.58 -27.69 -41.96
N ARG D 27 -56.90 -26.59 -42.26
CA ARG D 27 -56.60 -26.23 -43.64
C ARG D 27 -55.19 -26.65 -44.09
N GLY D 28 -54.37 -27.08 -43.15
CA GLY D 28 -53.03 -27.47 -43.52
C GLY D 28 -52.95 -28.87 -44.03
N THR D 29 -51.86 -29.20 -44.72
CA THR D 29 -51.67 -30.54 -45.24
C THR D 29 -51.78 -31.54 -44.10
N CYS D 30 -52.27 -32.72 -44.42
CA CYS D 30 -52.46 -33.79 -43.46
C CYS D 30 -51.16 -34.41 -42.99
N ALA D 31 -51.10 -34.76 -41.73
CA ALA D 31 -49.94 -35.39 -41.17
C ALA D 31 -50.49 -36.55 -40.38
N VAL D 32 -49.79 -37.68 -40.43
CA VAL D 32 -50.23 -38.88 -39.72
C VAL D 32 -49.03 -39.52 -39.10
N GLY D 33 -49.25 -40.18 -37.97
CA GLY D 33 -48.18 -40.86 -37.29
C GLY D 33 -48.80 -42.11 -36.75
N VAL D 34 -48.13 -43.23 -36.90
CA VAL D 34 -48.64 -44.49 -36.38
C VAL D 34 -47.45 -45.20 -35.81
N LYS D 35 -47.63 -45.88 -34.69
CA LYS D 35 -46.49 -46.57 -34.14
C LYS D 35 -46.53 -48.09 -34.19
N GLY D 36 -45.36 -48.66 -34.46
CA GLY D 36 -45.20 -50.08 -34.51
C GLY D 36 -44.76 -50.62 -33.16
N LYS D 37 -44.11 -51.76 -33.18
CA LYS D 37 -43.61 -52.41 -31.97
C LYS D 37 -42.20 -51.90 -31.63
N ASN D 38 -41.49 -51.43 -32.65
CA ASN D 38 -40.15 -50.92 -32.49
C ASN D 38 -39.88 -49.81 -33.51
N CYS D 39 -40.86 -48.94 -33.73
CA CYS D 39 -40.71 -47.82 -34.66
C CYS D 39 -41.97 -46.95 -34.67
N VAL D 40 -41.85 -45.73 -35.19
CA VAL D 40 -42.95 -44.79 -35.31
C VAL D 40 -42.76 -44.20 -36.68
N VAL D 41 -43.83 -44.12 -37.46
CA VAL D 41 -43.72 -43.57 -38.80
C VAL D 41 -44.60 -42.34 -38.90
N LEU D 42 -44.06 -41.30 -39.52
CA LEU D 42 -44.75 -40.04 -39.70
C LEU D 42 -44.95 -39.81 -41.17
N GLY D 43 -46.20 -39.67 -41.57
CA GLY D 43 -46.50 -39.42 -42.97
C GLY D 43 -47.09 -38.06 -43.13
N CYS D 44 -46.81 -37.41 -44.25
CA CYS D 44 -47.33 -36.07 -44.52
C CYS D 44 -47.64 -35.91 -46.00
N GLU D 45 -48.71 -35.16 -46.32
CA GLU D 45 -49.05 -34.91 -47.72
C GLU D 45 -48.40 -33.59 -48.15
N ARG D 46 -47.99 -33.50 -49.41
CA ARG D 46 -47.36 -32.29 -49.92
C ARG D 46 -48.36 -31.32 -50.55
N ARG D 47 -48.37 -30.09 -50.03
CA ARG D 47 -49.25 -29.01 -50.48
C ARG D 47 -49.17 -28.96 -52.02
N SER D 48 -50.28 -29.28 -52.70
CA SER D 48 -50.32 -29.28 -54.17
C SER D 48 -51.02 -28.08 -54.87
N THR D 49 -51.24 -26.98 -54.13
CA THR D 49 -51.87 -25.76 -54.65
C THR D 49 -51.03 -25.15 -55.79
N LEU D 50 -49.70 -25.27 -55.66
CA LEU D 50 -48.71 -24.78 -56.65
C LEU D 50 -47.62 -25.88 -56.81
N LYS D 51 -47.05 -26.01 -58.01
CA LYS D 51 -45.99 -27.01 -58.25
C LYS D 51 -44.94 -26.46 -59.25
N LEU D 52 -43.67 -26.77 -58.95
CA LEU D 52 -42.44 -26.39 -59.70
C LEU D 52 -41.36 -26.13 -58.62
N GLN D 53 -41.53 -26.81 -57.49
CA GLN D 53 -40.66 -26.71 -56.33
C GLN D 53 -39.32 -27.40 -56.43
N ASP D 54 -38.36 -26.86 -55.68
CA ASP D 54 -37.02 -27.41 -55.61
C ASP D 54 -37.04 -28.23 -54.34
N THR D 55 -37.33 -29.52 -54.48
CA THR D 55 -37.41 -30.44 -53.35
C THR D 55 -36.17 -30.54 -52.44
N ARG D 56 -35.00 -30.19 -52.98
CA ARG D 56 -33.76 -30.26 -52.23
C ARG D 56 -33.72 -29.37 -51.01
N ILE D 57 -34.15 -28.13 -51.20
CA ILE D 57 -34.13 -27.10 -50.17
C ILE D 57 -35.38 -26.82 -49.32
N THR D 58 -36.55 -26.71 -49.97
CA THR D 58 -37.81 -26.43 -49.27
C THR D 58 -37.94 -27.05 -47.89
N PRO D 59 -38.27 -26.22 -46.89
CA PRO D 59 -38.43 -26.71 -45.53
C PRO D 59 -39.25 -28.01 -45.50
N SER D 60 -38.62 -29.07 -44.98
CA SER D 60 -39.27 -30.36 -44.88
C SER D 60 -40.40 -30.25 -43.87
N LYS D 61 -41.40 -31.12 -44.03
CA LYS D 61 -42.55 -31.11 -43.14
C LYS D 61 -42.27 -31.82 -41.81
N VAL D 62 -41.31 -32.73 -41.80
CA VAL D 62 -40.94 -33.44 -40.58
C VAL D 62 -39.58 -32.87 -40.16
N SER D 63 -39.46 -32.45 -38.91
CA SER D 63 -38.21 -31.87 -38.42
C SER D 63 -37.60 -32.57 -37.20
N LYS D 64 -36.29 -32.78 -37.27
CA LYS D 64 -35.56 -33.40 -36.17
C LYS D 64 -35.47 -32.37 -35.06
N ILE D 65 -35.94 -32.70 -33.86
CA ILE D 65 -35.80 -31.78 -32.76
C ILE D 65 -34.45 -32.11 -32.09
N ASP D 66 -34.05 -33.37 -32.18
CA ASP D 66 -32.77 -33.88 -31.66
C ASP D 66 -32.52 -35.14 -32.44
N SER D 67 -31.40 -35.81 -32.19
CA SER D 67 -31.06 -37.03 -32.90
C SER D 67 -32.09 -38.14 -32.75
N HIS D 68 -32.92 -38.05 -31.73
CA HIS D 68 -33.90 -39.09 -31.44
C HIS D 68 -35.38 -38.68 -31.37
N VAL D 69 -35.72 -37.45 -31.69
CA VAL D 69 -37.11 -37.00 -31.63
C VAL D 69 -37.42 -36.11 -32.82
N VAL D 70 -38.58 -36.32 -33.42
CA VAL D 70 -38.99 -35.52 -34.57
C VAL D 70 -40.36 -34.89 -34.34
N LEU D 71 -40.67 -33.85 -35.10
CA LEU D 71 -41.95 -33.18 -34.99
C LEU D 71 -42.47 -32.89 -36.37
N SER D 72 -43.75 -33.19 -36.59
CA SER D 72 -44.39 -32.86 -37.84
C SER D 72 -45.57 -32.06 -37.37
N PHE D 73 -46.24 -31.38 -38.28
CA PHE D 73 -47.36 -30.52 -37.93
C PHE D 73 -48.30 -30.31 -39.12
N SER D 74 -49.38 -29.59 -38.84
CA SER D 74 -50.36 -29.19 -39.84
C SER D 74 -50.77 -27.83 -39.35
N GLY D 75 -50.74 -26.86 -40.24
CA GLY D 75 -51.13 -25.53 -39.84
C GLY D 75 -50.28 -24.50 -40.55
N LEU D 76 -50.09 -23.36 -39.90
CA LEU D 76 -49.30 -22.28 -40.47
C LEU D 76 -47.83 -22.66 -40.45
N ASN D 77 -47.25 -22.79 -41.64
CA ASN D 77 -45.86 -23.15 -41.77
C ASN D 77 -44.95 -22.24 -40.98
N ALA D 78 -45.19 -20.94 -41.08
CA ALA D 78 -44.38 -19.95 -40.39
C ALA D 78 -44.41 -20.13 -38.89
N ASP D 79 -45.59 -20.41 -38.32
CA ASP D 79 -45.72 -20.62 -36.89
C ASP D 79 -44.99 -21.87 -36.45
N SER D 80 -45.00 -22.91 -37.26
CA SER D 80 -44.34 -24.14 -36.92
C SER D 80 -42.88 -23.87 -36.62
N ARG D 81 -42.25 -23.03 -37.43
CA ARG D 81 -40.84 -22.69 -37.24
C ARG D 81 -40.51 -22.15 -35.87
N ILE D 82 -41.38 -21.34 -35.31
CA ILE D 82 -41.15 -20.79 -33.98
C ILE D 82 -41.14 -21.89 -32.96
N LEU D 83 -42.11 -22.79 -33.01
CA LEU D 83 -42.21 -23.92 -32.08
C LEU D 83 -41.04 -24.85 -32.23
N ILE D 84 -40.70 -25.15 -33.46
CA ILE D 84 -39.60 -26.04 -33.72
C ILE D 84 -38.30 -25.46 -33.17
N GLU D 85 -38.02 -24.18 -33.41
CA GLU D 85 -36.80 -23.57 -32.89
C GLU D 85 -36.76 -23.57 -31.36
N LYS D 86 -37.88 -23.26 -30.71
CA LYS D 86 -37.88 -23.27 -29.25
C LYS D 86 -37.60 -24.67 -28.73
N ALA D 87 -38.19 -25.67 -29.39
CA ALA D 87 -38.01 -27.07 -29.04
C ALA D 87 -36.57 -27.51 -29.16
N ARG D 88 -35.93 -27.17 -30.27
CA ARG D 88 -34.55 -27.52 -30.48
C ARG D 88 -33.63 -26.89 -29.44
N VAL D 89 -33.91 -25.65 -29.02
CA VAL D 89 -33.09 -24.99 -27.99
C VAL D 89 -33.25 -25.67 -26.65
N GLU D 90 -34.49 -25.98 -26.31
CA GLU D 90 -34.77 -26.65 -25.05
C GLU D 90 -34.18 -28.04 -25.06
N ALA D 91 -34.07 -28.65 -26.22
CA ALA D 91 -33.50 -29.98 -26.30
C ALA D 91 -32.02 -29.92 -25.93
N GLN D 92 -31.30 -28.92 -26.44
CA GLN D 92 -29.88 -28.77 -26.11
C GLN D 92 -29.67 -28.28 -24.68
N SER D 93 -30.60 -27.46 -24.17
CA SER D 93 -30.53 -26.97 -22.81
C SER D 93 -30.73 -28.09 -21.81
N HIS D 94 -31.54 -29.09 -22.16
CA HIS D 94 -31.80 -30.24 -21.29
C HIS D 94 -30.55 -31.14 -21.24
N ARG D 95 -29.91 -31.37 -22.38
CA ARG D 95 -28.69 -32.15 -22.44
C ARG D 95 -27.61 -31.48 -21.59
N LEU D 96 -27.53 -30.16 -21.66
CA LEU D 96 -26.54 -29.41 -20.90
C LEU D 96 -26.72 -29.42 -19.40
N THR D 97 -27.96 -29.37 -18.92
CA THR D 97 -28.20 -29.36 -17.49
C THR D 97 -28.50 -30.71 -16.83
N LEU D 98 -29.21 -31.61 -17.51
CA LEU D 98 -29.54 -32.90 -16.93
C LEU D 98 -28.62 -34.02 -17.36
N GLU D 99 -27.76 -33.75 -18.34
CA GLU D 99 -26.80 -34.74 -18.86
C GLU D 99 -27.44 -35.98 -19.47
N ASP D 100 -28.59 -35.78 -20.08
CA ASP D 100 -29.35 -36.84 -20.72
C ASP D 100 -30.34 -36.17 -21.66
N PRO D 101 -30.50 -36.70 -22.88
CA PRO D 101 -31.45 -36.06 -23.79
C PRO D 101 -32.93 -36.15 -23.35
N VAL D 102 -33.79 -35.28 -23.88
CA VAL D 102 -35.19 -35.25 -23.49
C VAL D 102 -35.96 -36.50 -23.82
N THR D 103 -36.95 -36.81 -23.00
CA THR D 103 -37.82 -37.93 -23.29
C THR D 103 -38.77 -37.30 -24.30
N VAL D 104 -39.60 -38.10 -24.96
CA VAL D 104 -40.53 -37.55 -25.94
C VAL D 104 -41.70 -36.83 -25.24
N GLU D 105 -42.10 -37.32 -24.07
CA GLU D 105 -43.18 -36.70 -23.30
C GLU D 105 -42.72 -35.34 -22.81
N TYR D 106 -41.47 -35.26 -22.37
CA TYR D 106 -40.92 -34.01 -21.89
C TYR D 106 -40.95 -32.97 -22.99
N LEU D 107 -40.42 -33.31 -24.16
CA LEU D 107 -40.37 -32.39 -25.27
C LEU D 107 -41.75 -31.93 -25.68
N THR D 108 -42.71 -32.84 -25.59
CA THR D 108 -44.08 -32.56 -25.93
C THR D 108 -44.65 -31.59 -24.90
N ARG D 109 -44.51 -31.92 -23.64
CA ARG D 109 -45.00 -31.06 -22.58
C ARG D 109 -44.43 -29.64 -22.71
N TYR D 110 -43.21 -29.54 -23.23
CA TYR D 110 -42.58 -28.24 -23.43
C TYR D 110 -43.25 -27.50 -24.55
N VAL D 111 -43.34 -28.10 -25.74
CA VAL D 111 -43.97 -27.44 -26.87
C VAL D 111 -45.40 -27.05 -26.55
N ALA D 112 -46.13 -27.97 -25.94
CA ALA D 112 -47.51 -27.70 -25.57
C ALA D 112 -47.58 -26.55 -24.60
N GLY D 113 -46.64 -26.51 -23.66
CA GLY D 113 -46.63 -25.43 -22.71
C GLY D 113 -46.46 -24.09 -23.42
N VAL D 114 -45.60 -24.05 -24.42
CA VAL D 114 -45.41 -22.81 -25.16
C VAL D 114 -46.72 -22.43 -25.84
N GLN D 115 -47.38 -23.42 -26.45
CA GLN D 115 -48.64 -23.15 -27.12
C GLN D 115 -49.67 -22.56 -26.21
N GLN D 116 -49.79 -23.10 -25.00
CA GLN D 116 -50.75 -22.59 -24.04
C GLN D 116 -50.45 -21.17 -23.62
N ARG D 117 -49.17 -20.87 -23.39
CA ARG D 117 -48.77 -19.54 -22.95
C ARG D 117 -49.27 -18.51 -23.93
N TYR D 118 -49.21 -18.84 -25.21
CA TYR D 118 -49.67 -17.91 -26.23
C TYR D 118 -51.19 -17.78 -26.25
N THR D 119 -51.89 -18.53 -25.38
CA THR D 119 -53.33 -18.42 -25.32
C THR D 119 -53.79 -17.57 -24.15
N GLN D 120 -52.92 -17.27 -23.19
CA GLN D 120 -53.32 -16.38 -22.11
C GLN D 120 -52.29 -15.33 -21.71
N SER D 121 -51.59 -14.81 -22.72
CA SER D 121 -50.59 -13.76 -22.57
C SER D 121 -51.07 -12.62 -23.44
N GLY D 122 -50.80 -11.39 -23.03
CA GLY D 122 -51.24 -10.24 -23.78
C GLY D 122 -50.49 -9.94 -25.06
N GLY D 123 -51.22 -9.43 -26.05
CA GLY D 123 -50.63 -9.03 -27.30
C GLY D 123 -50.18 -10.06 -28.30
N VAL D 124 -50.49 -11.32 -28.08
CA VAL D 124 -50.08 -12.34 -29.03
C VAL D 124 -51.28 -13.21 -29.36
N ARG D 125 -51.23 -13.83 -30.51
CA ARG D 125 -52.30 -14.73 -30.91
C ARG D 125 -51.73 -16.12 -30.82
N PRO D 126 -52.59 -17.13 -30.63
CA PRO D 126 -52.18 -18.53 -30.54
C PRO D 126 -51.47 -19.02 -31.79
N PHE D 127 -50.80 -20.16 -31.67
CA PHE D 127 -50.13 -20.74 -32.82
C PHE D 127 -51.20 -21.48 -33.62
N GLY D 128 -51.23 -21.30 -34.94
CA GLY D 128 -52.19 -22.02 -35.76
C GLY D 128 -51.51 -23.28 -36.18
N VAL D 129 -51.11 -24.09 -35.20
CA VAL D 129 -50.36 -25.31 -35.44
C VAL D 129 -50.71 -26.41 -34.45
N SER D 130 -50.73 -27.64 -34.94
CA SER D 130 -50.96 -28.82 -34.12
C SER D 130 -49.74 -29.63 -34.51
N THR D 131 -49.18 -30.39 -33.58
CA THR D 131 -47.98 -31.13 -33.89
C THR D 131 -48.10 -32.58 -33.53
N LEU D 132 -47.23 -33.36 -34.17
CA LEU D 132 -47.09 -34.78 -33.93
C LEU D 132 -45.63 -34.86 -33.58
N ILE D 133 -45.35 -35.31 -32.37
CA ILE D 133 -43.99 -35.44 -31.90
C ILE D 133 -43.74 -36.93 -31.63
N ALA D 134 -42.72 -37.50 -32.25
CA ALA D 134 -42.43 -38.91 -32.10
C ALA D 134 -40.96 -39.20 -31.98
N GLY D 135 -40.65 -40.31 -31.34
CA GLY D 135 -39.27 -40.70 -31.16
C GLY D 135 -39.18 -41.72 -30.06
N PHE D 136 -37.98 -41.90 -29.52
CA PHE D 136 -37.75 -42.88 -28.47
C PHE D 136 -36.97 -42.25 -27.32
N ASP D 137 -37.41 -42.49 -26.08
CA ASP D 137 -36.70 -41.99 -24.92
C ASP D 137 -35.29 -42.55 -24.93
N PRO D 138 -34.33 -41.85 -24.29
CA PRO D 138 -32.98 -42.39 -24.28
C PRO D 138 -32.90 -43.78 -23.62
N ARG D 139 -32.11 -44.67 -24.24
CA ARG D 139 -31.89 -46.05 -23.76
C ARG D 139 -33.14 -46.91 -23.62
N ASP D 140 -34.26 -46.46 -24.18
CA ASP D 140 -35.51 -47.19 -24.11
C ASP D 140 -35.85 -47.59 -25.55
N ASP D 141 -36.73 -48.58 -25.69
CA ASP D 141 -37.14 -49.09 -27.00
C ASP D 141 -38.63 -48.99 -27.35
N GLU D 142 -39.45 -48.59 -26.38
CA GLU D 142 -40.89 -48.45 -26.59
C GLU D 142 -41.11 -47.18 -27.41
N PRO D 143 -41.79 -47.27 -28.58
CA PRO D 143 -42.02 -46.08 -29.39
C PRO D 143 -42.96 -45.08 -28.74
N LYS D 144 -42.78 -43.80 -29.06
CA LYS D 144 -43.62 -42.75 -28.49
C LYS D 144 -44.18 -41.86 -29.59
N LEU D 145 -45.40 -41.39 -29.41
CA LEU D 145 -46.03 -40.49 -30.37
C LEU D 145 -47.02 -39.70 -29.58
N TYR D 146 -46.92 -38.38 -29.69
CA TYR D 146 -47.82 -37.48 -28.98
C TYR D 146 -48.37 -36.47 -29.98
N GLN D 147 -49.43 -35.78 -29.59
CA GLN D 147 -50.02 -34.77 -30.44
C GLN D 147 -50.32 -33.57 -29.56
N THR D 148 -50.03 -32.38 -30.05
CA THR D 148 -50.33 -31.18 -29.28
C THR D 148 -51.25 -30.32 -30.17
N GLU D 149 -52.08 -29.50 -29.55
CA GLU D 149 -52.96 -28.63 -30.30
C GLU D 149 -52.85 -27.21 -29.80
N PRO D 150 -53.35 -26.24 -30.57
CA PRO D 150 -53.28 -24.83 -30.20
C PRO D 150 -53.62 -24.46 -28.76
N SER D 151 -54.53 -25.18 -28.13
CA SER D 151 -54.89 -24.87 -26.76
C SER D 151 -53.77 -25.18 -25.82
N GLY D 152 -52.83 -26.01 -26.29
CA GLY D 152 -51.74 -26.43 -25.43
C GLY D 152 -52.02 -27.79 -24.80
N ILE D 153 -53.07 -28.45 -25.25
CA ILE D 153 -53.46 -29.75 -24.77
C ILE D 153 -52.59 -30.75 -25.50
N TYR D 154 -52.16 -31.81 -24.83
CA TYR D 154 -51.33 -32.82 -25.47
C TYR D 154 -51.61 -34.20 -24.89
N SER D 155 -51.37 -35.24 -25.68
CA SER D 155 -51.59 -36.63 -25.25
C SER D 155 -50.92 -37.61 -26.23
N SER D 156 -50.81 -38.88 -25.87
CA SER D 156 -50.16 -39.87 -26.76
C SER D 156 -51.13 -40.70 -27.55
N TRP D 157 -50.71 -41.12 -28.74
CA TRP D 157 -51.57 -41.86 -29.63
C TRP D 157 -50.89 -43.08 -30.23
N SER D 158 -51.66 -44.15 -30.46
CA SER D 158 -51.13 -45.35 -31.09
C SER D 158 -50.93 -44.97 -32.55
N ALA D 159 -51.83 -44.12 -33.03
CA ALA D 159 -51.81 -43.60 -34.39
C ALA D 159 -52.65 -42.36 -34.35
N GLN D 160 -52.31 -41.37 -35.12
CA GLN D 160 -53.10 -40.17 -35.09
C GLN D 160 -52.76 -39.42 -36.33
N THR D 161 -53.64 -38.50 -36.68
CA THR D 161 -53.48 -37.70 -37.86
C THR D 161 -54.07 -36.33 -37.55
N ILE D 162 -53.57 -35.30 -38.22
CA ILE D 162 -54.05 -33.94 -38.03
C ILE D 162 -54.01 -33.26 -39.38
N GLY D 163 -54.75 -32.17 -39.50
CA GLY D 163 -54.74 -31.46 -40.77
C GLY D 163 -55.98 -31.72 -41.59
N ARG D 164 -56.00 -31.23 -42.82
CA ARG D 164 -57.16 -31.39 -43.69
C ARG D 164 -57.49 -32.85 -43.96
N ASN D 165 -58.78 -33.17 -43.86
CA ASN D 165 -59.28 -34.52 -44.09
C ASN D 165 -58.86 -35.51 -43.03
N SER D 166 -58.29 -35.02 -41.94
CA SER D 166 -57.86 -35.90 -40.88
C SER D 166 -59.05 -36.68 -40.31
N LYS D 167 -60.23 -36.08 -40.29
CA LYS D 167 -61.42 -36.74 -39.77
C LYS D 167 -61.59 -38.06 -40.52
N THR D 168 -61.46 -37.96 -41.84
CA THR D 168 -61.58 -39.08 -42.74
C THR D 168 -60.54 -40.14 -42.45
N VAL D 169 -59.26 -39.79 -42.56
CA VAL D 169 -58.19 -40.77 -42.31
C VAL D 169 -58.15 -41.22 -40.86
N ARG D 170 -58.68 -40.42 -39.95
CA ARG D 170 -58.69 -40.86 -38.56
C ARG D 170 -59.63 -42.06 -38.55
N GLU D 171 -60.70 -41.97 -39.33
CA GLU D 171 -61.66 -43.07 -39.40
C GLU D 171 -60.99 -44.33 -39.95
N PHE D 172 -60.08 -44.18 -40.92
CA PHE D 172 -59.36 -45.33 -41.47
C PHE D 172 -58.50 -46.03 -40.42
N LEU D 173 -57.79 -45.25 -39.60
CA LEU D 173 -56.93 -45.80 -38.57
C LEU D 173 -57.74 -46.48 -37.44
N GLU D 174 -58.86 -45.87 -37.06
CA GLU D 174 -59.72 -46.43 -36.00
C GLU D 174 -60.20 -47.87 -36.26
N LYS D 175 -60.24 -48.29 -37.53
CA LYS D 175 -60.68 -49.66 -37.86
C LYS D 175 -59.69 -50.44 -38.73
N ASN D 176 -58.42 -50.09 -38.61
CA ASN D 176 -57.36 -50.78 -39.34
C ASN D 176 -56.11 -50.92 -38.47
N TYR D 177 -56.12 -50.29 -37.30
CA TYR D 177 -55.01 -50.37 -36.37
C TYR D 177 -55.51 -51.14 -35.14
N ASP D 178 -54.82 -52.23 -34.84
CA ASP D 178 -55.16 -53.08 -33.72
C ASP D 178 -53.97 -53.09 -32.76
N ARG D 179 -54.21 -52.72 -31.52
CA ARG D 179 -53.17 -52.67 -30.49
C ARG D 179 -52.69 -54.05 -30.05
N LYS D 180 -53.32 -55.11 -30.58
CA LYS D 180 -52.93 -56.47 -30.25
C LYS D 180 -51.77 -56.89 -31.15
N GLU D 181 -51.76 -56.37 -32.38
CA GLU D 181 -50.70 -56.64 -33.32
C GLU D 181 -50.38 -55.33 -34.02
N PRO D 182 -49.77 -54.38 -33.30
CA PRO D 182 -49.41 -53.10 -33.90
C PRO D 182 -48.40 -53.47 -34.97
N PRO D 183 -48.39 -52.77 -36.11
CA PRO D 183 -47.46 -53.05 -37.22
C PRO D 183 -46.09 -53.56 -36.75
N ALA D 184 -46.00 -54.86 -36.55
CA ALA D 184 -44.77 -55.52 -36.06
C ALA D 184 -43.51 -55.36 -36.90
N THR D 185 -43.55 -54.53 -37.93
CA THR D 185 -42.39 -54.34 -38.78
C THR D 185 -42.39 -52.93 -39.32
N VAL D 186 -41.20 -52.45 -39.64
CA VAL D 186 -41.05 -51.14 -40.26
C VAL D 186 -41.92 -51.18 -41.52
N GLU D 187 -41.70 -52.23 -42.33
CA GLU D 187 -42.43 -52.42 -43.58
C GLU D 187 -43.94 -52.36 -43.43
N GLU D 188 -44.52 -53.14 -42.52
CA GLU D 188 -45.97 -53.08 -42.38
C GLU D 188 -46.47 -51.80 -41.71
N CYS D 189 -45.61 -51.15 -40.93
CA CYS D 189 -46.01 -49.91 -40.27
C CYS D 189 -46.10 -48.83 -41.33
N VAL D 190 -45.14 -48.82 -42.24
CA VAL D 190 -45.13 -47.85 -43.32
C VAL D 190 -46.36 -48.06 -44.20
N LYS D 191 -46.62 -49.30 -44.59
CA LYS D 191 -47.77 -49.64 -45.43
C LYS D 191 -49.06 -49.08 -44.84
N LEU D 192 -49.32 -49.37 -43.57
CA LEU D 192 -50.53 -48.88 -42.94
C LEU D 192 -50.62 -47.36 -43.05
N THR D 193 -49.51 -46.68 -42.81
CA THR D 193 -49.48 -45.23 -42.90
C THR D 193 -49.84 -44.77 -44.30
N VAL D 194 -49.14 -45.28 -45.31
CA VAL D 194 -49.42 -44.90 -46.69
C VAL D 194 -50.89 -45.20 -47.00
N ARG D 195 -51.35 -46.39 -46.66
CA ARG D 195 -52.74 -46.76 -46.90
C ARG D 195 -53.62 -45.64 -46.42
N SER D 196 -53.43 -45.22 -45.17
CA SER D 196 -54.24 -44.14 -44.62
C SER D 196 -54.15 -42.86 -45.44
N LEU D 197 -52.94 -42.49 -45.87
CA LEU D 197 -52.82 -41.28 -46.66
C LEU D 197 -53.42 -41.42 -48.04
N LEU D 198 -53.38 -42.63 -48.61
CA LEU D 198 -53.95 -42.87 -49.94
C LEU D 198 -55.44 -42.64 -49.98
N GLU D 199 -56.09 -42.83 -48.83
CA GLU D 199 -57.52 -42.62 -48.72
C GLU D 199 -57.89 -41.13 -48.77
N VAL D 200 -56.88 -40.27 -48.96
CA VAL D 200 -57.09 -38.83 -48.98
C VAL D 200 -56.32 -38.05 -50.06
N VAL D 201 -55.04 -38.36 -50.20
CA VAL D 201 -54.18 -37.69 -51.17
C VAL D 201 -54.67 -37.74 -52.63
N GLN D 202 -55.28 -38.87 -53.01
CA GLN D 202 -55.79 -39.11 -54.37
C GLN D 202 -54.65 -39.41 -55.34
N THR D 203 -54.37 -40.71 -55.48
CA THR D 203 -53.31 -41.27 -56.33
C THR D 203 -52.16 -40.33 -56.68
N GLY D 204 -51.17 -40.28 -55.81
CA GLY D 204 -50.02 -39.43 -56.01
C GLY D 204 -48.81 -40.02 -55.32
N ALA D 205 -47.78 -40.33 -56.10
CA ALA D 205 -46.56 -40.88 -55.55
C ALA D 205 -45.83 -39.77 -54.79
N LYS D 206 -45.24 -38.84 -55.53
CA LYS D 206 -44.49 -37.73 -54.96
C LYS D 206 -45.34 -36.93 -53.96
N ASN D 207 -46.64 -37.19 -53.94
CA ASN D 207 -47.56 -36.48 -53.06
C ASN D 207 -47.46 -36.87 -51.58
N ILE D 208 -46.78 -37.99 -51.30
CA ILE D 208 -46.62 -38.47 -49.92
C ILE D 208 -45.16 -38.54 -49.49
N GLU D 209 -44.85 -38.04 -48.29
CA GLU D 209 -43.50 -38.15 -47.77
C GLU D 209 -43.59 -38.91 -46.45
N ILE D 210 -42.75 -39.92 -46.30
CA ILE D 210 -42.74 -40.76 -45.10
C ILE D 210 -41.42 -40.68 -44.39
N THR D 211 -41.49 -40.59 -43.07
CA THR D 211 -40.28 -40.55 -42.26
C THR D 211 -40.39 -41.67 -41.24
N VAL D 212 -39.35 -42.50 -41.18
CA VAL D 212 -39.32 -43.62 -40.26
C VAL D 212 -38.32 -43.37 -39.15
N VAL D 213 -38.77 -43.46 -37.91
CA VAL D 213 -37.89 -43.26 -36.76
C VAL D 213 -37.79 -44.54 -35.93
N LYS D 214 -36.58 -45.06 -35.80
CA LYS D 214 -36.29 -46.28 -35.03
C LYS D 214 -35.54 -45.89 -33.76
N PRO D 215 -35.28 -46.87 -32.85
CA PRO D 215 -34.56 -46.59 -31.60
C PRO D 215 -33.11 -46.13 -31.82
N ASP D 216 -32.53 -45.52 -30.79
CA ASP D 216 -31.16 -45.04 -30.82
C ASP D 216 -30.74 -44.11 -31.97
N SER D 217 -31.44 -42.98 -32.11
CA SER D 217 -31.11 -41.97 -33.11
C SER D 217 -31.01 -42.40 -34.58
N ASP D 218 -31.81 -43.40 -34.96
CA ASP D 218 -31.81 -43.88 -36.33
C ASP D 218 -33.07 -43.36 -37.01
N ILE D 219 -32.95 -42.22 -37.68
CA ILE D 219 -34.08 -41.61 -38.35
C ILE D 219 -33.76 -41.44 -39.80
N VAL D 220 -34.66 -41.95 -40.63
CA VAL D 220 -34.47 -41.89 -42.06
C VAL D 220 -35.75 -41.50 -42.81
N ALA D 221 -35.55 -40.72 -43.87
CA ALA D 221 -36.64 -40.25 -44.71
C ALA D 221 -36.60 -41.10 -45.98
N LEU D 222 -37.62 -41.93 -46.16
CA LEU D 222 -37.70 -42.79 -47.32
C LEU D 222 -37.71 -41.94 -48.61
N SER D 223 -37.06 -42.40 -49.66
CA SER D 223 -36.99 -41.66 -50.92
C SER D 223 -38.27 -41.82 -51.76
N SER D 224 -38.49 -40.87 -52.67
CA SER D 224 -39.66 -40.85 -53.55
C SER D 224 -39.92 -42.23 -54.14
N GLU D 225 -38.85 -42.90 -54.52
CA GLU D 225 -38.92 -44.22 -55.12
C GLU D 225 -39.29 -45.32 -54.11
N GLU D 226 -38.66 -45.31 -52.94
CA GLU D 226 -38.95 -46.33 -51.92
C GLU D 226 -40.43 -46.34 -51.56
N ILE D 227 -41.06 -45.17 -51.59
CA ILE D 227 -42.48 -45.04 -51.27
C ILE D 227 -43.35 -45.49 -52.44
N ASN D 228 -42.96 -45.13 -53.65
CA ASN D 228 -43.71 -45.52 -54.84
C ASN D 228 -43.85 -47.05 -54.82
N GLN D 229 -42.79 -47.74 -54.44
CA GLN D 229 -42.79 -49.21 -54.34
C GLN D 229 -43.93 -49.66 -53.43
N TYR D 230 -44.23 -48.83 -52.42
CA TYR D 230 -45.31 -49.12 -51.48
C TYR D 230 -46.67 -48.88 -52.11
N VAL D 231 -46.86 -47.71 -52.71
CA VAL D 231 -48.15 -47.38 -53.33
C VAL D 231 -48.53 -48.49 -54.34
N THR D 232 -47.55 -48.95 -55.11
CA THR D 232 -47.75 -50.01 -56.08
C THR D 232 -48.25 -51.27 -55.39
N GLN D 233 -47.45 -51.79 -54.46
CA GLN D 233 -47.82 -52.99 -53.72
C GLN D 233 -49.20 -52.79 -53.05
N ILE D 234 -49.56 -51.54 -52.76
CA ILE D 234 -50.84 -51.21 -52.13
C ILE D 234 -52.00 -51.24 -53.13
N GLU D 235 -51.74 -50.80 -54.36
CA GLU D 235 -52.78 -50.84 -55.39
C GLU D 235 -53.02 -52.29 -55.82
N GLN D 236 -52.25 -53.23 -55.26
CA GLN D 236 -52.42 -54.66 -55.51
C GLN D 236 -53.38 -55.27 -54.47
N GLU D 237 -53.15 -55.00 -53.19
CA GLU D 237 -54.08 -55.49 -52.13
C GLU D 237 -55.38 -54.63 -52.16
N LYS D 238 -55.84 -54.33 -53.37
CA LYS D 238 -57.04 -53.53 -53.64
C LYS D 238 -57.57 -53.92 -55.04
N GLN D 239 -56.66 -54.25 -55.96
CA GLN D 239 -57.01 -54.67 -57.34
C GLN D 239 -57.17 -56.18 -57.55
N GLU D 240 -56.51 -56.99 -56.72
CA GLU D 240 -56.62 -58.45 -56.82
C GLU D 240 -58.03 -58.91 -56.43
N GLN D 241 -58.73 -58.04 -55.70
CA GLN D 241 -60.09 -58.31 -55.25
C GLN D 241 -61.05 -57.54 -56.16
N ASP E 1 -64.53 -2.31 -28.42
CA ASP E 1 -65.07 -3.55 -27.79
C ASP E 1 -65.38 -3.20 -26.31
N ARG E 2 -65.10 -4.13 -25.39
CA ARG E 2 -65.35 -3.94 -23.96
C ARG E 2 -64.21 -4.63 -23.18
N GLY E 3 -63.71 -3.95 -22.15
CA GLY E 3 -62.60 -4.46 -21.34
C GLY E 3 -62.70 -5.82 -20.67
N VAL E 4 -61.56 -6.40 -20.36
CA VAL E 4 -61.50 -7.72 -19.73
C VAL E 4 -61.77 -7.78 -18.23
N SER E 5 -61.70 -6.65 -17.54
CA SER E 5 -61.91 -6.62 -16.10
C SER E 5 -63.15 -5.78 -15.74
N THR E 6 -64.02 -5.60 -16.71
CA THR E 6 -65.26 -4.84 -16.60
C THR E 6 -66.33 -5.60 -15.78
N PHE E 7 -67.10 -4.87 -14.98
CA PHE E 7 -68.16 -5.47 -14.17
C PHE E 7 -69.44 -5.41 -14.97
N SER E 8 -70.32 -6.35 -14.71
CA SER E 8 -71.62 -6.43 -15.37
C SER E 8 -72.58 -5.57 -14.56
N PRO E 9 -73.76 -5.27 -15.09
CA PRO E 9 -74.69 -4.45 -14.30
C PRO E 9 -75.20 -5.13 -13.03
N GLU E 10 -74.89 -6.41 -12.87
CA GLU E 10 -75.30 -7.17 -11.69
C GLU E 10 -74.16 -7.25 -10.67
N GLY E 11 -72.97 -6.78 -11.07
CA GLY E 11 -71.82 -6.83 -10.19
C GLY E 11 -70.98 -8.09 -10.32
N ARG E 12 -70.95 -8.68 -11.50
CA ARG E 12 -70.20 -9.91 -11.73
C ARG E 12 -69.16 -9.56 -12.77
N LEU E 13 -67.95 -10.10 -12.65
CA LEU E 13 -66.92 -9.82 -13.63
C LEU E 13 -67.22 -10.69 -14.82
N PHE E 14 -67.41 -10.08 -15.98
CA PHE E 14 -67.71 -10.80 -17.19
C PHE E 14 -66.83 -11.98 -17.50
N GLN E 15 -65.53 -11.77 -17.57
CA GLN E 15 -64.61 -12.85 -17.87
C GLN E 15 -64.62 -14.00 -16.87
N VAL E 16 -64.89 -13.73 -15.60
CA VAL E 16 -64.93 -14.80 -14.60
C VAL E 16 -66.18 -15.67 -14.80
N GLU E 17 -67.34 -15.05 -15.02
CA GLU E 17 -68.57 -15.80 -15.24
C GLU E 17 -68.46 -16.67 -16.46
N TYR E 18 -67.95 -16.14 -17.56
CA TYR E 18 -67.76 -16.88 -18.81
C TYR E 18 -66.77 -18.02 -18.58
N SER E 19 -65.77 -17.75 -17.75
CA SER E 19 -64.77 -18.75 -17.39
C SER E 19 -65.52 -19.94 -16.81
N LEU E 20 -66.43 -19.67 -15.89
CA LEU E 20 -67.24 -20.68 -15.23
C LEU E 20 -68.03 -21.53 -16.21
N GLU E 21 -68.35 -20.98 -17.37
CA GLU E 21 -69.09 -21.71 -18.38
C GLU E 21 -68.22 -22.70 -19.13
N ALA E 22 -66.94 -22.39 -19.27
CA ALA E 22 -66.01 -23.28 -19.96
C ALA E 22 -65.77 -24.51 -19.10
N ILE E 23 -65.86 -24.31 -17.80
CA ILE E 23 -65.68 -25.37 -16.81
C ILE E 23 -66.84 -26.36 -16.83
N LYS E 24 -68.03 -25.91 -17.20
CA LYS E 24 -69.20 -26.79 -17.29
C LYS E 24 -69.10 -27.78 -18.47
N LEU E 25 -68.11 -27.59 -19.34
CA LEU E 25 -67.91 -28.47 -20.50
C LEU E 25 -66.82 -29.48 -20.29
N GLY E 26 -66.25 -29.51 -19.10
CA GLY E 26 -65.15 -30.42 -18.84
C GLY E 26 -65.55 -31.69 -18.16
N SER E 27 -64.66 -32.67 -18.21
CA SER E 27 -64.85 -33.97 -17.59
C SER E 27 -65.21 -33.80 -16.16
N THR E 28 -65.97 -34.73 -15.61
CA THR E 28 -66.38 -34.64 -14.23
C THR E 28 -65.22 -35.06 -13.32
N ALA E 29 -65.15 -34.48 -12.15
CA ALA E 29 -64.12 -34.83 -11.22
C ALA E 29 -64.86 -34.78 -9.94
N ILE E 30 -64.58 -35.73 -9.06
CA ILE E 30 -65.27 -35.78 -7.80
C ILE E 30 -64.27 -36.06 -6.71
N GLY E 31 -64.47 -35.43 -5.57
CA GLY E 31 -63.59 -35.64 -4.44
C GLY E 31 -64.48 -35.86 -3.24
N ILE E 32 -64.13 -36.83 -2.39
CA ILE E 32 -64.91 -37.10 -1.19
C ILE E 32 -63.98 -37.17 0.02
N ALA E 33 -64.33 -36.41 1.06
CA ALA E 33 -63.51 -36.37 2.25
C ALA E 33 -64.06 -37.18 3.39
N THR E 34 -63.26 -38.10 3.91
CA THR E 34 -63.65 -38.93 5.04
C THR E 34 -62.69 -38.64 6.21
N LYS E 35 -62.58 -39.59 7.14
CA LYS E 35 -61.68 -39.44 8.27
C LYS E 35 -60.54 -40.43 8.17
N GLU E 36 -60.40 -41.03 6.99
CA GLU E 36 -59.34 -42.00 6.71
C GLU E 36 -58.69 -41.61 5.42
N GLY E 37 -59.09 -40.48 4.83
CA GLY E 37 -58.51 -40.05 3.58
C GLY E 37 -59.49 -39.24 2.73
N VAL E 38 -59.01 -38.69 1.63
CA VAL E 38 -59.86 -37.93 0.72
C VAL E 38 -59.69 -38.60 -0.62
N VAL E 39 -60.80 -38.91 -1.28
CA VAL E 39 -60.74 -39.57 -2.58
C VAL E 39 -60.99 -38.55 -3.69
N LEU E 40 -60.26 -38.71 -4.78
CA LEU E 40 -60.38 -37.83 -5.92
C LEU E 40 -60.51 -38.77 -7.08
N GLY E 41 -61.58 -38.60 -7.84
CA GLY E 41 -61.80 -39.45 -8.99
C GLY E 41 -62.15 -38.56 -10.15
N VAL E 42 -61.77 -38.97 -11.35
CA VAL E 42 -62.05 -38.17 -12.51
C VAL E 42 -62.42 -39.01 -13.71
N GLU E 43 -63.21 -38.42 -14.59
CA GLU E 43 -63.61 -39.05 -15.83
C GLU E 43 -62.54 -38.69 -16.84
N LYS E 44 -61.93 -39.68 -17.46
CA LYS E 44 -60.87 -39.46 -18.44
C LYS E 44 -61.37 -38.80 -19.73
N ARG E 45 -62.42 -39.35 -20.32
CA ARG E 45 -63.00 -38.84 -21.56
C ARG E 45 -62.06 -38.62 -22.75
N ALA E 46 -61.64 -39.70 -23.37
CA ALA E 46 -60.78 -39.60 -24.53
C ALA E 46 -61.65 -39.22 -25.71
N THR E 47 -61.10 -38.43 -26.63
CA THR E 47 -61.85 -37.98 -27.80
C THR E 47 -61.91 -39.00 -28.92
N SER E 48 -61.17 -40.09 -28.78
CA SER E 48 -61.11 -41.16 -29.77
C SER E 48 -60.46 -42.38 -29.15
N PRO E 49 -60.73 -43.58 -29.67
CA PRO E 49 -60.17 -44.85 -29.17
C PRO E 49 -58.68 -45.14 -29.41
N LEU E 50 -58.02 -44.33 -30.24
CA LEU E 50 -56.60 -44.52 -30.52
C LEU E 50 -55.70 -43.82 -29.49
N LEU E 51 -56.33 -43.04 -28.63
CA LEU E 51 -55.66 -42.30 -27.58
C LEU E 51 -55.26 -43.26 -26.46
N GLU E 52 -54.01 -43.20 -26.04
CA GLU E 52 -53.54 -44.03 -24.94
C GLU E 52 -54.01 -43.32 -23.67
N SER E 53 -55.08 -43.81 -23.09
CA SER E 53 -55.69 -43.24 -21.90
C SER E 53 -54.80 -42.95 -20.70
N ASP E 54 -53.72 -43.69 -20.51
CA ASP E 54 -52.88 -43.43 -19.35
C ASP E 54 -52.11 -42.11 -19.40
N SER E 55 -52.15 -41.46 -20.55
CA SER E 55 -51.49 -40.19 -20.72
C SER E 55 -52.41 -39.01 -20.44
N ILE E 56 -53.60 -39.30 -19.94
CA ILE E 56 -54.55 -38.27 -19.60
C ILE E 56 -54.35 -38.01 -18.11
N GLU E 57 -53.74 -36.86 -17.82
CA GLU E 57 -53.42 -36.45 -16.46
C GLU E 57 -54.39 -35.46 -15.88
N LYS E 58 -55.40 -35.91 -15.19
CA LYS E 58 -56.34 -34.97 -14.61
C LYS E 58 -56.31 -34.98 -13.12
N ILE E 59 -55.48 -35.85 -12.56
CA ILE E 59 -55.28 -35.94 -11.12
C ILE E 59 -53.76 -35.79 -10.99
N VAL E 60 -53.30 -34.80 -10.24
CA VAL E 60 -51.86 -34.56 -10.06
C VAL E 60 -51.45 -34.35 -8.60
N GLU E 61 -50.23 -34.80 -8.29
CA GLU E 61 -49.68 -34.64 -6.96
C GLU E 61 -49.11 -33.24 -6.86
N ILE E 62 -49.41 -32.56 -5.76
CA ILE E 62 -48.91 -31.22 -5.52
C ILE E 62 -47.73 -31.40 -4.57
N ASP E 63 -47.90 -32.27 -3.58
CA ASP E 63 -46.84 -32.63 -2.64
C ASP E 63 -47.27 -33.94 -2.02
N ARG E 64 -46.38 -34.59 -1.29
CA ARG E 64 -46.72 -35.85 -0.68
C ARG E 64 -48.06 -35.84 0.03
N HIS E 65 -48.43 -34.71 0.59
CA HIS E 65 -49.67 -34.63 1.34
C HIS E 65 -50.78 -33.82 0.69
N ILE E 66 -50.64 -33.52 -0.59
CA ILE E 66 -51.66 -32.74 -1.28
C ILE E 66 -51.74 -33.19 -2.72
N GLY E 67 -52.95 -33.44 -3.19
CA GLY E 67 -53.13 -33.84 -4.57
C GLY E 67 -54.29 -33.05 -5.11
N CYS E 68 -54.48 -33.06 -6.41
CA CYS E 68 -55.61 -32.32 -6.94
C CYS E 68 -56.15 -32.86 -8.26
N ALA E 69 -57.42 -32.57 -8.51
CA ALA E 69 -58.09 -33.01 -9.71
C ALA E 69 -58.52 -31.78 -10.45
N MET E 70 -58.62 -31.86 -11.77
CA MET E 70 -58.99 -30.69 -12.55
C MET E 70 -60.14 -30.94 -13.51
N SER E 71 -60.81 -29.86 -13.89
CA SER E 71 -61.91 -29.92 -14.81
C SER E 71 -62.04 -28.60 -15.55
N GLY E 72 -62.07 -28.65 -16.87
CA GLY E 72 -62.21 -27.46 -17.67
C GLY E 72 -61.13 -27.50 -18.72
N LEU E 73 -60.58 -26.34 -19.06
CA LEU E 73 -59.51 -26.30 -20.04
C LEU E 73 -58.30 -26.77 -19.27
N THR E 74 -58.05 -28.07 -19.31
CA THR E 74 -56.94 -28.68 -18.58
C THR E 74 -55.54 -28.11 -18.81
N ALA E 75 -55.26 -27.57 -19.99
CA ALA E 75 -53.94 -27.00 -20.27
C ALA E 75 -53.69 -25.78 -19.39
N ASP E 76 -54.74 -25.06 -19.03
CA ASP E 76 -54.66 -23.89 -18.17
C ASP E 76 -54.15 -24.24 -16.78
N ALA E 77 -54.38 -25.46 -16.35
CA ALA E 77 -53.96 -25.88 -15.03
C ALA E 77 -52.48 -26.14 -14.91
N ARG E 78 -51.78 -26.36 -16.02
CA ARG E 78 -50.37 -26.67 -15.92
C ARG E 78 -49.57 -25.60 -15.18
N SER E 79 -49.85 -24.34 -15.45
CA SER E 79 -49.11 -23.29 -14.77
C SER E 79 -49.56 -23.21 -13.33
N MET E 80 -50.82 -23.59 -13.07
CA MET E 80 -51.36 -23.55 -11.72
C MET E 80 -50.72 -24.62 -10.84
N ILE E 81 -50.49 -25.79 -11.41
CA ILE E 81 -49.87 -26.91 -10.70
C ILE E 81 -48.43 -26.54 -10.42
N GLU E 82 -47.77 -25.93 -11.40
CA GLU E 82 -46.39 -25.52 -11.24
C GLU E 82 -46.27 -24.58 -10.03
N HIS E 83 -47.18 -23.63 -9.95
CA HIS E 83 -47.19 -22.69 -8.84
C HIS E 83 -47.43 -23.37 -7.51
N ALA E 84 -48.45 -24.23 -7.46
CA ALA E 84 -48.79 -24.95 -6.23
C ALA E 84 -47.62 -25.77 -5.73
N ARG E 85 -46.98 -26.53 -6.62
CA ARG E 85 -45.84 -27.34 -6.25
C ARG E 85 -44.70 -26.47 -5.73
N THR E 86 -44.38 -25.40 -6.44
CA THR E 86 -43.30 -24.52 -6.01
C THR E 86 -43.62 -23.88 -4.66
N ALA E 87 -44.88 -23.57 -4.41
CA ALA E 87 -45.28 -22.96 -3.14
C ALA E 87 -45.10 -23.89 -1.97
N ALA E 88 -45.40 -25.15 -2.19
CA ALA E 88 -45.29 -26.15 -1.14
C ALA E 88 -43.83 -26.45 -0.84
N VAL E 89 -43.03 -26.64 -1.86
CA VAL E 89 -41.62 -26.92 -1.67
C VAL E 89 -40.96 -25.74 -1.02
N THR E 90 -41.25 -24.56 -1.53
CA THR E 90 -40.69 -23.33 -0.99
C THR E 90 -41.05 -23.18 0.48
N HIS E 91 -42.29 -23.52 0.84
CA HIS E 91 -42.69 -23.43 2.23
C HIS E 91 -41.86 -24.37 3.08
N ASN E 92 -41.57 -25.54 2.55
CA ASN E 92 -40.79 -26.49 3.30
C ASN E 92 -39.39 -25.94 3.53
N LEU E 93 -38.80 -25.35 2.49
CA LEU E 93 -37.47 -24.78 2.58
C LEU E 93 -37.38 -23.69 3.64
N TYR E 94 -38.28 -22.74 3.58
CA TYR E 94 -38.31 -21.61 4.51
C TYR E 94 -38.67 -21.99 5.94
N TYR E 95 -39.54 -22.98 6.10
CA TYR E 95 -40.01 -23.34 7.43
C TYR E 95 -39.81 -24.75 7.96
N ASP E 96 -39.18 -25.64 7.20
CA ASP E 96 -38.93 -27.02 7.63
C ASP E 96 -40.19 -27.69 8.19
N GLU E 97 -41.25 -27.71 7.37
CA GLU E 97 -42.53 -28.30 7.75
C GLU E 97 -43.37 -28.43 6.48
N ASP E 98 -44.55 -29.03 6.59
CA ASP E 98 -45.44 -29.19 5.45
C ASP E 98 -46.34 -27.95 5.39
N ILE E 99 -46.67 -27.48 4.19
CA ILE E 99 -47.55 -26.34 4.06
C ILE E 99 -48.98 -26.81 4.33
N ASN E 100 -49.73 -25.99 5.04
CA ASN E 100 -51.11 -26.30 5.36
C ASN E 100 -51.85 -26.33 4.03
N VAL E 101 -52.89 -27.17 3.96
CA VAL E 101 -53.69 -27.31 2.74
C VAL E 101 -54.46 -26.03 2.41
N GLU E 102 -54.99 -25.34 3.41
CA GLU E 102 -55.71 -24.11 3.16
C GLU E 102 -54.74 -23.14 2.52
N SER E 103 -53.55 -23.02 3.09
CA SER E 103 -52.51 -22.12 2.60
C SER E 103 -52.11 -22.41 1.18
N LEU E 104 -51.92 -23.68 0.86
CA LEU E 104 -51.59 -24.04 -0.49
C LEU E 104 -52.72 -23.56 -1.40
N THR E 105 -53.96 -23.86 -1.00
CA THR E 105 -55.12 -23.46 -1.77
C THR E 105 -55.18 -21.97 -1.97
N GLN E 106 -55.14 -21.22 -0.88
CA GLN E 106 -55.18 -19.77 -0.93
C GLN E 106 -54.12 -19.20 -1.87
N SER E 107 -52.92 -19.78 -1.86
CA SER E 107 -51.83 -19.33 -2.71
C SER E 107 -52.19 -19.49 -4.18
N VAL E 108 -52.87 -20.59 -4.50
CA VAL E 108 -53.29 -20.88 -5.87
C VAL E 108 -54.37 -19.88 -6.27
N CYS E 109 -55.31 -19.64 -5.37
CA CYS E 109 -56.40 -18.71 -5.63
C CYS E 109 -55.99 -17.26 -5.77
N ASP E 110 -54.80 -16.92 -5.29
CA ASP E 110 -54.29 -15.56 -5.41
C ASP E 110 -53.97 -15.26 -6.88
N LEU E 111 -53.70 -16.30 -7.66
CA LEU E 111 -53.41 -16.14 -9.08
C LEU E 111 -54.65 -15.76 -9.87
N ALA E 112 -55.78 -16.34 -9.48
CA ALA E 112 -57.06 -16.15 -10.16
C ALA E 112 -57.40 -14.81 -10.82
N LEU E 113 -57.61 -13.75 -10.04
CA LEU E 113 -57.96 -12.44 -10.61
C LEU E 113 -56.76 -11.60 -11.10
N ARG E 114 -55.58 -12.21 -11.20
CA ARG E 114 -54.37 -11.53 -11.68
C ARG E 114 -54.38 -11.51 -13.21
N PHE E 115 -55.45 -11.00 -13.77
CA PHE E 115 -55.58 -10.92 -15.20
C PHE E 115 -56.05 -9.52 -15.54
N GLY E 116 -55.79 -9.09 -16.77
CA GLY E 116 -56.21 -7.77 -17.20
C GLY E 116 -55.27 -7.06 -18.15
N GLU E 117 -55.62 -5.84 -18.52
CA GLU E 117 -54.80 -5.02 -19.42
C GLU E 117 -54.42 -3.78 -18.63
N GLY E 118 -53.29 -3.84 -17.91
CA GLY E 118 -52.83 -2.71 -17.12
C GLY E 118 -53.80 -2.22 -16.03
N ALA E 119 -54.51 -3.15 -15.43
CA ALA E 119 -55.49 -2.85 -14.38
C ALA E 119 -54.85 -2.14 -13.17
N SER E 120 -54.93 -0.80 -13.15
CA SER E 120 -54.35 0.02 -12.09
C SER E 120 -54.58 -0.55 -10.69
N GLY E 121 -53.49 -1.02 -10.07
CA GLY E 121 -53.55 -1.60 -8.74
C GLY E 121 -52.23 -2.29 -8.41
N GLU E 122 -51.76 -3.12 -9.34
CA GLU E 122 -50.50 -3.89 -9.24
C GLU E 122 -50.19 -4.38 -10.69
N GLU E 123 -49.21 -5.28 -10.87
CA GLU E 123 -48.90 -5.79 -12.22
C GLU E 123 -49.44 -7.21 -12.45
N ARG E 124 -50.61 -7.29 -13.07
CA ARG E 124 -51.27 -8.57 -13.36
C ARG E 124 -51.31 -8.86 -14.86
N LEU E 125 -50.35 -9.64 -15.32
CA LEU E 125 -50.31 -10.02 -16.72
C LEU E 125 -50.71 -11.48 -16.90
N MET E 126 -51.86 -11.62 -17.55
CA MET E 126 -52.49 -12.86 -17.87
C MET E 126 -53.66 -12.19 -18.58
N SER E 127 -53.84 -12.49 -19.86
CA SER E 127 -54.89 -11.84 -20.61
C SER E 127 -56.27 -12.28 -20.25
N ARG E 128 -56.41 -13.36 -19.50
CA ARG E 128 -57.74 -13.83 -19.15
C ARG E 128 -57.67 -14.72 -17.95
N PRO E 129 -58.81 -14.97 -17.30
CA PRO E 129 -58.86 -15.82 -16.12
C PRO E 129 -58.54 -17.24 -16.55
N PHE E 130 -58.42 -18.14 -15.59
CA PHE E 130 -58.15 -19.53 -15.93
C PHE E 130 -59.46 -20.16 -16.33
N GLY E 131 -59.41 -21.17 -17.20
CA GLY E 131 -60.62 -21.83 -17.61
C GLY E 131 -60.71 -23.23 -17.07
N VAL E 132 -60.27 -23.43 -15.83
CA VAL E 132 -60.27 -24.73 -15.21
C VAL E 132 -60.49 -24.58 -13.72
N ALA E 133 -61.19 -25.54 -13.12
CA ALA E 133 -61.45 -25.49 -11.70
C ALA E 133 -60.63 -26.60 -11.12
N LEU E 134 -60.33 -26.53 -9.84
CA LEU E 134 -59.51 -27.56 -9.23
C LEU E 134 -60.09 -28.00 -7.96
N LEU E 135 -59.84 -29.27 -7.68
CA LEU E 135 -60.27 -29.85 -6.45
C LEU E 135 -58.94 -30.17 -5.81
N ILE E 136 -58.68 -29.55 -4.68
CA ILE E 136 -57.44 -29.77 -4.01
C ILE E 136 -57.75 -30.50 -2.73
N ALA E 137 -57.10 -31.63 -2.54
CA ALA E 137 -57.36 -32.39 -1.35
C ALA E 137 -56.05 -32.75 -0.73
N GLY E 138 -56.05 -32.82 0.60
CA GLY E 138 -54.84 -33.17 1.30
C GLY E 138 -55.07 -33.32 2.77
N HIS E 139 -53.96 -33.40 3.51
CA HIS E 139 -53.96 -33.54 4.97
C HIS E 139 -52.86 -32.73 5.62
N ASP E 140 -53.17 -32.13 6.76
CA ASP E 140 -52.20 -31.40 7.56
C ASP E 140 -52.58 -31.61 9.03
N ALA E 141 -51.63 -31.46 9.94
CA ALA E 141 -51.88 -31.71 11.36
C ALA E 141 -52.96 -30.93 12.11
N ASP E 142 -53.16 -29.66 11.76
CA ASP E 142 -54.14 -28.83 12.48
C ASP E 142 -55.61 -29.02 12.12
N ASP E 143 -55.91 -29.27 10.84
CA ASP E 143 -57.28 -29.45 10.37
C ASP E 143 -57.58 -30.79 9.67
N GLY E 144 -56.67 -31.74 9.78
CA GLY E 144 -56.90 -33.05 9.23
C GLY E 144 -57.14 -33.10 7.75
N TYR E 145 -58.06 -33.98 7.35
CA TYR E 145 -58.37 -34.17 5.95
C TYR E 145 -59.27 -33.07 5.40
N GLN E 146 -58.86 -32.51 4.27
CA GLN E 146 -59.61 -31.42 3.67
C GLN E 146 -59.68 -31.54 2.17
N LEU E 147 -60.78 -31.03 1.63
CA LEU E 147 -61.02 -31.03 0.21
C LEU E 147 -61.45 -29.61 -0.07
N PHE E 148 -60.86 -29.00 -1.10
CA PHE E 148 -61.16 -27.64 -1.50
C PHE E 148 -61.47 -27.56 -2.97
N HIS E 149 -62.36 -26.63 -3.31
CA HIS E 149 -62.76 -26.36 -4.69
C HIS E 149 -62.28 -24.93 -4.98
N ALA E 150 -61.27 -24.82 -5.83
CA ALA E 150 -60.69 -23.55 -6.21
C ALA E 150 -61.21 -23.10 -7.60
N GLU E 151 -61.88 -21.94 -7.65
CA GLU E 151 -62.44 -21.41 -8.89
C GLU E 151 -61.63 -20.25 -9.44
N PRO E 152 -61.81 -19.92 -10.74
CA PRO E 152 -61.10 -18.82 -11.41
C PRO E 152 -61.48 -17.45 -10.89
N SER E 153 -62.46 -17.41 -10.03
CA SER E 153 -62.92 -16.15 -9.45
C SER E 153 -62.06 -15.81 -8.24
N GLY E 154 -61.24 -16.77 -7.82
CA GLY E 154 -60.38 -16.56 -6.68
C GLY E 154 -61.00 -17.09 -5.40
N THR E 155 -62.28 -17.38 -5.41
CA THR E 155 -62.88 -17.89 -4.19
C THR E 155 -62.76 -19.42 -4.15
N PHE E 156 -62.55 -19.93 -2.95
CA PHE E 156 -62.42 -21.36 -2.75
C PHE E 156 -63.20 -21.72 -1.49
N TYR E 157 -63.87 -22.86 -1.53
CA TYR E 157 -64.66 -23.32 -0.40
C TYR E 157 -64.17 -24.69 0.02
N ARG E 158 -64.33 -25.01 1.30
CA ARG E 158 -63.96 -26.32 1.80
C ARG E 158 -65.25 -27.15 1.66
N TYR E 159 -65.12 -28.40 1.24
CA TYR E 159 -66.27 -29.26 1.02
C TYR E 159 -66.03 -30.65 1.59
N ASN E 160 -67.12 -31.27 2.07
CA ASN E 160 -67.04 -32.63 2.56
C ASN E 160 -67.01 -33.56 1.34
N ALA E 161 -67.61 -33.11 0.24
CA ALA E 161 -67.63 -33.87 -1.01
C ALA E 161 -67.97 -32.87 -2.09
N LYS E 162 -67.41 -33.01 -3.28
CA LYS E 162 -67.70 -32.04 -4.32
C LYS E 162 -67.44 -32.59 -5.70
N ALA E 163 -68.30 -32.20 -6.62
CA ALA E 163 -68.19 -32.61 -8.00
C ALA E 163 -68.08 -31.35 -8.82
N ILE E 164 -67.32 -31.42 -9.89
CA ILE E 164 -67.17 -30.29 -10.78
C ILE E 164 -67.10 -30.93 -12.15
N GLY E 165 -67.44 -30.16 -13.17
CA GLY E 165 -67.42 -30.70 -14.51
C GLY E 165 -68.83 -30.82 -15.07
N SER E 166 -68.94 -31.40 -16.26
CA SER E 166 -70.22 -31.55 -16.93
C SER E 166 -71.33 -32.18 -16.11
N GLY E 167 -71.04 -33.31 -15.47
CA GLY E 167 -72.10 -33.93 -14.69
C GLY E 167 -72.17 -33.45 -13.26
N SER E 168 -71.77 -32.23 -12.99
CA SER E 168 -71.78 -31.72 -11.63
C SER E 168 -73.11 -31.48 -10.93
N GLU E 169 -74.10 -30.89 -11.59
CA GLU E 169 -75.40 -30.65 -10.94
C GLU E 169 -76.03 -31.98 -10.50
N GLY E 170 -75.92 -32.98 -11.38
CA GLY E 170 -76.46 -34.28 -11.07
C GLY E 170 -75.62 -34.91 -9.99
N ALA E 171 -74.32 -35.03 -10.26
CA ALA E 171 -73.41 -35.65 -9.30
C ALA E 171 -73.43 -35.03 -7.93
N GLN E 172 -73.49 -33.71 -7.86
CA GLN E 172 -73.48 -33.03 -6.57
C GLN E 172 -74.72 -33.43 -5.80
N ALA E 173 -75.82 -33.64 -6.53
CA ALA E 173 -77.07 -34.02 -5.89
C ALA E 173 -76.93 -35.40 -5.22
N GLU E 174 -76.28 -36.33 -5.89
CA GLU E 174 -76.09 -37.66 -5.31
C GLU E 174 -75.22 -37.53 -4.06
N LEU E 175 -74.09 -36.82 -4.18
CA LEU E 175 -73.17 -36.60 -3.07
C LEU E 175 -73.89 -36.04 -1.85
N LEU E 176 -74.77 -35.08 -2.07
CA LEU E 176 -75.53 -34.47 -0.98
C LEU E 176 -76.26 -35.52 -0.13
N ASN E 177 -76.80 -36.53 -0.81
CA ASN E 177 -77.55 -37.59 -0.14
C ASN E 177 -76.69 -38.73 0.42
N GLU E 178 -75.64 -39.14 -0.29
CA GLU E 178 -74.81 -40.25 0.15
C GLU E 178 -73.72 -39.96 1.20
N TRP E 179 -73.30 -38.71 1.35
CA TRP E 179 -72.25 -38.38 2.32
C TRP E 179 -72.69 -38.29 3.76
N HIS E 180 -71.89 -38.87 4.65
CA HIS E 180 -72.15 -38.81 6.08
C HIS E 180 -70.82 -38.84 6.84
N SER E 181 -70.78 -38.18 7.99
CA SER E 181 -69.59 -38.07 8.82
C SER E 181 -68.82 -39.35 9.16
N SER E 182 -69.33 -40.49 8.76
CA SER E 182 -68.65 -41.73 9.10
C SER E 182 -68.29 -42.65 7.96
N LEU E 183 -68.18 -42.11 6.76
CA LEU E 183 -67.81 -42.91 5.61
C LEU E 183 -66.43 -43.53 5.76
N THR E 184 -66.20 -44.64 5.11
CA THR E 184 -64.87 -45.25 5.17
C THR E 184 -64.19 -44.94 3.86
N LEU E 185 -62.87 -45.10 3.82
CA LEU E 185 -62.14 -44.84 2.60
C LEU E 185 -62.75 -45.74 1.53
N LYS E 186 -62.89 -47.03 1.83
CA LYS E 186 -63.47 -47.96 0.86
C LYS E 186 -64.87 -47.55 0.40
N GLU E 187 -65.68 -47.01 1.31
CA GLU E 187 -67.02 -46.59 0.92
C GLU E 187 -66.93 -45.39 -0.01
N ALA E 188 -66.03 -44.46 0.32
CA ALA E 188 -65.81 -43.26 -0.46
C ALA E 188 -65.40 -43.62 -1.87
N GLU E 189 -64.40 -44.47 -1.98
CA GLU E 189 -63.93 -44.89 -3.29
C GLU E 189 -65.12 -45.42 -4.09
N LEU E 190 -65.97 -46.21 -3.44
CA LEU E 190 -67.12 -46.78 -4.10
C LEU E 190 -68.10 -45.75 -4.59
N LEU E 191 -68.41 -44.79 -3.74
CA LEU E 191 -69.31 -43.72 -4.12
C LEU E 191 -68.78 -42.97 -5.32
N VAL E 192 -67.55 -42.49 -5.24
CA VAL E 192 -66.95 -41.75 -6.33
C VAL E 192 -67.14 -42.55 -7.60
N LEU E 193 -66.85 -43.83 -7.52
CA LEU E 193 -66.96 -44.73 -8.64
C LEU E 193 -68.38 -44.82 -9.16
N LYS E 194 -69.32 -44.90 -8.23
CA LYS E 194 -70.73 -45.02 -8.57
C LYS E 194 -71.26 -43.79 -9.26
N ILE E 195 -71.03 -42.66 -8.63
CA ILE E 195 -71.48 -41.40 -9.15
C ILE E 195 -70.81 -41.08 -10.48
N LEU E 196 -69.53 -41.39 -10.63
CA LEU E 196 -68.89 -41.12 -11.90
C LEU E 196 -69.61 -41.95 -12.93
N LYS E 197 -69.90 -43.19 -12.55
CA LYS E 197 -70.58 -44.15 -13.41
C LYS E 197 -71.92 -43.61 -13.90
N GLN E 198 -72.67 -42.96 -13.01
CA GLN E 198 -73.95 -42.38 -13.38
C GLN E 198 -73.92 -41.24 -14.41
N VAL E 199 -73.12 -40.21 -14.16
CA VAL E 199 -73.07 -39.07 -15.05
C VAL E 199 -72.29 -39.22 -16.35
N MET E 200 -71.40 -40.19 -16.40
CA MET E 200 -70.61 -40.41 -17.61
C MET E 200 -71.42 -40.88 -18.80
N GLU E 201 -71.04 -40.44 -19.98
CA GLU E 201 -71.72 -40.83 -21.20
C GLU E 201 -71.33 -42.27 -21.48
N GLU E 202 -70.04 -42.55 -21.48
CA GLU E 202 -69.53 -43.89 -21.72
C GLU E 202 -69.68 -44.77 -20.47
N LYS E 203 -69.52 -46.08 -20.68
CA LYS E 203 -69.62 -47.08 -19.60
C LYS E 203 -68.29 -47.06 -18.86
N LEU E 204 -68.35 -46.81 -17.56
CA LEU E 204 -67.15 -46.75 -16.73
C LEU E 204 -66.38 -48.04 -16.57
N ASP E 205 -65.11 -48.01 -16.92
CA ASP E 205 -64.23 -49.14 -16.75
C ASP E 205 -62.95 -48.57 -16.18
N GLU E 206 -61.96 -49.42 -15.94
CA GLU E 206 -60.71 -48.94 -15.36
C GLU E 206 -59.87 -48.09 -16.30
N ASN E 207 -60.24 -48.01 -17.57
CA ASN E 207 -59.48 -47.22 -18.54
C ASN E 207 -60.03 -45.86 -18.89
N ASN E 208 -61.19 -45.50 -18.39
CA ASN E 208 -61.74 -44.19 -18.72
C ASN E 208 -62.12 -43.38 -17.49
N ALA E 209 -61.65 -43.83 -16.34
CA ALA E 209 -61.90 -43.18 -15.05
C ALA E 209 -60.64 -43.39 -14.22
N GLN E 210 -60.41 -42.49 -13.28
CA GLN E 210 -59.23 -42.59 -12.44
C GLN E 210 -59.56 -42.16 -11.03
N LEU E 211 -59.08 -42.95 -10.07
CA LEU E 211 -59.27 -42.71 -8.65
C LEU E 211 -57.92 -42.40 -8.00
N SER E 212 -57.97 -41.78 -6.85
CA SER E 212 -56.78 -41.47 -6.10
C SER E 212 -57.26 -41.12 -4.72
N CYS E 213 -56.35 -41.08 -3.77
CA CYS E 213 -56.70 -40.71 -2.42
C CYS E 213 -55.46 -40.13 -1.80
N ILE E 214 -55.65 -39.53 -0.63
CA ILE E 214 -54.55 -38.96 0.09
C ILE E 214 -54.82 -39.35 1.52
N THR E 215 -53.84 -39.99 2.14
CA THR E 215 -53.97 -40.41 3.52
C THR E 215 -52.75 -39.90 4.30
N LYS E 216 -52.92 -39.74 5.60
CA LYS E 216 -51.86 -39.30 6.50
C LYS E 216 -50.66 -40.24 6.45
N GLN E 217 -50.94 -41.54 6.41
CA GLN E 217 -49.90 -42.54 6.39
C GLN E 217 -49.16 -42.69 5.07
N ASP E 218 -49.87 -42.78 3.96
CA ASP E 218 -49.19 -43.00 2.69
C ASP E 218 -49.17 -41.80 1.74
N GLY E 219 -49.82 -40.73 2.13
CA GLY E 219 -49.83 -39.55 1.30
C GLY E 219 -50.66 -39.69 0.06
N PHE E 220 -50.36 -38.89 -0.95
CA PHE E 220 -51.08 -38.89 -2.20
C PHE E 220 -50.60 -39.99 -3.13
N LYS E 221 -51.53 -40.87 -3.50
CA LYS E 221 -51.24 -41.98 -4.40
C LYS E 221 -52.30 -42.06 -5.49
N ILE E 222 -51.87 -42.17 -6.74
CA ILE E 222 -52.83 -42.32 -7.84
C ILE E 222 -53.00 -43.84 -7.99
N TYR E 223 -54.24 -44.31 -7.86
CA TYR E 223 -54.57 -45.73 -7.97
C TYR E 223 -54.29 -46.24 -9.36
N ASP E 224 -53.47 -47.27 -9.47
CA ASP E 224 -53.18 -47.85 -10.79
C ASP E 224 -54.40 -48.63 -11.28
N ASN E 225 -54.54 -48.75 -12.59
CA ASN E 225 -55.71 -49.40 -13.18
C ASN E 225 -56.19 -50.71 -12.53
N GLU E 226 -55.27 -51.56 -12.12
CA GLU E 226 -55.62 -52.83 -11.49
C GLU E 226 -56.36 -52.64 -10.19
N LYS E 227 -55.91 -51.72 -9.36
CA LYS E 227 -56.58 -51.49 -8.08
C LYS E 227 -58.01 -51.01 -8.32
N THR E 228 -58.19 -50.17 -9.32
CA THR E 228 -59.51 -49.64 -9.65
C THR E 228 -60.44 -50.67 -10.29
N ALA E 229 -59.94 -51.49 -11.20
CA ALA E 229 -60.78 -52.52 -11.82
C ALA E 229 -61.44 -53.35 -10.72
N GLU E 230 -60.65 -53.77 -9.73
CA GLU E 230 -61.16 -54.55 -8.61
C GLU E 230 -62.27 -53.80 -7.91
N LEU E 231 -62.08 -52.49 -7.72
CA LEU E 231 -63.07 -51.67 -7.06
C LEU E 231 -64.32 -51.50 -7.89
N ILE E 232 -64.17 -51.46 -9.21
CA ILE E 232 -65.31 -51.33 -10.13
C ILE E 232 -66.13 -52.62 -10.03
N LYS E 233 -65.43 -53.76 -10.11
CA LYS E 233 -66.04 -55.08 -9.99
C LYS E 233 -66.82 -55.14 -8.67
N GLU E 234 -66.17 -54.75 -7.59
CA GLU E 234 -66.79 -54.73 -6.28
C GLU E 234 -68.02 -53.83 -6.27
N LEU E 235 -68.12 -52.95 -7.25
CA LEU E 235 -69.28 -52.07 -7.33
C LEU E 235 -70.43 -52.79 -8.05
N LYS E 236 -70.14 -53.35 -9.23
CA LYS E 236 -71.14 -54.09 -10.03
C LYS E 236 -71.91 -55.03 -9.11
N GLU E 237 -71.18 -55.67 -8.21
CA GLU E 237 -71.76 -56.60 -7.27
C GLU E 237 -72.59 -55.93 -6.18
N LYS E 238 -72.06 -54.90 -5.55
CA LYS E 238 -72.83 -54.23 -4.50
C LYS E 238 -74.12 -53.59 -5.01
N GLU E 239 -74.12 -53.10 -6.26
CA GLU E 239 -75.31 -52.48 -6.83
C GLU E 239 -76.34 -53.54 -7.21
N ALA E 240 -75.85 -54.67 -7.72
CA ALA E 240 -76.71 -55.76 -8.12
C ALA E 240 -77.17 -56.55 -6.90
N ALA E 241 -77.94 -55.91 -6.03
CA ALA E 241 -78.46 -56.55 -4.82
C ALA E 241 -79.88 -56.09 -4.49
N GLU E 242 -80.05 -54.77 -4.41
CA GLU E 242 -81.31 -54.07 -4.13
C GLU E 242 -80.88 -52.63 -3.85
N PHE F 1 -77.32 4.27 -25.19
CA PHE F 1 -77.28 4.89 -23.83
C PHE F 1 -76.11 4.29 -23.02
N ARG F 2 -76.38 3.27 -22.20
CA ARG F 2 -75.33 2.69 -21.34
C ARG F 2 -74.05 2.05 -21.88
N ASN F 3 -74.10 1.00 -22.71
CA ASN F 3 -72.83 0.38 -23.20
C ASN F 3 -71.86 1.38 -23.84
N ASN F 4 -72.28 2.63 -23.89
CA ASN F 4 -71.45 3.70 -24.42
C ASN F 4 -70.69 4.29 -23.26
N TYR F 5 -71.37 4.45 -22.11
CA TYR F 5 -70.75 5.02 -20.91
C TYR F 5 -70.38 4.10 -19.74
N ASP F 6 -70.51 2.78 -19.88
CA ASP F 6 -70.18 1.89 -18.77
C ASP F 6 -69.11 0.83 -19.06
N GLY F 7 -68.30 1.07 -20.09
CA GLY F 7 -67.28 0.10 -20.46
C GLY F 7 -65.98 0.21 -19.69
N ASP F 8 -65.72 1.38 -19.10
CA ASP F 8 -64.50 1.63 -18.34
C ASP F 8 -64.84 2.59 -17.21
N THR F 9 -64.03 2.59 -16.16
CA THR F 9 -64.24 3.50 -15.03
C THR F 9 -63.80 4.88 -15.40
N VAL F 10 -62.99 4.97 -16.43
CA VAL F 10 -62.47 6.23 -16.91
C VAL F 10 -63.48 7.05 -17.74
N THR F 11 -64.75 6.64 -17.76
CA THR F 11 -65.74 7.35 -18.55
C THR F 11 -66.87 7.87 -17.67
N PHE F 12 -67.10 9.19 -17.71
CA PHE F 12 -68.16 9.85 -16.93
C PHE F 12 -69.40 9.82 -17.82
N SER F 13 -70.58 9.63 -17.24
CA SER F 13 -71.81 9.62 -18.03
C SER F 13 -72.26 11.06 -18.20
N PRO F 14 -73.27 11.32 -19.05
CA PRO F 14 -73.73 12.70 -19.23
C PRO F 14 -74.29 13.39 -17.99
N THR F 15 -74.65 12.59 -16.99
CA THR F 15 -75.20 13.13 -15.77
C THR F 15 -74.12 13.18 -14.68
N GLY F 16 -72.89 12.82 -15.06
CA GLY F 16 -71.75 12.81 -14.14
C GLY F 16 -71.59 11.57 -13.30
N ARG F 17 -72.07 10.43 -13.78
CA ARG F 17 -71.98 9.18 -13.03
C ARG F 17 -70.84 8.33 -13.52
N LEU F 18 -70.36 7.46 -12.64
CA LEU F 18 -69.27 6.55 -12.93
C LEU F 18 -69.92 5.19 -12.80
N PHE F 19 -70.40 4.66 -13.92
CA PHE F 19 -71.08 3.38 -13.95
C PHE F 19 -70.31 2.17 -13.49
N GLN F 20 -69.04 2.05 -13.85
CA GLN F 20 -68.30 0.88 -13.38
C GLN F 20 -68.26 0.87 -11.86
N VAL F 21 -68.13 2.05 -11.27
CA VAL F 21 -68.09 2.13 -9.81
C VAL F 21 -69.45 1.73 -9.26
N GLU F 22 -70.52 2.25 -9.84
CA GLU F 22 -71.88 1.91 -9.40
C GLU F 22 -72.17 0.41 -9.54
N TYR F 23 -71.61 -0.24 -10.55
CA TYR F 23 -71.81 -1.67 -10.73
C TYR F 23 -71.03 -2.40 -9.66
N ALA F 24 -69.88 -1.87 -9.27
CA ALA F 24 -69.08 -2.46 -8.20
C ALA F 24 -69.91 -2.41 -6.92
N LEU F 25 -70.49 -1.25 -6.64
CA LEU F 25 -71.33 -1.09 -5.45
C LEU F 25 -72.45 -2.13 -5.41
N GLU F 26 -72.79 -2.71 -6.56
CA GLU F 26 -73.86 -3.69 -6.61
C GLU F 26 -73.43 -5.06 -6.11
N ALA F 27 -72.18 -5.44 -6.35
CA ALA F 27 -71.67 -6.73 -5.88
C ALA F 27 -71.78 -6.79 -4.38
N ILE F 28 -71.57 -5.65 -3.74
CA ILE F 28 -71.66 -5.53 -2.31
C ILE F 28 -73.08 -5.87 -1.89
N LYS F 29 -74.05 -5.32 -2.61
CA LYS F 29 -75.47 -5.53 -2.34
C LYS F 29 -75.93 -6.98 -2.46
N GLN F 30 -75.16 -7.83 -3.15
CA GLN F 30 -75.52 -9.23 -3.28
C GLN F 30 -74.67 -10.09 -2.32
N GLY F 31 -73.90 -9.41 -1.46
CA GLY F 31 -73.08 -10.12 -0.49
C GLY F 31 -73.87 -10.36 0.79
N SER F 32 -73.35 -11.21 1.67
CA SER F 32 -74.05 -11.50 2.91
C SER F 32 -73.93 -10.32 3.84
N VAL F 33 -74.90 -10.13 4.71
CA VAL F 33 -74.92 -8.99 5.64
C VAL F 33 -73.89 -9.04 6.76
N THR F 34 -73.40 -7.86 7.15
CA THR F 34 -72.45 -7.75 8.24
C THR F 34 -72.76 -6.43 8.92
N VAL F 35 -72.71 -6.44 10.24
CA VAL F 35 -73.02 -5.28 11.05
C VAL F 35 -71.80 -4.83 11.84
N GLY F 36 -71.76 -3.55 12.13
CA GLY F 36 -70.69 -3.03 12.92
C GLY F 36 -71.35 -2.07 13.86
N LEU F 37 -70.91 -2.02 15.10
CA LEU F 37 -71.49 -1.09 16.05
C LEU F 37 -70.47 -0.95 17.14
N ARG F 38 -70.51 0.17 17.83
CA ARG F 38 -69.55 0.38 18.89
C ARG F 38 -70.08 1.22 20.04
N SER F 39 -69.48 1.05 21.21
CA SER F 39 -69.84 1.84 22.38
C SER F 39 -68.64 2.76 22.57
N ASN F 40 -68.32 3.15 23.79
CA ASN F 40 -67.15 4.00 24.02
C ASN F 40 -65.95 3.19 24.47
N THR F 41 -66.14 1.88 24.56
CA THR F 41 -65.07 0.99 25.00
C THR F 41 -64.76 -0.16 24.06
N HIS F 42 -65.74 -0.64 23.30
CA HIS F 42 -65.52 -1.75 22.38
C HIS F 42 -66.20 -1.48 21.05
N ALA F 43 -65.81 -2.24 20.02
CA ALA F 43 -66.41 -2.12 18.70
C ALA F 43 -66.58 -3.56 18.29
N VAL F 44 -67.76 -3.88 17.76
CA VAL F 44 -68.01 -5.25 17.38
C VAL F 44 -68.40 -5.34 15.95
N LEU F 45 -68.08 -6.46 15.35
CA LEU F 45 -68.45 -6.73 14.00
C LEU F 45 -69.18 -8.04 14.15
N VAL F 46 -70.34 -8.13 13.52
CA VAL F 46 -71.13 -9.37 13.54
C VAL F 46 -71.38 -9.64 12.07
N ALA F 47 -71.21 -10.88 11.65
CA ALA F 47 -71.41 -11.17 10.24
C ALA F 47 -72.06 -12.51 9.99
N LEU F 48 -73.04 -12.50 9.09
CA LEU F 48 -73.76 -13.69 8.70
C LEU F 48 -72.95 -14.30 7.58
N LYS F 49 -72.43 -15.50 7.80
CA LYS F 49 -71.63 -16.17 6.78
C LYS F 49 -72.51 -16.99 5.84
N ARG F 50 -72.11 -17.08 4.58
CA ARG F 50 -72.88 -17.78 3.57
C ARG F 50 -72.14 -18.96 3.04
N ASN F 51 -72.88 -19.99 2.65
CA ASN F 51 -72.30 -21.21 2.06
C ASN F 51 -72.74 -21.34 0.60
N ALA F 52 -72.33 -22.43 -0.05
CA ALA F 52 -72.68 -22.65 -1.46
C ALA F 52 -73.68 -23.80 -1.60
N ASP F 53 -73.46 -24.83 -0.81
CA ASP F 53 -74.27 -26.05 -0.74
C ASP F 53 -74.31 -26.35 0.75
N GLU F 54 -74.89 -27.50 1.12
CA GLU F 54 -74.95 -27.86 2.54
C GLU F 54 -73.81 -28.84 2.88
N LEU F 55 -72.88 -28.96 1.96
CA LEU F 55 -71.71 -29.82 2.09
C LEU F 55 -70.39 -29.03 2.18
N SER F 56 -70.49 -27.71 2.21
CA SER F 56 -69.33 -26.84 2.26
C SER F 56 -69.22 -25.99 3.52
N SER F 57 -68.08 -25.30 3.63
CA SER F 57 -67.81 -24.42 4.74
C SER F 57 -68.55 -23.11 4.50
N TYR F 58 -68.54 -22.22 5.48
CA TYR F 58 -69.16 -20.92 5.34
C TYR F 58 -68.00 -19.93 5.19
N GLN F 59 -67.91 -19.24 4.05
CA GLN F 59 -66.84 -18.29 3.75
C GLN F 59 -66.63 -17.23 4.83
N LYS F 60 -65.39 -17.05 5.29
CA LYS F 60 -65.09 -16.09 6.33
C LYS F 60 -65.36 -14.66 5.85
N LYS F 61 -65.84 -13.82 6.77
CA LYS F 61 -66.14 -12.42 6.46
C LYS F 61 -65.28 -11.44 7.27
N ILE F 62 -64.67 -11.92 8.36
CA ILE F 62 -63.87 -11.06 9.22
C ILE F 62 -62.37 -11.35 9.09
N ILE F 63 -61.59 -10.27 9.03
CA ILE F 63 -60.14 -10.35 8.86
C ILE F 63 -59.43 -9.44 9.86
N LYS F 64 -58.45 -9.99 10.57
CA LYS F 64 -57.71 -9.22 11.55
C LYS F 64 -56.60 -8.53 10.79
N CYS F 65 -56.43 -7.22 11.01
CA CYS F 65 -55.38 -6.45 10.32
C CYS F 65 -54.17 -6.16 11.22
N ASP F 66 -54.39 -6.15 12.52
CA ASP F 66 -53.36 -5.91 13.50
C ASP F 66 -54.06 -6.17 14.82
N GLU F 67 -53.34 -6.09 15.92
CA GLU F 67 -53.96 -6.37 17.21
C GLU F 67 -55.06 -5.38 17.62
N HIS F 68 -55.08 -4.22 17.01
CA HIS F 68 -56.06 -3.21 17.37
C HIS F 68 -57.00 -2.79 16.24
N MET F 69 -57.11 -3.59 15.19
CA MET F 69 -57.96 -3.18 14.07
C MET F 69 -58.28 -4.37 13.21
N GLY F 70 -59.46 -4.36 12.60
CA GLY F 70 -59.88 -5.45 11.74
C GLY F 70 -61.12 -5.03 10.98
N LEU F 71 -61.61 -5.90 10.12
CA LEU F 71 -62.79 -5.56 9.32
C LEU F 71 -63.65 -6.73 8.91
N SER F 72 -64.87 -6.42 8.46
CA SER F 72 -65.75 -7.46 7.94
C SER F 72 -65.98 -7.01 6.51
N LEU F 73 -66.06 -7.98 5.61
CA LEU F 73 -66.25 -7.74 4.18
C LEU F 73 -67.61 -8.16 3.65
N ALA F 74 -67.96 -7.66 2.46
CA ALA F 74 -69.19 -8.00 1.79
C ALA F 74 -68.98 -7.76 0.32
N GLY F 75 -69.17 -8.80 -0.49
CA GLY F 75 -68.95 -8.65 -1.92
C GLY F 75 -67.88 -9.60 -2.41
N LEU F 76 -67.04 -9.14 -3.34
CA LEU F 76 -65.95 -9.95 -3.88
C LEU F 76 -64.87 -10.20 -2.84
N ALA F 77 -64.83 -11.40 -2.30
CA ALA F 77 -63.84 -11.75 -1.28
C ALA F 77 -62.38 -11.59 -1.70
N PRO F 78 -62.02 -11.95 -2.95
CA PRO F 78 -60.61 -11.78 -3.35
C PRO F 78 -60.16 -10.35 -3.17
N ASP F 79 -61.08 -9.41 -3.37
CA ASP F 79 -60.76 -8.00 -3.22
C ASP F 79 -60.55 -7.57 -1.78
N ALA F 80 -61.30 -8.18 -0.86
CA ALA F 80 -61.16 -7.86 0.55
C ALA F 80 -59.80 -8.36 0.99
N ARG F 81 -59.38 -9.48 0.41
CA ARG F 81 -58.08 -10.04 0.72
C ARG F 81 -57.01 -9.04 0.28
N VAL F 82 -57.18 -8.47 -0.92
CA VAL F 82 -56.22 -7.49 -1.42
C VAL F 82 -56.15 -6.22 -0.57
N LEU F 83 -57.30 -5.72 -0.12
CA LEU F 83 -57.36 -4.51 0.70
C LEU F 83 -57.02 -4.72 2.16
N SER F 84 -57.33 -5.87 2.72
CA SER F 84 -56.99 -6.10 4.12
C SER F 84 -55.49 -6.33 4.18
N ASN F 85 -54.91 -6.85 3.10
CA ASN F 85 -53.47 -7.06 3.06
C ASN F 85 -52.77 -5.72 3.12
N TYR F 86 -53.25 -4.76 2.34
CA TYR F 86 -52.72 -3.41 2.32
C TYR F 86 -52.81 -2.81 3.72
N LEU F 87 -53.95 -2.97 4.37
CA LEU F 87 -54.16 -2.44 5.70
C LEU F 87 -53.20 -3.09 6.68
N ARG F 88 -52.94 -4.37 6.49
CA ARG F 88 -52.02 -5.10 7.35
C ARG F 88 -50.63 -4.51 7.19
N GLN F 89 -50.24 -4.23 5.95
CA GLN F 89 -48.95 -3.64 5.66
C GLN F 89 -48.83 -2.24 6.21
N GLN F 90 -49.85 -1.41 5.99
CA GLN F 90 -49.82 -0.03 6.49
C GLN F 90 -49.79 0.00 8.01
N CYS F 91 -50.47 -0.93 8.65
CA CYS F 91 -50.48 -1.03 10.11
C CYS F 91 -49.07 -1.40 10.58
N ASN F 92 -48.45 -2.35 9.87
CA ASN F 92 -47.12 -2.85 10.16
C ASN F 92 -46.03 -1.78 10.01
N TYR F 93 -46.11 -1.01 8.94
CA TYR F 93 -45.14 0.04 8.71
C TYR F 93 -45.20 1.06 9.83
N SER F 94 -46.40 1.42 10.29
CA SER F 94 -46.55 2.42 11.36
C SER F 94 -45.85 1.95 12.61
N SER F 95 -46.02 0.67 12.93
CA SER F 95 -45.38 0.10 14.10
C SER F 95 -43.88 0.00 13.96
N LEU F 96 -43.43 -0.54 12.83
CA LEU F 96 -42.01 -0.72 12.59
C LEU F 96 -41.18 0.57 12.56
N VAL F 97 -41.67 1.56 11.82
CA VAL F 97 -40.98 2.82 11.63
C VAL F 97 -41.17 3.87 12.69
N PHE F 98 -42.39 4.01 13.16
CA PHE F 98 -42.73 5.02 14.15
C PHE F 98 -43.08 4.44 15.52
N ASN F 99 -43.09 3.11 15.65
CA ASN F 99 -43.42 2.46 16.92
C ASN F 99 -44.79 3.00 17.35
N ARG F 100 -45.65 3.21 16.35
CA ARG F 100 -46.97 3.80 16.56
C ARG F 100 -48.09 2.95 15.95
N LYS F 101 -49.20 2.85 16.67
CA LYS F 101 -50.34 2.10 16.19
C LYS F 101 -51.12 2.99 15.22
N LEU F 102 -51.35 2.48 14.02
CA LEU F 102 -52.07 3.23 13.00
C LEU F 102 -53.47 3.58 13.45
N ALA F 103 -53.81 4.86 13.37
CA ALA F 103 -55.12 5.37 13.75
C ALA F 103 -56.15 4.91 12.74
N VAL F 104 -57.36 4.64 13.21
CA VAL F 104 -58.42 4.15 12.34
C VAL F 104 -58.77 5.19 11.29
N GLU F 105 -58.78 6.45 11.70
CA GLU F 105 -59.10 7.54 10.79
C GLU F 105 -58.09 7.52 9.66
N ARG F 106 -56.85 7.17 9.99
CA ARG F 106 -55.80 7.13 9.00
C ARG F 106 -55.99 5.91 8.10
N ALA F 107 -56.34 4.77 8.70
CA ALA F 107 -56.59 3.55 7.93
C ALA F 107 -57.70 3.81 6.91
N GLY F 108 -58.73 4.53 7.34
CA GLY F 108 -59.81 4.86 6.46
C GLY F 108 -59.30 5.73 5.34
N HIS F 109 -58.55 6.78 5.68
CA HIS F 109 -58.00 7.67 4.67
C HIS F 109 -57.18 6.92 3.65
N LEU F 110 -56.37 5.98 4.12
CA LEU F 110 -55.53 5.16 3.25
C LEU F 110 -56.33 4.27 2.31
N LEU F 111 -57.40 3.67 2.84
CA LEU F 111 -58.28 2.82 2.05
C LEU F 111 -58.98 3.63 0.95
N CYS F 112 -59.50 4.78 1.31
CA CYS F 112 -60.14 5.64 0.33
C CYS F 112 -59.22 5.93 -0.86
N ASP F 113 -57.99 6.39 -0.57
CA ASP F 113 -57.03 6.72 -1.61
C ASP F 113 -56.66 5.53 -2.47
N LYS F 114 -56.61 4.33 -1.88
CA LYS F 114 -56.27 3.15 -2.66
C LYS F 114 -57.41 2.82 -3.63
N ALA F 115 -58.64 2.99 -3.17
CA ALA F 115 -59.82 2.72 -3.99
C ALA F 115 -59.98 3.70 -5.15
N GLN F 116 -59.70 4.97 -4.87
CA GLN F 116 -59.81 6.03 -5.86
C GLN F 116 -58.92 5.82 -7.08
N LYS F 117 -57.69 5.40 -6.84
CA LYS F 117 -56.78 5.19 -7.96
C LYS F 117 -57.35 4.27 -9.00
N ASN F 118 -58.14 3.31 -8.55
CA ASN F 118 -58.80 2.34 -9.42
C ASN F 118 -60.04 2.87 -10.11
N THR F 119 -60.42 4.12 -9.88
CA THR F 119 -61.60 4.71 -10.51
C THR F 119 -61.29 5.85 -11.51
N GLN F 120 -60.03 6.23 -11.65
CA GLN F 120 -59.66 7.34 -12.54
C GLN F 120 -58.77 6.95 -13.70
N SER F 121 -58.29 5.72 -13.68
CA SER F 121 -57.43 5.22 -14.74
C SER F 121 -58.06 4.10 -15.56
N TYR F 122 -57.71 4.12 -16.83
CA TYR F 122 -58.20 3.16 -17.81
C TYR F 122 -57.57 1.77 -17.64
N GLY F 123 -58.35 0.76 -18.00
CA GLY F 123 -57.89 -0.61 -17.90
C GLY F 123 -58.18 -1.24 -16.55
N GLY F 124 -58.14 -0.42 -15.51
CA GLY F 124 -58.41 -0.89 -14.18
C GLY F 124 -59.88 -1.26 -14.02
N ARG F 125 -60.26 -1.54 -12.79
CA ARG F 125 -61.63 -1.86 -12.47
C ARG F 125 -61.71 -1.52 -11.01
N PRO F 126 -62.86 -1.03 -10.56
CA PRO F 126 -63.04 -0.66 -9.16
C PRO F 126 -62.99 -1.91 -8.34
N TYR F 127 -62.83 -1.75 -7.03
CA TYR F 127 -62.83 -2.89 -6.15
C TYR F 127 -64.29 -3.23 -5.99
N GLY F 128 -64.60 -4.50 -5.82
CA GLY F 128 -65.98 -4.89 -5.67
C GLY F 128 -66.29 -5.51 -4.33
N VAL F 129 -65.94 -4.81 -3.26
CA VAL F 129 -66.17 -5.31 -1.92
C VAL F 129 -66.32 -4.12 -0.98
N GLY F 130 -67.13 -4.30 0.07
CA GLY F 130 -67.34 -3.26 1.06
C GLY F 130 -66.73 -3.74 2.36
N LEU F 131 -66.37 -2.83 3.26
CA LEU F 131 -65.71 -3.24 4.48
C LEU F 131 -66.15 -2.41 5.63
N LEU F 132 -66.28 -3.05 6.78
CA LEU F 132 -66.65 -2.38 8.03
C LEU F 132 -65.37 -2.54 8.83
N ILE F 133 -64.77 -1.42 9.21
CA ILE F 133 -63.52 -1.45 9.96
C ILE F 133 -63.76 -0.96 11.37
N ILE F 134 -63.36 -1.77 12.35
CA ILE F 134 -63.50 -1.39 13.74
C ILE F 134 -62.09 -1.44 14.29
N GLY F 135 -61.84 -0.65 15.31
CA GLY F 135 -60.52 -0.64 15.92
C GLY F 135 -60.53 0.14 17.22
N TYR F 136 -59.45 0.08 17.98
CA TYR F 136 -59.35 0.82 19.24
C TYR F 136 -57.98 1.46 19.26
N ASP F 137 -57.93 2.77 19.07
CA ASP F 137 -56.66 3.47 19.04
C ASP F 137 -56.54 4.48 20.16
N LYS F 138 -55.71 5.49 19.96
CA LYS F 138 -55.53 6.49 20.99
C LYS F 138 -56.74 7.37 21.24
N SER F 139 -57.70 7.40 20.33
CA SER F 139 -58.87 8.21 20.56
C SER F 139 -60.10 7.36 20.87
N GLY F 140 -59.87 6.10 21.24
CA GLY F 140 -60.97 5.22 21.58
C GLY F 140 -61.42 4.20 20.54
N ALA F 141 -62.73 3.90 20.56
CA ALA F 141 -63.36 2.94 19.67
C ALA F 141 -63.80 3.57 18.36
N HIS F 142 -63.73 2.80 17.28
CA HIS F 142 -64.11 3.32 15.98
C HIS F 142 -64.72 2.29 15.09
N LEU F 143 -65.61 2.74 14.23
CA LEU F 143 -66.25 1.90 13.23
C LEU F 143 -66.25 2.74 11.97
N LEU F 144 -65.81 2.17 10.87
CA LEU F 144 -65.76 2.91 9.62
C LEU F 144 -66.39 2.07 8.54
N GLU F 145 -67.09 2.72 7.62
CA GLU F 145 -67.68 2.00 6.50
C GLU F 145 -66.95 2.46 5.25
N PHE F 146 -66.42 1.49 4.51
CA PHE F 146 -65.72 1.77 3.26
C PHE F 146 -66.55 1.25 2.10
N GLN F 147 -66.68 2.07 1.07
CA GLN F 147 -67.40 1.73 -0.15
C GLN F 147 -66.37 1.90 -1.28
N PRO F 148 -66.35 1.00 -2.29
CA PRO F 148 -65.44 0.99 -3.45
C PRO F 148 -65.28 2.28 -4.21
N SER F 149 -66.23 3.20 -4.03
CA SER F 149 -66.11 4.48 -4.70
C SER F 149 -64.97 5.28 -4.04
N GLY F 150 -64.53 4.83 -2.87
CA GLY F 150 -63.48 5.50 -2.12
C GLY F 150 -64.04 6.28 -0.93
N ASN F 151 -65.35 6.26 -0.77
CA ASN F 151 -65.98 6.97 0.33
C ASN F 151 -65.91 6.17 1.62
N VAL F 152 -65.18 6.69 2.60
CA VAL F 152 -65.07 6.03 3.90
C VAL F 152 -65.69 6.93 4.96
N THR F 153 -66.62 6.37 5.74
CA THR F 153 -67.32 7.13 6.75
C THR F 153 -67.22 6.53 8.13
N GLU F 154 -67.08 7.40 9.12
CA GLU F 154 -67.01 6.98 10.52
C GLU F 154 -68.40 6.97 11.12
N LEU F 155 -68.77 5.86 11.73
CA LEU F 155 -70.11 5.68 12.29
C LEU F 155 -70.16 5.09 13.69
N TYR F 156 -71.37 5.07 14.26
CA TYR F 156 -71.63 4.49 15.58
C TYR F 156 -72.01 3.04 15.36
N GLY F 157 -72.64 2.78 14.22
CA GLY F 157 -73.05 1.43 13.88
C GLY F 157 -73.48 1.44 12.44
N THR F 158 -73.55 0.28 11.82
CA THR F 158 -73.98 0.21 10.44
C THR F 158 -74.02 -1.22 10.02
N ALA F 159 -74.35 -1.44 8.75
CA ALA F 159 -74.42 -2.77 8.17
C ALA F 159 -74.38 -2.61 6.67
N ILE F 160 -73.87 -3.62 6.00
CA ILE F 160 -73.77 -3.60 4.55
C ILE F 160 -74.09 -4.99 4.06
N GLY F 161 -74.43 -5.10 2.79
CA GLY F 161 -74.78 -6.40 2.23
C GLY F 161 -76.28 -6.47 1.99
N ALA F 162 -76.76 -7.59 1.46
CA ALA F 162 -78.18 -7.75 1.16
C ALA F 162 -79.03 -7.61 2.40
N ARG F 163 -80.11 -6.84 2.29
CA ARG F 163 -81.05 -6.61 3.38
C ARG F 163 -80.41 -5.86 4.54
N SER F 164 -79.25 -5.25 4.29
CA SER F 164 -78.54 -4.52 5.33
C SER F 164 -79.42 -3.47 5.98
N GLN F 165 -80.32 -2.88 5.19
CA GLN F 165 -81.23 -1.83 5.65
C GLN F 165 -82.04 -2.14 6.92
N GLY F 166 -82.28 -3.42 7.19
CA GLY F 166 -83.03 -3.77 8.38
C GLY F 166 -82.25 -3.45 9.64
N ALA F 167 -81.08 -4.06 9.76
CA ALA F 167 -80.19 -3.86 10.90
C ALA F 167 -79.80 -2.40 10.97
N LYS F 168 -79.62 -1.78 9.81
CA LYS F 168 -79.26 -0.37 9.76
C LYS F 168 -80.35 0.43 10.49
N THR F 169 -81.59 -0.04 10.42
CA THR F 169 -82.66 0.67 11.11
C THR F 169 -82.67 0.31 12.58
N TYR F 170 -82.45 -0.95 12.92
CA TYR F 170 -82.40 -1.33 14.33
C TYR F 170 -81.34 -0.50 15.03
N LEU F 171 -80.14 -0.43 14.44
CA LEU F 171 -79.03 0.32 15.03
C LEU F 171 -79.42 1.78 15.16
N GLU F 172 -79.99 2.33 14.09
CA GLU F 172 -80.41 3.72 14.06
C GLU F 172 -81.43 4.02 15.16
N ARG F 173 -82.12 2.99 15.63
CA ARG F 173 -83.11 3.12 16.69
C ARG F 173 -82.43 2.94 18.05
N THR F 174 -81.70 1.84 18.19
CA THR F 174 -80.98 1.43 19.39
C THR F 174 -79.73 2.27 19.74
N LEU F 175 -79.39 3.25 18.91
CA LEU F 175 -78.23 4.09 19.14
C LEU F 175 -78.06 4.52 20.60
N ASP F 176 -79.01 5.30 21.10
CA ASP F 176 -78.97 5.81 22.48
C ASP F 176 -78.63 4.74 23.49
N THR F 177 -79.01 3.49 23.19
CA THR F 177 -78.78 2.35 24.07
C THR F 177 -77.40 1.70 23.93
N PHE F 178 -76.99 1.32 22.72
CA PHE F 178 -75.69 0.68 22.56
C PHE F 178 -74.47 1.59 22.72
N ILE F 179 -74.59 2.86 22.38
CA ILE F 179 -73.46 3.79 22.54
C ILE F 179 -73.03 3.88 24.00
N LYS F 180 -73.84 3.34 24.91
CA LYS F 180 -73.55 3.37 26.34
C LYS F 180 -73.14 2.03 26.95
N ILE F 181 -73.04 0.99 26.13
CA ILE F 181 -72.66 -0.32 26.64
C ILE F 181 -71.15 -0.34 26.89
N ASP F 182 -70.73 0.39 27.90
CA ASP F 182 -69.33 0.48 28.25
C ASP F 182 -68.97 -0.57 29.28
N GLY F 183 -67.81 -1.20 29.10
CA GLY F 183 -67.35 -2.18 30.06
C GLY F 183 -68.07 -3.51 30.01
N ASN F 184 -69.01 -3.67 29.08
CA ASN F 184 -69.73 -4.92 28.98
C ASN F 184 -69.70 -5.45 27.56
N PRO F 185 -68.60 -6.14 27.21
CA PRO F 185 -68.45 -6.70 25.87
C PRO F 185 -69.64 -7.54 25.39
N ASP F 186 -70.01 -8.56 26.17
CA ASP F 186 -71.09 -9.44 25.78
C ASP F 186 -72.38 -8.73 25.41
N GLU F 187 -72.72 -7.64 26.08
CA GLU F 187 -73.94 -6.90 25.77
C GLU F 187 -73.82 -6.29 24.39
N LEU F 188 -72.71 -5.61 24.13
CA LEU F 188 -72.49 -4.99 22.83
C LEU F 188 -72.69 -6.03 21.75
N ILE F 189 -72.05 -7.17 21.92
CA ILE F 189 -72.16 -8.24 20.95
C ILE F 189 -73.62 -8.59 20.76
N LYS F 190 -74.33 -8.80 21.86
CA LYS F 190 -75.75 -9.14 21.80
C LYS F 190 -76.54 -8.10 20.99
N ALA F 191 -76.21 -6.81 21.17
CA ALA F 191 -76.88 -5.77 20.41
C ALA F 191 -76.54 -5.98 18.93
N GLY F 192 -75.29 -6.32 18.64
CA GLY F 192 -74.87 -6.57 17.27
C GLY F 192 -75.61 -7.73 16.64
N VAL F 193 -75.81 -8.79 17.41
CA VAL F 193 -76.52 -9.95 16.92
C VAL F 193 -78.01 -9.61 16.71
N GLU F 194 -78.59 -8.88 17.65
CA GLU F 194 -79.98 -8.46 17.54
C GLU F 194 -80.10 -7.68 16.24
N ALA F 195 -79.17 -6.77 16.04
CA ALA F 195 -79.14 -5.96 14.84
C ALA F 195 -79.08 -6.84 13.61
N ILE F 196 -78.07 -7.71 13.55
CA ILE F 196 -77.94 -8.55 12.38
C ILE F 196 -79.14 -9.46 12.15
N SER F 197 -79.80 -9.89 13.22
CA SER F 197 -80.97 -10.76 13.09
C SER F 197 -82.21 -10.08 12.54
N GLN F 198 -82.11 -8.80 12.22
CA GLN F 198 -83.22 -8.05 11.66
C GLN F 198 -83.15 -8.06 10.13
N SER F 199 -82.01 -8.55 9.62
CA SER F 199 -81.76 -8.65 8.18
C SER F 199 -81.79 -10.08 7.71
N LEU F 200 -82.31 -10.96 8.56
CA LEU F 200 -82.41 -12.36 8.21
C LEU F 200 -83.75 -12.55 7.49
N ARG F 201 -83.97 -13.74 6.92
CA ARG F 201 -85.18 -14.03 6.15
C ARG F 201 -85.17 -15.51 5.79
N ASP F 202 -84.06 -15.93 5.18
CA ASP F 202 -83.83 -17.30 4.73
C ASP F 202 -83.94 -18.31 5.89
N GLU F 203 -83.02 -18.22 6.84
CA GLU F 203 -82.96 -19.13 7.99
C GLU F 203 -82.68 -18.34 9.26
N SER F 204 -82.39 -19.05 10.35
CA SER F 204 -82.06 -18.42 11.63
C SER F 204 -80.56 -18.56 11.78
N LEU F 205 -79.92 -17.59 12.42
CA LEU F 205 -78.49 -17.64 12.61
C LEU F 205 -78.11 -18.80 13.51
N THR F 206 -77.30 -19.70 12.96
CA THR F 206 -76.86 -20.89 13.67
C THR F 206 -75.40 -20.80 14.06
N VAL F 207 -74.84 -21.92 14.50
CA VAL F 207 -73.45 -22.00 14.92
C VAL F 207 -72.45 -22.10 13.77
N ASP F 208 -72.94 -22.40 12.58
CA ASP F 208 -72.07 -22.48 11.42
C ASP F 208 -72.22 -21.17 10.63
N ASN F 209 -73.26 -20.42 10.98
CA ASN F 209 -73.67 -19.15 10.37
C ASN F 209 -73.03 -17.85 10.83
N LEU F 210 -73.04 -17.62 12.14
CA LEU F 210 -72.50 -16.39 12.73
C LEU F 210 -71.00 -16.28 12.90
N SER F 211 -70.52 -15.04 12.78
CA SER F 211 -69.13 -14.68 12.94
C SER F 211 -69.18 -13.33 13.65
N ILE F 212 -68.41 -13.20 14.72
CA ILE F 212 -68.37 -11.96 15.48
C ILE F 212 -66.92 -11.62 15.76
N ALA F 213 -66.65 -10.34 15.91
CA ALA F 213 -65.31 -9.91 16.19
C ALA F 213 -65.48 -8.73 17.10
N ILE F 214 -64.58 -8.61 18.06
CA ILE F 214 -64.63 -7.52 18.99
C ILE F 214 -63.23 -7.01 19.28
N VAL F 215 -63.14 -5.73 19.57
CA VAL F 215 -61.88 -5.09 19.90
C VAL F 215 -62.25 -3.98 20.85
N GLY F 216 -61.34 -3.62 21.74
CA GLY F 216 -61.62 -2.55 22.68
C GLY F 216 -60.55 -2.35 23.73
N LYS F 217 -60.85 -1.54 24.76
CA LYS F 217 -59.95 -1.20 25.87
C LYS F 217 -58.89 -2.21 26.23
N ASP F 218 -59.29 -3.35 26.76
CA ASP F 218 -58.30 -4.35 27.12
C ASP F 218 -58.60 -5.63 26.35
N THR F 219 -59.02 -5.46 25.10
CA THR F 219 -59.38 -6.58 24.24
C THR F 219 -58.73 -6.49 22.87
N PRO F 220 -57.70 -7.31 22.60
CA PRO F 220 -57.09 -7.22 21.27
C PRO F 220 -58.07 -7.82 20.26
N PHE F 221 -58.08 -7.27 19.05
CA PHE F 221 -58.98 -7.75 18.03
C PHE F 221 -58.98 -9.25 18.05
N THR F 222 -60.16 -9.81 18.31
CA THR F 222 -60.31 -11.25 18.38
C THR F 222 -61.57 -11.74 17.63
N ILE F 223 -61.39 -12.81 16.87
CA ILE F 223 -62.47 -13.40 16.06
C ILE F 223 -63.10 -14.65 16.68
N TYR F 224 -64.40 -14.57 16.91
CA TYR F 224 -65.16 -15.68 17.46
C TYR F 224 -65.91 -16.30 16.30
N ASP F 225 -65.64 -17.57 16.05
CA ASP F 225 -66.28 -18.30 14.98
C ASP F 225 -66.89 -19.57 15.54
N GLY F 226 -68.04 -19.94 14.96
CA GLY F 226 -68.74 -21.15 15.36
C GLY F 226 -68.88 -21.49 16.83
N GLU F 227 -68.11 -22.48 17.25
CA GLU F 227 -68.09 -22.96 18.62
C GLU F 227 -68.35 -21.89 19.68
N ALA F 228 -67.62 -20.78 19.60
CA ALA F 228 -67.72 -19.71 20.58
C ALA F 228 -68.80 -18.64 20.43
N VAL F 229 -69.73 -18.82 19.50
CA VAL F 229 -70.80 -17.82 19.34
C VAL F 229 -72.13 -18.40 19.83
N ALA F 230 -72.08 -19.66 20.28
CA ALA F 230 -73.24 -20.37 20.80
C ALA F 230 -74.03 -19.56 21.80
N LYS F 231 -73.34 -18.97 22.77
CA LYS F 231 -74.03 -18.18 23.79
C LYS F 231 -74.74 -16.91 23.32
N TYR F 232 -74.77 -16.64 22.02
CA TYR F 232 -75.40 -15.40 21.53
C TYR F 232 -76.65 -15.53 20.64
N ILE F 233 -77.09 -16.75 20.32
CA ILE F 233 -78.26 -16.94 19.45
C ILE F 233 -79.62 -16.57 20.08
N GLY G 1 -71.37 12.73 -37.83
CA GLY G 1 -71.46 11.52 -36.95
C GLY G 1 -71.50 11.96 -35.49
N THR G 2 -71.28 11.01 -34.57
CA THR G 2 -71.28 11.29 -33.12
C THR G 2 -70.15 10.52 -32.40
N GLY G 3 -70.21 10.48 -31.07
CA GLY G 3 -69.21 9.76 -30.29
C GLY G 3 -68.10 10.62 -29.73
N TYR G 4 -68.24 11.93 -29.85
CA TYR G 4 -67.23 12.85 -29.37
C TYR G 4 -67.15 12.97 -27.86
N ASP G 5 -68.06 12.32 -27.16
CA ASP G 5 -68.12 12.40 -25.71
C ASP G 5 -67.79 11.13 -24.94
N LEU G 6 -67.23 10.13 -25.61
CA LEU G 6 -66.90 8.87 -24.96
C LEU G 6 -65.47 8.82 -24.44
N SER G 7 -64.57 9.56 -25.09
CA SER G 7 -63.16 9.61 -24.71
C SER G 7 -62.76 11.01 -24.28
N ASN G 8 -62.05 11.08 -23.17
CA ASN G 8 -61.59 12.32 -22.60
C ASN G 8 -61.03 13.42 -23.50
N SER G 9 -59.79 13.30 -23.92
CA SER G 9 -59.19 14.38 -24.73
C SER G 9 -59.76 14.78 -26.10
N VAL G 10 -60.88 14.21 -26.51
CA VAL G 10 -61.42 14.50 -27.84
C VAL G 10 -62.13 15.85 -27.97
N PHE G 11 -61.79 16.60 -29.02
CA PHE G 11 -62.42 17.90 -29.27
C PHE G 11 -63.68 17.64 -30.09
N SER G 12 -64.80 18.23 -29.69
CA SER G 12 -66.04 18.09 -30.42
C SER G 12 -66.00 19.06 -31.59
N PRO G 13 -66.95 18.99 -32.53
CA PRO G 13 -66.89 19.92 -33.65
C PRO G 13 -66.94 21.39 -33.24
N ASP G 14 -67.47 21.66 -32.05
CA ASP G 14 -67.52 23.05 -31.59
C ASP G 14 -66.43 23.41 -30.55
N GLY G 15 -65.38 22.58 -30.48
CA GLY G 15 -64.27 22.82 -29.59
C GLY G 15 -64.36 22.51 -28.11
N ARG G 16 -65.34 21.71 -27.71
CA ARG G 16 -65.53 21.39 -26.30
C ARG G 16 -64.97 20.01 -25.92
N ASN G 17 -64.66 19.81 -24.65
CA ASN G 17 -64.17 18.52 -24.20
C ASN G 17 -65.31 18.01 -23.34
N PHE G 18 -66.22 17.28 -23.97
CA PHE G 18 -67.41 16.76 -23.28
C PHE G 18 -67.15 16.01 -21.99
N GLN G 19 -66.10 15.20 -21.92
CA GLN G 19 -65.83 14.50 -20.68
C GLN G 19 -65.59 15.46 -19.51
N VAL G 20 -64.96 16.60 -19.78
CA VAL G 20 -64.71 17.58 -18.73
C VAL G 20 -66.04 18.17 -18.30
N GLU G 21 -66.94 18.34 -19.26
CA GLU G 21 -68.26 18.92 -18.97
C GLU G 21 -69.12 18.00 -18.11
N TYR G 22 -69.00 16.70 -18.29
CA TYR G 22 -69.78 15.74 -17.50
C TYR G 22 -69.22 15.70 -16.08
N ALA G 23 -67.93 15.98 -15.96
CA ALA G 23 -67.27 16.00 -14.66
C ALA G 23 -67.90 17.13 -13.87
N VAL G 24 -68.14 18.24 -14.55
CA VAL G 24 -68.77 19.39 -13.90
C VAL G 24 -70.14 18.99 -13.36
N LYS G 25 -70.82 18.10 -14.06
CA LYS G 25 -72.12 17.67 -13.60
C LYS G 25 -72.02 16.91 -12.27
N ALA G 26 -70.92 16.18 -12.07
CA ALA G 26 -70.70 15.44 -10.83
C ALA G 26 -70.46 16.44 -9.69
N VAL G 27 -69.83 17.55 -10.02
CA VAL G 27 -69.54 18.61 -9.06
C VAL G 27 -70.86 19.32 -8.64
N GLU G 28 -71.74 19.58 -9.60
CA GLU G 28 -73.02 20.24 -9.34
C GLU G 28 -73.97 19.39 -8.51
N ASN G 29 -73.75 18.08 -8.50
CA ASN G 29 -74.59 17.16 -7.75
C ASN G 29 -74.02 17.04 -6.34
N GLY G 30 -72.95 17.79 -6.06
CA GLY G 30 -72.34 17.72 -4.76
C GLY G 30 -72.73 18.81 -3.79
N THR G 31 -72.29 18.62 -2.57
CA THR G 31 -72.51 19.54 -1.45
C THR G 31 -71.98 20.92 -1.75
N THR G 32 -72.54 21.95 -1.13
CA THR G 32 -72.04 23.27 -1.37
C THR G 32 -70.91 23.62 -0.41
N SER G 33 -69.87 24.23 -0.95
CA SER G 33 -68.72 24.64 -0.18
C SER G 33 -68.38 26.03 -0.69
N ILE G 34 -67.84 26.88 0.17
CA ILE G 34 -67.51 28.24 -0.22
C ILE G 34 -66.21 28.70 0.35
N GLY G 35 -65.80 29.86 -0.10
CA GLY G 35 -64.60 30.49 0.38
C GLY G 35 -64.89 31.96 0.37
N ILE G 36 -64.44 32.67 1.39
CA ILE G 36 -64.64 34.09 1.45
C ILE G 36 -63.29 34.68 1.76
N LYS G 37 -62.84 35.62 0.95
CA LYS G 37 -61.56 36.28 1.19
C LYS G 37 -61.84 37.47 2.08
N CYS G 38 -60.95 37.72 3.03
CA CYS G 38 -61.15 38.85 3.91
C CYS G 38 -59.99 39.83 3.91
N ASN G 39 -60.06 40.82 4.79
CA ASN G 39 -59.04 41.86 4.85
C ASN G 39 -57.62 41.37 5.07
N ASP G 40 -57.47 40.18 5.64
CA ASP G 40 -56.15 39.60 5.89
C ASP G 40 -56.12 38.07 5.96
N GLY G 41 -57.03 37.41 5.24
CA GLY G 41 -57.06 35.95 5.25
C GLY G 41 -58.15 35.38 4.37
N VAL G 42 -58.58 34.16 4.66
CA VAL G 42 -59.62 33.50 3.90
C VAL G 42 -60.34 32.60 4.86
N VAL G 43 -61.61 32.35 4.57
CA VAL G 43 -62.42 31.47 5.38
C VAL G 43 -63.04 30.51 4.40
N PHE G 44 -63.08 29.26 4.78
CA PHE G 44 -63.64 28.23 3.93
C PHE G 44 -64.76 27.63 4.75
N ALA G 45 -65.80 27.19 4.10
CA ALA G 45 -66.89 26.59 4.83
C ALA G 45 -67.50 25.60 3.89
N VAL G 46 -68.11 24.57 4.44
CA VAL G 46 -68.71 23.57 3.61
C VAL G 46 -69.89 22.96 4.33
N GLU G 47 -70.82 22.47 3.54
CA GLU G 47 -72.02 21.82 4.03
C GLU G 47 -71.75 20.32 4.10
N LYS G 48 -72.00 19.68 5.23
CA LYS G 48 -71.77 18.25 5.30
C LYS G 48 -73.12 17.58 5.51
N LEU G 49 -73.58 16.77 4.56
CA LEU G 49 -74.86 16.12 4.73
C LEU G 49 -74.87 14.94 5.65
N ILE G 50 -75.84 14.95 6.55
CA ILE G 50 -76.01 13.89 7.53
C ILE G 50 -76.91 12.78 6.97
N THR G 51 -76.28 11.85 6.26
CA THR G 51 -76.98 10.71 5.66
C THR G 51 -77.85 9.95 6.69
N SER G 52 -77.50 10.05 7.98
CA SER G 52 -78.23 9.34 9.05
C SER G 52 -77.70 9.72 10.44
N LYS G 53 -78.41 9.29 11.49
CA LYS G 53 -78.00 9.59 12.86
C LYS G 53 -76.77 8.77 13.27
N LEU G 54 -76.46 7.74 12.51
CA LEU G 54 -75.33 6.87 12.82
C LEU G 54 -73.95 7.49 12.58
N LEU G 55 -73.90 8.60 11.84
CA LEU G 55 -72.63 9.26 11.57
C LEU G 55 -72.14 9.93 12.85
N VAL G 56 -70.88 9.69 13.23
CA VAL G 56 -70.35 10.32 14.44
C VAL G 56 -70.17 11.81 14.20
N PRO G 57 -70.83 12.66 15.01
CA PRO G 57 -70.72 14.10 14.86
C PRO G 57 -69.33 14.73 15.00
N GLN G 58 -69.00 15.57 14.03
CA GLN G 58 -67.75 16.32 13.97
C GLN G 58 -66.48 15.56 13.61
N LYS G 59 -66.62 14.29 13.22
CA LYS G 59 -65.47 13.45 12.89
C LYS G 59 -65.09 13.27 11.42
N ASN G 60 -66.07 13.31 10.52
CA ASN G 60 -65.77 13.14 9.10
C ASN G 60 -65.35 14.43 8.45
N VAL G 61 -64.20 14.94 8.88
CA VAL G 61 -63.67 16.21 8.41
C VAL G 61 -63.43 16.24 6.90
N LYS G 62 -63.96 17.28 6.27
CA LYS G 62 -63.85 17.45 4.84
C LYS G 62 -62.84 18.50 4.40
N ILE G 63 -62.66 19.57 5.17
CA ILE G 63 -61.70 20.61 4.81
C ILE G 63 -60.30 20.08 5.05
N GLN G 64 -59.37 20.36 4.15
CA GLN G 64 -58.02 19.86 4.32
C GLN G 64 -56.98 20.94 4.26
N VAL G 65 -55.88 20.72 4.96
CA VAL G 65 -54.79 21.68 5.00
C VAL G 65 -53.66 21.15 4.12
N VAL G 66 -52.95 22.06 3.49
CA VAL G 66 -51.82 21.72 2.65
C VAL G 66 -50.72 22.54 3.29
N ASP G 67 -49.59 21.91 3.54
CA ASP G 67 -48.49 22.57 4.20
C ASP G 67 -49.09 23.03 5.53
N ARG G 68 -48.83 24.26 5.95
CA ARG G 68 -49.39 24.74 7.20
C ARG G 68 -50.19 26.01 7.02
N HIS G 69 -50.27 26.50 5.80
CA HIS G 69 -50.95 27.75 5.54
C HIS G 69 -52.03 27.74 4.47
N ILE G 70 -52.28 26.58 3.86
CA ILE G 70 -53.28 26.49 2.80
C ILE G 70 -54.46 25.64 3.22
N GLY G 71 -55.67 26.12 2.94
CA GLY G 71 -56.84 25.36 3.26
C GLY G 71 -57.46 24.98 1.93
N CYS G 72 -58.04 23.79 1.86
CA CYS G 72 -58.69 23.30 0.65
C CYS G 72 -60.01 22.64 0.96
N VAL G 73 -61.03 22.99 0.22
CA VAL G 73 -62.33 22.39 0.38
C VAL G 73 -62.82 22.20 -1.05
N TYR G 74 -63.62 21.18 -1.28
CA TYR G 74 -64.12 20.89 -2.63
C TYR G 74 -65.49 20.26 -2.61
N SER G 75 -66.14 20.30 -3.77
CA SER G 75 -67.47 19.71 -3.93
C SER G 75 -67.41 18.76 -5.10
N GLY G 76 -68.17 17.68 -5.04
CA GLY G 76 -68.19 16.71 -6.12
C GLY G 76 -67.91 15.33 -5.57
N LEU G 77 -67.00 14.65 -6.24
CA LEU G 77 -66.58 13.32 -5.83
C LEU G 77 -65.48 13.52 -4.78
N ILE G 78 -65.82 13.28 -3.51
CA ILE G 78 -64.87 13.46 -2.41
C ILE G 78 -63.50 12.82 -2.62
N PRO G 79 -63.45 11.53 -3.03
CA PRO G 79 -62.15 10.88 -3.23
C PRO G 79 -61.26 11.61 -4.23
N ASP G 80 -61.84 12.15 -5.30
CA ASP G 80 -61.06 12.87 -6.30
C ASP G 80 -60.43 14.06 -5.64
N GLY G 81 -61.16 14.67 -4.71
CA GLY G 81 -60.65 15.84 -4.01
C GLY G 81 -59.47 15.45 -3.18
N ARG G 82 -59.59 14.36 -2.44
CA ARG G 82 -58.49 13.87 -1.63
C ARG G 82 -57.26 13.62 -2.51
N HIS G 83 -57.47 13.02 -3.68
CA HIS G 83 -56.39 12.76 -4.64
C HIS G 83 -55.69 14.07 -5.02
N LEU G 84 -56.46 15.12 -5.30
CA LEU G 84 -55.90 16.41 -5.67
C LEU G 84 -55.11 17.03 -4.50
N VAL G 85 -55.62 16.89 -3.28
CA VAL G 85 -54.94 17.41 -2.10
C VAL G 85 -53.63 16.67 -1.83
N ASN G 86 -53.62 15.35 -2.03
CA ASN G 86 -52.41 14.56 -1.86
C ASN G 86 -51.33 15.06 -2.81
N ARG G 87 -51.72 15.41 -4.03
CA ARG G 87 -50.77 15.93 -5.00
C ARG G 87 -50.37 17.32 -4.56
N GLY G 88 -51.34 18.09 -4.10
CA GLY G 88 -51.04 19.43 -3.65
C GLY G 88 -49.97 19.40 -2.59
N ARG G 89 -50.10 18.46 -1.66
CA ARG G 89 -49.15 18.30 -0.57
C ARG G 89 -47.75 17.92 -1.05
N GLU G 90 -47.68 17.02 -2.03
CA GLU G 90 -46.40 16.61 -2.58
C GLU G 90 -45.73 17.79 -3.25
N GLU G 91 -46.53 18.59 -3.94
CA GLU G 91 -46.05 19.75 -4.65
C GLU G 91 -45.59 20.88 -3.71
N ALA G 92 -46.33 21.08 -2.62
CA ALA G 92 -45.99 22.10 -1.65
C ALA G 92 -44.67 21.72 -0.99
N ALA G 93 -44.51 20.44 -0.64
CA ALA G 93 -43.29 19.92 -0.02
C ALA G 93 -42.07 20.09 -0.92
N SER G 94 -42.23 19.77 -2.19
CA SER G 94 -41.16 19.89 -3.18
C SER G 94 -40.70 21.32 -3.24
N PHE G 95 -41.66 22.24 -3.26
CA PHE G 95 -41.35 23.65 -3.31
C PHE G 95 -40.55 24.09 -2.09
N LYS G 96 -41.03 23.76 -0.89
CA LYS G 96 -40.34 24.14 0.35
C LYS G 96 -38.96 23.51 0.44
N LYS G 97 -38.83 22.26 0.01
CA LYS G 97 -37.56 21.55 0.06
C LYS G 97 -36.46 22.24 -0.74
N LEU G 98 -36.78 22.65 -1.96
CA LEU G 98 -35.83 23.33 -2.84
C LEU G 98 -35.63 24.84 -2.59
N TYR G 99 -36.71 25.55 -2.23
CA TYR G 99 -36.63 27.00 -2.02
C TYR G 99 -36.74 27.52 -0.58
N LYS G 100 -36.91 26.63 0.39
CA LYS G 100 -37.00 26.97 1.82
C LYS G 100 -38.27 27.69 2.30
N THR G 101 -38.81 28.59 1.49
CA THR G 101 -40.01 29.33 1.87
C THR G 101 -41.29 28.51 1.56
N PRO G 102 -42.32 28.59 2.44
CA PRO G 102 -43.54 27.82 2.12
C PRO G 102 -44.16 28.33 0.82
N ILE G 103 -44.75 27.43 0.04
CA ILE G 103 -45.30 27.79 -1.27
C ILE G 103 -46.32 28.91 -1.30
N PRO G 104 -46.05 29.94 -2.12
CA PRO G 104 -46.93 31.09 -2.28
C PRO G 104 -48.24 30.56 -2.78
N ILE G 105 -49.33 31.24 -2.47
CA ILE G 105 -50.62 30.78 -2.90
C ILE G 105 -50.80 30.81 -4.43
N PRO G 106 -50.26 31.84 -5.13
CA PRO G 106 -50.45 31.82 -6.58
C PRO G 106 -49.68 30.69 -7.24
N ALA G 107 -48.56 30.32 -6.64
CA ALA G 107 -47.74 29.23 -7.16
C ALA G 107 -48.46 27.91 -6.97
N PHE G 108 -49.01 27.72 -5.78
CA PHE G 108 -49.77 26.52 -5.42
C PHE G 108 -50.97 26.30 -6.32
N ALA G 109 -51.69 27.38 -6.59
CA ALA G 109 -52.86 27.31 -7.44
C ALA G 109 -52.44 26.76 -8.78
N ASP G 110 -51.43 27.34 -9.39
CA ASP G 110 -50.99 26.85 -10.68
C ASP G 110 -50.53 25.39 -10.62
N ARG G 111 -49.98 24.96 -9.50
CA ARG G 111 -49.56 23.57 -9.38
C ARG G 111 -50.79 22.70 -9.50
N LEU G 112 -51.85 23.04 -8.78
CA LEU G 112 -53.09 22.27 -8.86
C LEU G 112 -53.64 22.34 -10.27
N GLY G 113 -53.62 23.53 -10.85
CA GLY G 113 -54.13 23.73 -12.18
C GLY G 113 -53.47 22.88 -13.24
N GLN G 114 -52.14 22.86 -13.28
CA GLN G 114 -51.43 22.08 -14.28
C GLN G 114 -51.70 20.59 -14.18
N TYR G 115 -51.91 20.11 -12.96
CA TYR G 115 -52.17 18.69 -12.72
C TYR G 115 -53.56 18.32 -13.22
N VAL G 116 -54.56 19.14 -12.86
CA VAL G 116 -55.94 18.93 -13.28
C VAL G 116 -56.04 19.04 -14.80
N GLN G 117 -55.39 20.03 -15.38
CA GLN G 117 -55.42 20.21 -16.83
C GLN G 117 -54.81 18.99 -17.45
N ALA G 118 -53.76 18.47 -16.83
CA ALA G 118 -53.10 17.30 -17.36
C ALA G 118 -54.09 16.17 -17.52
N HIS G 119 -55.12 16.13 -16.69
CA HIS G 119 -56.11 15.07 -16.79
C HIS G 119 -57.17 15.32 -17.84
N THR G 120 -56.95 16.29 -18.71
CA THR G 120 -57.89 16.59 -19.78
C THR G 120 -57.13 16.41 -21.08
N LEU G 121 -55.90 15.91 -20.98
CA LEU G 121 -55.06 15.75 -22.15
C LEU G 121 -55.01 14.34 -22.77
N TYR G 122 -55.50 13.34 -22.07
CA TYR G 122 -55.40 11.98 -22.59
C TYR G 122 -56.69 11.22 -22.37
N ASN G 123 -56.97 10.22 -23.20
CA ASN G 123 -58.16 9.43 -23.01
C ASN G 123 -57.97 8.33 -21.99
N SER G 124 -56.74 8.16 -21.52
CA SER G 124 -56.47 7.12 -20.56
C SER G 124 -56.72 7.53 -19.13
N VAL G 125 -57.13 8.77 -18.92
CA VAL G 125 -57.44 9.27 -17.58
C VAL G 125 -58.77 9.97 -17.62
N ARG G 126 -59.42 10.02 -16.48
CA ARG G 126 -60.70 10.68 -16.35
C ARG G 126 -60.46 12.03 -15.66
N PRO G 127 -61.20 13.08 -16.07
CA PRO G 127 -61.02 14.40 -15.45
C PRO G 127 -61.45 14.35 -13.97
N PHE G 128 -60.98 15.30 -13.18
CA PHE G 128 -61.37 15.33 -11.79
C PHE G 128 -62.81 15.69 -11.64
N GLY G 129 -63.53 14.98 -10.80
CA GLY G 129 -64.92 15.29 -10.57
C GLY G 129 -65.10 16.20 -9.37
N VAL G 130 -64.33 17.28 -9.27
CA VAL G 130 -64.45 18.24 -8.16
C VAL G 130 -64.02 19.64 -8.55
N SER G 131 -64.58 20.61 -7.83
CA SER G 131 -64.21 22.02 -7.98
C SER G 131 -63.65 22.26 -6.59
N THR G 132 -62.46 22.83 -6.53
CA THR G 132 -61.78 23.05 -5.26
C THR G 132 -61.59 24.50 -4.94
N ILE G 133 -61.99 24.89 -3.74
CA ILE G 133 -61.85 26.26 -3.26
C ILE G 133 -60.71 26.17 -2.27
N PHE G 134 -59.70 27.00 -2.45
CA PHE G 134 -58.55 26.93 -1.57
C PHE G 134 -57.81 28.25 -1.54
N GLY G 135 -56.89 28.34 -0.60
CA GLY G 135 -56.11 29.56 -0.51
C GLY G 135 -55.49 29.62 0.87
N GLY G 136 -54.88 30.74 1.19
CA GLY G 136 -54.25 30.91 2.48
C GLY G 136 -53.51 32.22 2.47
N VAL G 137 -52.56 32.38 3.38
CA VAL G 137 -51.79 33.63 3.46
C VAL G 137 -50.33 33.43 3.09
N ASP G 138 -49.76 34.37 2.36
CA ASP G 138 -48.35 34.26 2.02
C ASP G 138 -47.59 35.57 2.19
N LYS G 139 -46.38 35.64 1.64
CA LYS G 139 -45.52 36.82 1.73
C LYS G 139 -46.24 38.14 1.42
N ASN G 140 -47.19 38.11 0.50
CA ASN G 140 -47.94 39.32 0.15
C ASN G 140 -49.47 39.27 0.14
N GLY G 141 -50.04 38.85 1.25
CA GLY G 141 -51.48 38.86 1.38
C GLY G 141 -52.22 37.55 1.37
N ALA G 142 -53.53 37.67 1.41
CA ALA G 142 -54.40 36.53 1.38
C ALA G 142 -54.77 36.28 -0.07
N HIS G 143 -55.14 35.04 -0.39
CA HIS G 143 -55.54 34.68 -1.72
C HIS G 143 -56.57 33.59 -1.65
N LEU G 144 -57.60 33.69 -2.48
CA LEU G 144 -58.66 32.68 -2.53
C LEU G 144 -58.73 32.27 -3.98
N TYR G 145 -58.92 30.99 -4.24
CA TYR G 145 -59.01 30.50 -5.61
C TYR G 145 -60.05 29.40 -5.72
N MET G 146 -60.54 29.18 -6.93
CA MET G 146 -61.49 28.11 -7.20
C MET G 146 -61.02 27.47 -8.51
N LEU G 147 -60.91 26.15 -8.49
CA LEU G 147 -60.43 25.37 -9.64
C LEU G 147 -61.48 24.41 -10.17
N GLU G 148 -61.72 24.47 -11.48
CA GLU G 148 -62.74 23.65 -12.13
C GLU G 148 -62.13 22.41 -12.77
N PRO G 149 -62.97 21.42 -13.09
CA PRO G 149 -62.49 20.19 -13.70
C PRO G 149 -61.66 20.37 -14.97
N SER G 150 -61.83 21.49 -15.65
CA SER G 150 -61.08 21.75 -16.88
C SER G 150 -59.65 22.17 -16.58
N GLY G 151 -59.40 22.50 -15.31
CA GLY G 151 -58.10 22.97 -14.91
C GLY G 151 -58.12 24.48 -14.81
N SER G 152 -59.23 25.08 -15.22
CA SER G 152 -59.37 26.52 -15.17
C SER G 152 -59.46 26.98 -13.72
N TYR G 153 -58.77 28.06 -13.39
CA TYR G 153 -58.80 28.62 -12.04
C TYR G 153 -58.52 30.11 -12.13
N TRP G 154 -59.06 30.85 -11.18
CA TRP G 154 -58.84 32.28 -11.13
C TRP G 154 -58.90 32.61 -9.66
N GLY G 155 -58.52 33.84 -9.31
CA GLY G 155 -58.58 34.28 -7.93
C GLY G 155 -59.96 34.83 -7.63
N TYR G 156 -60.43 34.73 -6.40
CA TYR G 156 -61.76 35.18 -6.03
C TYR G 156 -61.80 36.11 -4.82
N LYS G 157 -62.94 36.79 -4.65
CA LYS G 157 -63.19 37.65 -3.51
C LYS G 157 -64.06 36.78 -2.61
N GLY G 158 -64.82 35.90 -3.24
CA GLY G 158 -65.69 34.97 -2.55
C GLY G 158 -65.92 33.89 -3.59
N ALA G 159 -66.18 32.66 -3.18
CA ALA G 159 -66.38 31.60 -4.15
C ALA G 159 -67.33 30.59 -3.62
N ALA G 160 -68.04 29.94 -4.51
CA ALA G 160 -69.01 28.96 -4.12
C ALA G 160 -69.11 27.90 -5.19
N THR G 161 -69.39 26.69 -4.77
CA THR G 161 -69.51 25.61 -5.71
C THR G 161 -70.43 24.58 -5.04
N GLY G 162 -71.02 23.68 -5.84
CA GLY G 162 -71.93 22.67 -5.31
C GLY G 162 -73.38 22.99 -5.68
N LYS G 163 -74.32 22.20 -5.16
CA LYS G 163 -75.76 22.37 -5.43
C LYS G 163 -76.31 23.76 -5.15
N GLY G 164 -75.98 24.31 -3.99
CA GLY G 164 -76.46 25.64 -3.65
C GLY G 164 -75.59 26.76 -4.13
N ARG G 165 -74.72 26.50 -5.09
CA ARG G 165 -73.79 27.50 -5.58
C ARG G 165 -74.40 28.85 -5.94
N GLN G 166 -75.59 28.83 -6.56
CA GLN G 166 -76.26 30.07 -6.97
C GLN G 166 -76.71 30.94 -5.80
N SER G 167 -77.34 30.36 -4.77
CA SER G 167 -77.75 31.18 -3.62
C SER G 167 -76.49 31.75 -3.00
N ALA G 168 -75.48 30.89 -2.86
CA ALA G 168 -74.20 31.28 -2.27
C ALA G 168 -73.60 32.43 -3.04
N LYS G 169 -73.39 32.25 -4.32
CA LYS G 169 -72.82 33.32 -5.12
C LYS G 169 -73.70 34.55 -4.96
N ALA G 170 -75.01 34.35 -4.83
CA ALA G 170 -75.91 35.48 -4.65
C ALA G 170 -75.57 36.21 -3.38
N GLU G 171 -75.54 35.46 -2.28
CA GLU G 171 -75.22 36.03 -0.99
C GLU G 171 -73.82 36.60 -0.98
N LEU G 172 -72.90 35.95 -1.72
CA LEU G 172 -71.52 36.39 -1.81
C LEU G 172 -71.44 37.74 -2.51
N GLU G 173 -72.21 37.93 -3.58
CA GLU G 173 -72.21 39.21 -4.29
C GLU G 173 -72.71 40.33 -3.36
N LYS G 174 -73.66 40.01 -2.47
CA LYS G 174 -74.19 41.00 -1.50
C LYS G 174 -73.03 41.51 -0.63
N LEU G 175 -72.25 40.59 -0.05
CA LEU G 175 -71.13 40.96 0.81
C LEU G 175 -70.08 41.81 0.12
N VAL G 176 -69.71 41.46 -1.10
CA VAL G 176 -68.70 42.23 -1.85
C VAL G 176 -69.18 43.63 -2.20
N ASP G 177 -70.49 43.82 -2.38
CA ASP G 177 -71.07 45.14 -2.69
C ASP G 177 -71.17 46.07 -1.44
N HIS G 178 -71.67 45.54 -0.32
CA HIS G 178 -71.83 46.31 0.93
C HIS G 178 -70.52 46.63 1.69
N HIS G 179 -69.56 45.70 1.69
CA HIS G 179 -68.30 45.89 2.40
C HIS G 179 -67.08 45.92 1.44
N PRO G 180 -66.84 47.04 0.72
CA PRO G 180 -65.70 47.14 -0.21
C PRO G 180 -64.36 47.36 0.51
N GLU G 181 -64.47 47.78 1.77
CA GLU G 181 -63.36 48.02 2.68
C GLU G 181 -62.64 46.72 2.99
N GLY G 182 -63.41 45.63 3.01
CA GLY G 182 -62.90 44.32 3.34
C GLY G 182 -63.82 43.77 4.40
N LEU G 183 -63.52 42.59 4.93
CA LEU G 183 -64.36 41.99 5.95
C LEU G 183 -63.39 41.43 6.98
N SER G 184 -63.69 41.56 8.25
CA SER G 184 -62.80 41.02 9.27
C SER G 184 -62.95 39.51 9.21
N ALA G 185 -61.93 38.77 9.60
CA ALA G 185 -62.02 37.32 9.60
C ALA G 185 -63.19 36.86 10.46
N ARG G 186 -63.38 37.54 11.60
CA ARG G 186 -64.46 37.23 12.54
C ARG G 186 -65.83 37.32 11.81
N GLU G 187 -66.05 38.41 11.09
CA GLU G 187 -67.29 38.61 10.35
C GLU G 187 -67.40 37.60 9.24
N ALA G 188 -66.31 37.38 8.52
CA ALA G 188 -66.30 36.42 7.43
C ALA G 188 -66.67 35.03 7.91
N VAL G 189 -66.22 34.67 9.09
CA VAL G 189 -66.55 33.37 9.64
C VAL G 189 -68.07 33.33 9.84
N LYS G 190 -68.61 34.38 10.44
CA LYS G 190 -70.04 34.48 10.70
C LYS G 190 -70.81 34.43 9.39
N GLN G 191 -70.40 35.28 8.45
CA GLN G 191 -71.03 35.36 7.15
C GLN G 191 -70.96 34.05 6.35
N ALA G 192 -69.82 33.35 6.44
CA ALA G 192 -69.66 32.09 5.76
C ALA G 192 -70.71 31.13 6.30
N ALA G 193 -70.83 31.07 7.62
CA ALA G 193 -71.80 30.19 8.26
C ALA G 193 -73.20 30.52 7.77
N LYS G 194 -73.46 31.80 7.60
CA LYS G 194 -74.75 32.26 7.13
C LYS G 194 -74.95 31.73 5.73
N ILE G 195 -74.05 32.09 4.82
CA ILE G 195 -74.13 31.69 3.44
C ILE G 195 -74.34 30.20 3.25
N ILE G 196 -73.73 29.39 4.08
CA ILE G 196 -73.91 27.96 3.96
C ILE G 196 -75.31 27.56 4.41
N TYR G 197 -75.78 28.14 5.51
CA TYR G 197 -77.11 27.84 6.01
C TYR G 197 -78.14 28.19 4.97
N LEU G 198 -78.03 29.40 4.40
CA LEU G 198 -78.95 29.85 3.36
C LEU G 198 -78.81 28.94 2.15
N ALA G 199 -77.57 28.67 1.74
CA ALA G 199 -77.34 27.79 0.61
C ALA G 199 -77.93 26.43 0.88
N HIS G 200 -77.94 26.04 2.15
CA HIS G 200 -78.48 24.75 2.52
C HIS G 200 -79.93 24.53 2.08
N GLU G 201 -80.67 25.60 1.81
CA GLU G 201 -82.06 25.48 1.37
C GLU G 201 -82.19 24.73 0.02
N ASP G 202 -81.14 24.81 -0.79
CA ASP G 202 -81.08 24.16 -2.10
C ASP G 202 -80.96 22.64 -1.95
N ASN G 203 -81.06 22.17 -0.70
CA ASN G 203 -80.95 20.76 -0.36
C ASN G 203 -81.65 20.55 0.99
N LYS G 204 -82.73 21.29 1.21
CA LYS G 204 -83.51 21.27 2.46
C LYS G 204 -84.13 19.97 2.98
N GLU G 205 -83.91 18.83 2.32
CA GLU G 205 -84.51 17.57 2.77
C GLU G 205 -83.73 16.71 3.79
N LYS G 206 -82.47 17.06 4.04
CA LYS G 206 -81.63 16.32 4.98
C LYS G 206 -81.07 17.31 6.01
N ASP G 207 -80.79 16.85 7.24
CA ASP G 207 -80.23 17.75 8.26
C ASP G 207 -78.73 17.89 7.92
N PHE G 208 -78.07 18.94 8.41
CA PHE G 208 -76.64 19.12 8.07
C PHE G 208 -75.71 19.52 9.19
N GLU G 209 -74.42 19.50 8.87
CA GLU G 209 -73.37 19.86 9.80
C GLU G 209 -72.49 20.89 9.11
N LEU G 210 -72.17 21.95 9.85
CA LEU G 210 -71.35 23.03 9.33
C LEU G 210 -69.90 22.85 9.69
N GLU G 211 -69.05 23.15 8.73
CA GLU G 211 -67.64 23.07 8.92
C GLU G 211 -67.02 24.34 8.39
N ILE G 212 -66.25 25.01 9.24
CA ILE G 212 -65.58 26.23 8.85
C ILE G 212 -64.13 26.16 9.27
N SER G 213 -63.29 26.88 8.53
CA SER G 213 -61.87 26.95 8.81
C SER G 213 -61.43 28.27 8.22
N TRP G 214 -60.26 28.74 8.65
CA TRP G 214 -59.74 29.99 8.16
C TRP G 214 -58.25 30.02 8.32
N CYS G 215 -57.66 30.99 7.66
CA CYS G 215 -56.24 31.24 7.69
C CYS G 215 -56.26 32.75 7.70
N SER G 216 -55.76 33.33 8.78
CA SER G 216 -55.76 34.77 8.93
C SER G 216 -54.46 35.22 9.59
N LEU G 217 -53.91 36.32 9.11
CA LEU G 217 -52.68 36.87 9.63
C LEU G 217 -52.78 37.37 11.07
N SER G 218 -53.99 37.72 11.51
CA SER G 218 -54.21 38.22 12.88
C SER G 218 -54.92 37.26 13.86
N GLU G 219 -55.78 36.39 13.35
CA GLU G 219 -56.49 35.44 14.20
C GLU G 219 -55.84 34.05 14.29
N THR G 220 -55.12 33.64 13.25
CA THR G 220 -54.49 32.32 13.24
C THR G 220 -52.98 32.33 12.96
N ASN G 221 -52.43 33.51 12.73
CA ASN G 221 -51.00 33.68 12.47
C ASN G 221 -50.53 33.33 11.07
N GLY G 222 -51.44 33.25 10.12
CA GLY G 222 -51.05 32.91 8.76
C GLY G 222 -50.97 31.41 8.60
N LEU G 223 -51.51 30.69 9.58
CA LEU G 223 -51.54 29.25 9.59
C LEU G 223 -52.98 28.85 9.47
N HIS G 224 -53.24 27.66 8.94
CA HIS G 224 -54.61 27.20 8.78
C HIS G 224 -55.08 26.46 10.03
N LYS G 225 -56.26 26.85 10.52
CA LYS G 225 -56.82 26.21 11.68
C LYS G 225 -58.31 26.08 11.47
N PHE G 226 -58.89 25.00 11.99
CA PHE G 226 -60.31 24.78 11.88
C PHE G 226 -61.00 25.62 12.91
N VAL G 227 -62.24 26.00 12.60
CA VAL G 227 -63.00 26.80 13.53
C VAL G 227 -63.65 25.79 14.44
N LYS G 228 -63.23 25.81 15.71
CA LYS G 228 -63.75 24.88 16.72
C LYS G 228 -64.22 25.67 17.94
N GLY G 229 -64.99 24.98 18.81
CA GLY G 229 -65.48 25.56 20.05
C GLY G 229 -66.39 26.79 20.05
N ASP G 230 -66.05 27.76 20.91
CA ASP G 230 -66.82 29.00 21.06
C ASP G 230 -67.06 29.63 19.70
N LEU G 231 -65.97 29.88 19.00
CA LEU G 231 -65.99 30.51 17.70
C LEU G 231 -66.99 29.89 16.74
N LEU G 232 -67.04 28.57 16.70
CA LEU G 232 -67.96 27.88 15.81
C LEU G 232 -69.41 28.06 16.22
N GLN G 233 -69.73 27.89 17.50
CA GLN G 233 -71.13 28.04 17.94
C GLN G 233 -71.66 29.46 17.70
N GLU G 234 -70.82 30.46 17.95
CA GLU G 234 -71.19 31.85 17.73
C GLU G 234 -71.67 32.03 16.27
N ALA G 235 -70.93 31.45 15.32
CA ALA G 235 -71.28 31.54 13.90
C ALA G 235 -72.54 30.72 13.56
N ILE G 236 -72.74 29.59 14.23
CA ILE G 236 -73.94 28.77 13.98
C ILE G 236 -75.15 29.55 14.44
N ASP G 237 -75.08 30.13 15.64
CA ASP G 237 -76.18 30.91 16.17
C ASP G 237 -76.52 32.08 15.24
N PHE G 238 -75.52 32.90 14.90
CA PHE G 238 -75.69 34.05 14.00
C PHE G 238 -76.38 33.58 12.72
N ALA G 239 -76.11 32.34 12.30
CA ALA G 239 -76.71 31.78 11.10
C ALA G 239 -78.19 31.46 11.30
N GLN G 240 -78.52 30.66 12.32
CA GLN G 240 -79.93 30.32 12.57
C GLN G 240 -80.74 31.57 12.96
N LYS G 241 -80.03 32.68 13.20
CA LYS G 241 -80.64 33.96 13.55
C LYS G 241 -81.11 34.70 12.30
N GLU G 242 -80.18 34.99 11.37
CA GLU G 242 -80.51 35.70 10.11
C GLU G 242 -81.25 34.88 9.05
N ILE G 243 -81.77 33.70 9.41
CA ILE G 243 -82.51 32.83 8.49
C ILE G 243 -84.01 33.19 8.42
N ASN G 244 -84.55 33.64 9.56
CA ASN G 244 -85.96 34.01 9.69
C ASN G 244 -86.08 35.53 9.98
N LEU H 1 -10.44 17.94 -3.88
CA LEU H 1 -9.90 18.64 -5.10
C LEU H 1 -9.15 17.63 -5.98
N LYS H 2 -9.55 17.54 -7.23
CA LYS H 2 -8.96 16.61 -8.18
C LYS H 2 -7.54 16.99 -8.54
N LYS H 3 -6.72 15.99 -8.80
CA LYS H 3 -5.35 16.22 -9.14
C LYS H 3 -5.16 17.08 -10.38
N GLY H 4 -4.52 18.24 -10.19
CA GLY H 4 -4.23 19.12 -11.31
C GLY H 4 -5.26 20.09 -11.82
N GLU H 5 -6.47 20.08 -11.28
CA GLU H 5 -7.48 21.00 -11.76
C GLU H 5 -7.22 22.41 -11.22
N VAL H 6 -7.81 23.42 -11.87
CA VAL H 6 -7.65 24.80 -11.45
C VAL H 6 -8.32 25.05 -10.11
N SER H 7 -7.57 25.67 -9.20
CA SER H 7 -8.02 26.00 -7.85
C SER H 7 -8.25 27.51 -7.76
N LEU H 8 -9.22 27.92 -6.96
CA LEU H 8 -9.51 29.34 -6.79
C LEU H 8 -8.70 29.95 -5.64
N GLY H 9 -8.10 29.12 -4.78
CA GLY H 9 -7.34 29.63 -3.64
C GLY H 9 -8.29 30.63 -3.02
N ALA H 10 -8.05 31.90 -3.32
CA ALA H 10 -8.93 33.00 -2.93
C ALA H 10 -9.01 33.57 -1.54
N SER H 11 -9.41 34.83 -1.52
CA SER H 11 -9.67 35.59 -0.32
C SER H 11 -10.96 36.24 -0.76
N ILE H 12 -12.07 35.76 -0.20
CA ILE H 12 -13.37 36.28 -0.55
C ILE H 12 -14.14 36.56 0.71
N MET H 13 -15.00 37.56 0.68
CA MET H 13 -15.82 37.87 1.83
C MET H 13 -17.01 38.64 1.35
N ALA H 14 -18.06 38.66 2.15
CA ALA H 14 -19.24 39.43 1.79
C ALA H 14 -19.61 40.09 3.10
N VAL H 15 -19.86 41.39 3.06
CA VAL H 15 -20.18 42.14 4.28
C VAL H 15 -21.47 42.94 4.15
N THR H 16 -22.39 42.75 5.08
CA THR H 16 -23.63 43.50 5.05
C THR H 16 -23.39 44.85 5.73
N PHE H 17 -24.09 45.88 5.28
CA PHE H 17 -23.99 47.22 5.87
C PHE H 17 -25.35 47.92 5.85
N LYS H 18 -25.39 49.15 6.30
CA LYS H 18 -26.65 49.90 6.37
C LYS H 18 -27.45 49.90 5.08
N ASP H 19 -26.81 50.24 3.98
CA ASP H 19 -27.49 50.31 2.71
C ASP H 19 -27.70 48.99 2.03
N GLY H 20 -26.96 47.96 2.45
CA GLY H 20 -27.11 46.66 1.80
C GLY H 20 -26.00 45.66 2.05
N VAL H 21 -25.26 45.27 1.02
CA VAL H 21 -24.17 44.31 1.16
C VAL H 21 -23.08 44.47 0.11
N ILE H 22 -21.84 44.16 0.45
CA ILE H 22 -20.75 44.25 -0.51
C ILE H 22 -19.97 42.94 -0.55
N LEU H 23 -19.67 42.49 -1.75
CA LEU H 23 -18.93 41.27 -1.94
C LEU H 23 -17.55 41.66 -2.39
N GLY H 24 -16.54 40.93 -1.93
CA GLY H 24 -15.19 41.23 -2.34
C GLY H 24 -14.42 39.96 -2.59
N ALA H 25 -13.40 40.02 -3.43
CA ALA H 25 -12.59 38.86 -3.71
C ALA H 25 -11.34 39.27 -4.40
N ASP H 26 -10.35 38.40 -4.39
CA ASP H 26 -9.09 38.66 -5.10
C ASP H 26 -9.33 38.14 -6.51
N SER H 27 -8.29 37.99 -7.32
CA SER H 27 -8.52 37.55 -8.67
C SER H 27 -7.52 36.53 -9.17
N ARG H 28 -6.96 35.72 -8.29
CA ARG H 28 -5.95 34.74 -8.67
C ARG H 28 -6.43 33.30 -8.71
N THR H 29 -6.08 32.58 -9.78
CA THR H 29 -6.39 31.16 -9.85
C THR H 29 -5.05 30.45 -10.03
N THR H 30 -4.90 29.28 -9.45
CA THR H 30 -3.64 28.54 -9.54
C THR H 30 -3.72 27.07 -9.91
N THR H 31 -2.65 26.57 -10.51
CA THR H 31 -2.48 25.15 -10.80
C THR H 31 -1.09 24.92 -10.18
N GLY H 32 -1.08 24.63 -8.90
CA GLY H 32 0.19 24.45 -8.21
C GLY H 32 0.67 25.83 -7.82
N ALA H 33 1.86 26.18 -8.26
CA ALA H 33 2.41 27.49 -7.96
C ALA H 33 2.26 28.41 -9.16
N TYR H 34 1.76 27.89 -10.28
CA TYR H 34 1.56 28.71 -11.47
C TYR H 34 0.23 29.41 -11.36
N ILE H 35 0.22 30.69 -11.66
CA ILE H 35 -1.00 31.48 -11.61
C ILE H 35 -1.61 31.36 -13.00
N ALA H 36 -2.66 30.55 -13.09
CA ALA H 36 -3.33 30.28 -14.36
C ALA H 36 -4.04 31.48 -14.92
N ASN H 37 -4.55 32.31 -14.03
CA ASN H 37 -5.24 33.51 -14.44
C ASN H 37 -5.03 34.44 -13.27
N ARG H 38 -4.48 35.61 -13.54
CA ARG H 38 -4.22 36.57 -12.48
C ARG H 38 -5.30 37.63 -12.33
N VAL H 39 -6.31 37.58 -13.20
CA VAL H 39 -7.38 38.56 -13.17
C VAL H 39 -8.76 37.92 -13.30
N THR H 40 -9.01 36.88 -12.51
CA THR H 40 -10.30 36.20 -12.52
C THR H 40 -11.38 37.01 -11.83
N ASP H 41 -12.62 36.68 -12.14
CA ASP H 41 -13.74 37.32 -11.51
C ASP H 41 -14.46 36.26 -10.71
N LYS H 42 -14.27 36.31 -9.40
CA LYS H 42 -14.86 35.34 -8.49
C LYS H 42 -16.20 35.78 -7.95
N LEU H 43 -16.65 36.95 -8.38
CA LEU H 43 -17.92 37.50 -7.94
C LEU H 43 -18.88 37.18 -9.05
N THR H 44 -19.75 36.21 -8.81
CA THR H 44 -20.68 35.72 -9.82
C THR H 44 -22.13 36.05 -9.57
N ARG H 45 -22.79 36.51 -10.62
CA ARG H 45 -24.19 36.90 -10.59
C ARG H 45 -25.10 35.72 -10.86
N VAL H 46 -25.98 35.38 -9.92
CA VAL H 46 -26.92 34.30 -10.14
C VAL H 46 -28.30 34.92 -10.34
N HIS H 47 -28.42 36.19 -9.98
CA HIS H 47 -29.64 37.00 -10.16
C HIS H 47 -29.27 38.48 -10.02
N ASP H 48 -30.09 39.34 -10.60
CA ASP H 48 -29.88 40.79 -10.58
C ASP H 48 -29.23 41.31 -9.32
N LYS H 49 -29.80 40.96 -8.17
CA LYS H 49 -29.25 41.40 -6.91
C LYS H 49 -28.88 40.27 -5.96
N ILE H 50 -28.49 39.13 -6.52
CA ILE H 50 -28.06 37.98 -5.74
C ILE H 50 -26.81 37.51 -6.40
N TRP H 51 -25.70 37.64 -5.70
CA TRP H 51 -24.42 37.24 -6.22
C TRP H 51 -23.75 36.27 -5.26
N CYS H 52 -22.64 35.71 -5.70
CA CYS H 52 -21.92 34.77 -4.87
C CYS H 52 -20.41 34.97 -5.09
N CYS H 53 -19.63 34.60 -4.08
CA CYS H 53 -18.18 34.65 -4.17
C CYS H 53 -17.84 33.19 -4.27
N ARG H 54 -17.01 32.83 -5.21
CA ARG H 54 -16.65 31.44 -5.37
C ARG H 54 -15.25 31.09 -4.85
N SER H 55 -15.13 29.91 -4.23
CA SER H 55 -13.85 29.41 -3.75
C SER H 55 -13.86 27.89 -3.86
N GLY H 56 -12.68 27.31 -4.01
CA GLY H 56 -12.56 25.88 -4.11
C GLY H 56 -12.12 25.56 -5.51
N SER H 57 -12.83 24.63 -6.13
CA SER H 57 -12.59 24.19 -7.49
C SER H 57 -13.19 25.21 -8.44
N ALA H 58 -12.46 25.63 -9.47
CA ALA H 58 -13.01 26.57 -10.42
C ALA H 58 -14.13 25.91 -11.25
N ALA H 59 -13.90 24.69 -11.70
CA ALA H 59 -14.88 23.97 -12.49
C ALA H 59 -16.17 23.74 -11.75
N ASP H 60 -16.06 23.20 -10.54
CA ASP H 60 -17.22 22.93 -9.71
C ASP H 60 -18.08 24.14 -9.44
N THR H 61 -17.46 25.22 -9.01
CA THR H 61 -18.20 26.43 -8.69
C THR H 61 -18.85 27.06 -9.91
N GLN H 62 -18.21 26.97 -11.08
CA GLN H 62 -18.79 27.49 -12.31
C GLN H 62 -19.99 26.64 -12.66
N ALA H 63 -19.84 25.33 -12.59
CA ALA H 63 -20.93 24.42 -12.88
C ALA H 63 -22.11 24.70 -11.99
N ILE H 64 -21.86 24.81 -10.68
CA ILE H 64 -22.91 25.08 -9.70
C ILE H 64 -23.55 26.42 -9.91
N ALA H 65 -22.75 27.46 -10.08
CA ALA H 65 -23.31 28.77 -10.29
C ALA H 65 -24.15 28.80 -11.56
N ASP H 66 -23.69 28.13 -12.62
CA ASP H 66 -24.42 28.08 -13.86
C ASP H 66 -25.78 27.45 -13.67
N ILE H 67 -25.86 26.44 -12.81
CA ILE H 67 -27.13 25.77 -12.53
C ILE H 67 -28.02 26.62 -11.62
N VAL H 68 -27.43 27.32 -10.63
CA VAL H 68 -28.24 28.18 -9.75
C VAL H 68 -28.81 29.34 -10.57
N GLN H 69 -27.99 29.91 -11.45
CA GLN H 69 -28.42 30.99 -12.30
C GLN H 69 -29.66 30.54 -13.08
N TYR H 70 -29.62 29.33 -13.64
CA TYR H 70 -30.72 28.73 -14.38
C TYR H 70 -31.94 28.53 -13.48
N HIS H 71 -31.79 27.88 -12.34
CA HIS H 71 -32.91 27.66 -11.43
C HIS H 71 -33.58 28.97 -11.00
N LEU H 72 -32.79 30.02 -10.83
CA LEU H 72 -33.33 31.31 -10.40
C LEU H 72 -34.01 32.05 -11.54
N GLU H 73 -33.52 31.88 -12.77
CA GLU H 73 -34.15 32.49 -13.93
C GLU H 73 -35.53 31.88 -14.11
N LEU H 74 -35.64 30.57 -13.95
CA LEU H 74 -36.91 29.86 -14.08
C LEU H 74 -37.82 30.17 -12.90
N TYR H 75 -37.24 30.33 -11.72
CA TYR H 75 -38.04 30.66 -10.54
C TYR H 75 -38.66 32.00 -10.85
N THR H 76 -37.83 32.98 -11.18
CA THR H 76 -38.29 34.32 -11.48
C THR H 76 -39.45 34.37 -12.48
N SER H 77 -39.29 33.70 -13.61
CA SER H 77 -40.32 33.64 -14.64
C SER H 77 -41.66 33.14 -14.11
N GLN H 78 -41.63 32.29 -13.10
CA GLN H 78 -42.87 31.75 -12.56
C GLN H 78 -43.40 32.37 -11.30
N TYR H 79 -42.52 32.73 -10.38
CA TYR H 79 -42.99 33.26 -9.11
C TYR H 79 -42.50 34.62 -8.70
N GLY H 80 -41.79 35.30 -9.59
CA GLY H 80 -41.30 36.61 -9.25
C GLY H 80 -39.88 36.56 -8.73
N THR H 81 -39.41 37.67 -8.16
CA THR H 81 -38.06 37.73 -7.65
C THR H 81 -37.80 36.85 -6.41
N PRO H 82 -36.72 36.04 -6.45
CA PRO H 82 -36.36 35.14 -5.36
C PRO H 82 -35.60 35.84 -4.23
N SER H 83 -35.80 35.34 -3.02
CA SER H 83 -35.12 35.89 -1.88
C SER H 83 -33.71 35.35 -1.87
N THR H 84 -32.83 35.96 -1.09
CA THR H 84 -31.46 35.50 -0.99
C THR H 84 -31.50 34.16 -0.30
N GLU H 85 -32.40 34.01 0.66
CA GLU H 85 -32.53 32.75 1.37
C GLU H 85 -32.86 31.62 0.40
N THR H 86 -33.66 31.91 -0.62
CA THR H 86 -34.01 30.90 -1.61
C THR H 86 -32.80 30.58 -2.46
N ALA H 87 -32.04 31.60 -2.84
CA ALA H 87 -30.84 31.40 -3.66
C ALA H 87 -29.82 30.56 -2.90
N ALA H 88 -29.71 30.82 -1.60
CA ALA H 88 -28.79 30.08 -0.74
C ALA H 88 -29.23 28.63 -0.65
N SER H 89 -30.53 28.41 -0.57
CA SER H 89 -31.09 27.06 -0.49
C SER H 89 -30.80 26.24 -1.75
N VAL H 90 -30.92 26.86 -2.91
CA VAL H 90 -30.65 26.18 -4.16
C VAL H 90 -29.17 25.83 -4.19
N PHE H 91 -28.32 26.77 -3.79
CA PHE H 91 -26.89 26.51 -3.74
C PHE H 91 -26.62 25.36 -2.80
N LYS H 92 -27.22 25.41 -1.62
CA LYS H 92 -27.03 24.38 -0.61
C LYS H 92 -27.41 23.00 -1.09
N GLU H 93 -28.59 22.91 -1.70
CA GLU H 93 -29.10 21.65 -2.22
C GLU H 93 -28.07 20.96 -3.12
N LEU H 94 -27.46 21.73 -4.01
CA LEU H 94 -26.46 21.22 -4.93
C LEU H 94 -25.17 20.83 -4.22
N CYS H 95 -24.72 21.67 -3.30
CA CYS H 95 -23.49 21.42 -2.57
C CYS H 95 -23.62 20.25 -1.61
N TYR H 96 -24.75 20.18 -0.92
CA TYR H 96 -24.96 19.13 0.04
C TYR H 96 -25.18 17.79 -0.61
N GLU H 97 -26.07 17.75 -1.58
CA GLU H 97 -26.42 16.52 -2.24
C GLU H 97 -25.30 15.91 -3.07
N ASN H 98 -24.27 16.70 -3.40
CA ASN H 98 -23.15 16.22 -4.20
C ASN H 98 -21.83 16.42 -3.49
N LYS H 99 -21.86 16.42 -2.16
CA LYS H 99 -20.67 16.62 -1.33
C LYS H 99 -19.49 15.73 -1.61
N ASP H 100 -19.73 14.53 -2.13
CA ASP H 100 -18.66 13.61 -2.43
C ASP H 100 -17.80 13.99 -3.62
N ASN H 101 -18.37 14.71 -4.57
CA ASN H 101 -17.63 15.05 -5.78
C ASN H 101 -17.30 16.50 -5.99
N LEU H 102 -17.73 17.38 -5.09
CA LEU H 102 -17.47 18.81 -5.27
C LEU H 102 -16.62 19.41 -4.19
N THR H 103 -15.90 20.45 -4.54
CA THR H 103 -15.09 21.18 -3.60
C THR H 103 -15.54 22.59 -3.91
N ALA H 104 -16.49 23.09 -3.13
CA ALA H 104 -17.00 24.42 -3.36
C ALA H 104 -17.36 25.07 -2.05
N GLY H 105 -16.78 26.23 -1.78
CA GLY H 105 -17.12 26.94 -0.56
C GLY H 105 -17.72 28.17 -1.16
N ILE H 106 -19.03 28.34 -1.03
CA ILE H 106 -19.69 29.49 -1.63
C ILE H 106 -20.35 30.44 -0.69
N ILE H 107 -20.14 31.74 -0.92
CA ILE H 107 -20.76 32.76 -0.08
C ILE H 107 -21.79 33.42 -0.98
N VAL H 108 -23.03 33.44 -0.54
CA VAL H 108 -24.13 34.03 -1.29
C VAL H 108 -24.51 35.30 -0.61
N ALA H 109 -24.53 36.39 -1.36
CA ALA H 109 -24.91 37.67 -0.78
C ALA H 109 -25.97 38.27 -1.68
N GLY H 110 -26.98 38.91 -1.12
CA GLY H 110 -27.98 39.51 -1.98
C GLY H 110 -28.71 40.67 -1.35
N TYR H 111 -29.43 41.44 -2.16
CA TYR H 111 -30.20 42.58 -1.66
C TYR H 111 -31.70 42.50 -2.04
N ASP H 112 -32.54 42.75 -1.04
CA ASP H 112 -34.00 42.74 -1.18
C ASP H 112 -34.49 44.00 -0.49
N ASP H 113 -35.69 44.47 -0.82
CA ASP H 113 -36.22 45.68 -0.18
C ASP H 113 -36.81 45.41 1.20
N LYS H 114 -37.39 44.24 1.36
CA LYS H 114 -37.97 43.87 2.65
C LYS H 114 -36.87 43.48 3.65
N ASN H 115 -35.92 42.65 3.18
CA ASN H 115 -34.82 42.14 4.03
C ASN H 115 -33.47 42.90 4.09
N LYS H 116 -33.28 43.89 3.23
CA LYS H 116 -32.04 44.67 3.16
C LYS H 116 -30.97 43.69 2.67
N GLY H 117 -29.72 43.81 3.13
CA GLY H 117 -28.67 42.91 2.69
C GLY H 117 -28.56 41.63 3.50
N GLU H 118 -28.23 40.50 2.85
CA GLU H 118 -28.08 39.21 3.53
C GLU H 118 -26.88 38.42 3.03
N VAL H 119 -26.23 37.69 3.94
CA VAL H 119 -25.05 36.88 3.61
C VAL H 119 -25.23 35.46 4.11
N TYR H 120 -24.97 34.49 3.25
CA TYR H 120 -25.09 33.10 3.59
C TYR H 120 -23.81 32.43 3.16
N THR H 121 -23.18 31.69 4.05
CA THR H 121 -21.96 31.00 3.71
C THR H 121 -22.26 29.52 3.68
N ILE H 122 -21.85 28.89 2.58
CA ILE H 122 -22.02 27.48 2.35
C ILE H 122 -20.62 26.88 2.24
N PRO H 123 -20.13 26.33 3.35
CA PRO H 123 -18.83 25.73 3.48
C PRO H 123 -18.82 24.35 2.87
N LEU H 124 -17.63 23.77 2.79
CA LEU H 124 -17.42 22.47 2.20
C LEU H 124 -18.47 21.40 2.43
N GLY H 125 -18.99 21.25 3.63
CA GLY H 125 -19.99 20.18 3.77
C GLY H 125 -21.37 20.36 3.12
N GLY H 126 -21.77 21.59 2.85
CA GLY H 126 -23.07 21.81 2.27
C GLY H 126 -23.99 22.39 3.33
N SER H 127 -23.44 22.77 4.47
CA SER H 127 -24.28 23.38 5.51
C SER H 127 -24.45 24.85 5.14
N VAL H 128 -25.54 25.50 5.58
CA VAL H 128 -25.73 26.91 5.28
C VAL H 128 -25.75 27.69 6.56
N HIS H 129 -25.02 28.80 6.58
CA HIS H 129 -24.95 29.67 7.75
C HIS H 129 -25.16 31.11 7.33
N LYS H 130 -26.18 31.75 7.91
CA LYS H 130 -26.50 33.15 7.64
C LYS H 130 -25.70 33.96 8.66
N LEU H 131 -24.96 34.95 8.18
CA LEU H 131 -24.11 35.72 9.07
C LEU H 131 -24.10 37.17 8.64
N PRO H 132 -23.59 38.08 9.50
CA PRO H 132 -23.47 39.51 9.27
C PRO H 132 -22.43 39.75 8.18
N TYR H 133 -21.41 38.92 8.17
CA TYR H 133 -20.38 38.99 7.14
C TYR H 133 -19.74 37.62 7.13
N ALA H 134 -19.08 37.28 6.05
CA ALA H 134 -18.46 35.99 5.99
C ALA H 134 -17.23 36.10 5.17
N ILE H 135 -16.24 35.30 5.54
CA ILE H 135 -14.98 35.26 4.84
C ILE H 135 -14.73 33.81 4.47
N ALA H 136 -14.07 33.59 3.35
CA ALA H 136 -13.77 32.24 2.96
C ALA H 136 -12.59 32.30 2.04
N GLY H 137 -12.25 31.15 1.46
CA GLY H 137 -11.13 31.07 0.57
C GLY H 137 -9.93 30.70 1.39
N SER H 138 -8.86 30.27 0.74
CA SER H 138 -7.67 29.90 1.48
C SER H 138 -7.02 31.06 2.22
N GLY H 139 -7.18 32.28 1.74
CA GLY H 139 -6.58 33.42 2.39
C GLY H 139 -7.31 33.89 3.61
N SER H 140 -8.50 33.38 3.83
CA SER H 140 -9.28 33.79 4.97
C SER H 140 -8.71 33.45 6.33
N THR H 141 -7.94 32.38 6.45
CA THR H 141 -7.41 32.01 7.75
C THR H 141 -6.69 33.14 8.39
N PHE H 142 -5.95 33.88 7.58
CA PHE H 142 -5.14 34.99 8.06
C PHE H 142 -5.86 36.22 8.56
N ILE H 143 -7.14 36.38 8.23
CA ILE H 143 -7.87 37.56 8.64
C ILE H 143 -9.00 37.27 9.60
N TYR H 144 -8.99 36.13 10.23
CA TYR H 144 -10.04 35.83 11.17
C TYR H 144 -9.93 36.82 12.30
N GLY H 145 -8.71 37.03 12.78
CA GLY H 145 -8.52 37.96 13.87
C GLY H 145 -8.82 39.38 13.46
N TYR H 146 -8.27 39.81 12.35
CA TYR H 146 -8.50 41.16 11.88
C TYR H 146 -9.96 41.45 11.68
N CYS H 147 -10.66 40.57 10.96
CA CYS H 147 -12.07 40.78 10.71
C CYS H 147 -12.95 40.81 11.96
N ASP H 148 -12.72 39.91 12.90
CA ASP H 148 -13.52 39.90 14.13
C ASP H 148 -13.29 41.17 14.95
N LYS H 149 -12.10 41.74 14.87
CA LYS H 149 -11.77 42.95 15.62
C LYS H 149 -12.33 44.23 15.02
N ASN H 150 -12.33 44.31 13.69
CA ASN H 150 -12.81 45.50 13.01
C ASN H 150 -14.23 45.58 12.48
N PHE H 151 -14.95 44.47 12.33
CA PHE H 151 -16.32 44.53 11.83
C PHE H 151 -17.28 45.10 12.87
N ARG H 152 -18.19 45.97 12.42
CA ARG H 152 -19.24 46.60 13.24
C ARG H 152 -20.52 46.52 12.39
N GLU H 153 -21.67 46.28 12.99
CA GLU H 153 -22.88 46.24 12.19
C GLU H 153 -23.33 47.66 11.81
N ASN H 154 -24.00 47.79 10.66
CA ASN H 154 -24.53 49.06 10.16
C ASN H 154 -23.52 50.10 9.69
N MET H 155 -22.38 49.66 9.20
CA MET H 155 -21.36 50.57 8.70
C MET H 155 -21.86 51.24 7.44
N SER H 156 -21.14 52.24 6.98
CA SER H 156 -21.51 52.96 5.79
C SER H 156 -20.83 52.31 4.61
N LYS H 157 -21.21 52.72 3.42
CA LYS H 157 -20.63 52.18 2.22
C LYS H 157 -19.13 52.43 2.27
N GLU H 158 -18.75 53.68 2.44
CA GLU H 158 -17.34 54.07 2.50
C GLU H 158 -16.57 53.19 3.49
N GLU H 159 -17.10 53.03 4.70
CA GLU H 159 -16.46 52.23 5.72
C GLU H 159 -16.34 50.75 5.36
N THR H 160 -17.38 50.20 4.75
CA THR H 160 -17.42 48.80 4.35
C THR H 160 -16.44 48.51 3.23
N VAL H 161 -16.36 49.40 2.27
CA VAL H 161 -15.43 49.24 1.18
C VAL H 161 -14.04 49.22 1.78
N ASP H 162 -13.80 50.06 2.77
CA ASP H 162 -12.50 50.13 3.41
C ASP H 162 -12.17 48.86 4.18
N PHE H 163 -13.12 48.37 4.96
CA PHE H 163 -12.99 47.14 5.72
C PHE H 163 -12.66 45.98 4.79
N ILE H 164 -13.43 45.81 3.72
CA ILE H 164 -13.18 44.74 2.79
C ILE H 164 -11.82 44.94 2.15
N LYS H 165 -11.51 46.16 1.78
CA LYS H 165 -10.24 46.43 1.15
C LYS H 165 -9.03 46.10 2.03
N HIS H 166 -9.07 46.47 3.31
CA HIS H 166 -7.97 46.18 4.25
C HIS H 166 -7.87 44.71 4.56
N SER H 167 -9.01 44.08 4.78
CA SER H 167 -9.02 42.66 5.06
C SER H 167 -8.38 41.87 3.93
N LEU H 168 -8.91 42.02 2.73
CA LEU H 168 -8.37 41.26 1.61
C LEU H 168 -6.93 41.53 1.27
N SER H 169 -6.44 42.73 1.53
CA SER H 169 -5.05 43.06 1.25
C SER H 169 -4.16 42.27 2.19
N GLN H 170 -4.63 42.10 3.41
CA GLN H 170 -3.90 41.33 4.39
C GLN H 170 -3.93 39.87 3.93
N ALA H 171 -5.11 39.39 3.58
CA ALA H 171 -5.30 38.02 3.11
C ALA H 171 -4.41 37.75 1.92
N ILE H 172 -4.37 38.69 0.99
CA ILE H 172 -3.55 38.58 -0.21
C ILE H 172 -2.07 38.66 0.13
N LYS H 173 -1.76 39.42 1.19
CA LYS H 173 -0.40 39.61 1.62
C LYS H 173 0.24 38.30 2.05
N TRP H 174 -0.47 37.58 2.90
CA TRP H 174 0.01 36.33 3.43
C TRP H 174 -0.24 35.07 2.63
N ASP H 175 -1.34 34.99 1.91
CA ASP H 175 -1.65 33.78 1.14
C ASP H 175 -1.11 33.81 -0.27
N GLY H 176 -0.32 32.82 -0.62
CA GLY H 176 0.23 32.77 -1.96
C GLY H 176 -0.84 32.45 -2.99
N SER H 177 -1.90 31.81 -2.56
CA SER H 177 -2.96 31.44 -3.47
C SER H 177 -3.94 32.57 -3.73
N SER H 178 -3.66 33.76 -3.20
CA SER H 178 -4.49 34.95 -3.38
C SER H 178 -3.61 36.07 -3.93
N GLY H 179 -4.18 36.89 -4.80
CA GLY H 179 -3.40 37.96 -5.38
C GLY H 179 -4.17 38.61 -6.46
N GLY H 180 -3.51 39.47 -7.21
CA GLY H 180 -4.14 40.17 -8.32
C GLY H 180 -4.77 41.49 -7.91
N VAL H 181 -6.03 41.69 -8.32
CA VAL H 181 -6.77 42.89 -8.00
C VAL H 181 -7.83 42.54 -6.97
N ILE H 182 -8.40 43.53 -6.31
CA ILE H 182 -9.47 43.30 -5.35
C ILE H 182 -10.73 43.78 -6.06
N ARG H 183 -11.68 42.89 -6.28
CA ARG H 183 -12.92 43.23 -6.93
C ARG H 183 -13.97 43.28 -5.89
N MET H 184 -14.93 44.17 -6.06
CA MET H 184 -16.04 44.28 -5.13
C MET H 184 -17.29 44.52 -5.93
N VAL H 185 -18.41 44.11 -5.38
CA VAL H 185 -19.69 44.31 -6.00
C VAL H 185 -20.58 44.84 -4.89
N VAL H 186 -21.09 46.05 -5.07
CA VAL H 186 -21.95 46.67 -4.06
C VAL H 186 -23.40 46.44 -4.45
N LEU H 187 -24.19 45.89 -3.55
CA LEU H 187 -25.57 45.62 -3.84
C LEU H 187 -26.45 46.45 -2.91
N THR H 188 -27.22 47.40 -3.47
CA THR H 188 -28.13 48.26 -2.70
C THR H 188 -29.42 48.57 -3.48
N ALA H 189 -30.31 49.37 -2.89
CA ALA H 189 -31.57 49.73 -3.55
C ALA H 189 -31.28 50.51 -4.83
N ALA H 190 -30.20 51.28 -4.79
CA ALA H 190 -29.79 52.07 -5.94
C ALA H 190 -29.41 51.22 -7.13
N GLY H 191 -28.89 50.04 -6.89
CA GLY H 191 -28.48 49.20 -7.99
C GLY H 191 -27.30 48.31 -7.69
N VAL H 192 -26.45 48.14 -8.69
CA VAL H 192 -25.28 47.29 -8.61
C VAL H 192 -24.04 48.05 -9.07
N GLU H 193 -23.07 48.21 -8.18
CA GLU H 193 -21.86 48.92 -8.53
C GLU H 193 -20.65 48.00 -8.48
N ARG H 194 -19.84 48.06 -9.50
CA ARG H 194 -18.65 47.25 -9.62
C ARG H 194 -17.41 48.09 -9.32
N LEU H 195 -16.61 47.65 -8.35
CA LEU H 195 -15.40 48.34 -7.96
C LEU H 195 -14.19 47.44 -8.17
N ILE H 196 -13.04 48.03 -8.43
CA ILE H 196 -11.82 47.26 -8.61
C ILE H 196 -10.67 48.08 -8.05
N PHE H 197 -9.80 47.45 -7.29
CA PHE H 197 -8.65 48.11 -6.68
C PHE H 197 -7.38 47.37 -7.05
N TYR H 198 -6.41 48.11 -7.56
CA TYR H 198 -5.16 47.54 -8.01
C TYR H 198 -4.12 47.38 -6.90
N PRO H 199 -3.11 46.54 -7.14
CA PRO H 199 -2.02 46.26 -6.20
C PRO H 199 -1.38 47.50 -5.60
N ASP H 200 -0.94 48.39 -6.47
CA ASP H 200 -0.31 49.62 -6.05
C ASP H 200 -1.09 50.35 -4.97
N GLU H 201 -2.40 50.16 -4.92
CA GLU H 201 -3.15 50.81 -3.88
C GLU H 201 -3.18 49.97 -2.60
N TYR H 202 -3.77 48.79 -2.68
CA TYR H 202 -3.91 47.95 -1.50
C TYR H 202 -2.64 47.43 -0.84
N GLU H 203 -1.59 47.16 -1.62
CA GLU H 203 -0.37 46.60 -1.05
C GLU H 203 0.28 47.34 0.10
N GLN H 204 0.24 48.66 0.07
CA GLN H 204 0.82 49.42 1.14
C GLN H 204 -0.26 50.13 1.93
N LEU H 205 -0.83 49.41 2.89
CA LEU H 205 -1.87 49.94 3.74
C LEU H 205 -1.57 49.47 5.17
N THR I 1 3.17 21.00 -26.21
CA THR I 1 2.24 21.82 -27.01
C THR I 1 2.18 23.23 -26.48
N THR I 2 2.03 24.19 -27.39
CA THR I 2 1.91 25.59 -27.02
C THR I 2 0.77 26.19 -27.82
N ILE I 3 -0.25 26.71 -27.16
CA ILE I 3 -1.34 27.34 -27.89
C ILE I 3 -1.62 28.66 -27.23
N VAL I 4 -1.90 29.66 -28.05
CA VAL I 4 -2.20 31.00 -27.56
C VAL I 4 -3.38 31.61 -28.26
N GLY I 5 -3.93 32.61 -27.61
CA GLY I 5 -5.04 33.35 -28.14
C GLY I 5 -4.76 34.78 -27.76
N VAL I 6 -4.86 35.70 -28.71
CA VAL I 6 -4.61 37.11 -28.44
C VAL I 6 -5.72 37.97 -29.04
N LYS I 7 -6.33 38.81 -28.22
CA LYS I 7 -7.39 39.68 -28.68
C LYS I 7 -6.82 40.99 -29.20
N PHE I 8 -7.30 41.40 -30.37
CA PHE I 8 -6.90 42.66 -30.97
C PHE I 8 -8.11 43.60 -31.19
N ASN I 9 -7.87 44.84 -31.60
CA ASN I 9 -8.95 45.85 -31.74
C ASN I 9 -10.30 45.51 -32.40
N ASN I 10 -10.28 44.70 -33.44
CA ASN I 10 -11.54 44.33 -34.08
C ASN I 10 -11.52 42.84 -34.44
N GLY I 11 -10.90 42.02 -33.58
CA GLY I 11 -10.83 40.60 -33.87
C GLY I 11 -10.11 39.81 -32.81
N VAL I 12 -9.70 38.60 -33.16
CA VAL I 12 -8.99 37.70 -32.28
C VAL I 12 -8.13 36.75 -33.12
N VAL I 13 -6.98 36.37 -32.60
CA VAL I 13 -6.08 35.48 -33.30
C VAL I 13 -5.66 34.38 -32.35
N ILE I 14 -5.57 33.17 -32.88
CA ILE I 14 -5.16 32.05 -32.06
C ILE I 14 -4.05 31.42 -32.84
N ALA I 15 -3.13 30.76 -32.15
CA ALA I 15 -2.04 30.13 -32.84
C ALA I 15 -1.61 28.95 -32.04
N ALA I 16 -0.83 28.07 -32.66
CA ALA I 16 -0.36 26.87 -32.00
C ALA I 16 0.83 26.33 -32.74
N ASP I 17 1.57 25.43 -32.12
CA ASP I 17 2.73 24.78 -32.75
C ASP I 17 2.21 23.55 -33.49
N THR I 18 3.09 22.70 -34.00
CA THR I 18 2.63 21.53 -34.76
C THR I 18 3.27 20.18 -34.44
N ARG I 19 3.92 20.08 -33.28
CA ARG I 19 4.56 18.83 -32.85
C ARG I 19 3.61 17.98 -32.01
N SER I 20 3.51 16.71 -32.34
CA SER I 20 2.68 15.76 -31.61
C SER I 20 3.64 14.76 -30.96
N THR I 21 3.55 14.55 -29.66
CA THR I 21 4.44 13.61 -29.01
C THR I 21 3.76 12.48 -28.29
N GLN I 22 4.48 11.37 -28.22
CA GLN I 22 4.07 10.15 -27.51
C GLN I 22 5.31 9.90 -26.64
N GLY I 23 5.30 10.44 -25.43
CA GLY I 23 6.45 10.27 -24.58
C GLY I 23 7.54 11.18 -25.11
N PRO I 24 8.78 10.71 -25.29
CA PRO I 24 9.83 11.57 -25.82
C PRO I 24 9.97 11.51 -27.32
N ILE I 25 9.07 10.78 -27.97
CA ILE I 25 9.13 10.64 -29.40
C ILE I 25 8.16 11.55 -30.12
N VAL I 26 8.60 12.15 -31.22
CA VAL I 26 7.77 13.02 -32.01
C VAL I 26 7.01 12.16 -32.99
N ALA I 27 5.79 11.84 -32.64
CA ALA I 27 4.94 11.01 -33.47
C ALA I 27 4.57 11.71 -34.77
N ASP I 28 4.31 13.02 -34.71
CA ASP I 28 3.93 13.82 -35.88
C ASP I 28 4.68 15.15 -35.80
N LYS I 29 5.48 15.45 -36.82
CA LYS I 29 6.26 16.68 -36.87
C LYS I 29 5.49 17.87 -37.42
N ASN I 30 4.21 17.68 -37.74
CA ASN I 30 3.39 18.75 -38.33
C ASN I 30 1.90 18.46 -38.21
N CYS I 31 1.41 18.29 -37.00
CA CYS I 31 -0.01 18.01 -36.82
C CYS I 31 -0.71 19.36 -36.75
N ALA I 32 -2.04 19.36 -36.86
CA ALA I 32 -2.81 20.60 -36.81
C ALA I 32 -3.56 20.65 -35.49
N LYS I 33 -3.36 21.72 -34.74
CA LYS I 33 -4.02 21.86 -33.44
C LYS I 33 -5.10 22.93 -33.44
N LEU I 34 -5.30 23.54 -34.60
CA LEU I 34 -6.30 24.59 -34.79
C LEU I 34 -7.50 23.90 -35.44
N HIS I 35 -8.60 23.87 -34.71
CA HIS I 35 -9.79 23.20 -35.18
C HIS I 35 -10.86 24.21 -35.46
N ARG I 36 -11.66 23.93 -36.45
CA ARG I 36 -12.77 24.82 -36.81
C ARG I 36 -14.00 24.30 -36.09
N ILE I 37 -14.65 25.16 -35.31
CA ILE I 37 -15.87 24.74 -34.66
C ILE I 37 -17.01 25.15 -35.59
N SER I 38 -16.88 26.32 -36.20
CA SER I 38 -17.85 26.83 -37.16
C SER I 38 -17.00 27.75 -38.03
N PRO I 39 -17.53 28.27 -39.14
CA PRO I 39 -16.70 29.13 -39.95
C PRO I 39 -15.91 30.21 -39.24
N LYS I 40 -16.50 30.84 -38.23
CA LYS I 40 -15.82 31.94 -37.56
C LYS I 40 -15.54 31.73 -36.08
N ILE I 41 -15.56 30.47 -35.65
CA ILE I 41 -15.26 30.11 -34.28
C ILE I 41 -14.24 29.00 -34.38
N TRP I 42 -13.02 29.27 -33.98
CA TRP I 42 -11.99 28.26 -34.05
C TRP I 42 -11.49 28.01 -32.66
N CYS I 43 -10.88 26.86 -32.50
CA CYS I 43 -10.42 26.47 -31.20
C CYS I 43 -9.06 25.85 -31.28
N ALA I 44 -8.17 26.22 -30.37
CA ALA I 44 -6.84 25.64 -30.33
C ALA I 44 -6.92 24.63 -29.22
N GLY I 45 -6.36 23.46 -29.42
CA GLY I 45 -6.42 22.48 -28.37
C GLY I 45 -5.12 21.82 -27.98
N ALA I 46 -4.98 21.54 -26.70
CA ALA I 46 -3.79 20.90 -26.14
C ALA I 46 -4.20 19.79 -25.20
N GLY I 47 -3.34 18.81 -25.05
CA GLY I 47 -3.63 17.70 -24.17
C GLY I 47 -3.69 16.44 -24.99
N THR I 48 -4.77 15.68 -24.84
CA THR I 48 -4.94 14.44 -25.57
C THR I 48 -5.53 14.79 -26.95
N ALA I 49 -4.72 14.58 -27.98
CA ALA I 49 -5.11 14.91 -29.34
C ALA I 49 -6.44 14.35 -29.82
N ALA I 50 -6.72 13.10 -29.50
CA ALA I 50 -7.97 12.50 -29.92
C ALA I 50 -9.11 13.22 -29.23
N ASP I 51 -8.88 13.65 -28.01
CA ASP I 51 -9.89 14.34 -27.25
C ASP I 51 -10.18 15.75 -27.70
N THR I 52 -9.15 16.47 -28.10
CA THR I 52 -9.35 17.82 -28.58
C THR I 52 -10.06 17.80 -29.95
N GLU I 53 -9.76 16.81 -30.80
CA GLU I 53 -10.45 16.72 -32.08
C GLU I 53 -11.86 16.22 -31.90
N ALA I 54 -12.05 15.29 -30.98
CA ALA I 54 -13.36 14.76 -30.72
C ALA I 54 -14.33 15.75 -30.10
N VAL I 55 -13.93 16.42 -29.03
CA VAL I 55 -14.80 17.37 -28.36
C VAL I 55 -15.14 18.56 -29.26
N THR I 56 -14.18 18.94 -30.09
CA THR I 56 -14.31 20.04 -31.03
C THR I 56 -15.26 19.68 -32.16
N GLN I 57 -15.07 18.51 -32.76
CA GLN I 57 -15.94 18.11 -33.85
C GLN I 57 -17.37 17.86 -33.39
N LEU I 58 -17.55 17.31 -32.20
CA LEU I 58 -18.87 17.04 -31.66
C LEU I 58 -19.64 18.32 -31.41
N ILE I 59 -19.01 19.26 -30.72
CA ILE I 59 -19.64 20.53 -30.44
C ILE I 59 -19.83 21.30 -31.73
N GLY I 60 -18.88 21.19 -32.64
CA GLY I 60 -18.98 21.87 -33.93
C GLY I 60 -20.16 21.35 -34.69
N SER I 61 -20.37 20.05 -34.63
CA SER I 61 -21.49 19.41 -35.27
C SER I 61 -22.80 19.93 -34.66
N ASN I 62 -22.91 19.85 -33.36
CA ASN I 62 -24.11 20.33 -32.70
C ASN I 62 -24.36 21.81 -32.88
N ILE I 63 -23.29 22.56 -33.04
CA ILE I 63 -23.34 23.99 -33.26
C ILE I 63 -23.87 24.21 -34.68
N GLU I 64 -23.43 23.39 -35.63
CA GLU I 64 -23.91 23.51 -37.01
C GLU I 64 -25.41 23.25 -37.02
N LEU I 65 -25.86 22.24 -36.29
CA LEU I 65 -27.28 21.94 -36.23
C LEU I 65 -28.07 23.02 -35.50
N HIS I 66 -27.47 23.65 -34.50
CA HIS I 66 -28.14 24.70 -33.75
C HIS I 66 -28.34 25.90 -34.67
N SER I 67 -27.34 26.19 -35.50
CA SER I 67 -27.39 27.32 -36.42
C SER I 67 -28.48 27.17 -37.49
N LEU I 68 -28.58 25.99 -38.06
CA LEU I 68 -29.59 25.72 -39.06
C LEU I 68 -30.98 25.81 -38.44
N TYR I 69 -31.14 25.36 -37.21
CA TYR I 69 -32.42 25.39 -36.51
C TYR I 69 -32.85 26.80 -36.16
N THR I 70 -31.92 27.63 -35.72
CA THR I 70 -32.20 29.01 -35.33
C THR I 70 -32.00 30.07 -36.43
N SER I 71 -31.46 29.68 -37.57
CA SER I 71 -31.26 30.61 -38.66
C SER I 71 -30.32 31.75 -38.30
N ARG I 72 -29.46 31.51 -37.33
CA ARG I 72 -28.50 32.52 -36.86
C ARG I 72 -27.09 32.00 -36.93
N GLU I 73 -26.13 32.91 -37.00
CA GLU I 73 -24.72 32.55 -37.06
C GLU I 73 -24.34 32.12 -35.64
N PRO I 74 -23.49 31.09 -35.50
CA PRO I 74 -23.05 30.58 -34.19
C PRO I 74 -22.32 31.59 -33.32
N ARG I 75 -22.53 31.50 -32.01
CA ARG I 75 -21.87 32.37 -31.05
C ARG I 75 -20.81 31.61 -30.25
N VAL I 76 -19.74 32.31 -29.88
CA VAL I 76 -18.65 31.70 -29.13
C VAL I 76 -19.12 31.29 -27.73
N VAL I 77 -20.05 32.04 -27.15
CA VAL I 77 -20.54 31.67 -25.83
C VAL I 77 -21.33 30.39 -25.90
N SER I 78 -21.78 30.00 -27.08
CA SER I 78 -22.51 28.75 -27.19
C SER I 78 -21.52 27.61 -27.23
N ALA I 79 -20.51 27.71 -28.07
CA ALA I 79 -19.50 26.67 -28.17
C ALA I 79 -18.83 26.53 -26.82
N LEU I 80 -18.67 27.66 -26.13
CA LEU I 80 -18.08 27.70 -24.81
C LEU I 80 -18.92 26.94 -23.78
N GLN I 81 -20.20 27.26 -23.67
CA GLN I 81 -21.04 26.57 -22.70
C GLN I 81 -21.21 25.09 -23.04
N MET I 82 -21.34 24.76 -24.32
CA MET I 82 -21.48 23.37 -24.73
C MET I 82 -20.23 22.56 -24.44
N LEU I 83 -19.07 23.09 -24.82
CA LEU I 83 -17.79 22.46 -24.60
C LEU I 83 -17.55 22.23 -23.12
N LYS I 84 -17.74 23.27 -22.31
CA LYS I 84 -17.52 23.16 -20.88
C LYS I 84 -18.46 22.21 -20.16
N GLN I 85 -19.74 22.15 -20.52
CA GLN I 85 -20.67 21.26 -19.84
C GLN I 85 -20.36 19.81 -20.21
N HIS I 86 -19.84 19.60 -21.40
CA HIS I 86 -19.47 18.28 -21.83
C HIS I 86 -18.23 17.85 -21.03
N LEU I 87 -17.20 18.68 -21.04
CA LEU I 87 -15.97 18.41 -20.31
C LEU I 87 -16.22 18.24 -18.83
N PHE I 88 -17.11 19.01 -18.23
CA PHE I 88 -17.41 18.85 -16.80
C PHE I 88 -18.08 17.52 -16.52
N LYS I 89 -18.95 17.09 -17.44
CA LYS I 89 -19.66 15.84 -17.29
C LYS I 89 -18.67 14.68 -17.13
N TYR I 90 -17.59 14.71 -17.89
CA TYR I 90 -16.56 13.67 -17.85
C TYR I 90 -15.47 13.80 -16.80
N GLN I 91 -15.66 14.69 -15.84
CA GLN I 91 -14.74 14.90 -14.73
C GLN I 91 -13.24 14.98 -15.00
N GLY I 92 -12.87 15.49 -16.16
CA GLY I 92 -11.46 15.63 -16.46
C GLY I 92 -10.90 14.48 -17.27
N HIS I 93 -11.71 13.45 -17.47
CA HIS I 93 -11.25 12.29 -18.21
C HIS I 93 -11.08 12.53 -19.69
N ILE I 94 -11.71 13.56 -20.22
CA ILE I 94 -11.51 13.92 -21.63
C ILE I 94 -10.48 15.04 -21.53
N GLY I 95 -9.23 14.70 -21.83
CA GLY I 95 -8.13 15.63 -21.74
C GLY I 95 -8.01 16.72 -22.76
N ALA I 96 -9.02 17.58 -22.80
CA ALA I 96 -9.04 18.68 -23.74
C ALA I 96 -8.89 20.04 -23.03
N TYR I 97 -7.82 20.77 -23.37
CA TYR I 97 -7.54 22.09 -22.82
C TYR I 97 -7.60 22.96 -24.07
N LEU I 98 -8.58 23.85 -24.13
CA LEU I 98 -8.83 24.62 -25.34
C LEU I 98 -8.82 26.11 -25.20
N ILE I 99 -8.52 26.76 -26.33
CA ILE I 99 -8.54 28.21 -26.45
C ILE I 99 -9.54 28.43 -27.58
N VAL I 100 -10.72 28.86 -27.21
CA VAL I 100 -11.77 29.08 -28.19
C VAL I 100 -11.93 30.55 -28.42
N ALA I 101 -11.84 30.91 -29.69
CA ALA I 101 -11.94 32.28 -30.10
C ALA I 101 -12.83 32.38 -31.32
N GLY I 102 -13.44 33.52 -31.54
CA GLY I 102 -14.27 33.67 -32.71
C GLY I 102 -15.00 34.98 -32.77
N VAL I 103 -15.64 35.23 -33.90
CA VAL I 103 -16.42 36.43 -34.08
C VAL I 103 -17.81 35.99 -34.41
N ASP I 104 -18.76 36.69 -33.86
CA ASP I 104 -20.13 36.37 -34.12
C ASP I 104 -20.91 37.69 -34.09
N PRO I 105 -22.22 37.66 -34.31
CA PRO I 105 -23.00 38.90 -34.31
C PRO I 105 -22.83 39.86 -33.15
N THR I 106 -22.37 39.35 -32.00
CA THR I 106 -22.19 40.18 -30.82
C THR I 106 -20.77 40.72 -30.64
N GLY I 107 -19.84 40.34 -31.51
CA GLY I 107 -18.46 40.82 -31.38
C GLY I 107 -17.40 39.76 -31.49
N SER I 108 -16.21 40.05 -30.94
CA SER I 108 -15.09 39.11 -30.95
C SER I 108 -14.91 38.58 -29.54
N HIS I 109 -14.59 37.29 -29.42
CA HIS I 109 -14.43 36.63 -28.12
C HIS I 109 -13.22 35.73 -28.02
N LEU I 110 -12.75 35.54 -26.79
CA LEU I 110 -11.59 34.69 -26.51
C LEU I 110 -11.77 34.13 -25.13
N PHE I 111 -11.76 32.81 -25.05
CA PHE I 111 -11.92 32.14 -23.78
C PHE I 111 -11.00 30.96 -23.78
N SER I 112 -10.80 30.40 -22.59
CA SER I 112 -10.00 29.20 -22.44
C SER I 112 -10.85 28.23 -21.64
N ILE I 113 -10.67 26.94 -21.91
CA ILE I 113 -11.39 25.91 -21.20
C ILE I 113 -10.41 24.81 -20.79
N HIS I 114 -10.38 24.50 -19.51
CA HIS I 114 -9.52 23.46 -18.96
C HIS I 114 -10.33 22.16 -18.95
N ALA I 115 -9.65 21.03 -19.03
CA ALA I 115 -10.30 19.72 -19.08
C ALA I 115 -11.36 19.42 -18.06
N HIS I 116 -11.27 20.02 -16.89
CA HIS I 116 -12.26 19.76 -15.87
C HIS I 116 -13.58 20.54 -16.00
N GLY I 117 -13.63 21.51 -16.91
CA GLY I 117 -14.86 22.29 -17.11
C GLY I 117 -14.92 23.76 -16.74
N SER I 118 -13.80 24.36 -16.36
CA SER I 118 -13.77 25.76 -15.98
C SER I 118 -13.37 26.59 -17.17
N THR I 119 -13.93 27.78 -17.30
CA THR I 119 -13.59 28.66 -18.40
C THR I 119 -13.04 29.99 -17.85
N ASP I 120 -12.32 30.70 -18.69
CA ASP I 120 -11.75 31.99 -18.33
C ASP I 120 -11.86 32.87 -19.53
N VAL I 121 -11.93 34.17 -19.29
CA VAL I 121 -11.98 35.12 -20.38
C VAL I 121 -10.73 35.97 -20.21
N GLY I 122 -10.11 36.39 -21.31
CA GLY I 122 -8.92 37.21 -21.18
C GLY I 122 -8.61 37.86 -22.50
N TYR I 123 -7.57 38.67 -22.54
CA TYR I 123 -7.17 39.32 -23.77
C TYR I 123 -6.06 38.56 -24.43
N TYR I 124 -5.38 37.74 -23.65
CA TYR I 124 -4.28 36.91 -24.14
C TYR I 124 -4.25 35.72 -23.19
N LEU I 125 -4.15 34.54 -23.77
CA LEU I 125 -4.15 33.32 -22.99
C LEU I 125 -3.23 32.34 -23.68
N SER I 126 -2.72 31.38 -22.93
CA SER I 126 -1.87 30.34 -23.47
C SER I 126 -2.12 29.10 -22.65
N LEU I 127 -1.94 27.95 -23.29
CA LEU I 127 -2.11 26.66 -22.63
C LEU I 127 -1.13 25.69 -23.30
N GLY I 128 -0.84 24.61 -22.59
CA GLY I 128 0.07 23.61 -23.09
C GLY I 128 1.32 23.56 -22.25
N SER I 129 2.18 22.57 -22.50
CA SER I 129 3.43 22.44 -21.77
C SER I 129 4.29 23.69 -22.02
N GLY I 130 4.09 24.30 -23.19
CA GLY I 130 4.81 25.50 -23.56
C GLY I 130 4.10 26.75 -23.08
N SER I 131 3.03 26.55 -22.32
CA SER I 131 2.23 27.62 -21.77
C SER I 131 3.04 28.69 -21.04
N LEU I 132 4.05 28.28 -20.27
CA LEU I 132 4.82 29.25 -19.51
C LEU I 132 5.76 30.08 -20.34
N ALA I 133 6.37 29.48 -21.34
CA ALA I 133 7.28 30.22 -22.21
C ALA I 133 6.49 31.24 -23.02
N ALA I 134 5.31 30.84 -23.51
CA ALA I 134 4.45 31.71 -24.28
C ALA I 134 3.92 32.82 -23.39
N MET I 135 3.47 32.51 -22.19
CA MET I 135 2.94 33.53 -21.33
C MET I 135 4.00 34.53 -20.90
N ALA I 136 5.25 34.10 -20.82
CA ALA I 136 6.31 35.02 -20.45
C ALA I 136 6.39 36.08 -21.53
N VAL I 137 6.20 35.69 -22.78
CA VAL I 137 6.25 36.64 -23.87
C VAL I 137 5.01 37.52 -23.86
N LEU I 138 3.84 36.92 -23.77
CA LEU I 138 2.60 37.66 -23.74
C LEU I 138 2.62 38.66 -22.60
N GLU I 139 3.20 38.29 -21.49
CA GLU I 139 3.26 39.21 -20.37
C GLU I 139 4.27 40.34 -20.58
N SER I 140 5.23 40.13 -21.48
CA SER I 140 6.24 41.14 -21.77
C SER I 140 5.89 42.12 -22.88
N HIS I 141 5.11 41.70 -23.87
CA HIS I 141 4.80 42.56 -25.00
C HIS I 141 3.35 42.90 -25.32
N TRP I 142 2.40 42.36 -24.57
CA TRP I 142 1.02 42.65 -24.85
C TRP I 142 0.73 44.05 -24.34
N LYS I 143 -0.16 44.72 -25.05
CA LYS I 143 -0.60 46.05 -24.70
C LYS I 143 -1.99 46.09 -25.29
N GLN I 144 -2.83 46.95 -24.73
CA GLN I 144 -4.20 47.08 -25.20
C GLN I 144 -4.30 47.75 -26.58
N ASP I 145 -5.38 47.47 -27.30
CA ASP I 145 -5.64 48.05 -28.62
C ASP I 145 -4.60 47.69 -29.66
N LEU I 146 -4.20 46.43 -29.68
CA LEU I 146 -3.22 45.96 -30.63
C LEU I 146 -3.87 45.96 -32.01
N THR I 147 -3.07 46.08 -33.06
CA THR I 147 -3.59 46.05 -34.40
C THR I 147 -3.56 44.59 -34.84
N LYS I 148 -4.19 44.26 -35.97
CA LYS I 148 -4.18 42.88 -36.46
C LYS I 148 -2.74 42.43 -36.66
N GLU I 149 -1.94 43.28 -37.28
CA GLU I 149 -0.55 42.95 -37.55
C GLU I 149 0.27 42.71 -36.30
N GLU I 150 0.05 43.52 -35.27
CA GLU I 150 0.76 43.39 -34.00
C GLU I 150 0.33 42.12 -33.26
N ALA I 151 -0.96 41.82 -33.27
CA ALA I 151 -1.45 40.61 -32.62
C ALA I 151 -0.93 39.34 -33.30
N ILE I 152 -0.86 39.31 -34.62
CA ILE I 152 -0.35 38.12 -35.28
C ILE I 152 1.10 37.89 -34.89
N LYS I 153 1.88 38.95 -34.75
CA LYS I 153 3.28 38.83 -34.40
C LYS I 153 3.40 38.41 -32.96
N LEU I 154 2.64 39.04 -32.09
CA LEU I 154 2.67 38.70 -30.69
C LEU I 154 2.33 37.24 -30.51
N ALA I 155 1.18 36.80 -31.03
CA ALA I 155 0.80 35.42 -30.89
C ALA I 155 1.85 34.52 -31.50
N SER I 156 2.43 34.94 -32.62
CA SER I 156 3.44 34.15 -33.32
C SER I 156 4.73 34.00 -32.53
N ASP I 157 5.13 35.08 -31.87
CA ASP I 157 6.32 35.08 -31.04
C ASP I 157 6.12 34.18 -29.83
N ALA I 158 4.94 34.24 -29.21
CA ALA I 158 4.65 33.41 -28.05
C ALA I 158 4.81 31.96 -28.41
N ILE I 159 4.28 31.56 -29.57
CA ILE I 159 4.42 30.18 -29.98
C ILE I 159 5.89 29.86 -30.17
N GLN I 160 6.66 30.79 -30.72
CA GLN I 160 8.09 30.56 -30.91
C GLN I 160 8.77 30.33 -29.55
N ALA I 161 8.38 31.07 -28.53
CA ALA I 161 8.96 30.90 -27.21
C ALA I 161 8.80 29.45 -26.81
N GLY I 162 7.67 28.87 -27.14
CA GLY I 162 7.43 27.48 -26.79
C GLY I 162 8.17 26.51 -27.65
N ILE I 163 8.21 26.78 -28.94
CA ILE I 163 8.89 25.91 -29.87
C ILE I 163 10.35 25.73 -29.45
N TRP I 164 10.99 26.84 -29.14
CA TRP I 164 12.39 26.84 -28.78
C TRP I 164 12.71 26.36 -27.39
N ASN I 165 11.91 26.76 -26.44
CA ASN I 165 12.17 26.40 -25.06
C ASN I 165 11.43 25.24 -24.43
N ASP I 166 10.45 24.67 -25.12
CA ASP I 166 9.71 23.56 -24.56
C ASP I 166 9.98 22.38 -25.42
N LEU I 167 10.36 21.28 -24.80
CA LEU I 167 10.63 20.07 -25.56
C LEU I 167 9.31 19.46 -26.01
N GLY I 168 8.23 19.90 -25.37
CA GLY I 168 6.93 19.39 -25.73
C GLY I 168 6.33 20.14 -26.90
N SER I 169 7.09 21.03 -27.52
CA SER I 169 6.58 21.80 -28.63
C SER I 169 7.65 21.93 -29.65
N GLY I 170 7.27 22.19 -30.88
CA GLY I 170 8.27 22.34 -31.91
C GLY I 170 7.69 22.51 -33.30
N SER I 171 8.57 22.37 -34.29
CA SER I 171 8.22 22.48 -35.69
C SER I 171 7.73 23.85 -36.16
N ASN I 172 6.48 23.94 -36.61
CA ASN I 172 5.94 25.19 -37.16
C ASN I 172 4.91 25.93 -36.33
N VAL I 173 4.43 27.04 -36.88
CA VAL I 173 3.43 27.88 -36.22
C VAL I 173 2.20 28.01 -37.09
N ASP I 174 1.03 27.67 -36.55
CA ASP I 174 -0.25 27.79 -37.26
C ASP I 174 -0.96 28.94 -36.62
N VAL I 175 -1.60 29.77 -37.44
CA VAL I 175 -2.34 30.92 -36.95
C VAL I 175 -3.68 30.97 -37.63
N CYS I 176 -4.66 31.48 -36.92
CA CYS I 176 -5.97 31.67 -37.49
C CYS I 176 -6.42 33.01 -36.96
N VAL I 177 -6.77 33.88 -37.89
CA VAL I 177 -7.18 35.24 -37.57
C VAL I 177 -8.67 35.40 -37.82
N MET I 178 -9.40 35.85 -36.82
CA MET I 178 -10.84 36.05 -36.94
C MET I 178 -11.10 37.54 -36.74
N GLU I 179 -11.43 38.23 -37.82
CA GLU I 179 -11.68 39.68 -37.80
C GLU I 179 -13.17 39.95 -37.96
N ILE I 180 -13.70 40.87 -37.17
CA ILE I 180 -15.12 41.20 -37.15
C ILE I 180 -15.90 41.33 -38.46
N GLY I 181 -15.33 41.93 -39.48
CA GLY I 181 -16.11 42.04 -40.67
C GLY I 181 -15.71 41.10 -41.77
N LYS I 182 -14.64 40.34 -41.56
CA LYS I 182 -14.16 39.48 -42.63
C LYS I 182 -14.29 37.99 -42.38
N ASP I 183 -13.95 37.22 -43.40
CA ASP I 183 -13.97 35.77 -43.29
C ASP I 183 -12.77 35.41 -42.42
N ALA I 184 -12.87 34.33 -41.67
CA ALA I 184 -11.76 33.92 -40.83
C ALA I 184 -10.64 33.45 -41.74
N GLU I 185 -9.41 33.86 -41.46
CA GLU I 185 -8.34 33.38 -42.30
C GLU I 185 -7.38 32.47 -41.57
N TYR I 186 -7.44 31.21 -41.97
CA TYR I 186 -6.61 30.16 -41.41
C TYR I 186 -5.29 30.18 -42.15
N LEU I 187 -4.22 30.43 -41.41
CA LEU I 187 -2.90 30.46 -41.98
C LEU I 187 -2.12 29.27 -41.44
N ARG I 188 -2.21 28.17 -42.18
CA ARG I 188 -1.52 26.93 -41.84
C ARG I 188 -0.04 27.06 -42.21
N ASN I 189 0.82 26.83 -41.23
CA ASN I 189 2.26 26.95 -41.42
C ASN I 189 2.67 28.37 -41.79
N TYR I 190 2.15 29.32 -41.02
CA TYR I 190 2.43 30.74 -41.18
C TYR I 190 3.93 30.93 -41.07
N LEU I 191 4.55 30.19 -40.16
CA LEU I 191 5.99 30.24 -39.96
C LEU I 191 6.51 28.82 -39.97
N THR I 192 7.61 28.60 -40.69
CA THR I 192 8.26 27.30 -40.77
C THR I 192 9.76 27.50 -40.50
N PRO I 193 10.13 27.63 -39.23
CA PRO I 193 11.53 27.85 -38.89
C PRO I 193 12.38 26.64 -38.53
N ASN I 194 11.90 25.43 -38.80
CA ASN I 194 12.66 24.23 -38.47
C ASN I 194 12.80 23.24 -39.60
N VAL I 195 13.31 23.68 -40.74
CA VAL I 195 13.50 22.76 -41.85
C VAL I 195 14.76 21.93 -41.57
N ARG I 196 14.72 20.65 -41.90
CA ARG I 196 15.87 19.78 -41.70
C ARG I 196 16.88 20.06 -42.80
N GLU I 197 18.15 20.11 -42.43
CA GLU I 197 19.20 20.35 -43.40
C GLU I 197 19.28 19.14 -44.30
N GLU I 198 19.81 19.32 -45.51
CA GLU I 198 19.92 18.20 -46.44
C GLU I 198 20.82 17.16 -45.80
N LYS I 199 20.47 15.90 -46.00
CA LYS I 199 21.26 14.82 -45.46
C LYS I 199 22.62 14.82 -46.15
N GLN I 200 23.61 14.29 -45.47
CA GLN I 200 24.99 14.22 -45.95
C GLN I 200 25.22 13.19 -47.04
N LYS I 201 24.31 12.24 -47.15
CA LYS I 201 24.45 11.15 -48.11
C LYS I 201 23.05 10.73 -48.54
N SER I 202 22.96 9.97 -49.62
CA SER I 202 21.67 9.47 -50.09
C SER I 202 21.66 7.99 -49.74
N TYR I 203 20.55 7.51 -49.19
CA TYR I 203 20.46 6.11 -48.77
C TYR I 203 19.69 5.22 -49.70
N LYS I 204 19.50 5.70 -50.92
CA LYS I 204 18.83 4.95 -51.96
C LYS I 204 19.67 3.68 -52.13
N PHE I 205 19.01 2.53 -52.11
CA PHE I 205 19.66 1.24 -52.22
C PHE I 205 19.69 0.74 -53.67
N PRO I 206 20.72 -0.05 -54.01
CA PRO I 206 20.73 -0.56 -55.37
C PRO I 206 19.68 -1.70 -55.41
N ARG I 207 18.84 -1.72 -56.44
CA ARG I 207 17.79 -2.72 -56.59
C ARG I 207 18.34 -4.13 -56.56
N GLY I 208 17.70 -4.99 -55.77
CA GLY I 208 18.14 -6.37 -55.65
C GLY I 208 18.77 -6.58 -54.29
N THR I 209 19.01 -5.48 -53.57
CA THR I 209 19.63 -5.51 -52.23
C THR I 209 18.89 -6.42 -51.25
N THR I 210 17.56 -6.33 -51.26
CA THR I 210 16.71 -7.10 -50.35
C THR I 210 16.43 -8.49 -50.87
N ALA I 211 16.58 -9.49 -50.02
CA ALA I 211 16.32 -10.88 -50.40
C ALA I 211 14.84 -11.19 -50.32
N VAL I 212 14.26 -11.52 -51.47
CA VAL I 212 12.84 -11.85 -51.57
C VAL I 212 12.68 -13.37 -51.70
N LEU I 213 11.69 -13.91 -51.00
CA LEU I 213 11.42 -15.34 -51.02
C LEU I 213 10.31 -15.73 -52.02
N LYS I 214 9.24 -14.96 -52.02
CA LYS I 214 8.07 -15.20 -52.86
C LYS I 214 7.51 -13.86 -53.28
N GLU I 215 6.96 -13.80 -54.48
CA GLU I 215 6.40 -12.58 -55.05
C GLU I 215 5.07 -13.03 -55.68
N SER I 216 4.02 -12.21 -55.57
CA SER I 216 2.73 -12.57 -56.15
C SER I 216 1.86 -11.35 -56.31
N ILE I 217 0.83 -11.47 -57.14
CA ILE I 217 -0.09 -10.34 -57.40
C ILE I 217 -1.33 -10.37 -56.52
N VAL I 218 -1.72 -9.20 -56.05
CA VAL I 218 -2.89 -9.05 -55.19
C VAL I 218 -4.11 -8.68 -56.00
N ASN I 219 -5.19 -9.42 -55.82
CA ASN I 219 -6.43 -9.15 -56.55
C ASN I 219 -7.35 -8.20 -55.77
N ILE I 220 -7.49 -6.97 -56.28
CA ILE I 220 -8.30 -5.92 -55.66
C ILE I 220 -9.80 -5.94 -56.01
N CYS I 221 -10.12 -5.88 -57.30
CA CYS I 221 -11.50 -5.86 -57.79
C CYS I 221 -12.26 -7.16 -57.53
N ASP I 222 -13.59 -7.10 -57.42
CA ASP I 222 -14.41 -8.31 -57.24
C ASP I 222 -14.88 -8.98 -58.56
N SER J 1 1.23 -7.44 -18.99
CA SER J 1 0.39 -6.33 -18.44
C SER J 1 0.22 -5.11 -19.37
N ASP J 2 1.15 -4.91 -20.30
CA ASP J 2 1.04 -3.83 -21.28
C ASP J 2 0.48 -4.57 -22.48
N PRO J 3 -0.83 -4.40 -22.75
CA PRO J 3 -1.45 -5.08 -23.88
C PRO J 3 -0.79 -4.83 -25.21
N SER J 4 -0.07 -3.73 -25.32
CA SER J 4 0.57 -3.45 -26.59
C SER J 4 1.95 -4.12 -26.74
N SER J 5 2.36 -4.89 -25.74
CA SER J 5 3.64 -5.58 -25.76
C SER J 5 3.55 -7.11 -25.56
N ILE J 6 2.35 -7.65 -25.55
CA ILE J 6 2.19 -9.08 -25.35
C ILE J 6 2.49 -9.92 -26.57
N ASN J 7 1.98 -9.52 -27.72
CA ASN J 7 2.15 -10.30 -28.94
C ASN J 7 3.26 -9.90 -29.88
N GLY J 8 3.67 -8.63 -29.85
CA GLY J 8 4.74 -8.15 -30.71
C GLY J 8 4.33 -7.83 -32.15
N GLY J 9 5.20 -7.12 -32.89
CA GLY J 9 4.86 -6.83 -34.28
C GLY J 9 5.01 -5.40 -34.69
N ILE J 10 5.21 -5.18 -35.98
CA ILE J 10 5.39 -3.84 -36.51
C ILE J 10 4.79 -3.72 -37.91
N VAL J 11 4.48 -2.49 -38.29
CA VAL J 11 3.91 -2.16 -39.59
C VAL J 11 4.47 -0.79 -39.94
N VAL J 12 4.78 -0.58 -41.21
CA VAL J 12 5.28 0.70 -41.67
C VAL J 12 4.68 0.93 -43.06
N ALA J 13 4.32 2.16 -43.34
CA ALA J 13 3.76 2.49 -44.63
C ALA J 13 4.52 3.69 -45.14
N MET J 14 4.75 3.75 -46.45
CA MET J 14 5.49 4.85 -47.02
C MET J 14 4.82 5.24 -48.30
N THR J 15 4.99 6.49 -48.72
CA THR J 15 4.42 6.97 -49.98
C THR J 15 5.54 7.22 -50.97
N GLY J 16 5.24 7.04 -52.25
CA GLY J 16 6.24 7.24 -53.27
C GLY J 16 5.67 8.04 -54.43
N LYS J 17 6.24 7.82 -55.60
CA LYS J 17 5.82 8.48 -56.83
C LYS J 17 4.69 7.64 -57.39
N ASP J 18 3.46 8.14 -57.24
CA ASP J 18 2.27 7.48 -57.71
C ASP J 18 2.10 6.08 -57.11
N CYS J 19 2.59 5.90 -55.88
CA CYS J 19 2.51 4.62 -55.16
C CYS J 19 2.62 4.77 -53.64
N VAL J 20 2.32 3.70 -52.91
CA VAL J 20 2.45 3.69 -51.46
C VAL J 20 2.96 2.30 -51.18
N ALA J 21 3.35 2.05 -49.95
CA ALA J 21 3.86 0.75 -49.58
C ALA J 21 3.53 0.56 -48.14
N ILE J 22 3.21 -0.65 -47.77
CA ILE J 22 2.91 -0.93 -46.40
C ILE J 22 3.51 -2.28 -46.20
N ALA J 23 4.24 -2.44 -45.10
CA ALA J 23 4.90 -3.70 -44.82
C ALA J 23 4.71 -4.05 -43.38
N CYS J 24 4.91 -5.31 -43.05
CA CYS J 24 4.77 -5.76 -41.69
C CYS J 24 5.60 -7.02 -41.47
N ASP J 25 5.81 -7.39 -40.22
CA ASP J 25 6.55 -8.60 -39.89
C ASP J 25 5.51 -9.70 -39.73
N LEU J 26 5.93 -10.92 -39.46
CA LEU J 26 4.97 -12.00 -39.34
C LEU J 26 4.90 -12.70 -37.98
N ARG J 27 5.58 -12.17 -36.98
CA ARG J 27 5.58 -12.81 -35.68
C ARG J 27 4.36 -12.58 -34.83
N LEU J 28 4.01 -13.62 -34.09
CA LEU J 28 2.92 -13.61 -33.12
C LEU J 28 3.60 -14.36 -31.99
N GLY J 29 3.66 -13.79 -30.80
CA GLY J 29 4.29 -14.49 -29.71
C GLY J 29 3.50 -14.29 -28.45
N SER J 30 3.91 -14.96 -27.39
CA SER J 30 3.28 -14.82 -26.11
C SER J 30 4.43 -14.51 -25.17
N GLN J 31 4.71 -13.23 -24.98
CA GLN J 31 5.82 -12.78 -24.15
C GLN J 31 7.04 -13.29 -24.91
N SER J 32 7.86 -14.15 -24.31
CA SER J 32 9.06 -14.63 -24.97
C SER J 32 8.88 -15.78 -25.95
N LEU J 33 7.74 -16.46 -25.87
CA LEU J 33 7.47 -17.59 -26.74
C LEU J 33 6.97 -17.24 -28.13
N GLY J 34 7.75 -17.60 -29.16
CA GLY J 34 7.30 -17.34 -30.51
C GLY J 34 6.19 -18.34 -30.72
N VAL J 35 5.07 -17.90 -31.27
CA VAL J 35 3.94 -18.79 -31.46
C VAL J 35 3.61 -19.04 -32.92
N SER J 36 3.60 -18.01 -33.73
CA SER J 36 3.31 -18.19 -35.14
C SER J 36 4.20 -17.29 -35.92
N ASN J 37 4.61 -17.79 -37.08
CA ASN J 37 5.46 -17.03 -37.98
C ASN J 37 4.68 -16.75 -39.25
N LYS J 38 3.36 -16.80 -39.16
CA LYS J 38 2.52 -16.56 -40.31
C LYS J 38 1.41 -15.57 -39.99
N PHE J 39 1.66 -14.69 -39.03
CA PHE J 39 0.64 -13.76 -38.63
C PHE J 39 0.76 -12.44 -39.37
N GLU J 40 0.03 -12.30 -40.47
CA GLU J 40 0.07 -11.08 -41.25
C GLU J 40 -0.80 -10.04 -40.57
N LYS J 41 -0.33 -8.81 -40.62
CA LYS J 41 -1.01 -7.71 -39.97
C LYS J 41 -1.57 -6.71 -40.96
N ILE J 42 -1.50 -7.02 -42.25
CA ILE J 42 -2.00 -6.12 -43.26
C ILE J 42 -3.20 -6.78 -43.90
N PHE J 43 -4.29 -6.03 -43.94
CA PHE J 43 -5.55 -6.47 -44.48
C PHE J 43 -5.99 -5.43 -45.51
N HIS J 44 -6.89 -5.78 -46.42
CA HIS J 44 -7.35 -4.81 -47.38
C HIS J 44 -8.81 -5.00 -47.68
N TYR J 45 -9.50 -3.88 -47.84
CA TYR J 45 -10.92 -3.84 -48.13
C TYR J 45 -10.95 -3.13 -49.44
N GLY J 46 -11.02 -3.90 -50.51
CA GLY J 46 -11.00 -3.30 -51.83
C GLY J 46 -9.56 -2.89 -52.10
N HIS J 47 -9.34 -1.61 -52.38
CA HIS J 47 -8.01 -1.09 -52.66
C HIS J 47 -7.41 -0.31 -51.48
N VAL J 48 -8.03 -0.43 -50.32
CA VAL J 48 -7.54 0.25 -49.13
C VAL J 48 -6.92 -0.78 -48.25
N PHE J 49 -5.67 -0.55 -47.85
CA PHE J 49 -4.96 -1.46 -46.99
C PHE J 49 -4.87 -0.93 -45.60
N LEU J 50 -4.97 -1.83 -44.63
CA LEU J 50 -4.89 -1.46 -43.26
C LEU J 50 -3.98 -2.43 -42.56
N GLY J 51 -2.96 -1.92 -41.89
CA GLY J 51 -2.06 -2.79 -41.16
C GLY J 51 -2.39 -2.49 -39.72
N ILE J 52 -2.33 -3.47 -38.84
CA ILE J 52 -2.63 -3.19 -37.46
C ILE J 52 -1.65 -3.92 -36.57
N THR J 53 -1.04 -3.20 -35.64
CA THR J 53 -0.12 -3.82 -34.70
C THR J 53 -0.81 -3.78 -33.34
N GLY J 54 -0.31 -4.52 -32.37
CA GLY J 54 -0.89 -4.51 -31.04
C GLY J 54 -1.29 -5.86 -30.52
N LEU J 55 -2.28 -5.89 -29.63
CA LEU J 55 -2.81 -7.12 -29.05
C LEU J 55 -3.52 -7.86 -30.18
N ALA J 56 -3.09 -9.09 -30.45
CA ALA J 56 -3.61 -9.91 -31.54
C ALA J 56 -5.08 -10.19 -31.55
N THR J 57 -5.72 -10.33 -30.40
CA THR J 57 -7.14 -10.57 -30.43
C THR J 57 -7.90 -9.34 -30.97
N ASP J 58 -7.38 -8.14 -30.70
CA ASP J 58 -7.99 -6.92 -31.17
C ASP J 58 -7.68 -6.70 -32.63
N VAL J 59 -6.47 -7.05 -33.05
CA VAL J 59 -6.10 -6.94 -34.46
C VAL J 59 -7.08 -7.74 -35.27
N THR J 60 -7.32 -8.98 -34.86
CA THR J 60 -8.25 -9.87 -35.54
C THR J 60 -9.67 -9.33 -35.46
N THR J 61 -10.09 -8.84 -34.30
CA THR J 61 -11.42 -8.28 -34.14
C THR J 61 -11.66 -7.08 -35.02
N LEU J 62 -10.69 -6.19 -35.12
CA LEU J 62 -10.81 -4.99 -35.93
C LEU J 62 -10.84 -5.26 -37.41
N ASN J 63 -10.06 -6.21 -37.86
CA ASN J 63 -10.09 -6.57 -39.26
C ASN J 63 -11.49 -7.02 -39.58
N GLU J 64 -12.06 -7.85 -38.72
CA GLU J 64 -13.41 -8.38 -38.90
C GLU J 64 -14.46 -7.28 -38.87
N MET J 65 -14.28 -6.31 -37.98
CA MET J 65 -15.19 -5.18 -37.88
C MET J 65 -15.08 -4.28 -39.12
N PHE J 66 -13.89 -4.02 -39.60
CA PHE J 66 -13.78 -3.18 -40.78
C PHE J 66 -14.27 -3.86 -42.04
N ARG J 67 -14.14 -5.18 -42.12
CA ARG J 67 -14.63 -5.92 -43.28
C ARG J 67 -16.15 -5.79 -43.27
N TYR J 68 -16.72 -5.94 -42.11
CA TYR J 68 -18.14 -5.82 -41.92
C TYR J 68 -18.60 -4.44 -42.34
N LYS J 69 -18.00 -3.41 -41.79
CA LYS J 69 -18.38 -2.05 -42.12
C LYS J 69 -18.11 -1.63 -43.54
N THR J 70 -17.03 -2.10 -44.15
CA THR J 70 -16.75 -1.72 -45.52
C THR J 70 -17.66 -2.50 -46.48
N ASN J 71 -18.10 -3.67 -46.08
CA ASN J 71 -18.99 -4.46 -46.92
C ASN J 71 -20.34 -3.77 -47.00
N LEU J 72 -20.86 -3.34 -45.86
CA LEU J 72 -22.13 -2.63 -45.83
C LEU J 72 -22.02 -1.31 -46.55
N TYR J 73 -20.91 -0.64 -46.39
CA TYR J 73 -20.69 0.62 -47.06
C TYR J 73 -20.83 0.43 -48.57
N LYS J 74 -20.14 -0.56 -49.11
CA LYS J 74 -20.16 -0.84 -50.52
C LYS J 74 -21.57 -1.10 -51.04
N LEU J 75 -22.37 -1.79 -50.24
CA LEU J 75 -23.75 -2.09 -50.61
C LEU J 75 -24.65 -0.85 -50.67
N LYS J 76 -24.56 0.00 -49.64
CA LYS J 76 -25.37 1.20 -49.57
C LYS J 76 -24.92 2.26 -50.54
N GLU J 77 -23.61 2.44 -50.62
CA GLU J 77 -23.04 3.45 -51.47
C GLU J 77 -22.81 3.01 -52.90
N GLU J 78 -22.78 1.71 -53.14
CA GLU J 78 -22.56 1.17 -54.46
C GLU J 78 -21.21 1.54 -55.07
N ARG J 79 -20.22 1.71 -54.21
CA ARG J 79 -18.84 2.02 -54.61
C ARG J 79 -17.91 1.64 -53.46
N ALA J 80 -16.65 1.34 -53.75
CA ALA J 80 -15.71 0.94 -52.72
C ALA J 80 -15.21 2.14 -51.91
N ILE J 81 -15.05 1.97 -50.60
CA ILE J 81 -14.59 3.04 -49.71
C ILE J 81 -13.22 3.55 -50.14
N GLU J 82 -12.97 4.84 -49.98
CA GLU J 82 -11.69 5.45 -50.32
C GLU J 82 -10.84 5.56 -49.07
N PRO J 83 -9.50 5.69 -49.22
CA PRO J 83 -8.55 5.80 -48.11
C PRO J 83 -8.85 6.94 -47.14
N GLU J 84 -9.21 8.11 -47.67
CA GLU J 84 -9.53 9.28 -46.86
C GLU J 84 -10.74 8.99 -46.02
N THR J 85 -11.71 8.33 -46.63
CA THR J 85 -12.95 8.00 -45.94
C THR J 85 -12.80 6.92 -44.92
N PHE J 86 -12.07 5.87 -45.27
CA PHE J 86 -11.84 4.76 -44.38
C PHE J 86 -11.11 5.24 -43.15
N THR J 87 -10.13 6.11 -43.36
CA THR J 87 -9.35 6.69 -42.30
C THR J 87 -10.25 7.32 -41.26
N GLN J 88 -11.27 8.05 -41.70
CA GLN J 88 -12.21 8.67 -40.80
C GLN J 88 -13.05 7.59 -40.10
N LEU J 89 -13.38 6.51 -40.81
CA LEU J 89 -14.14 5.42 -40.22
C LEU J 89 -13.36 4.71 -39.13
N VAL J 90 -12.07 4.53 -39.34
CA VAL J 90 -11.21 3.86 -38.35
C VAL J 90 -11.15 4.72 -37.09
N SER J 91 -10.89 6.00 -37.29
CA SER J 91 -10.79 6.94 -36.19
C SER J 91 -12.04 7.00 -35.35
N SER J 92 -13.18 7.10 -36.01
CA SER J 92 -14.44 7.17 -35.28
C SER J 92 -14.74 5.84 -34.57
N SER J 93 -14.33 4.73 -35.17
CA SER J 93 -14.54 3.41 -34.58
C SER J 93 -13.68 3.21 -33.34
N LEU J 94 -12.45 3.74 -33.37
CA LEU J 94 -11.55 3.62 -32.23
C LEU J 94 -11.99 4.51 -31.09
N TYR J 95 -12.35 5.76 -31.36
CA TYR J 95 -12.79 6.66 -30.31
C TYR J 95 -14.10 6.27 -29.64
N GLU J 96 -14.88 5.42 -30.30
CA GLU J 96 -16.16 4.96 -29.76
C GLU J 96 -15.89 4.16 -28.49
N ARG J 97 -14.70 3.59 -28.40
CA ARG J 97 -14.30 2.83 -27.23
C ARG J 97 -13.22 3.61 -26.49
N ARG J 98 -13.38 4.93 -26.38
CA ARG J 98 -12.43 5.81 -25.71
C ARG J 98 -11.97 5.37 -24.29
N PHE J 99 -12.89 4.88 -23.47
CA PHE J 99 -12.53 4.48 -22.12
C PHE J 99 -12.37 2.96 -21.88
N GLY J 100 -12.19 2.21 -22.96
CA GLY J 100 -11.98 0.77 -22.90
C GLY J 100 -11.53 0.44 -24.31
N PRO J 101 -10.46 1.10 -24.77
CA PRO J 101 -9.90 0.95 -26.10
C PRO J 101 -9.36 -0.37 -26.54
N TYR J 102 -9.22 -0.49 -27.86
CA TYR J 102 -8.64 -1.66 -28.48
C TYR J 102 -7.16 -1.31 -28.42
N PHE J 103 -6.31 -2.25 -28.01
CA PHE J 103 -4.90 -1.95 -27.90
C PHE J 103 -4.22 -2.21 -29.20
N VAL J 104 -4.35 -1.26 -30.13
CA VAL J 104 -3.78 -1.43 -31.44
C VAL J 104 -3.20 -0.16 -31.96
N GLY J 105 -2.52 -0.27 -33.09
CA GLY J 105 -1.95 0.89 -33.73
C GLY J 105 -2.20 0.71 -35.21
N PRO J 106 -3.35 1.15 -35.72
CA PRO J 106 -3.67 1.00 -37.14
C PRO J 106 -2.87 1.89 -38.06
N VAL J 107 -2.74 1.49 -39.31
CA VAL J 107 -2.02 2.22 -40.34
C VAL J 107 -2.76 1.98 -41.66
N VAL J 108 -3.11 3.05 -42.34
CA VAL J 108 -3.84 2.97 -43.58
C VAL J 108 -2.95 3.43 -44.71
N ALA J 109 -2.99 2.68 -45.82
CA ALA J 109 -2.20 3.01 -47.00
C ALA J 109 -3.06 2.70 -48.22
N GLY J 110 -3.08 3.59 -49.19
CA GLY J 110 -3.87 3.35 -50.37
C GLY J 110 -3.81 4.51 -51.32
N ILE J 111 -4.40 4.33 -52.48
CA ILE J 111 -4.43 5.38 -53.49
C ILE J 111 -5.88 5.67 -53.90
N ASN J 112 -6.25 6.95 -53.85
CA ASN J 112 -7.60 7.39 -54.20
C ASN J 112 -7.89 7.07 -55.67
N SER J 113 -8.96 6.35 -55.94
CA SER J 113 -9.28 5.94 -57.30
C SER J 113 -9.73 7.05 -58.22
N LYS J 114 -10.11 8.19 -57.67
CA LYS J 114 -10.57 9.29 -58.51
C LYS J 114 -9.44 10.26 -58.80
N SER J 115 -8.70 10.64 -57.74
CA SER J 115 -7.60 11.60 -57.88
C SER J 115 -6.21 10.99 -58.05
N GLY J 116 -6.03 9.72 -57.71
CA GLY J 116 -4.74 9.07 -57.85
C GLY J 116 -3.64 9.44 -56.87
N LYS J 117 -3.97 10.28 -55.90
CA LYS J 117 -3.01 10.73 -54.90
C LYS J 117 -2.75 9.65 -53.85
N PRO J 118 -1.46 9.31 -53.64
CA PRO J 118 -1.08 8.30 -52.66
C PRO J 118 -1.46 8.77 -51.25
N PHE J 119 -1.89 7.84 -50.42
CA PHE J 119 -2.34 8.17 -49.08
C PHE J 119 -1.96 7.16 -48.00
N ILE J 120 -1.49 7.65 -46.86
CA ILE J 120 -1.15 6.81 -45.71
C ILE J 120 -1.57 7.58 -44.46
N ALA J 121 -1.93 6.86 -43.41
CA ALA J 121 -2.30 7.50 -42.15
C ALA J 121 -2.02 6.55 -40.99
N GLY J 122 -1.83 7.10 -39.80
CA GLY J 122 -1.57 6.29 -38.63
C GLY J 122 -2.50 6.78 -37.54
N PHE J 123 -2.74 5.95 -36.53
CA PHE J 123 -3.64 6.31 -35.44
C PHE J 123 -3.11 5.80 -34.12
N ASP J 124 -3.47 6.46 -33.02
CA ASP J 124 -3.08 5.95 -31.72
C ASP J 124 -4.26 5.05 -31.32
N LEU J 125 -4.21 4.37 -30.20
CA LEU J 125 -5.31 3.48 -29.88
C LEU J 125 -6.70 4.10 -29.71
N ILE J 126 -6.80 5.41 -29.49
CA ILE J 126 -8.11 6.02 -29.34
C ILE J 126 -8.56 6.82 -30.55
N GLY J 127 -7.89 6.66 -31.67
CA GLY J 127 -8.34 7.35 -32.85
C GLY J 127 -7.67 8.59 -33.36
N CYS J 128 -6.71 9.18 -32.66
CA CYS J 128 -6.08 10.37 -33.19
C CYS J 128 -5.41 10.06 -34.53
N ILE J 129 -5.69 10.87 -35.55
CA ILE J 129 -5.12 10.67 -36.88
C ILE J 129 -3.82 11.41 -37.15
N ASP J 130 -2.88 10.74 -37.79
CA ASP J 130 -1.61 11.32 -38.16
C ASP J 130 -1.54 11.11 -39.67
N GLU J 131 -1.83 12.15 -40.44
CA GLU J 131 -1.79 12.06 -41.91
C GLU J 131 -0.47 12.64 -42.36
N ALA J 132 0.50 11.77 -42.58
CA ALA J 132 1.82 12.22 -42.96
C ALA J 132 2.00 12.09 -44.44
N LYS J 133 2.90 12.89 -44.98
CA LYS J 133 3.15 12.80 -46.38
C LYS J 133 4.34 11.85 -46.64
N ASP J 134 5.07 11.51 -45.59
CA ASP J 134 6.25 10.66 -45.72
C ASP J 134 6.10 9.21 -45.32
N PHE J 135 5.98 8.92 -44.03
CA PHE J 135 5.86 7.54 -43.56
C PHE J 135 5.12 7.45 -42.25
N ILE J 136 4.64 6.26 -41.91
CA ILE J 136 3.92 5.98 -40.66
C ILE J 136 4.51 4.70 -40.11
N VAL J 137 4.78 4.69 -38.80
CA VAL J 137 5.35 3.52 -38.17
C VAL J 137 4.49 3.15 -36.99
N SER J 138 4.48 1.86 -36.69
CA SER J 138 3.67 1.38 -35.60
C SER J 138 4.23 0.05 -35.09
N GLY J 139 4.02 -0.25 -33.82
CA GLY J 139 4.49 -1.51 -33.31
C GLY J 139 5.45 -1.41 -32.16
N THR J 140 5.97 -2.57 -31.76
CA THR J 140 6.92 -2.64 -30.65
C THR J 140 8.31 -2.14 -31.02
N ALA J 141 8.53 -1.90 -32.31
CA ALA J 141 9.81 -1.39 -32.78
C ALA J 141 9.55 -0.09 -33.49
N SER J 142 8.64 0.71 -32.96
CA SER J 142 8.32 1.97 -33.58
C SER J 142 9.47 2.96 -33.49
N ASP J 143 10.21 3.01 -32.38
CA ASP J 143 11.34 3.92 -32.26
C ASP J 143 12.38 3.59 -33.31
N GLN J 144 12.67 2.30 -33.43
CA GLN J 144 13.63 1.82 -34.40
C GLN J 144 13.22 2.20 -35.81
N LEU J 145 11.96 1.95 -36.16
CA LEU J 145 11.44 2.32 -37.48
C LEU J 145 11.55 3.80 -37.72
N PHE J 146 11.28 4.62 -36.71
CA PHE J 146 11.37 6.07 -36.86
C PHE J 146 12.80 6.41 -37.19
N GLY J 147 13.74 5.76 -36.51
CA GLY J 147 15.14 6.00 -36.77
C GLY J 147 15.49 5.61 -38.20
N MET J 148 15.06 4.43 -38.61
CA MET J 148 15.34 3.95 -39.96
C MET J 148 14.75 4.82 -41.02
N CYS J 149 13.47 5.12 -40.87
CA CYS J 149 12.73 5.93 -41.82
C CYS J 149 13.24 7.34 -41.94
N GLU J 150 13.55 7.99 -40.83
CA GLU J 150 14.03 9.36 -40.88
C GLU J 150 15.32 9.50 -41.68
N SER J 151 16.14 8.46 -41.67
CA SER J 151 17.40 8.45 -42.42
C SER J 151 17.25 7.91 -43.83
N LEU J 152 16.62 6.75 -43.96
CA LEU J 152 16.44 6.12 -45.26
C LEU J 152 15.47 6.79 -46.22
N TYR J 153 14.45 7.45 -45.70
CA TYR J 153 13.46 8.06 -46.56
C TYR J 153 13.84 9.31 -47.31
N GLU J 154 13.40 9.35 -48.56
CA GLU J 154 13.57 10.51 -49.44
C GLU J 154 12.29 10.46 -50.30
N PRO J 155 11.69 11.61 -50.58
CA PRO J 155 10.46 11.73 -51.37
C PRO J 155 10.48 11.25 -52.83
N ASN J 156 9.28 10.95 -53.34
CA ASN J 156 9.06 10.52 -54.72
C ASN J 156 9.84 9.35 -55.30
N LEU J 157 9.99 8.28 -54.54
CA LEU J 157 10.70 7.10 -55.05
C LEU J 157 9.76 6.30 -55.94
N GLU J 158 10.32 5.58 -56.91
CA GLU J 158 9.55 4.76 -57.81
C GLU J 158 9.25 3.46 -57.08
N PRO J 159 8.18 2.76 -57.47
CA PRO J 159 7.79 1.50 -56.85
C PRO J 159 8.94 0.56 -56.58
N GLU J 160 9.81 0.40 -57.57
CA GLU J 160 10.95 -0.50 -57.45
C GLU J 160 11.93 -0.08 -56.36
N ASP J 161 12.09 1.22 -56.16
CA ASP J 161 13.01 1.72 -55.14
C ASP J 161 12.36 1.79 -53.76
N LEU J 162 11.11 2.23 -53.69
CA LEU J 162 10.41 2.32 -52.41
C LEU J 162 10.46 0.97 -51.74
N PHE J 163 10.32 -0.06 -52.55
CA PHE J 163 10.36 -1.41 -52.06
C PHE J 163 11.58 -1.69 -51.24
N GLU J 164 12.73 -1.34 -51.80
CA GLU J 164 13.99 -1.56 -51.13
C GLU J 164 14.03 -0.74 -49.85
N THR J 165 13.62 0.51 -49.95
CA THR J 165 13.61 1.38 -48.79
C THR J 165 12.73 0.87 -47.68
N ILE J 166 11.45 0.68 -47.94
CA ILE J 166 10.57 0.21 -46.89
C ILE J 166 11.04 -1.11 -46.33
N SER J 167 11.53 -1.98 -47.21
CA SER J 167 12.02 -3.30 -46.78
C SER J 167 13.16 -3.19 -45.81
N GLN J 168 14.10 -2.31 -46.09
CA GLN J 168 15.24 -2.14 -45.21
C GLN J 168 14.86 -1.45 -43.92
N ALA J 169 13.91 -0.52 -43.98
CA ALA J 169 13.45 0.18 -42.79
C ALA J 169 12.88 -0.86 -41.88
N LEU J 170 12.01 -1.68 -42.44
CA LEU J 170 11.36 -2.74 -41.70
C LEU J 170 12.34 -3.78 -41.13
N LEU J 171 13.10 -4.42 -42.03
CA LEU J 171 14.05 -5.47 -41.67
C LEU J 171 15.01 -5.11 -40.55
N ASN J 172 15.67 -3.98 -40.67
CA ASN J 172 16.62 -3.60 -39.65
C ASN J 172 16.00 -3.14 -38.37
N ALA J 173 14.77 -2.61 -38.43
CA ALA J 173 14.06 -2.18 -37.23
C ALA J 173 13.67 -3.42 -36.46
N ALA J 174 13.20 -4.44 -37.17
CA ALA J 174 12.79 -5.69 -36.55
C ALA J 174 13.91 -6.46 -35.89
N ASP J 175 15.11 -6.39 -36.46
CA ASP J 175 16.24 -7.11 -35.90
C ASP J 175 16.74 -6.56 -34.60
N ARG J 176 16.23 -5.39 -34.21
CA ARG J 176 16.60 -4.75 -32.94
C ARG J 176 15.43 -4.80 -31.98
N ASP J 177 14.43 -5.61 -32.31
CA ASP J 177 13.27 -5.75 -31.47
C ASP J 177 13.10 -7.22 -31.22
N ALA J 178 13.04 -7.57 -29.96
CA ALA J 178 12.88 -8.95 -29.56
C ALA J 178 11.56 -9.56 -29.96
N LEU J 179 10.51 -8.73 -29.92
CA LEU J 179 9.18 -9.18 -30.23
C LEU J 179 8.73 -9.09 -31.68
N SER J 180 9.63 -8.74 -32.59
CA SER J 180 9.30 -8.63 -34.00
C SER J 180 10.21 -9.48 -34.86
N GLY J 181 9.78 -9.73 -36.09
CA GLY J 181 10.59 -10.52 -36.99
C GLY J 181 9.89 -11.77 -37.42
N TRP J 182 10.62 -12.89 -37.41
CA TRP J 182 10.09 -14.18 -37.82
C TRP J 182 9.44 -14.11 -39.18
N GLY J 183 9.89 -13.21 -40.04
CA GLY J 183 9.31 -13.09 -41.37
C GLY J 183 8.76 -11.69 -41.63
N ALA J 184 8.63 -11.32 -42.89
CA ALA J 184 8.13 -10.00 -43.22
C ALA J 184 7.46 -10.00 -44.58
N VAL J 185 6.51 -9.07 -44.78
CA VAL J 185 5.78 -8.95 -46.02
C VAL J 185 5.64 -7.46 -46.40
N VAL J 186 5.86 -7.16 -47.68
CA VAL J 186 5.78 -5.78 -48.17
C VAL J 186 4.82 -5.68 -49.32
N TYR J 187 3.94 -4.68 -49.31
CA TYR J 187 3.01 -4.48 -50.41
C TYR J 187 3.38 -3.22 -51.12
N ILE J 188 3.59 -3.31 -52.43
CA ILE J 188 3.90 -2.13 -53.22
C ILE J 188 2.59 -1.88 -53.94
N ILE J 189 1.99 -0.74 -53.67
CA ILE J 189 0.69 -0.43 -54.21
C ILE J 189 0.66 0.66 -55.25
N LYS J 190 0.16 0.33 -56.44
CA LYS J 190 0.01 1.29 -57.55
C LYS J 190 -1.46 1.36 -57.94
N LYS J 191 -1.83 2.42 -58.63
CA LYS J 191 -3.20 2.66 -59.08
C LYS J 191 -3.87 1.43 -59.65
N ASP J 192 -3.13 0.73 -60.49
CA ASP J 192 -3.63 -0.44 -61.16
C ASP J 192 -3.23 -1.75 -60.52
N GLU J 193 -1.98 -1.86 -60.10
CA GLU J 193 -1.51 -3.11 -59.51
C GLU J 193 -0.90 -2.98 -58.13
N VAL J 194 -1.01 -4.08 -57.37
CA VAL J 194 -0.48 -4.22 -56.02
C VAL J 194 0.37 -5.48 -56.00
N VAL J 195 1.65 -5.34 -55.63
CA VAL J 195 2.54 -6.50 -55.57
C VAL J 195 2.87 -6.79 -54.10
N LYS J 196 2.86 -8.06 -53.74
CA LYS J 196 3.14 -8.53 -52.38
C LYS J 196 4.40 -9.40 -52.40
N ARG J 197 5.43 -9.01 -51.65
CA ARG J 197 6.70 -9.76 -51.57
C ARG J 197 7.07 -10.16 -50.14
N TYR J 198 7.40 -11.43 -49.93
CA TYR J 198 7.81 -11.95 -48.62
C TYR J 198 9.31 -11.87 -48.61
N LEU J 199 9.86 -11.35 -47.51
CA LEU J 199 11.29 -11.15 -47.36
C LEU J 199 11.95 -12.27 -46.59
N LYS J 200 13.22 -12.51 -46.90
CA LYS J 200 13.99 -13.53 -46.20
C LYS J 200 14.68 -12.78 -45.10
N MET J 201 14.57 -13.27 -43.87
CA MET J 201 15.21 -12.60 -42.76
C MET J 201 15.56 -13.61 -41.71
N ARG J 202 16.34 -13.20 -40.70
CA ARG J 202 16.74 -14.08 -39.62
C ARG J 202 15.49 -14.63 -38.96
N GLN J 203 15.60 -15.80 -38.34
CA GLN J 203 14.47 -16.40 -37.68
C GLN J 203 14.69 -16.62 -36.20
N ASP J 204 15.32 -15.66 -35.56
CA ASP J 204 15.58 -15.69 -34.12
C ASP J 204 15.03 -14.44 -33.44
N MET K 1 -0.68 -24.83 -14.77
CA MET K 1 -1.66 -25.13 -15.84
C MET K 1 -1.46 -26.57 -16.34
N ASP K 2 -2.54 -27.14 -16.86
CA ASP K 2 -2.56 -28.50 -17.38
C ASP K 2 -1.77 -28.60 -18.68
N ILE K 3 -1.64 -29.80 -19.22
CA ILE K 3 -0.92 -29.97 -20.47
C ILE K 3 -1.88 -30.25 -21.59
N ILE K 4 -1.75 -29.46 -22.66
CA ILE K 4 -2.59 -29.57 -23.81
C ILE K 4 -1.70 -29.43 -25.01
N LEU K 5 -1.61 -30.48 -25.81
CA LEU K 5 -0.79 -30.48 -27.02
C LEU K 5 -1.62 -31.00 -28.17
N GLY K 6 -1.28 -30.58 -29.37
CA GLY K 6 -2.01 -31.04 -30.51
C GLY K 6 -1.01 -31.08 -31.61
N ILE K 7 -1.17 -32.03 -32.49
CA ILE K 7 -0.28 -32.16 -33.61
C ILE K 7 -1.14 -32.62 -34.78
N ARG K 8 -1.06 -31.89 -35.87
CA ARG K 8 -1.80 -32.21 -37.09
C ARG K 8 -0.81 -32.94 -38.00
N VAL K 9 -1.10 -34.19 -38.31
CA VAL K 9 -0.27 -34.98 -39.20
C VAL K 9 -0.85 -34.91 -40.61
N GLN K 10 -0.57 -35.86 -41.49
CA GLN K 10 -1.13 -35.79 -42.83
C GLN K 10 -2.62 -36.06 -42.95
N ASP K 11 -3.13 -37.06 -42.22
CA ASP K 11 -4.53 -37.38 -42.32
C ASP K 11 -5.31 -37.31 -41.03
N SER K 12 -4.77 -36.64 -40.01
CA SER K 12 -5.49 -36.55 -38.75
C SER K 12 -4.87 -35.55 -37.81
N VAL K 13 -5.58 -35.24 -36.73
CA VAL K 13 -5.12 -34.31 -35.69
C VAL K 13 -5.12 -35.10 -34.40
N ILE K 14 -4.01 -35.05 -33.69
CA ILE K 14 -3.92 -35.77 -32.43
C ILE K 14 -3.85 -34.73 -31.32
N LEU K 15 -4.67 -34.93 -30.29
CA LEU K 15 -4.69 -34.02 -29.17
C LEU K 15 -4.29 -34.86 -27.99
N ALA K 16 -3.32 -34.39 -27.21
CA ALA K 16 -2.86 -35.11 -26.04
C ALA K 16 -3.13 -34.14 -24.91
N SER K 17 -3.83 -34.60 -23.88
CA SER K 17 -4.19 -33.74 -22.76
C SER K 17 -3.97 -34.44 -21.43
N SER K 18 -3.34 -33.76 -20.47
CA SER K 18 -3.03 -34.36 -19.19
C SER K 18 -4.23 -34.86 -18.41
N LYS K 19 -4.01 -35.87 -17.58
CA LYS K 19 -5.06 -36.49 -16.80
C LYS K 19 -5.31 -36.03 -15.36
N ALA K 20 -4.42 -35.24 -14.80
CA ALA K 20 -4.61 -34.80 -13.43
C ALA K 20 -5.48 -33.58 -13.21
N VAL K 21 -6.07 -33.52 -12.02
CA VAL K 21 -6.87 -32.39 -11.58
C VAL K 21 -6.34 -32.20 -10.19
N THR K 22 -5.65 -31.09 -9.98
CA THR K 22 -5.06 -30.82 -8.68
C THR K 22 -5.73 -29.66 -8.02
N ARG K 23 -6.13 -29.84 -6.78
CA ARG K 23 -6.75 -28.75 -6.05
C ARG K 23 -5.99 -28.54 -4.76
N GLY K 24 -5.12 -27.52 -4.79
CA GLY K 24 -4.31 -27.18 -3.63
C GLY K 24 -3.18 -28.12 -3.33
N ILE K 25 -3.27 -28.79 -2.19
CA ILE K 25 -2.27 -29.74 -1.72
C ILE K 25 -2.42 -31.19 -2.22
N SER K 26 -3.59 -31.55 -2.75
CA SER K 26 -3.83 -32.91 -3.19
C SER K 26 -4.27 -33.08 -4.62
N VAL K 27 -3.85 -34.16 -5.25
CA VAL K 27 -4.27 -34.48 -6.60
C VAL K 27 -5.64 -35.16 -6.41
N LEU K 28 -6.72 -34.53 -6.87
CA LEU K 28 -8.06 -35.10 -6.69
C LEU K 28 -8.47 -36.22 -7.60
N LYS K 29 -7.99 -36.18 -8.84
CA LYS K 29 -8.35 -37.20 -9.81
C LYS K 29 -7.18 -37.37 -10.75
N ASP K 30 -7.00 -38.59 -11.25
CA ASP K 30 -5.91 -38.92 -12.16
C ASP K 30 -6.40 -39.48 -13.50
N SER K 31 -7.69 -39.30 -13.80
CA SER K 31 -8.27 -39.83 -15.02
C SER K 31 -9.16 -38.81 -15.75
N ASP K 32 -8.85 -37.52 -15.61
CA ASP K 32 -9.67 -36.48 -16.21
C ASP K 32 -9.49 -36.32 -17.71
N ASP K 33 -10.63 -36.22 -18.40
CA ASP K 33 -10.64 -36.06 -19.84
C ASP K 33 -10.94 -34.59 -20.13
N LYS K 34 -9.91 -33.83 -20.49
CA LYS K 34 -10.03 -32.42 -20.78
C LYS K 34 -10.35 -32.18 -22.23
N THR K 35 -11.47 -32.72 -22.68
CA THR K 35 -11.84 -32.60 -24.08
C THR K 35 -13.36 -32.79 -24.23
N ARG K 36 -13.94 -32.16 -25.25
CA ARG K 36 -15.38 -32.30 -25.56
C ARG K 36 -15.47 -32.46 -27.07
N GLN K 37 -16.30 -33.37 -27.54
CA GLN K 37 -16.50 -33.54 -28.97
C GLN K 37 -17.54 -32.48 -29.35
N LEU K 38 -17.20 -31.58 -30.28
CA LEU K 38 -18.11 -30.52 -30.65
C LEU K 38 -19.03 -30.99 -31.75
N SER K 39 -18.51 -31.81 -32.64
CA SER K 39 -19.29 -32.35 -33.74
C SER K 39 -18.57 -33.65 -34.05
N PRO K 40 -19.20 -34.56 -34.79
CA PRO K 40 -18.50 -35.80 -35.07
C PRO K 40 -17.10 -35.74 -35.65
N HIS K 41 -16.70 -34.62 -36.23
CA HIS K 41 -15.36 -34.52 -36.77
C HIS K 41 -14.56 -33.36 -36.20
N THR K 42 -14.98 -32.86 -35.04
CA THR K 42 -14.30 -31.75 -34.37
C THR K 42 -14.20 -31.97 -32.86
N LEU K 43 -12.99 -31.85 -32.34
CA LEU K 43 -12.74 -32.07 -30.93
C LEU K 43 -12.01 -30.85 -30.37
N MET K 44 -12.33 -30.46 -29.16
CA MET K 44 -11.66 -29.33 -28.55
C MET K 44 -11.11 -29.70 -27.20
N SER K 45 -9.84 -29.40 -26.97
CA SER K 45 -9.23 -29.68 -25.68
C SER K 45 -9.13 -28.32 -25.01
N PHE K 46 -9.06 -28.32 -23.69
CA PHE K 46 -9.02 -27.07 -22.96
C PHE K 46 -8.25 -27.13 -21.67
N ALA K 47 -7.71 -26.00 -21.27
CA ALA K 47 -6.96 -25.87 -20.03
C ALA K 47 -7.16 -24.47 -19.49
N GLY K 48 -7.24 -24.32 -18.18
CA GLY K 48 -7.40 -23.00 -17.60
C GLY K 48 -7.88 -22.98 -16.17
N GLU K 49 -8.67 -21.96 -15.86
CA GLU K 49 -9.22 -21.79 -14.53
C GLU K 49 -10.27 -22.84 -14.21
N ALA K 50 -10.23 -23.32 -12.98
CA ALA K 50 -11.10 -24.35 -12.43
C ALA K 50 -12.46 -24.67 -13.03
N GLY K 51 -13.49 -23.89 -12.75
CA GLY K 51 -14.80 -24.21 -13.30
C GLY K 51 -15.10 -23.69 -14.69
N ASP K 52 -14.47 -22.57 -15.04
CA ASP K 52 -14.61 -21.88 -16.31
C ASP K 52 -14.34 -22.80 -17.46
N THR K 53 -13.31 -23.60 -17.27
CA THR K 53 -12.82 -24.55 -18.25
C THR K 53 -13.90 -25.46 -18.83
N VAL K 54 -14.59 -26.21 -17.97
CA VAL K 54 -15.64 -27.13 -18.38
C VAL K 54 -16.89 -26.34 -18.77
N GLN K 55 -17.24 -25.31 -18.02
CA GLN K 55 -18.42 -24.51 -18.33
C GLN K 55 -18.33 -23.95 -19.73
N PHE K 56 -17.15 -23.46 -20.10
CA PHE K 56 -16.98 -22.91 -21.42
C PHE K 56 -17.07 -24.01 -22.46
N ALA K 57 -16.36 -25.09 -22.26
CA ALA K 57 -16.36 -26.17 -23.23
C ALA K 57 -17.74 -26.77 -23.47
N GLU K 58 -18.52 -26.94 -22.41
CA GLU K 58 -19.84 -27.50 -22.54
C GLU K 58 -20.80 -26.53 -23.20
N TYR K 59 -20.56 -25.25 -23.02
CA TYR K 59 -21.38 -24.21 -23.66
C TYR K 59 -21.11 -24.22 -25.17
N ILE K 60 -19.84 -24.33 -25.57
CA ILE K 60 -19.51 -24.38 -27.00
C ILE K 60 -20.11 -25.62 -27.69
N GLN K 61 -19.99 -26.78 -27.04
CA GLN K 61 -20.52 -28.04 -27.53
C GLN K 61 -22.03 -27.89 -27.73
N ALA K 62 -22.75 -27.45 -26.71
CA ALA K 62 -24.20 -27.25 -26.80
C ALA K 62 -24.56 -26.41 -28.00
N ASN K 63 -23.83 -25.30 -28.17
CA ASN K 63 -24.06 -24.39 -29.28
C ASN K 63 -23.76 -24.98 -30.60
N ILE K 64 -22.72 -25.78 -30.72
CA ILE K 64 -22.40 -26.39 -32.01
C ILE K 64 -23.41 -27.51 -32.31
N GLN K 65 -23.84 -28.23 -31.28
CA GLN K 65 -24.81 -29.31 -31.44
C GLN K 65 -26.14 -28.76 -31.90
N LEU K 66 -26.50 -27.57 -31.44
CA LEU K 66 -27.73 -26.91 -31.86
C LEU K 66 -27.68 -26.53 -33.34
N TYR K 67 -26.57 -25.95 -33.77
CA TYR K 67 -26.40 -25.54 -35.16
C TYR K 67 -26.55 -26.74 -36.09
N SER K 68 -25.90 -27.84 -35.74
CA SER K 68 -25.93 -29.06 -36.52
C SER K 68 -27.34 -29.55 -36.75
N ILE K 69 -28.17 -29.44 -35.73
CA ILE K 69 -29.53 -29.88 -35.83
C ILE K 69 -30.42 -28.91 -36.61
N ARG K 70 -30.30 -27.62 -36.35
CA ARG K 70 -31.13 -26.65 -37.04
C ARG K 70 -30.87 -26.67 -38.54
N GLU K 71 -29.62 -26.92 -38.88
CA GLU K 71 -29.13 -26.93 -40.25
C GLU K 71 -28.94 -28.29 -40.91
N ASP K 72 -28.93 -29.35 -40.12
CA ASP K 72 -28.73 -30.71 -40.62
C ASP K 72 -27.39 -30.67 -41.36
N TYR K 73 -26.37 -30.13 -40.70
CA TYR K 73 -25.07 -30.02 -41.31
C TYR K 73 -24.02 -29.83 -40.25
N GLU K 74 -22.79 -30.20 -40.57
CA GLU K 74 -21.71 -30.06 -39.64
C GLU K 74 -20.79 -28.96 -40.11
N LEU K 75 -20.67 -27.92 -39.29
CA LEU K 75 -19.82 -26.77 -39.60
C LEU K 75 -18.38 -27.20 -39.81
N SER K 76 -17.67 -26.48 -40.65
CA SER K 76 -16.27 -26.78 -40.88
C SER K 76 -15.49 -26.43 -39.62
N PRO K 77 -14.33 -27.06 -39.43
CA PRO K 77 -13.49 -26.79 -38.26
C PRO K 77 -13.15 -25.31 -38.18
N GLN K 78 -12.92 -24.69 -39.34
CA GLN K 78 -12.60 -23.28 -39.40
C GLN K 78 -13.77 -22.47 -38.87
N ALA K 79 -14.98 -22.89 -39.20
CA ALA K 79 -16.15 -22.16 -38.74
C ALA K 79 -16.33 -22.34 -37.24
N VAL K 80 -16.13 -23.55 -36.75
CA VAL K 80 -16.28 -23.78 -35.34
C VAL K 80 -15.26 -22.95 -34.56
N SER K 81 -14.04 -22.91 -35.06
CA SER K 81 -12.99 -22.16 -34.37
C SER K 81 -13.26 -20.67 -34.35
N SER K 82 -13.70 -20.09 -35.46
CA SER K 82 -14.03 -18.69 -35.49
C SER K 82 -15.12 -18.38 -34.46
N PHE K 83 -16.10 -19.26 -34.38
CA PHE K 83 -17.17 -19.08 -33.41
C PHE K 83 -16.56 -19.11 -32.02
N VAL K 84 -15.67 -20.09 -31.75
CA VAL K 84 -15.03 -20.19 -30.43
C VAL K 84 -14.20 -18.95 -30.13
N ARG K 85 -13.45 -18.45 -31.12
CA ARG K 85 -12.64 -17.26 -30.91
C ARG K 85 -13.49 -16.05 -30.55
N GLN K 86 -14.60 -15.86 -31.27
CA GLN K 86 -15.48 -14.74 -30.97
C GLN K 86 -16.02 -14.81 -29.56
N GLU K 87 -16.31 -16.01 -29.07
CA GLU K 87 -16.81 -16.16 -27.71
C GLU K 87 -15.77 -15.80 -26.69
N LEU K 88 -14.54 -16.24 -26.90
CA LEU K 88 -13.47 -15.93 -25.97
C LEU K 88 -13.18 -14.44 -26.03
N ALA K 89 -13.10 -13.87 -27.22
CA ALA K 89 -12.86 -12.45 -27.36
C ALA K 89 -13.93 -11.56 -26.74
N LYS K 90 -15.11 -12.10 -26.47
CA LYS K 90 -16.21 -11.34 -25.88
C LYS K 90 -15.97 -11.21 -24.39
N SER K 91 -15.56 -12.30 -23.79
CA SER K 91 -15.33 -12.33 -22.35
C SER K 91 -14.15 -11.52 -21.88
N ILE K 92 -13.19 -11.27 -22.74
CA ILE K 92 -12.00 -10.53 -22.31
C ILE K 92 -12.28 -9.15 -21.70
N ARG K 93 -13.34 -8.51 -22.13
CA ARG K 93 -13.71 -7.20 -21.58
C ARG K 93 -15.06 -7.29 -20.89
N SER K 94 -15.33 -8.49 -20.38
CA SER K 94 -16.55 -8.83 -19.67
C SER K 94 -16.37 -8.54 -18.19
N ARG K 95 -17.43 -8.73 -17.40
CA ARG K 95 -17.41 -8.51 -15.96
C ARG K 95 -16.41 -9.48 -15.33
N ARG K 96 -16.54 -10.76 -15.69
CA ARG K 96 -15.65 -11.79 -15.18
C ARG K 96 -15.29 -12.67 -16.37
N PRO K 97 -14.09 -12.46 -16.92
CA PRO K 97 -13.58 -13.21 -18.07
C PRO K 97 -13.30 -14.71 -17.88
N TYR K 98 -13.64 -15.48 -18.90
CA TYR K 98 -13.40 -16.92 -18.93
C TYR K 98 -11.88 -16.99 -19.11
N GLN K 99 -11.22 -17.80 -18.30
CA GLN K 99 -9.79 -17.95 -18.46
C GLN K 99 -9.59 -19.37 -18.96
N VAL K 100 -9.82 -19.58 -20.24
CA VAL K 100 -9.74 -20.90 -20.82
C VAL K 100 -8.97 -20.84 -22.11
N ASN K 101 -8.05 -21.77 -22.30
CA ASN K 101 -7.25 -21.83 -23.52
C ASN K 101 -7.71 -23.13 -24.16
N VAL K 102 -7.93 -23.14 -25.47
CA VAL K 102 -8.42 -24.34 -26.16
C VAL K 102 -7.64 -24.71 -27.41
N LEU K 103 -7.72 -25.97 -27.79
CA LEU K 103 -7.07 -26.42 -29.01
C LEU K 103 -8.22 -27.07 -29.71
N ILE K 104 -8.41 -26.76 -30.97
CA ILE K 104 -9.49 -27.36 -31.70
C ILE K 104 -8.94 -28.18 -32.84
N GLY K 105 -9.13 -29.48 -32.76
CA GLY K 105 -8.64 -30.35 -33.82
C GLY K 105 -9.84 -30.86 -34.56
N GLY K 106 -9.87 -30.63 -35.85
CA GLY K 106 -11.00 -31.10 -36.61
C GLY K 106 -10.58 -31.60 -37.96
N TYR K 107 -11.40 -32.46 -38.54
CA TYR K 107 -11.13 -32.98 -39.87
C TYR K 107 -12.19 -32.41 -40.78
N ASP K 108 -11.78 -31.60 -41.74
CA ASP K 108 -12.69 -30.97 -42.67
C ASP K 108 -13.10 -31.95 -43.78
N LYS K 109 -14.29 -32.52 -43.67
CA LYS K 109 -14.75 -33.48 -44.67
C LYS K 109 -14.82 -32.92 -46.08
N LYS K 110 -15.01 -31.61 -46.22
CA LYS K 110 -15.09 -31.00 -47.54
C LYS K 110 -13.72 -30.80 -48.20
N LYS K 111 -12.78 -30.18 -47.50
CA LYS K 111 -11.43 -29.94 -48.04
C LYS K 111 -10.61 -31.22 -48.01
N ASN K 112 -11.06 -32.15 -47.18
CA ASN K 112 -10.42 -33.43 -46.97
C ASN K 112 -9.04 -33.29 -46.32
N LYS K 113 -8.94 -32.37 -45.35
CA LYS K 113 -7.69 -32.10 -44.63
C LYS K 113 -7.93 -31.89 -43.14
N PRO K 114 -7.01 -32.36 -42.29
CA PRO K 114 -7.17 -32.17 -40.85
C PRO K 114 -6.65 -30.78 -40.51
N GLU K 115 -7.18 -30.16 -39.47
CA GLU K 115 -6.79 -28.82 -39.10
C GLU K 115 -6.76 -28.68 -37.60
N LEU K 116 -5.78 -27.92 -37.11
CA LEU K 116 -5.61 -27.68 -35.68
C LEU K 116 -5.59 -26.19 -35.44
N TYR K 117 -6.39 -25.75 -34.49
CA TYR K 117 -6.47 -24.36 -34.15
C TYR K 117 -6.16 -24.21 -32.70
N GLN K 118 -5.37 -23.19 -32.41
CA GLN K 118 -4.96 -22.85 -31.07
C GLN K 118 -5.51 -21.47 -30.77
N ILE K 119 -6.30 -21.37 -29.71
CA ILE K 119 -6.90 -20.09 -29.32
C ILE K 119 -6.70 -19.92 -27.84
N ASP K 120 -6.06 -18.82 -27.42
CA ASP K 120 -5.88 -18.62 -25.97
C ASP K 120 -7.06 -17.91 -25.35
N TYR K 121 -7.06 -17.75 -24.04
CA TYR K 121 -8.15 -17.09 -23.33
C TYR K 121 -8.58 -15.72 -23.83
N LEU K 122 -7.71 -15.02 -24.54
CA LEU K 122 -8.01 -13.69 -25.05
C LEU K 122 -8.72 -13.70 -26.39
N GLY K 123 -8.77 -14.85 -27.04
CA GLY K 123 -9.37 -14.95 -28.36
C GLY K 123 -8.30 -14.85 -29.42
N THR K 124 -7.07 -15.26 -29.10
CA THR K 124 -5.98 -15.21 -30.06
C THR K 124 -5.94 -16.53 -30.75
N LYS K 125 -6.42 -16.55 -31.98
CA LYS K 125 -6.46 -17.76 -32.75
C LYS K 125 -5.35 -17.82 -33.77
N VAL K 126 -4.81 -19.00 -33.96
CA VAL K 126 -3.77 -19.20 -34.94
C VAL K 126 -3.90 -20.67 -35.39
N GLU K 127 -3.70 -20.92 -36.68
CA GLU K 127 -3.79 -22.28 -37.20
C GLU K 127 -2.37 -22.79 -37.29
N LEU K 128 -2.12 -24.00 -36.82
CA LEU K 128 -0.75 -24.51 -36.80
C LEU K 128 -0.61 -26.02 -37.02
N PRO K 129 0.63 -26.50 -37.27
CA PRO K 129 0.94 -27.91 -37.46
C PRO K 129 0.89 -28.57 -36.09
N TYR K 130 1.35 -27.86 -35.07
CA TYR K 130 1.33 -28.37 -33.70
C TYR K 130 1.25 -27.17 -32.80
N GLY K 131 0.68 -27.34 -31.62
CA GLY K 131 0.57 -26.22 -30.73
C GLY K 131 0.41 -26.69 -29.31
N ALA K 132 0.29 -25.76 -28.38
CA ALA K 132 0.17 -26.10 -26.98
C ALA K 132 -0.20 -24.85 -26.23
N HIS K 133 -0.56 -25.00 -24.97
CA HIS K 133 -0.90 -23.84 -24.19
C HIS K 133 -0.10 -23.79 -22.90
N GLY K 134 0.02 -22.60 -22.34
CA GLY K 134 0.77 -22.46 -21.11
C GLY K 134 2.25 -22.70 -21.34
N TYR K 135 2.84 -23.50 -20.47
CA TYR K 135 4.26 -23.82 -20.53
C TYR K 135 4.59 -25.02 -21.41
N SER K 136 3.61 -25.84 -21.73
CA SER K 136 3.81 -27.04 -22.53
C SER K 136 4.72 -26.80 -23.72
N GLY K 137 4.47 -25.74 -24.45
CA GLY K 137 5.29 -25.48 -25.60
C GLY K 137 6.75 -25.26 -25.29
N PHE K 138 7.02 -24.67 -24.14
CA PHE K 138 8.39 -24.38 -23.76
C PHE K 138 9.29 -25.60 -23.77
N TYR K 139 8.76 -26.75 -23.42
CA TYR K 139 9.57 -27.94 -23.40
C TYR K 139 9.48 -28.74 -24.68
N THR K 140 8.29 -28.76 -25.26
CA THR K 140 8.02 -29.55 -26.45
C THR K 140 8.26 -28.92 -27.80
N PHE K 141 8.19 -27.62 -27.93
CA PHE K 141 8.36 -27.06 -29.25
C PHE K 141 9.68 -27.32 -29.92
N SER K 142 10.75 -27.46 -29.16
CA SER K 142 12.05 -27.70 -29.77
C SER K 142 12.06 -29.07 -30.43
N LEU K 143 11.35 -30.02 -29.82
CA LEU K 143 11.25 -31.37 -30.33
C LEU K 143 10.40 -31.38 -31.57
N LEU K 144 9.26 -30.69 -31.52
CA LEU K 144 8.35 -30.62 -32.66
C LEU K 144 9.01 -29.89 -33.82
N ASP K 145 9.64 -28.76 -33.55
CA ASP K 145 10.34 -28.00 -34.59
C ASP K 145 11.36 -28.86 -35.31
N HIS K 146 12.03 -29.72 -34.56
CA HIS K 146 13.05 -30.59 -35.09
C HIS K 146 12.49 -31.76 -35.90
N HIS K 147 11.67 -32.58 -35.27
CA HIS K 147 11.15 -33.77 -35.93
C HIS K 147 9.90 -33.73 -36.78
N TYR K 148 9.13 -32.65 -36.71
CA TYR K 148 7.89 -32.58 -37.46
C TYR K 148 8.01 -32.55 -38.98
N ARG K 149 7.12 -33.30 -39.64
CA ARG K 149 7.02 -33.36 -41.11
C ARG K 149 5.52 -33.38 -41.46
N PRO K 150 5.10 -32.60 -42.47
CA PRO K 150 3.68 -32.54 -42.87
C PRO K 150 3.09 -33.86 -43.39
N ASP K 151 3.92 -34.75 -43.93
CA ASP K 151 3.45 -36.03 -44.45
C ASP K 151 3.59 -37.21 -43.48
N MET K 152 3.60 -36.91 -42.18
CA MET K 152 3.72 -37.93 -41.13
C MET K 152 2.48 -38.80 -41.08
N THR K 153 2.64 -40.05 -40.63
CA THR K 153 1.51 -40.93 -40.51
C THR K 153 1.00 -40.70 -39.12
N THR K 154 -0.12 -41.32 -38.79
CA THR K 154 -0.68 -41.19 -37.47
C THR K 154 0.28 -41.81 -36.49
N GLU K 155 0.96 -42.87 -36.92
CA GLU K 155 1.88 -43.53 -36.01
C GLU K 155 3.10 -42.66 -35.77
N GLU K 156 3.56 -41.95 -36.80
CA GLU K 156 4.72 -41.08 -36.62
C GLU K 156 4.40 -39.91 -35.70
N GLY K 157 3.15 -39.47 -35.73
CA GLY K 157 2.71 -38.38 -34.87
C GLY K 157 2.70 -38.87 -33.46
N LEU K 158 2.08 -40.03 -33.23
CA LEU K 158 2.01 -40.61 -31.91
C LEU K 158 3.41 -40.80 -31.31
N ASP K 159 4.36 -41.26 -32.12
CA ASP K 159 5.72 -41.46 -31.61
C ASP K 159 6.35 -40.14 -31.19
N LEU K 160 6.04 -39.07 -31.92
CA LEU K 160 6.55 -37.76 -31.61
C LEU K 160 5.90 -37.18 -30.34
N LEU K 161 4.61 -37.38 -30.16
CA LEU K 161 3.93 -36.90 -28.97
C LEU K 161 4.50 -37.60 -27.78
N LYS K 162 4.85 -38.87 -27.98
CA LYS K 162 5.42 -39.68 -26.91
C LYS K 162 6.75 -39.06 -26.49
N LEU K 163 7.58 -38.71 -27.45
CA LEU K 163 8.84 -38.10 -27.13
C LEU K 163 8.57 -36.79 -26.38
N CYS K 164 7.58 -36.03 -26.86
CA CYS K 164 7.21 -34.77 -26.22
C CYS K 164 6.80 -34.99 -24.79
N VAL K 165 5.97 -35.99 -24.56
CA VAL K 165 5.52 -36.28 -23.20
C VAL K 165 6.68 -36.75 -22.32
N GLN K 166 7.67 -37.40 -22.92
CA GLN K 166 8.82 -37.87 -22.17
C GLN K 166 9.66 -36.70 -21.70
N GLU K 167 9.86 -35.70 -22.54
CA GLU K 167 10.61 -34.52 -22.14
C GLU K 167 9.84 -33.78 -21.06
N LEU K 168 8.52 -33.72 -21.18
CA LEU K 168 7.72 -33.07 -20.17
C LEU K 168 7.84 -33.83 -18.85
N GLU K 169 7.78 -35.15 -18.89
CA GLU K 169 7.92 -35.93 -17.66
C GLU K 169 9.31 -35.84 -17.03
N LYS K 170 10.33 -35.53 -17.83
CA LYS K 170 11.68 -35.41 -17.30
C LYS K 170 12.01 -34.06 -16.66
N ARG K 171 11.69 -32.97 -17.36
CA ARG K 171 12.00 -31.62 -16.91
C ARG K 171 10.89 -30.77 -16.28
N MET K 172 9.61 -31.10 -16.52
CA MET K 172 8.55 -30.29 -15.93
C MET K 172 8.30 -30.74 -14.50
N PRO K 173 8.32 -29.79 -13.55
CA PRO K 173 8.12 -29.99 -12.10
C PRO K 173 6.88 -30.69 -11.55
N MET K 174 5.72 -30.51 -12.17
CA MET K 174 4.52 -31.16 -11.64
C MET K 174 4.23 -32.50 -12.30
N ASP K 175 3.60 -33.41 -11.55
CA ASP K 175 3.22 -34.72 -12.07
C ASP K 175 1.83 -34.53 -12.66
N PHE K 176 1.75 -34.55 -13.98
CA PHE K 176 0.47 -34.37 -14.62
C PHE K 176 -0.28 -35.68 -14.85
N LYS K 177 0.29 -36.77 -14.34
CA LYS K 177 -0.33 -38.08 -14.44
C LYS K 177 -0.62 -38.62 -15.83
N GLY K 178 0.26 -38.36 -16.79
CA GLY K 178 0.06 -38.89 -18.12
C GLY K 178 -0.95 -38.11 -18.93
N VAL K 179 -1.13 -38.51 -20.18
CA VAL K 179 -2.07 -37.85 -21.06
C VAL K 179 -3.07 -38.81 -21.70
N ILE K 180 -4.23 -38.29 -22.07
CA ILE K 180 -5.23 -39.06 -22.78
C ILE K 180 -5.06 -38.50 -24.17
N VAL K 181 -4.90 -39.38 -25.15
CA VAL K 181 -4.68 -38.99 -26.53
C VAL K 181 -5.89 -39.35 -27.36
N LYS K 182 -6.26 -38.48 -28.29
CA LYS K 182 -7.40 -38.71 -29.15
C LYS K 182 -7.03 -38.33 -30.55
N ILE K 183 -7.52 -39.08 -31.53
CA ILE K 183 -7.23 -38.83 -32.93
C ILE K 183 -8.51 -38.43 -33.64
N VAL K 184 -8.44 -37.40 -34.46
CA VAL K 184 -9.58 -36.91 -35.20
C VAL K 184 -9.23 -37.08 -36.67
N ASP K 185 -10.02 -37.87 -37.40
CA ASP K 185 -9.80 -38.09 -38.83
C ASP K 185 -11.13 -38.25 -39.57
N LYS K 186 -11.08 -38.65 -40.84
CA LYS K 186 -12.26 -38.81 -41.70
C LYS K 186 -13.34 -39.70 -41.13
N ASP K 187 -12.94 -40.58 -40.23
CA ASP K 187 -13.88 -41.51 -39.63
C ASP K 187 -14.36 -41.05 -38.27
N GLY K 188 -13.97 -39.85 -37.88
CA GLY K 188 -14.43 -39.36 -36.60
C GLY K 188 -13.34 -39.16 -35.59
N ILE K 189 -13.69 -39.47 -34.35
CA ILE K 189 -12.83 -39.29 -33.21
C ILE K 189 -12.71 -40.56 -32.41
N ARG K 190 -11.48 -41.03 -32.21
CA ARG K 190 -11.25 -42.24 -31.44
C ARG K 190 -10.19 -41.98 -30.36
N GLN K 191 -10.36 -42.63 -29.23
CA GLN K 191 -9.45 -42.51 -28.13
C GLN K 191 -8.41 -43.61 -28.24
N VAL K 192 -7.13 -43.24 -28.31
CA VAL K 192 -6.05 -44.21 -28.38
C VAL K 192 -5.82 -44.65 -26.95
N ASP K 193 -6.28 -45.86 -26.60
CA ASP K 193 -6.09 -46.35 -25.23
C ASP K 193 -4.67 -46.85 -24.92
N ASP K 194 -3.80 -46.85 -25.95
CA ASP K 194 -2.40 -47.29 -25.79
C ASP K 194 -1.32 -46.18 -25.85
N PHE K 195 -1.06 -45.54 -24.71
CA PHE K 195 -0.03 -44.49 -24.65
C PHE K 195 0.86 -44.50 -23.39
N GLN K 196 0.39 -45.16 -22.33
CA GLN K 196 1.12 -45.29 -21.06
C GLN K 196 2.49 -45.93 -21.33
N ALA K 197 2.55 -46.72 -22.41
CA ALA K 197 3.73 -47.43 -22.89
C ALA K 197 3.36 -47.96 -24.27
N GLN K 198 4.05 -47.47 -25.31
CA GLN K 198 3.76 -47.86 -26.69
C GLN K 198 4.98 -48.47 -27.41
N THR L 1 -11.53 -29.97 9.61
CA THR L 1 -12.64 -30.79 9.09
C THR L 1 -12.09 -31.83 8.14
N THR L 2 -12.67 -33.02 8.17
CA THR L 2 -12.28 -34.07 7.26
C THR L 2 -13.55 -34.78 6.84
N THR L 3 -13.76 -34.90 5.55
CA THR L 3 -14.94 -35.55 5.05
C THR L 3 -14.46 -36.44 3.94
N LEU L 4 -15.08 -37.61 3.79
CA LEU L 4 -14.69 -38.51 2.72
C LEU L 4 -15.89 -39.27 2.23
N ALA L 5 -15.79 -39.78 1.01
CA ALA L 5 -16.83 -40.58 0.42
C ALA L 5 -16.17 -41.48 -0.59
N PHE L 6 -16.48 -42.77 -0.54
CA PHE L 6 -15.92 -43.66 -1.53
C PHE L 6 -16.93 -44.69 -1.97
N ARG L 7 -16.75 -45.09 -3.21
CA ARG L 7 -17.58 -46.04 -3.94
C ARG L 7 -17.03 -47.45 -3.88
N PHE L 8 -17.92 -48.43 -3.70
CA PHE L 8 -17.55 -49.84 -3.65
C PHE L 8 -18.72 -50.79 -4.01
N GLN L 9 -18.49 -52.09 -3.87
CA GLN L 9 -19.47 -53.15 -4.14
C GLN L 9 -20.88 -52.86 -3.62
N GLY L 10 -21.02 -52.60 -2.32
CA GLY L 10 -22.34 -52.36 -1.76
C GLY L 10 -22.87 -50.96 -1.65
N GLY L 11 -22.38 -50.03 -2.45
CA GLY L 11 -22.85 -48.66 -2.35
C GLY L 11 -21.77 -47.61 -2.13
N ILE L 12 -22.00 -46.69 -1.22
CA ILE L 12 -21.05 -45.63 -0.95
C ILE L 12 -20.86 -45.50 0.54
N ILE L 13 -19.66 -45.15 0.93
CA ILE L 13 -19.41 -44.93 2.34
C ILE L 13 -19.16 -43.46 2.42
N VAL L 14 -19.78 -42.83 3.40
CA VAL L 14 -19.61 -41.42 3.61
C VAL L 14 -19.25 -41.33 5.08
N ALA L 15 -18.12 -40.71 5.40
CA ALA L 15 -17.66 -40.54 6.78
C ALA L 15 -17.13 -39.13 6.94
N VAL L 16 -17.45 -38.49 8.04
CA VAL L 16 -17.04 -37.12 8.27
C VAL L 16 -16.78 -36.95 9.74
N ASP L 17 -16.02 -35.91 10.11
CA ASP L 17 -15.75 -35.61 11.51
C ASP L 17 -16.81 -34.60 11.91
N SER L 18 -16.69 -33.97 13.07
CA SER L 18 -17.70 -33.01 13.48
C SER L 18 -17.19 -31.83 14.28
N ARG L 19 -16.01 -31.34 13.94
CA ARG L 19 -15.43 -30.21 14.64
C ARG L 19 -15.52 -28.95 13.80
N ALA L 20 -15.74 -27.83 14.47
CA ALA L 20 -15.79 -26.52 13.85
C ALA L 20 -14.92 -25.61 14.70
N THR L 21 -14.06 -24.84 14.06
CA THR L 21 -13.15 -23.96 14.76
C THR L 21 -13.17 -22.54 14.18
N ALA L 22 -12.96 -21.56 15.04
CA ALA L 22 -12.90 -20.16 14.65
C ALA L 22 -11.49 -19.74 15.13
N GLY L 23 -10.49 -19.94 14.28
CA GLY L 23 -9.13 -19.62 14.68
C GLY L 23 -8.58 -20.82 15.45
N ASN L 24 -8.40 -20.68 16.76
CA ASN L 24 -7.87 -21.77 17.61
C ASN L 24 -8.99 -22.27 18.50
N TRP L 25 -10.08 -21.52 18.53
CA TRP L 25 -11.26 -21.81 19.32
C TRP L 25 -12.07 -22.96 18.70
N VAL L 26 -12.33 -23.98 19.47
CA VAL L 26 -13.13 -25.08 18.96
C VAL L 26 -14.56 -24.67 19.26
N ALA L 27 -15.23 -24.15 18.23
CA ALA L 27 -16.60 -23.68 18.34
C ALA L 27 -17.60 -24.78 18.63
N SER L 28 -17.36 -25.95 18.07
CA SER L 28 -18.27 -27.06 18.27
C SER L 28 -17.58 -28.38 18.01
N GLN L 29 -17.97 -29.38 18.77
CA GLN L 29 -17.43 -30.72 18.60
C GLN L 29 -18.58 -31.61 18.09
N THR L 30 -19.75 -31.00 17.88
CA THR L 30 -20.94 -31.72 17.44
C THR L 30 -21.58 -31.22 16.14
N VAL L 31 -20.78 -30.74 15.20
CA VAL L 31 -21.32 -30.22 13.95
C VAL L 31 -21.79 -31.35 13.03
N LYS L 32 -22.91 -31.15 12.35
CA LYS L 32 -23.42 -32.15 11.44
C LYS L 32 -22.83 -31.81 10.10
N ARG L 33 -21.88 -32.60 9.62
CA ARG L 33 -21.26 -32.32 8.36
C ARG L 33 -21.77 -33.10 7.16
N VAL L 34 -22.83 -33.86 7.37
CA VAL L 34 -23.45 -34.57 6.27
C VAL L 34 -24.83 -33.97 6.18
N ILE L 35 -25.18 -33.45 5.01
CA ILE L 35 -26.49 -32.87 4.84
C ILE L 35 -27.34 -33.94 4.17
N GLU L 36 -28.47 -34.26 4.80
CA GLU L 36 -29.41 -35.25 4.31
C GLU L 36 -30.30 -34.55 3.32
N ILE L 37 -29.85 -34.51 2.07
CA ILE L 37 -30.54 -33.82 0.98
C ILE L 37 -31.98 -34.31 0.89
N ASN L 38 -32.13 -35.63 0.80
CA ASN L 38 -33.41 -36.30 0.77
C ASN L 38 -33.08 -37.73 1.17
N PRO L 39 -34.08 -38.62 1.23
CA PRO L 39 -33.76 -39.99 1.63
C PRO L 39 -32.79 -40.82 0.79
N PHE L 40 -32.40 -40.34 -0.39
CA PHE L 40 -31.51 -41.09 -1.27
C PHE L 40 -30.17 -40.40 -1.57
N LEU L 41 -30.05 -39.12 -1.25
CA LEU L 41 -28.83 -38.41 -1.56
C LEU L 41 -28.23 -37.77 -0.34
N LEU L 42 -26.90 -37.74 -0.30
CA LEU L 42 -26.14 -37.14 0.78
C LEU L 42 -25.14 -36.13 0.23
N GLY L 43 -24.80 -35.14 1.04
CA GLY L 43 -23.82 -34.17 0.63
C GLY L 43 -22.98 -33.94 1.87
N THR L 44 -21.69 -33.71 1.67
CA THR L 44 -20.75 -33.45 2.76
C THR L 44 -20.50 -31.96 2.86
N MET L 45 -20.34 -31.46 4.07
CA MET L 45 -20.09 -30.05 4.35
C MET L 45 -18.62 -29.73 4.60
N ALA L 46 -18.02 -28.89 3.75
CA ALA L 46 -16.63 -28.46 3.92
C ALA L 46 -16.53 -27.08 3.30
N GLY L 47 -15.85 -26.18 3.98
CA GLY L 47 -15.71 -24.82 3.50
C GLY L 47 -16.57 -23.97 4.40
N GLY L 48 -17.52 -23.24 3.82
CA GLY L 48 -18.38 -22.41 4.63
C GLY L 48 -19.56 -23.23 5.07
N ALA L 49 -19.85 -23.19 6.37
CA ALA L 49 -20.96 -23.95 6.93
C ALA L 49 -22.31 -23.51 6.39
N ALA L 50 -22.57 -22.22 6.44
CA ALA L 50 -23.83 -21.70 5.94
C ALA L 50 -23.93 -22.01 4.48
N ASP L 51 -22.89 -21.74 3.72
CA ASP L 51 -22.92 -21.98 2.29
C ASP L 51 -23.31 -23.37 1.91
N CYS L 52 -22.70 -24.34 2.55
CA CYS L 52 -22.99 -25.73 2.29
C CYS L 52 -24.38 -26.05 2.78
N GLN L 53 -24.65 -25.72 4.03
CA GLN L 53 -25.94 -26.00 4.63
C GLN L 53 -27.08 -25.41 3.86
N PHE L 54 -26.96 -24.14 3.49
CA PHE L 54 -28.01 -23.46 2.75
C PHE L 54 -28.22 -23.98 1.36
N TRP L 55 -27.17 -24.07 0.57
CA TRP L 55 -27.32 -24.54 -0.79
C TRP L 55 -27.64 -25.99 -0.97
N GLU L 56 -27.29 -26.81 0.01
CA GLU L 56 -27.59 -28.21 -0.14
C GLU L 56 -29.01 -28.48 0.34
N THR L 57 -29.50 -27.70 1.30
CA THR L 57 -30.88 -27.87 1.72
C THR L 57 -31.73 -27.37 0.54
N TRP L 58 -31.24 -26.35 -0.16
CA TRP L 58 -31.92 -25.81 -1.34
C TRP L 58 -31.90 -26.87 -2.43
N LEU L 59 -30.77 -27.55 -2.58
CA LEU L 59 -30.64 -28.60 -3.58
C LEU L 59 -31.74 -29.64 -3.36
N GLY L 60 -31.98 -29.97 -2.10
CA GLY L 60 -32.99 -30.96 -1.76
C GLY L 60 -34.33 -30.54 -2.29
N SER L 61 -34.60 -29.25 -2.27
CA SER L 61 -35.86 -28.72 -2.78
C SER L 61 -35.97 -28.84 -4.29
N GLN L 62 -34.89 -28.51 -4.99
CA GLN L 62 -34.87 -28.59 -6.42
C GLN L 62 -34.99 -30.03 -6.88
N CYS L 63 -34.51 -30.95 -6.06
CA CYS L 63 -34.58 -32.39 -6.34
C CYS L 63 -36.02 -32.86 -6.15
N ARG L 64 -36.69 -32.40 -5.10
CA ARG L 64 -38.08 -32.78 -4.89
C ARG L 64 -38.96 -32.25 -6.02
N LEU L 65 -38.67 -31.05 -6.49
CA LEU L 65 -39.42 -30.43 -7.59
C LEU L 65 -39.27 -31.21 -8.87
N HIS L 66 -38.05 -31.64 -9.16
CA HIS L 66 -37.79 -32.41 -10.36
C HIS L 66 -38.65 -33.67 -10.36
N GLU L 67 -38.63 -34.40 -9.26
CA GLU L 67 -39.39 -35.64 -9.13
C GLU L 67 -40.87 -35.45 -9.27
N LEU L 68 -41.38 -34.31 -8.81
CA LEU L 68 -42.80 -34.04 -8.95
C LEU L 68 -43.12 -33.79 -10.43
N ARG L 69 -42.25 -33.06 -11.11
CA ARG L 69 -42.42 -32.73 -12.51
C ARG L 69 -42.23 -33.91 -13.45
N GLU L 70 -41.19 -34.70 -13.20
CA GLU L 70 -40.88 -35.79 -14.08
C GLU L 70 -41.33 -37.18 -13.68
N LYS L 71 -41.84 -37.32 -12.45
CA LYS L 71 -42.32 -38.61 -11.95
C LYS L 71 -41.24 -39.69 -11.95
N GLU L 72 -39.99 -39.26 -11.87
CA GLU L 72 -38.86 -40.18 -11.85
C GLU L 72 -37.82 -39.58 -10.91
N ARG L 73 -37.09 -40.45 -10.25
CA ARG L 73 -36.04 -40.09 -9.30
C ARG L 73 -34.93 -39.30 -9.99
N ILE L 74 -34.43 -38.25 -9.34
CA ILE L 74 -33.37 -37.44 -9.95
C ILE L 74 -32.02 -38.15 -9.91
N SER L 75 -31.30 -38.11 -11.01
CA SER L 75 -30.01 -38.75 -11.07
C SER L 75 -29.00 -37.96 -10.27
N VAL L 76 -27.94 -38.61 -9.81
CA VAL L 76 -26.90 -37.93 -9.05
C VAL L 76 -26.22 -36.95 -10.01
N ALA L 77 -26.06 -37.32 -11.26
CA ALA L 77 -25.46 -36.42 -12.24
C ALA L 77 -26.22 -35.11 -12.32
N ALA L 78 -27.54 -35.19 -12.40
CA ALA L 78 -28.36 -34.00 -12.50
C ALA L 78 -28.47 -33.23 -11.20
N ALA L 79 -28.51 -33.93 -10.08
CA ALA L 79 -28.61 -33.25 -8.80
C ALA L 79 -27.33 -32.47 -8.50
N SER L 80 -26.20 -33.06 -8.84
CA SER L 80 -24.93 -32.40 -8.60
C SER L 80 -24.79 -31.18 -9.47
N LYS L 81 -25.17 -31.31 -10.74
CA LYS L 81 -25.09 -30.20 -11.66
C LYS L 81 -25.97 -29.00 -11.28
N ILE L 82 -27.10 -29.26 -10.65
CA ILE L 82 -27.94 -28.15 -10.24
C ILE L 82 -27.11 -27.31 -9.28
N LEU L 83 -26.52 -27.95 -8.28
CA LEU L 83 -25.71 -27.24 -7.28
C LEU L 83 -24.50 -26.63 -7.93
N SER L 84 -23.80 -27.42 -8.72
CA SER L 84 -22.61 -26.95 -9.40
C SER L 84 -22.91 -25.73 -10.25
N ASN L 85 -24.00 -25.76 -11.00
CA ASN L 85 -24.34 -24.62 -11.85
C ASN L 85 -24.74 -23.39 -11.05
N LEU L 86 -25.40 -23.58 -9.92
CA LEU L 86 -25.80 -22.45 -9.09
C LEU L 86 -24.55 -21.77 -8.52
N VAL L 87 -23.64 -22.59 -7.99
CA VAL L 87 -22.40 -22.15 -7.41
C VAL L 87 -21.59 -21.37 -8.45
N TYR L 88 -21.59 -21.82 -9.69
CA TYR L 88 -20.88 -21.11 -10.75
C TYR L 88 -21.50 -19.74 -11.02
N GLN L 89 -22.80 -19.58 -10.80
CA GLN L 89 -23.46 -18.28 -11.02
C GLN L 89 -22.90 -17.21 -10.10
N TYR L 90 -22.58 -17.61 -8.88
CA TYR L 90 -22.04 -16.71 -7.85
C TYR L 90 -20.52 -16.62 -7.89
N LYS L 91 -19.86 -17.24 -8.86
CA LYS L 91 -18.41 -17.25 -8.90
C LYS L 91 -17.74 -15.91 -8.76
N GLY L 92 -16.87 -15.80 -7.75
CA GLY L 92 -16.17 -14.56 -7.51
C GLY L 92 -16.78 -13.77 -6.38
N ALA L 93 -18.01 -14.08 -5.98
CA ALA L 93 -18.67 -13.37 -4.91
C ALA L 93 -18.19 -13.83 -3.54
N GLY L 94 -17.51 -14.97 -3.49
CA GLY L 94 -16.99 -15.42 -2.20
C GLY L 94 -17.61 -16.62 -1.48
N LEU L 95 -18.36 -17.46 -2.18
CA LEU L 95 -18.93 -18.64 -1.55
C LEU L 95 -17.76 -19.60 -1.30
N SER L 96 -17.82 -20.40 -0.24
CA SER L 96 -16.78 -21.35 0.06
C SER L 96 -17.38 -22.73 0.33
N MET L 97 -17.13 -23.67 -0.57
CA MET L 97 -17.62 -25.02 -0.41
C MET L 97 -16.87 -26.08 -1.19
N GLY L 98 -16.65 -27.20 -0.52
CA GLY L 98 -15.97 -28.36 -1.08
C GLY L 98 -16.93 -29.43 -0.61
N THR L 99 -17.65 -30.04 -1.53
CA THR L 99 -18.66 -31.02 -1.15
C THR L 99 -18.75 -32.22 -2.07
N MET L 100 -19.22 -33.33 -1.50
CA MET L 100 -19.43 -34.56 -2.26
C MET L 100 -20.93 -34.81 -2.30
N ILE L 101 -21.43 -34.98 -3.50
CA ILE L 101 -22.85 -35.26 -3.68
C ILE L 101 -22.83 -36.75 -3.99
N CYS L 102 -23.43 -37.52 -3.08
CA CYS L 102 -23.46 -38.98 -3.14
C CYS L 102 -24.85 -39.59 -3.34
N GLY L 103 -24.92 -40.53 -4.27
CA GLY L 103 -26.20 -41.17 -4.51
C GLY L 103 -25.98 -42.50 -5.18
N TYR L 104 -27.04 -43.29 -5.27
CA TYR L 104 -26.98 -44.63 -5.86
C TYR L 104 -28.30 -44.78 -6.60
N THR L 105 -28.30 -44.60 -7.92
CA THR L 105 -29.54 -44.73 -8.65
C THR L 105 -29.44 -45.95 -9.54
N ARG L 106 -30.59 -46.43 -10.00
CA ARG L 106 -30.64 -47.60 -10.86
C ARG L 106 -29.87 -47.38 -12.16
N LYS L 107 -30.02 -46.20 -12.73
CA LYS L 107 -29.41 -45.85 -13.99
C LYS L 107 -27.90 -45.67 -13.95
N GLU L 108 -27.38 -45.16 -12.84
CA GLU L 108 -25.96 -44.87 -12.72
C GLU L 108 -25.13 -45.75 -11.78
N GLY L 109 -25.77 -46.29 -10.75
CA GLY L 109 -25.05 -47.08 -9.78
C GLY L 109 -24.61 -46.15 -8.67
N PRO L 110 -23.63 -46.54 -7.81
CA PRO L 110 -23.20 -45.64 -6.74
C PRO L 110 -22.44 -44.52 -7.46
N THR L 111 -22.80 -43.27 -7.18
CA THR L 111 -22.17 -42.14 -7.82
C THR L 111 -21.83 -41.04 -6.84
N ILE L 112 -20.62 -40.51 -6.97
CA ILE L 112 -20.12 -39.42 -6.13
C ILE L 112 -19.60 -38.30 -7.02
N TYR L 113 -20.03 -37.09 -6.72
CA TYR L 113 -19.55 -35.93 -7.48
C TYR L 113 -18.98 -34.94 -6.49
N TYR L 114 -17.75 -34.53 -6.77
CA TYR L 114 -17.08 -33.53 -5.96
C TYR L 114 -17.47 -32.20 -6.61
N VAL L 115 -18.00 -31.28 -5.81
CA VAL L 115 -18.43 -29.98 -6.30
C VAL L 115 -17.90 -28.92 -5.38
N ASP L 116 -17.26 -27.90 -5.92
CA ASP L 116 -16.79 -26.83 -5.07
C ASP L 116 -17.19 -25.46 -5.57
N SER L 117 -16.94 -24.46 -4.73
CA SER L 117 -17.29 -23.09 -5.04
C SER L 117 -16.55 -22.48 -6.21
N ASP L 118 -15.55 -23.16 -6.72
CA ASP L 118 -14.81 -22.68 -7.87
C ASP L 118 -15.60 -23.11 -9.13
N GLY L 119 -16.55 -24.02 -8.96
CA GLY L 119 -17.35 -24.50 -10.08
C GLY L 119 -16.92 -25.85 -10.63
N THR L 120 -15.93 -26.45 -10.00
CA THR L 120 -15.43 -27.74 -10.42
C THR L 120 -16.48 -28.76 -10.05
N ARG L 121 -16.66 -29.75 -10.92
CA ARG L 121 -17.61 -30.83 -10.71
C ARG L 121 -16.92 -32.05 -11.25
N LEU L 122 -16.58 -32.98 -10.37
CA LEU L 122 -15.86 -34.20 -10.77
C LEU L 122 -16.48 -35.45 -10.25
N LYS L 123 -16.57 -36.43 -11.12
CA LYS L 123 -17.13 -37.74 -10.76
C LYS L 123 -15.89 -38.52 -10.35
N GLY L 124 -15.99 -39.31 -9.29
CA GLY L 124 -14.83 -40.09 -8.87
C GLY L 124 -15.23 -41.20 -7.94
N ASP L 125 -14.25 -42.00 -7.53
CA ASP L 125 -14.51 -43.13 -6.65
C ASP L 125 -14.21 -42.87 -5.19
N ILE L 126 -13.22 -42.02 -4.94
CA ILE L 126 -12.81 -41.70 -3.58
C ILE L 126 -12.48 -40.22 -3.52
N PHE L 127 -13.00 -39.53 -2.52
CA PHE L 127 -12.69 -38.11 -2.38
C PHE L 127 -12.62 -37.80 -0.91
N CYS L 128 -11.63 -36.99 -0.52
CA CYS L 128 -11.50 -36.53 0.87
C CYS L 128 -11.38 -35.04 0.70
N VAL L 129 -12.01 -34.30 1.59
CA VAL L 129 -12.01 -32.87 1.49
C VAL L 129 -11.95 -32.30 2.89
N GLY L 130 -11.15 -31.24 3.06
CA GLY L 130 -11.05 -30.59 4.35
C GLY L 130 -9.62 -30.47 4.82
N SER L 131 -9.42 -29.76 5.92
CA SER L 131 -8.09 -29.57 6.49
C SER L 131 -7.40 -30.87 6.80
N GLY L 132 -8.18 -31.93 7.04
CA GLY L 132 -7.60 -33.22 7.33
C GLY L 132 -7.58 -34.20 6.19
N GLN L 133 -7.88 -33.74 4.99
CA GLN L 133 -7.94 -34.63 3.84
C GLN L 133 -6.72 -35.49 3.60
N THR L 134 -5.52 -34.91 3.68
CA THR L 134 -4.32 -35.68 3.43
C THR L 134 -4.18 -36.90 4.32
N PHE L 135 -4.58 -36.78 5.58
CA PHE L 135 -4.48 -37.88 6.51
C PHE L 135 -5.47 -38.97 6.17
N ALA L 136 -6.65 -38.58 5.74
CA ALA L 136 -7.66 -39.57 5.38
C ALA L 136 -7.25 -40.31 4.13
N TYR L 137 -6.67 -39.61 3.17
CA TYR L 137 -6.26 -40.22 1.92
C TYR L 137 -5.18 -41.26 2.08
N GLY L 138 -4.39 -41.16 3.13
CA GLY L 138 -3.32 -42.14 3.33
C GLY L 138 -3.89 -43.51 3.65
N VAL L 139 -4.76 -43.52 4.65
CA VAL L 139 -5.43 -44.74 5.08
C VAL L 139 -6.29 -45.29 3.92
N LEU L 140 -7.14 -44.45 3.35
CA LEU L 140 -7.99 -44.87 2.25
C LEU L 140 -7.28 -45.55 1.10
N ASP L 141 -6.33 -44.87 0.49
CA ASP L 141 -5.60 -45.42 -0.64
C ASP L 141 -4.94 -46.77 -0.45
N SER L 142 -4.38 -47.02 0.73
CA SER L 142 -3.69 -48.29 0.97
C SER L 142 -4.57 -49.46 1.37
N ASN L 143 -5.79 -49.17 1.82
CA ASN L 143 -6.70 -50.23 2.21
C ASN L 143 -7.95 -50.38 1.36
N TYR L 144 -8.19 -49.44 0.46
CA TYR L 144 -9.37 -49.50 -0.37
C TYR L 144 -9.24 -50.59 -1.44
N LYS L 145 -10.31 -51.36 -1.58
CA LYS L 145 -10.45 -52.44 -2.57
C LYS L 145 -11.93 -52.34 -3.01
N TRP L 146 -12.23 -52.59 -4.28
CA TRP L 146 -13.63 -52.52 -4.73
C TRP L 146 -14.52 -53.57 -4.03
N ASP L 147 -13.97 -54.74 -3.71
CA ASP L 147 -14.73 -55.83 -3.10
C ASP L 147 -14.87 -55.85 -1.58
N LEU L 148 -14.71 -54.70 -0.94
CA LEU L 148 -14.82 -54.63 0.49
C LEU L 148 -16.25 -54.92 0.93
N SER L 149 -16.40 -55.49 2.10
CA SER L 149 -17.72 -55.79 2.62
C SER L 149 -18.28 -54.50 3.20
N VAL L 150 -19.59 -54.43 3.38
CA VAL L 150 -20.18 -53.23 3.94
C VAL L 150 -19.69 -53.00 5.37
N GLU L 151 -19.22 -54.04 6.05
CA GLU L 151 -18.72 -53.91 7.42
C GLU L 151 -17.30 -53.35 7.43
N ASP L 152 -16.46 -53.89 6.56
CA ASP L 152 -15.08 -53.44 6.46
C ASP L 152 -15.04 -52.05 5.87
N ALA L 153 -15.90 -51.79 4.88
CA ALA L 153 -15.97 -50.48 4.25
C ALA L 153 -16.31 -49.43 5.28
N LEU L 154 -17.35 -49.68 6.06
CA LEU L 154 -17.75 -48.75 7.10
C LEU L 154 -16.58 -48.52 8.04
N TYR L 155 -15.79 -49.56 8.26
CA TYR L 155 -14.64 -49.49 9.13
C TYR L 155 -13.52 -48.64 8.51
N LEU L 156 -13.24 -48.85 7.24
CA LEU L 156 -12.20 -48.08 6.57
C LEU L 156 -12.49 -46.58 6.66
N GLY L 157 -13.72 -46.18 6.37
CA GLY L 157 -14.08 -44.78 6.43
C GLY L 157 -13.93 -44.21 7.81
N LYS L 158 -14.39 -44.95 8.79
CA LYS L 158 -14.32 -44.56 10.17
C LYS L 158 -12.87 -44.42 10.63
N ARG L 159 -12.01 -45.32 10.16
CA ARG L 159 -10.61 -45.30 10.55
C ARG L 159 -9.87 -44.14 9.92
N SER L 160 -10.25 -43.84 8.69
CA SER L 160 -9.65 -42.74 7.94
C SER L 160 -9.96 -41.40 8.62
N ILE L 161 -11.16 -41.24 9.12
CA ILE L 161 -11.48 -40.01 9.79
C ILE L 161 -10.67 -39.93 11.06
N LEU L 162 -10.47 -41.07 11.72
CA LEU L 162 -9.70 -41.12 12.95
C LEU L 162 -8.22 -40.75 12.70
N ALA L 163 -7.66 -41.24 11.60
CA ALA L 163 -6.29 -40.91 11.28
C ALA L 163 -6.17 -39.41 11.22
N ALA L 164 -7.14 -38.77 10.56
CA ALA L 164 -7.16 -37.31 10.43
C ALA L 164 -7.43 -36.59 11.73
N ALA L 165 -8.41 -37.05 12.50
CA ALA L 165 -8.72 -36.41 13.76
C ALA L 165 -7.52 -36.40 14.70
N HIS L 166 -6.70 -37.44 14.66
CA HIS L 166 -5.56 -37.50 15.54
C HIS L 166 -4.54 -36.44 15.20
N ARG L 167 -4.12 -36.41 13.94
CA ARG L 167 -3.11 -35.48 13.47
C ARG L 167 -3.49 -34.05 13.17
N ASP L 168 -4.67 -33.84 12.61
CA ASP L 168 -5.11 -32.51 12.24
C ASP L 168 -5.79 -31.87 13.42
N ALA L 169 -5.32 -30.70 13.80
CA ALA L 169 -5.87 -29.98 14.92
C ALA L 169 -7.29 -29.48 14.71
N TYR L 170 -7.67 -29.34 13.46
CA TYR L 170 -9.00 -28.84 13.10
C TYR L 170 -10.06 -29.90 12.81
N SER L 171 -9.75 -31.15 13.12
CA SER L 171 -10.67 -32.25 12.90
C SER L 171 -10.73 -33.04 14.17
N GLY L 172 -11.89 -33.59 14.45
CA GLY L 172 -12.05 -34.38 15.65
C GLY L 172 -13.48 -34.33 16.10
N GLY L 173 -13.68 -34.48 17.41
CA GLY L 173 -15.02 -34.49 17.95
C GLY L 173 -15.58 -35.90 17.88
N SER L 174 -16.24 -36.22 16.78
CA SER L 174 -16.82 -37.52 16.60
C SER L 174 -16.89 -37.84 15.12
N VAL L 175 -17.15 -39.09 14.79
CA VAL L 175 -17.24 -39.51 13.40
C VAL L 175 -18.70 -39.86 13.11
N ASN L 176 -19.24 -39.42 11.98
CA ASN L 176 -20.61 -39.74 11.59
C ASN L 176 -20.47 -40.56 10.32
N LEU L 177 -21.06 -41.76 10.29
CA LEU L 177 -20.96 -42.66 9.15
C LEU L 177 -22.28 -42.87 8.46
N TYR L 178 -22.22 -43.09 7.16
CA TYR L 178 -23.41 -43.34 6.35
C TYR L 178 -23.07 -44.34 5.28
N HIS L 179 -24.04 -45.19 4.94
CA HIS L 179 -23.88 -46.18 3.88
C HIS L 179 -24.99 -45.86 2.90
N VAL L 180 -24.63 -45.62 1.64
CA VAL L 180 -25.62 -45.28 0.65
C VAL L 180 -25.91 -46.45 -0.27
N THR L 181 -27.17 -46.90 -0.26
CA THR L 181 -27.61 -48.00 -1.10
C THR L 181 -28.67 -47.46 -2.04
N GLU L 182 -29.04 -48.27 -3.02
CA GLU L 182 -30.05 -47.90 -3.97
C GLU L 182 -31.38 -47.56 -3.35
N ASP L 183 -31.73 -48.21 -2.24
CA ASP L 183 -33.01 -47.95 -1.59
C ASP L 183 -32.92 -46.83 -0.61
N GLY L 184 -31.78 -46.14 -0.63
CA GLY L 184 -31.56 -45.03 0.27
C GLY L 184 -30.29 -45.19 1.08
N TRP L 185 -30.05 -44.24 1.96
CA TRP L 185 -28.88 -44.30 2.80
C TRP L 185 -29.25 -44.81 4.17
N ILE L 186 -28.29 -45.47 4.82
CA ILE L 186 -28.48 -46.01 6.17
C ILE L 186 -27.37 -45.39 7.03
N TYR L 187 -27.77 -44.73 8.11
CA TYR L 187 -26.87 -44.08 9.05
C TYR L 187 -26.23 -45.14 9.93
N HIS L 188 -24.92 -45.10 10.10
CA HIS L 188 -24.25 -46.06 10.94
C HIS L 188 -23.63 -45.49 12.20
N GLY L 189 -24.31 -44.49 12.77
CA GLY L 189 -23.91 -43.89 14.03
C GLY L 189 -22.89 -42.81 14.20
N ASN L 190 -22.91 -42.21 15.37
CA ASN L 190 -22.02 -41.13 15.81
C ASN L 190 -21.03 -41.71 16.81
N HIS L 191 -19.74 -41.69 16.48
CA HIS L 191 -18.68 -42.25 17.32
C HIS L 191 -17.69 -41.22 17.91
N ASP L 192 -17.78 -40.93 19.20
CA ASP L 192 -16.89 -39.97 19.84
C ASP L 192 -15.43 -40.38 19.64
N VAL L 193 -14.62 -39.49 19.06
CA VAL L 193 -13.22 -39.78 18.79
C VAL L 193 -12.42 -40.03 20.08
N GLY L 194 -12.84 -39.43 21.17
CA GLY L 194 -12.15 -39.64 22.43
C GLY L 194 -12.14 -41.12 22.71
N GLU L 195 -13.34 -41.71 22.77
CA GLU L 195 -13.51 -43.14 23.02
C GLU L 195 -13.06 -44.04 21.87
N LEU L 196 -13.27 -43.62 20.64
CA LEU L 196 -12.86 -44.44 19.51
C LEU L 196 -11.35 -44.60 19.35
N PHE L 197 -10.58 -43.58 19.72
CA PHE L 197 -9.13 -43.64 19.57
C PHE L 197 -8.56 -44.77 20.41
N TRP L 198 -8.92 -44.79 21.69
CA TRP L 198 -8.44 -45.80 22.61
C TRP L 198 -8.80 -47.23 22.19
N LYS L 199 -10.06 -47.43 21.81
CA LYS L 199 -10.53 -48.74 21.37
C LYS L 199 -9.66 -49.21 20.21
N VAL L 200 -9.60 -48.41 19.15
CA VAL L 200 -8.82 -48.74 17.97
C VAL L 200 -7.38 -49.02 18.31
N LYS L 201 -6.81 -48.24 19.21
CA LYS L 201 -5.42 -48.44 19.58
C LYS L 201 -5.16 -49.83 20.14
N GLU L 202 -5.94 -50.23 21.14
CA GLU L 202 -5.75 -51.54 21.76
C GLU L 202 -6.07 -52.72 20.85
N GLU L 203 -7.18 -52.62 20.10
CA GLU L 203 -7.59 -53.72 19.21
C GLU L 203 -6.72 -53.89 17.97
N GLU L 204 -6.25 -52.77 17.41
CA GLU L 204 -5.46 -52.78 16.19
C GLU L 204 -3.96 -52.77 16.44
N GLY L 205 -3.56 -52.12 17.53
CA GLY L 205 -2.15 -52.03 17.88
C GLY L 205 -1.46 -50.80 17.30
N SER L 206 -2.24 -49.99 16.60
CA SER L 206 -1.74 -48.79 15.97
C SER L 206 -1.58 -47.67 17.01
N PHE L 207 -1.05 -46.53 16.56
CA PHE L 207 -0.81 -45.36 17.41
C PHE L 207 0.05 -45.80 18.57
N ASN L 208 1.07 -46.57 18.26
CA ASN L 208 1.98 -47.08 19.26
C ASN L 208 2.61 -45.95 20.07
N ASN L 209 3.03 -44.89 19.38
CA ASN L 209 3.69 -43.78 20.04
C ASN L 209 2.83 -43.08 21.09
N VAL L 210 1.52 -43.24 21.03
CA VAL L 210 0.68 -42.58 22.00
C VAL L 210 0.64 -43.50 23.21
N ILE L 211 0.90 -42.95 24.38
CA ILE L 211 0.88 -43.74 25.62
C ILE L 211 -0.53 -43.76 26.20
N GLY L 212 -0.99 -44.94 26.60
CA GLY L 212 -2.31 -45.07 27.16
C GLY L 212 -2.49 -46.39 27.88
N GLN M 1 -12.14 5.76 6.35
CA GLN M 1 -13.23 5.15 5.57
C GLN M 1 -14.30 4.75 6.58
N PHE M 2 -15.58 4.77 6.16
CA PHE M 2 -16.71 4.40 7.01
C PHE M 2 -16.75 2.89 7.21
N ASN M 3 -16.76 2.50 8.48
CA ASN M 3 -16.83 1.12 8.86
C ASN M 3 -18.26 0.96 9.33
N PRO M 4 -19.04 0.15 8.60
CA PRO M 4 -20.44 -0.09 8.92
C PRO M 4 -20.72 -0.95 10.12
N TYR M 5 -19.70 -1.56 10.70
CA TYR M 5 -19.89 -2.42 11.85
C TYR M 5 -19.33 -1.87 13.15
N GLY M 6 -19.79 -2.42 14.26
CA GLY M 6 -19.35 -2.04 15.59
C GLY M 6 -19.45 -3.28 16.45
N ASP M 7 -18.95 -3.22 17.68
CA ASP M 7 -18.98 -4.35 18.60
C ASP M 7 -19.51 -3.81 19.92
N ASN M 8 -20.70 -4.22 20.31
CA ASN M 8 -21.29 -3.74 21.54
C ASN M 8 -21.10 -4.66 22.72
N GLY M 9 -20.19 -5.61 22.60
CA GLY M 9 -19.91 -6.53 23.69
C GLY M 9 -20.99 -7.54 24.00
N GLY M 10 -21.14 -7.85 25.28
CA GLY M 10 -22.15 -8.79 25.70
C GLY M 10 -21.83 -10.26 25.55
N THR M 11 -22.52 -11.04 26.35
CA THR M 11 -22.36 -12.47 26.34
C THR M 11 -23.74 -13.02 26.67
N ILE M 12 -24.12 -14.06 25.94
CA ILE M 12 -25.42 -14.69 26.11
C ILE M 12 -25.22 -16.19 26.26
N LEU M 13 -26.17 -16.86 26.87
CA LEU M 13 -26.06 -18.28 27.10
C LEU M 13 -27.41 -18.98 27.06
N GLY M 14 -27.52 -20.04 26.27
CA GLY M 14 -28.76 -20.76 26.21
C GLY M 14 -28.55 -22.21 26.63
N ILE M 15 -29.36 -22.70 27.56
CA ILE M 15 -29.24 -24.09 28.01
C ILE M 15 -30.60 -24.77 27.93
N ALA M 16 -30.64 -25.92 27.28
CA ALA M 16 -31.86 -26.70 27.11
C ALA M 16 -31.98 -27.80 28.13
N GLY M 17 -33.05 -27.77 28.91
CA GLY M 17 -33.27 -28.80 29.91
C GLY M 17 -34.15 -29.89 29.29
N GLU M 18 -34.76 -30.74 30.12
CA GLU M 18 -35.62 -31.81 29.61
C GLU M 18 -36.98 -31.24 29.19
N ASP M 19 -37.55 -30.38 30.03
CA ASP M 19 -38.84 -29.79 29.74
C ASP M 19 -38.87 -28.25 29.91
N PHE M 20 -37.71 -27.62 29.66
CA PHE M 20 -37.55 -26.17 29.76
C PHE M 20 -36.27 -25.78 29.01
N ALA M 21 -36.05 -24.49 28.87
CA ALA M 21 -34.85 -23.97 28.22
C ALA M 21 -34.67 -22.55 28.73
N VAL M 22 -33.41 -22.14 28.90
CA VAL M 22 -33.14 -20.78 29.36
C VAL M 22 -32.19 -20.14 28.40
N LEU M 23 -32.34 -18.83 28.27
CA LEU M 23 -31.50 -18.01 27.44
C LEU M 23 -31.23 -16.82 28.32
N ALA M 24 -29.97 -16.64 28.68
CA ALA M 24 -29.57 -15.54 29.54
C ALA M 24 -28.53 -14.71 28.82
N GLY M 25 -28.42 -13.46 29.22
CA GLY M 25 -27.45 -12.60 28.58
C GLY M 25 -27.15 -11.49 29.53
N ASP M 26 -25.92 -11.02 29.55
CA ASP M 26 -25.62 -9.93 30.44
C ASP M 26 -26.35 -8.72 29.94
N THR M 27 -26.38 -7.68 30.75
CA THR M 27 -27.14 -6.49 30.43
C THR M 27 -26.34 -5.25 30.05
N ARG M 28 -25.03 -5.37 30.02
CA ARG M 28 -24.15 -4.27 29.71
C ARG M 28 -23.93 -4.10 28.20
N ASN M 29 -23.97 -2.85 27.73
CA ASN M 29 -23.75 -2.51 26.31
C ASN M 29 -22.51 -1.59 26.31
N ILE M 30 -21.51 -1.90 25.50
CA ILE M 30 -20.26 -1.13 25.48
C ILE M 30 -19.77 -0.68 24.12
N THR M 31 -18.85 0.29 24.12
CA THR M 31 -18.20 0.77 22.90
C THR M 31 -16.77 1.01 23.38
N ASP M 32 -15.85 0.20 22.88
CA ASP M 32 -14.44 0.27 23.23
C ASP M 32 -14.31 0.13 24.75
N TYR M 33 -13.88 1.20 25.43
CA TYR M 33 -13.71 1.19 26.88
C TYR M 33 -14.82 1.91 27.64
N SER M 34 -15.88 2.33 26.97
CA SER M 34 -16.96 3.02 27.67
C SER M 34 -18.19 2.16 27.84
N ILE M 35 -19.01 2.49 28.81
CA ILE M 35 -20.23 1.77 29.02
C ILE M 35 -21.28 2.66 28.39
N ASN M 36 -22.08 2.07 27.52
CA ASN M 36 -23.17 2.80 26.87
C ASN M 36 -24.41 2.72 27.75
N SER M 37 -24.61 1.54 28.31
CA SER M 37 -25.73 1.29 29.21
C SER M 37 -25.43 0.14 30.12
N ARG M 38 -25.94 0.23 31.34
CA ARG M 38 -25.77 -0.80 32.31
C ARG M 38 -26.97 -1.71 32.23
N TYR M 39 -28.03 -1.23 31.58
CA TYR M 39 -29.22 -2.05 31.43
C TYR M 39 -29.86 -1.87 30.09
N GLU M 40 -29.44 -2.70 29.15
CA GLU M 40 -29.97 -2.67 27.81
C GLU M 40 -30.25 -4.12 27.41
N PRO M 41 -31.50 -4.58 27.63
CA PRO M 41 -31.98 -5.93 27.33
C PRO M 41 -31.53 -6.41 25.98
N LYS M 42 -31.05 -7.64 25.97
CA LYS M 42 -30.53 -8.26 24.77
C LYS M 42 -31.24 -9.58 24.43
N VAL M 43 -32.07 -10.07 25.36
CA VAL M 43 -32.82 -11.32 25.18
C VAL M 43 -34.28 -10.93 25.16
N PHE M 44 -34.98 -11.38 24.13
CA PHE M 44 -36.39 -11.03 23.96
C PHE M 44 -37.38 -12.18 23.76
N ASP M 45 -38.61 -11.96 24.21
CA ASP M 45 -39.70 -12.91 24.06
C ASP M 45 -40.28 -12.54 22.70
N CYS M 46 -40.18 -13.45 21.73
CA CYS M 46 -40.67 -13.17 20.38
C CYS M 46 -42.10 -13.60 20.10
N GLY M 47 -42.75 -14.19 21.10
CA GLY M 47 -44.09 -14.67 20.93
C GLY M 47 -43.98 -16.14 20.62
N ASP M 48 -45.08 -16.85 20.72
CA ASP M 48 -45.08 -18.27 20.45
C ASP M 48 -44.14 -19.14 21.26
N ASN M 49 -43.77 -18.67 22.43
CA ASN M 49 -42.90 -19.43 23.31
C ASN M 49 -41.47 -19.55 22.77
N ILE M 50 -41.00 -18.52 22.06
CA ILE M 50 -39.64 -18.50 21.51
C ILE M 50 -38.90 -17.29 22.04
N VAL M 51 -37.71 -17.51 22.58
CA VAL M 51 -36.90 -16.40 23.07
C VAL M 51 -35.72 -16.35 22.13
N MET M 52 -35.17 -15.16 21.93
CA MET M 52 -34.08 -15.02 21.00
C MET M 52 -33.11 -13.95 21.43
N SER M 53 -31.86 -14.06 20.98
CA SER M 53 -30.84 -13.06 21.26
C SER M 53 -29.93 -13.07 20.08
N ALA M 54 -29.61 -11.90 19.55
CA ALA M 54 -28.71 -11.78 18.42
C ALA M 54 -27.62 -10.88 18.95
N ASN M 55 -26.54 -11.49 19.42
CA ASN M 55 -25.44 -10.77 20.04
C ASN M 55 -24.25 -10.44 19.14
N GLY M 56 -23.70 -9.23 19.33
CA GLY M 56 -22.56 -8.78 18.55
C GLY M 56 -22.66 -7.29 18.28
N PHE M 57 -22.90 -6.92 17.03
CA PHE M 57 -23.09 -5.53 16.65
C PHE M 57 -24.58 -5.29 16.91
N ALA M 58 -24.89 -4.50 17.93
CA ALA M 58 -26.28 -4.26 18.32
C ALA M 58 -27.28 -3.73 17.31
N ALA M 59 -26.84 -2.93 16.36
CA ALA M 59 -27.75 -2.40 15.37
C ALA M 59 -28.28 -3.55 14.55
N ASP M 60 -27.38 -4.46 14.18
CA ASP M 60 -27.73 -5.65 13.40
C ASP M 60 -28.55 -6.58 14.24
N GLY M 61 -28.27 -6.61 15.53
CA GLY M 61 -29.02 -7.46 16.43
C GLY M 61 -30.44 -6.97 16.55
N ASP M 62 -30.63 -5.67 16.73
CA ASP M 62 -31.96 -5.08 16.83
C ASP M 62 -32.76 -5.34 15.56
N ALA M 63 -32.11 -5.18 14.42
CA ALA M 63 -32.75 -5.39 13.14
C ALA M 63 -33.23 -6.80 12.89
N LEU M 64 -32.40 -7.79 13.20
CA LEU M 64 -32.77 -9.18 13.00
C LEU M 64 -33.93 -9.53 13.92
N VAL M 65 -33.85 -9.15 15.18
CA VAL M 65 -34.93 -9.46 16.11
C VAL M 65 -36.22 -8.81 15.63
N LYS M 66 -36.13 -7.57 15.17
CA LYS M 66 -37.30 -6.85 14.68
C LYS M 66 -37.92 -7.61 13.52
N ARG M 67 -37.06 -8.08 12.60
CA ARG M 67 -37.50 -8.83 11.44
C ARG M 67 -38.09 -10.17 11.79
N PHE M 68 -37.53 -10.85 12.77
CA PHE M 68 -38.05 -12.15 13.15
C PHE M 68 -39.40 -12.05 13.84
N LYS M 69 -39.55 -11.11 14.76
CA LYS M 69 -40.79 -10.93 15.47
C LYS M 69 -41.87 -10.64 14.46
N ASN M 70 -41.50 -9.94 13.40
CA ASN M 70 -42.42 -9.60 12.33
C ASN M 70 -42.76 -10.86 11.53
N SER M 71 -41.76 -11.71 11.31
CA SER M 71 -41.96 -12.93 10.59
C SER M 71 -43.01 -13.76 11.31
N VAL M 72 -42.94 -13.77 12.63
CA VAL M 72 -43.90 -14.52 13.42
C VAL M 72 -45.27 -13.90 13.22
N LYS M 73 -45.35 -12.57 13.23
CA LYS M 73 -46.63 -11.88 13.04
C LYS M 73 -47.28 -12.27 11.73
N TRP M 74 -46.49 -12.32 10.67
CA TRP M 74 -46.97 -12.66 9.34
C TRP M 74 -47.23 -14.13 9.16
N TYR M 75 -46.59 -14.95 9.97
CA TYR M 75 -46.78 -16.37 9.87
C TYR M 75 -48.19 -16.65 10.31
N HIS M 76 -48.61 -16.03 11.40
CA HIS M 76 -49.97 -16.19 11.88
C HIS M 76 -50.95 -15.73 10.82
N PHE M 77 -50.68 -14.56 10.24
CA PHE M 77 -51.55 -13.99 9.22
C PHE M 77 -51.70 -14.93 8.02
N ASP M 78 -50.57 -15.34 7.47
CA ASP M 78 -50.53 -16.20 6.31
C ASP M 78 -50.88 -17.65 6.54
N HIS M 79 -50.98 -18.10 7.79
CA HIS M 79 -51.29 -19.50 8.08
C HIS M 79 -52.30 -19.75 9.20
N ASN M 80 -53.41 -19.05 9.14
CA ASN M 80 -54.48 -19.16 10.10
C ASN M 80 -54.03 -19.34 11.54
N ASP M 81 -53.38 -18.31 12.09
CA ASP M 81 -52.91 -18.33 13.48
C ASP M 81 -52.11 -19.55 13.96
N LYS M 82 -51.53 -20.30 13.03
CA LYS M 82 -50.74 -21.47 13.42
C LYS M 82 -49.53 -21.05 14.24
N LYS M 83 -49.16 -21.88 15.20
CA LYS M 83 -48.03 -21.62 16.07
C LYS M 83 -46.75 -21.94 15.35
N LEU M 84 -45.77 -21.04 15.43
CA LEU M 84 -44.48 -21.25 14.81
C LEU M 84 -43.65 -22.06 15.78
N SER M 85 -43.26 -23.25 15.37
CA SER M 85 -42.46 -24.13 16.19
C SER M 85 -41.01 -23.70 16.11
N ILE M 86 -40.26 -24.04 17.15
CA ILE M 86 -38.84 -23.69 17.25
C ILE M 86 -38.03 -24.16 16.03
N ASN M 87 -38.30 -25.34 15.49
CA ASN M 87 -37.53 -25.80 14.35
C ASN M 87 -37.84 -25.00 13.10
N SER M 88 -39.05 -24.45 13.07
CA SER M 88 -39.48 -23.66 11.95
C SER M 88 -38.92 -22.29 12.11
N ALA M 89 -38.98 -21.76 13.33
CA ALA M 89 -38.43 -20.45 13.62
C ALA M 89 -36.95 -20.49 13.21
N ALA M 90 -36.26 -21.58 13.54
CA ALA M 90 -34.86 -21.74 13.19
C ALA M 90 -34.59 -21.68 11.70
N ARG M 91 -35.30 -22.48 10.91
CA ARG M 91 -35.09 -22.48 9.46
C ARG M 91 -35.37 -21.10 8.90
N ASN M 92 -36.41 -20.48 9.45
CA ASN M 92 -36.78 -19.15 9.01
C ASN M 92 -35.63 -18.17 9.24
N ILE M 93 -35.05 -18.17 10.44
CA ILE M 93 -33.91 -17.30 10.78
C ILE M 93 -32.71 -17.60 9.89
N GLN M 94 -32.49 -18.85 9.52
CA GLN M 94 -31.38 -19.14 8.62
C GLN M 94 -31.59 -18.35 7.35
N HIS M 95 -32.83 -18.28 6.88
CA HIS M 95 -33.10 -17.53 5.66
C HIS M 95 -32.92 -16.04 5.81
N LEU M 96 -33.23 -15.50 6.99
CA LEU M 96 -33.07 -14.06 7.24
C LEU M 96 -31.60 -13.69 7.22
N LEU M 97 -30.81 -14.52 7.84
CA LEU M 97 -29.39 -14.32 7.93
C LEU M 97 -28.71 -14.50 6.61
N TYR M 98 -28.96 -15.61 5.95
CA TYR M 98 -28.32 -15.85 4.70
C TYR M 98 -28.79 -14.86 3.65
N GLY M 99 -29.88 -14.18 3.92
CA GLY M 99 -30.37 -13.20 2.98
C GLY M 99 -29.35 -12.08 2.81
N LYS M 100 -28.56 -11.84 3.84
CA LYS M 100 -27.53 -10.81 3.83
C LYS M 100 -26.12 -11.38 3.81
N ARG M 101 -25.98 -12.54 3.19
CA ARG M 101 -24.72 -13.26 3.06
C ARG M 101 -23.54 -12.42 2.59
N PHE M 102 -23.80 -11.41 1.78
CA PHE M 102 -22.72 -10.58 1.27
C PHE M 102 -22.55 -9.19 1.92
N PHE M 103 -23.25 -9.03 3.04
CA PHE M 103 -23.21 -7.84 3.87
C PHE M 103 -23.92 -8.36 5.11
N PRO M 104 -23.28 -9.30 5.81
CA PRO M 104 -23.80 -9.96 7.00
C PRO M 104 -24.27 -9.14 8.16
N TYR M 105 -25.10 -9.79 8.98
CA TYR M 105 -25.58 -9.22 10.23
C TYR M 105 -24.44 -9.76 11.12
N TYR M 106 -23.64 -8.89 11.69
CA TYR M 106 -22.51 -9.30 12.51
C TYR M 106 -23.02 -9.73 13.89
N VAL M 107 -23.77 -10.83 13.93
CA VAL M 107 -24.30 -11.31 15.19
C VAL M 107 -24.21 -12.82 15.27
N HIS M 108 -24.26 -13.31 16.50
CA HIS M 108 -24.28 -14.73 16.76
C HIS M 108 -25.64 -14.81 17.43
N THR M 109 -26.59 -15.47 16.79
CA THR M 109 -27.91 -15.55 17.40
C THR M 109 -28.22 -16.91 17.99
N ILE M 110 -29.03 -16.86 19.03
CA ILE M 110 -29.45 -18.05 19.73
C ILE M 110 -30.93 -17.85 20.04
N ILE M 111 -31.72 -18.90 19.84
CA ILE M 111 -33.14 -18.88 20.17
C ILE M 111 -33.36 -20.09 21.02
N ALA M 112 -34.30 -19.98 21.94
CA ALA M 112 -34.61 -21.09 22.83
C ALA M 112 -36.11 -21.26 22.97
N GLY M 113 -36.52 -22.49 23.26
CA GLY M 113 -37.93 -22.78 23.44
C GLY M 113 -38.16 -24.25 23.71
N LEU M 114 -39.28 -24.78 23.24
CA LEU M 114 -39.58 -26.20 23.41
C LEU M 114 -39.93 -26.74 22.05
N ASP M 115 -39.46 -27.92 21.73
CA ASP M 115 -39.78 -28.49 20.45
C ASP M 115 -41.22 -28.98 20.48
N GLU M 116 -41.59 -29.75 19.46
CA GLU M 116 -42.95 -30.25 19.35
C GLU M 116 -43.36 -31.36 20.33
N ASP M 117 -42.38 -32.02 20.94
CA ASP M 117 -42.67 -33.07 21.92
C ASP M 117 -42.58 -32.50 23.33
N GLY M 118 -42.46 -31.18 23.44
CA GLY M 118 -42.39 -30.53 24.74
C GLY M 118 -41.03 -30.53 25.40
N LYS M 119 -40.01 -31.02 24.69
CA LYS M 119 -38.65 -31.07 25.24
C LYS M 119 -37.92 -29.75 24.97
N GLY M 120 -37.07 -29.35 25.91
CA GLY M 120 -36.32 -28.10 25.77
C GLY M 120 -35.46 -28.08 24.53
N ALA M 121 -35.35 -26.91 23.91
CA ALA M 121 -34.57 -26.77 22.69
C ALA M 121 -33.80 -25.47 22.61
N VAL M 122 -32.62 -25.53 22.01
CA VAL M 122 -31.75 -24.40 21.80
C VAL M 122 -31.14 -24.56 20.41
N TYR M 123 -31.15 -23.48 19.64
CA TYR M 123 -30.56 -23.48 18.31
C TYR M 123 -29.58 -22.29 18.27
N SER M 124 -28.42 -22.47 17.65
CA SER M 124 -27.47 -21.35 17.56
C SER M 124 -27.08 -21.15 16.10
N PHE M 125 -26.87 -19.89 15.72
CA PHE M 125 -26.52 -19.54 14.34
C PHE M 125 -25.20 -18.78 14.14
N ASP M 126 -24.72 -18.87 12.92
CA ASP M 126 -23.54 -18.19 12.39
C ASP M 126 -24.05 -16.82 12.00
N PRO M 127 -23.15 -15.87 11.72
CA PRO M 127 -23.71 -14.58 11.33
C PRO M 127 -24.35 -14.68 9.94
N VAL M 128 -23.99 -15.72 9.19
CA VAL M 128 -24.58 -15.92 7.87
C VAL M 128 -25.60 -17.05 7.73
N GLY M 129 -26.08 -17.58 8.85
CA GLY M 129 -27.12 -18.58 8.76
C GLY M 129 -26.91 -20.06 9.01
N SER M 130 -25.69 -20.50 9.29
CA SER M 130 -25.47 -21.89 9.57
C SER M 130 -26.05 -22.13 10.96
N TYR M 131 -26.87 -23.17 11.11
CA TYR M 131 -27.45 -23.46 12.41
C TYR M 131 -27.48 -24.94 12.77
N GLU M 132 -27.66 -25.21 14.05
CA GLU M 132 -27.67 -26.58 14.56
C GLU M 132 -28.43 -26.54 15.88
N ARG M 133 -29.09 -27.62 16.24
CA ARG M 133 -29.78 -27.62 17.53
C ARG M 133 -28.74 -28.07 18.51
N GLU M 134 -28.72 -27.48 19.69
CA GLU M 134 -27.71 -27.82 20.68
C GLU M 134 -28.24 -27.96 22.08
N GLN M 135 -27.44 -28.55 22.94
CA GLN M 135 -27.81 -28.73 24.33
C GLN M 135 -27.63 -27.40 25.06
N CYS M 136 -26.47 -26.78 24.87
CA CYS M 136 -26.15 -25.49 25.48
C CYS M 136 -25.16 -24.75 24.60
N ARG M 137 -25.22 -23.42 24.65
CA ARG M 137 -24.33 -22.60 23.84
C ARG M 137 -24.21 -21.21 24.43
N ALA M 138 -22.98 -20.78 24.62
CA ALA M 138 -22.68 -19.44 25.14
C ALA M 138 -22.25 -18.69 23.90
N GLY M 139 -22.61 -17.42 23.80
CA GLY M 139 -22.21 -16.66 22.64
C GLY M 139 -21.69 -15.30 23.02
N GLY M 140 -20.86 -14.74 22.15
CA GLY M 140 -20.33 -13.42 22.42
C GLY M 140 -18.94 -13.35 22.94
N ALA M 141 -18.67 -12.25 23.60
CA ALA M 141 -17.37 -11.94 24.18
C ALA M 141 -16.75 -13.03 25.04
N ALA M 142 -17.41 -13.39 26.12
CA ALA M 142 -16.90 -14.41 27.05
C ALA M 142 -17.32 -15.83 26.75
N ALA M 143 -17.75 -16.11 25.53
CA ALA M 143 -18.15 -17.44 25.17
C ALA M 143 -17.02 -18.43 25.46
N SER M 144 -15.78 -18.04 25.18
CA SER M 144 -14.62 -18.90 25.41
C SER M 144 -14.34 -19.21 26.87
N LEU M 145 -14.88 -18.41 27.78
CA LEU M 145 -14.68 -18.64 29.19
C LEU M 145 -15.82 -19.49 29.75
N ILE M 146 -17.02 -19.28 29.25
CA ILE M 146 -18.18 -20.02 29.73
C ILE M 146 -18.29 -21.43 29.15
N MET M 147 -18.13 -21.58 27.84
CA MET M 147 -18.28 -22.88 27.22
C MET M 147 -17.58 -24.06 27.82
N PRO M 148 -16.26 -23.98 28.03
CA PRO M 148 -15.50 -25.10 28.60
C PRO M 148 -16.08 -25.54 29.92
N PHE M 149 -16.63 -24.58 30.66
CA PHE M 149 -17.21 -24.84 31.96
C PHE M 149 -18.50 -25.64 31.84
N LEU M 150 -19.31 -25.30 30.85
CA LEU M 150 -20.58 -25.97 30.60
C LEU M 150 -20.32 -27.38 30.11
N ASP M 151 -19.31 -27.58 29.31
CA ASP M 151 -18.97 -28.92 28.85
C ASP M 151 -18.68 -29.82 30.04
N ASN M 152 -17.99 -29.27 31.04
CA ASN M 152 -17.61 -30.03 32.22
C ASN M 152 -18.79 -30.21 33.17
N GLN M 153 -19.54 -29.15 33.42
CA GLN M 153 -20.64 -29.20 34.36
C GLN M 153 -22.04 -29.58 33.88
N VAL M 154 -22.29 -29.44 32.58
CA VAL M 154 -23.60 -29.79 32.03
C VAL M 154 -23.49 -31.12 31.32
N ASN M 155 -22.53 -31.26 30.41
CA ASN M 155 -22.34 -32.50 29.67
C ASN M 155 -21.36 -33.46 30.31
N PHE M 156 -20.93 -33.12 31.53
CA PHE M 156 -19.99 -33.93 32.32
C PHE M 156 -18.72 -34.46 31.63
N LYS M 157 -18.15 -33.69 30.71
CA LYS M 157 -16.95 -34.11 29.99
C LYS M 157 -15.74 -34.24 30.92
N ASN M 158 -14.88 -35.22 30.65
CA ASN M 158 -13.66 -35.47 31.42
C ASN M 158 -13.82 -35.99 32.83
N GLN M 159 -15.05 -36.10 33.29
CA GLN M 159 -15.31 -36.62 34.63
C GLN M 159 -15.58 -38.10 34.50
N TYR M 160 -15.03 -38.89 35.42
CA TYR M 160 -15.21 -40.34 35.44
C TYR M 160 -15.68 -40.80 36.86
N GLU M 161 -16.15 -42.04 36.99
CA GLU M 161 -16.61 -42.58 38.29
C GLU M 161 -15.43 -42.99 39.20
N PRO M 162 -15.35 -42.41 40.40
CA PRO M 162 -14.29 -42.68 41.37
C PRO M 162 -13.99 -44.16 41.57
N GLY M 163 -12.76 -44.58 41.30
CA GLY M 163 -12.41 -45.97 41.50
C GLY M 163 -12.43 -46.89 40.30
N THR M 164 -12.99 -46.43 39.18
CA THR M 164 -13.08 -47.27 37.98
C THR M 164 -11.88 -47.21 37.01
N ASN M 165 -10.78 -46.57 37.45
CA ASN M 165 -9.57 -46.45 36.62
C ASN M 165 -9.92 -45.71 35.33
N GLY M 166 -10.73 -44.67 35.46
CA GLY M 166 -11.13 -43.90 34.29
C GLY M 166 -11.67 -44.74 33.13
N LYS M 167 -12.49 -45.75 33.45
CA LYS M 167 -13.06 -46.61 32.43
C LYS M 167 -14.58 -46.48 32.36
N VAL M 168 -15.17 -45.82 33.34
CA VAL M 168 -16.62 -45.60 33.39
C VAL M 168 -16.93 -44.10 33.50
N LYS M 169 -17.63 -43.55 32.49
CA LYS M 169 -17.99 -42.13 32.46
C LYS M 169 -19.12 -41.79 33.43
N LYS M 170 -19.00 -40.65 34.11
CA LYS M 170 -20.04 -40.20 35.04
C LYS M 170 -21.33 -40.17 34.22
N PRO M 171 -22.37 -40.85 34.72
CA PRO M 171 -23.67 -40.89 34.02
C PRO M 171 -24.31 -39.53 33.81
N LEU M 172 -24.81 -39.30 32.61
CA LEU M 172 -25.45 -38.04 32.21
C LEU M 172 -26.83 -37.73 32.82
N LYS M 173 -26.91 -37.52 34.14
CA LYS M 173 -28.19 -37.18 34.77
C LYS M 173 -28.65 -35.83 34.24
N TYR M 174 -29.95 -35.56 34.16
CA TYR M 174 -30.31 -34.23 33.69
C TYR M 174 -30.80 -33.27 34.74
N LEU M 175 -30.26 -32.07 34.61
CA LEU M 175 -30.47 -30.96 35.50
C LEU M 175 -31.86 -30.32 35.50
N SER M 176 -32.24 -29.84 36.67
CA SER M 176 -33.49 -29.17 36.86
C SER M 176 -33.29 -27.71 36.49
N VAL M 177 -34.37 -26.97 36.37
CA VAL M 177 -34.25 -25.57 36.02
C VAL M 177 -33.43 -24.91 37.12
N GLU M 178 -33.65 -25.36 38.35
CA GLU M 178 -32.97 -24.80 39.48
C GLU M 178 -31.43 -24.94 39.40
N GLU M 179 -30.95 -26.10 38.97
CA GLU M 179 -29.51 -26.30 38.85
C GLU M 179 -28.94 -25.55 37.63
N VAL M 180 -29.70 -25.50 36.54
CA VAL M 180 -29.24 -24.79 35.35
C VAL M 180 -29.00 -23.35 35.71
N ILE M 181 -29.98 -22.72 36.35
CA ILE M 181 -29.81 -21.33 36.72
C ILE M 181 -28.56 -21.12 37.54
N LYS M 182 -28.24 -22.07 38.43
CA LYS M 182 -27.03 -21.99 39.25
C LYS M 182 -25.87 -21.91 38.30
N LEU M 183 -25.83 -22.82 37.34
CA LEU M 183 -24.74 -22.82 36.37
C LEU M 183 -24.69 -21.52 35.57
N VAL M 184 -25.84 -20.98 35.17
CA VAL M 184 -25.86 -19.75 34.42
C VAL M 184 -25.26 -18.63 35.25
N ARG M 185 -25.75 -18.45 36.46
CA ARG M 185 -25.22 -17.40 37.32
C ARG M 185 -23.72 -17.51 37.54
N ASP M 186 -23.24 -18.71 37.78
CA ASP M 186 -21.82 -18.90 38.03
C ASP M 186 -21.01 -18.65 36.77
N SER M 187 -21.52 -19.07 35.62
CA SER M 187 -20.82 -18.84 34.37
C SER M 187 -20.64 -17.33 34.23
N PHE M 188 -21.70 -16.59 34.53
CA PHE M 188 -21.65 -15.16 34.39
C PHE M 188 -20.77 -14.46 35.39
N THR M 189 -20.81 -14.82 36.67
CA THR M 189 -19.94 -14.16 37.64
C THR M 189 -18.48 -14.50 37.37
N SER M 190 -18.22 -15.70 36.85
CA SER M 190 -16.86 -16.03 36.54
C SER M 190 -16.41 -15.18 35.37
N ALA M 191 -17.26 -15.07 34.36
CA ALA M 191 -16.95 -14.27 33.19
C ALA M 191 -16.76 -12.82 33.56
N THR M 192 -17.62 -12.29 34.44
CA THR M 192 -17.50 -10.90 34.87
C THR M 192 -16.13 -10.62 35.53
N GLU M 193 -15.59 -11.60 36.24
CA GLU M 193 -14.32 -11.45 36.91
C GLU M 193 -13.18 -11.28 35.93
N ARG M 194 -13.23 -12.01 34.83
CA ARG M 194 -12.14 -11.95 33.87
C ARG M 194 -12.38 -11.30 32.53
N HIS M 195 -13.58 -10.79 32.27
CA HIS M 195 -13.83 -10.14 31.00
C HIS M 195 -14.36 -8.76 31.30
N ILE M 196 -13.74 -7.75 30.71
CA ILE M 196 -14.15 -6.38 30.98
C ILE M 196 -15.47 -5.97 30.35
N GLN M 197 -15.91 -6.71 29.34
CA GLN M 197 -17.15 -6.39 28.67
C GLN M 197 -18.35 -7.02 29.31
N VAL M 198 -18.12 -7.91 30.26
CA VAL M 198 -19.23 -8.57 30.91
C VAL M 198 -19.41 -8.04 32.33
N GLY M 199 -20.65 -7.71 32.69
CA GLY M 199 -20.90 -7.19 34.02
C GLY M 199 -22.23 -6.49 34.03
N ASP M 200 -22.41 -5.68 35.08
CA ASP M 200 -23.63 -4.91 35.29
C ASP M 200 -24.85 -5.71 35.70
N GLY M 201 -25.26 -6.64 34.87
CA GLY M 201 -26.44 -7.44 35.20
C GLY M 201 -26.60 -8.61 34.28
N LEU M 202 -27.42 -9.57 34.72
CA LEU M 202 -27.72 -10.78 33.98
C LEU M 202 -29.21 -10.92 33.99
N GLU M 203 -29.79 -11.14 32.82
CA GLU M 203 -31.22 -11.33 32.69
C GLU M 203 -31.38 -12.67 32.03
N ILE M 204 -32.17 -13.53 32.66
CA ILE M 204 -32.41 -14.88 32.16
C ILE M 204 -33.86 -15.03 31.79
N LEU M 205 -34.12 -15.56 30.60
CA LEU M 205 -35.49 -15.82 30.20
C LEU M 205 -35.65 -17.34 30.26
N ILE M 206 -36.65 -17.80 31.01
CA ILE M 206 -36.91 -19.23 31.19
C ILE M 206 -38.20 -19.65 30.49
N VAL M 207 -38.10 -20.63 29.61
CA VAL M 207 -39.25 -21.10 28.84
C VAL M 207 -39.73 -22.50 29.23
N THR M 208 -41.04 -22.63 29.51
CA THR M 208 -41.67 -23.91 29.86
C THR M 208 -43.05 -23.95 29.19
N LYS M 209 -43.77 -25.06 29.38
CA LYS M 209 -45.10 -25.25 28.83
C LYS M 209 -46.05 -24.15 29.30
N ASP M 210 -45.76 -23.58 30.46
CA ASP M 210 -46.58 -22.54 31.04
C ASP M 210 -46.34 -21.17 30.41
N GLY M 211 -45.23 -21.02 29.69
CA GLY M 211 -44.95 -19.74 29.08
C GLY M 211 -43.52 -19.28 29.25
N VAL M 212 -43.32 -17.98 29.32
CA VAL M 212 -41.99 -17.42 29.46
C VAL M 212 -41.91 -16.60 30.72
N ARG M 213 -40.89 -16.90 31.52
CA ARG M 213 -40.63 -16.26 32.82
C ARG M 213 -39.28 -15.51 32.79
N LYS M 214 -39.14 -14.42 33.53
CA LYS M 214 -37.89 -13.66 33.55
C LYS M 214 -37.26 -13.54 34.94
N GLU M 215 -35.94 -13.69 35.02
CA GLU M 215 -35.19 -13.55 36.27
C GLU M 215 -34.05 -12.56 36.05
N PHE M 216 -33.79 -11.70 37.04
CA PHE M 216 -32.71 -10.72 36.93
C PHE M 216 -31.79 -10.71 38.13
N TYR M 217 -30.49 -10.72 37.87
CA TYR M 217 -29.48 -10.71 38.92
C TYR M 217 -28.37 -9.70 38.61
N GLU M 218 -27.95 -8.94 39.61
CA GLU M 218 -26.90 -7.95 39.44
C GLU M 218 -25.52 -8.59 39.26
N LEU M 219 -24.64 -7.93 38.51
CA LEU M 219 -23.28 -8.40 38.31
C LEU M 219 -22.42 -7.21 38.70
N LYS M 220 -21.11 -7.40 38.84
CA LYS M 220 -20.22 -6.32 39.25
C LYS M 220 -20.19 -5.24 38.20
N ARG M 221 -20.18 -4.00 38.67
CA ARG M 221 -20.20 -2.83 37.79
C ARG M 221 -18.87 -2.19 37.42
N ASP M 222 -17.76 -2.87 37.69
CA ASP M 222 -16.43 -2.35 37.35
C ASP M 222 -16.00 -2.85 35.96
N THR N 1 -20.40 6.92 1.90
CA THR N 1 -18.92 6.91 1.97
C THR N 1 -18.63 8.40 2.08
N GLN N 2 -18.49 8.90 3.31
CA GLN N 2 -18.25 10.31 3.53
C GLN N 2 -17.31 10.65 4.69
N GLN N 3 -17.13 11.94 4.96
CA GLN N 3 -16.29 12.40 6.06
C GLN N 3 -16.93 13.67 6.56
N PRO N 4 -17.03 13.83 7.88
CA PRO N 4 -17.64 15.03 8.44
C PRO N 4 -16.81 16.29 8.21
N ILE N 5 -17.47 17.44 8.03
CA ILE N 5 -16.78 18.70 7.79
C ILE N 5 -16.99 19.69 8.96
N VAL N 6 -18.16 20.31 9.05
CA VAL N 6 -18.46 21.23 10.15
C VAL N 6 -19.07 20.31 11.19
N THR N 7 -18.55 20.32 12.41
CA THR N 7 -19.06 19.40 13.42
C THR N 7 -19.43 19.98 14.75
N GLY N 8 -20.32 19.29 15.45
CA GLY N 8 -20.72 19.68 16.79
C GLY N 8 -20.18 18.64 17.75
N THR N 9 -19.74 19.05 18.94
CA THR N 9 -19.20 18.12 19.93
C THR N 9 -20.30 17.57 20.82
N SER N 10 -19.97 17.18 22.04
CA SER N 10 -20.92 16.57 22.98
C SER N 10 -22.35 17.07 23.09
N VAL N 11 -23.25 16.13 23.36
CA VAL N 11 -24.65 16.39 23.65
C VAL N 11 -24.78 15.57 24.92
N ILE N 12 -25.22 16.16 26.02
CA ILE N 12 -25.35 15.40 27.26
C ILE N 12 -26.78 15.48 27.80
N SER N 13 -27.18 14.48 28.56
CA SER N 13 -28.54 14.47 29.06
C SER N 13 -28.69 13.47 30.18
N MET N 14 -29.74 13.63 30.96
CA MET N 14 -29.99 12.70 32.03
C MET N 14 -31.43 12.84 32.37
N LYS N 15 -32.01 11.81 32.99
CA LYS N 15 -33.39 11.91 33.37
C LYS N 15 -33.51 12.13 34.85
N TYR N 16 -34.56 12.81 35.25
CA TYR N 16 -34.81 13.08 36.65
C TYR N 16 -36.22 12.61 36.98
N ASP N 17 -36.69 12.86 38.21
CA ASP N 17 -38.00 12.40 38.69
C ASP N 17 -39.24 12.74 37.89
N ASN N 18 -39.29 13.95 37.32
CA ASN N 18 -40.43 14.43 36.55
C ASN N 18 -40.12 14.70 35.07
N GLY N 19 -38.94 14.35 34.60
CA GLY N 19 -38.62 14.61 33.20
C GLY N 19 -37.19 14.30 32.78
N VAL N 20 -36.68 15.10 31.85
CA VAL N 20 -35.34 14.91 31.33
C VAL N 20 -34.70 16.26 31.03
N ILE N 21 -33.38 16.30 30.99
CA ILE N 21 -32.63 17.52 30.66
C ILE N 21 -31.61 17.11 29.63
N ILE N 22 -31.38 17.98 28.66
CA ILE N 22 -30.43 17.73 27.61
C ILE N 22 -29.76 19.05 27.31
N ALA N 23 -28.48 19.01 26.94
CA ALA N 23 -27.74 20.23 26.65
C ALA N 23 -26.67 19.98 25.63
N ALA N 24 -26.23 21.04 24.97
CA ALA N 24 -25.21 20.96 23.94
C ALA N 24 -24.69 22.35 23.68
N ASP N 25 -23.38 22.51 23.46
CA ASP N 25 -22.84 23.83 23.20
C ASP N 25 -23.28 24.35 21.84
N ASN N 26 -22.95 25.59 21.54
CA ASN N 26 -23.39 26.19 20.30
C ASN N 26 -22.32 26.35 19.29
N LEU N 27 -21.43 25.39 19.19
CA LEU N 27 -20.35 25.53 18.23
C LEU N 27 -20.38 24.55 17.05
N GLY N 28 -19.85 25.03 15.94
CA GLY N 28 -19.71 24.24 14.74
C GLY N 28 -18.25 24.42 14.36
N SER N 29 -17.42 23.41 14.60
CA SER N 29 -16.00 23.44 14.31
C SER N 29 -15.72 22.99 12.89
N TYR N 30 -14.60 23.44 12.35
CA TYR N 30 -14.18 23.06 11.01
C TYR N 30 -12.78 22.54 11.27
N GLY N 31 -12.69 21.32 11.77
CA GLY N 31 -11.39 20.76 12.09
C GLY N 31 -11.03 21.41 13.41
N SER N 32 -9.89 22.10 13.49
CA SER N 32 -9.47 22.77 14.71
C SER N 32 -9.87 24.23 14.77
N LEU N 33 -10.46 24.72 13.70
CA LEU N 33 -10.92 26.10 13.67
C LEU N 33 -12.29 26.13 14.31
N LEU N 34 -12.45 26.90 15.36
CA LEU N 34 -13.72 27.02 16.05
C LEU N 34 -14.56 27.99 15.25
N ARG N 35 -14.86 27.59 14.02
CA ARG N 35 -15.56 28.42 13.08
C ARG N 35 -16.84 29.17 13.35
N PHE N 36 -17.92 28.47 13.71
CA PHE N 36 -19.21 29.11 13.90
C PHE N 36 -19.68 29.07 15.33
N ASN N 37 -19.92 30.24 15.93
CA ASN N 37 -20.36 30.31 17.32
C ASN N 37 -21.84 30.47 17.63
N GLY N 38 -22.70 30.42 16.62
CA GLY N 38 -24.11 30.56 16.92
C GLY N 38 -24.93 29.40 16.42
N VAL N 39 -24.42 28.19 16.58
CA VAL N 39 -25.09 26.98 16.12
C VAL N 39 -25.92 26.34 17.20
N GLU N 40 -27.21 26.24 16.97
CA GLU N 40 -28.09 25.63 17.95
C GLU N 40 -28.21 24.16 17.58
N ARG N 41 -27.81 23.26 18.48
CA ARG N 41 -27.85 21.83 18.22
C ARG N 41 -28.93 21.10 18.97
N LEU N 42 -29.78 21.83 19.69
CA LEU N 42 -30.91 21.23 20.40
C LEU N 42 -32.13 21.58 19.56
N ILE N 43 -32.80 20.56 19.04
CA ILE N 43 -33.97 20.72 18.17
C ILE N 43 -35.27 20.26 18.80
N PRO N 44 -36.12 21.22 19.21
CA PRO N 44 -37.40 20.90 19.82
C PRO N 44 -38.38 20.44 18.74
N VAL N 45 -39.20 19.44 19.06
CA VAL N 45 -40.21 18.93 18.14
C VAL N 45 -41.51 18.90 18.92
N GLY N 46 -42.36 19.90 18.71
CA GLY N 46 -43.61 19.94 19.44
C GLY N 46 -43.32 20.48 20.83
N ASP N 47 -44.17 20.15 21.79
CA ASP N 47 -43.96 20.64 23.16
C ASP N 47 -43.50 19.56 24.14
N ASN N 48 -43.02 18.44 23.61
CA ASN N 48 -42.59 17.33 24.46
C ASN N 48 -41.32 16.58 24.08
N THR N 49 -40.56 17.08 23.10
CA THR N 49 -39.36 16.40 22.63
C THR N 49 -38.27 17.37 22.22
N VAL N 50 -37.01 17.02 22.49
CA VAL N 50 -35.85 17.81 22.08
C VAL N 50 -34.85 16.81 21.55
N VAL N 51 -34.39 17.00 20.32
CA VAL N 51 -33.44 16.09 19.71
C VAL N 51 -32.09 16.77 19.73
N GLY N 52 -31.14 16.22 20.47
CA GLY N 52 -29.81 16.80 20.53
C GLY N 52 -28.90 16.08 19.53
N ILE N 53 -28.22 16.83 18.67
CA ILE N 53 -27.36 16.24 17.63
C ILE N 53 -25.89 16.66 17.62
N SER N 54 -25.00 15.69 17.50
CA SER N 54 -23.59 15.98 17.40
C SER N 54 -23.13 15.33 16.14
N GLY N 55 -21.97 15.73 15.65
CA GLY N 55 -21.48 15.18 14.42
C GLY N 55 -21.57 16.21 13.33
N ASP N 56 -21.62 15.76 12.09
CA ASP N 56 -21.69 16.65 10.94
C ASP N 56 -22.91 17.61 10.94
N ILE N 57 -22.64 18.90 10.76
CA ILE N 57 -23.69 19.91 10.78
C ILE N 57 -24.54 19.95 9.53
N SER N 58 -24.00 19.64 8.37
CA SER N 58 -24.85 19.66 7.20
C SER N 58 -25.93 18.58 7.34
N ASP N 59 -25.56 17.45 7.92
CA ASP N 59 -26.48 16.34 8.14
C ASP N 59 -27.44 16.69 9.25
N MET N 60 -27.00 17.45 10.24
CA MET N 60 -27.88 17.87 11.31
C MET N 60 -28.99 18.75 10.71
N GLN N 61 -28.59 19.64 9.80
CA GLN N 61 -29.53 20.53 9.14
C GLN N 61 -30.53 19.73 8.33
N HIS N 62 -30.12 18.59 7.80
CA HIS N 62 -31.00 17.71 7.04
C HIS N 62 -31.99 17.06 8.00
N ILE N 63 -31.49 16.54 9.12
CA ILE N 63 -32.35 15.91 10.11
C ILE N 63 -33.32 16.94 10.64
N GLU N 64 -32.91 18.19 10.68
CA GLU N 64 -33.80 19.26 11.13
C GLU N 64 -34.97 19.38 10.16
N ARG N 65 -34.66 19.44 8.87
CA ARG N 65 -35.65 19.57 7.83
C ARG N 65 -36.60 18.39 7.93
N LEU N 66 -36.06 17.19 8.12
CA LEU N 66 -36.91 16.00 8.24
C LEU N 66 -37.84 16.09 9.43
N LEU N 67 -37.35 16.63 10.53
CA LEU N 67 -38.17 16.74 11.72
C LEU N 67 -39.32 17.70 11.51
N LYS N 68 -39.08 18.81 10.84
CA LYS N 68 -40.13 19.77 10.57
C LYS N 68 -41.19 19.15 9.64
N ASP N 69 -40.76 18.25 8.76
CA ASP N 69 -41.68 17.58 7.86
C ASP N 69 -42.57 16.60 8.59
N LEU N 70 -42.01 15.86 9.55
CA LEU N 70 -42.78 14.91 10.33
C LEU N 70 -43.99 15.60 10.94
N VAL N 71 -43.77 16.78 11.50
CA VAL N 71 -44.82 17.57 12.15
C VAL N 71 -45.89 18.05 11.18
N THR N 72 -45.48 18.49 9.99
CA THR N 72 -46.42 18.97 8.98
C THR N 72 -47.32 17.82 8.52
N GLU N 73 -46.69 16.72 8.11
CA GLU N 73 -47.38 15.56 7.61
C GLU N 73 -48.25 14.87 8.64
N ASN N 74 -47.91 15.05 9.91
CA ASN N 74 -48.70 14.44 10.98
C ASN N 74 -49.97 15.23 11.25
N ALA N 75 -49.94 16.53 10.98
CA ALA N 75 -51.09 17.38 11.19
C ALA N 75 -52.10 17.14 10.09
N TYR N 76 -51.64 16.60 8.97
CA TYR N 76 -52.51 16.34 7.82
C TYR N 76 -53.61 15.39 8.16
N ASP N 77 -54.84 15.81 7.85
CA ASP N 77 -56.04 15.01 8.07
C ASP N 77 -55.99 14.43 9.47
N ASN N 78 -55.51 15.23 10.40
CA ASN N 78 -55.41 14.79 11.76
C ASN N 78 -56.12 15.84 12.60
N PRO N 79 -57.37 15.57 12.98
CA PRO N 79 -58.13 16.51 13.79
C PRO N 79 -57.57 16.60 15.21
N LEU N 80 -56.78 15.60 15.58
CA LEU N 80 -56.18 15.52 16.91
C LEU N 80 -54.65 15.76 16.92
N ALA N 81 -54.14 16.51 15.96
CA ALA N 81 -52.71 16.80 15.86
C ALA N 81 -52.12 17.56 17.06
N ASP N 82 -52.94 18.38 17.71
CA ASP N 82 -52.45 19.13 18.86
C ASP N 82 -52.98 18.52 20.15
N ALA N 83 -53.32 17.24 20.09
CA ALA N 83 -53.86 16.54 21.24
C ALA N 83 -53.46 15.06 21.28
N GLU N 84 -54.46 14.16 21.24
CA GLU N 84 -54.23 12.71 21.30
C GLU N 84 -53.36 12.07 20.23
N GLU N 85 -53.22 12.71 19.08
CA GLU N 85 -52.40 12.14 18.01
C GLU N 85 -51.26 13.06 17.61
N ALA N 86 -50.64 13.68 18.60
CA ALA N 86 -49.49 14.55 18.37
C ALA N 86 -48.28 13.62 18.41
N LEU N 87 -47.15 14.09 17.88
CA LEU N 87 -45.93 13.28 17.85
C LEU N 87 -45.37 13.03 19.24
N GLU N 88 -44.96 11.80 19.50
CA GLU N 88 -44.40 11.39 20.78
C GLU N 88 -42.91 11.21 20.64
N PRO N 89 -42.15 11.36 21.74
CA PRO N 89 -40.70 11.19 21.70
C PRO N 89 -40.36 9.83 21.07
N SER N 90 -41.10 8.80 21.42
CA SER N 90 -40.83 7.47 20.89
C SER N 90 -41.06 7.33 19.40
N TYR N 91 -41.95 8.14 18.84
CA TYR N 91 -42.23 8.08 17.40
C TYR N 91 -41.09 8.75 16.66
N ILE N 92 -40.68 9.90 17.17
CA ILE N 92 -39.60 10.68 16.59
C ILE N 92 -38.30 9.90 16.67
N PHE N 93 -38.08 9.23 17.78
CA PHE N 93 -36.89 8.42 17.92
C PHE N 93 -36.89 7.26 16.94
N GLU N 94 -37.89 6.39 17.02
CA GLU N 94 -37.97 5.24 16.12
C GLU N 94 -37.79 5.64 14.68
N TYR N 95 -38.33 6.79 14.30
CA TYR N 95 -38.19 7.30 12.93
C TYR N 95 -36.73 7.64 12.62
N LEU N 96 -36.09 8.44 13.47
CA LEU N 96 -34.71 8.81 13.26
C LEU N 96 -33.86 7.56 13.25
N ALA N 97 -34.12 6.65 14.18
CA ALA N 97 -33.36 5.41 14.27
C ALA N 97 -33.51 4.63 12.98
N THR N 98 -34.72 4.59 12.45
CA THR N 98 -34.96 3.88 11.22
C THR N 98 -34.13 4.50 10.12
N VAL N 99 -34.14 5.83 10.08
CA VAL N 99 -33.38 6.54 9.07
C VAL N 99 -31.89 6.29 9.18
N MET N 100 -31.38 6.38 10.40
CA MET N 100 -29.96 6.20 10.68
C MET N 100 -29.46 4.84 10.25
N TYR N 101 -30.22 3.79 10.55
CA TYR N 101 -29.84 2.43 10.17
C TYR N 101 -29.95 2.15 8.66
N GLN N 102 -30.95 2.72 8.00
CA GLN N 102 -31.08 2.54 6.56
C GLN N 102 -29.93 3.22 5.85
N ARG N 103 -29.57 4.43 6.30
CA ARG N 103 -28.47 5.16 5.70
C ARG N 103 -27.13 4.45 5.91
N ARG N 104 -26.90 3.84 7.07
CA ARG N 104 -25.67 3.12 7.30
C ARG N 104 -25.64 1.87 6.43
N SER N 105 -26.78 1.23 6.23
CA SER N 105 -26.84 0.03 5.39
C SER N 105 -26.64 0.29 3.90
N LYS N 106 -26.78 1.55 3.47
CA LYS N 106 -26.55 1.90 2.08
C LYS N 106 -25.14 2.49 1.93
N MET N 107 -24.38 2.40 3.00
CA MET N 107 -23.01 2.91 3.05
C MET N 107 -22.94 4.39 2.84
N ASN N 108 -23.96 5.12 3.27
CA ASN N 108 -23.99 6.56 3.10
C ASN N 108 -24.68 7.12 4.32
N PRO N 109 -23.97 7.12 5.45
CA PRO N 109 -24.48 7.59 6.71
C PRO N 109 -24.70 9.04 6.90
N LEU N 110 -25.52 9.35 7.89
CA LEU N 110 -25.74 10.72 8.32
C LEU N 110 -24.74 10.69 9.46
N TRP N 111 -23.63 11.41 9.32
CA TRP N 111 -22.57 11.38 10.32
C TRP N 111 -22.87 12.05 11.66
N ASN N 112 -23.76 11.46 12.44
CA ASN N 112 -24.16 12.04 13.70
C ASN N 112 -24.27 11.07 14.84
N ALA N 113 -24.58 11.61 16.00
CA ALA N 113 -24.82 10.84 17.20
C ALA N 113 -25.94 11.73 17.74
N ILE N 114 -27.10 11.15 17.94
CA ILE N 114 -28.28 11.90 18.37
C ILE N 114 -28.87 11.37 19.65
N ILE N 115 -29.47 12.25 20.45
CA ILE N 115 -30.12 11.84 21.68
C ILE N 115 -31.47 12.47 21.67
N VAL N 116 -32.50 11.64 21.78
CA VAL N 116 -33.86 12.10 21.79
C VAL N 116 -34.33 12.08 23.22
N ALA N 117 -34.64 13.26 23.74
CA ALA N 117 -35.08 13.43 25.12
C ALA N 117 -36.49 13.99 25.16
N GLY N 118 -37.38 13.39 25.93
CA GLY N 118 -38.72 13.92 26.00
C GLY N 118 -39.59 13.24 27.03
N VAL N 119 -40.85 13.65 27.07
CA VAL N 119 -41.77 13.05 28.00
C VAL N 119 -42.94 12.52 27.20
N GLN N 120 -43.27 11.25 27.40
CA GLN N 120 -44.38 10.62 26.69
C GLN N 120 -45.72 11.19 27.22
N SER N 121 -46.84 10.81 26.60
CA SER N 121 -48.15 11.31 27.01
C SER N 121 -48.61 10.85 28.40
N ASN N 122 -48.18 9.65 28.81
CA ASN N 122 -48.52 9.12 30.12
C ASN N 122 -47.55 9.59 31.20
N GLY N 123 -46.68 10.54 30.85
CA GLY N 123 -45.71 11.08 31.80
C GLY N 123 -44.34 10.44 31.84
N ASP N 124 -44.18 9.26 31.23
CA ASP N 124 -42.91 8.54 31.24
C ASP N 124 -41.76 9.30 30.56
N GLN N 125 -40.59 9.32 31.20
CA GLN N 125 -39.42 10.02 30.65
C GLN N 125 -38.86 9.18 29.53
N PHE N 126 -38.45 9.83 28.45
CA PHE N 126 -37.90 9.09 27.33
C PHE N 126 -36.51 9.67 27.08
N LEU N 127 -35.53 8.80 26.91
CA LEU N 127 -34.18 9.23 26.65
C LEU N 127 -33.54 8.11 25.92
N ARG N 128 -33.17 8.31 24.67
CA ARG N 128 -32.55 7.24 23.95
C ARG N 128 -31.61 7.81 22.91
N TYR N 129 -30.58 7.06 22.60
CA TYR N 129 -29.54 7.46 21.68
C TYR N 129 -29.56 6.64 20.42
N VAL N 130 -29.12 7.23 19.31
CA VAL N 130 -28.98 6.53 18.04
C VAL N 130 -27.82 7.22 17.33
N ASN N 131 -26.96 6.47 16.67
CA ASN N 131 -25.85 7.10 15.99
C ASN N 131 -25.72 6.68 14.54
N LEU N 132 -24.70 7.18 13.87
CA LEU N 132 -24.45 6.92 12.46
C LEU N 132 -24.46 5.47 12.04
N LEU N 133 -24.37 4.55 12.99
CA LEU N 133 -24.37 3.13 12.69
C LEU N 133 -25.73 2.51 12.94
N GLY N 134 -26.66 3.27 13.48
CA GLY N 134 -27.97 2.74 13.76
C GLY N 134 -28.05 2.10 15.13
N VAL N 135 -26.98 2.21 15.89
CA VAL N 135 -26.92 1.67 17.26
C VAL N 135 -27.79 2.53 18.18
N THR N 136 -28.61 1.89 19.00
CA THR N 136 -29.51 2.58 19.92
C THR N 136 -29.36 2.03 21.34
N TYR N 137 -29.44 2.90 22.33
CA TYR N 137 -29.38 2.48 23.72
C TYR N 137 -29.98 3.51 24.60
N SER N 138 -30.47 3.06 25.75
CA SER N 138 -31.09 3.94 26.71
C SER N 138 -30.40 3.75 28.04
N SER N 139 -30.40 4.80 28.84
CA SER N 139 -29.77 4.77 30.15
C SER N 139 -30.24 6.01 30.88
N PRO N 140 -30.12 6.02 32.22
CA PRO N 140 -30.55 7.20 32.96
C PRO N 140 -29.78 8.44 32.54
N THR N 141 -28.59 8.26 31.99
CA THR N 141 -27.81 9.39 31.51
C THR N 141 -27.29 8.95 30.17
N LEU N 142 -27.22 9.89 29.23
CA LEU N 142 -26.70 9.61 27.90
C LEU N 142 -25.88 10.81 27.50
N ALA N 143 -24.76 10.56 26.83
CA ALA N 143 -23.88 11.61 26.36
C ALA N 143 -23.18 11.11 25.12
N THR N 144 -22.87 12.02 24.20
CA THR N 144 -22.19 11.65 22.97
C THR N 144 -20.73 12.12 22.93
N GLY N 145 -19.96 11.48 22.07
CA GLY N 145 -18.56 11.83 21.90
C GLY N 145 -17.80 12.02 23.18
N PHE N 146 -17.20 13.18 23.31
CA PHE N 146 -16.42 13.47 24.48
C PHE N 146 -17.16 13.38 25.79
N GLY N 147 -18.38 13.86 25.82
CA GLY N 147 -19.16 13.82 27.04
C GLY N 147 -19.44 12.44 27.58
N ALA N 148 -19.28 11.43 26.74
CA ALA N 148 -19.53 10.06 27.18
C ALA N 148 -18.43 9.69 28.18
N HIS N 149 -17.25 10.21 27.93
CA HIS N 149 -16.08 9.96 28.74
C HIS N 149 -16.01 10.78 30.00
N MET N 150 -16.42 12.04 29.90
CA MET N 150 -16.33 12.91 31.05
C MET N 150 -17.63 13.32 31.69
N ALA N 151 -18.72 13.39 30.93
CA ALA N 151 -19.97 13.80 31.56
C ALA N 151 -20.66 12.63 32.24
N ASN N 152 -20.72 11.50 31.56
CA ASN N 152 -21.38 10.35 32.15
C ASN N 152 -20.89 10.01 33.54
N PRO N 153 -19.56 9.95 33.75
CA PRO N 153 -19.05 9.65 35.08
C PRO N 153 -19.62 10.56 36.14
N LEU N 154 -19.81 11.83 35.78
CA LEU N 154 -20.34 12.81 36.71
C LEU N 154 -21.84 12.68 36.87
N LEU N 155 -22.55 12.60 35.76
CA LEU N 155 -23.99 12.50 35.81
C LEU N 155 -24.35 11.19 36.46
N ARG N 156 -23.48 10.20 36.33
CA ARG N 156 -23.76 8.93 36.94
C ARG N 156 -23.63 8.93 38.45
N LYS N 157 -23.00 9.94 39.02
CA LYS N 157 -22.85 10.03 40.48
C LYS N 157 -24.13 10.56 41.07
N VAL N 158 -25.02 11.06 40.21
CA VAL N 158 -26.30 11.58 40.63
C VAL N 158 -27.35 10.49 40.44
N VAL N 159 -27.39 9.89 39.24
CA VAL N 159 -28.31 8.79 38.92
C VAL N 159 -27.52 7.56 38.45
N ASP N 160 -27.11 6.73 39.40
CA ASP N 160 -26.30 5.53 39.14
C ASP N 160 -27.15 4.36 38.67
N ARG N 161 -28.44 4.39 39.00
CA ARG N 161 -29.33 3.34 38.58
C ARG N 161 -30.74 3.85 38.47
N GLU N 162 -31.63 3.03 37.92
CA GLU N 162 -33.02 3.41 37.73
C GLU N 162 -33.66 3.95 39.01
N SER N 163 -33.44 3.26 40.12
CA SER N 163 -34.02 3.68 41.40
C SER N 163 -33.65 5.10 41.83
N ASP N 164 -32.58 5.64 41.27
CA ASP N 164 -32.17 6.98 41.64
C ASP N 164 -32.98 8.04 40.93
N ILE N 165 -33.74 7.66 39.91
CA ILE N 165 -34.52 8.66 39.16
C ILE N 165 -35.57 9.37 39.98
N PRO N 166 -36.43 8.64 40.69
CA PRO N 166 -37.44 9.31 41.50
C PRO N 166 -36.92 10.13 42.69
N LYS N 167 -35.63 10.02 42.97
CA LYS N 167 -34.99 10.75 44.07
C LYS N 167 -34.25 12.02 43.65
N THR N 168 -34.22 12.27 42.35
CA THR N 168 -33.51 13.42 41.78
C THR N 168 -34.45 14.53 41.30
N THR N 169 -34.20 15.74 41.75
CA THR N 169 -35.03 16.87 41.38
C THR N 169 -34.47 17.69 40.21
N VAL N 170 -35.30 18.54 39.62
CA VAL N 170 -34.89 19.39 38.50
C VAL N 170 -33.67 20.21 38.91
N GLN N 171 -33.74 20.80 40.10
CA GLN N 171 -32.66 21.62 40.61
C GLN N 171 -31.33 20.86 40.59
N VAL N 172 -31.32 19.66 41.16
CA VAL N 172 -30.12 18.82 41.21
C VAL N 172 -29.63 18.38 39.83
N ALA N 173 -30.54 17.90 38.99
CA ALA N 173 -30.16 17.46 37.67
C ALA N 173 -29.63 18.62 36.84
N GLU N 174 -30.24 19.79 36.95
CA GLU N 174 -29.76 20.92 36.15
C GLU N 174 -28.36 21.28 36.59
N GLU N 175 -28.14 21.32 37.91
CA GLU N 175 -26.84 21.64 38.46
C GLU N 175 -25.80 20.70 37.89
N ALA N 176 -26.10 19.40 37.92
CA ALA N 176 -25.21 18.39 37.40
C ALA N 176 -24.89 18.65 35.93
N ILE N 177 -25.91 18.86 35.11
CA ILE N 177 -25.69 19.11 33.70
C ILE N 177 -24.77 20.31 33.51
N VAL N 178 -25.08 21.39 34.21
CA VAL N 178 -24.31 22.60 34.09
C VAL N 178 -22.85 22.42 34.44
N ASN N 179 -22.56 21.69 35.50
CA ASN N 179 -21.17 21.46 35.87
C ASN N 179 -20.47 20.61 34.81
N ALA N 180 -21.18 19.61 34.27
CA ALA N 180 -20.62 18.74 33.25
C ALA N 180 -20.22 19.59 32.08
N MET N 181 -21.04 20.55 31.75
CA MET N 181 -20.73 21.43 30.64
C MET N 181 -19.47 22.22 30.91
N ARG N 182 -19.25 22.57 32.17
CA ARG N 182 -18.05 23.32 32.52
C ARG N 182 -16.82 22.42 32.36
N VAL N 183 -16.88 21.21 32.89
CA VAL N 183 -15.78 20.28 32.76
C VAL N 183 -15.41 20.06 31.29
N LEU N 184 -16.43 19.97 30.45
CA LEU N 184 -16.18 19.77 29.03
C LEU N 184 -15.50 20.99 28.42
N TYR N 185 -15.81 22.20 28.89
CA TYR N 185 -15.17 23.39 28.35
C TYR N 185 -13.72 23.38 28.81
N TYR N 186 -13.51 22.81 29.98
CA TYR N 186 -12.19 22.69 30.55
C TYR N 186 -11.34 21.80 29.70
N ARG N 187 -11.80 20.58 29.49
CA ARG N 187 -10.99 19.60 28.77
C ARG N 187 -11.28 19.20 27.32
N ASP N 188 -12.34 19.68 26.70
CA ASP N 188 -12.65 19.31 25.30
C ASP N 188 -12.18 20.46 24.43
N ALA N 189 -11.17 20.21 23.61
CA ALA N 189 -10.60 21.24 22.75
C ALA N 189 -11.54 21.68 21.64
N ARG N 190 -12.69 21.05 21.55
CA ARG N 190 -13.64 21.42 20.53
C ARG N 190 -14.90 22.01 21.14
N SER N 191 -14.82 22.46 22.38
CA SER N 191 -15.98 23.01 23.04
C SER N 191 -16.02 24.52 23.00
N SER N 192 -17.22 25.06 23.23
CA SER N 192 -17.46 26.49 23.26
C SER N 192 -17.95 26.73 24.66
N ARG N 193 -17.89 27.98 25.08
CA ARG N 193 -18.32 28.37 26.40
C ARG N 193 -19.81 28.61 26.43
N ASN N 194 -20.37 28.89 25.26
CA ASN N 194 -21.79 29.17 25.11
C ASN N 194 -22.58 27.93 24.76
N PHE N 195 -23.65 27.69 25.49
CA PHE N 195 -24.46 26.50 25.26
C PHE N 195 -25.94 26.74 25.47
N SER N 196 -26.74 25.71 25.16
CA SER N 196 -28.18 25.74 25.30
C SER N 196 -28.58 24.51 26.10
N LEU N 197 -29.62 24.61 26.91
CA LEU N 197 -30.06 23.50 27.74
C LEU N 197 -31.58 23.44 27.67
N ALA N 198 -32.16 22.26 27.71
CA ALA N 198 -33.61 22.15 27.67
C ALA N 198 -34.07 21.14 28.68
N ILE N 199 -35.15 21.47 29.37
CA ILE N 199 -35.75 20.60 30.37
C ILE N 199 -37.14 20.25 29.86
N ILE N 200 -37.50 18.97 29.89
CA ILE N 200 -38.83 18.57 29.46
C ILE N 200 -39.43 17.92 30.69
N ASP N 201 -40.38 18.62 31.29
CA ASP N 201 -41.02 18.19 32.52
C ASP N 201 -42.47 17.82 32.24
N LYS N 202 -42.98 16.82 32.97
CA LYS N 202 -44.36 16.39 32.80
C LYS N 202 -45.42 17.39 33.26
N ASN N 203 -45.01 18.34 34.10
CA ASN N 203 -45.92 19.34 34.62
C ASN N 203 -45.68 20.68 33.96
N THR N 204 -44.47 21.22 34.12
CA THR N 204 -44.11 22.52 33.56
C THR N 204 -43.88 22.54 32.05
N GLY N 205 -43.92 21.38 31.42
CA GLY N 205 -43.72 21.29 29.98
C GLY N 205 -42.30 21.48 29.48
N LEU N 206 -42.15 22.18 28.36
CA LEU N 206 -40.82 22.41 27.80
C LEU N 206 -40.29 23.79 28.12
N THR N 207 -39.13 23.81 28.76
CA THR N 207 -38.42 25.04 29.10
C THR N 207 -37.12 24.96 28.29
N PHE N 208 -36.93 25.89 27.38
CA PHE N 208 -35.75 25.92 26.54
C PHE N 208 -34.91 27.17 26.82
N LYS N 209 -33.77 26.99 27.46
CA LYS N 209 -32.88 28.08 27.82
C LYS N 209 -31.79 28.26 26.77
N LYS N 210 -31.72 29.44 26.17
CA LYS N 210 -30.71 29.76 25.17
C LYS N 210 -29.66 30.72 25.76
N ASN N 211 -28.53 30.85 25.08
CA ASN N 211 -27.45 31.73 25.50
C ASN N 211 -26.94 31.57 26.91
N LEU N 212 -26.59 30.35 27.28
CA LEU N 212 -26.05 30.08 28.59
C LEU N 212 -24.54 30.11 28.43
N GLN N 213 -23.85 30.44 29.51
CA GLN N 213 -22.39 30.53 29.51
C GLN N 213 -21.84 29.80 30.70
N VAL N 214 -20.71 29.15 30.50
CA VAL N 214 -20.08 28.48 31.61
C VAL N 214 -19.59 29.62 32.50
N GLU N 215 -19.93 29.54 33.79
CA GLU N 215 -19.52 30.55 34.78
C GLU N 215 -18.89 29.80 35.96
N ASN N 216 -18.35 30.53 36.94
CA ASN N 216 -17.73 29.97 38.15
C ASN N 216 -16.56 29.03 37.85
N MET N 217 -15.71 29.44 36.93
CA MET N 217 -14.56 28.63 36.57
C MET N 217 -13.40 28.88 37.53
N LYS N 218 -12.55 27.87 37.68
CA LYS N 218 -11.37 27.97 38.53
C LYS N 218 -10.13 28.00 37.63
N TRP N 219 -9.41 29.11 37.65
CA TRP N 219 -8.19 29.27 36.84
C TRP N 219 -7.10 29.94 37.66
N ASP N 220 -7.45 30.48 38.83
CA ASP N 220 -6.50 31.18 39.68
C ASP N 220 -5.24 30.37 40.00
N PHE N 221 -5.39 29.10 40.34
CA PHE N 221 -4.24 28.25 40.66
C PHE N 221 -3.15 28.25 39.57
N ALA N 222 -3.47 28.70 38.36
CA ALA N 222 -2.49 28.69 37.29
C ALA N 222 -1.37 29.70 37.49
N LYS N 223 -1.55 30.64 38.44
CA LYS N 223 -0.54 31.67 38.68
C LYS N 223 0.68 31.10 39.38
N ASP N 224 0.51 29.97 40.05
CA ASP N 224 1.55 29.30 40.80
C ASP N 224 2.32 28.27 40.00
N ILE N 225 1.92 28.06 38.76
CA ILE N 225 2.57 27.08 37.94
C ILE N 225 3.59 27.76 37.06
N LYS N 226 4.83 27.29 37.13
CA LYS N 226 5.92 27.82 36.32
C LYS N 226 6.79 26.66 35.86
N GLY N 227 7.30 26.74 34.64
CA GLY N 227 8.10 25.66 34.11
C GLY N 227 7.31 24.37 33.94
N TYR N 228 8.05 23.28 33.75
CA TYR N 228 7.45 21.96 33.59
C TYR N 228 8.22 20.95 34.44
N GLY N 229 8.90 21.44 35.48
CA GLY N 229 9.64 20.57 36.36
C GLY N 229 10.58 21.28 37.31
N THR N 230 11.68 21.77 36.77
CA THR N 230 12.72 22.43 37.56
C THR N 230 12.74 23.94 37.64
N GLN N 231 12.22 24.63 36.63
CA GLN N 231 12.21 26.08 36.62
C GLN N 231 11.51 26.60 37.87
N LYS N 232 12.10 27.60 38.51
CA LYS N 232 11.56 28.16 39.74
C LYS N 232 10.82 29.48 39.56
N ILE N 233 11.10 30.19 38.48
CA ILE N 233 10.47 31.48 38.21
C ILE N 233 9.56 31.43 36.96
N ALA O 1 62.31 -1.53 38.45
CA ALA O 1 62.21 -1.56 39.95
C ALA O 1 62.44 -0.21 40.65
N GLY O 2 63.51 0.50 40.28
CA GLY O 2 63.82 1.80 40.90
C GLY O 2 63.03 3.01 40.40
N TYR O 3 62.22 2.78 39.37
CA TYR O 3 61.38 3.80 38.78
C TYR O 3 60.13 4.01 39.65
N ASP O 4 60.09 3.41 40.83
CA ASP O 4 58.93 3.53 41.71
C ASP O 4 58.74 4.94 42.26
N ARG O 5 59.56 5.86 41.80
CA ARG O 5 59.47 7.24 42.23
C ARG O 5 59.01 8.15 41.10
N HIS O 6 58.82 7.60 39.91
CA HIS O 6 58.39 8.37 38.75
C HIS O 6 56.92 8.22 38.41
N ILE O 7 56.38 7.05 38.74
CA ILE O 7 54.98 6.77 38.46
C ILE O 7 54.29 6.43 39.76
N THR O 8 52.96 6.45 39.76
CA THR O 8 52.23 6.18 40.97
C THR O 8 52.10 4.75 41.41
N ILE O 9 53.22 4.11 41.67
CA ILE O 9 53.23 2.76 42.21
C ILE O 9 53.82 2.90 43.62
N PHE O 10 53.55 1.92 44.45
CA PHE O 10 54.02 1.95 45.82
C PHE O 10 55.53 1.77 45.93
N SER O 11 56.11 2.50 46.88
CA SER O 11 57.54 2.42 47.18
C SER O 11 57.55 1.34 48.25
N PRO O 12 58.70 0.68 48.49
CA PRO O 12 58.80 -0.37 49.51
C PRO O 12 58.25 -0.04 50.89
N GLU O 13 57.98 1.23 51.13
CA GLU O 13 57.45 1.66 52.42
C GLU O 13 55.97 2.01 52.28
N GLY O 14 55.40 1.71 51.12
CA GLY O 14 53.99 1.99 50.88
C GLY O 14 53.68 3.46 50.67
N ARG O 15 54.61 4.17 50.04
CA ARG O 15 54.39 5.58 49.79
C ARG O 15 54.29 5.82 48.31
N LEU O 16 53.58 6.88 47.93
CA LEU O 16 53.43 7.24 46.53
C LEU O 16 54.16 8.58 46.42
N TYR O 17 55.44 8.53 46.05
CA TYR O 17 56.28 9.73 45.93
C TYR O 17 55.75 10.78 45.00
N GLN O 18 55.24 10.37 43.86
CA GLN O 18 54.69 11.31 42.90
C GLN O 18 53.58 12.13 43.52
N VAL O 19 52.80 11.55 44.42
CA VAL O 19 51.73 12.27 45.09
C VAL O 19 52.33 13.25 46.08
N GLU O 20 53.43 12.85 46.72
CA GLU O 20 54.12 13.68 47.70
C GLU O 20 54.72 14.88 47.01
N TYR O 21 55.32 14.66 45.86
CA TYR O 21 55.93 15.73 45.10
C TYR O 21 54.88 16.64 44.53
N ALA O 22 53.69 16.12 44.24
CA ALA O 22 52.63 16.95 43.72
C ALA O 22 52.27 17.92 44.84
N PHE O 23 52.38 17.48 46.09
CA PHE O 23 52.08 18.34 47.24
C PHE O 23 53.10 19.48 47.37
N LYS O 24 54.35 19.24 47.02
CA LYS O 24 55.34 20.29 47.12
C LYS O 24 55.08 21.35 46.07
N ALA O 25 54.60 20.92 44.92
CA ALA O 25 54.29 21.81 43.81
C ALA O 25 53.18 22.80 44.15
N THR O 26 52.28 22.44 45.05
CA THR O 26 51.21 23.35 45.40
C THR O 26 51.74 24.61 46.07
N ASN O 27 53.02 24.59 46.47
CA ASN O 27 53.64 25.73 47.14
C ASN O 27 54.53 26.56 46.23
N GLN O 28 54.65 26.14 44.99
CA GLN O 28 55.47 26.80 43.99
C GLN O 28 55.17 28.28 43.78
N THR O 29 53.91 28.66 43.95
CA THR O 29 53.48 30.03 43.74
C THR O 29 53.67 30.96 44.94
N ASN O 30 54.01 30.39 46.09
CA ASN O 30 54.28 31.17 47.29
C ASN O 30 53.10 32.07 47.68
N ILE O 31 51.89 31.55 47.52
CA ILE O 31 50.65 32.26 47.81
C ILE O 31 49.90 31.55 48.93
N ASN O 32 49.32 32.30 49.86
CA ASN O 32 48.57 31.69 50.96
C ASN O 32 47.12 32.11 50.82
N SER O 33 46.20 31.25 51.24
CA SER O 33 44.76 31.52 51.18
C SER O 33 44.10 30.98 52.42
N LEU O 34 42.96 31.52 52.79
CA LEU O 34 42.26 31.02 53.94
C LEU O 34 40.79 31.15 53.65
N ALA O 35 39.98 30.44 54.40
CA ALA O 35 38.56 30.51 54.19
C ALA O 35 37.89 30.40 55.52
N VAL O 36 36.90 31.23 55.74
CA VAL O 36 36.17 31.21 57.00
C VAL O 36 34.70 31.30 56.65
N ARG O 37 33.86 30.91 57.58
CA ARG O 37 32.45 30.94 57.31
C ARG O 37 31.78 31.93 58.21
N GLY O 38 30.87 32.71 57.63
CA GLY O 38 30.13 33.69 58.39
C GLY O 38 28.88 33.00 58.89
N LYS O 39 27.90 33.77 59.33
CA LYS O 39 26.65 33.22 59.83
C LYS O 39 25.86 32.70 58.60
N ASP O 40 25.99 33.43 57.49
CA ASP O 40 25.32 33.05 56.24
C ASP O 40 26.17 33.38 55.02
N CYS O 41 27.47 33.22 55.13
CA CYS O 41 28.39 33.47 54.03
C CYS O 41 29.67 32.66 54.22
N THR O 42 30.53 32.65 53.23
CA THR O 42 31.80 31.94 53.31
C THR O 42 32.74 32.82 52.55
N VAL O 43 33.84 33.20 53.19
CA VAL O 43 34.80 34.07 52.55
C VAL O 43 36.14 33.39 52.34
N VAL O 44 36.77 33.65 51.21
CA VAL O 44 38.07 33.09 50.95
C VAL O 44 38.97 34.24 50.60
N ILE O 45 40.13 34.27 51.21
CA ILE O 45 41.08 35.32 50.97
C ILE O 45 42.27 34.63 50.39
N SER O 46 42.94 35.28 49.47
CA SER O 46 44.10 34.71 48.86
C SER O 46 45.01 35.89 48.57
N GLN O 47 46.29 35.75 48.86
CA GLN O 47 47.23 36.83 48.59
C GLN O 47 47.35 36.90 47.09
N LYS O 48 47.69 38.07 46.59
CA LYS O 48 47.85 38.30 45.16
C LYS O 48 49.20 38.95 45.04
N LYS O 49 50.08 38.35 44.24
CA LYS O 49 51.42 38.84 44.06
C LYS O 49 51.72 39.02 42.59
N VAL O 50 51.69 40.27 42.14
CA VAL O 50 51.99 40.56 40.76
C VAL O 50 53.39 41.16 40.70
N PRO O 51 54.36 40.36 40.24
CA PRO O 51 55.76 40.80 40.13
C PRO O 51 56.00 41.69 38.92
N ASP O 52 56.17 41.07 37.76
CA ASP O 52 56.43 41.78 36.51
C ASP O 52 55.46 42.95 36.34
N LYS O 53 55.99 44.12 36.02
CA LYS O 53 55.16 45.31 35.84
C LYS O 53 54.41 45.29 34.50
N LEU O 54 54.87 44.43 33.59
CA LEU O 54 54.29 44.28 32.27
C LEU O 54 52.95 43.55 32.21
N LEU O 55 52.55 42.95 33.33
CA LEU O 55 51.32 42.19 33.41
C LEU O 55 50.06 43.02 33.56
N ASP O 56 48.93 42.44 33.18
CA ASP O 56 47.66 43.11 33.31
C ASP O 56 47.10 42.57 34.63
N PRO O 57 47.21 43.36 35.70
CA PRO O 57 46.73 42.96 37.01
C PRO O 57 45.36 42.30 37.07
N THR O 58 44.43 42.71 36.20
CA THR O 58 43.07 42.14 36.24
C THR O 58 42.92 40.66 35.85
N THR O 59 43.95 40.11 35.18
CA THR O 59 43.92 38.72 34.74
C THR O 59 44.64 37.71 35.64
N VAL O 60 45.30 38.19 36.67
CA VAL O 60 46.03 37.32 37.60
C VAL O 60 45.11 36.94 38.73
N SER O 61 44.51 35.75 38.65
CA SER O 61 43.62 35.32 39.71
C SER O 61 43.75 33.83 39.96
N TYR O 62 43.52 33.42 41.20
CA TYR O 62 43.58 32.02 41.56
C TYR O 62 42.24 31.64 42.20
N ILE O 63 41.26 32.53 42.09
CA ILE O 63 39.94 32.26 42.63
C ILE O 63 39.07 32.15 41.39
N PHE O 64 38.28 31.09 41.32
CA PHE O 64 37.42 30.85 40.18
C PHE O 64 35.97 30.76 40.56
N CYS O 65 35.13 31.25 39.66
CA CYS O 65 33.68 31.18 39.84
C CYS O 65 33.31 29.90 39.11
N ILE O 66 33.01 28.86 39.90
CA ILE O 66 32.70 27.55 39.34
C ILE O 66 31.28 27.51 38.82
N SER O 67 30.34 27.92 39.64
CA SER O 67 28.94 27.95 39.25
C SER O 67 28.34 29.19 39.87
N ARG O 68 27.07 29.44 39.62
CA ARG O 68 26.43 30.59 40.20
C ARG O 68 26.64 30.52 41.70
N THR O 69 26.66 29.31 42.25
CA THR O 69 26.80 29.16 43.70
C THR O 69 28.15 28.80 44.31
N ILE O 70 28.98 28.07 43.56
CA ILE O 70 30.28 27.61 44.05
C ILE O 70 31.51 28.38 43.59
N GLY O 71 32.38 28.66 44.55
CA GLY O 71 33.62 29.35 44.25
C GLY O 71 34.74 28.41 44.59
N MET O 72 35.88 28.55 43.93
CA MET O 72 37.01 27.69 44.21
C MET O 72 38.32 28.45 44.19
N VAL O 73 39.13 28.32 45.23
CA VAL O 73 40.42 28.99 45.24
C VAL O 73 41.49 27.91 45.15
N VAL O 74 42.46 28.11 44.28
CA VAL O 74 43.49 27.11 44.06
C VAL O 74 44.87 27.54 44.50
N ASN O 75 45.55 26.62 45.17
CA ASN O 75 46.91 26.83 45.63
C ASN O 75 47.73 25.91 44.77
N GLY O 76 48.48 26.46 43.83
CA GLY O 76 49.28 25.63 42.98
C GLY O 76 49.46 26.33 41.68
N PRO O 77 50.29 25.80 40.80
CA PRO O 77 50.58 26.38 39.49
C PRO O 77 49.29 26.71 38.76
N ILE O 78 49.29 27.80 38.02
CA ILE O 78 48.09 28.19 37.32
C ILE O 78 47.60 27.22 36.22
N PRO O 79 48.51 26.59 35.41
CA PRO O 79 47.93 25.69 34.41
C PRO O 79 47.13 24.53 34.98
N ASP O 80 47.59 23.96 36.08
CA ASP O 80 46.88 22.87 36.69
C ASP O 80 45.62 23.39 37.33
N ALA O 81 45.70 24.59 37.90
CA ALA O 81 44.52 25.19 38.54
C ALA O 81 43.44 25.44 37.52
N ARG O 82 43.82 25.90 36.34
CA ARG O 82 42.84 26.17 35.30
C ARG O 82 42.30 24.86 34.70
N ASN O 83 43.10 23.81 34.73
CA ASN O 83 42.67 22.50 34.24
C ASN O 83 41.59 22.04 35.21
N ALA O 84 41.84 22.18 36.50
CA ALA O 84 40.89 21.77 37.50
C ALA O 84 39.63 22.61 37.41
N ALA O 85 39.81 23.91 37.20
CA ALA O 85 38.68 24.84 37.10
C ALA O 85 37.74 24.45 35.97
N LEU O 86 38.27 24.21 34.78
CA LEU O 86 37.44 23.84 33.64
C LEU O 86 36.61 22.59 33.93
N ARG O 87 37.25 21.58 34.48
CA ARG O 87 36.57 20.35 34.81
C ARG O 87 35.50 20.54 35.86
N ALA O 88 35.77 21.35 36.88
CA ALA O 88 34.80 21.58 37.93
C ALA O 88 33.58 22.29 37.38
N LYS O 89 33.82 23.20 36.44
CA LYS O 89 32.75 23.96 35.80
C LYS O 89 31.88 23.02 34.96
N ALA O 90 32.51 22.08 34.25
CA ALA O 90 31.78 21.13 33.43
C ALA O 90 30.98 20.17 34.27
N GLU O 91 31.54 19.77 35.40
CA GLU O 91 30.87 18.84 36.29
C GLU O 91 29.64 19.46 36.94
N ALA O 92 29.76 20.70 37.36
CA ALA O 92 28.65 21.37 38.02
C ALA O 92 27.47 21.59 37.10
N ALA O 93 27.77 21.85 35.85
CA ALA O 93 26.74 22.08 34.84
C ALA O 93 26.07 20.75 34.48
N GLU O 94 26.87 19.72 34.20
CA GLU O 94 26.34 18.42 33.88
C GLU O 94 25.44 17.95 35.01
N PHE O 95 25.88 18.12 36.24
CA PHE O 95 25.10 17.71 37.38
C PHE O 95 23.73 18.35 37.36
N ARG O 96 23.67 19.66 37.16
CA ARG O 96 22.40 20.36 37.15
C ARG O 96 21.48 19.81 36.04
N TYR O 97 22.05 19.52 34.89
CA TYR O 97 21.28 19.00 33.76
C TYR O 97 20.65 17.66 34.03
N LYS O 98 21.46 16.73 34.52
CA LYS O 98 21.04 15.38 34.82
C LYS O 98 20.18 15.23 36.05
N TYR O 99 20.49 15.97 37.11
CA TYR O 99 19.74 15.83 38.35
C TYR O 99 18.74 16.90 38.73
N GLY O 100 18.67 17.97 37.94
CA GLY O 100 17.69 18.99 38.20
C GLY O 100 17.89 20.00 39.31
N TYR O 101 19.04 19.96 39.97
CA TYR O 101 19.33 20.95 41.00
C TYR O 101 20.80 21.25 40.97
N ASP O 102 21.20 22.34 41.59
CA ASP O 102 22.59 22.78 41.61
C ASP O 102 23.47 21.85 42.43
N MET O 103 24.62 21.50 41.85
CA MET O 103 25.53 20.62 42.53
C MET O 103 26.07 21.27 43.80
N PRO O 104 26.02 20.53 44.91
CA PRO O 104 26.51 21.05 46.16
C PRO O 104 28.01 21.10 46.16
N CYS O 105 28.54 22.06 46.90
CA CYS O 105 29.98 22.29 47.05
C CYS O 105 30.70 21.02 47.48
N ASP O 106 30.15 20.34 48.48
CA ASP O 106 30.76 19.11 48.97
C ASP O 106 30.75 17.95 47.99
N VAL O 107 29.74 17.91 47.12
CA VAL O 107 29.66 16.84 46.16
C VAL O 107 30.65 17.09 45.07
N LEU O 108 30.81 18.35 44.69
CA LEU O 108 31.78 18.72 43.67
C LEU O 108 33.16 18.40 44.19
N ALA O 109 33.37 18.67 45.47
CA ALA O 109 34.64 18.40 46.13
C ALA O 109 34.90 16.92 46.05
N LYS O 110 33.95 16.11 46.50
CA LYS O 110 34.09 14.66 46.44
C LYS O 110 34.37 14.17 45.03
N ARG O 111 33.66 14.70 44.05
CA ARG O 111 33.87 14.29 42.66
C ARG O 111 35.28 14.63 42.18
N MET O 112 35.76 15.84 42.50
CA MET O 112 37.11 16.27 42.11
C MET O 112 38.18 15.44 42.84
N ALA O 113 37.89 15.09 44.08
CA ALA O 113 38.79 14.25 44.87
C ALA O 113 38.88 12.85 44.26
N ASN O 114 37.74 12.29 43.82
CA ASN O 114 37.72 10.97 43.20
C ASN O 114 38.56 10.98 41.96
N LEU O 115 38.47 12.05 41.19
CA LEU O 115 39.27 12.18 39.98
C LEU O 115 40.76 12.18 40.33
N SER O 116 41.15 12.94 41.36
CA SER O 116 42.55 12.96 41.80
C SER O 116 43.05 11.58 42.22
N GLN O 117 42.20 10.85 42.95
CA GLN O 117 42.50 9.49 43.40
C GLN O 117 42.89 8.65 42.20
N ILE O 118 42.16 8.79 41.09
CA ILE O 118 42.46 8.03 39.88
C ILE O 118 43.86 8.30 39.37
N TYR O 119 44.33 9.55 39.42
CA TYR O 119 45.69 9.87 38.94
C TYR O 119 46.72 9.23 39.87
N THR O 120 46.28 9.04 41.10
CA THR O 120 47.03 8.42 42.14
C THR O 120 47.21 6.91 41.91
N GLN O 121 46.25 6.27 41.25
CA GLN O 121 46.28 4.83 41.00
C GLN O 121 46.66 4.36 39.63
N ARG O 122 46.31 5.12 38.59
CA ARG O 122 46.67 4.75 37.22
C ARG O 122 47.98 5.45 36.89
N ALA O 123 48.92 4.69 36.37
CA ALA O 123 50.24 5.19 36.05
C ALA O 123 50.38 6.20 34.94
N TYR O 124 49.42 6.22 34.01
CA TYR O 124 49.51 7.15 32.88
C TYR O 124 49.17 8.60 33.19
N MET O 125 48.29 8.80 34.15
CA MET O 125 47.83 10.13 34.53
C MET O 125 48.70 10.67 35.65
N ARG O 126 49.20 11.88 35.51
CA ARG O 126 49.99 12.45 36.58
C ARG O 126 49.07 13.21 37.52
N PRO O 127 49.44 13.30 38.80
CA PRO O 127 48.57 14.04 39.71
C PRO O 127 48.67 15.53 39.37
N LEU O 128 47.66 16.31 39.70
CA LEU O 128 47.73 17.73 39.42
C LEU O 128 48.30 18.31 40.68
N GLY O 129 49.25 19.23 40.55
CA GLY O 129 49.85 19.80 41.73
C GLY O 129 49.05 20.91 42.32
N VAL O 130 47.84 20.66 42.80
CA VAL O 130 47.04 21.76 43.35
C VAL O 130 46.15 21.31 44.47
N ILE O 131 45.71 22.26 45.26
CA ILE O 131 44.80 22.02 46.36
C ILE O 131 43.61 22.92 46.02
N LEU O 132 42.40 22.38 46.10
CA LEU O 132 41.20 23.10 45.73
C LEU O 132 40.29 23.32 46.92
N THR O 133 40.00 24.56 47.21
CA THR O 133 39.13 24.87 48.32
C THR O 133 37.86 25.37 47.69
N PHE O 134 36.79 24.61 47.85
CA PHE O 134 35.51 24.97 47.29
C PHE O 134 34.74 25.55 48.42
N VAL O 135 34.04 26.64 48.15
CA VAL O 135 33.23 27.28 49.18
C VAL O 135 31.92 27.69 48.56
N SER O 136 30.89 27.80 49.40
CA SER O 136 29.56 28.21 48.97
C SER O 136 28.67 28.27 50.20
N VAL O 137 27.41 28.65 50.01
CA VAL O 137 26.44 28.65 51.10
C VAL O 137 25.40 27.64 50.58
N ASP O 138 25.62 26.37 50.89
CA ASP O 138 24.76 25.27 50.45
C ASP O 138 23.32 25.42 50.93
N GLU O 139 22.36 25.00 50.11
CA GLU O 139 20.95 25.13 50.50
C GLU O 139 20.53 24.20 51.61
N GLU O 140 21.27 23.11 51.79
CA GLU O 140 20.95 22.18 52.86
C GLU O 140 21.89 22.33 54.04
N LEU O 141 23.17 22.55 53.73
CA LEU O 141 24.22 22.65 54.72
C LEU O 141 24.63 24.00 55.32
N GLY O 142 24.39 25.09 54.60
CA GLY O 142 24.81 26.39 55.09
C GLY O 142 26.18 26.70 54.53
N PRO O 143 26.89 27.70 55.06
CA PRO O 143 28.22 28.05 54.56
C PRO O 143 29.03 26.79 54.54
N SER O 144 29.84 26.59 53.50
CA SER O 144 30.62 25.37 53.37
C SER O 144 31.99 25.56 52.81
N ILE O 145 32.92 24.75 53.29
CA ILE O 145 34.28 24.80 52.81
C ILE O 145 34.68 23.35 52.71
N TYR O 146 35.09 22.91 51.54
CA TYR O 146 35.51 21.54 51.32
C TYR O 146 36.73 21.70 50.48
N LYS O 147 37.82 21.06 50.89
CA LYS O 147 39.12 21.20 50.20
C LYS O 147 39.69 19.88 49.82
N THR O 148 40.21 19.79 48.61
CA THR O 148 40.76 18.54 48.11
C THR O 148 42.24 18.69 47.82
N ASP O 149 42.98 17.58 47.78
CA ASP O 149 44.41 17.61 47.53
C ASP O 149 44.84 16.53 46.52
N PRO O 150 46.14 16.50 46.12
CA PRO O 150 46.65 15.51 45.16
C PRO O 150 46.55 14.04 45.57
N ALA O 151 46.33 13.79 46.84
CA ALA O 151 46.20 12.43 47.34
C ALA O 151 44.79 11.92 47.11
N GLY O 152 43.87 12.83 46.81
CA GLY O 152 42.48 12.47 46.58
C GLY O 152 41.70 12.61 47.87
N TYR O 153 42.28 13.31 48.83
CA TYR O 153 41.64 13.48 50.10
C TYR O 153 40.78 14.73 50.05
N TYR O 154 39.72 14.76 50.82
CA TYR O 154 38.90 15.95 50.88
C TYR O 154 38.15 15.88 52.18
N VAL O 155 37.76 17.02 52.72
CA VAL O 155 37.01 17.03 53.96
C VAL O 155 36.45 18.40 54.09
N GLY O 156 35.47 18.55 54.97
CA GLY O 156 34.86 19.84 55.17
C GLY O 156 35.50 20.53 56.34
N TYR O 157 35.56 21.85 56.30
CA TYR O 157 36.21 22.62 57.35
C TYR O 157 35.37 23.70 57.96
N LYS O 158 35.66 24.00 59.23
CA LYS O 158 35.03 25.09 59.96
C LYS O 158 35.70 26.35 59.37
N ALA O 159 36.99 26.22 59.07
CA ALA O 159 37.82 27.27 58.49
C ALA O 159 39.07 26.53 58.05
N THR O 160 39.81 27.07 57.11
CA THR O 160 41.01 26.38 56.65
C THR O 160 41.99 27.36 56.08
N ALA O 161 43.22 26.89 55.86
CA ALA O 161 44.27 27.71 55.29
C ALA O 161 45.10 26.80 54.46
N THR O 162 45.76 27.36 53.46
CA THR O 162 46.57 26.57 52.56
C THR O 162 47.66 27.46 52.02
N GLY O 163 48.85 26.91 51.80
CA GLY O 163 49.95 27.68 51.26
C GLY O 163 51.20 27.42 52.08
N PRO O 164 52.32 28.10 51.80
CA PRO O 164 53.59 27.95 52.53
C PRO O 164 53.51 28.23 54.02
N LYS O 165 52.70 29.21 54.40
CA LYS O 165 52.55 29.57 55.80
C LYS O 165 51.22 29.06 56.36
N GLN O 166 50.81 27.90 55.87
CA GLN O 166 49.58 27.21 56.26
C GLN O 166 49.48 27.03 57.76
N GLN O 167 50.55 26.55 58.38
CA GLN O 167 50.55 26.31 59.81
C GLN O 167 50.30 27.54 60.68
N GLU O 168 50.88 28.67 60.33
CA GLU O 168 50.67 29.87 61.14
C GLU O 168 49.23 30.30 61.06
N ILE O 169 48.68 30.32 59.85
CA ILE O 169 47.29 30.73 59.68
C ILE O 169 46.38 29.80 60.43
N THR O 170 46.56 28.51 60.20
CA THR O 170 45.73 27.53 60.85
C THR O 170 45.76 27.70 62.36
N THR O 171 46.94 27.91 62.94
CA THR O 171 47.02 28.08 64.38
C THR O 171 46.30 29.34 64.82
N ASN O 172 46.43 30.42 64.05
CA ASN O 172 45.75 31.66 64.40
C ASN O 172 44.25 31.40 64.43
N LEU O 173 43.74 30.76 63.38
CA LEU O 173 42.33 30.47 63.27
C LEU O 173 41.89 29.52 64.39
N GLU O 174 42.65 28.47 64.64
CA GLU O 174 42.29 27.54 65.70
C GLU O 174 42.15 28.29 67.02
N ASN O 175 43.07 29.22 67.27
CA ASN O 175 43.07 30.00 68.50
C ASN O 175 41.82 30.81 68.65
N HIS O 176 41.38 31.47 67.57
CA HIS O 176 40.16 32.27 67.60
C HIS O 176 38.95 31.41 67.91
N PHE O 177 38.85 30.25 67.26
CA PHE O 177 37.72 29.38 67.47
C PHE O 177 37.71 28.72 68.85
N LYS O 178 38.87 28.52 69.46
CA LYS O 178 38.93 27.94 70.79
C LYS O 178 38.49 28.99 71.80
N LYS O 179 38.83 30.24 71.52
CA LYS O 179 38.49 31.39 72.36
C LYS O 179 36.98 31.73 72.31
N SER O 180 36.39 31.63 71.11
CA SER O 180 34.96 31.93 70.93
C SER O 180 33.98 30.76 71.12
N LYS O 181 34.45 29.53 70.97
CA LYS O 181 33.64 28.32 71.17
C LYS O 181 32.61 27.93 70.09
N ILE O 182 32.63 28.63 68.96
CA ILE O 182 31.68 28.34 67.88
C ILE O 182 32.39 27.94 66.59
N ASP O 183 31.62 27.39 65.65
CA ASP O 183 32.20 26.98 64.38
C ASP O 183 32.05 27.98 63.24
N HIS O 184 31.92 29.28 63.55
CA HIS O 184 31.77 30.33 62.52
C HIS O 184 31.92 31.77 63.05
N ILE O 185 32.21 32.73 62.18
CA ILE O 185 32.36 34.13 62.60
C ILE O 185 30.98 34.66 62.88
N ASN O 186 30.71 35.07 64.13
CA ASN O 186 29.38 35.58 64.51
C ASN O 186 29.00 36.97 63.99
N GLU O 187 29.25 37.25 62.71
CA GLU O 187 28.90 38.55 62.16
C GLU O 187 27.85 38.37 61.06
N GLU O 188 26.94 39.34 60.98
CA GLU O 188 25.84 39.30 60.04
C GLU O 188 26.19 39.71 58.62
N SER O 189 27.12 40.62 58.47
CA SER O 189 27.49 41.06 57.13
C SER O 189 28.74 40.39 56.62
N TRP O 190 28.72 39.98 55.36
CA TRP O 190 29.88 39.34 54.79
C TRP O 190 31.06 40.30 54.83
N GLU O 191 30.76 41.59 54.85
CA GLU O 191 31.80 42.62 54.88
C GLU O 191 32.67 42.46 56.11
N LYS O 192 32.04 42.28 57.28
CA LYS O 192 32.78 42.09 58.52
C LYS O 192 33.55 40.76 58.51
N VAL O 193 32.94 39.73 57.92
CA VAL O 193 33.58 38.43 57.85
C VAL O 193 34.82 38.58 56.99
N VAL O 194 34.68 39.28 55.89
CA VAL O 194 35.83 39.51 55.04
C VAL O 194 36.86 40.23 55.90
N GLU O 195 36.42 41.23 56.65
CA GLU O 195 37.32 41.99 57.51
C GLU O 195 38.04 41.09 58.50
N PHE O 196 37.29 40.24 59.19
CA PHE O 196 37.87 39.32 60.13
C PHE O 196 38.96 38.52 59.42
N ALA O 197 38.59 37.96 58.28
CA ALA O 197 39.49 37.16 57.48
C ALA O 197 40.80 37.88 57.23
N ILE O 198 40.74 39.09 56.69
CA ILE O 198 41.94 39.85 56.39
C ILE O 198 42.73 40.17 57.64
N THR O 199 42.04 40.61 58.68
CA THR O 199 42.70 40.93 59.91
C THR O 199 43.53 39.76 60.37
N HIS O 200 42.93 38.59 60.47
CA HIS O 200 43.65 37.42 60.92
C HIS O 200 44.73 36.94 60.00
N MET O 201 44.64 37.27 58.72
CA MET O 201 45.73 36.85 57.86
C MET O 201 46.90 37.78 58.10
N ILE O 202 46.60 39.05 58.36
CA ILE O 202 47.63 40.03 58.66
C ILE O 202 48.32 39.59 59.96
N ASP O 203 47.52 39.42 61.01
CA ASP O 203 48.02 39.00 62.33
C ASP O 203 48.93 37.79 62.24
N ALA O 204 48.55 36.83 61.42
CA ALA O 204 49.29 35.59 61.27
C ALA O 204 50.54 35.60 60.40
N LEU O 205 50.50 36.31 59.29
CA LEU O 205 51.66 36.38 58.42
C LEU O 205 52.58 37.52 58.83
N GLY O 206 52.13 38.33 59.79
CA GLY O 206 52.90 39.46 60.25
C GLY O 206 53.19 40.42 59.12
N THR O 207 52.23 40.56 58.22
CA THR O 207 52.41 41.46 57.08
C THR O 207 51.21 42.38 56.89
N GLU O 208 51.50 43.56 56.36
CA GLU O 208 50.51 44.58 56.11
C GLU O 208 50.16 44.42 54.62
N PHE O 209 48.89 44.62 54.26
CA PHE O 209 48.45 44.47 52.87
C PHE O 209 47.88 45.76 52.33
N SER O 210 47.97 45.91 51.01
CA SER O 210 47.39 47.05 50.31
C SER O 210 46.30 46.40 49.45
N LYS O 211 45.53 47.21 48.71
CA LYS O 211 44.44 46.72 47.87
C LYS O 211 44.87 45.78 46.74
N ASN O 212 46.06 45.97 46.21
CA ASN O 212 46.52 45.13 45.12
C ASN O 212 47.29 43.91 45.58
N ASP O 213 47.26 43.63 46.88
CA ASP O 213 47.97 42.48 47.45
C ASP O 213 47.06 41.33 47.88
N LEU O 214 45.75 41.55 47.84
CA LEU O 214 44.75 40.56 48.23
C LEU O 214 43.80 40.20 47.10
N GLU O 215 43.09 39.11 47.31
CA GLU O 215 42.13 38.57 46.37
C GLU O 215 41.07 38.05 47.32
N VAL O 216 39.81 38.41 47.09
CA VAL O 216 38.75 37.95 47.98
C VAL O 216 37.55 37.41 47.24
N GLY O 217 36.93 36.37 47.79
CA GLY O 217 35.76 35.78 47.17
C GLY O 217 34.74 35.58 48.28
N VAL O 218 33.47 35.87 48.01
CA VAL O 218 32.44 35.69 49.01
C VAL O 218 31.35 34.84 48.43
N ALA O 219 30.79 33.96 49.23
CA ALA O 219 29.71 33.13 48.80
C ALA O 219 28.57 33.46 49.71
N THR O 220 27.38 33.67 49.13
CA THR O 220 26.16 33.96 49.86
C THR O 220 25.07 33.11 49.21
N LYS O 221 23.89 33.07 49.83
CA LYS O 221 22.80 32.28 49.28
C LYS O 221 22.50 32.71 47.85
N ASP O 222 22.59 31.73 46.96
CA ASP O 222 22.33 31.90 45.53
C ASP O 222 23.37 32.66 44.71
N LYS O 223 24.53 32.95 45.31
CA LYS O 223 25.60 33.59 44.55
C LYS O 223 26.98 33.58 45.22
N PHE O 224 28.02 33.54 44.39
CA PHE O 224 29.42 33.60 44.82
C PHE O 224 30.04 34.68 43.93
N PHE O 225 30.80 35.60 44.54
CA PHE O 225 31.41 36.68 43.79
C PHE O 225 32.78 37.09 44.33
N THR O 226 33.63 37.64 43.47
CA THR O 226 34.96 38.11 43.90
C THR O 226 34.85 39.63 44.14
N LEU O 227 35.63 40.15 45.08
CA LEU O 227 35.60 41.59 45.36
C LEU O 227 36.56 42.33 44.44
N SER O 228 36.22 43.56 44.13
CA SER O 228 37.06 44.37 43.28
C SER O 228 38.11 44.99 44.18
N ALA O 229 39.14 45.57 43.57
CA ALA O 229 40.18 46.24 44.31
C ALA O 229 39.52 47.27 45.22
N GLU O 230 38.70 48.13 44.65
CA GLU O 230 38.04 49.17 45.44
C GLU O 230 37.19 48.65 46.60
N ASN O 231 36.59 47.46 46.50
CA ASN O 231 35.77 46.92 47.60
C ASN O 231 36.72 46.49 48.70
N ILE O 232 37.83 45.90 48.28
CA ILE O 232 38.87 45.41 49.20
C ILE O 232 39.42 46.58 50.00
N GLU O 233 39.68 47.70 49.33
CA GLU O 233 40.19 48.89 49.99
C GLU O 233 39.18 49.38 51.03
N GLU O 234 37.89 49.39 50.70
CA GLU O 234 36.86 49.80 51.65
C GLU O 234 37.02 48.95 52.91
N ARG O 235 37.37 47.67 52.70
CA ARG O 235 37.59 46.68 53.75
C ARG O 235 38.85 47.04 54.54
N LEU O 236 39.93 47.30 53.82
CA LEU O 236 41.21 47.68 54.43
C LEU O 236 41.03 48.95 55.24
N VAL O 237 40.43 49.96 54.61
CA VAL O 237 40.16 51.24 55.23
C VAL O 237 39.35 51.05 56.50
N ALA O 238 38.49 50.05 56.54
CA ALA O 238 37.70 49.83 57.73
C ALA O 238 38.47 49.05 58.81
N ILE O 239 39.39 48.18 58.40
CA ILE O 239 40.15 47.42 59.39
C ILE O 239 41.15 48.33 60.10
N ALA O 240 41.56 49.40 59.43
CA ALA O 240 42.50 50.34 60.02
C ALA O 240 41.81 51.22 61.06
N GLU O 241 40.99 50.61 61.91
CA GLU O 241 40.28 51.32 62.98
C GLU O 241 40.14 50.46 64.25
N GLN O 242 40.33 49.14 64.12
CA GLN O 242 40.30 48.24 65.29
C GLN O 242 41.78 48.17 65.71
N ASP O 243 42.65 48.26 64.68
CA ASP O 243 44.11 48.24 64.81
C ASP O 243 44.61 49.56 64.19
N MET P 1 50.00 10.47 23.34
CA MET P 1 48.93 10.44 24.37
C MET P 1 48.43 8.99 24.43
N THR P 2 47.47 8.74 25.33
CA THR P 2 46.83 7.43 25.52
C THR P 2 47.51 6.50 26.54
N ASP P 3 46.68 5.74 27.26
CA ASP P 3 47.17 4.80 28.25
C ASP P 3 47.89 3.68 27.53
N ARG P 4 49.17 3.88 27.27
CA ARG P 4 49.98 2.85 26.63
C ARG P 4 50.48 1.87 27.69
N TYR P 5 50.07 2.08 28.94
CA TYR P 5 50.43 1.22 30.08
C TYR P 5 49.44 0.06 30.12
N SER P 6 49.63 -0.90 29.22
CA SER P 6 48.77 -2.06 29.16
C SER P 6 49.42 -3.28 29.78
N PHE P 7 50.54 -3.08 30.47
CA PHE P 7 51.27 -4.16 31.10
C PHE P 7 51.09 -4.08 32.59
N SER P 8 51.31 -5.20 33.27
CA SER P 8 51.18 -5.25 34.71
C SER P 8 52.25 -4.44 35.45
N LEU P 9 51.83 -3.75 36.50
CA LEU P 9 52.74 -2.97 37.33
C LEU P 9 53.08 -3.77 38.57
N THR P 10 52.40 -4.90 38.74
CA THR P 10 52.65 -5.82 39.82
C THR P 10 53.10 -7.10 39.13
N THR P 11 54.29 -7.57 39.46
CA THR P 11 54.81 -8.79 38.86
C THR P 11 55.48 -9.63 39.95
N PHE P 12 55.72 -10.91 39.65
CA PHE P 12 56.37 -11.80 40.58
C PHE P 12 57.88 -11.56 40.60
N SER P 13 58.44 -11.40 41.81
CA SER P 13 59.89 -11.20 41.97
C SER P 13 60.47 -12.59 42.13
N PRO P 14 61.78 -12.76 41.92
CA PRO P 14 62.44 -14.07 42.02
C PRO P 14 62.10 -14.94 43.24
N SER P 15 61.73 -14.32 44.35
CA SER P 15 61.37 -15.05 45.56
C SER P 15 59.91 -15.48 45.57
N GLY P 16 59.18 -15.10 44.52
CA GLY P 16 57.79 -15.45 44.42
C GLY P 16 56.92 -14.44 45.13
N LYS P 17 57.47 -13.27 45.41
CA LYS P 17 56.70 -12.25 46.07
C LYS P 17 56.11 -11.31 45.04
N LEU P 18 54.93 -10.78 45.32
CA LEU P 18 54.34 -9.81 44.41
C LEU P 18 54.61 -8.50 45.12
N GLY P 19 55.68 -7.85 44.70
CA GLY P 19 56.10 -6.61 45.33
C GLY P 19 55.00 -5.64 45.71
N GLN P 20 54.30 -5.10 44.72
CA GLN P 20 53.23 -4.12 44.95
C GLN P 20 52.18 -4.50 45.99
N ILE P 21 51.83 -5.79 46.09
CA ILE P 21 50.83 -6.22 47.07
C ILE P 21 51.43 -6.14 48.49
N ASP P 22 52.69 -6.53 48.65
CA ASP P 22 53.34 -6.46 49.97
C ASP P 22 53.44 -5.02 50.43
N TYR P 23 53.82 -4.13 49.51
CA TYR P 23 53.95 -2.70 49.78
C TYR P 23 52.59 -2.09 50.12
N ALA P 24 51.54 -2.57 49.48
CA ALA P 24 50.20 -2.09 49.77
C ALA P 24 49.81 -2.56 51.18
N LEU P 25 50.26 -3.75 51.56
CA LEU P 25 49.96 -4.26 52.89
C LEU P 25 50.66 -3.42 53.94
N THR P 26 51.82 -2.86 53.59
CA THR P 26 52.56 -2.00 54.51
C THR P 26 51.83 -0.69 54.71
N ALA P 27 51.27 -0.16 53.62
CA ALA P 27 50.51 1.08 53.66
C ALA P 27 49.36 0.89 54.59
N VAL P 28 48.74 -0.28 54.53
CA VAL P 28 47.62 -0.61 55.39
C VAL P 28 48.04 -0.59 56.85
N LYS P 29 49.23 -1.15 57.13
CA LYS P 29 49.79 -1.21 58.50
C LYS P 29 49.98 0.14 59.19
N GLN P 30 50.19 1.20 58.43
CA GLN P 30 50.40 2.54 58.97
C GLN P 30 49.06 3.25 59.16
N GLY P 31 47.99 2.56 58.78
CA GLY P 31 46.68 3.15 58.90
C GLY P 31 46.15 3.06 60.31
N VAL P 32 45.13 3.84 60.62
CA VAL P 32 44.50 3.85 61.93
C VAL P 32 43.80 2.50 62.15
N THR P 33 43.78 2.02 63.39
CA THR P 33 43.18 0.73 63.73
C THR P 33 41.65 0.71 63.58
N SER P 34 41.14 -0.36 62.97
CA SER P 34 39.71 -0.57 62.80
C SER P 34 39.45 -2.01 63.17
N LEU P 35 38.31 -2.28 63.78
CA LEU P 35 38.05 -3.64 64.19
C LEU P 35 36.61 -3.99 63.94
N GLY P 36 36.33 -5.27 64.06
CA GLY P 36 34.98 -5.74 63.90
C GLY P 36 34.83 -6.90 64.86
N ILE P 37 33.68 -7.03 65.48
CA ILE P 37 33.44 -8.15 66.39
C ILE P 37 32.08 -8.74 66.05
N LYS P 38 32.02 -10.05 65.91
CA LYS P 38 30.76 -10.68 65.58
C LYS P 38 30.11 -11.27 66.81
N ALA P 39 28.88 -10.85 67.10
CA ALA P 39 28.11 -11.35 68.24
C ALA P 39 27.05 -12.36 67.77
N THR P 40 26.17 -12.81 68.67
CA THR P 40 25.13 -13.77 68.29
C THR P 40 23.98 -13.08 67.59
N ASN P 41 23.70 -11.84 67.97
CA ASN P 41 22.63 -11.09 67.36
C ASN P 41 23.07 -9.78 66.74
N GLY P 42 24.29 -9.75 66.21
CA GLY P 42 24.80 -8.54 65.58
C GLY P 42 26.29 -8.55 65.28
N VAL P 43 26.79 -7.48 64.67
CA VAL P 43 28.22 -7.31 64.36
C VAL P 43 28.54 -5.83 64.57
N VAL P 44 29.73 -5.54 65.07
CA VAL P 44 30.14 -4.18 65.30
C VAL P 44 31.45 -3.92 64.59
N ILE P 45 31.51 -2.79 63.89
CA ILE P 45 32.72 -2.40 63.20
C ILE P 45 33.01 -1.04 63.77
N ALA P 46 34.27 -0.80 64.07
CA ALA P 46 34.64 0.45 64.67
C ALA P 46 35.98 0.88 64.20
N THR P 47 36.19 2.17 64.28
CA THR P 47 37.42 2.77 63.87
C THR P 47 37.56 4.10 64.61
N GLU P 48 38.75 4.68 64.56
CA GLU P 48 39.02 5.95 65.23
C GLU P 48 39.02 7.05 64.18
N LYS P 49 38.43 8.21 64.49
CA LYS P 49 38.41 9.32 63.55
C LYS P 49 39.62 10.24 63.69
N LYS P 50 40.74 9.78 63.16
CA LYS P 50 42.01 10.52 63.19
C LYS P 50 41.88 11.86 62.49
N SER P 51 41.33 12.84 63.17
CA SER P 51 41.17 14.15 62.58
C SER P 51 42.54 14.85 62.41
N SER P 52 42.93 15.09 61.15
CA SER P 52 44.22 15.74 60.82
C SER P 52 44.39 17.25 61.16
N SER P 53 43.46 17.80 61.96
CA SER P 53 43.42 19.19 62.42
C SER P 53 42.07 19.38 63.12
N PRO P 54 41.96 20.31 64.07
CA PRO P 54 40.67 20.50 64.74
C PRO P 54 39.71 21.40 63.98
N LEU P 55 40.19 22.02 62.89
CA LEU P 55 39.34 22.89 62.08
C LEU P 55 38.49 22.07 61.12
N ALA P 56 38.95 20.86 60.84
CA ALA P 56 38.25 19.92 59.98
C ALA P 56 37.03 19.39 60.72
N MET P 57 35.96 19.15 59.97
CA MET P 57 34.72 18.64 60.54
C MET P 57 34.74 17.15 60.35
N SER P 58 35.00 16.45 61.46
CA SER P 58 35.09 15.01 61.50
C SER P 58 33.86 14.23 61.01
N GLU P 59 32.67 14.77 61.26
CA GLU P 59 31.44 14.12 60.86
C GLU P 59 31.33 13.97 59.35
N THR P 60 31.87 14.93 58.60
CA THR P 60 31.79 14.89 57.14
C THR P 60 32.75 13.89 56.52
N LEU P 61 33.36 13.07 57.36
CA LEU P 61 34.28 12.08 56.87
C LEU P 61 33.78 10.80 57.48
N SER P 62 33.04 10.03 56.71
CA SER P 62 32.53 8.78 57.22
C SER P 62 33.50 7.66 56.84
N LYS P 63 34.16 7.11 57.85
CA LYS P 63 35.09 6.01 57.65
C LYS P 63 34.30 4.70 57.67
N VAL P 64 33.13 4.72 58.30
CA VAL P 64 32.24 3.55 58.36
C VAL P 64 31.11 3.86 57.36
N SER P 65 31.00 3.03 56.33
CA SER P 65 29.99 3.28 55.31
C SER P 65 29.01 2.17 55.09
N LEU P 66 27.77 2.54 54.83
CA LEU P 66 26.72 1.58 54.55
C LEU P 66 26.89 1.22 53.08
N LEU P 67 26.93 -0.07 52.77
CA LEU P 67 27.05 -0.52 51.37
C LEU P 67 25.63 -0.88 50.89
N THR P 68 24.88 -1.60 51.73
CA THR P 68 23.49 -1.99 51.46
C THR P 68 22.82 -1.81 52.82
N PRO P 69 21.48 -1.85 52.86
CA PRO P 69 20.85 -1.67 54.18
C PRO P 69 21.19 -2.71 55.26
N ASP P 70 21.91 -3.76 54.90
CA ASP P 70 22.26 -4.78 55.88
C ASP P 70 23.74 -5.05 55.85
N ILE P 71 24.51 -4.17 55.21
CA ILE P 71 25.95 -4.37 55.12
C ILE P 71 26.71 -3.07 55.31
N GLY P 72 27.79 -3.11 56.08
CA GLY P 72 28.62 -1.94 56.31
C GLY P 72 30.09 -2.28 56.17
N ALA P 73 30.92 -1.27 55.91
CA ALA P 73 32.36 -1.47 55.76
C ALA P 73 33.18 -0.43 56.51
N VAL P 74 34.37 -0.82 56.92
CA VAL P 74 35.31 0.06 57.60
C VAL P 74 36.65 -0.36 57.02
N TYR P 75 37.70 0.42 57.22
CA TYR P 75 38.98 0.05 56.62
C TYR P 75 40.15 0.59 57.40
N SER P 76 41.33 0.31 56.87
CA SER P 76 42.59 0.82 57.41
C SER P 76 43.48 0.95 56.18
N GLY P 77 44.13 2.09 56.02
CA GLY P 77 44.99 2.28 54.86
C GLY P 77 44.77 3.62 54.23
N MET P 78 44.70 3.67 52.90
CA MET P 78 44.52 4.92 52.19
C MET P 78 43.08 5.31 52.02
N GLY P 79 42.63 6.31 52.78
CA GLY P 79 41.25 6.77 52.71
C GLY P 79 40.63 6.97 51.34
N PRO P 80 41.28 7.66 50.42
CA PRO P 80 40.72 7.87 49.08
C PRO P 80 40.48 6.57 48.35
N ASP P 81 41.37 5.61 48.49
CA ASP P 81 41.17 4.33 47.82
C ASP P 81 39.92 3.67 48.35
N TYR P 82 39.66 3.83 49.65
CA TYR P 82 38.47 3.25 50.27
C TYR P 82 37.22 3.92 49.73
N ARG P 83 37.23 5.24 49.71
CA ARG P 83 36.10 6.00 49.24
C ARG P 83 35.68 5.54 47.86
N VAL P 84 36.63 5.31 46.95
CA VAL P 84 36.26 4.86 45.62
C VAL P 84 35.81 3.40 45.62
N LEU P 85 36.30 2.61 46.56
CA LEU P 85 35.91 1.20 46.65
C LEU P 85 34.49 1.08 47.16
N VAL P 86 34.10 2.00 48.04
CA VAL P 86 32.75 2.03 48.58
C VAL P 86 31.74 2.37 47.49
N ASP P 87 32.10 3.36 46.68
CA ASP P 87 31.27 3.82 45.56
C ASP P 87 31.04 2.61 44.65
N LYS P 88 32.12 1.97 44.23
CA LYS P 88 32.05 0.81 43.36
C LYS P 88 31.29 -0.37 43.97
N SER P 89 31.41 -0.58 45.29
CA SER P 89 30.73 -1.68 45.96
C SER P 89 29.25 -1.43 46.05
N ARG P 90 28.88 -0.20 46.36
CA ARG P 90 27.50 0.15 46.44
C ARG P 90 26.86 -0.05 45.09
N LYS P 91 27.60 0.27 44.03
CA LYS P 91 27.10 0.14 42.66
C LYS P 91 26.95 -1.29 42.19
N VAL P 92 27.96 -2.11 42.42
CA VAL P 92 27.93 -3.51 42.01
C VAL P 92 26.83 -4.28 42.76
N ALA P 93 26.52 -3.84 43.97
CA ALA P 93 25.45 -4.48 44.75
C ALA P 93 24.14 -4.36 43.98
N HIS P 94 24.01 -3.31 43.16
CA HIS P 94 22.82 -3.06 42.33
C HIS P 94 22.94 -3.71 40.96
N THR P 95 24.03 -3.47 40.28
CA THR P 95 24.20 -4.00 38.95
C THR P 95 24.36 -5.50 38.81
N SER P 96 25.05 -6.14 39.74
CA SER P 96 25.26 -7.58 39.66
C SER P 96 24.30 -8.38 40.54
N TYR P 97 23.36 -7.69 41.16
CA TYR P 97 22.43 -8.36 42.06
C TYR P 97 21.02 -7.79 42.20
N LYS P 98 20.84 -6.58 42.72
CA LYS P 98 19.47 -6.06 42.86
C LYS P 98 18.67 -5.92 41.56
N ARG P 99 19.34 -5.56 40.48
CA ARG P 99 18.66 -5.38 39.20
C ARG P 99 18.44 -6.69 38.50
N ILE P 100 18.96 -7.78 39.08
CA ILE P 100 18.80 -9.13 38.53
C ILE P 100 17.82 -9.97 39.34
N TYR P 101 18.03 -10.01 40.65
CA TYR P 101 17.22 -10.79 41.60
C TYR P 101 16.26 -9.99 42.46
N GLY P 102 16.26 -8.67 42.38
CA GLY P 102 15.32 -7.90 43.17
C GLY P 102 15.60 -7.85 44.66
N GLU P 103 16.80 -8.22 45.05
CA GLU P 103 17.15 -8.18 46.46
C GLU P 103 18.61 -7.88 46.58
N TYR P 104 19.00 -7.30 47.69
CA TYR P 104 20.40 -6.95 47.90
C TYR P 104 21.19 -8.23 48.04
N PRO P 105 22.48 -8.18 47.71
CA PRO P 105 23.30 -9.38 47.81
C PRO P 105 23.63 -9.84 49.24
N PRO P 106 24.03 -11.11 49.38
CA PRO P 106 24.40 -11.65 50.69
C PRO P 106 25.81 -11.14 50.94
N THR P 107 26.17 -10.98 52.20
CA THR P 107 27.49 -10.46 52.55
C THR P 107 28.67 -11.10 51.82
N LYS P 108 28.77 -12.42 51.84
CA LYS P 108 29.88 -13.10 51.20
C LYS P 108 30.02 -12.78 49.73
N LEU P 109 28.90 -12.53 49.06
CA LEU P 109 28.96 -12.27 47.64
C LEU P 109 29.34 -10.85 47.37
N LEU P 110 28.86 -9.94 48.20
CA LEU P 110 29.23 -8.55 48.01
C LEU P 110 30.73 -8.50 48.24
N VAL P 111 31.18 -9.19 49.28
CA VAL P 111 32.59 -9.28 49.63
C VAL P 111 33.38 -9.85 48.46
N SER P 112 32.87 -10.94 47.90
CA SER P 112 33.52 -11.56 46.77
C SER P 112 33.63 -10.58 45.60
N GLU P 113 32.67 -9.68 45.50
CA GLU P 113 32.67 -8.71 44.41
C GLU P 113 33.73 -7.65 44.64
N VAL P 114 33.82 -7.15 45.87
CA VAL P 114 34.81 -6.14 46.23
C VAL P 114 36.19 -6.74 46.04
N ALA P 115 36.36 -7.95 46.54
CA ALA P 115 37.62 -8.68 46.44
C ALA P 115 38.08 -8.80 44.99
N LYS P 116 37.14 -9.02 44.09
CA LYS P 116 37.47 -9.15 42.67
C LYS P 116 38.00 -7.84 42.08
N ILE P 117 37.43 -6.72 42.49
CA ILE P 117 37.87 -5.41 42.02
C ILE P 117 39.30 -5.19 42.46
N MET P 118 39.58 -5.58 43.70
CA MET P 118 40.91 -5.47 44.28
C MET P 118 41.94 -6.38 43.57
N GLN P 119 41.54 -7.59 43.22
CA GLN P 119 42.45 -8.49 42.53
C GLN P 119 42.83 -7.94 41.17
N GLU P 120 41.85 -7.38 40.45
CA GLU P 120 42.11 -6.87 39.13
C GLU P 120 43.13 -5.78 39.14
N ALA P 121 43.17 -5.01 40.22
CA ALA P 121 44.14 -3.92 40.39
C ALA P 121 45.53 -4.50 40.67
N THR P 122 45.55 -5.79 40.90
CA THR P 122 46.77 -6.52 41.19
C THR P 122 47.30 -7.15 39.91
N GLN P 123 46.53 -7.12 38.85
CA GLN P 123 46.97 -7.77 37.62
C GLN P 123 46.71 -6.99 36.34
N SER P 124 45.67 -6.17 36.31
CA SER P 124 45.32 -5.36 35.14
C SER P 124 46.44 -4.43 34.74
N GLY P 125 46.47 -4.05 33.47
CA GLY P 125 47.53 -3.18 33.02
C GLY P 125 47.46 -1.77 33.55
N GLY P 126 48.63 -1.21 33.80
CA GLY P 126 48.75 0.17 34.26
C GLY P 126 48.15 0.63 35.56
N VAL P 127 47.97 -0.23 36.54
CA VAL P 127 47.45 0.20 37.84
C VAL P 127 48.26 -0.36 39.00
N ARG P 128 48.11 0.24 40.17
CA ARG P 128 48.76 -0.22 41.38
C ARG P 128 47.62 -0.76 42.26
N PRO P 129 47.89 -1.74 43.14
CA PRO P 129 46.86 -2.28 44.01
C PRO P 129 46.29 -1.21 44.88
N PHE P 130 45.20 -1.51 45.55
CA PHE P 130 44.57 -0.57 46.47
C PHE P 130 45.34 -0.68 47.78
N GLY P 131 45.59 0.44 48.43
CA GLY P 131 46.31 0.36 49.68
C GLY P 131 45.35 0.32 50.86
N VAL P 132 44.47 -0.67 50.91
CA VAL P 132 43.51 -0.76 52.01
C VAL P 132 43.13 -2.18 52.30
N SER P 133 42.62 -2.41 53.50
CA SER P 133 42.12 -3.69 53.96
C SER P 133 40.78 -3.24 54.51
N LEU P 134 39.74 -4.02 54.23
CA LEU P 134 38.41 -3.66 54.68
C LEU P 134 37.85 -4.68 55.60
N LEU P 135 36.92 -4.26 56.44
CA LEU P 135 36.25 -5.19 57.31
C LEU P 135 34.83 -4.95 56.88
N ILE P 136 34.20 -5.98 56.34
CA ILE P 136 32.83 -5.85 55.89
C ILE P 136 31.95 -6.69 56.80
N ALA P 137 30.97 -6.05 57.39
CA ALA P 137 30.05 -6.72 58.30
C ALA P 137 28.64 -6.62 57.74
N GLY P 138 27.89 -7.71 57.81
CA GLY P 138 26.54 -7.66 57.29
C GLY P 138 25.65 -8.80 57.71
N HIS P 139 24.44 -8.82 57.19
CA HIS P 139 23.49 -9.87 57.50
C HIS P 139 22.65 -10.19 56.28
N ASP P 140 22.22 -11.43 56.18
CA ASP P 140 21.36 -11.88 55.09
C ASP P 140 20.56 -13.08 55.56
N GLU P 141 19.33 -13.20 55.09
CA GLU P 141 18.43 -14.28 55.51
C GLU P 141 19.04 -15.67 55.67
N PHE P 142 19.80 -16.13 54.68
CA PHE P 142 20.32 -17.48 54.74
C PHE P 142 21.65 -17.77 55.40
N ASN P 143 22.41 -16.75 55.79
CA ASN P 143 23.71 -16.99 56.42
C ASN P 143 23.84 -16.33 57.78
N GLY P 144 22.91 -15.46 58.09
CA GLY P 144 22.97 -14.79 59.36
C GLY P 144 23.95 -13.65 59.34
N PHE P 145 24.70 -13.51 60.43
CA PHE P 145 25.67 -12.45 60.55
C PHE P 145 27.04 -12.94 60.20
N SER P 146 27.82 -12.07 59.59
CA SER P 146 29.19 -12.40 59.23
C SER P 146 30.09 -11.16 59.26
N LEU P 147 31.38 -11.40 59.21
CA LEU P 147 32.36 -10.36 59.24
C LEU P 147 33.48 -10.89 58.37
N TYR P 148 33.93 -10.10 57.43
CA TYR P 148 34.98 -10.53 56.55
C TYR P 148 36.02 -9.46 56.49
N GLN P 149 37.23 -9.85 56.16
CA GLN P 149 38.35 -8.94 56.01
C GLN P 149 38.81 -9.15 54.57
N VAL P 150 39.06 -8.06 53.84
CA VAL P 150 39.54 -8.13 52.46
C VAL P 150 40.87 -7.40 52.35
N ASP P 151 41.88 -8.08 51.83
CA ASP P 151 43.22 -7.53 51.69
C ASP P 151 43.50 -7.06 50.28
N PRO P 152 44.56 -6.27 50.10
CA PRO P 152 44.99 -5.73 48.82
C PRO P 152 45.15 -6.76 47.71
N SER P 153 45.47 -8.00 48.07
CA SER P 153 45.66 -9.05 47.08
C SER P 153 44.30 -9.47 46.55
N GLY P 154 43.26 -9.19 47.33
CA GLY P 154 41.93 -9.57 46.96
C GLY P 154 41.48 -10.77 47.77
N SER P 155 42.35 -11.27 48.65
CA SER P 155 41.98 -12.42 49.46
C SER P 155 41.06 -11.92 50.53
N TYR P 156 40.05 -12.71 50.87
CA TYR P 156 39.12 -12.36 51.92
C TYR P 156 38.95 -13.60 52.79
N PHE P 157 38.57 -13.39 54.04
CA PHE P 157 38.39 -14.49 54.98
C PHE P 157 37.41 -14.00 56.01
N PRO P 158 36.60 -14.92 56.57
CA PRO P 158 35.60 -14.62 57.59
C PRO P 158 36.22 -14.68 58.98
N TRP P 159 35.76 -13.81 59.88
CA TRP P 159 36.29 -13.76 61.23
C TRP P 159 35.19 -13.68 62.29
N LYS P 160 35.54 -14.06 63.50
CA LYS P 160 34.62 -13.98 64.63
C LYS P 160 34.85 -12.57 65.15
N ALA P 161 36.12 -12.15 65.15
CA ALA P 161 36.52 -10.82 65.56
C ALA P 161 37.91 -10.60 65.00
N THR P 162 38.26 -9.37 64.66
CA THR P 162 39.58 -9.10 64.14
C THR P 162 39.80 -7.62 64.19
N ALA P 163 41.01 -7.21 63.89
CA ALA P 163 41.37 -5.82 63.88
C ALA P 163 42.43 -5.72 62.84
N ILE P 164 42.52 -4.55 62.22
CA ILE P 164 43.51 -4.30 61.19
C ILE P 164 44.12 -2.94 61.41
N GLY P 165 45.26 -2.70 60.78
CA GLY P 165 45.94 -1.43 60.91
C GLY P 165 47.01 -1.41 61.99
N LYS P 166 47.46 -0.20 62.34
CA LYS P 166 48.49 0.08 63.36
C LYS P 166 48.57 -0.92 64.54
N GLY P 167 47.60 -0.88 65.43
CA GLY P 167 47.61 -1.76 66.59
C GLY P 167 46.80 -3.01 66.39
N SER P 168 46.88 -3.60 65.20
CA SER P 168 46.12 -4.80 64.92
C SER P 168 46.63 -5.95 65.75
N VAL P 169 47.94 -6.15 65.81
CA VAL P 169 48.48 -7.26 66.58
C VAL P 169 48.02 -7.26 68.05
N ALA P 170 48.22 -6.17 68.74
CA ALA P 170 47.79 -6.08 70.13
C ALA P 170 46.29 -6.24 70.25
N ALA P 171 45.56 -5.61 69.34
CA ALA P 171 44.11 -5.66 69.35
C ALA P 171 43.54 -7.05 69.10
N LYS P 172 44.08 -7.75 68.10
CA LYS P 172 43.62 -9.11 67.83
C LYS P 172 43.83 -9.90 69.13
N THR P 173 44.93 -9.61 69.83
CA THR P 173 45.22 -10.30 71.08
C THR P 173 44.13 -10.00 72.11
N PHE P 174 43.77 -8.73 72.27
CA PHE P 174 42.74 -8.44 73.25
C PHE P 174 41.44 -9.11 72.86
N LEU P 175 41.19 -9.18 71.55
CA LEU P 175 39.97 -9.79 71.06
C LEU P 175 39.94 -11.29 71.35
N GLU P 176 41.04 -12.00 71.09
CA GLU P 176 41.10 -13.45 71.36
C GLU P 176 40.74 -13.85 72.81
N LYS P 177 41.08 -12.99 73.77
CA LYS P 177 40.77 -13.25 75.18
C LYS P 177 39.31 -13.01 75.54
N ARG P 178 38.79 -11.86 75.14
CA ARG P 178 37.43 -11.48 75.43
C ARG P 178 36.31 -12.17 74.62
N TRP P 179 36.61 -12.63 73.41
CA TRP P 179 35.61 -13.26 72.56
C TRP P 179 35.17 -14.67 72.92
N ASN P 180 33.87 -14.92 72.81
CA ASN P 180 33.28 -16.23 73.07
C ASN P 180 31.93 -16.24 72.34
N ASP P 181 31.43 -17.41 71.94
CA ASP P 181 30.17 -17.46 71.18
C ASP P 181 28.83 -17.31 71.90
N GLU P 182 28.78 -16.49 72.94
CA GLU P 182 27.55 -16.26 73.67
C GLU P 182 27.37 -14.78 73.98
N LEU P 183 28.07 -13.95 73.22
CA LEU P 183 28.02 -12.50 73.40
C LEU P 183 26.82 -11.82 72.74
N GLU P 184 26.09 -11.02 73.50
CA GLU P 184 24.96 -10.29 72.94
C GLU P 184 25.64 -9.09 72.27
N LEU P 185 24.95 -8.38 71.38
CA LEU P 185 25.56 -7.23 70.71
C LEU P 185 26.13 -6.16 71.65
N GLU P 186 25.38 -5.76 72.67
CA GLU P 186 25.86 -4.73 73.61
C GLU P 186 27.24 -5.05 74.17
N ASP P 187 27.48 -6.32 74.47
CA ASP P 187 28.75 -6.76 75.01
C ASP P 187 29.87 -6.66 73.98
N ALA P 188 29.53 -6.85 72.70
CA ALA P 188 30.51 -6.75 71.62
C ALA P 188 30.85 -5.29 71.43
N ILE P 189 29.86 -4.44 71.56
CA ILE P 189 30.08 -3.02 71.42
C ILE P 189 31.03 -2.62 72.53
N HIS P 190 30.75 -3.13 73.73
CA HIS P 190 31.57 -2.86 74.90
C HIS P 190 33.01 -3.30 74.65
N ILE P 191 33.20 -4.54 74.22
CA ILE P 191 34.53 -5.05 73.92
C ILE P 191 35.17 -4.24 72.81
N ALA P 192 34.39 -3.82 71.82
CA ALA P 192 34.92 -3.03 70.72
C ALA P 192 35.46 -1.72 71.28
N LEU P 193 34.72 -1.14 72.21
CA LEU P 193 35.11 0.10 72.84
C LEU P 193 36.37 -0.06 73.65
N LEU P 194 36.50 -1.18 74.36
CA LEU P 194 37.69 -1.46 75.13
C LEU P 194 38.87 -1.63 74.19
N THR P 195 38.73 -2.52 73.21
CA THR P 195 39.79 -2.79 72.23
C THR P 195 40.30 -1.54 71.56
N LEU P 196 39.38 -0.66 71.21
CA LEU P 196 39.74 0.56 70.56
C LEU P 196 40.46 1.49 71.52
N LYS P 197 40.14 1.43 72.80
CA LYS P 197 40.77 2.31 73.76
C LYS P 197 42.28 2.21 73.81
N GLU P 198 42.83 1.01 73.63
CA GLU P 198 44.30 0.83 73.66
C GLU P 198 45.01 1.24 72.38
N SER P 199 44.27 1.27 71.28
CA SER P 199 44.81 1.63 69.98
C SER P 199 44.85 3.15 69.87
N VAL P 200 43.89 3.79 70.51
CA VAL P 200 43.76 5.24 70.51
C VAL P 200 44.79 5.96 71.39
N GLU P 201 45.39 7.00 70.81
CA GLU P 201 46.41 7.82 71.46
C GLU P 201 45.92 8.89 72.43
N GLY P 202 45.06 9.80 71.97
CA GLY P 202 44.59 10.88 72.84
C GLY P 202 43.17 10.84 73.37
N GLU P 203 42.38 11.83 72.97
CA GLU P 203 40.99 11.92 73.39
C GLU P 203 40.18 10.75 72.82
N PHE P 204 39.43 10.09 73.69
CA PHE P 204 38.61 8.94 73.31
C PHE P 204 37.17 9.26 73.67
N ASN P 205 36.36 9.60 72.68
CA ASN P 205 34.96 9.93 72.90
C ASN P 205 34.13 9.75 71.62
N GLY P 206 32.83 9.98 71.72
CA GLY P 206 31.95 9.84 70.58
C GLY P 206 32.30 10.63 69.33
N ASP P 207 33.05 11.72 69.49
CA ASP P 207 33.41 12.55 68.35
C ASP P 207 34.72 12.12 67.68
N THR P 208 35.46 11.21 68.33
CA THR P 208 36.72 10.71 67.77
C THR P 208 36.65 9.22 67.45
N ILE P 209 35.47 8.65 67.64
CA ILE P 209 35.20 7.24 67.40
C ILE P 209 34.05 7.07 66.43
N GLU P 210 34.15 6.04 65.61
CA GLU P 210 33.11 5.71 64.65
C GLU P 210 32.75 4.24 64.87
N LEU P 211 31.51 3.97 65.23
CA LEU P 211 31.07 2.62 65.47
C LEU P 211 29.76 2.41 64.76
N ALA P 212 29.62 1.26 64.13
CA ALA P 212 28.40 0.92 63.41
C ALA P 212 28.10 -0.50 63.73
N ILE P 213 26.83 -0.84 63.77
CA ILE P 213 26.41 -2.20 64.03
C ILE P 213 25.57 -2.70 62.90
N ILE P 214 25.48 -4.01 62.81
CA ILE P 214 24.62 -4.68 61.85
C ILE P 214 23.80 -5.49 62.84
N GLY P 215 22.56 -5.12 63.08
CA GLY P 215 21.76 -5.88 64.03
C GLY P 215 20.32 -6.11 63.65
N ASP P 216 19.42 -5.84 64.58
CA ASP P 216 17.99 -6.00 64.37
C ASP P 216 17.53 -4.98 63.34
N GLU P 217 16.40 -5.25 62.71
CA GLU P 217 15.83 -4.35 61.71
C GLU P 217 15.30 -3.08 62.40
N ASN P 218 15.61 -1.92 61.82
CA ASN P 218 15.21 -0.62 62.35
C ASN P 218 14.08 0.00 61.53
N PRO P 219 12.82 -0.34 61.82
CA PRO P 219 11.72 0.25 61.05
C PRO P 219 11.71 1.80 61.01
N ASP P 220 12.08 2.43 62.12
CA ASP P 220 12.09 3.89 62.18
C ASP P 220 13.04 4.56 61.18
N LEU P 221 13.87 3.75 60.50
CA LEU P 221 14.82 4.27 59.53
C LEU P 221 14.49 3.87 58.08
N LEU P 222 13.32 3.29 57.85
CA LEU P 222 12.90 2.87 56.51
C LEU P 222 12.48 4.05 55.65
N GLY P 223 11.64 4.91 56.22
CA GLY P 223 11.19 6.08 55.50
C GLY P 223 9.76 6.00 55.04
N TYR P 224 9.19 4.80 55.12
CA TYR P 224 7.82 4.55 54.70
C TYR P 224 7.23 3.37 55.46
N THR P 225 5.92 3.25 55.44
CA THR P 225 5.22 2.14 56.09
C THR P 225 4.26 1.56 55.05
N GLY P 226 3.85 0.31 55.22
CA GLY P 226 2.91 -0.26 54.27
C GLY P 226 3.29 -1.57 53.64
N ILE P 227 4.56 -1.75 53.32
CA ILE P 227 5.00 -2.99 52.71
C ILE P 227 5.61 -3.78 53.86
N PRO P 228 5.02 -4.92 54.24
CA PRO P 228 5.59 -5.69 55.34
C PRO P 228 6.76 -6.66 55.07
N THR P 229 7.13 -6.93 53.81
CA THR P 229 8.26 -7.85 53.53
C THR P 229 9.64 -7.22 53.85
N ASP P 230 9.77 -5.92 53.62
CA ASP P 230 11.01 -5.19 53.88
C ASP P 230 10.74 -4.48 55.22
N LYS P 231 11.38 -4.94 56.29
CA LYS P 231 11.18 -4.39 57.64
C LYS P 231 12.14 -3.28 58.10
N GLY P 232 13.13 -2.95 57.28
CA GLY P 232 14.07 -1.91 57.65
C GLY P 232 15.51 -2.34 57.46
N PRO P 233 16.45 -1.40 57.54
CA PRO P 233 17.86 -1.73 57.37
C PRO P 233 18.42 -2.26 58.68
N ARG P 234 19.35 -3.19 58.59
CA ARG P 234 19.95 -3.74 59.79
C ARG P 234 21.16 -2.90 60.21
N PHE P 235 21.71 -2.15 59.25
CA PHE P 235 22.87 -1.29 59.49
C PHE P 235 22.45 -0.03 60.24
N ARG P 236 23.21 0.34 61.25
CA ARG P 236 22.94 1.57 62.01
C ARG P 236 24.27 2.10 62.51
N LYS P 237 24.52 3.38 62.28
CA LYS P 237 25.75 3.99 62.76
C LYS P 237 25.35 4.57 64.11
N LEU P 238 26.18 4.36 65.14
CA LEU P 238 25.89 4.89 66.46
C LEU P 238 26.18 6.39 66.48
N THR P 239 25.34 7.15 67.16
CA THR P 239 25.53 8.59 67.23
C THR P 239 26.62 8.94 68.23
N SER P 240 27.09 10.18 68.17
CA SER P 240 28.11 10.68 69.09
C SER P 240 27.63 10.40 70.51
N GLN P 241 26.39 10.76 70.80
CA GLN P 241 25.84 10.54 72.13
C GLN P 241 25.74 9.06 72.50
N GLU P 242 25.28 8.23 71.57
CA GLU P 242 25.14 6.80 71.85
C GLU P 242 26.46 6.17 72.29
N ILE P 243 27.56 6.63 71.72
CA ILE P 243 28.88 6.12 72.08
C ILE P 243 29.27 6.55 73.50
N ASN P 244 29.09 7.83 73.84
CA ASN P 244 29.45 8.33 75.19
C ASN P 244 28.69 7.64 76.33
N ASP P 245 27.40 7.36 76.11
CA ASP P 245 26.57 6.68 77.11
C ASP P 245 27.17 5.32 77.44
N ARG P 246 27.73 4.68 76.43
CA ARG P 246 28.34 3.38 76.62
C ARG P 246 29.76 3.47 77.15
N LEU P 247 30.41 4.62 76.98
CA LEU P 247 31.78 4.80 77.48
C LEU P 247 31.81 4.97 78.99
N GLU P 248 30.71 5.46 79.54
CA GLU P 248 30.57 5.65 80.97
C GLU P 248 30.41 4.34 81.77
N ALA P 249 29.97 3.27 81.10
CA ALA P 249 29.80 1.97 81.73
C ALA P 249 31.01 1.11 81.33
N LEU P 250 32.20 1.69 81.50
CA LEU P 250 33.47 1.07 81.15
C LEU P 250 33.99 0.14 82.24
N GLY Q 1 59.14 7.94 27.21
CA GLY Q 1 58.07 7.00 26.78
C GLY Q 1 57.57 6.12 27.92
N SER Q 2 56.87 5.04 27.60
CA SER Q 2 56.35 4.13 28.63
C SER Q 2 57.13 2.81 28.74
N ARG Q 3 57.82 2.39 27.67
CA ARG Q 3 58.63 1.16 27.64
C ARG Q 3 59.44 1.00 28.92
N ARG Q 4 59.96 2.12 29.38
CA ARG Q 4 60.79 2.21 30.57
C ARG Q 4 60.28 1.39 31.76
N TYR Q 5 58.98 1.49 32.05
CA TYR Q 5 58.38 0.80 33.19
C TYR Q 5 57.82 -0.59 32.97
N ASP Q 6 57.99 -1.13 31.77
CA ASP Q 6 57.48 -2.43 31.41
C ASP Q 6 58.43 -3.56 31.84
N SER Q 7 57.99 -4.43 32.75
CA SER Q 7 58.79 -5.54 33.26
C SER Q 7 58.94 -6.71 32.29
N ARG Q 8 58.19 -6.69 31.19
CA ARG Q 8 58.22 -7.73 30.16
C ARG Q 8 57.92 -9.12 30.72
N THR Q 9 56.68 -9.30 31.18
CA THR Q 9 56.26 -10.55 31.77
C THR Q 9 56.22 -11.78 30.88
N THR Q 10 56.27 -11.63 29.58
CA THR Q 10 56.21 -12.80 28.72
C THR Q 10 57.44 -13.08 27.89
N ILE Q 11 58.62 -12.89 28.47
CA ILE Q 11 59.82 -13.18 27.71
C ILE Q 11 60.52 -14.44 28.20
N PHE Q 12 61.34 -14.99 27.32
CA PHE Q 12 62.14 -16.17 27.57
C PHE Q 12 63.47 -15.73 28.18
N SER Q 13 63.99 -16.54 29.09
CA SER Q 13 65.29 -16.26 29.69
C SER Q 13 66.28 -16.79 28.66
N PRO Q 14 67.58 -16.52 28.84
CA PRO Q 14 68.54 -17.04 27.86
C PRO Q 14 68.53 -18.57 27.80
N GLU Q 15 67.95 -19.19 28.83
CA GLU Q 15 67.87 -20.64 28.90
C GLU Q 15 66.54 -21.23 28.43
N GLY Q 16 65.65 -20.38 27.92
CA GLY Q 16 64.37 -20.86 27.44
C GLY Q 16 63.36 -21.17 28.53
N ARG Q 17 63.42 -20.42 29.63
CA ARG Q 17 62.47 -20.62 30.70
C ARG Q 17 61.69 -19.32 30.79
N LEU Q 18 60.45 -19.40 31.23
CA LEU Q 18 59.62 -18.21 31.34
C LEU Q 18 59.77 -17.62 32.72
N TYR Q 19 60.49 -16.52 32.82
CA TYR Q 19 60.73 -15.86 34.09
C TYR Q 19 59.54 -15.88 35.00
N GLN Q 20 58.50 -15.13 34.64
CA GLN Q 20 57.31 -15.04 35.45
C GLN Q 20 56.68 -16.37 35.84
N VAL Q 21 56.73 -17.37 34.96
CA VAL Q 21 56.17 -18.68 35.30
C VAL Q 21 56.98 -19.34 36.43
N GLU Q 22 58.30 -19.35 36.28
CA GLU Q 22 59.18 -19.91 37.30
C GLU Q 22 58.97 -19.23 38.62
N TYR Q 23 58.83 -17.90 38.59
CA TYR Q 23 58.63 -17.15 39.81
C TYR Q 23 57.28 -17.43 40.45
N ALA Q 24 56.25 -17.62 39.65
CA ALA Q 24 54.94 -17.90 40.22
C ALA Q 24 54.97 -19.27 40.92
N LEU Q 25 55.69 -20.22 40.32
CA LEU Q 25 55.82 -21.57 40.87
C LEU Q 25 56.43 -21.50 42.25
N GLU Q 26 57.37 -20.57 42.42
CA GLU Q 26 58.04 -20.36 43.69
C GLU Q 26 57.03 -19.85 44.69
N SER Q 27 56.17 -18.93 44.28
CA SER Q 27 55.15 -18.38 45.17
C SER Q 27 54.29 -19.53 45.66
N ILE Q 28 53.87 -20.34 44.69
CA ILE Q 28 53.00 -21.46 44.97
C ILE Q 28 53.60 -22.42 45.96
N SER Q 29 54.91 -22.62 45.89
CA SER Q 29 55.58 -23.52 46.82
C SER Q 29 55.55 -23.10 48.27
N HIS Q 30 54.89 -21.98 48.60
CA HIS Q 30 54.76 -21.52 50.00
C HIS Q 30 53.32 -21.59 50.47
N ALA Q 31 52.46 -22.18 49.64
CA ALA Q 31 51.05 -22.28 49.95
C ALA Q 31 50.76 -23.58 50.65
N GLY Q 32 49.68 -23.62 51.42
CA GLY Q 32 49.29 -24.83 52.11
C GLY Q 32 49.29 -25.95 51.10
N THR Q 33 49.68 -27.14 51.53
CA THR Q 33 49.74 -28.28 50.64
C THR Q 33 48.35 -28.81 50.34
N ALA Q 34 48.16 -29.28 49.12
CA ALA Q 34 46.89 -29.87 48.69
C ALA Q 34 47.23 -31.19 48.08
N ILE Q 35 46.41 -32.19 48.37
CA ILE Q 35 46.66 -33.51 47.84
C ILE Q 35 45.42 -34.06 47.25
N GLY Q 36 45.59 -34.82 46.18
CA GLY Q 36 44.48 -35.46 45.54
C GLY Q 36 44.87 -36.91 45.35
N ILE Q 37 44.03 -37.84 45.79
CA ILE Q 37 44.32 -39.26 45.64
C ILE Q 37 43.14 -39.92 44.99
N MET Q 38 43.40 -40.64 43.91
CA MET Q 38 42.39 -41.34 43.10
C MET Q 38 42.26 -42.83 43.40
N ALA Q 39 41.09 -43.25 43.83
CA ALA Q 39 40.84 -44.65 44.14
C ALA Q 39 40.04 -45.32 43.03
N SER Q 40 39.66 -46.59 43.23
CA SER Q 40 38.86 -47.34 42.25
C SER Q 40 37.39 -46.95 42.34
N ASP Q 41 37.02 -46.47 43.53
CA ASP Q 41 35.66 -46.10 43.82
C ASP Q 41 35.54 -44.67 44.31
N GLY Q 42 36.45 -43.79 43.89
CA GLY Q 42 36.34 -42.41 44.35
C GLY Q 42 37.62 -41.60 44.29
N ILE Q 43 37.55 -40.35 44.73
CA ILE Q 43 38.72 -39.46 44.75
C ILE Q 43 38.70 -38.65 46.04
N VAL Q 44 39.89 -38.40 46.60
CA VAL Q 44 40.01 -37.61 47.81
C VAL Q 44 40.81 -36.37 47.50
N LEU Q 45 40.38 -35.25 48.05
CA LEU Q 45 41.07 -34.00 47.92
C LEU Q 45 41.22 -33.55 49.34
N ALA Q 46 42.44 -33.20 49.73
CA ALA Q 46 42.68 -32.74 51.08
C ALA Q 46 43.58 -31.55 50.95
N ALA Q 47 43.40 -30.58 51.83
CA ALA Q 47 44.21 -29.36 51.79
C ALA Q 47 44.46 -28.79 53.16
N GLU Q 48 45.63 -28.22 53.32
CA GLU Q 48 46.04 -27.64 54.57
C GLU Q 48 45.87 -26.14 54.48
N ARG Q 49 45.16 -25.56 55.42
CA ARG Q 49 44.95 -24.12 55.40
C ARG Q 49 46.14 -23.23 55.82
N LYS Q 50 46.34 -22.16 55.06
CA LYS Q 50 47.42 -21.18 55.26
C LYS Q 50 46.80 -19.95 55.95
N VAL Q 51 47.63 -19.19 56.68
CA VAL Q 51 47.18 -17.98 57.39
C VAL Q 51 45.84 -18.19 58.12
N THR Q 52 45.93 -18.73 59.35
CA THR Q 52 44.76 -19.01 60.18
C THR Q 52 44.85 -18.35 61.58
N SER Q 53 43.89 -18.65 62.45
CA SER Q 53 43.87 -18.08 63.79
C SER Q 53 42.77 -18.72 64.62
N THR Q 54 42.69 -18.31 65.88
CA THR Q 54 41.69 -18.82 66.80
C THR Q 54 40.35 -18.21 66.45
N LEU Q 55 40.41 -17.00 65.90
CA LEU Q 55 39.21 -16.25 65.55
C LEU Q 55 38.65 -16.43 64.12
N LEU Q 56 39.35 -17.16 63.26
CA LEU Q 56 38.86 -17.35 61.91
C LEU Q 56 37.69 -18.29 61.94
N GLU Q 57 36.60 -17.89 61.30
CA GLU Q 57 35.41 -18.72 61.24
C GLU Q 57 35.79 -19.83 60.26
N GLN Q 58 35.70 -21.09 60.68
CA GLN Q 58 36.05 -22.16 59.78
C GLN Q 58 34.77 -22.70 59.11
N ASP Q 59 33.67 -22.61 59.82
CA ASP Q 59 32.36 -23.07 59.36
C ASP Q 59 32.00 -22.48 57.99
N THR Q 60 31.99 -21.16 57.91
CA THR Q 60 31.63 -20.45 56.69
C THR Q 60 32.84 -20.16 55.79
N SER Q 61 33.82 -21.06 55.78
CA SER Q 61 35.02 -20.82 54.97
C SER Q 61 35.27 -21.85 53.87
N THR Q 62 36.02 -21.38 52.88
CA THR Q 62 36.42 -22.15 51.70
C THR Q 62 37.47 -21.27 51.02
N GLU Q 63 38.72 -21.69 51.11
CA GLU Q 63 39.80 -20.93 50.49
C GLU Q 63 40.66 -21.88 49.70
N LYS Q 64 40.34 -23.17 49.76
CA LYS Q 64 41.13 -24.13 49.04
C LYS Q 64 40.34 -25.15 48.22
N LEU Q 65 39.17 -25.54 48.69
CA LEU Q 65 38.37 -26.53 47.97
C LEU Q 65 37.16 -25.90 47.33
N TYR Q 66 37.12 -25.92 46.02
CA TYR Q 66 36.02 -25.31 45.31
C TYR Q 66 35.33 -26.26 44.34
N LYS Q 67 34.01 -26.14 44.30
CA LYS Q 67 33.15 -26.92 43.44
C LYS Q 67 33.07 -26.20 42.08
N LEU Q 68 33.35 -26.90 40.98
CA LEU Q 68 33.27 -26.32 39.65
C LEU Q 68 32.00 -26.81 38.94
N ASN Q 69 31.51 -27.96 39.40
CA ASN Q 69 30.37 -28.63 38.80
C ASN Q 69 29.86 -29.55 39.91
N ASP Q 70 28.86 -30.37 39.64
CA ASP Q 70 28.42 -31.32 40.67
C ASP Q 70 29.33 -32.58 40.50
N LYS Q 71 30.10 -32.61 39.43
CA LYS Q 71 30.99 -33.73 39.13
C LYS Q 71 32.47 -33.36 39.09
N ILE Q 72 32.81 -32.10 39.28
CA ILE Q 72 34.22 -31.69 39.22
C ILE Q 72 34.51 -30.67 40.30
N ALA Q 73 35.63 -30.83 41.01
CA ALA Q 73 36.01 -29.88 42.06
C ALA Q 73 37.50 -29.73 42.03
N VAL Q 74 38.00 -28.62 42.55
CA VAL Q 74 39.43 -28.38 42.55
C VAL Q 74 39.95 -28.04 43.91
N ALA Q 75 41.25 -28.26 44.07
CA ALA Q 75 41.96 -27.92 45.29
C ALA Q 75 42.90 -26.83 44.80
N VAL Q 76 43.02 -25.78 45.58
CA VAL Q 76 43.82 -24.63 45.23
C VAL Q 76 45.09 -24.47 46.00
N ALA Q 77 46.16 -24.18 45.29
CA ALA Q 77 47.43 -23.89 45.94
C ALA Q 77 47.97 -22.62 45.28
N GLY Q 78 47.93 -21.51 46.00
CA GLY Q 78 48.45 -20.26 45.45
C GLY Q 78 47.62 -19.10 45.95
N LEU Q 79 47.56 -18.03 45.15
CA LEU Q 79 46.79 -16.85 45.53
C LEU Q 79 45.31 -17.16 45.42
N THR Q 80 44.60 -17.13 46.54
CA THR Q 80 43.18 -17.40 46.53
C THR Q 80 42.39 -16.57 45.54
N ALA Q 81 42.65 -15.27 45.51
CA ALA Q 81 41.93 -14.36 44.63
C ALA Q 81 42.14 -14.66 43.14
N ASP Q 82 43.36 -15.03 42.73
CA ASP Q 82 43.65 -15.37 41.33
C ASP Q 82 42.86 -16.63 40.98
N ALA Q 83 42.80 -17.51 41.96
CA ALA Q 83 42.10 -18.77 41.80
C ALA Q 83 40.64 -18.48 41.53
N GLU Q 84 40.00 -17.65 42.37
CA GLU Q 84 38.60 -17.31 42.18
C GLU Q 84 38.29 -16.74 40.81
N ILE Q 85 39.23 -16.02 40.21
CA ILE Q 85 39.00 -15.49 38.88
C ILE Q 85 38.88 -16.64 37.89
N LEU Q 86 39.82 -17.58 37.97
CA LEU Q 86 39.86 -18.73 37.08
C LEU Q 86 38.73 -19.71 37.34
N ILE Q 87 38.40 -19.88 38.60
CA ILE Q 87 37.32 -20.78 38.97
C ILE Q 87 36.04 -20.31 38.32
N ASN Q 88 35.70 -19.02 38.48
CA ASN Q 88 34.47 -18.54 37.87
C ASN Q 88 34.39 -18.74 36.37
N THR Q 89 35.50 -18.66 35.64
CA THR Q 89 35.43 -18.87 34.20
C THR Q 89 35.23 -20.34 33.88
N ALA Q 90 35.72 -21.22 34.77
CA ALA Q 90 35.59 -22.66 34.58
C ALA Q 90 34.16 -23.08 34.82
N ARG Q 91 33.56 -22.52 35.86
CA ARG Q 91 32.18 -22.77 36.18
C ARG Q 91 31.29 -22.34 34.99
N ILE Q 92 31.67 -21.27 34.29
CA ILE Q 92 30.93 -20.78 33.11
C ILE Q 92 31.15 -21.68 31.89
N HIS Q 93 32.38 -22.12 31.65
CA HIS Q 93 32.66 -23.00 30.53
C HIS Q 93 31.85 -24.27 30.69
N ALA Q 94 31.74 -24.76 31.92
CA ALA Q 94 30.99 -25.99 32.21
C ALA Q 94 29.55 -25.85 31.77
N GLN Q 95 28.90 -24.79 32.24
CA GLN Q 95 27.52 -24.52 31.87
C GLN Q 95 27.38 -24.23 30.38
N ASN Q 96 28.40 -23.65 29.75
CA ASN Q 96 28.35 -23.38 28.32
C ASN Q 96 28.26 -24.68 27.56
N TYR Q 97 29.06 -25.66 27.97
CA TYR Q 97 29.09 -26.98 27.34
C TYR Q 97 27.76 -27.71 27.55
N LEU Q 98 27.24 -27.66 28.77
CA LEU Q 98 25.98 -28.32 29.08
C LEU Q 98 24.90 -27.75 28.20
N LYS Q 99 24.78 -26.43 28.11
CA LYS Q 99 23.76 -25.82 27.26
C LYS Q 99 23.88 -26.26 25.82
N THR Q 100 25.10 -26.24 25.29
CA THR Q 100 25.35 -26.62 23.90
C THR Q 100 25.05 -28.07 23.56
N TYR Q 101 25.54 -29.00 24.37
CA TYR Q 101 25.40 -30.41 24.07
C TYR Q 101 24.43 -31.20 24.95
N ASN Q 102 23.93 -30.59 26.00
CA ASN Q 102 23.06 -31.30 26.93
C ASN Q 102 23.67 -32.54 27.62
N GLU Q 103 24.97 -32.44 27.92
CA GLU Q 103 25.71 -33.47 28.61
C GLU Q 103 26.70 -32.74 29.48
N ASP Q 104 27.01 -33.29 30.65
CA ASP Q 104 27.96 -32.65 31.54
C ASP Q 104 29.30 -32.65 30.83
N ILE Q 105 30.08 -31.61 31.06
CA ILE Q 105 31.37 -31.46 30.41
C ILE Q 105 32.43 -32.46 30.91
N PRO Q 106 33.08 -33.17 29.98
CA PRO Q 106 34.12 -34.13 30.31
C PRO Q 106 35.16 -33.35 31.09
N VAL Q 107 35.80 -34.02 32.05
CA VAL Q 107 36.79 -33.39 32.90
C VAL Q 107 37.99 -32.81 32.17
N GLU Q 108 38.65 -33.59 31.32
CA GLU Q 108 39.81 -33.09 30.61
C GLU Q 108 39.50 -31.87 29.78
N ILE Q 109 38.29 -31.79 29.22
CA ILE Q 109 37.92 -30.64 28.40
C ILE Q 109 37.92 -29.36 29.24
N LEU Q 110 37.35 -29.44 30.43
CA LEU Q 110 37.31 -28.30 31.31
C LEU Q 110 38.71 -27.94 31.75
N VAL Q 111 39.54 -28.94 32.03
CA VAL Q 111 40.91 -28.74 32.48
C VAL Q 111 41.77 -28.08 31.42
N ARG Q 112 41.74 -28.62 30.22
CA ARG Q 112 42.52 -28.06 29.11
C ARG Q 112 42.14 -26.61 28.81
N ARG Q 113 40.87 -26.26 28.96
CA ARG Q 113 40.42 -24.91 28.68
C ARG Q 113 41.03 -23.98 29.72
N LEU Q 114 40.97 -24.36 30.98
CA LEU Q 114 41.53 -23.53 32.05
C LEU Q 114 43.03 -23.38 31.83
N SER Q 115 43.69 -24.47 31.46
CA SER Q 115 45.13 -24.40 31.22
C SER Q 115 45.46 -23.49 30.07
N ASP Q 116 44.66 -23.54 29.02
CA ASP Q 116 44.89 -22.68 27.86
C ASP Q 116 44.78 -21.22 28.26
N ILE Q 117 43.89 -20.92 29.19
CA ILE Q 117 43.75 -19.54 29.65
C ILE Q 117 45.04 -19.11 30.35
N LYS Q 118 45.59 -19.98 31.20
CA LYS Q 118 46.82 -19.69 31.91
C LYS Q 118 47.96 -19.54 30.91
N GLN Q 119 48.03 -20.41 29.92
CA GLN Q 119 49.06 -20.33 28.89
C GLN Q 119 49.03 -19.01 28.16
N GLY Q 120 47.85 -18.46 27.97
CA GLY Q 120 47.71 -17.20 27.26
C GLY Q 120 48.45 -16.09 27.96
N TYR Q 121 48.25 -16.00 29.27
CA TYR Q 121 48.90 -14.97 30.06
C TYR Q 121 50.41 -15.16 30.01
N THR Q 122 50.81 -16.27 29.40
CA THR Q 122 52.20 -16.67 29.24
C THR Q 122 52.83 -16.29 27.91
N GLN Q 123 52.02 -16.05 26.89
CA GLN Q 123 52.58 -15.77 25.60
C GLN Q 123 52.26 -14.42 25.03
N HIS Q 124 51.24 -13.76 25.57
CA HIS Q 124 50.87 -12.46 25.05
C HIS Q 124 50.13 -11.66 26.10
N GLY Q 125 49.95 -10.38 25.86
CA GLY Q 125 49.22 -9.53 26.80
C GLY Q 125 50.03 -8.66 27.75
N GLY Q 126 51.23 -9.10 28.13
CA GLY Q 126 52.06 -8.31 29.02
C GLY Q 126 51.58 -8.22 30.45
N LEU Q 127 50.75 -9.15 30.86
CA LEU Q 127 50.24 -9.15 32.23
C LEU Q 127 50.89 -10.28 33.02
N ARG Q 128 50.93 -10.16 34.35
CA ARG Q 128 51.54 -11.20 35.15
C ARG Q 128 50.66 -12.45 35.11
N PRO Q 129 51.26 -13.64 35.26
CA PRO Q 129 50.54 -14.90 35.24
C PRO Q 129 49.71 -15.04 36.48
N PHE Q 130 48.86 -16.05 36.53
CA PHE Q 130 48.05 -16.30 37.70
C PHE Q 130 48.92 -17.17 38.60
N GLY Q 131 49.08 -16.77 39.87
CA GLY Q 131 49.89 -17.53 40.81
C GLY Q 131 49.07 -18.61 41.47
N VAL Q 132 48.64 -19.59 40.67
CA VAL Q 132 47.80 -20.67 41.14
C VAL Q 132 48.10 -22.00 40.45
N SER Q 133 48.03 -23.08 41.23
CA SER Q 133 48.20 -24.41 40.69
C SER Q 133 46.94 -25.10 41.16
N PHE Q 134 46.37 -25.93 40.32
CA PHE Q 134 45.12 -26.61 40.65
C PHE Q 134 45.26 -28.10 40.61
N ILE Q 135 44.48 -28.77 41.47
CA ILE Q 135 44.37 -30.23 41.46
C ILE Q 135 42.87 -30.35 41.18
N TYR Q 136 42.52 -30.99 40.07
CA TYR Q 136 41.11 -31.17 39.70
C TYR Q 136 40.69 -32.59 39.99
N ALA Q 137 39.60 -32.76 40.70
CA ALA Q 137 39.07 -34.07 40.98
C ALA Q 137 37.70 -34.13 40.29
N GLY Q 138 37.54 -35.04 39.33
CA GLY Q 138 36.27 -35.13 38.65
C GLY Q 138 35.93 -36.47 38.03
N TYR Q 139 34.66 -36.63 37.68
CA TYR Q 139 34.14 -37.86 37.10
C TYR Q 139 33.35 -37.61 35.81
N ASP Q 140 33.50 -38.51 34.84
CA ASP Q 140 32.73 -38.44 33.62
C ASP Q 140 32.53 -39.84 33.05
N ASP Q 141 31.55 -40.02 32.18
CA ASP Q 141 31.23 -41.32 31.58
C ASP Q 141 32.26 -41.93 30.65
N ARG Q 142 33.28 -41.17 30.27
CA ARG Q 142 34.29 -41.73 29.35
C ARG Q 142 35.54 -42.29 30.01
N TYR Q 143 35.97 -41.68 31.10
CA TYR Q 143 37.17 -42.13 31.77
C TYR Q 143 36.94 -42.43 33.24
N GLY Q 144 35.76 -42.10 33.75
CA GLY Q 144 35.48 -42.31 35.16
C GLY Q 144 36.17 -41.29 36.06
N TYR Q 145 36.77 -41.76 37.14
CA TYR Q 145 37.47 -40.88 38.07
C TYR Q 145 38.77 -40.45 37.46
N GLN Q 146 39.03 -39.15 37.57
CA GLN Q 146 40.25 -38.56 37.04
C GLN Q 146 40.77 -37.53 37.98
N LEU Q 147 42.07 -37.30 37.91
CA LEU Q 147 42.77 -36.34 38.75
C LEU Q 147 43.78 -35.67 37.85
N TYR Q 148 43.75 -34.35 37.79
CA TYR Q 148 44.68 -33.61 36.96
C TYR Q 148 45.29 -32.54 37.79
N THR Q 149 46.25 -31.86 37.20
CA THR Q 149 46.89 -30.79 37.91
C THR Q 149 47.33 -29.79 36.87
N SER Q 150 47.21 -28.51 37.17
CA SER Q 150 47.65 -27.49 36.22
C SER Q 150 48.42 -26.44 37.00
N ASN Q 151 49.45 -25.89 36.36
CA ASN Q 151 50.31 -24.88 36.97
C ASN Q 151 50.39 -23.63 36.10
N PRO Q 152 50.96 -22.52 36.61
CA PRO Q 152 51.11 -21.26 35.88
C PRO Q 152 51.56 -21.29 34.43
N SER Q 153 52.32 -22.30 34.03
CA SER Q 153 52.76 -22.34 32.66
C SER Q 153 51.59 -22.71 31.73
N GLY Q 154 50.56 -23.33 32.30
CA GLY Q 154 49.43 -23.75 31.51
C GLY Q 154 49.55 -25.21 31.12
N ASN Q 155 50.56 -25.90 31.63
CA ASN Q 155 50.70 -27.31 31.33
C ASN Q 155 49.88 -28.10 32.35
N TYR Q 156 49.24 -29.18 31.91
CA TYR Q 156 48.45 -30.01 32.79
C TYR Q 156 48.80 -31.47 32.54
N THR Q 157 48.63 -32.28 33.58
CA THR Q 157 48.94 -33.70 33.53
C THR Q 157 47.98 -34.49 34.42
N GLY Q 158 47.86 -35.80 34.18
CA GLY Q 158 46.96 -36.66 34.96
C GLY Q 158 47.66 -37.52 35.99
N TRP Q 159 47.04 -37.76 37.14
CA TRP Q 159 47.69 -38.52 38.21
C TRP Q 159 46.82 -39.52 38.98
N LYS Q 160 47.48 -40.47 39.65
CA LYS Q 160 46.80 -41.44 40.52
C LYS Q 160 46.79 -40.80 41.90
N ALA Q 161 47.84 -40.04 42.20
CA ALA Q 161 47.95 -39.31 43.46
C ALA Q 161 48.89 -38.14 43.21
N ILE Q 162 48.57 -36.97 43.75
CA ILE Q 162 49.40 -35.81 43.51
C ILE Q 162 49.24 -34.78 44.62
N SER Q 163 50.21 -33.89 44.68
CA SER Q 163 50.23 -32.81 45.64
C SER Q 163 50.76 -31.55 44.99
N VAL Q 164 50.34 -30.43 45.52
CA VAL Q 164 50.77 -29.14 45.03
C VAL Q 164 50.92 -28.25 46.26
N GLY Q 165 51.77 -27.24 46.14
CA GLY Q 165 51.98 -26.33 47.24
C GLY Q 165 53.28 -26.63 47.93
N ALA Q 166 53.31 -26.40 49.24
CA ALA Q 166 54.50 -26.62 50.03
C ALA Q 166 54.87 -28.08 50.22
N ASN Q 167 56.17 -28.33 50.28
CA ASN Q 167 56.72 -29.65 50.49
C ASN Q 167 56.23 -30.73 49.55
N THR Q 168 56.18 -30.42 48.27
CA THR Q 168 55.71 -31.44 47.35
C THR Q 168 56.68 -32.60 47.28
N SER Q 169 57.97 -32.31 47.17
CA SER Q 169 58.98 -33.37 47.11
C SER Q 169 58.78 -34.37 48.25
N ALA Q 170 58.56 -33.86 49.45
CA ALA Q 170 58.34 -34.72 50.60
C ALA Q 170 57.07 -35.52 50.48
N ALA Q 171 55.98 -34.85 50.14
CA ALA Q 171 54.68 -35.51 50.02
C ALA Q 171 54.64 -36.54 48.91
N GLN Q 172 55.17 -36.20 47.75
CA GLN Q 172 55.18 -37.12 46.62
C GLN Q 172 55.95 -38.40 46.95
N THR Q 173 57.03 -38.24 47.70
CA THR Q 173 57.83 -39.39 48.11
C THR Q 173 56.99 -40.32 49.02
N LEU Q 174 56.23 -39.74 49.93
CA LEU Q 174 55.39 -40.53 50.82
C LEU Q 174 54.20 -41.22 50.11
N LEU Q 175 53.60 -40.52 49.15
CA LEU Q 175 52.47 -41.06 48.40
C LEU Q 175 52.91 -42.25 47.57
N GLN Q 176 53.99 -42.06 46.82
CA GLN Q 176 54.55 -43.10 45.96
C GLN Q 176 54.88 -44.38 46.72
N MET Q 177 55.02 -44.25 48.03
CA MET Q 177 55.36 -45.34 48.92
C MET Q 177 54.12 -46.14 49.29
N ASP Q 178 53.14 -45.49 49.91
CA ASP Q 178 51.92 -46.15 50.37
C ASP Q 178 50.76 -46.31 49.38
N TYR Q 179 50.89 -45.78 48.17
CA TYR Q 179 49.81 -45.91 47.19
C TYR Q 179 49.81 -47.24 46.46
N LYS Q 180 48.63 -47.85 46.34
CA LYS Q 180 48.44 -49.11 45.63
C LYS Q 180 47.24 -49.01 44.65
N ASP Q 181 47.45 -49.37 43.38
CA ASP Q 181 46.43 -49.29 42.33
C ASP Q 181 44.99 -49.68 42.69
N ASP Q 182 44.85 -50.61 43.62
CA ASP Q 182 43.53 -51.09 44.02
C ASP Q 182 42.98 -50.46 45.29
N MET Q 183 43.44 -49.26 45.62
CA MET Q 183 42.95 -48.59 46.83
C MET Q 183 41.46 -48.28 46.86
N LYS Q 184 40.91 -48.33 48.05
CA LYS Q 184 39.50 -48.04 48.27
C LYS Q 184 39.50 -46.63 48.86
N VAL Q 185 38.41 -45.88 48.68
CA VAL Q 185 38.33 -44.52 49.19
C VAL Q 185 38.66 -44.36 50.67
N ASP Q 186 38.14 -45.24 51.50
CA ASP Q 186 38.42 -45.15 52.92
C ASP Q 186 39.92 -45.21 53.16
N ASP Q 187 40.64 -45.91 52.29
CA ASP Q 187 42.08 -46.04 52.42
C ASP Q 187 42.78 -44.76 51.99
N ALA Q 188 42.35 -44.22 50.85
CA ALA Q 188 42.91 -42.98 50.30
C ALA Q 188 42.76 -41.83 51.29
N ILE Q 189 41.62 -41.75 51.96
CA ILE Q 189 41.42 -40.69 52.92
C ILE Q 189 42.52 -40.74 53.96
N GLU Q 190 42.75 -41.92 54.50
CA GLU Q 190 43.79 -42.14 55.51
C GLU Q 190 45.13 -41.70 54.96
N LEU Q 191 45.49 -42.21 53.79
CA LEU Q 191 46.75 -41.86 53.17
C LEU Q 191 46.86 -40.34 53.03
N ALA Q 192 45.82 -39.71 52.49
CA ALA Q 192 45.82 -38.27 52.32
C ALA Q 192 46.16 -37.59 53.63
N LEU Q 193 45.41 -37.90 54.68
CA LEU Q 193 45.63 -37.30 56.00
C LEU Q 193 46.98 -37.61 56.62
N LYS Q 194 47.47 -38.83 56.41
CA LYS Q 194 48.76 -39.26 56.93
C LYS Q 194 49.84 -38.41 56.30
N THR Q 195 49.82 -38.33 54.98
CA THR Q 195 50.79 -37.57 54.25
C THR Q 195 50.84 -36.13 54.74
N LEU Q 196 49.68 -35.50 54.86
CA LEU Q 196 49.64 -34.12 55.33
C LEU Q 196 50.26 -34.09 56.71
N SER Q 197 49.86 -35.03 57.55
CA SER Q 197 50.35 -35.11 58.92
C SER Q 197 51.87 -35.05 59.05
N LYS Q 198 52.57 -35.62 58.09
CA LYS Q 198 54.04 -35.64 58.13
C LYS Q 198 54.76 -34.52 57.38
N THR Q 199 54.06 -33.82 56.48
CA THR Q 199 54.69 -32.74 55.71
C THR Q 199 54.34 -31.33 56.20
N THR Q 200 53.40 -31.22 57.13
CA THR Q 200 52.99 -29.93 57.70
C THR Q 200 54.18 -29.12 58.23
N ASP Q 201 54.13 -27.80 58.07
CA ASP Q 201 55.20 -26.95 58.59
C ASP Q 201 54.84 -26.55 60.00
N SER Q 202 53.66 -26.95 60.45
CA SER Q 202 53.18 -26.62 61.78
C SER Q 202 53.13 -27.79 62.76
N SER Q 203 52.94 -27.45 64.04
CA SER Q 203 52.89 -28.41 65.15
C SER Q 203 52.20 -29.77 64.92
N ALA Q 204 50.88 -29.78 65.02
CA ALA Q 204 50.09 -31.00 64.82
C ALA Q 204 48.93 -30.68 63.89
N LEU Q 205 48.50 -31.66 63.12
CA LEU Q 205 47.41 -31.47 62.18
C LEU Q 205 46.12 -31.47 62.97
N THR Q 206 45.38 -30.38 62.91
CA THR Q 206 44.09 -30.29 63.59
C THR Q 206 43.00 -30.00 62.56
N TYR Q 207 41.76 -30.21 62.95
CA TYR Q 207 40.61 -30.01 62.07
C TYR Q 207 40.45 -28.60 61.55
N ASP Q 208 40.69 -27.63 62.41
CA ASP Q 208 40.55 -26.25 62.00
C ASP Q 208 41.58 -25.86 60.94
N ARG Q 209 42.53 -26.74 60.63
CA ARG Q 209 43.57 -26.43 59.65
C ARG Q 209 43.44 -27.24 58.37
N LEU Q 210 42.27 -27.83 58.16
CA LEU Q 210 42.07 -28.62 56.97
C LEU Q 210 40.77 -28.39 56.25
N GLU Q 211 40.79 -28.79 55.00
CA GLU Q 211 39.64 -28.75 54.13
C GLU Q 211 39.74 -30.15 53.54
N PHE Q 212 38.62 -30.82 53.44
CA PHE Q 212 38.63 -32.17 52.94
C PHE Q 212 37.42 -32.40 52.00
N ALA Q 213 37.63 -33.14 50.92
CA ALA Q 213 36.55 -33.42 49.99
C ALA Q 213 36.73 -34.75 49.28
N THR Q 214 35.62 -35.41 48.97
CA THR Q 214 35.67 -36.69 48.27
C THR Q 214 34.60 -36.70 47.21
N ILE Q 215 34.87 -37.43 46.15
CA ILE Q 215 33.91 -37.57 45.09
C ILE Q 215 33.78 -39.08 44.94
N ARG Q 216 32.65 -39.61 45.41
CA ARG Q 216 32.36 -41.05 45.37
C ARG Q 216 31.11 -41.35 44.56
N LYS Q 217 30.90 -42.61 44.23
CA LYS Q 217 29.70 -43.02 43.51
C LYS Q 217 29.01 -44.01 44.44
N GLY Q 218 28.32 -43.48 45.44
CA GLY Q 218 27.62 -44.32 46.40
C GLY Q 218 26.79 -45.37 45.69
N ALA Q 219 27.15 -46.64 45.86
CA ALA Q 219 26.44 -47.76 45.23
C ALA Q 219 24.92 -47.79 45.40
N ASN Q 220 24.40 -47.07 46.40
CA ASN Q 220 22.97 -46.99 46.66
C ASN Q 220 22.45 -45.64 46.16
N ASP Q 221 22.49 -45.48 44.83
CA ASP Q 221 22.09 -44.25 44.14
C ASP Q 221 22.52 -44.43 42.65
N GLY Q 222 23.28 -43.45 42.13
CA GLY Q 222 23.73 -43.50 40.75
C GLY Q 222 24.55 -42.25 40.42
N GLU Q 223 23.95 -41.09 40.70
CA GLU Q 223 24.59 -39.80 40.47
C GLU Q 223 25.82 -39.80 41.38
N VAL Q 224 26.93 -39.30 40.87
CA VAL Q 224 28.15 -39.24 41.64
C VAL Q 224 27.93 -38.17 42.70
N TYR Q 225 28.39 -38.41 43.92
CA TYR Q 225 28.21 -37.42 44.99
C TYR Q 225 29.52 -36.75 45.42
N GLN Q 226 29.52 -35.41 45.40
CA GLN Q 226 30.66 -34.60 45.83
C GLN Q 226 30.37 -34.23 47.26
N LYS Q 227 31.29 -34.53 48.16
CA LYS Q 227 31.06 -34.18 49.54
C LYS Q 227 32.17 -33.24 49.98
N ILE Q 228 31.81 -32.02 50.39
CA ILE Q 228 32.82 -31.09 50.90
C ILE Q 228 32.59 -31.20 52.40
N PHE Q 229 33.52 -31.88 53.07
CA PHE Q 229 33.45 -32.12 54.49
C PHE Q 229 33.31 -30.86 55.29
N LYS Q 230 32.41 -30.92 56.26
CA LYS Q 230 32.13 -29.81 57.15
C LYS Q 230 33.10 -29.99 58.32
N PRO Q 231 33.38 -28.90 59.05
CA PRO Q 231 34.30 -28.95 60.19
C PRO Q 231 34.19 -30.20 61.08
N GLN Q 232 33.01 -30.47 61.63
CA GLN Q 232 32.82 -31.63 62.49
C GLN Q 232 33.09 -32.98 61.81
N GLU Q 233 32.99 -33.03 60.48
CA GLU Q 233 33.25 -34.27 59.75
C GLU Q 233 34.74 -34.53 59.57
N ILE Q 234 35.53 -33.46 59.52
CA ILE Q 234 36.98 -33.57 59.41
C ILE Q 234 37.53 -33.97 60.77
N LYS Q 235 36.98 -33.43 61.86
CA LYS Q 235 37.45 -33.79 63.21
C LYS Q 235 37.22 -35.30 63.39
N ASP Q 236 36.04 -35.76 62.97
CA ASP Q 236 35.68 -37.17 63.06
C ASP Q 236 36.60 -38.08 62.26
N ILE Q 237 36.70 -37.88 60.94
CA ILE Q 237 37.56 -38.73 60.13
C ILE Q 237 39.02 -38.71 60.60
N LEU Q 238 39.42 -37.65 61.31
CA LEU Q 238 40.78 -37.51 61.80
C LEU Q 238 41.05 -38.41 63.01
N VAL Q 239 40.00 -38.75 63.77
CA VAL Q 239 40.15 -39.62 64.93
C VAL Q 239 40.25 -41.09 64.50
N LYS Q 240 39.34 -41.50 63.64
CA LYS Q 240 39.30 -42.86 63.13
C LYS Q 240 40.67 -43.29 62.59
N THR Q 241 41.29 -42.40 61.79
CA THR Q 241 42.60 -42.67 61.20
C THR Q 241 43.75 -42.71 62.20
N GLY Q 242 43.57 -42.08 63.36
CA GLY Q 242 44.59 -42.10 64.39
C GLY Q 242 45.63 -41.00 64.49
N ILE Q 243 45.19 -39.75 64.30
CA ILE Q 243 46.08 -38.60 64.42
C ILE Q 243 45.69 -37.86 65.69
N THR Q 244 44.45 -38.11 66.13
CA THR Q 244 43.82 -37.52 67.33
C THR Q 244 43.70 -35.99 67.21
N GLY R 1 45.77 -3.95 23.68
CA GLY R 1 46.60 -2.73 23.62
C GLY R 1 48.09 -3.04 23.66
N TYR R 2 48.46 -4.11 24.36
CA TYR R 2 49.86 -4.47 24.48
C TYR R 2 50.52 -4.89 23.19
N ASP R 3 51.46 -4.08 22.72
CA ASP R 3 52.17 -4.39 21.49
C ASP R 3 53.68 -4.08 21.51
N ARG R 4 54.35 -4.27 22.65
CA ARG R 4 55.80 -4.01 22.74
C ARG R 4 56.52 -5.00 21.83
N ALA R 5 57.53 -4.52 21.11
CA ALA R 5 58.31 -5.37 20.23
C ALA R 5 59.20 -6.24 21.11
N LEU R 6 58.80 -7.49 21.29
CA LEU R 6 59.57 -8.38 22.11
C LEU R 6 60.63 -9.09 21.27
N SER R 7 60.33 -9.32 19.99
CA SER R 7 61.29 -9.97 19.12
C SER R 7 61.87 -8.88 18.25
N ILE R 8 63.11 -8.52 18.53
CA ILE R 8 63.78 -7.49 17.78
C ILE R 8 65.20 -7.93 17.52
N PHE R 9 65.80 -7.33 16.52
CA PHE R 9 67.17 -7.67 16.17
C PHE R 9 68.11 -7.00 17.19
N SER R 10 69.20 -7.67 17.51
CA SER R 10 70.21 -7.13 18.40
C SER R 10 71.35 -6.76 17.43
N PRO R 11 72.35 -5.97 17.89
CA PRO R 11 73.47 -5.54 17.05
C PRO R 11 74.12 -6.52 16.06
N ASP R 12 74.15 -7.80 16.41
CA ASP R 12 74.76 -8.82 15.57
C ASP R 12 73.83 -9.49 14.54
N GLY R 13 72.56 -9.10 14.54
CA GLY R 13 71.61 -9.68 13.60
C GLY R 13 70.90 -10.92 14.07
N HIS R 14 70.78 -11.10 15.37
CA HIS R 14 70.09 -12.27 15.90
C HIS R 14 68.81 -11.82 16.56
N ILE R 15 67.79 -12.67 16.56
CA ILE R 15 66.56 -12.30 17.22
C ILE R 15 66.59 -13.18 18.44
N PHE R 16 67.00 -12.58 19.55
CA PHE R 16 67.14 -13.30 20.81
C PHE R 16 65.94 -14.15 21.21
N GLN R 17 64.77 -13.55 21.32
CA GLN R 17 63.58 -14.32 21.70
C GLN R 17 63.34 -15.56 20.85
N VAL R 18 63.72 -15.53 19.58
CA VAL R 18 63.55 -16.68 18.71
C VAL R 18 64.64 -17.69 19.02
N GLU R 19 65.83 -17.18 19.39
CA GLU R 19 66.94 -18.04 19.71
C GLU R 19 66.70 -18.69 21.07
N TYR R 20 66.13 -17.95 22.00
CA TYR R 20 65.86 -18.48 23.34
C TYR R 20 64.71 -19.48 23.27
N ALA R 21 63.91 -19.39 22.21
CA ALA R 21 62.80 -20.32 22.03
C ALA R 21 63.43 -21.66 21.63
N LEU R 22 64.49 -21.63 20.82
CA LEU R 22 65.17 -22.86 20.43
C LEU R 22 65.71 -23.58 21.67
N GLU R 23 66.17 -22.81 22.65
CA GLU R 23 66.72 -23.36 23.89
C GLU R 23 65.68 -24.10 24.70
N ALA R 24 64.45 -23.61 24.67
CA ALA R 24 63.38 -24.26 25.41
C ALA R 24 63.03 -25.56 24.69
N VAL R 25 63.29 -25.60 23.39
CA VAL R 25 63.04 -26.81 22.62
C VAL R 25 64.11 -27.82 23.01
N LYS R 26 65.36 -27.38 23.10
CA LYS R 26 66.49 -28.25 23.47
C LYS R 26 66.22 -28.92 24.81
N ARG R 27 65.43 -28.29 25.67
CA ARG R 27 65.11 -28.82 26.98
C ARG R 27 63.91 -29.78 27.02
N GLY R 28 63.19 -29.92 25.92
CA GLY R 28 62.03 -30.81 25.91
C GLY R 28 62.42 -32.23 25.57
N THR R 29 61.52 -33.18 25.82
CA THR R 29 61.79 -34.59 25.53
C THR R 29 62.12 -34.76 24.08
N CYS R 30 62.90 -35.76 23.77
CA CYS R 30 63.31 -36.01 22.40
C CYS R 30 62.19 -36.56 21.58
N ALA R 31 62.20 -36.24 20.31
CA ALA R 31 61.19 -36.73 19.41
C ALA R 31 61.97 -37.06 18.17
N VAL R 32 61.57 -38.10 17.47
CA VAL R 32 62.25 -38.51 16.25
C VAL R 32 61.20 -39.03 15.31
N GLY R 33 61.46 -38.93 14.01
CA GLY R 33 60.53 -39.45 13.06
C GLY R 33 61.41 -39.90 11.95
N VAL R 34 61.18 -41.11 11.44
CA VAL R 34 61.99 -41.60 10.33
C VAL R 34 60.98 -42.20 9.38
N LYS R 35 61.22 -42.10 8.09
CA LYS R 35 60.24 -42.64 7.20
C LYS R 35 60.70 -43.85 6.41
N GLY R 36 59.77 -44.80 6.25
CA GLY R 36 60.05 -46.01 5.51
C GLY R 36 59.78 -45.86 4.04
N LYS R 37 59.49 -46.98 3.38
CA LYS R 37 59.19 -46.96 1.97
C LYS R 37 57.67 -46.77 1.81
N ASN R 38 56.93 -47.17 2.84
CA ASN R 38 55.47 -47.04 2.88
C ASN R 38 54.95 -46.79 4.30
N CYS R 39 55.64 -45.91 5.04
CA CYS R 39 55.26 -45.56 6.40
C CYS R 39 56.17 -44.47 6.94
N VAL R 40 55.82 -43.95 8.12
CA VAL R 40 56.59 -42.92 8.80
C VAL R 40 56.38 -43.24 10.26
N VAL R 41 57.46 -43.38 11.01
CA VAL R 41 57.30 -43.70 12.42
C VAL R 41 57.76 -42.52 13.26
N LEU R 42 57.03 -42.26 14.34
CA LEU R 42 57.36 -41.17 15.24
C LEU R 42 57.59 -41.70 16.65
N GLY R 43 58.81 -41.51 17.14
CA GLY R 43 59.13 -41.96 18.47
C GLY R 43 59.31 -40.77 19.41
N CYS R 44 58.93 -40.95 20.67
CA CYS R 44 59.05 -39.90 21.64
C CYS R 44 59.44 -40.48 22.99
N GLU R 45 60.38 -39.86 23.68
CA GLU R 45 60.79 -40.34 25.00
C GLU R 45 59.87 -39.68 26.00
N ARG R 46 59.54 -40.37 27.08
CA ARG R 46 58.64 -39.81 28.09
C ARG R 46 59.34 -39.06 29.24
N ARG R 47 58.80 -37.87 29.55
CA ARG R 47 59.32 -37.00 30.63
C ARG R 47 59.42 -37.76 31.95
N SER R 48 60.64 -38.08 32.39
CA SER R 48 60.84 -38.80 33.64
C SER R 48 61.27 -37.98 34.87
N THR R 49 60.97 -36.67 34.87
CA THR R 49 61.31 -35.79 35.99
C THR R 49 60.43 -36.15 37.23
N LEU R 50 59.19 -36.56 36.95
CA LEU R 50 58.20 -36.98 37.97
C LEU R 50 57.46 -38.24 37.39
N LYS R 51 57.11 -39.20 38.25
CA LYS R 51 56.39 -40.42 37.84
C LYS R 51 55.37 -40.86 38.93
N LEU R 52 54.21 -41.33 38.46
CA LEU R 52 53.04 -41.80 39.25
C LEU R 52 51.80 -41.29 38.49
N GLN R 53 52.00 -41.10 37.18
CA GLN R 53 51.00 -40.59 36.27
C GLN R 53 49.94 -41.59 35.88
N ASP R 54 48.88 -41.05 35.29
CA ASP R 54 47.77 -41.83 34.79
C ASP R 54 47.91 -41.74 33.25
N THR R 55 48.61 -42.71 32.67
CA THR R 55 48.88 -42.79 31.24
C THR R 55 47.69 -42.70 30.27
N ARG R 56 46.53 -43.14 30.74
CA ARG R 56 45.28 -43.16 29.96
C ARG R 56 44.88 -41.79 29.39
N ILE R 57 44.84 -40.83 30.29
CA ILE R 57 44.42 -39.47 30.00
C ILE R 57 45.48 -38.48 29.52
N THR R 58 46.54 -38.32 30.31
CA THR R 58 47.63 -37.39 30.01
C THR R 58 47.85 -37.15 28.52
N PRO R 59 47.82 -35.88 28.12
CA PRO R 59 48.01 -35.48 26.73
C PRO R 59 49.20 -36.22 26.10
N SER R 60 48.91 -37.05 25.10
CA SER R 60 49.96 -37.80 24.42
C SER R 60 50.89 -36.81 23.70
N LYS R 61 52.06 -37.28 23.31
CA LYS R 61 53.05 -36.43 22.65
C LYS R 61 52.89 -36.39 21.15
N VAL R 62 52.18 -37.36 20.60
CA VAL R 62 51.94 -37.38 19.18
C VAL R 62 50.46 -37.08 19.04
N SER R 63 50.12 -36.09 18.23
CA SER R 63 48.73 -35.75 18.06
C SER R 63 48.26 -35.83 16.63
N LYS R 64 47.02 -36.28 16.46
CA LYS R 64 46.38 -36.41 15.16
C LYS R 64 45.88 -35.01 14.78
N ILE R 65 46.29 -34.52 13.61
CA ILE R 65 45.82 -33.22 13.18
C ILE R 65 44.56 -33.46 12.33
N ASP R 66 44.58 -34.56 11.59
CA ASP R 66 43.45 -35.03 10.77
C ASP R 66 43.70 -36.54 10.73
N SER R 67 42.78 -37.29 10.11
CA SER R 67 42.89 -38.74 10.02
C SER R 67 44.14 -39.26 9.31
N HIS R 68 44.88 -38.39 8.64
CA HIS R 68 46.05 -38.83 7.89
C HIS R 68 47.33 -38.06 8.17
N VAL R 69 47.32 -37.21 9.17
CA VAL R 69 48.49 -36.42 9.49
C VAL R 69 48.60 -36.27 10.97
N VAL R 70 49.82 -36.38 11.47
CA VAL R 70 50.11 -36.24 12.88
C VAL R 70 51.24 -35.25 13.11
N LEU R 71 51.33 -34.78 14.34
CA LEU R 71 52.35 -33.83 14.73
C LEU R 71 52.88 -34.21 16.09
N SER R 72 54.20 -34.17 16.23
CA SER R 72 54.84 -34.44 17.49
C SER R 72 55.69 -33.20 17.69
N PHE R 73 56.13 -32.95 18.91
CA PHE R 73 56.91 -31.76 19.16
C PHE R 73 57.87 -31.92 20.32
N SER R 74 58.70 -30.91 20.51
CA SER R 74 59.64 -30.85 21.61
C SER R 74 59.54 -29.39 21.97
N GLY R 75 59.36 -29.08 23.24
CA GLY R 75 59.28 -27.69 23.62
C GLY R 75 58.29 -27.55 24.75
N LEU R 76 57.74 -26.35 24.90
CA LEU R 76 56.76 -26.10 25.94
C LEU R 76 55.46 -26.79 25.60
N ASN R 77 55.03 -27.69 26.48
CA ASN R 77 53.80 -28.43 26.26
C ASN R 77 52.65 -27.50 26.03
N ALA R 78 52.52 -26.52 26.91
CA ALA R 78 51.45 -25.56 26.81
C ALA R 78 51.43 -24.89 25.43
N ASP R 79 52.61 -24.53 24.92
CA ASP R 79 52.70 -23.88 23.62
C ASP R 79 52.28 -24.80 22.50
N SER R 80 52.65 -26.07 22.59
CA SER R 80 52.30 -27.01 21.53
C SER R 80 50.81 -27.08 21.35
N ARG R 81 50.06 -27.03 22.45
CA ARG R 81 48.61 -27.09 22.37
C ARG R 81 48.00 -26.00 21.47
N ILE R 82 48.56 -24.78 21.50
CA ILE R 82 48.05 -23.70 20.66
C ILE R 82 48.31 -24.00 19.18
N LEU R 83 49.48 -24.52 18.86
CA LEU R 83 49.79 -24.84 17.47
C LEU R 83 48.93 -25.99 16.98
N ILE R 84 48.67 -26.96 17.85
CA ILE R 84 47.88 -28.12 17.47
C ILE R 84 46.43 -27.78 17.13
N GLU R 85 45.80 -26.93 17.95
CA GLU R 85 44.41 -26.49 17.73
C GLU R 85 44.25 -25.71 16.43
N LYS R 86 45.14 -24.77 16.16
CA LYS R 86 45.07 -23.98 14.95
C LYS R 86 45.24 -24.85 13.73
N ALA R 87 46.08 -25.86 13.82
CA ALA R 87 46.30 -26.77 12.72
C ALA R 87 45.07 -27.64 12.50
N ARG R 88 44.44 -28.08 13.58
CA ARG R 88 43.26 -28.90 13.48
C ARG R 88 42.12 -28.12 12.83
N VAL R 89 41.96 -26.87 13.23
CA VAL R 89 40.91 -26.02 12.66
C VAL R 89 41.17 -25.75 11.18
N GLU R 90 42.41 -25.47 10.82
CA GLU R 90 42.74 -25.20 9.44
C GLU R 90 42.56 -26.44 8.61
N ALA R 91 42.74 -27.59 9.22
CA ALA R 91 42.58 -28.86 8.52
C ALA R 91 41.13 -29.05 8.14
N GLN R 92 40.20 -28.70 9.03
CA GLN R 92 38.77 -28.82 8.73
C GLN R 92 38.27 -27.70 7.78
N SER R 93 38.84 -26.52 7.90
CA SER R 93 38.48 -25.40 7.04
C SER R 93 38.89 -25.74 5.60
N HIS R 94 40.05 -26.34 5.42
CA HIS R 94 40.57 -26.75 4.10
C HIS R 94 39.64 -27.82 3.46
N ARG R 95 39.22 -28.79 4.25
CA ARG R 95 38.33 -29.84 3.76
C ARG R 95 37.04 -29.18 3.27
N LEU R 96 36.55 -28.22 4.06
CA LEU R 96 35.32 -27.49 3.75
C LEU R 96 35.36 -26.63 2.48
N THR R 97 36.44 -25.90 2.27
CA THR R 97 36.55 -25.06 1.10
C THR R 97 37.16 -25.69 -0.13
N LEU R 98 38.10 -26.61 0.03
CA LEU R 98 38.72 -27.23 -1.15
C LEU R 98 38.16 -28.59 -1.52
N GLU R 99 37.40 -29.20 -0.63
CA GLU R 99 36.82 -30.51 -0.87
C GLU R 99 37.90 -31.59 -1.05
N ASP R 100 38.94 -31.47 -0.23
CA ASP R 100 40.08 -32.40 -0.20
C ASP R 100 40.89 -32.09 1.06
N PRO R 101 41.33 -33.13 1.81
CA PRO R 101 42.11 -32.84 3.02
C PRO R 101 43.49 -32.28 2.71
N VAL R 102 44.12 -31.65 3.70
CA VAL R 102 45.43 -31.04 3.51
C VAL R 102 46.56 -31.99 3.15
N THR R 103 47.52 -31.51 2.37
CA THR R 103 48.67 -32.32 2.06
C THR R 103 49.51 -32.09 3.30
N VAL R 104 50.55 -32.88 3.52
CA VAL R 104 51.39 -32.66 4.71
C VAL R 104 52.23 -31.36 4.58
N GLU R 105 52.70 -31.07 3.39
CA GLU R 105 53.48 -29.87 3.14
C GLU R 105 52.61 -28.67 3.46
N TYR R 106 51.37 -28.65 2.98
CA TYR R 106 50.48 -27.52 3.24
C TYR R 106 50.30 -27.32 4.72
N LEU R 107 50.01 -28.38 5.43
CA LEU R 107 49.80 -28.29 6.86
C LEU R 107 51.05 -27.77 7.57
N THR R 108 52.21 -28.22 7.12
CA THR R 108 53.45 -27.78 7.70
C THR R 108 53.57 -26.30 7.44
N ARG R 109 53.43 -25.91 6.18
CA ARG R 109 53.53 -24.52 5.80
C ARG R 109 52.60 -23.63 6.61
N TYR R 110 51.46 -24.17 7.01
CA TYR R 110 50.52 -23.41 7.82
C TYR R 110 51.02 -23.25 9.25
N VAL R 111 51.47 -24.33 9.86
CA VAL R 111 51.96 -24.27 11.23
C VAL R 111 53.20 -23.40 11.31
N ALA R 112 54.08 -23.57 10.33
CA ALA R 112 55.30 -22.78 10.25
C ALA R 112 54.96 -21.29 10.17
N GLY R 113 53.99 -20.96 9.31
CA GLY R 113 53.56 -19.59 9.16
C GLY R 113 53.07 -19.00 10.47
N VAL R 114 52.33 -19.77 11.25
CA VAL R 114 51.86 -19.28 12.53
C VAL R 114 53.05 -18.97 13.44
N GLN R 115 54.06 -19.83 13.42
CA GLN R 115 55.22 -19.62 14.26
C GLN R 115 55.99 -18.36 13.87
N GLN R 116 56.18 -18.14 12.57
CA GLN R 116 56.87 -16.96 12.08
C GLN R 116 56.14 -15.68 12.47
N ARG R 117 54.82 -15.70 12.33
CA ARG R 117 54.00 -14.53 12.65
C ARG R 117 54.28 -14.11 14.08
N TYR R 118 54.40 -15.08 14.98
CA TYR R 118 54.68 -14.75 16.37
C TYR R 118 56.09 -14.22 16.60
N THR R 119 56.91 -14.21 15.56
CA THR R 119 58.26 -13.69 15.70
C THR R 119 58.32 -12.23 15.28
N GLN R 120 57.29 -11.74 14.62
CA GLN R 120 57.30 -10.33 14.25
C GLN R 120 56.01 -9.59 14.44
N SER R 121 55.29 -9.96 15.49
CA SER R 121 54.06 -9.29 15.82
C SER R 121 54.31 -8.73 17.20
N GLY R 122 53.73 -7.58 17.48
CA GLY R 122 53.94 -6.98 18.78
C GLY R 122 53.18 -7.63 19.90
N GLY R 123 53.76 -7.59 21.09
CA GLY R 123 53.13 -8.12 22.28
C GLY R 123 53.13 -9.61 22.51
N VAL R 124 53.75 -10.41 21.63
CA VAL R 124 53.75 -11.85 21.80
C VAL R 124 55.16 -12.40 21.70
N ARG R 125 55.42 -13.51 22.39
CA ARG R 125 56.74 -14.13 22.33
C ARG R 125 56.58 -15.31 21.42
N PRO R 126 57.68 -15.77 20.81
CA PRO R 126 57.61 -16.92 19.91
C PRO R 126 57.20 -18.18 20.62
N PHE R 127 56.91 -19.21 19.85
CA PHE R 127 56.51 -20.48 20.41
C PHE R 127 57.77 -21.22 20.76
N GLY R 128 57.84 -21.73 21.99
CA GLY R 128 59.01 -22.50 22.38
C GLY R 128 58.71 -23.93 21.98
N VAL R 129 58.53 -24.15 20.68
CA VAL R 129 58.16 -25.46 20.15
C VAL R 129 58.72 -25.69 18.77
N SER R 130 59.17 -26.90 18.52
CA SER R 130 59.66 -27.32 17.21
C SER R 130 58.74 -28.50 17.01
N THR R 131 58.39 -28.82 15.77
CA THR R 131 57.48 -29.91 15.55
C THR R 131 57.93 -30.82 14.44
N LEU R 132 57.40 -32.03 14.44
CA LEU R 132 57.64 -33.03 13.41
C LEU R 132 56.21 -33.31 12.99
N ILE R 133 55.96 -33.20 11.69
CA ILE R 133 54.64 -33.40 11.15
C ILE R 133 54.80 -34.46 10.09
N ALA R 134 53.99 -35.50 10.17
CA ALA R 134 54.10 -36.56 9.19
C ALA R 134 52.78 -37.20 8.86
N GLY R 135 52.71 -37.79 7.69
CA GLY R 135 51.48 -38.44 7.29
C GLY R 135 51.61 -38.67 5.83
N PHE R 136 50.48 -38.79 5.14
CA PHE R 136 50.48 -39.00 3.69
C PHE R 136 49.45 -38.09 3.01
N ASP R 137 49.81 -37.58 1.83
CA ASP R 137 48.93 -36.72 1.05
C ASP R 137 47.73 -37.57 0.57
N PRO R 138 46.54 -36.97 0.47
CA PRO R 138 45.37 -37.73 0.01
C PRO R 138 45.61 -38.48 -1.28
N ARG R 139 45.15 -39.73 -1.32
CA ARG R 139 45.27 -40.59 -2.49
C ARG R 139 46.70 -40.86 -2.96
N ASP R 140 47.67 -40.51 -2.13
CA ASP R 140 49.08 -40.70 -2.47
C ASP R 140 49.65 -41.63 -1.41
N ASP R 141 50.74 -42.31 -1.77
CA ASP R 141 51.38 -43.25 -0.84
C ASP R 141 52.80 -42.89 -0.37
N GLU R 142 53.43 -41.88 -0.98
CA GLU R 142 54.78 -41.47 -0.61
C GLU R 142 54.70 -40.83 0.78
N PRO R 143 55.47 -41.35 1.77
CA PRO R 143 55.44 -40.78 3.13
C PRO R 143 56.07 -39.40 3.22
N LYS R 144 55.56 -38.60 4.15
CA LYS R 144 56.04 -37.26 4.31
C LYS R 144 56.40 -37.03 5.75
N LEU R 145 57.47 -36.29 5.96
CA LEU R 145 57.93 -35.94 7.29
C LEU R 145 58.52 -34.58 7.10
N TYR R 146 58.06 -33.63 7.91
CA TYR R 146 58.54 -32.25 7.84
C TYR R 146 58.88 -31.83 9.24
N GLN R 147 59.73 -30.80 9.36
CA GLN R 147 60.12 -30.26 10.65
C GLN R 147 59.97 -28.75 10.63
N THR R 148 59.44 -28.19 11.72
CA THR R 148 59.29 -26.75 11.82
C THR R 148 59.97 -26.25 13.10
N GLU R 149 60.53 -25.04 13.07
CA GLU R 149 61.17 -24.48 14.27
C GLU R 149 60.55 -23.13 14.65
N PRO R 150 60.92 -22.59 15.82
CA PRO R 150 60.37 -21.30 16.27
C PRO R 150 60.49 -20.12 15.32
N SER R 151 61.52 -20.09 14.49
CA SER R 151 61.67 -19.00 13.55
C SER R 151 60.59 -19.07 12.49
N GLY R 152 60.02 -20.25 12.33
CA GLY R 152 59.01 -20.47 11.32
C GLY R 152 59.60 -21.17 10.11
N ILE R 153 60.89 -21.51 10.19
CA ILE R 153 61.53 -22.20 9.09
C ILE R 153 61.01 -23.63 9.09
N TYR R 154 60.87 -24.24 7.92
CA TYR R 154 60.41 -25.62 7.83
C TYR R 154 61.04 -26.29 6.63
N SER R 155 61.04 -27.61 6.65
CA SER R 155 61.63 -28.40 5.56
C SER R 155 61.35 -29.88 5.80
N SER R 156 61.55 -30.74 4.79
CA SER R 156 61.30 -32.17 4.99
C SER R 156 62.55 -32.99 5.24
N TRP R 157 62.37 -34.11 5.95
CA TRP R 157 63.46 -34.97 6.35
C TRP R 157 63.22 -36.47 6.18
N SER R 158 64.25 -37.21 5.77
CA SER R 158 64.15 -38.67 5.64
C SER R 158 63.99 -39.22 7.03
N ALA R 159 64.66 -38.58 7.97
CA ALA R 159 64.58 -38.94 9.37
C ALA R 159 65.06 -37.70 10.07
N GLN R 160 64.53 -37.42 11.24
CA GLN R 160 64.94 -36.22 11.92
C GLN R 160 64.52 -36.37 13.35
N THR R 161 65.16 -35.61 14.21
CA THR R 161 64.87 -35.64 15.63
C THR R 161 65.02 -34.25 16.18
N ILE R 162 64.33 -33.97 17.28
CA ILE R 162 64.38 -32.67 17.92
C ILE R 162 64.27 -32.96 19.40
N GLY R 163 64.63 -31.97 20.21
CA GLY R 163 64.55 -32.15 21.64
C GLY R 163 65.93 -32.35 22.26
N ARG R 164 65.97 -32.60 23.56
CA ARG R 164 67.23 -32.79 24.25
C ARG R 164 67.97 -34.00 23.71
N ASN R 165 69.27 -33.85 23.52
CA ASN R 165 70.12 -34.92 23.02
C ASN R 165 69.82 -35.22 21.57
N SER R 166 69.03 -34.36 20.92
CA SER R 166 68.71 -34.56 19.53
C SER R 166 70.01 -34.55 18.75
N LYS R 167 70.97 -33.73 19.19
CA LYS R 167 72.26 -33.62 18.51
C LYS R 167 72.91 -35.02 18.41
N THR R 168 72.87 -35.74 19.53
CA THR R 168 73.44 -37.07 19.64
C THR R 168 72.70 -38.10 18.76
N VAL R 169 71.37 -38.16 18.87
CA VAL R 169 70.58 -39.12 18.07
C VAL R 169 70.54 -38.74 16.59
N ARG R 170 70.74 -37.47 16.31
CA ARG R 170 70.75 -37.02 14.92
C ARG R 170 71.95 -37.72 14.31
N GLU R 171 73.05 -37.74 15.05
CA GLU R 171 74.27 -38.39 14.57
C GLU R 171 74.01 -39.88 14.28
N PHE R 172 73.33 -40.58 15.20
CA PHE R 172 73.02 -41.99 14.99
C PHE R 172 72.30 -42.20 13.67
N LEU R 173 71.25 -41.40 13.45
CA LEU R 173 70.46 -41.48 12.22
C LEU R 173 71.30 -41.16 11.00
N GLU R 174 72.15 -40.15 11.10
CA GLU R 174 73.03 -39.73 10.00
C GLU R 174 73.90 -40.85 9.42
N LYS R 175 74.18 -41.86 10.24
CA LYS R 175 74.98 -42.99 9.78
C LYS R 175 74.35 -44.37 9.93
N ASN R 176 73.02 -44.41 10.04
CA ASN R 176 72.29 -45.68 10.13
C ASN R 176 71.07 -45.69 9.21
N TYR R 177 70.80 -44.55 8.57
CA TYR R 177 69.68 -44.42 7.64
C TYR R 177 70.25 -44.22 6.23
N ASP R 178 69.95 -45.16 5.34
CA ASP R 178 70.42 -45.10 3.96
C ASP R 178 69.23 -44.91 3.03
N ARG R 179 69.31 -43.87 2.18
CA ARG R 179 68.24 -43.56 1.22
C ARG R 179 68.18 -44.56 0.05
N LYS R 180 69.07 -45.55 0.07
CA LYS R 180 69.09 -46.59 -0.96
C LYS R 180 68.22 -47.77 -0.51
N GLU R 181 68.10 -47.94 0.81
CA GLU R 181 67.27 -48.99 1.40
C GLU R 181 66.65 -48.44 2.70
N PRO R 182 65.74 -47.46 2.56
CA PRO R 182 65.09 -46.91 3.75
C PRO R 182 64.28 -48.05 4.31
N PRO R 183 64.18 -48.13 5.63
CA PRO R 183 63.42 -49.19 6.33
C PRO R 183 62.19 -49.69 5.56
N ALA R 184 62.43 -50.57 4.61
CA ALA R 184 61.41 -51.14 3.75
C ALA R 184 60.23 -51.83 4.43
N THR R 185 60.19 -51.83 5.75
CA THR R 185 59.10 -52.48 6.44
C THR R 185 58.76 -51.69 7.67
N VAL R 186 57.50 -51.79 8.08
CA VAL R 186 57.05 -51.14 9.29
C VAL R 186 57.96 -51.64 10.41
N GLU R 187 58.15 -52.95 10.47
CA GLU R 187 58.99 -53.56 11.51
C GLU R 187 60.40 -52.97 11.58
N GLU R 188 61.14 -53.00 10.48
CA GLU R 188 62.48 -52.45 10.50
C GLU R 188 62.57 -50.93 10.68
N CYS R 189 61.51 -50.22 10.32
CA CYS R 189 61.46 -48.76 10.50
C CYS R 189 61.33 -48.47 11.98
N VAL R 190 60.41 -49.16 12.63
CA VAL R 190 60.21 -48.98 14.06
C VAL R 190 61.52 -49.36 14.76
N LYS R 191 62.14 -50.44 14.31
CA LYS R 191 63.39 -50.90 14.89
C LYS R 191 64.40 -49.75 14.89
N LEU R 192 64.75 -49.26 13.70
CA LEU R 192 65.69 -48.17 13.57
C LEU R 192 65.33 -47.01 14.49
N THR R 193 64.04 -46.66 14.54
CA THR R 193 63.57 -45.57 15.38
C THR R 193 63.86 -45.88 16.84
N VAL R 194 63.59 -47.10 17.26
CA VAL R 194 63.84 -47.50 18.64
C VAL R 194 65.34 -47.49 18.91
N ARG R 195 66.12 -48.01 17.97
CA ARG R 195 67.55 -48.02 18.11
C ARG R 195 68.01 -46.62 18.44
N SER R 196 67.59 -45.66 17.64
CA SER R 196 67.95 -44.26 17.85
C SER R 196 67.59 -43.70 19.22
N LEU R 197 66.38 -43.94 19.69
CA LEU R 197 65.98 -43.43 21.00
C LEU R 197 66.67 -44.17 22.14
N LEU R 198 67.09 -45.40 21.89
CA LEU R 198 67.79 -46.17 22.91
C LEU R 198 69.13 -45.53 23.21
N GLU R 199 69.79 -45.02 22.18
CA GLU R 199 71.08 -44.37 22.36
C GLU R 199 70.99 -43.10 23.21
N VAL R 200 69.84 -42.84 23.83
CA VAL R 200 69.65 -41.63 24.63
C VAL R 200 68.74 -41.82 25.85
N VAL R 201 67.65 -42.56 25.66
CA VAL R 201 66.67 -42.81 26.72
C VAL R 201 67.22 -43.55 27.93
N GLN R 202 68.25 -44.38 27.71
CA GLN R 202 68.89 -45.17 28.76
C GLN R 202 67.97 -46.26 29.29
N THR R 203 68.11 -47.43 28.67
CA THR R 203 67.36 -48.65 28.97
C THR R 203 66.02 -48.43 29.70
N GLY R 204 64.98 -48.17 28.91
CA GLY R 204 63.66 -47.95 29.46
C GLY R 204 62.61 -48.33 28.44
N ALA R 205 61.72 -49.24 28.82
CA ALA R 205 60.64 -49.69 27.94
C ALA R 205 59.55 -48.65 27.91
N LYS R 206 58.85 -48.48 29.03
CA LYS R 206 57.75 -47.51 29.13
C LYS R 206 58.21 -46.09 28.78
N ASN R 207 59.52 -45.88 28.80
CA ASN R 207 60.12 -44.59 28.51
C ASN R 207 59.97 -44.13 27.05
N ILE R 208 59.64 -45.06 26.16
CA ILE R 208 59.50 -44.74 24.74
C ILE R 208 58.09 -45.02 24.24
N GLU R 209 57.55 -44.10 23.44
CA GLU R 209 56.24 -44.31 22.84
C GLU R 209 56.40 -44.13 21.34
N ILE R 210 55.94 -45.14 20.60
CA ILE R 210 56.03 -45.12 19.15
C ILE R 210 54.64 -44.96 18.54
N THR R 211 54.59 -44.34 17.37
CA THR R 211 53.34 -44.15 16.65
C THR R 211 53.70 -44.38 15.20
N VAL R 212 53.00 -45.32 14.58
CA VAL R 212 53.26 -45.65 13.20
C VAL R 212 52.11 -45.14 12.34
N VAL R 213 52.46 -44.47 11.26
CA VAL R 213 51.47 -43.92 10.34
C VAL R 213 51.68 -44.48 8.94
N LYS R 214 50.64 -45.18 8.44
CA LYS R 214 50.63 -45.80 7.12
C LYS R 214 49.66 -45.01 6.21
N PRO R 215 49.64 -45.29 4.89
CA PRO R 215 48.74 -44.57 3.99
C PRO R 215 47.27 -44.76 4.32
N ASP R 216 46.43 -43.87 3.77
CA ASP R 216 44.98 -43.92 3.96
C ASP R 216 44.39 -43.89 5.36
N SER R 217 44.87 -42.97 6.18
CA SER R 217 44.34 -42.80 7.53
C SER R 217 44.52 -43.94 8.52
N ASP R 218 45.58 -44.73 8.33
CA ASP R 218 45.90 -45.86 9.21
C ASP R 218 47.00 -45.42 10.15
N ILE R 219 46.63 -44.99 11.35
CA ILE R 219 47.60 -44.55 12.35
C ILE R 219 47.37 -45.35 13.60
N VAL R 220 48.43 -45.97 14.09
CA VAL R 220 48.35 -46.78 15.28
C VAL R 220 49.48 -46.50 16.26
N ALA R 221 49.12 -46.35 17.54
CA ALA R 221 50.07 -46.09 18.60
C ALA R 221 50.43 -47.43 19.24
N LEU R 222 51.61 -47.96 18.89
CA LEU R 222 52.09 -49.22 19.43
C LEU R 222 52.03 -49.22 20.96
N SER R 223 51.74 -50.38 21.53
CA SER R 223 51.61 -50.54 22.98
C SER R 223 52.94 -50.75 23.69
N SER R 224 52.96 -50.41 24.98
CA SER R 224 54.15 -50.55 25.82
C SER R 224 54.82 -51.89 25.55
N GLU R 225 53.99 -52.91 25.49
CA GLU R 225 54.42 -54.29 25.25
C GLU R 225 55.00 -54.50 23.85
N GLU R 226 54.29 -54.07 22.81
CA GLU R 226 54.76 -54.24 21.42
C GLU R 226 56.14 -53.61 21.22
N ILE R 227 56.41 -52.52 21.92
CA ILE R 227 57.68 -51.82 21.84
C ILE R 227 58.73 -52.57 22.65
N ASN R 228 58.33 -53.04 23.83
CA ASN R 228 59.23 -53.80 24.69
C ASN R 228 59.80 -54.97 23.89
N GLN R 229 58.96 -55.57 23.05
CA GLN R 229 59.38 -56.69 22.19
C GLN R 229 60.48 -56.22 21.25
N TYR R 230 60.48 -54.93 20.94
CA TYR R 230 61.48 -54.35 20.07
C TYR R 230 62.78 -54.10 20.83
N VAL R 231 62.67 -53.52 22.03
CA VAL R 231 63.84 -53.24 22.87
C VAL R 231 64.64 -54.54 23.08
N THR R 232 63.92 -55.61 23.42
CA THR R 232 64.51 -56.93 23.65
C THR R 232 65.26 -57.39 22.39
N GLN R 233 64.57 -57.50 21.27
CA GLN R 233 65.18 -57.91 20.00
C GLN R 233 66.38 -57.02 19.66
N ILE R 234 66.36 -55.76 20.13
CA ILE R 234 67.46 -54.81 19.88
C ILE R 234 68.67 -55.05 20.78
N GLU R 235 68.43 -55.35 22.05
CA GLU R 235 69.52 -55.63 22.96
C GLU R 235 70.21 -56.94 22.52
N GLN R 236 69.60 -57.66 21.57
CA GLN R 236 70.17 -58.90 21.00
C GLN R 236 71.14 -58.54 19.86
N GLU R 237 70.77 -57.62 18.98
CA GLU R 237 71.67 -57.17 17.90
C GLU R 237 72.67 -56.13 18.49
N LYS R 238 73.16 -56.45 19.69
CA LYS R 238 74.09 -55.64 20.46
C LYS R 238 74.87 -56.57 21.43
N GLN R 239 74.16 -57.58 21.98
CA GLN R 239 74.75 -58.59 22.92
C GLN R 239 75.36 -59.85 22.26
N GLU R 240 74.84 -60.24 21.09
CA GLU R 240 75.35 -61.42 20.38
C GLU R 240 76.80 -61.19 19.91
N GLN R 241 77.20 -59.92 19.92
CA GLN R 241 78.53 -59.51 19.52
C GLN R 241 79.31 -59.07 20.77
N ASP S 1 64.48 0.79 27.91
CA ASP S 1 65.46 0.35 26.87
C ASP S 1 65.58 1.46 25.81
N ARG S 2 65.31 1.11 24.55
CA ARG S 2 65.39 2.06 23.45
C ARG S 2 64.46 1.61 22.32
N GLY S 3 63.72 2.57 21.74
CA GLY S 3 62.75 2.28 20.68
C GLY S 3 63.19 1.57 19.42
N VAL S 4 62.23 0.93 18.74
CA VAL S 4 62.53 0.20 17.51
C VAL S 4 62.68 1.01 16.23
N SER S 5 62.21 2.26 16.23
CA SER S 5 62.33 3.12 15.05
C SER S 5 63.24 4.30 15.36
N THR S 6 64.17 4.07 16.30
CA THR S 6 65.12 5.09 16.74
C THR S 6 66.24 5.32 15.73
N PHE S 7 66.65 6.58 15.59
CA PHE S 7 67.75 6.97 14.70
C PHE S 7 69.05 6.97 15.49
N SER S 8 70.12 6.52 14.86
CA SER S 8 71.45 6.48 15.48
C SER S 8 72.10 7.85 15.32
N PRO S 9 73.20 8.10 16.03
CA PRO S 9 73.87 9.40 15.90
C PRO S 9 74.36 9.68 14.48
N GLU S 10 74.41 8.64 13.65
CA GLU S 10 74.87 8.78 12.27
C GLU S 10 73.71 8.88 11.27
N GLY S 11 72.49 8.87 11.80
CA GLY S 11 71.32 8.98 10.94
C GLY S 11 70.90 7.70 10.26
N ARG S 12 71.14 6.58 10.91
CA ARG S 12 70.77 5.28 10.36
C ARG S 12 69.82 4.66 11.36
N LEU S 13 68.81 3.95 10.86
CA LEU S 13 67.85 3.31 11.73
C LEU S 13 68.48 2.04 12.27
N PHE S 14 68.64 1.98 13.58
CA PHE S 14 69.25 0.83 14.22
C PHE S 14 68.73 -0.52 13.72
N GLN S 15 67.44 -0.77 13.92
CA GLN S 15 66.83 -2.03 13.50
C GLN S 15 67.11 -2.38 12.06
N VAL S 16 67.06 -1.38 11.18
CA VAL S 16 67.33 -1.62 9.77
C VAL S 16 68.78 -2.04 9.58
N GLU S 17 69.71 -1.36 10.25
CA GLU S 17 71.14 -1.70 10.14
C GLU S 17 71.42 -3.08 10.71
N TYR S 18 70.81 -3.38 11.86
CA TYR S 18 70.99 -4.69 12.48
C TYR S 18 70.32 -5.76 11.60
N SER S 19 69.27 -5.37 10.87
CA SER S 19 68.57 -6.28 9.97
C SER S 19 69.54 -6.74 8.87
N LEU S 20 70.25 -5.78 8.28
CA LEU S 20 71.23 -6.06 7.22
C LEU S 20 72.36 -7.01 7.63
N GLU S 21 72.60 -7.13 8.92
CA GLU S 21 73.63 -8.00 9.46
C GLU S 21 73.15 -9.44 9.46
N ALA S 22 71.87 -9.63 9.73
CA ALA S 22 71.31 -10.97 9.71
C ALA S 22 71.34 -11.49 8.28
N ILE S 23 71.19 -10.57 7.33
CA ILE S 23 71.23 -10.92 5.92
C ILE S 23 72.60 -11.44 5.48
N LYS S 24 73.67 -10.96 6.14
CA LYS S 24 75.05 -11.37 5.84
C LYS S 24 75.36 -12.81 6.28
N LEU S 25 74.45 -13.42 7.03
CA LEU S 25 74.64 -14.79 7.53
C LEU S 25 73.84 -15.79 6.70
N GLY S 26 73.19 -15.31 5.65
CA GLY S 26 72.36 -16.19 4.84
C GLY S 26 73.04 -16.71 3.62
N SER S 27 72.43 -17.71 2.99
CA SER S 27 72.97 -18.33 1.79
C SER S 27 73.11 -17.30 0.70
N THR S 28 74.08 -17.48 -0.17
CA THR S 28 74.30 -16.54 -1.26
C THR S 28 73.24 -16.69 -2.32
N ALA S 29 72.91 -15.57 -2.96
CA ALA S 29 71.91 -15.56 -4.01
C ALA S 29 72.53 -14.68 -5.06
N ILE S 30 72.45 -15.08 -6.32
CA ILE S 30 73.04 -14.32 -7.39
C ILE S 30 72.05 -14.22 -8.53
N GLY S 31 71.95 -13.04 -9.10
CA GLY S 31 71.08 -12.87 -10.22
C GLY S 31 71.92 -12.15 -11.23
N ILE S 32 71.78 -12.50 -12.49
CA ILE S 32 72.54 -11.83 -13.53
C ILE S 32 71.55 -11.52 -14.62
N ALA S 33 71.57 -10.29 -15.09
CA ALA S 33 70.66 -9.86 -16.13
C ALA S 33 71.35 -9.72 -17.47
N THR S 34 70.79 -10.33 -18.51
CA THR S 34 71.34 -10.25 -19.85
C THR S 34 70.27 -9.67 -20.78
N LYS S 35 70.40 -9.90 -22.09
CA LYS S 35 69.40 -9.43 -23.04
C LYS S 35 68.62 -10.61 -23.59
N GLU S 36 68.75 -11.76 -22.93
CA GLU S 36 68.03 -12.95 -23.34
C GLU S 36 67.40 -13.55 -22.09
N GLY S 37 67.42 -12.80 -20.98
CA GLY S 37 66.83 -13.29 -19.75
C GLY S 37 67.61 -12.91 -18.50
N VAL S 38 67.09 -13.28 -17.34
CA VAL S 38 67.76 -12.97 -16.10
C VAL S 38 67.89 -14.31 -15.40
N VAL S 39 69.08 -14.60 -14.86
CA VAL S 39 69.32 -15.85 -14.16
C VAL S 39 69.42 -15.55 -12.68
N LEU S 40 68.86 -16.44 -11.88
CA LEU S 40 68.89 -16.30 -10.46
C LEU S 40 69.41 -17.63 -9.99
N GLY S 41 70.40 -17.63 -9.11
CA GLY S 41 70.93 -18.87 -8.62
C GLY S 41 71.06 -18.72 -7.13
N VAL S 42 70.85 -19.79 -6.38
CA VAL S 42 70.98 -19.73 -4.94
C VAL S 42 71.72 -20.92 -4.37
N GLU S 43 72.35 -20.71 -3.23
CA GLU S 43 73.07 -21.75 -2.53
C GLU S 43 72.04 -22.32 -1.57
N LYS S 44 71.80 -23.61 -1.65
CA LYS S 44 70.81 -24.26 -0.78
C LYS S 44 71.22 -24.24 0.70
N ARG S 45 72.42 -24.74 0.99
CA ARG S 45 72.96 -24.80 2.36
C ARG S 45 72.12 -25.54 3.43
N ALA S 46 72.02 -26.85 3.30
CA ALA S 46 71.25 -27.67 4.25
C ALA S 46 72.02 -27.82 5.57
N THR S 47 71.30 -27.87 6.69
CA THR S 47 71.95 -27.97 7.99
C THR S 47 72.45 -29.37 8.34
N SER S 48 72.17 -30.34 7.50
CA SER S 48 72.57 -31.73 7.75
C SER S 48 72.24 -32.57 6.52
N PRO S 49 72.94 -33.69 6.34
CA PRO S 49 72.66 -34.55 5.18
C PRO S 49 71.30 -35.27 5.10
N LEU S 50 70.51 -35.29 6.18
CA LEU S 50 69.22 -35.98 6.14
C LEU S 50 68.09 -35.15 5.54
N LEU S 51 68.37 -33.87 5.32
CA LEU S 51 67.41 -32.93 4.76
C LEU S 51 67.25 -33.19 3.26
N GLU S 52 66.02 -33.35 2.81
CA GLU S 52 65.78 -33.58 1.39
C GLU S 52 65.92 -32.19 0.79
N SER S 53 67.03 -31.96 0.10
CA SER S 53 67.32 -30.68 -0.52
C SER S 53 66.23 -30.00 -1.35
N ASP S 54 65.45 -30.77 -2.11
CA ASP S 54 64.42 -30.14 -2.92
C ASP S 54 63.30 -29.41 -2.16
N SER S 55 63.26 -29.55 -0.83
CA SER S 55 62.25 -28.86 -0.04
C SER S 55 62.73 -27.48 0.38
N ILE S 56 63.93 -27.12 -0.07
CA ILE S 56 64.52 -25.83 0.22
C ILE S 56 64.12 -24.87 -0.88
N GLU S 57 63.19 -23.97 -0.52
CA GLU S 57 62.64 -22.97 -1.43
C GLU S 57 63.25 -21.60 -1.28
N LYS S 58 64.23 -21.26 -2.10
CA LYS S 58 64.83 -19.94 -2.01
C LYS S 58 64.67 -19.12 -3.28
N ILE S 59 64.13 -19.76 -4.32
CA ILE S 59 63.85 -19.09 -5.58
C ILE S 59 62.36 -19.32 -5.77
N VAL S 60 61.56 -18.26 -5.79
CA VAL S 60 60.13 -18.45 -5.96
C VAL S 60 59.56 -17.66 -7.10
N GLU S 61 58.44 -18.15 -7.63
CA GLU S 61 57.75 -17.49 -8.72
C GLU S 61 56.79 -16.46 -8.13
N ILE S 62 56.79 -15.27 -8.69
CA ILE S 62 55.90 -14.21 -8.23
C ILE S 62 54.76 -14.15 -9.23
N ASP S 63 55.10 -14.31 -10.49
CA ASP S 63 54.11 -14.35 -11.55
C ASP S 63 54.88 -14.92 -12.75
N ARG S 64 54.16 -15.27 -13.81
CA ARG S 64 54.80 -15.85 -14.98
C ARG S 64 55.98 -15.04 -15.49
N HIS S 65 55.96 -13.74 -15.26
CA HIS S 65 57.03 -12.87 -15.74
C HIS S 65 57.94 -12.29 -14.65
N ILE S 66 57.84 -12.80 -13.44
CA ILE S 66 58.64 -12.29 -12.33
C ILE S 66 58.95 -13.43 -11.38
N GLY S 67 60.22 -13.56 -10.99
CA GLY S 67 60.64 -14.59 -10.06
C GLY S 67 61.53 -13.90 -9.06
N CYS S 68 61.89 -14.58 -7.98
CA CYS S 68 62.76 -13.94 -7.01
C CYS S 68 63.53 -14.89 -6.13
N ALA S 69 64.73 -14.49 -5.74
CA ALA S 69 65.61 -15.28 -4.90
C ALA S 69 65.74 -14.56 -3.57
N MET S 70 65.90 -15.31 -2.49
CA MET S 70 66.02 -14.70 -1.18
C MET S 70 67.29 -15.06 -0.43
N SER S 71 67.57 -14.30 0.61
CA SER S 71 68.73 -14.55 1.42
C SER S 71 68.57 -13.88 2.78
N GLY S 72 68.76 -14.64 3.85
CA GLY S 72 68.62 -14.10 5.19
C GLY S 72 67.73 -15.02 5.97
N LEU S 73 66.82 -14.45 6.76
CA LEU S 73 65.87 -15.24 7.54
C LEU S 73 64.74 -15.58 6.56
N THR S 74 64.94 -16.64 5.78
CA THR S 74 63.98 -17.06 4.76
C THR S 74 62.51 -17.14 5.17
N ALA S 75 62.23 -17.40 6.43
CA ALA S 75 60.84 -17.46 6.85
C ALA S 75 60.14 -16.09 6.74
N ASP S 76 60.90 -15.01 6.92
CA ASP S 76 60.36 -13.66 6.85
C ASP S 76 59.88 -13.33 5.46
N ALA S 77 60.42 -14.03 4.47
CA ALA S 77 60.06 -13.78 3.09
C ALA S 77 58.75 -14.38 2.66
N ARG S 78 58.15 -15.24 3.46
CA ARG S 78 56.89 -15.85 3.05
C ARG S 78 55.77 -14.82 2.95
N SER S 79 55.70 -13.89 3.89
CA SER S 79 54.66 -12.87 3.84
C SER S 79 54.95 -11.90 2.68
N MET S 80 56.24 -11.68 2.41
CA MET S 80 56.64 -10.80 1.33
C MET S 80 56.22 -11.40 -0.03
N ILE S 81 56.52 -12.67 -0.25
CA ILE S 81 56.15 -13.32 -1.50
C ILE S 81 54.64 -13.28 -1.68
N GLU S 82 53.92 -13.55 -0.60
CA GLU S 82 52.45 -13.53 -0.62
C GLU S 82 51.96 -12.17 -1.14
N HIS S 83 52.49 -11.10 -0.58
CA HIS S 83 52.12 -9.76 -0.98
C HIS S 83 52.51 -9.50 -2.43
N ALA S 84 53.68 -10.00 -2.82
CA ALA S 84 54.16 -9.81 -4.19
C ALA S 84 53.22 -10.48 -5.18
N ARG S 85 52.84 -11.71 -4.88
CA ARG S 85 51.96 -12.42 -5.78
C ARG S 85 50.58 -11.77 -5.84
N THR S 86 50.03 -11.43 -4.68
CA THR S 86 48.72 -10.77 -4.63
C THR S 86 48.76 -9.46 -5.41
N ALA S 87 49.84 -8.70 -5.27
CA ALA S 87 49.96 -7.42 -5.98
C ALA S 87 49.99 -7.57 -7.49
N ALA S 88 50.65 -8.63 -7.98
CA ALA S 88 50.77 -8.90 -9.41
C ALA S 88 49.46 -9.36 -9.99
N VAL S 89 48.77 -10.22 -9.27
CA VAL S 89 47.49 -10.72 -9.75
C VAL S 89 46.45 -9.60 -9.71
N THR S 90 46.35 -8.88 -8.59
CA THR S 90 45.41 -7.78 -8.42
C THR S 90 45.57 -6.76 -9.53
N HIS S 91 46.80 -6.50 -9.93
CA HIS S 91 47.05 -5.54 -11.00
C HIS S 91 46.52 -6.09 -12.29
N ASN S 92 46.64 -7.39 -12.50
CA ASN S 92 46.14 -7.97 -13.72
C ASN S 92 44.62 -7.83 -13.74
N LEU S 93 44.00 -8.02 -12.59
CA LEU S 93 42.55 -7.90 -12.50
C LEU S 93 42.07 -6.49 -12.79
N TYR S 94 42.68 -5.51 -12.14
CA TYR S 94 42.30 -4.12 -12.31
C TYR S 94 42.65 -3.54 -13.66
N TYR S 95 43.71 -4.03 -14.31
CA TYR S 95 44.11 -3.46 -15.59
C TYR S 95 44.25 -4.35 -16.81
N ASP S 96 43.96 -5.64 -16.70
CA ASP S 96 44.08 -6.56 -17.83
C ASP S 96 45.44 -6.44 -18.55
N GLU S 97 46.51 -6.55 -17.76
CA GLU S 97 47.88 -6.45 -18.24
C GLU S 97 48.83 -6.95 -17.13
N ASP S 98 50.12 -7.10 -17.47
CA ASP S 98 51.17 -7.55 -16.53
C ASP S 98 51.69 -6.36 -15.75
N ILE S 99 51.93 -6.54 -14.46
CA ILE S 99 52.47 -5.46 -13.65
C ILE S 99 53.94 -5.27 -14.02
N ASN S 100 54.39 -4.03 -14.04
CA ASN S 100 55.76 -3.75 -14.37
C ASN S 100 56.61 -4.25 -13.23
N VAL S 101 57.81 -4.73 -13.55
CA VAL S 101 58.70 -5.25 -12.53
C VAL S 101 59.06 -4.19 -11.49
N GLU S 102 59.27 -2.95 -11.93
CA GLU S 102 59.62 -1.92 -10.97
C GLU S 102 58.49 -1.75 -10.00
N SER S 103 57.26 -1.73 -10.54
CA SER S 103 56.08 -1.54 -9.72
C SER S 103 55.92 -2.64 -8.73
N LEU S 104 56.17 -3.87 -9.16
CA LEU S 104 56.05 -5.00 -8.27
C LEU S 104 57.04 -4.81 -7.13
N THR S 105 58.27 -4.45 -7.48
CA THR S 105 59.32 -4.24 -6.50
C THR S 105 58.99 -3.11 -5.53
N GLN S 106 58.56 -1.97 -6.04
CA GLN S 106 58.19 -0.83 -5.19
C GLN S 106 57.10 -1.21 -4.20
N SER S 107 56.13 -1.98 -4.66
CA SER S 107 55.03 -2.42 -3.81
C SER S 107 55.60 -3.24 -2.67
N VAL S 108 56.53 -4.15 -2.98
CA VAL S 108 57.18 -4.99 -1.98
C VAL S 108 57.96 -4.13 -0.97
N CYS S 109 58.72 -3.17 -1.47
CA CYS S 109 59.48 -2.29 -0.60
C CYS S 109 58.64 -1.36 0.24
N ASP S 110 57.42 -1.07 -0.19
CA ASP S 110 56.53 -0.23 0.59
C ASP S 110 56.29 -0.90 1.95
N LEU S 111 56.39 -2.22 2.01
CA LEU S 111 56.21 -2.95 3.26
C LEU S 111 57.33 -2.71 4.26
N ALA S 112 58.55 -2.74 3.73
CA ALA S 112 59.77 -2.57 4.51
C ALA S 112 59.74 -1.76 5.78
N LEU S 113 59.63 -0.43 5.68
CA LEU S 113 59.66 0.41 6.88
C LEU S 113 58.36 0.44 7.69
N ARG S 114 57.38 -0.38 7.31
CA ARG S 114 56.13 -0.42 8.04
C ARG S 114 56.28 -1.23 9.33
N PHE S 115 57.22 -0.83 10.19
CA PHE S 115 57.45 -1.52 11.46
C PHE S 115 57.48 -0.49 12.57
N GLY S 116 57.16 -0.91 13.79
CA GLY S 116 57.18 0.01 14.92
C GLY S 116 56.14 -0.22 15.99
N GLU S 117 56.17 0.67 17.00
CA GLU S 117 55.26 0.65 18.15
C GLU S 117 54.45 1.94 18.14
N GLY S 118 53.35 1.97 17.39
CA GLY S 118 52.51 3.16 17.33
C GLY S 118 53.25 4.38 16.77
N ALA S 119 54.09 4.15 15.76
CA ALA S 119 54.87 5.21 15.12
C ALA S 119 53.97 6.24 14.41
N SER S 120 53.68 7.33 15.11
CA SER S 120 52.83 8.42 14.61
C SER S 120 53.07 8.88 13.16
N GLY S 121 52.17 8.44 12.27
CA GLY S 121 52.23 8.76 10.85
C GLY S 121 51.12 8.01 10.11
N GLU S 122 50.99 6.72 10.44
CA GLU S 122 49.98 5.80 9.88
C GLU S 122 49.96 4.56 10.81
N GLU S 123 49.26 3.48 10.43
CA GLU S 123 49.24 2.27 11.27
C GLU S 123 50.21 1.21 10.74
N ARG S 124 51.38 1.14 11.37
CA ARG S 124 52.42 0.18 11.00
C ARG S 124 52.66 -0.91 12.06
N LEU S 125 52.03 -2.06 11.85
CA LEU S 125 52.17 -3.18 12.77
C LEU S 125 53.00 -4.35 12.23
N MET S 126 54.19 -4.43 12.76
CA MET S 126 55.18 -5.41 12.45
C MET S 126 56.14 -4.92 13.52
N SER S 127 56.59 -5.82 14.40
CA SER S 127 57.45 -5.41 15.48
C SER S 127 58.90 -5.15 15.13
N ARG S 128 59.32 -5.55 13.94
CA ARG S 128 60.72 -5.40 13.52
C ARG S 128 60.82 -5.48 12.02
N PRO S 129 61.94 -4.99 11.45
CA PRO S 129 62.14 -5.03 10.00
C PRO S 129 62.21 -6.47 9.53
N PHE S 130 62.17 -6.69 8.24
CA PHE S 130 62.29 -8.04 7.71
C PHE S 130 63.75 -8.39 7.83
N GLY S 131 64.06 -9.66 8.07
CA GLY S 131 65.45 -10.05 8.17
C GLY S 131 65.87 -10.82 6.92
N VAL S 132 65.39 -10.41 5.75
CA VAL S 132 65.73 -11.12 4.53
C VAL S 132 65.74 -10.10 3.41
N ALA S 133 66.57 -10.35 2.39
CA ALA S 133 66.67 -9.46 1.23
C ALA S 133 66.24 -10.27 0.04
N LEU S 134 65.81 -9.60 -1.02
CA LEU S 134 65.36 -10.32 -2.18
C LEU S 134 65.96 -9.81 -3.45
N LEU S 135 66.09 -10.74 -4.38
CA LEU S 135 66.56 -10.45 -5.71
C LEU S 135 65.31 -10.70 -6.53
N ILE S 136 64.78 -9.65 -7.12
CA ILE S 136 63.58 -9.75 -7.90
C ILE S 136 63.96 -9.56 -9.35
N ALA S 137 63.61 -10.53 -10.17
CA ALA S 137 63.96 -10.43 -11.56
C ALA S 137 62.75 -10.68 -12.43
N GLY S 138 62.69 -9.99 -13.55
CA GLY S 138 61.56 -10.19 -14.42
C GLY S 138 61.69 -9.43 -15.71
N HIS S 139 60.65 -9.46 -16.52
CA HIS S 139 60.61 -8.77 -17.79
C HIS S 139 59.26 -8.13 -18.03
N ASP S 140 59.29 -6.93 -18.58
CA ASP S 140 58.07 -6.23 -18.96
C ASP S 140 58.38 -5.53 -20.27
N ALA S 141 57.37 -5.23 -21.06
CA ALA S 141 57.57 -4.62 -22.36
C ALA S 141 58.21 -3.25 -22.41
N ASP S 142 58.14 -2.47 -21.34
CA ASP S 142 58.70 -1.12 -21.37
C ASP S 142 60.20 -1.03 -21.06
N ASP S 143 60.65 -1.76 -20.04
CA ASP S 143 62.04 -1.72 -19.63
C ASP S 143 62.81 -3.04 -19.75
N GLY S 144 62.21 -4.01 -20.44
CA GLY S 144 62.88 -5.28 -20.64
C GLY S 144 63.28 -6.04 -19.40
N TYR S 145 64.33 -6.86 -19.54
CA TYR S 145 64.84 -7.67 -18.45
C TYR S 145 65.42 -6.84 -17.34
N GLN S 146 64.95 -7.07 -16.13
CA GLN S 146 65.40 -6.31 -14.98
C GLN S 146 65.62 -7.16 -13.76
N LEU S 147 66.55 -6.73 -12.93
CA LEU S 147 66.89 -7.40 -11.69
C LEU S 147 66.90 -6.32 -10.63
N PHE S 148 66.35 -6.62 -9.48
CA PHE S 148 66.26 -5.64 -8.42
C PHE S 148 66.64 -6.23 -7.11
N HIS S 149 67.30 -5.45 -6.29
CA HIS S 149 67.68 -5.91 -4.99
C HIS S 149 66.83 -5.10 -4.03
N ALA S 150 65.93 -5.79 -3.31
CA ALA S 150 65.02 -5.17 -2.35
C ALA S 150 65.50 -5.41 -0.92
N GLU S 151 65.86 -4.34 -0.21
CA GLU S 151 66.37 -4.43 1.16
C GLU S 151 65.31 -4.02 2.16
N PRO S 152 65.46 -4.44 3.42
CA PRO S 152 64.53 -4.12 4.50
C PRO S 152 64.46 -2.62 4.85
N SER S 153 65.32 -1.83 4.23
CA SER S 153 65.36 -0.40 4.47
C SER S 153 64.24 0.25 3.67
N GLY S 154 63.76 -0.47 2.66
CA GLY S 154 62.71 0.04 1.81
C GLY S 154 63.30 0.51 0.51
N THR S 155 64.63 0.57 0.42
CA THR S 155 65.28 1.00 -0.81
C THR S 155 65.53 -0.20 -1.70
N PHE S 156 65.52 0.01 -3.01
CA PHE S 156 65.77 -1.07 -3.95
C PHE S 156 66.51 -0.42 -5.10
N TYR S 157 67.50 -1.13 -5.62
CA TYR S 157 68.31 -0.65 -6.72
C TYR S 157 68.18 -1.66 -7.84
N ARG S 158 68.30 -1.20 -9.08
CA ARG S 158 68.27 -2.10 -10.23
C ARG S 158 69.76 -2.42 -10.44
N TYR S 159 70.07 -3.65 -10.81
CA TYR S 159 71.45 -4.05 -11.02
C TYR S 159 71.55 -4.86 -12.28
N ASN S 160 72.75 -4.90 -12.85
CA ASN S 160 73.01 -5.71 -14.04
C ASN S 160 73.34 -7.08 -13.52
N ALA S 161 73.88 -7.14 -12.32
CA ALA S 161 74.23 -8.39 -11.68
C ALA S 161 74.31 -8.08 -10.20
N LYS S 162 73.95 -9.01 -9.34
CA LYS S 162 74.01 -8.72 -7.93
C LYS S 162 74.03 -9.98 -7.10
N ALA S 163 74.85 -9.93 -6.05
CA ALA S 163 74.98 -11.02 -5.12
C ALA S 163 74.59 -10.53 -3.76
N ILE S 164 73.91 -11.37 -3.01
CA ILE S 164 73.51 -11.02 -1.65
C ILE S 164 73.76 -12.27 -0.86
N GLY S 165 73.93 -12.13 0.45
CA GLY S 165 74.20 -13.29 1.28
C GLY S 165 75.63 -13.26 1.82
N SER S 166 76.02 -14.30 2.54
CA SER S 166 77.35 -14.39 3.17
C SER S 166 78.53 -14.13 2.23
N GLY S 167 78.53 -14.73 1.04
CA GLY S 167 79.63 -14.49 0.14
C GLY S 167 79.42 -13.38 -0.87
N SER S 168 78.66 -12.35 -0.52
CA SER S 168 78.40 -11.27 -1.46
C SER S 168 79.56 -10.30 -1.78
N GLU S 169 80.42 -9.99 -0.81
CA GLU S 169 81.53 -9.06 -1.08
C GLU S 169 82.46 -9.69 -2.10
N GLY S 170 82.76 -10.97 -1.90
CA GLY S 170 83.62 -11.68 -2.81
C GLY S 170 82.92 -11.84 -4.13
N ALA S 171 81.71 -12.39 -4.10
CA ALA S 171 80.92 -12.63 -5.30
C ALA S 171 80.67 -11.38 -6.09
N GLN S 172 80.27 -10.32 -5.41
CA GLN S 172 79.99 -9.06 -6.08
C GLN S 172 81.22 -8.61 -6.84
N ALA S 173 82.38 -8.86 -6.27
CA ALA S 173 83.65 -8.48 -6.89
C ALA S 173 83.85 -9.24 -8.20
N GLU S 174 83.54 -10.53 -8.21
CA GLU S 174 83.71 -11.31 -9.42
C GLU S 174 82.72 -10.83 -10.45
N LEU S 175 81.50 -10.53 -10.00
CA LEU S 175 80.44 -10.06 -10.89
C LEU S 175 80.87 -8.80 -11.61
N LEU S 176 81.38 -7.84 -10.85
CA LEU S 176 81.86 -6.59 -11.41
C LEU S 176 82.80 -6.83 -12.60
N ASN S 177 83.69 -7.80 -12.49
CA ASN S 177 84.65 -8.11 -13.55
C ASN S 177 84.09 -8.95 -14.70
N GLU S 178 83.24 -9.92 -14.40
CA GLU S 178 82.70 -10.80 -15.43
C GLU S 178 81.51 -10.35 -16.27
N TRP S 179 80.74 -9.38 -15.78
CA TRP S 179 79.56 -8.88 -16.49
C TRP S 179 79.81 -7.89 -17.63
N HIS S 180 79.12 -8.09 -18.75
CA HIS S 180 79.23 -7.18 -19.88
C HIS S 180 77.92 -7.11 -20.65
N SER S 181 77.68 -5.98 -21.29
CA SER S 181 76.45 -5.73 -22.04
C SER S 181 76.07 -6.71 -23.15
N SER S 182 76.81 -7.80 -23.31
CA SER S 182 76.50 -8.75 -24.37
C SER S 182 76.57 -10.23 -23.98
N LEU S 183 76.39 -10.51 -22.69
CA LEU S 183 76.40 -11.89 -22.19
C LEU S 183 75.23 -12.69 -22.76
N THR S 184 75.36 -14.00 -22.83
CA THR S 184 74.26 -14.81 -23.34
C THR S 184 73.62 -15.50 -22.14
N LEU S 185 72.40 -16.03 -22.31
CA LEU S 185 71.74 -16.70 -21.20
C LEU S 185 72.62 -17.83 -20.68
N LYS S 186 73.21 -18.61 -21.57
CA LYS S 186 74.07 -19.71 -21.17
C LYS S 186 75.32 -19.19 -20.44
N GLU S 187 75.92 -18.11 -20.94
CA GLU S 187 77.11 -17.54 -20.32
C GLU S 187 76.76 -17.14 -18.87
N ALA S 188 75.62 -16.47 -18.71
CA ALA S 188 75.15 -16.04 -17.40
C ALA S 188 74.96 -17.23 -16.46
N GLU S 189 74.26 -18.25 -16.93
CA GLU S 189 74.02 -19.42 -16.10
C GLU S 189 75.36 -19.93 -15.58
N LEU S 190 76.34 -20.02 -16.47
CA LEU S 190 77.67 -20.50 -16.10
C LEU S 190 78.31 -19.67 -15.00
N LEU S 191 78.31 -18.34 -15.17
CA LEU S 191 78.88 -17.46 -14.17
C LEU S 191 78.24 -17.62 -12.84
N VAL S 192 76.91 -17.67 -12.81
CA VAL S 192 76.23 -17.84 -11.54
C VAL S 192 76.74 -19.10 -10.91
N LEU S 193 76.85 -20.13 -11.71
CA LEU S 193 77.31 -21.41 -11.23
C LEU S 193 78.75 -21.32 -10.73
N LYS S 194 79.60 -20.65 -11.49
CA LYS S 194 81.01 -20.47 -11.14
C LYS S 194 81.19 -19.69 -9.86
N ILE S 195 80.59 -18.52 -9.83
CA ILE S 195 80.68 -17.65 -8.67
C ILE S 195 80.06 -18.30 -7.45
N LEU S 196 78.95 -18.99 -7.63
CA LEU S 196 78.34 -19.67 -6.50
C LEU S 196 79.36 -20.67 -5.97
N LYS S 197 79.98 -21.40 -6.90
CA LYS S 197 80.99 -22.41 -6.57
C LYS S 197 82.12 -21.81 -5.76
N GLN S 198 82.57 -20.62 -6.14
CA GLN S 198 83.67 -19.97 -5.42
C GLN S 198 83.39 -19.63 -3.99
N VAL S 199 82.30 -18.95 -3.71
CA VAL S 199 81.99 -18.53 -2.35
C VAL S 199 81.34 -19.53 -1.41
N MET S 200 80.81 -20.61 -1.95
CA MET S 200 80.20 -21.62 -1.11
C MET S 200 81.23 -22.37 -0.24
N GLU S 201 80.78 -22.89 0.89
CA GLU S 201 81.67 -23.65 1.77
C GLU S 201 81.82 -25.06 1.20
N GLU S 202 80.70 -25.65 0.80
CA GLU S 202 80.67 -27.00 0.23
C GLU S 202 80.94 -26.98 -1.28
N LYS S 203 81.29 -28.14 -1.84
CA LYS S 203 81.55 -28.23 -3.28
C LYS S 203 80.21 -28.17 -3.98
N LEU S 204 80.08 -27.24 -4.93
CA LEU S 204 78.83 -27.07 -5.68
C LEU S 204 78.45 -28.24 -6.57
N ASP S 205 77.26 -28.79 -6.32
CA ASP S 205 76.72 -29.87 -7.12
C ASP S 205 75.27 -29.52 -7.40
N GLU S 206 74.59 -30.33 -8.21
CA GLU S 206 73.19 -30.07 -8.56
C GLU S 206 72.22 -30.20 -7.39
N ASN S 207 72.68 -30.71 -6.25
CA ASN S 207 71.81 -30.87 -5.09
C ASN S 207 71.94 -29.78 -4.04
N ASN S 208 72.96 -28.96 -4.12
CA ASN S 208 73.14 -27.91 -3.12
C ASN S 208 73.11 -26.49 -3.65
N ALA S 209 72.86 -26.34 -4.95
CA ALA S 209 72.75 -25.04 -5.61
C ALA S 209 71.56 -25.12 -6.56
N GLN S 210 70.91 -24.00 -6.84
CA GLN S 210 69.75 -24.01 -7.71
C GLN S 210 69.78 -22.84 -8.65
N LEU S 211 69.44 -23.11 -9.90
CA LEU S 211 69.41 -22.10 -10.95
C LEU S 211 67.96 -21.87 -11.38
N SER S 212 67.76 -20.78 -12.10
CA SER S 212 66.45 -20.45 -12.60
C SER S 212 66.70 -19.25 -13.47
N CYS S 213 65.75 -18.94 -14.33
CA CYS S 213 65.89 -17.78 -15.19
C CYS S 213 64.50 -17.31 -15.50
N ILE S 214 64.40 -16.15 -16.10
CA ILE S 214 63.13 -15.60 -16.50
C ILE S 214 63.35 -15.05 -17.88
N THR S 215 62.55 -15.51 -18.83
CA THR S 215 62.64 -15.03 -20.21
C THR S 215 61.26 -14.64 -20.75
N LYS S 216 61.26 -13.70 -21.71
CA LYS S 216 60.04 -13.19 -22.34
C LYS S 216 59.18 -14.34 -22.88
N GLN S 217 59.83 -15.24 -23.60
CA GLN S 217 59.15 -16.38 -24.20
C GLN S 217 58.62 -17.43 -23.25
N ASP S 218 59.38 -17.86 -22.25
CA ASP S 218 58.90 -18.90 -21.35
C ASP S 218 58.59 -18.51 -19.93
N GLY S 219 58.86 -17.28 -19.57
CA GLY S 219 58.58 -16.85 -18.22
C GLY S 219 59.48 -17.46 -17.19
N PHE S 220 59.08 -17.40 -15.93
CA PHE S 220 59.90 -17.93 -14.85
C PHE S 220 59.93 -19.44 -14.74
N LYS S 221 61.12 -19.99 -14.85
CA LYS S 221 61.34 -21.41 -14.77
C LYS S 221 62.47 -21.72 -13.81
N ILE S 222 62.22 -22.57 -12.84
CA ILE S 222 63.28 -22.98 -11.93
C ILE S 222 63.91 -24.18 -12.62
N TYR S 223 65.22 -24.15 -12.84
CA TYR S 223 65.91 -25.24 -13.51
C TYR S 223 65.89 -26.49 -12.68
N ASP S 224 65.45 -27.59 -13.29
CA ASP S 224 65.42 -28.87 -12.59
C ASP S 224 66.86 -29.39 -12.46
N ASN S 225 67.13 -30.08 -11.36
CA ASN S 225 68.46 -30.60 -11.07
C ASN S 225 69.21 -31.15 -12.28
N GLU S 226 68.53 -31.94 -13.11
CA GLU S 226 69.16 -32.51 -14.30
C GLU S 226 69.71 -31.45 -15.25
N LYS S 227 68.96 -30.38 -15.50
CA LYS S 227 69.42 -29.33 -16.41
C LYS S 227 70.66 -28.66 -15.84
N THR S 228 70.66 -28.45 -14.53
CA THR S 228 71.75 -27.79 -13.82
C THR S 228 73.03 -28.63 -13.77
N ALA S 229 72.89 -29.91 -13.49
CA ALA S 229 74.04 -30.80 -13.45
C ALA S 229 74.79 -30.74 -14.78
N GLU S 230 74.06 -30.80 -15.90
CA GLU S 230 74.70 -30.72 -17.22
C GLU S 230 75.48 -29.41 -17.31
N LEU S 231 74.95 -28.37 -16.66
CA LEU S 231 75.59 -27.05 -16.65
C LEU S 231 76.81 -27.02 -15.75
N ILE S 232 76.73 -27.72 -14.62
CA ILE S 232 77.85 -27.81 -13.69
C ILE S 232 78.97 -28.57 -14.39
N LYS S 233 78.61 -29.67 -15.04
CA LYS S 233 79.56 -30.50 -15.81
C LYS S 233 80.15 -29.60 -16.89
N GLU S 234 79.30 -28.94 -17.65
CA GLU S 234 79.74 -28.04 -18.70
C GLU S 234 80.72 -27.00 -18.13
N LEU S 235 80.63 -26.73 -16.83
CA LEU S 235 81.52 -25.76 -16.19
C LEU S 235 82.89 -26.38 -15.87
N LYS S 236 82.89 -27.51 -15.16
CA LYS S 236 84.15 -28.20 -14.79
C LYS S 236 85.08 -28.27 -15.98
N GLU S 237 84.49 -28.45 -17.17
CA GLU S 237 85.23 -28.54 -18.42
C GLU S 237 85.72 -27.21 -18.97
N LYS S 238 84.91 -26.16 -18.88
CA LYS S 238 85.36 -24.86 -19.39
C LYS S 238 86.45 -24.24 -18.50
N GLU S 239 86.39 -24.49 -17.19
CA GLU S 239 87.39 -23.95 -16.28
C GLU S 239 88.72 -24.70 -16.42
N ALA S 240 88.66 -26.00 -16.66
CA ALA S 240 89.86 -26.83 -16.83
C ALA S 240 90.44 -26.71 -18.26
N ALA S 241 90.84 -25.50 -18.64
CA ALA S 241 91.41 -25.23 -19.97
C ALA S 241 92.58 -24.25 -19.88
N GLU S 242 92.34 -23.11 -19.22
CA GLU S 242 93.29 -22.02 -18.96
C GLU S 242 92.43 -20.83 -18.47
N PHE T 1 74.79 11.06 29.88
CA PHE T 1 74.49 12.25 29.04
C PHE T 1 73.53 11.82 27.90
N ARG T 2 74.04 11.65 26.68
CA ARG T 2 73.21 11.31 25.54
C ARG T 2 72.19 10.17 25.53
N ASN T 3 72.61 8.90 25.67
CA ASN T 3 71.65 7.77 25.65
C ASN T 3 70.47 7.95 26.61
N ASN T 4 70.52 9.04 27.40
CA ASN T 4 69.48 9.38 28.35
C ASN T 4 68.46 10.27 27.63
N TYR T 5 68.97 11.27 26.91
CA TYR T 5 68.09 12.20 26.18
C TYR T 5 67.95 12.01 24.67
N ASP T 6 68.40 10.91 24.10
CA ASP T 6 68.28 10.70 22.66
C ASP T 6 67.57 9.42 22.21
N GLY T 7 66.76 8.85 23.09
CA GLY T 7 66.07 7.62 22.74
C GLY T 7 64.72 7.81 22.06
N ASP T 8 64.07 8.95 22.30
CA ASP T 8 62.76 9.20 21.72
C ASP T 8 62.71 10.66 21.29
N THR T 9 61.94 10.95 20.26
CA THR T 9 61.82 12.32 19.78
C THR T 9 61.03 13.13 20.78
N VAL T 10 60.36 12.44 21.67
CA VAL T 10 59.54 13.07 22.66
C VAL T 10 60.36 13.66 23.81
N THR T 11 61.67 13.46 23.78
CA THR T 11 62.53 13.94 24.84
C THR T 11 63.37 15.18 24.54
N PHE T 12 63.20 16.21 25.35
CA PHE T 12 63.97 17.43 25.18
C PHE T 12 65.23 17.24 26.03
N SER T 13 66.37 17.73 25.55
CA SER T 13 67.60 17.62 26.31
C SER T 13 67.61 18.77 27.32
N PRO T 14 68.63 18.88 28.17
CA PRO T 14 68.63 19.98 29.15
C PRO T 14 68.85 21.35 28.52
N THR T 15 69.37 21.36 27.31
CA THR T 15 69.62 22.61 26.59
C THR T 15 68.49 22.94 25.60
N GLY T 16 67.43 22.13 25.59
CA GLY T 16 66.28 22.35 24.72
C GLY T 16 66.42 21.77 23.32
N ARG T 17 67.26 20.76 23.17
CA ARG T 17 67.45 20.14 21.86
C ARG T 17 66.64 18.84 21.74
N LEU T 18 66.34 18.48 20.50
CA LEU T 18 65.61 17.28 20.19
C LEU T 18 66.61 16.50 19.38
N PHE T 19 67.28 15.57 20.02
CA PHE T 19 68.31 14.78 19.38
C PHE T 19 67.92 13.90 18.24
N GLN T 20 66.79 13.21 18.34
CA GLN T 20 66.36 12.35 17.25
C GLN T 20 66.18 13.17 15.97
N VAL T 21 65.62 14.37 16.12
CA VAL T 21 65.42 15.26 14.99
C VAL T 21 66.77 15.67 14.43
N GLU T 22 67.71 15.95 15.32
CA GLU T 22 69.05 16.33 14.88
C GLU T 22 69.74 15.16 14.19
N TYR T 23 69.50 13.95 14.67
CA TYR T 23 70.09 12.77 14.06
C TYR T 23 69.43 12.55 12.72
N ALA T 24 68.18 12.99 12.59
CA ALA T 24 67.45 12.86 11.33
C ALA T 24 68.11 13.81 10.34
N LEU T 25 68.39 15.03 10.79
CA LEU T 25 69.04 16.04 9.95
C LEU T 25 70.39 15.55 9.42
N GLU T 26 70.96 14.55 10.08
CA GLU T 26 72.25 14.01 9.67
C GLU T 26 72.18 13.08 8.47
N ALA T 27 71.13 12.28 8.38
CA ALA T 27 70.96 11.34 7.27
C ALA T 27 70.91 12.09 5.95
N ILE T 28 70.48 13.35 6.04
CA ILE T 28 70.38 14.24 4.89
C ILE T 28 71.81 14.58 4.50
N LYS T 29 72.61 14.95 5.49
CA LYS T 29 74.02 15.32 5.28
C LYS T 29 74.90 14.22 4.65
N GLN T 30 74.41 12.98 4.60
CA GLN T 30 75.19 11.90 3.96
C GLN T 30 74.54 11.52 2.62
N GLY T 31 73.42 12.16 2.29
CA GLY T 31 72.75 11.87 1.04
C GLY T 31 73.47 12.60 -0.08
N SER T 32 73.23 12.23 -1.33
CA SER T 32 73.90 12.91 -2.44
C SER T 32 73.41 14.33 -2.56
N VAL T 33 74.07 15.11 -3.40
CA VAL T 33 73.72 16.51 -3.53
C VAL T 33 72.65 16.85 -4.56
N THR T 34 71.88 17.89 -4.25
CA THR T 34 70.82 18.40 -5.12
C THR T 34 70.72 19.92 -4.93
N VAL T 35 70.46 20.62 -6.03
CA VAL T 35 70.39 22.07 -6.05
C VAL T 35 69.05 22.53 -6.56
N GLY T 36 68.64 23.68 -6.06
CA GLY T 36 67.39 24.26 -6.48
C GLY T 36 67.68 25.72 -6.66
N LEU T 37 67.15 26.29 -7.73
CA LEU T 37 67.37 27.70 -8.02
C LEU T 37 66.24 28.13 -8.91
N ARG T 38 65.88 29.41 -8.82
CA ARG T 38 64.81 29.90 -9.65
C ARG T 38 65.02 31.32 -10.14
N SER T 39 64.38 31.65 -11.24
CA SER T 39 64.42 32.99 -11.79
C SER T 39 63.02 33.53 -11.51
N ASN T 40 62.49 34.39 -12.38
CA ASN T 40 61.14 34.90 -12.16
C ASN T 40 60.17 34.17 -13.09
N THR T 41 60.68 33.22 -13.87
CA THR T 41 59.83 32.46 -14.79
C THR T 41 59.97 30.94 -14.73
N HIS T 42 61.09 30.44 -14.22
CA HIS T 42 61.30 29.00 -14.12
C HIS T 42 62.00 28.67 -12.82
N ALA T 43 61.91 27.40 -12.43
CA ALA T 43 62.56 26.91 -11.23
C ALA T 43 63.13 25.60 -11.69
N VAL T 44 64.35 25.31 -11.28
CA VAL T 44 64.97 24.08 -11.73
C VAL T 44 65.52 23.36 -10.53
N LEU T 45 65.65 22.05 -10.68
CA LEU T 45 66.20 21.22 -9.64
C LEU T 45 67.27 20.43 -10.35
N VAL T 46 68.45 20.38 -9.76
CA VAL T 46 69.53 19.61 -10.34
C VAL T 46 69.96 18.73 -9.20
N ALA T 47 70.13 17.45 -9.47
CA ALA T 47 70.52 16.54 -8.42
C ALA T 47 71.52 15.52 -8.93
N LEU T 48 72.54 15.29 -8.11
CA LEU T 48 73.59 14.34 -8.41
C LEU T 48 73.06 13.02 -7.87
N LYS T 49 72.90 12.02 -8.72
CA LYS T 49 72.40 10.74 -8.28
C LYS T 49 73.59 9.89 -7.84
N ARG T 50 73.36 9.02 -6.86
CA ARG T 50 74.39 8.15 -6.32
C ARG T 50 74.08 6.67 -6.47
N ASN T 51 75.08 5.89 -6.88
CA ASN T 51 74.95 4.44 -7.05
C ASN T 51 75.56 3.67 -5.85
N ALA T 52 75.40 2.35 -5.88
CA ALA T 52 75.92 1.50 -4.79
C ALA T 52 77.19 0.78 -5.23
N ASP T 53 77.22 0.42 -6.52
CA ASP T 53 78.32 -0.28 -7.18
C ASP T 53 78.27 0.25 -8.61
N GLU T 54 79.26 -0.11 -9.43
CA GLU T 54 79.27 0.36 -10.81
C GLU T 54 78.43 -0.57 -11.70
N LEU T 55 77.67 -1.44 -11.04
CA LEU T 55 76.80 -2.39 -11.73
C LEU T 55 75.32 -2.08 -11.47
N SER T 56 75.03 -1.02 -10.70
CA SER T 56 73.67 -0.62 -10.35
C SER T 56 73.20 0.67 -11.00
N SER T 57 71.93 0.98 -10.79
CA SER T 57 71.35 2.21 -11.32
C SER T 57 71.62 3.31 -10.30
N TYR T 58 71.39 4.55 -10.73
CA TYR T 58 71.57 5.72 -9.89
C TYR T 58 70.18 6.08 -9.35
N GLN T 59 69.99 5.90 -8.05
CA GLN T 59 68.72 6.15 -7.39
C GLN T 59 68.15 7.53 -7.71
N LYS T 60 66.89 7.56 -8.14
CA LYS T 60 66.21 8.81 -8.45
C LYS T 60 66.12 9.76 -7.27
N LYS T 61 66.18 11.04 -7.56
CA LYS T 61 66.12 12.05 -6.51
C LYS T 61 64.99 13.03 -6.73
N ILE T 62 64.42 13.04 -7.93
CA ILE T 62 63.35 13.97 -8.24
C ILE T 62 62.01 13.27 -8.43
N ILE T 63 60.98 13.84 -7.82
CA ILE T 63 59.64 13.27 -7.90
C ILE T 63 58.62 14.35 -8.28
N LYS T 64 57.82 14.07 -9.31
CA LYS T 64 56.80 14.99 -9.79
C LYS T 64 55.59 14.84 -8.91
N CYS T 65 55.09 15.94 -8.36
CA CYS T 65 53.93 15.89 -7.48
C CYS T 65 52.61 16.31 -8.15
N ASP T 66 52.73 17.10 -9.21
CA ASP T 66 51.58 17.58 -9.98
C ASP T 66 52.22 18.17 -11.21
N GLU T 67 51.41 18.66 -12.14
CA GLU T 67 51.96 19.23 -13.36
C GLU T 67 52.68 20.54 -13.09
N HIS T 68 52.47 21.13 -11.92
CA HIS T 68 53.09 22.41 -11.58
C HIS T 68 53.99 22.38 -10.33
N MET T 69 54.30 21.19 -9.82
CA MET T 69 55.09 21.08 -8.60
C MET T 69 55.85 19.77 -8.54
N GLY T 70 56.99 19.78 -7.87
CA GLY T 70 57.82 18.60 -7.73
C GLY T 70 58.93 18.88 -6.75
N LEU T 71 59.74 17.87 -6.46
CA LEU T 71 60.82 18.08 -5.50
C LEU T 71 62.00 17.12 -5.69
N SER T 72 63.14 17.48 -5.12
CA SER T 72 64.30 16.61 -5.17
C SER T 72 64.50 16.22 -3.72
N LEU T 73 65.02 15.02 -3.51
CA LEU T 73 65.22 14.46 -2.19
C LEU T 73 66.68 14.22 -1.86
N ALA T 74 66.98 14.14 -0.56
CA ALA T 74 68.32 13.84 -0.09
C ALA T 74 68.18 13.19 1.28
N GLY T 75 68.63 11.94 1.40
CA GLY T 75 68.54 11.24 2.67
C GLY T 75 67.82 9.91 2.48
N LEU T 76 66.95 9.55 3.43
CA LEU T 76 66.19 8.30 3.34
C LEU T 76 65.12 8.40 2.27
N ALA T 77 65.34 7.70 1.17
CA ALA T 77 64.44 7.70 0.04
C ALA T 77 62.99 7.29 0.35
N PRO T 78 62.79 6.18 1.09
CA PRO T 78 61.44 5.76 1.40
C PRO T 78 60.66 6.89 2.02
N ASP T 79 61.31 7.66 2.88
CA ASP T 79 60.62 8.76 3.51
C ASP T 79 60.19 9.78 2.47
N ALA T 80 61.04 9.98 1.47
CA ALA T 80 60.71 10.92 0.42
C ALA T 80 59.48 10.42 -0.30
N ARG T 81 59.37 9.10 -0.42
CA ARG T 81 58.22 8.53 -1.10
C ARG T 81 56.98 8.82 -0.27
N VAL T 82 57.09 8.63 1.04
CA VAL T 82 55.97 8.88 1.93
C VAL T 82 55.51 10.32 1.84
N LEU T 83 56.44 11.26 1.90
CA LEU T 83 56.12 12.69 1.83
C LEU T 83 55.67 13.23 0.47
N SER T 84 56.32 12.79 -0.60
CA SER T 84 55.95 13.24 -1.92
C SER T 84 54.58 12.67 -2.24
N ASN T 85 54.28 11.50 -1.68
CA ASN T 85 52.98 10.87 -1.90
C ASN T 85 51.89 11.71 -1.25
N TYR T 86 52.18 12.27 -0.08
CA TYR T 86 51.27 13.14 0.67
C TYR T 86 51.06 14.40 -0.14
N LEU T 87 52.13 14.92 -0.72
CA LEU T 87 52.08 16.12 -1.53
C LEU T 87 51.20 15.85 -2.74
N ARG T 88 51.41 14.70 -3.39
CA ARG T 88 50.61 14.32 -4.53
C ARG T 88 49.13 14.34 -4.17
N GLN T 89 48.81 13.78 -3.00
CA GLN T 89 47.43 13.73 -2.55
C GLN T 89 46.87 15.10 -2.29
N GLN T 90 47.59 15.92 -1.53
CA GLN T 90 47.12 17.26 -1.23
C GLN T 90 46.91 18.09 -2.49
N CYS T 91 47.83 17.94 -3.45
CA CYS T 91 47.75 18.66 -4.72
C CYS T 91 46.47 18.22 -5.40
N ASN T 92 46.24 16.91 -5.41
CA ASN T 92 45.06 16.32 -6.03
C ASN T 92 43.76 16.79 -5.40
N TYR T 93 43.74 16.89 -4.08
CA TYR T 93 42.54 17.33 -3.38
C TYR T 93 42.16 18.74 -3.80
N SER T 94 43.14 19.62 -3.95
CA SER T 94 42.90 21.00 -4.35
C SER T 94 42.27 21.08 -5.72
N SER T 95 42.75 20.27 -6.67
CA SER T 95 42.22 20.26 -8.03
C SER T 95 40.82 19.67 -8.11
N LEU T 96 40.62 18.53 -7.44
CA LEU T 96 39.32 17.86 -7.45
C LEU T 96 38.22 18.64 -6.76
N VAL T 97 38.48 19.10 -5.55
CA VAL T 97 37.52 19.84 -4.72
C VAL T 97 37.30 21.33 -5.02
N PHE T 98 38.39 22.04 -5.31
CA PHE T 98 38.30 23.46 -5.58
C PHE T 98 38.68 23.86 -7.02
N ASN T 99 39.13 22.92 -7.84
CA ASN T 99 39.54 23.19 -9.23
C ASN T 99 40.62 24.27 -9.21
N ARG T 100 41.48 24.15 -8.20
CA ARG T 100 42.57 25.09 -7.91
C ARG T 100 43.90 24.39 -7.78
N LYS T 101 44.93 24.99 -8.37
CA LYS T 101 46.25 24.41 -8.27
C LYS T 101 46.80 24.82 -6.92
N LEU T 102 47.35 23.85 -6.20
CA LEU T 102 47.88 24.11 -4.87
C LEU T 102 49.10 25.01 -4.90
N ALA T 103 49.05 26.03 -4.06
CA ALA T 103 50.13 26.98 -3.95
C ALA T 103 51.33 26.33 -3.28
N VAL T 104 52.52 26.61 -3.80
CA VAL T 104 53.75 26.06 -3.24
C VAL T 104 53.86 26.46 -1.77
N GLU T 105 53.52 27.71 -1.47
CA GLU T 105 53.55 28.20 -0.11
C GLU T 105 52.67 27.31 0.74
N ARG T 106 51.53 26.89 0.18
CA ARG T 106 50.61 26.03 0.91
C ARG T 106 51.21 24.65 1.06
N ALA T 107 51.80 24.14 -0.02
CA ALA T 107 52.44 22.82 0.01
C ALA T 107 53.47 22.79 1.12
N GLY T 108 54.27 23.85 1.21
CA GLY T 108 55.29 23.93 2.24
C GLY T 108 54.68 23.87 3.61
N HIS T 109 53.65 24.66 3.85
CA HIS T 109 52.99 24.69 5.14
C HIS T 109 52.50 23.29 5.53
N LEU T 110 51.95 22.56 4.58
CA LEU T 110 51.46 21.21 4.84
C LEU T 110 52.58 20.26 5.18
N LEU T 111 53.70 20.35 4.47
CA LEU T 111 54.83 19.47 4.76
C LEU T 111 55.37 19.73 6.16
N CYS T 112 55.46 20.99 6.54
CA CYS T 112 55.94 21.32 7.87
C CYS T 112 55.09 20.62 8.88
N ASP T 113 53.78 20.83 8.82
CA ASP T 113 52.87 20.23 9.77
C ASP T 113 52.93 18.72 9.85
N LYS T 114 53.12 18.05 8.73
CA LYS T 114 53.19 16.60 8.73
C LYS T 114 54.45 16.14 9.47
N ALA T 115 55.57 16.81 9.21
CA ALA T 115 56.84 16.48 9.85
C ALA T 115 56.80 16.75 11.37
N GLN T 116 56.17 17.84 11.76
CA GLN T 116 56.08 18.20 13.17
C GLN T 116 55.39 17.15 14.01
N LYS T 117 54.31 16.57 13.50
CA LYS T 117 53.57 15.56 14.23
C LYS T 117 54.45 14.39 14.64
N ASN T 118 55.46 14.11 13.83
CA ASN T 118 56.41 13.04 14.09
C ASN T 118 57.53 13.43 15.03
N THR T 119 57.48 14.64 15.58
CA THR T 119 58.51 15.12 16.49
C THR T 119 57.98 15.45 17.89
N GLN T 120 56.70 15.26 18.11
CA GLN T 120 56.14 15.59 19.40
C GLN T 120 55.50 14.40 20.09
N SER T 121 55.39 13.28 19.37
CA SER T 121 54.78 12.06 19.92
C SER T 121 55.74 10.86 20.03
N TYR T 122 55.54 10.10 21.12
CA TYR T 122 56.35 8.93 21.43
C TYR T 122 56.10 7.72 20.53
N GLY T 123 57.16 6.96 20.30
CA GLY T 123 57.06 5.77 19.46
C GLY T 123 57.41 6.06 18.02
N GLY T 124 57.12 7.26 17.56
CA GLY T 124 57.42 7.61 16.19
C GLY T 124 58.88 7.89 15.96
N ARG T 125 59.18 8.47 14.81
CA ARG T 125 60.54 8.85 14.46
C ARG T 125 60.41 9.93 13.43
N PRO T 126 61.30 10.93 13.48
CA PRO T 126 61.25 12.02 12.52
C PRO T 126 61.53 11.43 11.16
N TYR T 127 61.20 12.19 10.11
CA TYR T 127 61.49 11.74 8.76
C TYR T 127 62.97 12.02 8.57
N GLY T 128 63.68 11.20 7.81
CA GLY T 128 65.09 11.42 7.61
C GLY T 128 65.42 11.73 6.18
N VAL T 129 64.77 12.74 5.64
CA VAL T 129 64.99 13.11 4.27
C VAL T 129 64.70 14.59 4.13
N GLY T 130 65.45 15.26 3.27
CA GLY T 130 65.26 16.67 3.02
C GLY T 130 64.70 16.83 1.62
N LEU T 131 63.99 17.91 1.37
CA LEU T 131 63.39 18.06 0.05
C LEU T 131 63.50 19.48 -0.43
N LEU T 132 63.66 19.64 -1.74
CA LEU T 132 63.72 20.95 -2.35
C LEU T 132 62.51 20.95 -3.25
N ILE T 133 61.58 21.85 -2.98
CA ILE T 133 60.37 21.90 -3.77
C ILE T 133 60.37 23.10 -4.64
N ILE T 134 60.09 22.90 -5.91
CA ILE T 134 59.98 24.00 -6.86
C ILE T 134 58.60 23.89 -7.46
N GLY T 135 58.03 25.02 -7.86
CA GLY T 135 56.71 24.98 -8.45
C GLY T 135 56.39 26.31 -9.07
N TYR T 136 55.42 26.34 -9.99
CA TYR T 136 54.99 27.58 -10.62
C TYR T 136 53.50 27.69 -10.40
N ASP T 137 53.10 28.66 -9.61
CA ASP T 137 51.68 28.82 -9.33
C ASP T 137 51.18 30.20 -9.75
N LYS T 138 50.13 30.68 -9.10
CA LYS T 138 49.58 31.97 -9.44
C LYS T 138 50.48 33.16 -9.07
N SER T 139 51.44 32.94 -8.18
CA SER T 139 52.32 34.03 -7.81
C SER T 139 53.71 33.88 -8.41
N GLY T 140 53.83 33.02 -9.42
CA GLY T 140 55.12 32.86 -10.06
C GLY T 140 55.88 31.61 -9.70
N ALA T 141 57.20 31.65 -9.93
CA ALA T 141 58.07 30.52 -9.62
C ALA T 141 58.48 30.49 -8.15
N HIS T 142 58.70 29.29 -7.61
CA HIS T 142 59.08 29.15 -6.22
C HIS T 142 60.01 27.98 -6.01
N LEU T 143 60.80 28.11 -4.94
CA LEU T 143 61.74 27.08 -4.49
C LEU T 143 61.59 27.09 -2.98
N LEU T 144 61.42 25.91 -2.41
CA LEU T 144 61.24 25.78 -0.98
C LEU T 144 62.19 24.74 -0.51
N GLU T 145 62.70 24.88 0.71
CA GLU T 145 63.61 23.88 1.28
C GLU T 145 62.91 23.33 2.51
N PHE T 146 62.70 22.02 2.52
CA PHE T 146 62.07 21.33 3.64
C PHE T 146 63.08 20.53 4.46
N GLN T 147 63.05 20.70 5.78
CA GLN T 147 63.92 19.97 6.71
C GLN T 147 63.01 19.21 7.69
N PRO T 148 63.35 17.94 8.01
CA PRO T 148 62.62 17.05 8.93
C PRO T 148 62.25 17.63 10.28
N SER T 149 62.85 18.74 10.65
CA SER T 149 62.53 19.36 11.91
C SER T 149 61.16 20.01 11.77
N GLY T 150 60.79 20.24 10.51
CA GLY T 150 59.52 20.87 10.18
C GLY T 150 59.70 22.28 9.63
N ASN T 151 60.94 22.76 9.56
CA ASN T 151 61.19 24.11 9.08
C ASN T 151 61.25 24.18 7.57
N VAL T 152 60.30 24.92 6.98
CA VAL T 152 60.26 25.06 5.53
C VAL T 152 60.56 26.50 5.20
N THR T 153 61.49 26.69 4.27
CA THR T 153 61.88 28.03 3.90
C THR T 153 61.83 28.24 2.40
N GLU T 154 61.35 29.42 2.00
CA GLU T 154 61.26 29.78 0.59
C GLU T 154 62.54 30.52 0.24
N LEU T 155 63.19 30.08 -0.85
CA LEU T 155 64.46 30.67 -1.26
C LEU T 155 64.55 30.98 -2.75
N TYR T 156 65.65 31.62 -3.15
CA TYR T 156 65.93 31.97 -4.55
C TYR T 156 66.69 30.79 -5.16
N GLY T 157 67.47 30.14 -4.30
CA GLY T 157 68.26 28.99 -4.69
C GLY T 157 68.80 28.38 -3.42
N THR T 158 69.26 27.14 -3.47
CA THR T 158 69.81 26.46 -2.32
C THR T 158 70.28 25.07 -2.72
N ALA T 159 70.76 24.33 -1.75
CA ALA T 159 71.24 22.98 -1.97
C ALA T 159 71.32 22.22 -0.65
N ILE T 160 71.17 20.91 -0.72
CA ILE T 160 71.21 20.05 0.45
C ILE T 160 71.98 18.79 0.08
N GLY T 161 72.49 18.11 1.09
CA GLY T 161 73.27 16.90 0.87
C GLY T 161 74.73 17.09 1.27
N ALA T 162 75.55 16.07 1.06
CA ALA T 162 76.97 16.14 1.39
C ALA T 162 77.69 17.15 0.50
N ARG T 163 78.43 18.07 1.11
CA ARG T 163 79.18 19.10 0.38
C ARG T 163 78.25 20.15 -0.21
N SER T 164 77.01 20.18 0.26
CA SER T 164 76.01 21.12 -0.23
C SER T 164 76.54 22.54 -0.14
N GLN T 165 77.27 22.83 0.93
CA GLN T 165 77.82 24.17 1.17
C GLN T 165 78.58 24.72 -0.04
N GLY T 166 79.05 23.85 -0.92
CA GLY T 166 79.76 24.29 -2.11
C GLY T 166 78.83 25.05 -3.03
N ALA T 167 77.80 24.36 -3.52
CA ALA T 167 76.81 24.95 -4.42
C ALA T 167 76.04 26.09 -3.75
N LYS T 168 75.83 25.96 -2.44
CA LYS T 168 75.13 26.98 -1.68
C LYS T 168 75.87 28.33 -1.74
N THR T 169 77.20 28.30 -1.91
CA THR T 169 78.01 29.54 -2.02
C THR T 169 77.96 30.06 -3.47
N TYR T 170 78.09 29.18 -4.46
CA TYR T 170 78.02 29.62 -5.85
C TYR T 170 76.70 30.36 -6.09
N LEU T 171 75.60 29.78 -5.64
CA LEU T 171 74.31 30.42 -5.80
C LEU T 171 74.31 31.74 -5.00
N GLU T 172 74.75 31.70 -3.76
CA GLU T 172 74.78 32.90 -2.89
C GLU T 172 75.54 34.06 -3.54
N ARG T 173 76.37 33.74 -4.52
CA ARG T 173 77.16 34.73 -5.26
C ARG T 173 76.44 35.07 -6.57
N THR T 174 76.10 34.03 -7.33
CA THR T 174 75.42 34.14 -8.63
C THR T 174 73.99 34.69 -8.59
N LEU T 175 73.46 34.93 -7.40
CA LEU T 175 72.08 35.42 -7.24
C LEU T 175 71.68 36.49 -8.25
N ASP T 176 72.30 37.67 -8.14
CA ASP T 176 72.00 38.79 -9.03
C ASP T 176 71.93 38.35 -10.49
N THR T 177 72.67 37.30 -10.84
CA THR T 177 72.69 36.77 -12.20
C THR T 177 71.49 35.89 -12.57
N PHE T 178 71.39 34.72 -11.94
CA PHE T 178 70.31 33.79 -12.27
C PHE T 178 68.90 34.28 -12.03
N ILE T 179 68.69 35.11 -11.00
CA ILE T 179 67.36 35.62 -10.69
C ILE T 179 66.80 36.41 -11.88
N LYS T 180 67.66 36.68 -12.86
CA LYS T 180 67.30 37.43 -14.06
C LYS T 180 67.24 36.60 -15.34
N ILE T 181 67.57 35.31 -15.27
CA ILE T 181 67.50 34.48 -16.47
C ILE T 181 66.02 34.17 -16.74
N ASP T 182 65.31 35.19 -17.22
CA ASP T 182 63.89 35.06 -17.52
C ASP T 182 63.71 34.72 -18.99
N GLY T 183 62.78 33.82 -19.28
CA GLY T 183 62.54 33.44 -20.67
C GLY T 183 63.62 32.57 -21.28
N ASN T 184 64.57 32.12 -20.48
CA ASN T 184 65.61 31.26 -21.01
C ASN T 184 65.83 30.07 -20.08
N PRO T 185 65.11 28.98 -20.35
CA PRO T 185 65.20 27.75 -19.56
C PRO T 185 66.60 27.13 -19.50
N ASP T 186 67.15 26.81 -20.65
CA ASP T 186 68.48 26.19 -20.69
C ASP T 186 69.53 26.94 -19.86
N GLU T 187 69.46 28.27 -19.85
CA GLU T 187 70.41 29.05 -19.06
C GLU T 187 70.26 28.71 -17.59
N LEU T 188 69.04 28.84 -17.07
CA LEU T 188 68.79 28.54 -15.66
C LEU T 188 69.33 27.17 -15.30
N ILE T 189 69.04 26.19 -16.14
CA ILE T 189 69.53 24.85 -15.89
C ILE T 189 71.03 24.89 -15.79
N LYS T 190 71.67 25.50 -16.78
CA LYS T 190 73.13 25.63 -16.81
C LYS T 190 73.62 26.26 -15.51
N ALA T 191 72.94 27.29 -15.06
CA ALA T 191 73.31 27.94 -13.82
C ALA T 191 73.25 26.88 -12.72
N GLY T 192 72.15 26.14 -12.70
CA GLY T 192 71.99 25.10 -11.71
C GLY T 192 73.11 24.09 -11.79
N VAL T 193 73.42 23.64 -13.01
CA VAL T 193 74.48 22.66 -13.18
C VAL T 193 75.79 23.21 -12.66
N GLU T 194 76.09 24.47 -12.99
CA GLU T 194 77.32 25.09 -12.53
C GLU T 194 77.34 25.07 -11.02
N ALA T 195 76.19 25.38 -10.42
CA ALA T 195 76.07 25.39 -8.97
C ALA T 195 76.34 24.01 -8.40
N ILE T 196 75.68 23.00 -8.94
CA ILE T 196 75.88 21.66 -8.42
C ILE T 196 77.33 21.22 -8.57
N SER T 197 77.96 21.58 -9.68
CA SER T 197 79.34 21.18 -9.92
C SER T 197 80.37 21.80 -9.00
N GLN T 198 79.92 22.58 -8.02
CA GLN T 198 80.85 23.20 -7.08
C GLN T 198 80.91 22.38 -5.78
N SER T 199 80.12 21.31 -5.72
CA SER T 199 80.08 20.45 -4.54
C SER T 199 80.59 19.05 -4.90
N LEU T 200 81.13 18.91 -6.10
CA LEU T 200 81.65 17.62 -6.55
C LEU T 200 83.02 17.39 -5.89
N ARG T 201 83.62 16.22 -6.13
CA ARG T 201 84.92 15.89 -5.54
C ARG T 201 85.37 14.53 -6.08
N ASP T 202 84.48 13.54 -5.90
CA ASP T 202 84.70 12.16 -6.33
C ASP T 202 84.96 12.05 -7.85
N GLU T 203 83.92 12.32 -8.65
CA GLU T 203 84.00 12.23 -10.10
C GLU T 203 83.40 13.50 -10.72
N SER T 204 83.26 13.51 -12.05
CA SER T 204 82.66 14.64 -12.76
C SER T 204 81.25 14.18 -13.08
N LEU T 205 80.30 15.12 -13.14
CA LEU T 205 78.91 14.76 -13.44
C LEU T 205 78.78 14.18 -14.84
N THR T 206 78.24 12.96 -14.92
CA THR T 206 78.08 12.24 -16.18
C THR T 206 76.61 12.06 -16.56
N VAL T 207 76.37 11.36 -17.67
CA VAL T 207 75.03 11.11 -18.18
C VAL T 207 74.22 10.17 -17.28
N ASP T 208 74.91 9.38 -16.45
CA ASP T 208 74.23 8.45 -15.55
C ASP T 208 74.10 9.09 -14.17
N ASN T 209 74.85 10.17 -13.98
CA ASN T 209 74.94 10.92 -12.73
C ASN T 209 73.94 12.04 -12.50
N LEU T 210 73.72 12.85 -13.53
CA LEU T 210 72.84 14.02 -13.45
C LEU T 210 71.34 13.79 -13.59
N SER T 211 70.59 14.67 -12.92
CA SER T 211 69.16 14.63 -12.93
C SER T 211 68.73 16.08 -12.77
N ILE T 212 67.95 16.57 -13.72
CA ILE T 212 67.44 17.96 -13.70
C ILE T 212 65.93 17.96 -13.87
N ALA T 213 65.28 18.93 -13.26
CA ALA T 213 63.85 19.08 -13.34
C ALA T 213 63.58 20.56 -13.49
N ILE T 214 62.62 20.87 -14.33
CA ILE T 214 62.28 22.26 -14.55
C ILE T 214 60.79 22.45 -14.66
N VAL T 215 60.33 23.57 -14.14
CA VAL T 215 58.93 23.94 -14.14
C VAL T 215 58.89 25.46 -14.29
N GLY T 216 57.86 25.99 -14.95
CA GLY T 216 57.73 27.42 -15.13
C GLY T 216 56.60 27.85 -16.04
N LYS T 217 56.52 29.15 -16.31
CA LYS T 217 55.48 29.74 -17.16
C LYS T 217 54.75 28.79 -18.09
N ASP T 218 55.36 28.39 -19.19
CA ASP T 218 54.68 27.49 -20.12
C ASP T 218 55.38 26.16 -20.14
N THR T 219 55.86 25.75 -18.98
CA THR T 219 56.58 24.48 -18.85
C THR T 219 56.04 23.65 -17.69
N PRO T 220 55.35 22.55 -17.99
CA PRO T 220 54.82 21.73 -16.92
C PRO T 220 56.00 20.95 -16.33
N PHE T 221 55.98 20.70 -15.02
CA PHE T 221 57.06 19.98 -14.36
C PHE T 221 57.50 18.80 -15.18
N THR T 222 58.72 18.89 -15.69
CA THR T 222 59.25 17.83 -16.52
C THR T 222 60.65 17.45 -16.04
N ILE T 223 60.89 16.14 -16.00
CA ILE T 223 62.15 15.58 -15.52
C ILE T 223 63.02 15.08 -16.64
N TYR T 224 64.25 15.59 -16.67
CA TYR T 224 65.24 15.20 -17.67
C TYR T 224 66.30 14.33 -17.02
N ASP T 225 66.36 13.07 -17.46
CA ASP T 225 67.29 12.06 -16.93
C ASP T 225 68.18 11.55 -18.07
N GLY T 226 69.39 11.13 -17.71
CA GLY T 226 70.35 10.58 -18.67
C GLY T 226 70.48 11.20 -20.05
N GLU T 227 70.04 10.45 -21.05
CA GLU T 227 70.07 10.86 -22.45
C GLU T 227 69.96 12.38 -22.71
N ALA T 228 68.90 13.00 -22.19
CA ALA T 228 68.63 14.42 -22.40
C ALA T 228 69.33 15.49 -21.54
N VAL T 229 70.34 15.12 -20.74
CA VAL T 229 71.07 16.13 -19.95
C VAL T 229 72.48 16.32 -20.54
N ALA T 230 72.78 15.53 -21.56
CA ALA T 230 74.07 15.56 -22.25
C ALA T 230 74.47 16.99 -22.60
N LYS T 231 73.53 17.78 -23.07
CA LYS T 231 73.80 19.16 -23.45
C LYS T 231 74.10 20.13 -22.29
N TYR T 232 74.31 19.62 -21.07
CA TYR T 232 74.58 20.50 -19.94
C TYR T 232 75.90 20.23 -19.17
N ILE T 233 76.68 19.24 -19.59
CA ILE T 233 77.93 18.90 -18.89
C ILE T 233 79.11 19.88 -19.11
N GLY U 1 67.53 9.20 44.25
CA GLY U 1 68.08 8.78 42.92
C GLY U 1 67.96 9.92 41.93
N THR U 2 68.01 9.61 40.62
CA THR U 2 67.87 10.63 39.55
C THR U 2 66.89 10.15 38.47
N GLY U 3 67.00 10.71 37.26
CA GLY U 3 66.13 10.33 36.16
C GLY U 3 64.79 11.01 36.05
N TYR U 4 64.49 11.91 36.99
CA TYR U 4 63.22 12.63 37.00
C TYR U 4 63.01 13.56 35.80
N ASP U 5 64.00 13.66 34.94
CA ASP U 5 63.91 14.56 33.80
C ASP U 5 63.89 13.88 32.43
N LEU U 6 63.69 12.57 32.40
CA LEU U 6 63.67 11.86 31.14
C LEU U 6 62.27 11.66 30.58
N SER U 7 61.25 11.77 31.43
CA SER U 7 59.86 11.60 30.99
C SER U 7 59.04 12.80 31.37
N ASN U 8 58.20 13.23 30.44
CA ASN U 8 57.39 14.38 30.63
C ASN U 8 56.63 14.53 31.95
N SER U 9 55.42 14.06 32.06
CA SER U 9 54.64 14.28 33.28
C SER U 9 55.21 14.05 34.69
N VAL U 10 56.45 13.58 34.80
CA VAL U 10 57.04 13.27 36.12
C VAL U 10 57.39 14.44 37.02
N PHE U 11 56.89 14.43 38.26
CA PHE U 11 57.21 15.47 39.22
C PHE U 11 58.56 15.11 39.85
N SER U 12 59.46 16.09 39.93
CA SER U 12 60.77 15.93 40.56
C SER U 12 60.54 16.12 42.06
N PRO U 13 61.53 15.79 42.92
CA PRO U 13 61.36 15.95 44.35
C PRO U 13 61.00 17.37 44.80
N ASP U 14 61.30 18.35 43.96
CA ASP U 14 60.93 19.71 44.31
C ASP U 14 59.68 20.23 43.59
N GLY U 15 58.90 19.31 43.00
CA GLY U 15 57.67 19.68 42.32
C GLY U 15 57.76 20.30 40.94
N ARG U 16 58.89 20.15 40.28
CA ARG U 16 59.04 20.73 38.95
C ARG U 16 58.87 19.66 37.91
N ASN U 17 58.52 20.07 36.69
CA ASN U 17 58.35 19.14 35.58
C ASN U 17 59.48 19.49 34.65
N PHE U 18 60.61 18.84 34.84
CA PHE U 18 61.79 19.13 34.05
C PHE U 18 61.66 19.17 32.53
N GLN U 19 60.83 18.32 31.93
CA GLN U 19 60.70 18.37 30.49
C GLN U 19 60.07 19.68 29.99
N VAL U 20 59.22 20.29 30.80
CA VAL U 20 58.60 21.55 30.42
C VAL U 20 59.67 22.63 30.47
N GLU U 21 60.51 22.57 31.50
CA GLU U 21 61.58 23.52 31.72
C GLU U 21 62.64 23.45 30.64
N TYR U 22 62.84 22.27 30.06
CA TYR U 22 63.81 22.15 28.98
C TYR U 22 63.17 22.70 27.71
N ALA U 23 61.84 22.72 27.65
CA ALA U 23 61.14 23.23 26.49
C ALA U 23 61.41 24.71 26.48
N VAL U 24 61.29 25.32 27.66
CA VAL U 24 61.54 26.75 27.81
C VAL U 24 62.91 27.11 27.27
N LYS U 25 63.90 26.25 27.46
CA LYS U 25 65.24 26.52 26.95
C LYS U 25 65.24 26.62 25.41
N ALA U 26 64.40 25.81 24.75
CA ALA U 26 64.31 25.86 23.29
C ALA U 26 63.72 27.19 22.87
N VAL U 27 62.87 27.74 23.74
CA VAL U 27 62.23 29.02 23.49
C VAL U 27 63.29 30.14 23.60
N GLU U 28 64.11 30.10 24.65
CA GLU U 28 65.17 31.09 24.89
C GLU U 28 66.27 31.10 23.84
N ASN U 29 66.31 30.09 22.98
CA ASN U 29 67.31 30.03 21.93
C ASN U 29 66.71 30.54 20.62
N GLY U 30 65.50 31.10 20.72
CA GLY U 30 64.86 31.59 19.52
C GLY U 30 64.69 33.08 19.41
N THR U 31 64.37 33.50 18.19
CA THR U 31 64.14 34.89 17.81
C THR U 31 63.23 35.60 18.81
N THR U 32 63.39 36.90 18.93
CA THR U 32 62.52 37.61 19.86
C THR U 32 61.29 38.13 19.15
N SER U 33 60.18 38.11 19.86
CA SER U 33 58.94 38.54 19.30
C SER U 33 58.29 39.23 20.46
N ILE U 34 57.44 40.21 20.18
CA ILE U 34 56.81 40.95 21.26
C ILE U 34 55.39 41.26 20.95
N GLY U 35 54.76 41.89 21.92
CA GLY U 35 53.39 42.30 21.74
C GLY U 35 53.20 43.52 22.61
N ILE U 36 52.51 44.51 22.06
CA ILE U 36 52.25 45.73 22.80
C ILE U 36 50.77 46.00 22.69
N LYS U 37 50.11 46.12 23.83
CA LYS U 37 48.69 46.40 23.84
C LYS U 37 48.57 47.90 23.76
N CYS U 38 47.57 48.41 23.04
CA CYS U 38 47.39 49.85 22.93
C CYS U 38 46.00 50.31 23.38
N ASN U 39 45.68 51.60 23.22
CA ASN U 39 44.39 52.14 23.69
C ASN U 39 43.14 51.54 23.08
N ASP U 40 43.30 50.80 21.99
CA ASP U 40 42.18 50.15 21.34
C ASP U 40 42.61 48.99 20.42
N GLY U 41 43.77 48.40 20.68
CA GLY U 41 44.26 47.32 19.85
C GLY U 41 45.51 46.66 20.40
N VAL U 42 46.20 45.90 19.56
CA VAL U 42 47.43 45.21 19.95
C VAL U 42 48.32 45.21 18.73
N VAL U 43 49.63 45.18 18.96
CA VAL U 43 50.60 45.14 17.89
C VAL U 43 51.57 44.01 18.17
N PHE U 44 51.92 43.29 17.12
CA PHE U 44 52.81 42.16 17.22
C PHE U 44 53.95 42.44 16.33
N ALA U 45 55.13 42.04 16.77
CA ALA U 45 56.32 42.25 15.99
C ALA U 45 57.22 41.11 16.30
N VAL U 46 58.01 40.71 15.32
CA VAL U 46 58.93 39.62 15.47
C VAL U 46 60.17 39.88 14.62
N GLU U 47 61.30 39.39 15.11
CA GLU U 47 62.58 39.50 14.43
C GLU U 47 62.74 38.25 13.58
N LYS U 48 63.01 38.37 12.30
CA LYS U 48 63.15 37.18 11.48
C LYS U 48 64.60 37.13 11.07
N LEU U 49 65.33 36.09 11.44
CA LEU U 49 66.75 36.02 11.04
C LEU U 49 67.01 35.64 9.59
N ILE U 50 67.93 36.39 8.98
CA ILE U 50 68.33 36.19 7.59
C ILE U 50 69.52 35.24 7.50
N THR U 51 69.25 33.95 7.56
CA THR U 51 70.26 32.89 7.49
C THR U 51 71.23 33.03 6.29
N SER U 52 70.82 33.74 5.25
CA SER U 52 71.62 33.92 4.04
C SER U 52 70.85 34.82 3.06
N LYS U 53 71.55 35.30 2.03
CA LYS U 53 70.93 36.19 1.03
C LYS U 53 69.94 35.48 0.11
N LEU U 54 69.97 34.15 0.13
CA LEU U 54 69.09 33.33 -0.71
C LEU U 54 67.62 33.36 -0.30
N LEU U 55 67.34 33.82 0.91
CA LEU U 55 65.98 33.90 1.39
C LEU U 55 65.25 34.99 0.64
N VAL U 56 64.13 34.65 0.02
CA VAL U 56 63.34 35.63 -0.71
C VAL U 56 62.81 36.57 0.35
N PRO U 57 63.14 37.85 0.23
CA PRO U 57 62.70 38.88 1.20
C PRO U 57 61.20 39.11 1.35
N GLN U 58 60.75 39.07 2.60
CA GLN U 58 59.34 39.29 2.96
C GLN U 58 58.39 38.10 2.68
N LYS U 59 58.93 36.93 2.34
CA LYS U 59 58.08 35.77 2.03
C LYS U 59 57.84 34.72 3.12
N ASN U 60 58.79 34.53 4.03
CA ASN U 60 58.61 33.54 5.08
C ASN U 60 57.87 34.14 6.25
N VAL U 61 56.62 34.53 6.03
CA VAL U 61 55.85 35.17 7.07
C VAL U 61 55.77 34.30 8.30
N LYS U 62 55.94 34.89 9.47
CA LYS U 62 55.91 34.16 10.71
C LYS U 62 54.71 34.44 11.57
N ILE U 63 54.22 35.66 11.55
CA ILE U 63 53.04 36.01 12.35
C ILE U 63 51.85 35.32 11.69
N GLN U 64 50.90 34.84 12.48
CA GLN U 64 49.73 34.15 11.93
C GLN U 64 48.43 34.68 12.47
N VAL U 65 47.39 34.64 11.66
CA VAL U 65 46.07 35.10 12.10
C VAL U 65 45.22 33.89 12.51
N VAL U 66 44.27 34.14 13.39
CA VAL U 66 43.36 33.11 13.83
C VAL U 66 42.03 33.81 13.65
N ASP U 67 41.10 33.12 12.96
CA ASP U 67 39.77 33.65 12.64
C ASP U 67 40.11 34.90 11.83
N ARG U 68 39.54 36.04 12.17
CA ARG U 68 39.86 37.24 11.44
C ARG U 68 40.34 38.35 12.38
N HIS U 69 40.25 38.11 13.68
CA HIS U 69 40.60 39.12 14.67
C HIS U 69 41.73 38.82 15.67
N ILE U 70 42.43 37.71 15.50
CA ILE U 70 43.49 37.32 16.41
C ILE U 70 44.81 37.16 15.69
N GLY U 71 45.86 37.67 16.32
CA GLY U 71 47.19 37.56 15.77
C GLY U 71 47.98 36.72 16.74
N CYS U 72 48.88 35.90 16.20
CA CYS U 72 49.70 35.02 17.00
C CYS U 72 51.11 35.03 16.50
N VAL U 73 52.06 35.17 17.42
CA VAL U 73 53.47 35.14 17.06
C VAL U 73 54.14 34.39 18.19
N TYR U 74 55.19 33.68 17.88
CA TYR U 74 55.86 32.89 18.89
C TYR U 74 57.34 32.79 18.62
N SER U 75 58.05 32.37 19.65
CA SER U 75 59.49 32.19 19.57
C SER U 75 59.81 30.77 20.00
N GLY U 76 60.77 30.15 19.32
CA GLY U 76 61.17 28.80 19.67
C GLY U 76 61.21 27.93 18.45
N LEU U 77 60.60 26.74 18.57
CA LEU U 77 60.53 25.79 17.47
C LEU U 77 59.33 26.25 16.70
N ILE U 78 59.60 26.82 15.54
CA ILE U 78 58.56 27.34 14.69
C ILE U 78 57.45 26.34 14.42
N PRO U 79 57.81 25.11 14.01
CA PRO U 79 56.76 24.13 13.76
C PRO U 79 55.80 23.92 14.92
N ASP U 80 56.29 23.88 16.16
CA ASP U 80 55.41 23.69 17.32
C ASP U 80 54.42 24.83 17.41
N GLY U 81 54.87 26.01 17.01
CA GLY U 81 54.02 27.17 17.05
C GLY U 81 52.92 27.00 16.05
N ARG U 82 53.28 26.55 14.84
CA ARG U 82 52.30 26.32 13.78
C ARG U 82 51.25 25.31 14.25
N HIS U 83 51.72 24.24 14.89
CA HIS U 83 50.86 23.20 15.41
C HIS U 83 49.89 23.86 16.36
N LEU U 84 50.41 24.68 17.26
CA LEU U 84 49.57 25.36 18.23
C LEU U 84 48.52 26.25 17.52
N VAL U 85 48.91 26.96 16.47
CA VAL U 85 47.96 27.81 15.74
C VAL U 85 46.90 26.98 15.03
N ASN U 86 47.28 25.84 14.45
CA ASN U 86 46.32 24.98 13.77
C ASN U 86 45.21 24.59 14.75
N ARG U 87 45.58 24.27 15.97
CA ARG U 87 44.58 23.92 16.97
C ARG U 87 43.74 25.15 17.31
N GLY U 88 44.39 26.29 17.48
CA GLY U 88 43.68 27.50 17.82
C GLY U 88 42.60 27.78 16.80
N ARG U 89 42.92 27.54 15.54
CA ARG U 89 42.01 27.75 14.45
C ARG U 89 40.80 26.81 14.56
N GLU U 90 41.05 25.54 14.87
CA GLU U 90 39.97 24.57 15.00
C GLU U 90 39.13 24.95 16.19
N GLU U 91 39.79 25.47 17.22
CA GLU U 91 39.12 25.87 18.44
C GLU U 91 38.27 27.13 18.22
N ALA U 92 38.79 28.08 17.46
CA ALA U 92 38.05 29.31 17.18
C ALA U 92 36.83 29.03 16.28
N ALA U 93 37.01 28.17 15.28
CA ALA U 93 35.93 27.80 14.38
C ALA U 93 34.82 27.11 15.15
N SER U 94 35.18 26.16 16.00
CA SER U 94 34.23 25.42 16.80
C SER U 94 33.35 26.38 17.59
N PHE U 95 33.99 27.39 18.17
CA PHE U 95 33.28 28.38 18.98
C PHE U 95 32.30 29.19 18.15
N LYS U 96 32.75 29.65 16.99
CA LYS U 96 31.90 30.44 16.11
C LYS U 96 30.70 29.61 15.60
N LYS U 97 30.94 28.38 15.19
CA LYS U 97 29.88 27.50 14.69
C LYS U 97 28.74 27.33 15.68
N LEU U 98 29.07 27.13 16.94
CA LEU U 98 28.07 26.91 17.96
C LEU U 98 27.47 28.17 18.53
N TYR U 99 28.28 29.21 18.70
CA TYR U 99 27.82 30.47 19.29
C TYR U 99 27.64 31.71 18.39
N LYS U 100 27.96 31.59 17.10
CA LYS U 100 27.86 32.65 16.07
C LYS U 100 28.86 33.82 16.15
N THR U 101 29.15 34.27 17.35
CA THR U 101 30.08 35.38 17.55
C THR U 101 31.52 34.89 17.52
N PRO U 102 32.44 35.66 16.91
CA PRO U 102 33.83 35.22 16.87
C PRO U 102 34.42 35.07 18.29
N ILE U 103 35.38 34.17 18.44
CA ILE U 103 35.91 33.88 19.76
C ILE U 103 36.57 35.01 20.53
N PRO U 104 36.08 35.26 21.75
CA PRO U 104 36.59 36.29 22.64
C PRO U 104 38.03 35.94 22.90
N ILE U 105 38.84 36.96 23.13
CA ILE U 105 40.26 36.74 23.36
C ILE U 105 40.54 35.97 24.65
N PRO U 106 39.84 36.29 25.75
CA PRO U 106 40.13 35.53 26.96
C PRO U 106 39.78 34.06 26.79
N ALA U 107 38.70 33.77 26.06
CA ALA U 107 38.28 32.40 25.82
C ALA U 107 39.28 31.72 24.92
N PHE U 108 39.79 32.42 23.92
CA PHE U 108 40.77 31.82 23.02
C PHE U 108 42.03 31.45 23.78
N ALA U 109 42.45 32.35 24.66
CA ALA U 109 43.64 32.14 25.48
C ALA U 109 43.53 30.84 26.21
N ASP U 110 42.47 30.67 26.98
CA ASP U 110 42.26 29.44 27.71
C ASP U 110 42.22 28.21 26.81
N ARG U 111 41.64 28.33 25.62
CA ARG U 111 41.61 27.19 24.72
C ARG U 111 43.04 26.75 24.43
N LEU U 112 43.92 27.72 24.20
CA LEU U 112 45.32 27.44 23.93
C LEU U 112 45.98 26.94 25.22
N GLY U 113 45.66 27.57 26.34
CA GLY U 113 46.25 27.17 27.60
C GLY U 113 45.96 25.73 27.96
N GLN U 114 44.71 25.31 27.82
CA GLN U 114 44.31 23.96 28.14
C GLN U 114 44.96 22.92 27.23
N TYR U 115 45.16 23.24 25.97
CA TYR U 115 45.77 22.29 25.05
C TYR U 115 47.25 22.14 25.38
N VAL U 116 47.91 23.26 25.67
CA VAL U 116 49.33 23.25 26.00
C VAL U 116 49.54 22.52 27.31
N GLN U 117 48.71 22.80 28.31
CA GLN U 117 48.81 22.14 29.59
C GLN U 117 48.57 20.67 29.45
N ALA U 118 47.74 20.30 28.48
CA ALA U 118 47.44 18.89 28.25
C ALA U 118 48.70 18.18 27.88
N HIS U 119 49.60 18.87 27.19
CA HIS U 119 50.84 18.23 26.81
C HIS U 119 51.86 18.14 27.93
N THR U 120 51.46 18.40 29.17
CA THR U 120 52.38 18.25 30.29
C THR U 120 51.83 17.21 31.23
N LEU U 121 50.77 16.52 30.79
CA LEU U 121 50.13 15.51 31.63
C LEU U 121 50.53 14.07 31.41
N TYR U 122 51.19 13.78 30.28
CA TYR U 122 51.55 12.41 29.92
C TYR U 122 52.98 12.29 29.44
N ASN U 123 53.59 11.13 29.59
CA ASN U 123 54.95 10.95 29.10
C ASN U 123 54.98 10.58 27.64
N SER U 124 53.82 10.45 27.02
CA SER U 124 53.77 10.09 25.61
C SER U 124 53.85 11.27 24.65
N VAL U 125 53.76 12.48 25.18
CA VAL U 125 53.85 13.69 24.37
C VAL U 125 54.94 14.59 24.92
N ARG U 126 55.50 15.40 24.04
CA ARG U 126 56.53 16.36 24.40
C ARG U 126 55.83 17.71 24.59
N PRO U 127 56.32 18.54 25.53
CA PRO U 127 55.66 19.83 25.72
C PRO U 127 55.95 20.73 24.53
N PHE U 128 55.24 21.86 24.45
CA PHE U 128 55.46 22.78 23.35
C PHE U 128 56.76 23.57 23.50
N GLY U 129 57.55 23.58 22.45
CA GLY U 129 58.78 24.32 22.48
C GLY U 129 58.63 25.74 21.97
N VAL U 130 57.58 26.45 22.40
CA VAL U 130 57.33 27.83 21.98
C VAL U 130 56.59 28.65 23.02
N SER U 131 56.81 29.96 23.01
CA SER U 131 56.08 30.89 23.87
C SER U 131 55.35 31.67 22.81
N THR U 132 54.05 31.87 23.01
CA THR U 132 53.20 32.53 22.05
C THR U 132 52.61 33.80 22.62
N ILE U 133 52.72 34.87 21.86
CA ILE U 133 52.18 36.17 22.24
C ILE U 133 51.06 36.31 21.23
N PHE U 134 49.86 36.62 21.72
CA PHE U 134 48.73 36.72 20.82
C PHE U 134 47.68 37.59 21.45
N GLY U 135 46.67 37.92 20.66
CA GLY U 135 45.61 38.74 21.19
C GLY U 135 44.88 39.40 20.05
N GLY U 136 43.99 40.29 20.40
CA GLY U 136 43.25 40.95 19.37
C GLY U 136 42.16 41.76 20.00
N VAL U 137 41.13 42.05 19.20
CA VAL U 137 40.00 42.86 19.63
C VAL U 137 38.67 42.09 19.66
N ASP U 138 37.91 42.29 20.73
CA ASP U 138 36.62 41.67 20.87
C ASP U 138 35.56 42.61 21.43
N LYS U 139 34.40 42.08 21.75
CA LYS U 139 33.27 42.84 22.26
C LYS U 139 33.65 43.89 23.32
N ASN U 140 34.62 43.58 24.16
CA ASN U 140 34.99 44.57 25.16
C ASN U 140 36.46 44.89 25.40
N GLY U 141 37.13 45.34 24.35
CA GLY U 141 38.51 45.76 24.49
C GLY U 141 39.52 44.98 23.70
N ALA U 142 40.79 45.36 23.87
CA ALA U 142 41.91 44.70 23.21
C ALA U 142 42.50 43.80 24.28
N HIS U 143 43.17 42.74 23.86
CA HIS U 143 43.75 41.83 24.81
C HIS U 143 45.05 41.30 24.29
N LEU U 144 46.04 41.22 25.15
CA LEU U 144 47.35 40.71 24.77
C LEU U 144 47.67 39.63 25.77
N TYR U 145 48.12 38.48 25.27
CA TYR U 145 48.43 37.33 26.10
C TYR U 145 49.74 36.74 25.64
N MET U 146 50.39 36.04 26.56
CA MET U 146 51.65 35.33 26.29
C MET U 146 51.47 34.00 27.03
N LEU U 147 51.75 32.91 26.33
CA LEU U 147 51.58 31.57 26.89
C LEU U 147 52.91 30.84 26.86
N GLU U 148 53.27 30.22 27.99
CA GLU U 148 54.53 29.49 28.13
C GLU U 148 54.37 27.98 27.92
N PRO U 149 55.47 27.23 27.75
CA PRO U 149 55.36 25.78 27.54
C PRO U 149 54.61 25.03 28.63
N SER U 150 54.56 25.58 29.84
CA SER U 150 53.84 24.94 30.94
C SER U 150 52.33 25.07 30.81
N GLY U 151 51.89 25.88 29.85
CA GLY U 151 50.49 26.14 29.64
C GLY U 151 50.10 27.38 30.42
N SER U 152 51.06 27.98 31.11
CA SER U 152 50.81 29.19 31.89
C SER U 152 50.63 30.35 30.94
N TYR U 153 49.67 31.23 31.26
CA TYR U 153 49.39 32.40 30.44
C TYR U 153 48.73 33.43 31.34
N TRP U 154 48.86 34.71 30.96
CA TRP U 154 48.27 35.83 31.68
C TRP U 154 48.09 36.94 30.63
N GLY U 155 47.36 37.99 30.98
CA GLY U 155 47.17 39.11 30.07
C GLY U 155 48.31 40.13 30.28
N TYR U 156 48.74 40.79 29.22
CA TYR U 156 49.84 41.74 29.30
C TYR U 156 49.54 43.14 28.78
N LYS U 157 50.42 44.08 29.16
CA LYS U 157 50.39 45.47 28.70
C LYS U 157 51.38 45.44 27.55
N GLY U 158 52.43 44.67 27.73
CA GLY U 158 53.42 44.50 26.70
C GLY U 158 53.97 43.14 26.97
N ALA U 159 54.56 42.49 25.98
CA ALA U 159 55.09 41.17 26.23
C ALA U 159 56.20 40.92 25.25
N ALA U 160 57.16 40.11 25.65
CA ALA U 160 58.29 39.81 24.79
C ALA U 160 58.81 38.45 25.17
N THR U 161 59.40 37.77 24.20
CA THR U 161 59.93 36.44 24.45
C THR U 161 61.01 36.22 23.40
N GLY U 162 61.91 35.27 23.63
CA GLY U 162 62.99 35.02 22.70
C GLY U 162 64.32 35.49 23.30
N LYS U 163 65.41 35.39 22.54
CA LYS U 163 66.74 35.80 23.02
C LYS U 163 66.83 37.19 23.59
N GLY U 164 66.27 38.16 22.89
CA GLY U 164 66.33 39.53 23.36
C GLY U 164 65.22 39.91 24.28
N ARG U 165 64.59 38.90 24.88
CA ARG U 165 63.47 39.14 25.76
C ARG U 165 63.68 40.20 26.83
N GLN U 166 64.87 40.21 27.43
CA GLN U 166 65.22 41.16 28.52
C GLN U 166 65.27 42.62 28.05
N SER U 167 65.96 42.88 26.95
CA SER U 167 66.03 44.24 26.41
C SER U 167 64.63 44.71 26.08
N ALA U 168 63.88 43.84 25.40
CA ALA U 168 62.52 44.11 24.99
C ALA U 168 61.66 44.41 26.19
N LYS U 169 61.70 43.54 27.20
CA LYS U 169 60.93 43.76 28.40
C LYS U 169 61.40 45.05 29.04
N ALA U 170 62.69 45.36 28.91
CA ALA U 170 63.25 46.58 29.47
C ALA U 170 62.58 47.77 28.79
N GLU U 171 62.68 47.82 27.47
CA GLU U 171 62.06 48.90 26.71
C GLU U 171 60.55 48.97 26.93
N LEU U 172 59.90 47.81 27.06
CA LEU U 172 58.46 47.76 27.28
C LEU U 172 58.10 48.42 28.62
N GLU U 173 58.87 48.13 29.68
CA GLU U 173 58.61 48.72 31.00
C GLU U 173 58.69 50.25 30.90
N LYS U 174 59.60 50.75 30.05
CA LYS U 174 59.76 52.18 29.84
C LYS U 174 58.43 52.75 29.31
N LEU U 175 57.97 52.21 28.19
CA LEU U 175 56.73 52.64 27.54
C LEU U 175 55.55 52.67 28.50
N VAL U 176 55.33 51.57 29.22
CA VAL U 176 54.22 51.48 30.17
C VAL U 176 54.28 52.51 31.29
N ASP U 177 55.50 52.92 31.67
CA ASP U 177 55.69 53.92 32.73
C ASP U 177 55.41 55.34 32.21
N HIS U 178 55.95 55.63 31.02
CA HIS U 178 55.80 56.93 30.38
C HIS U 178 54.39 57.22 29.80
N HIS U 179 53.75 56.21 29.20
CA HIS U 179 52.42 56.39 28.62
C HIS U 179 51.32 55.57 29.33
N PRO U 180 50.85 56.00 30.51
CA PRO U 180 49.81 55.25 31.23
C PRO U 180 48.41 55.42 30.58
N GLU U 181 48.29 56.51 29.81
CA GLU U 181 47.10 56.90 29.08
C GLU U 181 46.68 55.85 28.03
N GLY U 182 47.69 55.22 27.44
CA GLY U 182 47.51 54.23 26.41
C GLY U 182 48.50 54.67 25.37
N LEU U 183 48.57 53.98 24.25
CA LEU U 183 49.49 54.36 23.20
C LEU U 183 48.67 54.16 21.93
N SER U 184 48.74 55.10 20.99
CA SER U 184 47.97 54.96 19.76
C SER U 184 48.57 53.77 19.02
N ALA U 185 47.74 53.06 18.25
CA ALA U 185 48.22 51.90 17.49
C ALA U 185 49.38 52.33 16.62
N ARG U 186 49.28 53.56 16.13
CA ARG U 186 50.30 54.17 15.29
C ARG U 186 51.62 54.22 16.05
N GLU U 187 51.61 54.81 17.25
CA GLU U 187 52.83 54.90 18.05
C GLU U 187 53.33 53.54 18.45
N ALA U 188 52.42 52.64 18.82
CA ALA U 188 52.78 51.29 19.19
C ALA U 188 53.49 50.58 18.04
N VAL U 189 53.03 50.79 16.81
CA VAL U 189 53.66 50.16 15.66
C VAL U 189 55.11 50.61 15.58
N LYS U 190 55.31 51.90 15.78
CA LYS U 190 56.64 52.51 15.75
C LYS U 190 57.48 51.93 16.89
N GLN U 191 56.94 52.06 18.10
CA GLN U 191 57.64 51.59 19.28
C GLN U 191 57.99 50.11 19.20
N ALA U 192 57.11 49.32 18.61
CA ALA U 192 57.36 47.89 18.45
C ALA U 192 58.54 47.66 17.52
N ALA U 193 58.60 48.41 16.44
CA ALA U 193 59.69 48.27 15.48
C ALA U 193 61.00 48.67 16.16
N LYS U 194 60.91 49.62 17.08
CA LYS U 194 62.06 50.10 17.85
C LYS U 194 62.55 49.00 18.79
N ILE U 195 61.65 48.53 19.64
CA ILE U 195 61.95 47.50 20.60
C ILE U 195 62.59 46.29 19.97
N ILE U 196 62.12 45.90 18.78
CA ILE U 196 62.70 44.75 18.10
C ILE U 196 64.10 45.10 17.65
N TYR U 197 64.25 46.29 17.11
CA TYR U 197 65.57 46.74 16.66
C TYR U 197 66.57 46.74 17.79
N LEU U 198 66.21 47.35 18.92
CA LEU U 198 67.08 47.38 20.09
C LEU U 198 67.33 45.96 20.56
N ALA U 199 66.27 45.18 20.66
CA ALA U 199 66.37 43.79 21.11
C ALA U 199 67.25 43.02 20.17
N HIS U 200 67.25 43.38 18.90
CA HIS U 200 68.07 42.68 17.93
C HIS U 200 69.55 42.68 18.31
N GLU U 201 69.95 43.59 19.19
CA GLU U 201 71.34 43.66 19.62
C GLU U 201 71.76 42.39 20.38
N ASP U 202 70.79 41.72 21.00
CA ASP U 202 71.04 40.48 21.74
C ASP U 202 71.34 39.30 20.80
N ASN U 203 71.54 39.60 19.52
CA ASN U 203 71.82 38.59 18.49
C ASN U 203 72.42 39.34 17.30
N LYS U 204 73.22 40.37 17.60
CA LYS U 204 73.84 41.23 16.60
C LYS U 204 74.74 40.64 15.49
N GLU U 205 74.89 39.32 15.41
CA GLU U 205 75.75 38.74 14.37
C GLU U 205 75.11 38.44 13.00
N LYS U 206 73.78 38.46 12.93
CA LYS U 206 73.08 38.18 11.66
C LYS U 206 72.18 39.37 11.27
N ASP U 207 72.00 39.60 9.97
CA ASP U 207 71.15 40.71 9.49
C ASP U 207 69.70 40.24 9.69
N PHE U 208 68.75 41.16 9.83
CA PHE U 208 67.36 40.75 10.04
C PHE U 208 66.28 41.43 9.21
N GLU U 209 65.07 40.91 9.36
CA GLU U 209 63.89 41.42 8.67
C GLU U 209 62.79 41.63 9.70
N LEU U 210 62.23 42.83 9.73
CA LEU U 210 61.18 43.16 10.68
C LEU U 210 59.81 42.77 10.16
N GLU U 211 58.98 42.27 11.07
CA GLU U 211 57.65 41.88 10.73
C GLU U 211 56.76 42.41 11.80
N ILE U 212 55.74 43.15 11.40
CA ILE U 212 54.81 43.71 12.37
C ILE U 212 53.41 43.42 11.89
N SER U 213 52.47 43.44 12.82
CA SER U 213 51.10 43.26 12.48
C SER U 213 50.34 43.90 13.62
N TRP U 214 49.07 44.20 13.40
CA TRP U 214 48.27 44.83 14.43
C TRP U 214 46.80 44.55 14.29
N CYS U 215 46.06 44.85 15.33
CA CYS U 215 44.64 44.65 15.33
C CYS U 215 44.18 45.84 16.16
N SER U 216 43.44 46.74 15.51
CA SER U 216 42.96 47.95 16.15
C SER U 216 41.58 48.32 15.66
N LEU U 217 40.74 48.74 16.60
CA LEU U 217 39.36 49.13 16.34
C LEU U 217 39.23 50.34 15.39
N SER U 218 40.27 51.19 15.35
CA SER U 218 40.25 52.37 14.50
C SER U 218 41.07 52.28 13.22
N GLU U 219 42.21 51.60 13.28
CA GLU U 219 43.08 51.48 12.11
C GLU U 219 42.86 50.26 11.20
N THR U 220 42.36 49.16 11.75
CA THR U 220 42.15 47.94 10.95
C THR U 220 40.72 47.41 11.01
N ASN U 221 39.91 48.00 11.90
CA ASN U 221 38.50 47.63 12.11
C ASN U 221 38.21 46.45 13.06
N GLY U 222 39.21 46.09 13.85
CA GLY U 222 39.04 44.99 14.80
C GLY U 222 39.45 43.72 14.13
N LEU U 223 40.03 43.85 12.94
CA LEU U 223 40.50 42.73 12.17
C LEU U 223 42.01 42.77 12.18
N HIS U 224 42.63 41.61 12.00
CA HIS U 224 44.07 41.52 11.99
C HIS U 224 44.62 41.71 10.61
N LYS U 225 45.54 42.67 10.49
CA LYS U 225 46.17 42.92 9.21
C LYS U 225 47.67 43.07 9.45
N PHE U 226 48.46 42.70 8.47
CA PHE U 226 49.89 42.85 8.58
C PHE U 226 50.28 44.28 8.24
N VAL U 227 51.36 44.75 8.83
CA VAL U 227 51.79 46.09 8.53
C VAL U 227 52.61 45.99 7.26
N LYS U 228 52.06 46.56 6.19
CA LYS U 228 52.69 46.53 4.89
C LYS U 228 52.82 47.97 4.36
N GLY U 229 53.68 48.11 3.35
CA GLY U 229 53.89 49.40 2.69
C GLY U 229 54.45 50.61 3.41
N ASP U 230 53.81 51.76 3.17
CA ASP U 230 54.22 53.03 3.77
C ASP U 230 54.37 52.90 5.27
N LEU U 231 53.32 52.43 5.90
CA LEU U 231 53.27 52.26 7.34
C LEU U 231 54.43 51.46 7.92
N LEU U 232 54.91 50.45 7.21
CA LEU U 232 56.02 49.63 7.68
C LEU U 232 57.34 50.41 7.63
N GLN U 233 57.67 50.98 6.47
CA GLN U 233 58.92 51.75 6.33
C GLN U 233 59.01 52.88 7.33
N GLU U 234 57.91 53.58 7.57
CA GLU U 234 57.90 54.65 8.56
C GLU U 234 58.39 54.08 9.89
N ALA U 235 57.86 52.92 10.27
CA ALA U 235 58.28 52.27 11.51
C ALA U 235 59.73 51.79 11.45
N ILE U 236 60.18 51.32 10.29
CA ILE U 236 61.57 50.87 10.12
C ILE U 236 62.53 52.06 10.30
N ASP U 237 62.17 53.19 9.70
CA ASP U 237 62.98 54.38 9.80
C ASP U 237 63.02 54.89 11.24
N PHE U 238 61.86 55.09 11.87
CA PHE U 238 61.79 55.57 13.26
C PHE U 238 62.69 54.73 14.16
N ALA U 239 62.90 53.48 13.76
CA ALA U 239 63.75 52.55 14.50
C ALA U 239 65.22 52.88 14.28
N GLN U 240 65.71 52.77 13.04
CA GLN U 240 67.12 53.07 12.75
C GLN U 240 67.50 54.49 13.18
N LYS U 241 66.50 55.30 13.53
CA LYS U 241 66.72 56.66 14.00
C LYS U 241 67.06 56.63 15.48
N GLU U 242 66.13 56.15 16.31
CA GLU U 242 66.34 56.09 17.75
C GLU U 242 67.37 55.09 18.26
N ILE U 243 68.14 54.48 17.36
CA ILE U 243 69.16 53.51 17.77
C ILE U 243 70.48 54.17 18.20
N ASN U 244 70.89 55.21 17.46
CA ASN U 244 72.14 55.91 17.75
C ASN U 244 71.87 57.28 18.38
N LEU V 1 5.33 15.02 13.87
CA LEU V 1 4.80 14.78 15.25
C LEU V 1 4.48 13.29 15.36
N LYS V 2 5.03 12.63 16.38
CA LYS V 2 4.82 11.21 16.58
C LYS V 2 3.37 10.89 16.94
N LYS V 3 2.92 9.72 16.55
CA LYS V 3 1.56 9.31 16.83
C LYS V 3 1.21 9.29 18.32
N GLY V 4 0.26 10.13 18.71
CA GLY V 4 -0.20 10.16 20.09
C GLY V 4 0.53 10.99 21.11
N GLU V 5 1.64 11.61 20.75
CA GLU V 5 2.40 12.40 21.73
C GLU V 5 1.74 13.72 22.02
N VAL V 6 2.04 14.31 23.17
CA VAL V 6 1.45 15.58 23.57
C VAL V 6 1.90 16.71 22.64
N SER V 7 0.94 17.49 22.15
CA SER V 7 1.20 18.62 21.26
C SER V 7 1.00 19.92 22.00
N LEU V 8 1.79 20.94 21.67
CA LEU V 8 1.65 22.25 22.29
C LEU V 8 0.60 23.13 21.58
N GLY V 9 0.29 22.82 20.32
CA GLY V 9 -0.68 23.60 19.56
C GLY V 9 -0.17 25.01 19.66
N ALA V 10 -0.75 25.77 20.59
CA ALA V 10 -0.32 27.11 20.95
C ALA V 10 -0.53 28.33 20.11
N SER V 11 -0.45 29.46 20.80
CA SER V 11 -0.52 30.80 20.25
C SER V 11 0.58 31.41 21.08
N ILE V 12 1.72 31.65 20.46
CA ILE V 12 2.84 32.22 21.17
C ILE V 12 3.40 33.32 20.32
N MET V 13 3.99 34.31 20.97
CA MET V 13 4.58 35.42 20.26
C MET V 13 5.57 36.12 21.18
N ALA V 14 6.49 36.86 20.59
CA ALA V 14 7.47 37.61 21.35
C ALA V 14 7.52 38.95 20.64
N VAL V 15 7.41 40.03 21.39
CA VAL V 15 7.39 41.36 20.79
C VAL V 15 8.42 42.30 21.45
N THR V 16 9.28 42.92 20.66
CA THR V 16 10.24 43.83 21.25
C THR V 16 9.59 45.20 21.36
N PHE V 17 10.01 45.98 22.33
CA PHE V 17 9.48 47.32 22.50
C PHE V 17 10.56 48.24 22.99
N LYS V 18 10.18 49.43 23.44
CA LYS V 18 11.15 50.43 23.91
C LYS V 18 12.04 49.99 25.05
N ASP V 19 11.42 49.49 26.11
CA ASP V 19 12.16 49.04 27.29
C ASP V 19 12.82 47.65 27.15
N GLY V 20 12.36 46.85 26.18
CA GLY V 20 12.91 45.51 25.98
C GLY V 20 12.12 44.58 25.07
N VAL V 21 11.66 43.43 25.60
CA VAL V 21 10.88 42.46 24.82
C VAL V 21 9.91 41.71 25.73
N ILE V 22 8.76 41.35 25.19
CA ILE V 22 7.80 40.58 25.98
C ILE V 22 7.39 39.32 25.23
N LEU V 23 7.32 38.23 25.99
CA LEU V 23 6.94 36.94 25.49
C LEU V 23 5.55 36.64 25.97
N GLY V 24 4.74 36.03 25.12
CA GLY V 24 3.39 35.71 25.55
C GLY V 24 2.98 34.36 25.00
N ALA V 25 2.06 33.70 25.68
CA ALA V 25 1.60 32.39 25.24
C ALA V 25 0.34 31.96 25.91
N ASP V 26 -0.38 31.05 25.27
CA ASP V 26 -1.59 30.50 25.86
C ASP V 26 -1.07 29.38 26.75
N SER V 27 -1.95 28.55 27.31
CA SER V 27 -1.51 27.48 28.19
C SER V 27 -2.15 26.11 27.98
N ARG V 28 -2.47 25.76 26.76
CA ARG V 28 -3.12 24.48 26.48
C ARG V 28 -2.27 23.45 25.76
N THR V 29 -2.29 22.20 26.25
CA THR V 29 -1.58 21.12 25.57
C THR V 29 -2.68 20.13 25.24
N THR V 30 -2.53 19.39 24.16
CA THR V 30 -3.56 18.46 23.77
C THR V 30 -3.04 17.16 23.20
N THR V 31 -3.87 16.14 23.32
CA THR V 31 -3.64 14.81 22.77
C THR V 31 -4.97 14.56 22.06
N GLY V 32 -5.01 14.89 20.77
CA GLY V 32 -6.24 14.75 20.02
C GLY V 32 -7.11 15.91 20.44
N ALA V 33 -8.32 15.65 20.90
CA ALA V 33 -9.17 16.74 21.33
C ALA V 33 -9.19 16.86 22.84
N TYR V 34 -8.43 16.03 23.53
CA TYR V 34 -8.37 16.10 24.97
C TYR V 34 -7.30 17.13 25.35
N ILE V 35 -7.63 18.01 26.28
CA ILE V 35 -6.71 19.01 26.78
C ILE V 35 -5.98 18.35 27.95
N ALA V 36 -4.79 17.84 27.67
CA ALA V 36 -3.96 17.13 28.66
C ALA V 36 -3.58 18.00 29.85
N ASN V 37 -3.38 19.27 29.61
CA ASN V 37 -3.01 20.23 30.64
C ASN V 37 -3.61 21.54 30.14
N ARG V 38 -4.39 22.20 30.97
CA ARG V 38 -5.01 23.45 30.57
C ARG V 38 -4.29 24.66 31.12
N VAL V 39 -3.23 24.42 31.90
CA VAL V 39 -2.45 25.50 32.51
C VAL V 39 -0.93 25.31 32.42
N THR V 40 -0.43 24.94 31.24
CA THR V 40 1.00 24.74 31.02
C THR V 40 1.73 26.06 30.93
N ASP V 41 3.05 26.00 30.98
CA ASP V 41 3.87 27.19 30.86
C ASP V 41 4.78 26.98 29.65
N LYS V 42 4.50 27.72 28.59
CA LYS V 42 5.24 27.62 27.34
C LYS V 42 6.38 28.60 27.23
N LEU V 43 6.52 29.44 28.26
CA LEU V 43 7.56 30.46 28.34
C LEU V 43 8.62 29.82 29.22
N THR V 44 9.73 29.45 28.59
CA THR V 44 10.80 28.74 29.25
C THR V 44 12.07 29.54 29.32
N ARG V 45 12.67 29.51 30.50
CA ARG V 45 13.88 30.24 30.79
C ARG V 45 15.11 29.45 30.45
N VAL V 46 15.93 29.94 29.55
CA VAL V 46 17.16 29.24 29.24
C VAL V 46 18.31 30.02 29.86
N HIS V 47 18.05 31.26 30.24
CA HIS V 47 19.04 32.08 30.93
C HIS V 47 18.30 33.19 31.63
N ASP V 48 18.93 33.85 32.60
CA ASP V 48 18.29 34.90 33.36
C ASP V 48 17.41 35.80 32.54
N LYS V 49 17.94 36.30 31.44
CA LYS V 49 17.15 37.18 30.60
C LYS V 49 17.04 36.72 29.17
N ILE V 50 17.05 35.40 28.98
CA ILE V 50 16.88 34.82 27.65
C ILE V 50 15.86 33.72 27.82
N TRP V 51 14.68 33.95 27.25
CA TRP V 51 13.60 32.99 27.34
C TRP V 51 13.18 32.53 25.95
N CYS V 52 12.27 31.56 25.91
CA CYS V 52 11.76 31.06 24.65
C CYS V 52 10.32 30.70 24.79
N CYS V 53 9.61 30.69 23.67
CA CYS V 53 8.22 30.29 23.61
C CYS V 53 8.35 28.98 22.86
N ARG V 54 7.72 27.94 23.39
CA ARG V 54 7.79 26.64 22.76
C ARG V 54 6.50 26.24 22.10
N SER V 55 6.61 25.57 20.97
CA SER V 55 5.45 25.05 20.24
C SER V 55 5.90 23.82 19.46
N GLY V 56 4.96 22.96 19.12
CA GLY V 56 5.26 21.74 18.38
C GLY V 56 5.11 20.63 19.38
N SER V 57 6.09 19.74 19.42
CA SER V 57 6.09 18.63 20.35
C SER V 57 6.48 19.09 21.74
N ALA V 58 5.72 18.68 22.75
CA ALA V 58 6.05 19.07 24.11
C ALA V 58 7.33 18.38 24.50
N ALA V 59 7.45 17.11 24.16
CA ALA V 59 8.64 16.35 24.49
C ALA V 59 9.88 16.96 23.90
N ASP V 60 9.87 17.21 22.61
CA ASP V 60 11.01 17.77 21.91
C ASP V 60 11.46 19.12 22.38
N THR V 61 10.52 20.03 22.51
CA THR V 61 10.83 21.36 22.96
C THR V 61 11.41 21.38 24.37
N GLN V 62 10.91 20.52 25.25
CA GLN V 62 11.44 20.45 26.60
C GLN V 62 12.85 19.91 26.55
N ALA V 63 13.07 18.87 25.77
CA ALA V 63 14.37 18.28 25.66
C ALA V 63 15.38 19.30 25.19
N ILE V 64 15.01 20.02 24.14
CA ILE V 64 15.86 21.04 23.56
C ILE V 64 16.15 22.19 24.52
N ALA V 65 15.11 22.70 25.18
CA ALA V 65 15.31 23.82 26.09
C ALA V 65 16.19 23.39 27.25
N ASP V 66 15.98 22.18 27.74
CA ASP V 66 16.77 21.63 28.84
C ASP V 66 18.24 21.61 28.45
N ILE V 67 18.53 21.20 27.23
CA ILE V 67 19.90 21.16 26.75
C ILE V 67 20.47 22.56 26.54
N VAL V 68 19.65 23.49 26.06
CA VAL V 68 20.10 24.87 25.84
C VAL V 68 20.43 25.50 27.17
N GLN V 69 19.53 25.34 28.14
CA GLN V 69 19.75 25.87 29.47
C GLN V 69 21.10 25.40 29.97
N TYR V 70 21.44 24.14 29.74
CA TYR V 70 22.73 23.59 30.14
C TYR V 70 23.87 24.24 29.37
N HIS V 71 23.76 24.34 28.06
CA HIS V 71 24.82 24.93 27.26
C HIS V 71 25.10 26.38 27.64
N LEU V 72 24.05 27.09 27.98
CA LEU V 72 24.19 28.49 28.36
C LEU V 72 24.72 28.63 29.79
N GLU V 73 24.41 27.66 30.65
CA GLU V 73 24.90 27.71 32.00
C GLU V 73 26.42 27.49 31.98
N LEU V 74 26.88 26.59 31.12
CA LEU V 74 28.29 26.28 30.99
C LEU V 74 29.00 27.41 30.27
N TYR V 75 28.33 27.98 29.27
CA TYR V 75 28.90 29.10 28.54
C TYR V 75 29.12 30.21 29.57
N THR V 76 28.09 30.54 30.32
CA THR V 76 28.16 31.58 31.34
C THR V 76 29.34 31.36 32.27
N SER V 77 29.47 30.16 32.84
CA SER V 77 30.57 29.85 33.74
C SER V 77 31.92 30.12 33.16
N GLN V 78 32.04 29.98 31.86
CA GLN V 78 33.32 30.20 31.22
C GLN V 78 33.56 31.56 30.57
N TYR V 79 32.56 32.08 29.86
CA TYR V 79 32.70 33.31 29.11
C TYR V 79 31.80 34.46 29.47
N GLY V 80 31.03 34.30 30.52
CA GLY V 80 30.14 35.38 30.90
C GLY V 80 28.79 35.29 30.24
N THR V 81 27.93 36.27 30.48
CA THR V 81 26.59 36.28 29.93
C THR V 81 26.54 36.16 28.40
N PRO V 82 25.73 35.22 27.88
CA PRO V 82 25.56 34.99 26.44
C PRO V 82 24.58 35.94 25.79
N SER V 83 24.83 36.28 24.54
CA SER V 83 23.94 37.18 23.85
C SER V 83 22.76 36.38 23.39
N THR V 84 21.64 37.05 23.12
CA THR V 84 20.44 36.39 22.65
C THR V 84 20.73 35.71 21.33
N GLU V 85 21.60 36.30 20.53
CA GLU V 85 21.98 35.73 19.26
C GLU V 85 22.70 34.40 19.48
N THR V 86 23.46 34.31 20.56
CA THR V 86 24.17 33.07 20.90
C THR V 86 23.17 32.03 21.37
N ALA V 87 22.23 32.41 22.22
CA ALA V 87 21.22 31.50 22.70
C ALA V 87 20.42 30.95 21.51
N ALA V 88 20.14 31.81 20.53
CA ALA V 88 19.41 31.39 19.34
C ALA V 88 20.20 30.38 18.52
N SER V 89 21.48 30.65 18.33
CA SER V 89 22.36 29.75 17.58
C SER V 89 22.40 28.35 18.19
N VAL V 90 22.41 28.28 19.51
CA VAL V 90 22.42 27.00 20.16
C VAL V 90 21.10 26.28 19.87
N PHE V 91 20.00 26.99 20.02
CA PHE V 91 18.70 26.41 19.72
C PHE V 91 18.67 25.94 18.28
N LYS V 92 19.16 26.78 17.37
CA LYS V 92 19.19 26.45 15.95
C LYS V 92 20.05 25.23 15.65
N GLU V 93 21.23 25.17 16.22
CA GLU V 93 22.11 24.06 16.00
C GLU V 93 21.36 22.77 16.29
N LEU V 94 20.65 22.73 17.41
CA LEU V 94 19.87 21.55 17.80
C LEU V 94 18.69 21.26 16.87
N CYS V 95 17.91 22.29 16.55
CA CYS V 95 16.75 22.16 15.69
C CYS V 95 17.08 21.77 14.26
N TYR V 96 18.19 22.28 13.74
CA TYR V 96 18.62 22.02 12.39
C TYR V 96 19.32 20.69 12.18
N GLU V 97 20.23 20.39 13.10
CA GLU V 97 21.00 19.17 13.01
C GLU V 97 20.14 17.95 13.26
N ASN V 98 19.00 18.13 13.91
CA ASN V 98 18.07 17.03 14.21
C ASN V 98 16.68 17.18 13.59
N LYS V 99 16.59 17.93 12.49
CA LYS V 99 15.32 18.20 11.82
C LYS V 99 14.43 17.00 11.48
N ASP V 100 15.03 15.84 11.26
CA ASP V 100 14.27 14.64 10.92
C ASP V 100 13.46 14.03 12.07
N ASN V 101 13.88 14.26 13.31
CA ASN V 101 13.22 13.66 14.47
C ASN V 101 12.54 14.62 15.38
N LEU V 102 12.61 15.92 15.10
CA LEU V 102 11.99 16.88 15.99
C LEU V 102 10.88 17.67 15.33
N THR V 103 10.05 18.26 16.18
CA THR V 103 8.97 19.12 15.77
C THR V 103 9.01 20.19 16.83
N ALA V 104 9.85 21.20 16.59
CA ALA V 104 10.03 22.30 17.52
C ALA V 104 10.03 23.64 16.82
N GLY V 105 9.05 24.45 17.16
CA GLY V 105 8.95 25.78 16.59
C GLY V 105 9.25 26.59 17.81
N ILE V 106 10.39 27.26 17.82
CA ILE V 106 10.75 27.98 19.00
C ILE V 106 11.00 29.44 18.76
N ILE V 107 10.51 30.27 19.66
CA ILE V 107 10.76 31.70 19.53
C ILE V 107 11.66 32.04 20.70
N VAL V 108 12.82 32.62 20.41
CA VAL V 108 13.79 32.99 21.42
C VAL V 108 13.74 34.50 21.64
N ALA V 109 13.55 34.93 22.87
CA ALA V 109 13.51 36.35 23.15
C ALA V 109 14.37 36.65 24.37
N GLY V 110 15.20 37.67 24.28
CA GLY V 110 16.04 38.02 25.40
C GLY V 110 16.37 39.50 25.51
N TYR V 111 16.86 39.90 26.68
CA TYR V 111 17.24 41.29 26.94
C TYR V 111 18.71 41.46 27.31
N ASP V 112 19.39 42.37 26.61
CA ASP V 112 20.81 42.68 26.83
C ASP V 112 20.88 44.19 27.01
N ASP V 113 21.95 44.70 27.61
CA ASP V 113 22.07 46.16 27.80
C ASP V 113 22.60 46.88 26.56
N LYS V 114 23.45 46.20 25.81
CA LYS V 114 24.03 46.73 24.58
C LYS V 114 23.03 46.65 23.41
N ASN V 115 22.26 45.57 23.34
CA ASN V 115 21.32 45.35 22.24
C ASN V 115 19.83 45.61 22.45
N LYS V 116 19.43 45.90 23.70
CA LYS V 116 18.03 46.14 24.04
C LYS V 116 17.31 44.80 23.83
N GLY V 117 16.04 44.79 23.47
CA GLY V 117 15.35 43.52 23.27
C GLY V 117 15.58 42.93 21.90
N GLU V 118 15.59 41.61 21.81
CA GLU V 118 15.76 40.91 20.53
C GLU V 118 14.86 39.69 20.42
N VAL V 119 14.39 39.41 19.21
CA VAL V 119 13.52 38.27 18.96
C VAL V 119 14.02 37.47 17.76
N TYR V 120 14.12 36.16 17.95
CA TYR V 120 14.55 35.23 16.90
C TYR V 120 13.54 34.11 16.84
N THR V 121 13.09 33.78 15.64
CA THR V 121 12.12 32.72 15.49
C THR V 121 12.80 31.59 14.72
N ILE V 122 12.71 30.38 15.28
CA ILE V 122 13.28 29.17 14.70
C ILE V 122 12.11 28.25 14.34
N PRO V 123 11.71 28.28 13.08
CA PRO V 123 10.62 27.49 12.56
C PRO V 123 11.04 26.07 12.31
N LEU V 124 10.06 25.25 11.98
CA LEU V 124 10.27 23.85 11.72
C LEU V 124 11.54 23.38 11.05
N GLY V 125 12.07 24.07 10.07
CA GLY V 125 13.31 23.50 9.52
C GLY V 125 14.63 23.74 10.26
N GLY V 126 14.62 24.65 11.22
CA GLY V 126 15.84 24.97 11.95
C GLY V 126 16.55 26.20 11.37
N SER V 127 15.85 27.01 10.57
CA SER V 127 16.46 28.21 10.02
C SER V 127 16.23 29.26 11.07
N VAL V 128 17.04 30.32 11.09
CA VAL V 128 16.83 31.36 12.09
C VAL V 128 16.55 32.70 11.47
N HIS V 129 15.52 33.36 11.99
CA HIS V 129 15.08 34.67 11.50
C HIS V 129 14.92 35.68 12.63
N LYS V 130 15.68 36.77 12.58
CA LYS V 130 15.60 37.83 13.58
C LYS V 130 14.50 38.78 13.14
N LEU V 131 13.65 39.18 14.06
CA LEU V 131 12.53 40.04 13.70
C LEU V 131 12.13 40.92 14.87
N PRO V 132 11.36 41.99 14.62
CA PRO V 132 10.89 42.91 15.65
C PRO V 132 9.92 42.21 16.58
N TYR V 133 9.20 41.23 16.04
CA TYR V 133 8.28 40.43 16.84
C TYR V 133 8.02 39.20 15.98
N ALA V 134 7.56 38.12 16.62
CA ALA V 134 7.27 36.90 15.92
C ALA V 134 6.09 36.28 16.57
N ILE V 135 5.37 35.51 15.78
CA ILE V 135 4.21 34.78 16.25
C ILE V 135 4.40 33.36 15.73
N ALA V 136 3.94 32.39 16.51
CA ALA V 136 4.05 31.01 16.09
C ALA V 136 2.99 30.20 16.81
N GLY V 137 2.99 28.91 16.55
CA GLY V 137 2.02 28.05 17.17
C GLY V 137 0.90 27.87 16.18
N SER V 138 0.06 26.88 16.43
CA SER V 138 -1.03 26.63 15.52
C SER V 138 -2.01 27.78 15.43
N GLY V 139 -2.14 28.55 16.52
CA GLY V 139 -3.05 29.67 16.53
C GLY V 139 -2.55 30.90 15.80
N SER V 140 -1.26 30.93 15.48
CA SER V 140 -0.67 32.05 14.79
C SER V 140 -1.28 32.40 13.45
N THR V 141 -1.78 31.42 12.72
CA THR V 141 -2.34 31.71 11.40
C THR V 141 -3.44 32.73 11.45
N PHE V 142 -4.25 32.68 12.48
CA PHE V 142 -5.38 33.57 12.60
C PHE V 142 -5.08 35.01 12.95
N ILE V 143 -3.83 35.33 13.25
CA ILE V 143 -3.52 36.68 13.62
C ILE V 143 -2.46 37.29 12.78
N TYR V 144 -2.13 36.70 11.65
CA TYR V 144 -1.12 37.30 10.79
C TYR V 144 -1.59 38.68 10.36
N GLY V 145 -2.87 38.80 10.04
CA GLY V 145 -3.42 40.07 9.61
C GLY V 145 -3.51 41.06 10.74
N TYR V 146 -4.08 40.64 11.84
CA TYR V 146 -4.20 41.52 12.98
C TYR V 146 -2.85 42.06 13.44
N CYS V 147 -1.88 41.18 13.62
CA CYS V 147 -0.56 41.59 14.08
C CYS V 147 0.17 42.50 13.11
N ASP V 148 0.13 42.21 11.83
CA ASP V 148 0.82 43.05 10.85
C ASP V 148 0.24 44.46 10.83
N LYS V 149 -1.08 44.56 11.00
CA LYS V 149 -1.76 45.85 11.00
C LYS V 149 -1.55 46.66 12.28
N ASN V 150 -1.46 46.01 13.42
CA ASN V 150 -1.31 46.69 14.68
C ASN V 150 0.07 46.89 15.33
N PHE V 151 1.07 46.12 14.92
CA PHE V 151 2.40 46.29 15.50
C PHE V 151 3.06 47.60 15.04
N ARG V 152 3.73 48.25 15.99
CA ARG V 152 4.47 49.49 15.77
C ARG V 152 5.77 49.30 16.54
N GLU V 153 6.87 49.81 16.00
CA GLU V 153 8.12 49.68 16.71
C GLU V 153 8.21 50.72 17.82
N ASN V 154 8.89 50.36 18.90
CA ASN V 154 9.11 51.25 20.03
C ASN V 154 7.89 51.55 20.84
N MET V 155 7.01 50.58 20.98
CA MET V 155 5.81 50.80 21.79
C MET V 155 6.24 50.81 23.24
N SER V 156 5.32 51.20 24.12
CA SER V 156 5.59 51.23 25.53
C SER V 156 5.17 49.90 26.14
N LYS V 157 5.62 49.61 27.36
CA LYS V 157 5.26 48.36 28.00
C LYS V 157 3.74 48.22 27.98
N GLU V 158 3.03 49.18 28.55
CA GLU V 158 1.56 49.14 28.59
C GLU V 158 0.97 48.79 27.23
N GLU V 159 1.48 49.39 26.17
CA GLU V 159 0.97 49.14 24.83
C GLU V 159 1.28 47.73 24.34
N THR V 160 2.48 47.26 24.61
CA THR V 160 2.91 45.93 24.19
C THR V 160 2.16 44.81 24.89
N VAL V 161 1.84 44.99 26.15
CA VAL V 161 1.10 43.99 26.87
C VAL V 161 -0.29 43.93 26.25
N ASP V 162 -0.80 45.09 25.85
CA ASP V 162 -2.12 45.15 25.26
C ASP V 162 -2.15 44.52 23.89
N PHE V 163 -1.13 44.77 23.09
CA PHE V 163 -1.01 44.20 21.76
C PHE V 163 -0.93 42.68 21.88
N ILE V 164 -0.09 42.18 22.76
CA ILE V 164 0.05 40.75 22.94
C ILE V 164 -1.24 40.18 23.53
N LYS V 165 -1.87 40.90 24.44
CA LYS V 165 -3.11 40.39 25.02
C LYS V 165 -4.22 40.27 23.98
N HIS V 166 -4.37 41.25 23.10
CA HIS V 166 -5.41 41.20 22.06
C HIS V 166 -5.16 40.16 20.99
N SER V 167 -3.92 40.08 20.51
CA SER V 167 -3.56 39.12 19.50
C SER V 167 -3.81 37.68 19.98
N LEU V 168 -3.29 37.33 21.15
CA LEU V 168 -3.47 35.99 21.66
C LEU V 168 -4.90 35.65 21.96
N SER V 169 -5.69 36.61 22.40
CA SER V 169 -7.08 36.27 22.67
C SER V 169 -7.76 35.91 21.35
N GLN V 170 -7.36 36.56 20.27
CA GLN V 170 -7.92 36.26 18.98
C GLN V 170 -7.47 34.89 18.57
N ALA V 171 -6.17 34.64 18.73
CA ALA V 171 -5.62 33.35 18.41
C ALA V 171 -6.34 32.25 19.19
N ILE V 172 -6.54 32.47 20.48
CA ILE V 172 -7.19 31.50 21.32
C ILE V 172 -8.64 31.31 20.88
N LYS V 173 -9.26 32.41 20.42
CA LYS V 173 -10.66 32.37 20.00
C LYS V 173 -10.92 31.41 18.85
N TRP V 174 -10.07 31.50 17.84
CA TRP V 174 -10.23 30.70 16.66
C TRP V 174 -9.61 29.35 16.68
N ASP V 175 -8.50 29.21 17.40
CA ASP V 175 -7.80 27.92 17.47
C ASP V 175 -8.23 27.01 18.61
N GLY V 176 -8.72 25.82 18.26
CA GLY V 176 -9.14 24.87 19.28
C GLY V 176 -7.94 24.34 20.04
N SER V 177 -6.77 24.42 19.42
CA SER V 177 -5.55 23.96 20.03
C SER V 177 -4.89 24.99 20.94
N SER V 178 -5.57 26.12 21.20
CA SER V 178 -5.05 27.17 22.06
C SER V 178 -6.13 27.55 23.03
N GLY V 179 -5.75 27.96 24.23
CA GLY V 179 -6.74 28.33 25.23
C GLY V 179 -6.10 28.49 26.59
N GLY V 180 -6.93 28.60 27.61
CA GLY V 180 -6.44 28.73 28.96
C GLY V 180 -6.26 30.16 29.42
N VAL V 181 -5.10 30.44 29.98
CA VAL V 181 -4.79 31.78 30.43
C VAL V 181 -3.74 32.27 29.48
N ILE V 182 -3.47 33.56 29.49
CA ILE V 182 -2.43 34.11 28.64
C ILE V 182 -1.30 34.44 29.61
N ARG V 183 -0.12 33.96 29.30
CA ARG V 183 1.04 34.21 30.14
C ARG V 183 1.99 35.12 29.38
N MET V 184 2.63 36.01 30.12
CA MET V 184 3.58 36.91 29.50
C MET V 184 4.77 36.98 30.42
N VAL V 185 5.92 37.27 29.86
CA VAL V 185 7.15 37.42 30.60
C VAL V 185 7.74 38.68 30.00
N VAL V 186 7.86 39.72 30.82
CA VAL V 186 8.43 41.00 30.39
C VAL V 186 9.92 41.00 30.74
N LEU V 187 10.77 41.18 29.73
CA LEU V 187 12.23 41.19 29.92
C LEU V 187 12.79 42.59 29.68
N THR V 188 13.16 43.32 30.74
CA THR V 188 13.72 44.68 30.62
C THR V 188 14.96 44.84 31.50
N ALA V 189 15.48 46.06 31.59
CA ALA V 189 16.65 46.32 32.41
C ALA V 189 16.31 46.20 33.87
N ALA V 190 15.05 46.48 34.19
CA ALA V 190 14.54 46.43 35.55
C ALA V 190 14.46 45.03 36.14
N GLY V 191 14.46 44.02 35.30
CA GLY V 191 14.38 42.66 35.78
C GLY V 191 13.47 41.79 34.94
N VAL V 192 12.79 40.85 35.59
CA VAL V 192 11.89 39.92 34.91
C VAL V 192 10.53 39.92 35.59
N GLU V 193 9.50 40.32 34.83
CA GLU V 193 8.14 40.37 35.35
C GLU V 193 7.25 39.33 34.66
N ARG V 194 6.51 38.59 35.48
CA ARG V 194 5.60 37.55 35.06
C ARG V 194 4.16 38.04 35.14
N LEU V 195 3.45 37.98 34.02
CA LEU V 195 2.08 38.42 33.98
C LEU V 195 1.21 37.26 33.57
N ILE V 196 -0.01 37.23 34.07
CA ILE V 196 -0.95 36.18 33.72
C ILE V 196 -2.33 36.79 33.54
N PHE V 197 -3.02 36.41 32.47
CA PHE V 197 -4.35 36.93 32.21
C PHE V 197 -5.33 35.79 32.03
N TYR V 198 -6.45 35.87 32.73
CA TYR V 198 -7.48 34.84 32.71
C TYR V 198 -8.57 35.04 31.64
N PRO V 199 -9.36 34.00 31.34
CA PRO V 199 -10.45 33.99 30.35
C PRO V 199 -11.49 35.10 30.49
N ASP V 200 -12.03 35.28 31.69
CA ASP V 200 -13.03 36.31 31.94
C ASP V 200 -12.60 37.68 31.50
N GLU V 201 -11.30 37.89 31.35
CA GLU V 201 -10.81 39.16 30.89
C GLU V 201 -10.61 39.15 29.37
N TYR V 202 -9.65 38.36 28.90
CA TYR V 202 -9.33 38.35 27.47
C TYR V 202 -10.40 37.93 26.49
N GLU V 203 -11.32 37.07 26.91
CA GLU V 203 -12.35 36.60 26.01
C GLU V 203 -13.25 37.66 25.41
N GLN V 204 -13.69 38.62 26.22
CA GLN V 204 -14.55 39.68 25.71
C GLN V 204 -13.81 40.98 25.49
N LEU V 205 -12.96 40.99 24.47
CA LEU V 205 -12.16 42.16 24.10
C LEU V 205 -12.51 42.51 22.66
N THR W 1 -6.52 1.50 33.07
CA THR W 1 -5.79 2.02 34.26
C THR W 1 -6.21 3.44 34.56
N THR W 2 -6.31 3.76 35.84
CA THR W 2 -6.65 5.10 36.27
C THR W 2 -5.66 5.46 37.37
N ILE W 3 -4.85 6.48 37.17
CA ILE W 3 -3.93 6.91 38.21
C ILE W 3 -4.09 8.41 38.40
N VAL W 4 -3.97 8.86 39.65
CA VAL W 4 -4.06 10.27 39.93
C VAL W 4 -3.04 10.69 40.97
N GLY W 5 -2.86 11.99 41.06
CA GLY W 5 -1.97 12.60 42.02
C GLY W 5 -2.71 13.85 42.44
N VAL W 6 -2.78 14.13 43.73
CA VAL W 6 -3.46 15.32 44.19
C VAL W 6 -2.62 15.97 45.26
N LYS W 7 -2.30 17.24 45.09
CA LYS W 7 -1.49 17.95 46.04
C LYS W 7 -2.38 18.53 47.12
N PHE W 8 -1.94 18.42 48.37
CA PHE W 8 -2.66 18.99 49.47
C PHE W 8 -1.77 19.93 50.26
N ASN W 9 -2.30 20.60 51.28
CA ASN W 9 -1.53 21.61 52.01
C ASN W 9 -0.11 21.31 52.48
N ASN W 10 0.14 20.14 53.03
CA ASN W 10 1.51 19.85 53.47
C ASN W 10 2.05 18.54 52.88
N GLY W 11 1.58 18.14 51.71
CA GLY W 11 2.05 16.89 51.12
C GLY W 11 1.46 16.60 49.75
N VAL W 12 1.43 15.32 49.38
CA VAL W 12 0.89 14.90 48.09
C VAL W 12 0.41 13.46 48.21
N VAL W 13 -0.66 13.13 47.48
CA VAL W 13 -1.20 11.78 47.49
C VAL W 13 -1.37 11.29 46.05
N ILE W 14 -0.99 10.05 45.81
CA ILE W 14 -1.16 9.48 44.48
C ILE W 14 -2.02 8.26 44.73
N ALA W 15 -2.73 7.80 43.72
CA ALA W 15 -3.60 6.65 43.87
C ALA W 15 -3.78 5.95 42.54
N ALA W 16 -4.28 4.74 42.58
CA ALA W 16 -4.48 3.97 41.37
C ALA W 16 -5.48 2.85 41.58
N ASP W 17 -5.95 2.26 40.49
CA ASP W 17 -6.87 1.13 40.57
C ASP W 17 -5.95 -0.10 40.54
N THR W 18 -6.49 -1.31 40.40
CA THR W 18 -5.66 -2.51 40.42
C THR W 18 -5.83 -3.55 39.32
N ARG W 19 -6.52 -3.18 38.25
CA ARG W 19 -6.77 -4.10 37.14
C ARG W 19 -5.69 -4.07 36.10
N SER W 20 -5.22 -5.23 35.68
CA SER W 20 -4.19 -5.33 34.65
C SER W 20 -4.91 -6.07 33.52
N THR W 21 -4.82 -5.57 32.29
CA THR W 21 -5.50 -6.21 31.19
C THR W 21 -4.64 -6.54 30.02
N GLN W 22 -5.00 -7.62 29.36
CA GLN W 22 -4.34 -8.06 28.14
C GLN W 22 -5.55 -8.10 27.19
N GLY W 23 -5.72 -7.06 26.38
CA GLY W 23 -6.87 -7.03 25.49
C GLY W 23 -8.08 -6.86 26.38
N PRO W 24 -9.17 -7.66 26.24
CA PRO W 24 -10.37 -7.56 27.07
C PRO W 24 -10.40 -8.50 28.28
N ILE W 25 -9.32 -9.22 28.49
CA ILE W 25 -9.21 -10.17 29.58
C ILE W 25 -8.51 -9.55 30.75
N VAL W 26 -9.04 -9.76 31.95
CA VAL W 26 -8.44 -9.24 33.17
C VAL W 26 -7.38 -10.25 33.59
N ALA W 27 -6.12 -9.96 33.26
CA ALA W 27 -5.00 -10.84 33.57
C ALA W 27 -4.62 -10.90 35.05
N ASP W 28 -4.84 -9.80 35.77
CA ASP W 28 -4.53 -9.70 37.20
C ASP W 28 -5.60 -8.79 37.75
N LYS W 29 -6.37 -9.28 38.72
CA LYS W 29 -7.45 -8.49 39.30
C LYS W 29 -6.98 -7.64 40.45
N ASN W 30 -5.70 -7.78 40.80
CA ASN W 30 -5.16 -7.01 41.92
C ASN W 30 -3.67 -6.69 41.78
N CYS W 31 -3.25 -6.13 40.66
CA CYS W 31 -1.85 -5.81 40.47
C CYS W 31 -1.57 -4.50 41.21
N ALA W 32 -0.30 -4.13 41.30
CA ALA W 32 0.11 -2.91 42.00
C ALA W 32 0.70 -1.92 41.00
N LYS W 33 0.19 -0.69 41.02
CA LYS W 33 0.65 0.33 40.08
C LYS W 33 1.40 1.48 40.77
N LEU W 34 1.47 1.42 42.09
CA LEU W 34 2.16 2.43 42.89
C LEU W 34 3.55 1.82 43.13
N HIS W 35 4.55 2.46 42.55
CA HIS W 35 5.96 2.03 42.63
C HIS W 35 6.75 3.00 43.48
N ARG W 36 7.65 2.46 44.28
CA ARG W 36 8.51 3.26 45.14
C ARG W 36 9.76 3.57 44.36
N ILE W 37 10.13 4.84 44.30
CA ILE W 37 11.36 5.20 43.62
C ILE W 37 12.40 5.32 44.74
N SER W 38 11.99 5.90 45.86
CA SER W 38 12.86 6.05 47.02
C SER W 38 11.87 6.06 48.16
N PRO W 39 12.33 6.02 49.41
CA PRO W 39 11.35 6.02 50.49
C PRO W 39 10.24 7.03 50.42
N LYS W 40 10.54 8.26 50.04
CA LYS W 40 9.52 9.28 50.01
C LYS W 40 9.15 9.82 48.65
N ILE W 41 9.53 9.11 47.60
CA ILE W 41 9.20 9.53 46.24
C ILE W 41 8.55 8.31 45.64
N TRP W 42 7.24 8.38 45.40
CA TRP W 42 6.52 7.27 44.83
C TRP W 42 6.00 7.65 43.47
N CYS W 43 5.75 6.66 42.65
CA CYS W 43 5.33 6.89 41.29
C CYS W 43 4.20 5.97 40.90
N ALA W 44 3.16 6.51 40.28
CA ALA W 44 2.04 5.71 39.81
C ALA W 44 2.29 5.58 38.33
N GLY W 45 2.05 4.41 37.75
CA GLY W 45 2.31 4.27 36.33
C GLY W 45 1.19 3.58 35.58
N ALA W 46 1.01 4.02 34.34
CA ALA W 46 0.00 3.48 33.45
C ALA W 46 0.63 3.23 32.10
N GLY W 47 0.09 2.28 31.34
CA GLY W 47 0.64 1.97 30.03
C GLY W 47 1.05 0.50 30.00
N THR W 48 2.24 0.22 29.50
CA THR W 48 2.75 -1.15 29.44
C THR W 48 3.29 -1.50 30.81
N ALA W 49 2.65 -2.42 31.53
CA ALA W 49 3.07 -2.79 32.88
C ALA W 49 4.57 -3.07 33.12
N ALA W 50 5.21 -3.82 32.24
CA ALA W 50 6.63 -4.14 32.40
C ALA W 50 7.51 -2.89 32.38
N ASP W 51 7.17 -1.93 31.51
CA ASP W 51 7.86 -0.67 31.35
C ASP W 51 7.74 0.28 32.54
N THR W 52 6.59 0.34 33.17
CA THR W 52 6.45 1.21 34.33
C THR W 52 7.25 0.65 35.50
N GLU W 53 7.33 -0.67 35.62
CA GLU W 53 8.12 -1.29 36.69
C GLU W 53 9.60 -1.11 36.40
N ALA W 54 9.99 -1.42 35.17
CA ALA W 54 11.37 -1.29 34.75
C ALA W 54 11.92 0.12 34.88
N VAL W 55 11.28 1.09 34.25
CA VAL W 55 11.75 2.47 34.29
C VAL W 55 11.77 3.02 35.72
N THR W 56 10.82 2.61 36.55
CA THR W 56 10.71 3.03 37.94
C THR W 56 11.83 2.43 38.82
N GLN W 57 12.10 1.14 38.65
CA GLN W 57 13.13 0.46 39.42
C GLN W 57 14.52 0.88 39.00
N LEU W 58 14.71 1.14 37.72
CA LEU W 58 16.02 1.56 37.24
C LEU W 58 16.40 2.94 37.81
N ILE W 59 15.50 3.90 37.67
CA ILE W 59 15.73 5.24 38.18
C ILE W 59 15.76 5.18 39.71
N GLY W 60 14.98 4.28 40.31
CA GLY W 60 14.97 4.14 41.75
C GLY W 60 16.32 3.64 42.23
N SER W 61 16.89 2.73 41.48
CA SER W 61 18.20 2.18 41.76
C SER W 61 19.23 3.31 41.68
N ASN W 62 19.36 3.94 40.51
CA ASN W 62 20.32 5.02 40.33
C ASN W 62 20.12 6.18 41.28
N ILE W 63 18.90 6.34 41.77
CA ILE W 63 18.57 7.42 42.69
C ILE W 63 19.12 7.01 44.04
N GLU W 64 19.00 5.73 44.37
CA GLU W 64 19.50 5.25 45.64
C GLU W 64 21.01 5.44 45.66
N LEU W 65 21.66 5.14 44.54
CA LEU W 65 23.11 5.31 44.44
C LEU W 65 23.54 6.77 44.54
N HIS W 66 22.80 7.65 43.88
CA HIS W 66 23.07 9.08 43.90
C HIS W 66 22.96 9.62 45.33
N SER W 67 21.95 9.18 46.06
CA SER W 67 21.71 9.59 47.44
C SER W 67 22.84 9.17 48.37
N LEU W 68 23.36 7.98 48.16
CA LEU W 68 24.44 7.45 48.96
C LEU W 68 25.70 8.26 48.65
N TYR W 69 25.95 8.51 47.37
CA TYR W 69 27.12 9.27 46.92
C TYR W 69 27.11 10.68 47.47
N THR W 70 25.93 11.31 47.44
CA THR W 70 25.79 12.68 47.91
C THR W 70 25.38 12.85 49.38
N SER W 71 25.16 11.77 50.12
CA SER W 71 24.76 11.84 51.52
C SER W 71 23.54 12.72 51.72
N ARG W 72 22.70 12.76 50.70
CA ARG W 72 21.48 13.57 50.69
C ARG W 72 20.21 12.80 50.36
N GLU W 73 19.08 13.26 50.88
CA GLU W 73 17.79 12.64 50.62
C GLU W 73 17.45 12.95 49.16
N PRO W 74 16.96 11.96 48.39
CA PRO W 74 16.59 12.08 46.97
C PRO W 74 15.54 13.15 46.75
N ARG W 75 15.59 13.78 45.58
CA ARG W 75 14.65 14.82 45.21
C ARG W 75 13.79 14.39 44.04
N VAL W 76 12.54 14.82 44.05
CA VAL W 76 11.60 14.48 43.01
C VAL W 76 12.03 15.04 41.66
N VAL W 77 12.72 16.16 41.65
CA VAL W 77 13.16 16.71 40.37
C VAL W 77 14.29 15.91 39.77
N SER W 78 14.92 15.07 40.58
CA SER W 78 16.01 14.25 40.07
C SER W 78 15.38 13.06 39.40
N ALA W 79 14.39 12.48 40.06
CA ALA W 79 13.67 11.32 39.51
C ALA W 79 12.99 11.78 38.23
N LEU W 80 12.42 12.97 38.28
CA LEU W 80 11.74 13.54 37.15
C LEU W 80 12.67 13.67 36.00
N GLN W 81 13.78 14.37 36.21
CA GLN W 81 14.71 14.57 35.14
C GLN W 81 15.30 13.27 34.63
N MET W 82 15.60 12.35 35.53
CA MET W 82 16.17 11.08 35.13
C MET W 82 15.17 10.24 34.33
N LEU W 83 13.94 10.19 34.80
CA LEU W 83 12.86 9.47 34.14
C LEU W 83 12.58 10.02 32.73
N LYS W 84 12.32 11.32 32.61
CA LYS W 84 12.03 11.92 31.31
C LYS W 84 13.16 11.81 30.31
N GLN W 85 14.41 11.88 30.74
CA GLN W 85 15.53 11.77 29.80
C GLN W 85 15.67 10.36 29.28
N HIS W 86 15.28 9.40 30.12
CA HIS W 86 15.32 7.99 29.75
C HIS W 86 14.19 7.73 28.75
N LEU W 87 12.99 8.15 29.11
CA LEU W 87 11.83 7.99 28.27
C LEU W 87 12.02 8.72 26.95
N PHE W 88 12.60 9.91 26.97
CA PHE W 88 12.81 10.65 25.73
C PHE W 88 13.75 9.91 24.81
N LYS W 89 14.81 9.36 25.39
CA LYS W 89 15.83 8.64 24.62
C LYS W 89 15.17 7.50 23.85
N TYR W 90 14.14 6.89 24.41
CA TYR W 90 13.47 5.78 23.75
C TYR W 90 12.34 6.15 22.81
N GLN W 91 12.19 7.44 22.54
CA GLN W 91 11.20 7.96 21.62
C GLN W 91 9.77 7.47 21.78
N GLY W 92 9.39 7.10 23.00
CA GLY W 92 8.04 6.62 23.25
C GLY W 92 7.85 5.12 23.21
N HIS W 93 8.89 4.38 22.80
CA HIS W 93 8.85 2.93 22.74
C HIS W 93 8.73 2.28 24.11
N ILE W 94 9.09 3.03 25.16
CA ILE W 94 8.96 2.54 26.51
C ILE W 94 7.68 3.21 26.95
N GLY W 95 6.59 2.48 26.82
CA GLY W 95 5.30 3.03 27.17
C GLY W 95 5.04 3.24 28.62
N ALA W 96 5.69 4.21 29.23
CA ALA W 96 5.47 4.48 30.63
C ALA W 96 4.94 5.89 30.76
N TYR W 97 3.75 6.03 31.34
CA TYR W 97 3.13 7.33 31.57
C TYR W 97 3.06 7.33 33.08
N LEU W 98 3.76 8.27 33.72
CA LEU W 98 3.86 8.28 35.16
C LEU W 98 3.39 9.51 35.86
N ILE W 99 3.01 9.33 37.12
CA ILE W 99 2.63 10.42 37.98
C ILE W 99 3.61 10.22 39.13
N VAL W 100 4.62 11.07 39.17
CA VAL W 100 5.63 10.97 40.20
C VAL W 100 5.38 12.06 41.23
N ALA W 101 5.34 11.65 42.48
CA ALA W 101 5.10 12.55 43.57
C ALA W 101 6.07 12.22 44.68
N GLY W 102 6.30 13.16 45.58
CA GLY W 102 7.19 12.87 46.68
C GLY W 102 7.49 14.05 47.55
N VAL W 103 8.15 13.79 48.66
CA VAL W 103 8.55 14.87 49.55
C VAL W 103 10.05 14.73 49.67
N ASP W 104 10.73 15.86 49.72
CA ASP W 104 12.16 15.84 49.83
C ASP W 104 12.53 17.07 50.64
N PRO W 105 13.82 17.39 50.79
CA PRO W 105 14.22 18.56 51.55
C PRO W 105 13.69 19.91 51.08
N THR W 106 13.19 19.99 49.85
CA THR W 106 12.67 21.24 49.32
C THR W 106 11.16 21.43 49.32
N GLY W 107 10.41 20.39 49.69
CA GLY W 107 8.96 20.50 49.73
C GLY W 107 8.25 19.32 49.10
N SER W 108 6.95 19.46 48.84
CA SER W 108 6.15 18.39 48.23
C SER W 108 6.02 18.69 46.75
N HIS W 109 6.06 17.63 45.95
CA HIS W 109 6.01 17.80 44.51
C HIS W 109 5.06 16.85 43.81
N LEU W 110 4.61 17.24 42.62
CA LEU W 110 3.70 16.44 41.80
C LEU W 110 3.94 16.79 40.35
N PHE W 111 4.34 15.80 39.57
CA PHE W 111 4.59 16.00 38.15
C PHE W 111 4.02 14.79 37.46
N SER W 112 3.94 14.85 36.15
CA SER W 112 3.47 13.72 35.37
C SER W 112 4.49 13.61 34.26
N ILE W 113 4.64 12.43 33.69
CA ILE W 113 5.59 12.23 32.62
C ILE W 113 4.93 11.35 31.59
N HIS W 114 4.91 11.80 30.36
CA HIS W 114 4.31 11.03 29.28
C HIS W 114 5.43 10.23 28.65
N ALA W 115 5.10 9.08 28.08
CA ALA W 115 6.09 8.19 27.47
C ALA W 115 7.10 8.78 26.56
N HIS W 116 6.76 9.87 25.90
CA HIS W 116 7.68 10.50 24.96
C HIS W 116 8.74 11.37 25.62
N GLY W 117 8.51 11.72 26.88
CA GLY W 117 9.49 12.51 27.57
C GLY W 117 9.07 13.87 28.04
N SER W 118 7.78 14.20 28.00
CA SER W 118 7.34 15.52 28.44
C SER W 118 6.83 15.44 29.84
N THR W 119 7.14 16.45 30.65
CA THR W 119 6.67 16.44 32.02
C THR W 119 5.76 17.61 32.22
N ASP W 120 4.95 17.54 33.26
CA ASP W 120 4.02 18.60 33.59
C ASP W 120 4.01 18.72 35.08
N VAL W 121 3.62 19.88 35.59
CA VAL W 121 3.51 20.05 37.02
C VAL W 121 2.07 20.46 37.19
N GLY W 122 1.44 20.02 38.27
CA GLY W 122 0.06 20.41 38.46
C GLY W 122 -0.32 20.18 39.90
N TYR W 123 -1.53 20.55 40.29
CA TYR W 123 -1.98 20.33 41.65
C TYR W 123 -2.81 19.09 41.74
N TYR W 124 -3.30 18.64 40.60
CA TYR W 124 -4.07 17.41 40.51
C TYR W 124 -3.84 16.95 39.12
N LEU W 125 -3.56 15.67 38.95
CA LEU W 125 -3.27 15.14 37.63
C LEU W 125 -3.87 13.74 37.54
N SER W 126 -4.06 13.25 36.33
CA SER W 126 -4.56 11.90 36.16
C SER W 126 -4.01 11.40 34.84
N LEU W 127 -3.85 10.10 34.73
CA LEU W 127 -3.36 9.49 33.50
C LEU W 127 -3.99 8.11 33.35
N GLY W 128 -3.95 7.56 32.13
CA GLY W 128 -4.53 6.26 31.88
C GLY W 128 -5.85 6.28 31.12
N SER W 129 -6.39 5.12 30.77
CA SER W 129 -7.65 5.05 30.05
C SER W 129 -8.78 5.67 30.87
N GLY W 130 -8.67 5.60 32.20
CA GLY W 130 -9.67 6.16 33.09
C GLY W 130 -9.40 7.62 33.40
N SER W 131 -8.40 8.16 32.74
CA SER W 131 -7.99 9.53 32.90
C SER W 131 -9.14 10.53 32.79
N LEU W 132 -10.02 10.36 31.81
CA LEU W 132 -11.10 11.30 31.62
C LEU W 132 -12.17 11.21 32.69
N ALA W 133 -12.43 10.02 33.17
CA ALA W 133 -13.44 9.88 34.22
C ALA W 133 -12.91 10.48 35.52
N ALA W 134 -11.64 10.23 35.81
CA ALA W 134 -10.99 10.78 37.02
C ALA W 134 -10.87 12.29 36.95
N MET W 135 -10.42 12.81 35.81
CA MET W 135 -10.26 14.24 35.65
C MET W 135 -11.58 14.94 35.76
N ALA W 136 -12.65 14.27 35.39
CA ALA W 136 -13.95 14.90 35.50
C ALA W 136 -14.22 15.18 36.97
N VAL W 137 -13.90 14.21 37.82
CA VAL W 137 -14.11 14.37 39.25
C VAL W 137 -13.15 15.40 39.86
N LEU W 138 -11.88 15.32 39.48
CA LEU W 138 -10.87 16.25 39.98
C LEU W 138 -11.26 17.66 39.63
N GLU W 139 -11.71 17.86 38.40
CA GLU W 139 -12.13 19.19 37.96
C GLU W 139 -13.41 19.69 38.63
N SER W 140 -14.21 18.79 39.19
CA SER W 140 -15.46 19.18 39.85
C SER W 140 -15.32 19.45 41.33
N HIS W 141 -14.34 18.78 41.95
CA HIS W 141 -14.17 18.90 43.38
C HIS W 141 -12.85 19.45 43.91
N TRP W 142 -11.81 19.50 43.09
CA TRP W 142 -10.55 20.00 43.61
C TRP W 142 -10.74 21.45 44.01
N LYS W 143 -9.96 21.88 45.00
CA LYS W 143 -9.98 23.25 45.49
C LYS W 143 -8.60 23.43 46.09
N GLN W 144 -8.13 24.67 46.22
CA GLN W 144 -6.80 24.89 46.78
C GLN W 144 -6.80 24.74 48.29
N ASP W 145 -5.65 24.38 48.85
CA ASP W 145 -5.51 24.19 50.30
C ASP W 145 -6.37 23.05 50.87
N LEU W 146 -6.25 21.88 50.25
CA LEU W 146 -6.97 20.69 50.67
C LEU W 146 -6.23 20.11 51.86
N THR W 147 -6.95 19.46 52.77
CA THR W 147 -6.33 18.83 53.92
C THR W 147 -5.96 17.41 53.52
N LYS W 148 -5.20 16.73 54.34
CA LYS W 148 -4.82 15.36 54.02
C LYS W 148 -6.06 14.48 53.82
N GLU W 149 -7.05 14.63 54.69
CA GLU W 149 -8.26 13.82 54.59
C GLU W 149 -9.05 14.09 53.32
N GLU W 150 -9.20 15.36 52.97
CA GLU W 150 -9.93 15.75 51.77
C GLU W 150 -9.24 15.30 50.50
N ALA W 151 -7.91 15.33 50.50
CA ALA W 151 -7.12 14.91 49.34
C ALA W 151 -7.19 13.41 49.09
N ILE W 152 -7.11 12.64 50.15
CA ILE W 152 -7.18 11.20 50.02
C ILE W 152 -8.56 10.83 49.49
N LYS W 153 -9.58 11.56 49.92
CA LYS W 153 -10.93 11.30 49.47
C LYS W 153 -11.04 11.69 48.02
N LEU W 154 -10.53 12.86 47.65
CA LEU W 154 -10.59 13.34 46.27
C LEU W 154 -9.86 12.41 45.34
N ALA W 155 -8.65 12.02 45.69
CA ALA W 155 -7.88 11.13 44.85
C ALA W 155 -8.64 9.82 44.74
N SER W 156 -9.15 9.35 45.86
CA SER W 156 -9.90 8.10 45.95
C SER W 156 -11.18 8.08 45.09
N ASP W 157 -11.99 9.14 45.17
CA ASP W 157 -13.21 9.29 44.37
C ASP W 157 -12.84 9.27 42.90
N ALA W 158 -11.76 9.98 42.55
CA ALA W 158 -11.29 10.04 41.18
C ALA W 158 -11.00 8.65 40.66
N ILE W 159 -10.26 7.85 41.41
CA ILE W 159 -9.96 6.48 40.98
C ILE W 159 -11.25 5.68 40.84
N GLN W 160 -12.19 5.88 41.74
CA GLN W 160 -13.47 5.16 41.66
C GLN W 160 -14.19 5.49 40.37
N ALA W 161 -14.17 6.76 39.97
CA ALA W 161 -14.83 7.16 38.75
C ALA W 161 -14.31 6.31 37.59
N GLY W 162 -13.01 6.05 37.58
CA GLY W 162 -12.42 5.23 36.53
C GLY W 162 -12.81 3.78 36.66
N ILE W 163 -12.81 3.27 37.88
CA ILE W 163 -13.18 1.89 38.15
C ILE W 163 -14.56 1.55 37.62
N TRP W 164 -15.51 2.41 37.94
CA TRP W 164 -16.87 2.19 37.53
C TRP W 164 -17.14 2.46 36.08
N ASN W 165 -16.56 3.54 35.56
CA ASN W 165 -16.82 3.97 34.18
C ASN W 165 -15.87 3.60 33.08
N ASP W 166 -14.71 3.06 33.43
CA ASP W 166 -13.75 2.71 32.42
C ASP W 166 -13.59 1.22 32.49
N LEU W 167 -13.66 0.56 31.34
CA LEU W 167 -13.53 -0.87 31.30
C LEU W 167 -12.09 -1.29 31.50
N GLY W 168 -11.18 -0.39 31.18
CA GLY W 168 -9.77 -0.68 31.35
C GLY W 168 -9.31 -0.53 32.80
N SER W 169 -10.26 -0.25 33.70
CA SER W 169 -9.97 -0.06 35.11
C SER W 169 -10.97 -0.81 35.94
N GLY W 170 -10.55 -1.28 37.09
CA GLY W 170 -11.44 -2.01 37.97
C GLY W 170 -10.82 -2.45 39.27
N SER W 171 -11.54 -3.28 40.02
CA SER W 171 -11.13 -3.83 41.29
C SER W 171 -10.98 -2.87 42.46
N ASN W 172 -9.75 -2.64 42.92
CA ASN W 172 -9.51 -1.79 44.08
C ASN W 172 -8.77 -0.48 43.89
N VAL W 173 -8.65 0.25 44.99
CA VAL W 173 -7.98 1.54 45.02
C VAL W 173 -6.76 1.50 45.94
N ASP W 174 -5.60 1.85 45.39
CA ASP W 174 -4.34 1.90 46.13
C ASP W 174 -4.01 3.36 46.31
N VAL W 175 -3.60 3.75 47.50
CA VAL W 175 -3.26 5.13 47.78
C VAL W 175 -1.87 5.20 48.42
N CYS W 176 -1.17 6.31 48.22
CA CYS W 176 0.10 6.51 48.88
C CYS W 176 0.17 7.98 49.23
N VAL W 177 0.28 8.24 50.52
CA VAL W 177 0.32 9.60 51.03
C VAL W 177 1.74 10.03 51.44
N MET W 178 2.26 11.12 50.88
CA MET W 178 3.59 11.60 51.24
C MET W 178 3.43 12.98 51.88
N GLU W 179 3.57 13.02 53.20
CA GLU W 179 3.43 14.26 53.99
C GLU W 179 4.80 14.78 54.35
N ILE W 180 4.97 16.09 54.29
CA ILE W 180 6.24 16.72 54.54
C ILE W 180 7.07 16.27 55.73
N GLY W 181 6.48 16.20 56.92
CA GLY W 181 7.28 15.79 58.04
C GLY W 181 7.25 14.34 58.47
N LYS W 182 6.45 13.52 57.79
CA LYS W 182 6.32 12.13 58.19
C LYS W 182 6.93 11.13 57.20
N ASP W 183 6.74 9.84 57.47
CA ASP W 183 7.22 8.79 56.60
C ASP W 183 6.08 8.60 55.61
N ALA W 184 6.41 8.25 54.37
CA ALA W 184 5.40 8.02 53.35
C ALA W 184 4.54 6.83 53.77
N GLU W 185 3.22 6.95 53.71
CA GLU W 185 2.39 5.81 54.08
C GLU W 185 1.65 5.21 52.91
N TYR W 186 2.07 4.02 52.55
CA TYR W 186 1.51 3.26 51.45
C TYR W 186 0.31 2.47 51.98
N LEU W 187 -0.87 2.81 51.47
CA LEU W 187 -2.10 2.16 51.86
C LEU W 187 -2.58 1.27 50.72
N ARG W 188 -2.11 0.01 50.70
CA ARG W 188 -2.51 -0.95 49.66
C ARG W 188 -3.95 -1.40 49.89
N ASN W 189 -4.75 -1.36 48.82
CA ASN W 189 -6.17 -1.73 48.86
C ASN W 189 -6.90 -0.90 49.92
N TYR W 190 -6.67 0.41 49.88
CA TYR W 190 -7.30 1.35 50.78
C TYR W 190 -8.82 1.15 50.63
N LEU W 191 -9.24 0.85 49.41
CA LEU W 191 -10.64 0.59 49.14
C LEU W 191 -10.75 -0.70 48.33
N THR W 192 -11.71 -1.54 48.69
CA THR W 192 -11.95 -2.81 48.01
C THR W 192 -13.47 -2.91 47.80
N PRO W 193 -14.01 -2.18 46.81
CA PRO W 193 -15.46 -2.26 46.60
C PRO W 193 -15.96 -3.27 45.58
N ASN W 194 -15.11 -4.18 45.13
CA ASN W 194 -15.53 -5.16 44.12
C ASN W 194 -15.31 -6.60 44.48
N VAL W 195 -15.78 -7.00 45.65
CA VAL W 195 -15.62 -8.38 46.10
C VAL W 195 -16.63 -9.28 45.37
N ARG W 196 -16.19 -10.46 44.94
CA ARG W 196 -17.07 -11.40 44.23
C ARG W 196 -18.09 -12.04 45.20
N GLU W 197 -19.36 -12.10 44.80
CA GLU W 197 -20.39 -12.72 45.63
C GLU W 197 -20.07 -14.21 45.73
N GLU W 198 -20.46 -14.84 46.83
CA GLU W 198 -20.17 -16.26 46.99
C GLU W 198 -20.78 -17.00 45.82
N LYS W 199 -20.07 -17.97 45.27
CA LYS W 199 -20.59 -18.72 44.18
C LYS W 199 -21.85 -19.46 44.60
N GLN W 200 -22.63 -19.89 43.62
CA GLN W 200 -23.91 -20.56 43.84
C GLN W 200 -23.76 -22.03 44.20
N LYS W 201 -22.62 -22.61 43.89
CA LYS W 201 -22.38 -24.03 44.10
C LYS W 201 -20.88 -24.20 44.34
N SER W 202 -20.48 -25.30 44.97
CA SER W 202 -19.07 -25.57 45.19
C SER W 202 -18.75 -26.51 44.05
N TYR W 203 -17.56 -26.37 43.46
CA TYR W 203 -17.23 -27.25 42.36
C TYR W 203 -16.22 -28.29 42.70
N LYS W 204 -16.08 -28.53 43.99
CA LYS W 204 -15.17 -29.54 44.52
C LYS W 204 -15.59 -30.86 43.92
N PHE W 205 -14.65 -31.58 43.32
CA PHE W 205 -14.95 -32.84 42.67
C PHE W 205 -14.73 -34.02 43.60
N PRO W 206 -15.44 -35.13 43.36
CA PRO W 206 -15.21 -36.28 44.23
C PRO W 206 -13.87 -36.85 43.76
N ARG W 207 -12.99 -37.22 44.70
CA ARG W 207 -11.67 -37.74 44.35
C ARG W 207 -11.75 -38.97 43.48
N GLY W 208 -10.92 -39.04 42.46
CA GLY W 208 -10.94 -40.19 41.57
C GLY W 208 -11.65 -39.82 40.29
N THR W 209 -12.23 -38.62 40.25
CA THR W 209 -12.95 -38.10 39.07
C THR W 209 -12.10 -38.05 37.80
N THR W 210 -10.82 -37.72 37.93
CA THR W 210 -9.91 -37.62 36.80
C THR W 210 -9.21 -38.93 36.49
N ALA W 211 -9.13 -39.27 35.22
CA ALA W 211 -8.48 -40.49 34.80
C ALA W 211 -6.98 -40.25 34.70
N VAL W 212 -6.22 -41.01 35.49
CA VAL W 212 -4.76 -40.95 35.54
C VAL W 212 -4.20 -42.16 34.81
N LEU W 213 -3.12 -41.99 34.07
CA LEU W 213 -2.48 -43.08 33.33
C LEU W 213 -1.22 -43.61 34.01
N LYS W 214 -0.44 -42.70 34.57
CA LYS W 214 0.82 -43.02 35.22
C LYS W 214 1.02 -42.04 36.37
N GLU W 215 1.59 -42.52 37.46
CA GLU W 215 1.85 -41.73 38.67
C GLU W 215 3.31 -41.99 39.03
N SER W 216 4.04 -40.95 39.46
CA SER W 216 5.45 -41.09 39.84
C SER W 216 5.93 -39.97 40.78
N ILE W 217 7.00 -40.23 41.52
CA ILE W 217 7.54 -39.25 42.44
C ILE W 217 8.71 -38.50 41.79
N VAL W 218 8.77 -37.20 42.05
CA VAL W 218 9.82 -36.35 41.49
C VAL W 218 10.94 -36.10 42.49
N ASN W 219 12.16 -36.28 42.01
CA ASN W 219 13.37 -36.07 42.83
C ASN W 219 13.88 -34.62 42.76
N ILE W 220 13.74 -33.92 43.89
CA ILE W 220 14.17 -32.53 44.04
C ILE W 220 15.64 -32.30 44.43
N CYS W 221 16.07 -32.91 45.54
CA CYS W 221 17.46 -32.74 46.05
C CYS W 221 18.52 -33.40 45.16
N ASP W 222 19.79 -33.17 45.46
CA ASP W 222 20.81 -33.76 44.64
C ASP W 222 21.62 -34.79 45.41
N SER X 1 2.40 -16.63 11.70
CA SER X 1 2.91 -15.24 11.89
C SER X 1 2.85 -14.73 13.32
N ASP X 2 1.94 -15.27 14.14
CA ASP X 2 1.86 -14.91 15.57
C ASP X 2 2.67 -16.04 16.20
N PRO X 3 3.91 -15.75 16.64
CA PRO X 3 4.77 -16.77 17.25
C PRO X 3 4.18 -17.44 18.47
N SER X 4 3.23 -16.80 19.12
CA SER X 4 2.63 -17.37 20.31
C SER X 4 1.51 -18.37 20.01
N SER X 5 1.31 -18.68 18.74
CA SER X 5 0.26 -19.61 18.32
C SER X 5 0.73 -20.61 17.26
N ILE X 6 2.02 -20.70 17.02
CA ILE X 6 2.52 -21.64 16.02
C ILE X 6 2.53 -23.06 16.55
N ASN X 7 3.01 -23.23 17.77
CA ASN X 7 3.15 -24.55 18.39
C ASN X 7 2.04 -25.01 19.32
N GLY X 8 1.31 -24.08 19.94
CA GLY X 8 0.23 -24.43 20.84
C GLY X 8 0.71 -24.89 22.20
N GLY X 9 -0.18 -24.91 23.18
CA GLY X 9 0.22 -25.38 24.49
C GLY X 9 -0.36 -24.56 25.61
N ILE X 10 -0.49 -25.17 26.79
CA ILE X 10 -1.04 -24.47 27.94
C ILE X 10 -0.36 -24.93 29.21
N VAL X 11 -0.41 -24.10 30.23
CA VAL X 11 0.19 -24.38 31.52
C VAL X 11 -0.71 -23.69 32.50
N VAL X 12 -0.93 -24.29 33.66
CA VAL X 12 -1.74 -23.68 34.69
C VAL X 12 -1.13 -24.07 36.02
N ALA X 13 -1.23 -23.19 36.99
CA ALA X 13 -0.69 -23.44 38.30
C ALA X 13 -1.70 -22.94 39.30
N MET X 14 -1.83 -23.63 40.42
CA MET X 14 -2.77 -23.23 41.45
C MET X 14 -2.15 -23.44 42.82
N THR X 15 -2.61 -22.68 43.81
CA THR X 15 -2.11 -22.82 45.16
C THR X 15 -3.16 -23.54 46.02
N GLY X 16 -2.69 -24.32 46.98
CA GLY X 16 -3.58 -25.04 47.87
C GLY X 16 -3.16 -24.81 49.31
N LYS X 17 -3.56 -25.72 50.21
CA LYS X 17 -3.22 -25.65 51.63
C LYS X 17 -1.88 -26.36 51.75
N ASP X 18 -0.83 -25.60 52.03
CA ASP X 18 0.56 -26.11 52.16
C ASP X 18 1.02 -26.84 50.88
N CYS X 19 0.53 -26.40 49.71
CA CYS X 19 0.88 -27.01 48.42
C CYS X 19 0.57 -26.11 47.22
N VAL X 20 1.04 -26.51 46.04
CA VAL X 20 0.80 -25.79 44.80
C VAL X 20 0.73 -26.83 43.73
N ALA X 21 0.22 -26.49 42.56
CA ALA X 21 0.13 -27.46 41.50
C ALA X 21 0.39 -26.76 40.22
N ILE X 22 1.03 -27.43 39.29
CA ILE X 22 1.33 -26.84 38.01
C ILE X 22 1.12 -27.96 37.01
N ALA X 23 0.40 -27.68 35.94
CA ALA X 23 0.10 -28.70 34.95
C ALA X 23 0.23 -28.12 33.59
N CYS X 24 0.38 -28.97 32.60
CA CYS X 24 0.53 -28.54 31.24
C CYS X 24 0.10 -29.63 30.30
N ASP X 25 -0.15 -29.32 29.05
CA ASP X 25 -0.54 -30.33 28.07
C ASP X 25 0.75 -30.83 27.45
N LEU X 26 0.68 -31.77 26.51
CA LEU X 26 1.89 -32.32 25.92
C LEU X 26 2.04 -32.14 24.43
N ARG X 27 1.15 -31.37 23.82
CA ARG X 27 1.20 -31.18 22.39
C ARG X 27 2.24 -30.20 21.90
N LEU X 28 2.77 -30.49 20.72
CA LEU X 28 3.71 -29.65 20.02
C LEU X 28 3.24 -29.86 18.61
N GLY X 29 2.80 -28.79 17.96
CA GLY X 29 2.35 -28.91 16.59
C GLY X 29 3.02 -27.87 15.73
N SER X 30 2.71 -27.87 14.45
CA SER X 30 3.22 -26.89 13.54
C SER X 30 1.96 -26.45 12.81
N GLN X 31 1.29 -25.43 13.35
CA GLN X 31 0.05 -24.94 12.80
C GLN X 31 -0.95 -26.09 13.00
N SER X 32 -1.51 -26.64 11.92
CA SER X 32 -2.49 -27.71 12.09
C SER X 32 -1.92 -29.10 12.38
N LEU X 33 -0.69 -29.33 11.98
CA LEU X 33 -0.07 -30.62 12.17
C LEU X 33 0.44 -30.91 13.57
N GLY X 34 -0.06 -31.98 14.18
CA GLY X 34 0.43 -32.38 15.49
C GLY X 34 1.79 -33.00 15.20
N VAL X 35 2.79 -32.64 15.98
CA VAL X 35 4.12 -33.16 15.74
C VAL X 35 4.59 -34.05 16.84
N SER X 36 4.30 -33.69 18.07
CA SER X 36 4.72 -34.52 19.18
C SER X 36 3.69 -34.45 20.26
N ASN X 37 3.55 -35.56 20.96
CA ASN X 37 2.62 -35.66 22.04
C ASN X 37 3.38 -35.91 23.32
N LYS X 38 4.65 -35.57 23.34
CA LYS X 38 5.48 -35.78 24.53
C LYS X 38 6.28 -34.52 24.88
N PHE X 39 5.77 -33.36 24.47
CA PHE X 39 6.48 -32.12 24.72
C PHE X 39 6.05 -31.49 26.02
N GLU X 40 6.79 -31.79 27.07
CA GLU X 40 6.49 -31.26 28.39
C GLU X 40 6.92 -29.83 28.46
N LYS X 41 6.17 -29.04 29.20
CA LYS X 41 6.43 -27.64 29.29
C LYS X 41 6.75 -27.22 30.69
N ILE X 42 6.86 -28.19 31.59
CA ILE X 42 7.20 -27.87 32.98
C ILE X 42 8.60 -28.40 33.27
N PHE X 43 9.41 -27.53 33.83
CA PHE X 43 10.80 -27.85 34.15
C PHE X 43 11.00 -27.49 35.59
N HIS X 44 12.08 -27.95 36.19
CA HIS X 44 12.31 -27.60 37.57
C HIS X 44 13.79 -27.47 37.81
N TYR X 45 14.13 -26.52 38.68
CA TYR X 45 15.51 -26.24 39.04
C TYR X 45 15.46 -26.38 40.54
N GLY X 46 15.87 -27.53 41.03
CA GLY X 46 15.79 -27.74 42.45
C GLY X 46 14.33 -27.91 42.75
N HIS X 47 13.80 -27.18 43.71
CA HIS X 47 12.41 -27.29 44.06
C HIS X 47 11.51 -26.23 43.44
N VAL X 48 12.03 -25.50 42.45
CA VAL X 48 11.25 -24.45 41.78
C VAL X 48 10.83 -24.95 40.41
N PHE X 49 9.54 -24.82 40.13
CA PHE X 49 8.99 -25.27 38.88
C PHE X 49 8.64 -24.14 37.97
N LEU X 50 8.97 -24.32 36.71
CA LEU X 50 8.70 -23.33 35.72
C LEU X 50 8.03 -24.00 34.53
N GLY X 51 6.85 -23.51 34.17
CA GLY X 51 6.17 -24.02 33.01
C GLY X 51 6.25 -22.91 31.99
N ILE X 52 6.45 -23.22 30.72
CA ILE X 52 6.53 -22.19 29.71
C ILE X 52 5.71 -22.54 28.47
N THR X 53 4.76 -21.68 28.11
CA THR X 53 3.96 -21.87 26.91
C THR X 53 4.51 -20.92 25.86
N GLY X 54 4.27 -21.20 24.59
CA GLY X 54 4.74 -20.28 23.59
C GLY X 54 5.42 -20.93 22.41
N LEU X 55 6.36 -20.22 21.81
CA LEU X 55 7.13 -20.71 20.69
C LEU X 55 8.11 -21.72 21.29
N ALA X 56 8.05 -22.95 20.78
CA ALA X 56 8.85 -24.05 21.29
C ALA X 56 10.34 -23.83 21.31
N THR X 57 10.89 -23.24 20.26
CA THR X 57 12.32 -23.01 20.28
C THR X 57 12.73 -22.13 21.46
N ASP X 58 11.87 -21.17 21.85
CA ASP X 58 12.11 -20.26 22.95
C ASP X 58 11.88 -20.93 24.29
N VAL X 59 10.88 -21.80 24.33
CA VAL X 59 10.60 -22.55 25.56
C VAL X 59 11.85 -23.39 25.86
N THR X 60 12.40 -24.04 24.83
CA THR X 60 13.59 -24.86 24.98
C THR X 60 14.79 -24.01 25.38
N THR X 61 14.99 -22.89 24.69
CA THR X 61 16.08 -21.98 24.98
C THR X 61 16.02 -21.39 26.38
N LEU X 62 14.83 -21.04 26.82
CA LEU X 62 14.69 -20.46 28.14
C LEU X 62 14.97 -21.46 29.24
N ASN X 63 14.54 -22.70 29.05
CA ASN X 63 14.80 -23.72 30.05
C ASN X 63 16.30 -23.91 30.16
N GLU X 64 16.95 -24.01 29.01
CA GLU X 64 18.39 -24.14 28.99
C GLU X 64 19.07 -22.94 29.62
N MET X 65 18.51 -21.74 29.48
CA MET X 65 19.08 -20.55 30.10
C MET X 65 18.86 -20.52 31.61
N PHE X 66 17.70 -20.92 32.09
CA PHE X 66 17.47 -20.92 33.53
C PHE X 66 18.17 -22.05 34.26
N ARG X 67 18.47 -23.14 33.56
CA ARG X 67 19.20 -24.23 34.18
C ARG X 67 20.57 -23.66 34.41
N TYR X 68 21.12 -23.04 33.37
CA TYR X 68 22.42 -22.39 33.38
C TYR X 68 22.49 -21.37 34.52
N LYS X 69 21.54 -20.46 34.58
CA LYS X 69 21.56 -19.44 35.62
C LYS X 69 21.35 -19.95 37.02
N THR X 70 20.50 -20.95 37.21
CA THR X 70 20.26 -21.50 38.54
C THR X 70 21.42 -22.36 39.05
N ASN X 71 22.11 -23.04 38.13
CA ASN X 71 23.26 -23.85 38.48
C ASN X 71 24.34 -22.94 39.03
N LEU X 72 24.69 -21.88 38.31
CA LEU X 72 25.72 -20.94 38.79
C LEU X 72 25.29 -20.29 40.09
N TYR X 73 24.00 -20.01 40.19
CA TYR X 73 23.45 -19.39 41.39
C TYR X 73 23.74 -20.28 42.58
N LYS X 74 23.50 -21.56 42.41
CA LYS X 74 23.69 -22.54 43.46
C LYS X 74 25.16 -22.60 43.88
N LEU X 75 26.07 -22.57 42.91
CA LEU X 75 27.50 -22.63 43.15
C LEU X 75 28.05 -21.42 43.93
N LYS X 76 27.62 -20.21 43.57
CA LYS X 76 28.06 -19.00 44.23
C LYS X 76 27.39 -18.81 45.58
N GLU X 77 26.08 -19.04 45.62
CA GLU X 77 25.30 -18.86 46.85
C GLU X 77 25.33 -20.04 47.81
N GLU X 78 25.65 -21.22 47.30
CA GLU X 78 25.73 -22.44 48.08
C GLU X 78 24.41 -22.77 48.74
N ARG X 79 23.35 -22.59 47.96
CA ARG X 79 21.99 -22.90 48.37
C ARG X 79 21.15 -22.83 47.10
N ALA X 80 20.01 -23.50 47.09
CA ALA X 80 19.15 -23.51 45.91
C ALA X 80 18.25 -22.27 45.81
N ILE X 81 18.07 -21.76 44.59
CA ILE X 81 17.25 -20.58 44.36
C ILE X 81 15.82 -20.80 44.82
N GLU X 82 15.23 -19.77 45.43
CA GLU X 82 13.85 -19.83 45.91
C GLU X 82 12.90 -19.25 44.85
N PRO X 83 11.59 -19.59 44.93
CA PRO X 83 10.58 -19.13 43.99
C PRO X 83 10.51 -17.62 43.84
N GLU X 84 10.54 -16.92 44.95
CA GLU X 84 10.48 -15.46 44.94
C GLU X 84 11.63 -14.89 44.16
N THR X 85 12.78 -15.48 44.35
CA THR X 85 14.01 -15.04 43.72
C THR X 85 14.09 -15.42 42.26
N PHE X 86 13.68 -16.64 41.96
CA PHE X 86 13.73 -17.10 40.59
C PHE X 86 12.76 -16.26 39.74
N THR X 87 11.63 -15.87 40.33
CA THR X 87 10.64 -15.07 39.66
C THR X 87 11.28 -13.78 39.19
N GLN X 88 11.99 -13.11 40.08
CA GLN X 88 12.69 -11.89 39.73
C GLN X 88 13.70 -12.15 38.62
N LEU X 89 14.44 -13.26 38.72
CA LEU X 89 15.41 -13.62 37.69
C LEU X 89 14.71 -13.82 36.34
N VAL X 90 13.53 -14.43 36.34
CA VAL X 90 12.82 -14.65 35.09
C VAL X 90 12.45 -13.31 34.49
N SER X 91 11.84 -12.46 35.31
CA SER X 91 11.41 -11.14 34.89
C SER X 91 12.55 -10.33 34.29
N SER X 92 13.69 -10.28 34.98
CA SER X 92 14.82 -9.51 34.48
C SER X 92 15.44 -10.09 33.22
N SER X 93 15.39 -11.41 33.06
CA SER X 93 15.94 -12.03 31.87
C SER X 93 15.07 -11.76 30.65
N LEU X 94 13.77 -11.75 30.88
CA LEU X 94 12.80 -11.48 29.82
C LEU X 94 12.87 -10.00 29.40
N TYR X 95 12.83 -9.09 30.37
CA TYR X 95 12.90 -7.67 30.07
C TYR X 95 14.21 -7.30 29.39
N GLU X 96 15.24 -8.09 29.62
CA GLU X 96 16.53 -7.84 29.03
C GLU X 96 16.45 -7.83 27.51
N ARG X 97 15.43 -8.47 26.97
CA ARG X 97 15.23 -8.54 25.52
C ARG X 97 13.95 -7.80 25.14
N ARG X 98 13.67 -6.71 25.82
CA ARG X 98 12.47 -5.91 25.59
C ARG X 98 12.07 -5.64 24.14
N PHE X 99 13.04 -5.35 23.28
CA PHE X 99 12.69 -5.05 21.90
C PHE X 99 12.90 -6.15 20.87
N GLY X 100 13.02 -7.37 21.37
CA GLY X 100 13.18 -8.56 20.55
C GLY X 100 12.94 -9.68 21.54
N PRO X 101 11.76 -9.69 22.17
CA PRO X 101 11.37 -10.67 23.18
C PRO X 101 11.26 -12.13 22.79
N TYR X 102 11.25 -12.95 23.82
CA TYR X 102 11.09 -14.38 23.67
C TYR X 102 9.56 -14.47 23.68
N PHE X 103 8.99 -15.18 22.72
CA PHE X 103 7.55 -15.31 22.66
C PHE X 103 7.13 -16.42 23.60
N VAL X 104 7.01 -16.11 24.88
CA VAL X 104 6.70 -17.12 25.85
C VAL X 104 5.81 -16.57 26.94
N GLY X 105 5.25 -17.47 27.72
CA GLY X 105 4.41 -17.09 28.83
C GLY X 105 4.82 -17.96 29.99
N PRO X 106 5.88 -17.61 30.73
CA PRO X 106 6.34 -18.40 31.86
C PRO X 106 5.38 -18.41 33.03
N VAL X 107 5.46 -19.46 33.83
CA VAL X 107 4.65 -19.61 35.02
C VAL X 107 5.57 -20.27 36.04
N VAL X 108 5.63 -19.72 37.25
CA VAL X 108 6.48 -20.26 38.29
C VAL X 108 5.65 -20.78 39.42
N ALA X 109 6.03 -21.93 39.95
CA ALA X 109 5.33 -22.52 41.08
C ALA X 109 6.32 -23.25 41.97
N GLY X 110 6.18 -23.05 43.26
CA GLY X 110 7.05 -23.71 44.21
C GLY X 110 6.71 -23.37 45.64
N ILE X 111 7.44 -23.95 46.58
CA ILE X 111 7.24 -23.68 48.00
C ILE X 111 8.55 -23.25 48.61
N ASN X 112 8.56 -22.10 49.25
CA ASN X 112 9.75 -21.55 49.89
C ASN X 112 10.19 -22.52 50.99
N SER X 113 11.44 -22.98 50.93
CA SER X 113 11.95 -23.94 51.92
C SER X 113 12.20 -23.41 53.34
N LYS X 114 12.15 -22.10 53.53
CA LYS X 114 12.38 -21.51 54.84
C LYS X 114 11.06 -21.11 55.51
N SER X 115 10.12 -20.55 54.74
CA SER X 115 8.83 -20.13 55.29
C SER X 115 7.68 -21.11 55.05
N GLY X 116 7.83 -21.99 54.07
CA GLY X 116 6.79 -22.95 53.75
C GLY X 116 5.59 -22.42 52.96
N LYS X 117 5.54 -21.11 52.73
CA LYS X 117 4.44 -20.49 51.99
C LYS X 117 4.41 -20.85 50.50
N PRO X 118 3.26 -21.37 50.00
CA PRO X 118 3.13 -21.75 48.58
C PRO X 118 3.25 -20.50 47.70
N PHE X 119 3.83 -20.64 46.52
CA PHE X 119 4.02 -19.51 45.64
C PHE X 119 3.89 -19.81 44.14
N ILE X 120 3.15 -18.95 43.44
CA ILE X 120 2.97 -19.09 41.99
C ILE X 120 3.02 -17.71 41.35
N ALA X 121 3.44 -17.63 40.09
CA ALA X 121 3.48 -16.34 39.42
C ALA X 121 3.49 -16.54 37.93
N GLY X 122 2.99 -15.55 37.20
CA GLY X 122 2.96 -15.61 35.75
C GLY X 122 3.59 -14.35 35.19
N PHE X 123 4.06 -14.41 33.95
CA PHE X 123 4.69 -13.25 33.33
C PHE X 123 4.24 -13.08 31.90
N ASP X 124 4.27 -11.85 31.40
CA ASP X 124 3.97 -11.66 30.00
C ASP X 124 5.31 -11.84 29.31
N LEU X 125 5.38 -11.78 27.99
CA LEU X 125 6.65 -12.04 27.33
C LEU X 125 7.80 -11.09 27.60
N ILE X 126 7.52 -9.94 28.20
CA ILE X 126 8.57 -8.98 28.49
C ILE X 126 8.87 -8.86 29.97
N GLY X 127 8.36 -9.78 30.76
CA GLY X 127 8.67 -9.77 32.17
C GLY X 127 7.71 -9.25 33.20
N CYS X 128 6.58 -8.67 32.81
CA CYS X 128 5.67 -8.17 33.83
C CYS X 128 5.26 -9.38 34.67
N ILE X 129 5.37 -9.24 35.98
CA ILE X 129 5.06 -10.27 36.97
C ILE X 129 3.64 -10.16 37.54
N ASP X 130 2.92 -11.29 37.57
CA ASP X 130 1.58 -11.34 38.16
C ASP X 130 1.71 -12.35 39.30
N GLU X 131 1.72 -11.87 40.54
CA GLU X 131 1.86 -12.77 41.68
C GLU X 131 0.46 -12.93 42.23
N ALA X 132 -0.20 -14.00 41.82
CA ALA X 132 -1.56 -14.27 42.25
C ALA X 132 -1.58 -15.20 43.44
N LYS X 133 -2.62 -15.08 44.26
CA LYS X 133 -2.72 -15.99 45.39
C LYS X 133 -3.59 -17.18 45.03
N ASP X 134 -4.20 -17.13 43.86
CA ASP X 134 -5.09 -18.19 43.40
C ASP X 134 -4.59 -19.06 42.25
N PHE X 135 -4.57 -18.54 41.04
CA PHE X 135 -4.12 -19.33 39.89
C PHE X 135 -3.48 -18.43 38.84
N ILE X 136 -2.75 -19.07 37.94
CA ILE X 136 -2.07 -18.39 36.84
C ILE X 136 -2.32 -19.29 35.65
N VAL X 137 -2.60 -18.70 34.50
CA VAL X 137 -2.87 -19.48 33.31
C VAL X 137 -2.02 -18.95 32.18
N SER X 138 -1.74 -19.78 31.22
CA SER X 138 -0.91 -19.34 30.14
C SER X 138 -1.14 -20.25 28.94
N GLY X 139 -0.86 -19.75 27.75
CA GLY X 139 -1.02 -20.55 26.55
C GLY X 139 -2.11 -20.14 25.60
N THR X 140 -2.28 -20.96 24.58
CA THR X 140 -3.28 -20.71 23.56
C THR X 140 -4.69 -20.92 24.03
N ALA X 141 -4.87 -21.47 25.23
CA ALA X 141 -6.21 -21.65 25.74
C ALA X 141 -6.35 -20.91 27.04
N SER X 142 -5.69 -19.76 27.14
CA SER X 142 -5.76 -18.99 28.37
C SER X 142 -7.14 -18.50 28.75
N ASP X 143 -7.93 -18.05 27.78
CA ASP X 143 -9.28 -17.58 28.08
C ASP X 143 -10.10 -18.70 28.70
N GLN X 144 -10.03 -19.87 28.09
CA GLN X 144 -10.74 -21.01 28.59
C GLN X 144 -10.25 -21.33 30.02
N LEU X 145 -8.94 -21.36 30.23
CA LEU X 145 -8.40 -21.64 31.56
C LEU X 145 -8.93 -20.64 32.57
N PHE X 146 -9.00 -19.39 32.20
CA PHE X 146 -9.52 -18.40 33.14
C PHE X 146 -10.94 -18.71 33.49
N GLY X 147 -11.71 -19.13 32.50
CA GLY X 147 -13.10 -19.47 32.76
C GLY X 147 -13.20 -20.65 33.70
N MET X 148 -12.42 -21.68 33.42
CA MET X 148 -12.40 -22.87 34.23
C MET X 148 -11.99 -22.54 35.64
N CYS X 149 -10.83 -21.91 35.77
CA CYS X 149 -10.28 -21.55 37.06
C CYS X 149 -11.18 -20.65 37.86
N GLU X 150 -11.67 -19.59 37.26
CA GLU X 150 -12.54 -18.68 37.97
C GLU X 150 -13.78 -19.39 38.57
N SER X 151 -14.26 -20.46 37.93
CA SER X 151 -15.41 -21.17 38.46
C SER X 151 -15.04 -22.32 39.35
N LEU X 152 -14.13 -23.16 38.90
CA LEU X 152 -13.71 -24.31 39.68
C LEU X 152 -12.92 -24.01 40.96
N TYR X 153 -12.08 -23.01 40.92
CA TYR X 153 -11.25 -22.69 42.06
C TYR X 153 -11.89 -22.21 43.35
N GLU X 154 -11.35 -22.73 44.45
CA GLU X 154 -11.72 -22.34 45.80
C GLU X 154 -10.40 -22.49 46.58
N PRO X 155 -10.18 -21.65 47.58
CA PRO X 155 -8.97 -21.62 48.42
C PRO X 155 -8.72 -22.76 49.39
N ASN X 156 -7.43 -22.99 49.67
CA ASN X 156 -6.98 -23.98 50.65
C ASN X 156 -7.31 -25.44 50.42
N LEU X 157 -7.36 -25.86 49.17
CA LEU X 157 -7.65 -27.26 48.90
C LEU X 157 -6.46 -28.11 49.32
N GLU X 158 -6.71 -29.37 49.69
CA GLU X 158 -5.65 -30.30 50.07
C GLU X 158 -5.06 -30.85 48.77
N PRO X 159 -3.82 -31.36 48.79
CA PRO X 159 -3.14 -31.90 47.61
C PRO X 159 -4.01 -32.81 46.76
N GLU X 160 -4.71 -33.71 47.42
CA GLU X 160 -5.55 -34.65 46.73
C GLU X 160 -6.71 -33.97 45.98
N ASP X 161 -7.28 -32.93 46.57
CA ASP X 161 -8.38 -32.22 45.94
C ASP X 161 -7.92 -31.23 44.89
N LEU X 162 -6.80 -30.56 45.15
CA LEU X 162 -6.24 -29.58 44.21
C LEU X 162 -6.01 -30.31 42.91
N PHE X 163 -5.44 -31.51 43.01
CA PHE X 163 -5.16 -32.32 41.84
C PHE X 163 -6.38 -32.44 40.94
N GLU X 164 -7.53 -32.75 41.53
CA GLU X 164 -8.74 -32.90 40.74
C GLU X 164 -9.10 -31.57 40.09
N THR X 165 -9.01 -30.48 40.85
CA THR X 165 -9.32 -29.17 40.34
C THR X 165 -8.47 -28.71 39.20
N ILE X 166 -7.18 -28.70 39.40
CA ILE X 166 -6.29 -28.24 38.36
C ILE X 166 -6.41 -29.13 37.14
N SER X 167 -6.55 -30.43 37.35
CA SER X 167 -6.67 -31.37 36.23
C SER X 167 -7.89 -31.08 35.37
N GLN X 168 -9.01 -30.82 36.02
CA GLN X 168 -10.24 -30.54 35.31
C GLN X 168 -10.17 -29.21 34.60
N ALA X 169 -9.54 -28.24 35.25
CA ALA X 169 -9.38 -26.92 34.66
C ALA X 169 -8.58 -27.07 33.39
N LEU X 170 -7.51 -27.85 33.45
CA LEU X 170 -6.66 -28.05 32.30
C LEU X 170 -7.31 -28.85 31.20
N LEU X 171 -7.84 -30.00 31.56
CA LEU X 171 -8.43 -30.89 30.60
C LEU X 171 -9.53 -30.26 29.79
N ASN X 172 -10.45 -29.62 30.47
CA ASN X 172 -11.58 -29.03 29.80
C ASN X 172 -11.22 -27.83 29.00
N ALA X 173 -10.19 -27.12 29.43
CA ALA X 173 -9.73 -25.94 28.73
C ALA X 173 -9.09 -26.43 27.46
N ALA X 174 -8.25 -27.45 27.57
CA ALA X 174 -7.57 -28.00 26.40
C ALA X 174 -8.50 -28.53 25.34
N ASP X 175 -9.62 -29.10 25.75
CA ASP X 175 -10.58 -29.67 24.80
C ASP X 175 -11.32 -28.67 23.93
N ARG X 176 -11.22 -27.39 24.28
CA ARG X 176 -11.85 -26.31 23.51
C ARG X 176 -10.78 -25.50 22.77
N ASP X 177 -9.59 -26.08 22.65
CA ASP X 177 -8.48 -25.41 21.98
C ASP X 177 -7.95 -26.38 20.96
N ALA X 178 -7.87 -25.94 19.72
CA ALA X 178 -7.39 -26.76 18.64
C ALA X 178 -5.93 -27.05 18.78
N LEU X 179 -5.21 -26.13 19.38
CA LEU X 179 -3.78 -26.29 19.53
C LEU X 179 -3.24 -26.89 20.82
N SER X 180 -4.12 -27.30 21.72
CA SER X 180 -3.70 -27.90 22.98
C SER X 180 -4.29 -29.29 23.15
N GLY X 181 -3.66 -30.07 24.02
CA GLY X 181 -4.12 -31.40 24.28
C GLY X 181 -3.06 -32.42 24.01
N TRP X 182 -3.45 -33.51 23.35
CA TRP X 182 -2.56 -34.60 23.05
C TRP X 182 -1.87 -35.13 24.30
N GLY X 183 -2.53 -35.01 25.45
CA GLY X 183 -1.93 -35.49 26.67
C GLY X 183 -1.79 -34.36 27.66
N ALA X 184 -1.57 -34.68 28.93
CA ALA X 184 -1.42 -33.67 29.96
C ALA X 184 -0.69 -34.24 31.18
N VAL X 185 0.04 -33.39 31.88
CA VAL X 185 0.78 -33.81 33.07
C VAL X 185 0.50 -32.83 34.18
N VAL X 186 0.43 -33.33 35.41
CA VAL X 186 0.14 -32.49 36.58
C VAL X 186 1.14 -32.71 37.71
N TYR X 187 1.61 -31.64 38.33
CA TYR X 187 2.55 -31.74 39.42
C TYR X 187 1.87 -31.23 40.67
N ILE X 188 1.81 -32.05 41.70
CA ILE X 188 1.25 -31.63 42.97
C ILE X 188 2.51 -31.49 43.81
N ILE X 189 2.73 -30.30 44.32
CA ILE X 189 3.94 -30.03 45.06
C ILE X 189 3.70 -29.69 46.52
N LYS X 190 4.40 -30.40 47.41
CA LYS X 190 4.33 -30.21 48.87
C LYS X 190 5.76 -29.92 49.36
N LYS X 191 5.89 -29.45 50.60
CA LYS X 191 7.21 -29.14 51.21
C LYS X 191 8.24 -30.26 51.07
N ASP X 192 7.77 -31.48 51.28
CA ASP X 192 8.62 -32.64 51.21
C ASP X 192 8.61 -33.41 49.88
N GLU X 193 7.43 -33.80 49.41
CA GLU X 193 7.32 -34.57 48.18
C GLU X 193 6.68 -33.85 47.01
N VAL X 194 6.99 -34.33 45.82
CA VAL X 194 6.41 -33.80 44.59
C VAL X 194 5.98 -35.01 43.79
N VAL X 195 4.70 -35.06 43.42
CA VAL X 195 4.16 -36.15 42.63
C VAL X 195 3.74 -35.62 41.26
N LYS X 196 4.05 -36.38 40.23
CA LYS X 196 3.75 -36.06 38.83
C LYS X 196 2.77 -37.12 38.30
N ARG X 197 1.61 -36.72 37.78
CA ARG X 197 0.63 -37.67 37.25
C ARG X 197 0.23 -37.35 35.81
N TYR X 198 0.35 -38.32 34.90
CA TYR X 198 -0.04 -38.13 33.51
C TYR X 198 -1.53 -38.46 33.46
N LEU X 199 -2.31 -37.65 32.75
CA LEU X 199 -3.75 -37.85 32.65
C LEU X 199 -4.16 -38.49 31.35
N LYS X 200 -5.31 -39.13 31.33
CA LYS X 200 -5.85 -39.75 30.13
C LYS X 200 -6.84 -38.75 29.55
N MET X 201 -6.71 -38.44 28.26
CA MET X 201 -7.59 -37.48 27.62
C MET X 201 -7.71 -37.81 26.16
N ARG X 202 -8.60 -37.11 25.46
CA ARG X 202 -8.82 -37.33 24.03
C ARG X 202 -7.52 -37.10 23.27
N GLN X 203 -7.36 -37.77 22.13
CA GLN X 203 -6.15 -37.58 21.35
C GLN X 203 -6.40 -36.98 19.97
N ASP X 204 -7.34 -36.05 19.94
CA ASP X 204 -7.68 -35.36 18.71
C ASP X 204 -7.57 -33.84 18.91
N MET Y 1 8.74 -27.56 -1.14
CA MET Y 1 9.89 -28.12 -0.34
C MET Y 1 10.13 -29.60 -0.68
N ASP Y 2 11.36 -30.05 -0.48
CA ASP Y 2 11.79 -31.41 -0.74
C ASP Y 2 11.22 -32.41 0.26
N ILE Y 3 11.42 -33.69 0.01
CA ILE Y 3 10.90 -34.72 0.91
C ILE Y 3 11.97 -35.29 1.80
N ILE Y 4 11.70 -35.24 3.10
CA ILE Y 4 12.60 -35.73 4.10
C ILE Y 4 11.81 -36.49 5.11
N LEU Y 5 12.07 -37.79 5.19
CA LEU Y 5 11.38 -38.66 6.10
C LEU Y 5 12.42 -39.42 6.87
N GLY Y 6 12.05 -39.83 8.06
CA GLY Y 6 12.96 -40.60 8.86
C GLY Y 6 12.11 -41.53 9.68
N ILE Y 7 12.63 -42.73 9.88
CA ILE Y 7 11.94 -43.74 10.64
C ILE Y 7 12.98 -44.50 11.50
N ARG Y 8 12.71 -44.60 12.79
CA ARG Y 8 13.58 -45.30 13.73
C ARG Y 8 12.99 -46.68 14.05
N VAL Y 9 13.64 -47.74 13.57
CA VAL Y 9 13.18 -49.11 13.80
C VAL Y 9 13.84 -49.64 15.08
N GLN Y 10 14.02 -50.96 15.21
CA GLN Y 10 14.63 -51.48 16.44
C GLN Y 10 16.15 -51.33 16.57
N ASP Y 11 16.87 -51.57 15.50
CA ASP Y 11 18.31 -51.48 15.57
C ASP Y 11 18.89 -50.54 14.54
N SER Y 12 18.09 -49.60 14.03
CA SER Y 12 18.56 -48.66 13.01
C SER Y 12 17.62 -47.49 12.72
N VAL Y 13 18.14 -46.49 12.02
CA VAL Y 13 17.36 -45.32 11.62
C VAL Y 13 17.49 -45.24 10.12
N ILE Y 14 16.36 -45.12 9.44
CA ILE Y 14 16.37 -45.03 7.99
C ILE Y 14 15.95 -43.62 7.62
N LEU Y 15 16.66 -42.98 6.71
CA LEU Y 15 16.33 -41.64 6.27
C LEU Y 15 16.06 -41.72 4.79
N ALA Y 16 14.91 -41.20 4.36
CA ALA Y 16 14.55 -41.19 2.95
C ALA Y 16 14.45 -39.73 2.59
N SER Y 17 15.09 -39.35 1.50
CA SER Y 17 15.11 -37.96 1.09
C SER Y 17 15.00 -37.87 -0.42
N SER Y 18 14.11 -37.02 -0.92
CA SER Y 18 13.90 -36.90 -2.36
C SER Y 18 15.13 -36.52 -3.15
N LYS Y 19 15.15 -36.92 -4.41
CA LYS Y 19 16.28 -36.67 -5.29
C LYS Y 19 16.20 -35.48 -6.27
N ALA Y 20 15.09 -34.78 -6.32
CA ALA Y 20 14.98 -33.66 -7.25
C ALA Y 20 15.43 -32.33 -6.70
N VAL Y 21 15.97 -31.51 -7.58
CA VAL Y 21 16.38 -30.15 -7.26
C VAL Y 21 15.68 -29.39 -8.38
N THR Y 22 14.75 -28.53 -8.01
CA THR Y 22 13.97 -27.76 -8.99
C THR Y 22 14.24 -26.27 -8.87
N ARG Y 23 14.63 -25.65 -9.97
CA ARG Y 23 14.90 -24.22 -9.96
C ARG Y 23 14.02 -23.51 -10.98
N GLY Y 24 12.91 -22.97 -10.48
CA GLY Y 24 11.99 -22.26 -11.32
C GLY Y 24 11.13 -23.17 -12.17
N ILE Y 25 11.32 -23.07 -13.48
CA ILE Y 25 10.56 -23.84 -14.46
C ILE Y 25 11.11 -25.24 -14.76
N SER Y 26 12.34 -25.55 -14.38
CA SER Y 26 12.92 -26.85 -14.69
C SER Y 26 13.52 -27.60 -13.52
N VAL Y 27 13.59 -28.92 -13.67
CA VAL Y 27 14.19 -29.77 -12.68
C VAL Y 27 15.63 -29.86 -13.15
N LEU Y 28 16.56 -29.33 -12.37
CA LEU Y 28 17.97 -29.33 -12.76
C LEU Y 28 18.73 -30.62 -12.55
N LYS Y 29 18.36 -31.36 -11.50
CA LYS Y 29 19.02 -32.61 -11.16
C LYS Y 29 18.00 -33.60 -10.61
N ASP Y 30 18.22 -34.87 -10.88
CA ASP Y 30 17.33 -35.93 -10.42
C ASP Y 30 18.09 -36.94 -9.56
N SER Y 31 19.30 -36.60 -9.14
CA SER Y 31 20.14 -37.50 -8.34
C SER Y 31 20.75 -36.87 -7.10
N ASP Y 32 20.11 -35.86 -6.54
CA ASP Y 32 20.65 -35.18 -5.39
C ASP Y 32 20.56 -35.92 -4.07
N ASP Y 33 21.64 -35.91 -3.33
CA ASP Y 33 21.72 -36.55 -2.03
C ASP Y 33 21.65 -35.45 -0.98
N LYS Y 34 20.51 -35.29 -0.35
CA LYS Y 34 20.29 -34.27 0.65
C LYS Y 34 20.64 -34.74 2.04
N THR Y 35 21.88 -35.20 2.18
CA THR Y 35 22.31 -35.72 3.44
C THR Y 35 23.81 -35.53 3.60
N ARG Y 36 24.28 -35.42 4.85
CA ARG Y 36 25.73 -35.31 5.18
C ARG Y 36 26.01 -36.23 6.35
N GLN Y 37 27.10 -36.99 6.28
CA GLN Y 37 27.48 -37.86 7.39
C GLN Y 37 28.20 -36.97 8.40
N LEU Y 38 27.62 -36.79 9.58
CA LEU Y 38 28.22 -35.93 10.58
C LEU Y 38 29.33 -36.66 11.31
N SER Y 39 29.13 -37.94 11.57
CA SER Y 39 30.13 -38.79 12.22
C SER Y 39 29.88 -40.20 11.70
N PRO Y 40 30.79 -41.14 11.98
CA PRO Y 40 30.53 -42.48 11.46
C PRO Y 40 29.19 -43.13 11.85
N HIS Y 41 28.57 -42.66 12.92
CA HIS Y 41 27.30 -43.21 13.34
C HIS Y 41 26.18 -42.16 13.39
N THR Y 42 26.37 -41.02 12.72
CA THR Y 42 25.35 -39.95 12.71
C THR Y 42 25.19 -39.33 11.33
N LEU Y 43 23.95 -39.23 10.87
CA LEU Y 43 23.67 -38.68 9.56
C LEU Y 43 22.59 -37.64 9.69
N MET Y 44 22.65 -36.62 8.86
CA MET Y 44 21.65 -35.59 8.91
C MET Y 44 21.17 -35.32 7.52
N SER Y 45 19.87 -35.27 7.36
CA SER Y 45 19.26 -34.98 6.07
C SER Y 45 18.74 -33.58 6.24
N PHE Y 46 18.56 -32.87 5.13
CA PHE Y 46 18.10 -31.50 5.21
C PHE Y 46 17.27 -31.02 4.04
N ALA Y 47 16.38 -30.08 4.33
CA ALA Y 47 15.53 -29.51 3.29
C ALA Y 47 15.21 -28.09 3.65
N GLY Y 48 15.06 -27.24 2.63
CA GLY Y 48 14.72 -25.85 2.89
C GLY Y 48 15.15 -24.96 1.75
N GLU Y 49 15.66 -23.78 2.11
CA GLU Y 49 16.09 -22.78 1.14
C GLU Y 49 17.37 -23.05 0.39
N ALA Y 50 17.28 -22.84 -0.92
CA ALA Y 50 18.33 -23.02 -1.89
C ALA Y 50 19.79 -23.14 -1.49
N GLY Y 51 20.40 -22.08 -0.98
CA GLY Y 51 21.81 -22.23 -0.64
C GLY Y 51 22.08 -22.53 0.81
N ASP Y 52 21.21 -22.04 1.68
CA ASP Y 52 21.33 -22.22 3.12
C ASP Y 52 21.47 -23.66 3.53
N THR Y 53 20.73 -24.49 2.82
CA THR Y 53 20.65 -25.90 3.03
C THR Y 53 22.04 -26.63 3.08
N VAL Y 54 22.80 -26.64 1.99
CA VAL Y 54 24.09 -27.29 1.96
C VAL Y 54 25.11 -26.51 2.77
N GLN Y 55 25.00 -25.18 2.80
CA GLN Y 55 25.93 -24.38 3.58
C GLN Y 55 25.84 -24.71 5.04
N PHE Y 56 24.62 -24.82 5.55
CA PHE Y 56 24.42 -25.17 6.95
C PHE Y 56 24.92 -26.58 7.19
N ALA Y 57 24.50 -27.52 6.35
CA ALA Y 57 24.89 -28.92 6.49
C ALA Y 57 26.40 -29.12 6.56
N GLU Y 58 27.12 -28.56 5.60
CA GLU Y 58 28.56 -28.69 5.57
C GLU Y 58 29.26 -27.97 6.74
N TYR Y 59 28.61 -26.95 7.29
CA TYR Y 59 29.17 -26.23 8.44
C TYR Y 59 29.06 -27.16 9.66
N ILE Y 60 27.89 -27.76 9.87
CA ILE Y 60 27.68 -28.68 11.00
C ILE Y 60 28.62 -29.89 10.88
N GLN Y 61 28.79 -30.39 9.66
CA GLN Y 61 29.67 -31.54 9.43
C GLN Y 61 31.08 -31.13 9.85
N ALA Y 62 31.56 -30.02 9.30
CA ALA Y 62 32.88 -29.52 9.62
C ALA Y 62 33.07 -29.41 11.13
N ASN Y 63 32.10 -28.85 11.85
CA ASN Y 63 32.21 -28.72 13.31
C ASN Y 63 32.22 -30.02 14.11
N ILE Y 64 31.44 -31.00 13.67
CA ILE Y 64 31.40 -32.27 14.37
C ILE Y 64 32.70 -33.02 14.09
N GLN Y 65 33.17 -33.00 12.84
CA GLN Y 65 34.43 -33.64 12.49
C GLN Y 65 35.61 -33.07 13.29
N LEU Y 66 35.53 -31.79 13.64
CA LEU Y 66 36.58 -31.11 14.42
C LEU Y 66 36.53 -31.54 15.87
N TYR Y 67 35.33 -31.73 16.39
CA TYR Y 67 35.19 -32.18 17.75
C TYR Y 67 35.76 -33.59 17.84
N SER Y 68 35.41 -34.43 16.88
CA SER Y 68 35.87 -35.81 16.83
C SER Y 68 37.38 -35.95 16.88
N ILE Y 69 38.07 -35.08 16.18
CA ILE Y 69 39.51 -35.14 16.18
C ILE Y 69 40.19 -34.52 17.39
N ARG Y 70 39.69 -33.40 17.87
CA ARG Y 70 40.27 -32.76 19.04
C ARG Y 70 40.18 -33.69 20.24
N GLU Y 71 39.08 -34.41 20.33
CA GLU Y 71 38.77 -35.28 21.44
C GLU Y 71 38.99 -36.79 21.27
N ASP Y 72 39.16 -37.27 20.04
CA ASP Y 72 39.33 -38.71 19.74
C ASP Y 72 38.09 -39.46 20.23
N TYR Y 73 36.92 -38.86 20.02
CA TYR Y 73 35.68 -39.46 20.49
C TYR Y 73 34.53 -39.00 19.60
N GLU Y 74 33.50 -39.82 19.52
CA GLU Y 74 32.34 -39.50 18.72
C GLU Y 74 31.22 -39.09 19.65
N LEU Y 75 30.75 -37.85 19.53
CA LEU Y 75 29.67 -37.33 20.33
C LEU Y 75 28.44 -38.15 20.11
N SER Y 76 27.61 -38.24 21.13
CA SER Y 76 26.40 -39.02 21.00
C SER Y 76 25.46 -38.28 20.05
N PRO Y 77 24.47 -39.00 19.49
CA PRO Y 77 23.52 -38.37 18.59
C PRO Y 77 22.79 -37.27 19.31
N GLN Y 78 22.47 -37.51 20.57
CA GLN Y 78 21.77 -36.52 21.37
C GLN Y 78 22.60 -35.24 21.46
N ALA Y 79 23.90 -35.39 21.59
CA ALA Y 79 24.80 -34.25 21.70
C ALA Y 79 24.88 -33.51 20.36
N VAL Y 80 25.03 -34.27 19.27
CA VAL Y 80 25.11 -33.67 17.96
C VAL Y 80 23.84 -32.85 17.67
N SER Y 81 22.69 -33.39 18.05
CA SER Y 81 21.43 -32.70 17.81
C SER Y 81 21.24 -31.45 18.65
N SER Y 82 21.65 -31.44 19.92
CA SER Y 82 21.52 -30.23 20.72
C SER Y 82 22.44 -29.17 20.14
N PHE Y 83 23.59 -29.57 19.63
CA PHE Y 83 24.50 -28.63 19.01
C PHE Y 83 23.82 -28.05 17.77
N VAL Y 84 23.21 -28.89 16.92
CA VAL Y 84 22.51 -28.43 15.73
C VAL Y 84 21.34 -27.53 16.10
N ARG Y 85 20.60 -27.87 17.15
CA ARG Y 85 19.49 -27.02 17.55
C ARG Y 85 19.94 -25.61 17.94
N GLN Y 86 20.94 -25.51 18.80
CA GLN Y 86 21.44 -24.20 19.21
C GLN Y 86 21.91 -23.38 18.01
N GLU Y 87 22.52 -24.02 17.02
CA GLU Y 87 22.96 -23.29 15.84
C GLU Y 87 21.74 -22.73 15.11
N LEU Y 88 20.70 -23.54 14.96
CA LEU Y 88 19.49 -23.10 14.28
C LEU Y 88 18.81 -22.04 15.12
N ALA Y 89 18.72 -22.24 16.41
CA ALA Y 89 18.09 -21.26 17.28
C ALA Y 89 18.83 -19.94 17.35
N LYS Y 90 20.06 -19.91 16.88
CA LYS Y 90 20.88 -18.69 16.89
C LYS Y 90 20.47 -17.84 15.71
N SER Y 91 20.40 -18.47 14.55
CA SER Y 91 20.05 -17.79 13.32
C SER Y 91 18.64 -17.21 13.25
N ILE Y 92 17.72 -17.73 14.03
CA ILE Y 92 16.37 -17.22 13.94
C ILE Y 92 16.19 -15.74 14.22
N ARG Y 93 17.06 -15.16 15.04
CA ARG Y 93 16.98 -13.74 15.33
C ARG Y 93 18.22 -13.02 14.80
N SER Y 94 18.79 -13.64 13.76
CA SER Y 94 19.98 -13.17 13.05
C SER Y 94 19.60 -12.17 11.96
N ARG Y 95 20.61 -11.65 11.27
CA ARG Y 95 20.44 -10.68 10.20
C ARG Y 95 19.69 -11.38 9.07
N ARG Y 96 20.19 -12.55 8.69
CA ARG Y 96 19.57 -13.35 7.64
C ARG Y 96 19.58 -14.79 8.15
N PRO Y 97 18.44 -15.27 8.66
CA PRO Y 97 18.25 -16.62 9.20
C PRO Y 97 18.35 -17.77 8.20
N TYR Y 98 18.96 -18.87 8.63
CA TYR Y 98 19.10 -20.07 7.82
C TYR Y 98 17.66 -20.60 7.80
N GLN Y 99 17.19 -21.01 6.63
CA GLN Y 99 15.86 -21.59 6.54
C GLN Y 99 16.10 -23.05 6.13
N VAL Y 100 16.58 -23.84 7.09
CA VAL Y 100 16.91 -25.23 6.88
C VAL Y 100 16.25 -26.11 7.96
N ASN Y 101 15.62 -27.21 7.53
CA ASN Y 101 14.97 -28.16 8.42
C ASN Y 101 15.79 -29.41 8.27
N VAL Y 102 16.09 -30.06 9.38
CA VAL Y 102 16.92 -31.23 9.34
C VAL Y 102 16.37 -32.38 10.15
N LEU Y 103 16.86 -33.57 9.82
CA LEU Y 103 16.52 -34.79 10.52
C LEU Y 103 17.89 -35.38 10.79
N ILE Y 104 18.12 -35.77 12.02
CA ILE Y 104 19.39 -36.37 12.38
C ILE Y 104 19.10 -37.78 12.84
N GLY Y 105 19.65 -38.75 12.14
CA GLY Y 105 19.44 -40.11 12.53
C GLY Y 105 20.76 -40.65 12.98
N GLY Y 106 20.84 -41.10 14.20
CA GLY Y 106 22.09 -41.63 14.67
C GLY Y 106 21.98 -42.88 15.50
N TYR Y 107 23.06 -43.63 15.56
CA TYR Y 107 23.11 -44.84 16.36
C TYR Y 107 24.03 -44.56 17.51
N ASP Y 108 23.49 -44.59 18.72
CA ASP Y 108 24.27 -44.32 19.93
C ASP Y 108 24.98 -45.59 20.37
N LYS Y 109 26.26 -45.70 20.04
CA LYS Y 109 27.05 -46.87 20.41
C LYS Y 109 27.21 -47.12 21.91
N LYS Y 110 26.89 -46.13 22.74
CA LYS Y 110 27.02 -46.30 24.18
C LYS Y 110 25.76 -46.87 24.83
N LYS Y 111 24.59 -46.42 24.38
CA LYS Y 111 23.28 -46.89 24.90
C LYS Y 111 22.78 -48.09 24.10
N ASN Y 112 23.41 -48.31 22.95
CA ASN Y 112 23.09 -49.36 21.98
C ASN Y 112 21.66 -49.26 21.45
N LYS Y 113 21.28 -48.04 21.08
CA LYS Y 113 19.94 -47.75 20.56
C LYS Y 113 19.99 -46.69 19.47
N PRO Y 114 19.14 -46.82 18.44
CA PRO Y 114 19.11 -45.84 17.35
C PRO Y 114 18.21 -44.68 17.80
N GLU Y 115 18.49 -43.47 17.32
CA GLU Y 115 17.70 -42.29 17.68
C GLU Y 115 17.51 -41.40 16.47
N LEU Y 116 16.35 -40.75 16.40
CA LEU Y 116 15.98 -39.83 15.31
C LEU Y 116 15.55 -38.50 15.88
N TYR Y 117 16.18 -37.43 15.40
CA TYR Y 117 15.83 -36.10 15.87
C TYR Y 117 15.33 -35.28 14.72
N GLN Y 118 14.23 -34.57 14.95
CA GLN Y 118 13.63 -33.71 13.96
C GLN Y 118 13.76 -32.30 14.47
N ILE Y 119 14.45 -31.44 13.72
CA ILE Y 119 14.63 -30.03 14.11
C ILE Y 119 14.24 -29.09 12.95
N ASP Y 120 13.27 -28.20 13.17
CA ASP Y 120 12.87 -27.25 12.13
C ASP Y 120 13.77 -26.02 12.13
N TYR Y 121 13.65 -25.20 11.09
CA TYR Y 121 14.46 -24.00 10.94
C TYR Y 121 14.50 -23.05 12.13
N LEU Y 122 13.53 -23.16 13.03
CA LEU Y 122 13.47 -22.29 14.21
C LEU Y 122 14.25 -22.86 15.39
N GLY Y 123 14.74 -24.08 15.25
CA GLY Y 123 15.44 -24.70 16.33
C GLY Y 123 14.48 -25.44 17.22
N THR Y 124 13.37 -25.95 16.65
CA THR Y 124 12.39 -26.72 17.41
C THR Y 124 12.81 -28.17 17.29
N LYS Y 125 13.34 -28.75 18.36
CA LYS Y 125 13.80 -30.13 18.35
C LYS Y 125 12.86 -31.04 19.10
N VAL Y 126 12.59 -32.19 18.48
CA VAL Y 126 11.73 -33.18 19.07
C VAL Y 126 12.32 -34.55 18.66
N GLU Y 127 12.33 -35.49 19.60
CA GLU Y 127 12.85 -36.85 19.34
C GLU Y 127 11.59 -37.70 19.05
N LEU Y 128 11.60 -38.44 17.96
CA LEU Y 128 10.42 -39.21 17.56
C LEU Y 128 10.74 -40.55 16.92
N PRO Y 129 9.71 -41.42 16.77
CA PRO Y 129 9.86 -42.72 16.14
C PRO Y 129 10.02 -42.55 14.64
N TYR Y 130 9.38 -41.52 14.11
CA TYR Y 130 9.43 -41.20 12.68
C TYR Y 130 9.10 -39.73 12.59
N GLY Y 131 9.59 -39.07 11.57
CA GLY Y 131 9.31 -37.67 11.46
C GLY Y 131 9.50 -37.27 10.03
N ALA Y 132 9.16 -36.02 9.74
CA ALA Y 132 9.27 -35.48 8.39
C ALA Y 132 9.19 -33.96 8.49
N HIS Y 133 9.47 -33.29 7.39
CA HIS Y 133 9.42 -31.85 7.38
C HIS Y 133 8.54 -31.33 6.26
N GLY Y 134 7.92 -30.20 6.52
CA GLY Y 134 7.08 -29.59 5.51
C GLY Y 134 5.75 -30.26 5.37
N TYR Y 135 5.43 -30.62 4.13
CA TYR Y 135 4.18 -31.30 3.83
C TYR Y 135 4.27 -32.79 3.89
N SER Y 136 5.45 -33.35 3.67
CA SER Y 136 5.65 -34.79 3.71
C SER Y 136 4.85 -35.48 4.80
N GLY Y 137 4.87 -34.93 6.00
CA GLY Y 137 4.15 -35.56 7.09
C GLY Y 137 2.64 -35.60 6.91
N PHE Y 138 2.10 -34.63 6.19
CA PHE Y 138 0.68 -34.56 5.96
C PHE Y 138 0.16 -35.80 5.25
N TYR Y 139 0.96 -36.30 4.32
CA TYR Y 139 0.60 -37.47 3.56
C TYR Y 139 0.99 -38.78 4.23
N THR Y 140 2.16 -38.80 4.85
CA THR Y 140 2.69 -40.02 5.45
C THR Y 140 2.38 -40.34 6.91
N PHE Y 141 2.08 -39.37 7.74
CA PHE Y 141 1.83 -39.65 9.14
C PHE Y 141 0.68 -40.56 9.43
N SER Y 142 -0.35 -40.56 8.61
CA SER Y 142 -1.49 -41.42 8.88
C SER Y 142 -1.08 -42.88 8.67
N LEU Y 143 -0.16 -43.09 7.74
CA LEU Y 143 0.36 -44.41 7.46
C LEU Y 143 1.29 -44.86 8.58
N LEU Y 144 2.23 -44.01 8.97
CA LEU Y 144 3.17 -44.33 10.04
C LEU Y 144 2.43 -44.56 11.37
N ASP Y 145 1.52 -43.66 11.71
CA ASP Y 145 0.76 -43.81 12.94
C ASP Y 145 0.05 -45.16 12.95
N HIS Y 146 -0.33 -45.65 11.77
CA HIS Y 146 -1.05 -46.92 11.66
C HIS Y 146 -0.21 -48.18 11.73
N HIS Y 147 0.78 -48.28 10.84
CA HIS Y 147 1.64 -49.45 10.74
C HIS Y 147 2.91 -49.51 11.60
N TYR Y 148 3.29 -48.41 12.26
CA TYR Y 148 4.50 -48.39 13.07
C TYR Y 148 4.49 -49.20 14.35
N ARG Y 149 5.56 -49.98 14.54
CA ARG Y 149 5.78 -50.78 15.75
C ARG Y 149 7.27 -50.63 16.16
N PRO Y 150 7.56 -50.43 17.45
CA PRO Y 150 8.93 -50.26 17.97
C PRO Y 150 9.89 -51.41 17.71
N ASP Y 151 9.39 -52.61 17.51
CA ASP Y 151 10.28 -53.74 17.28
C ASP Y 151 10.43 -54.18 15.84
N MET Y 152 10.20 -53.28 14.91
CA MET Y 152 10.32 -53.60 13.49
C MET Y 152 11.75 -53.89 13.11
N THR Y 153 11.93 -54.66 12.06
CA THR Y 153 13.26 -54.99 11.59
C THR Y 153 13.59 -53.92 10.57
N THR Y 154 14.82 -53.91 10.10
CA THR Y 154 15.20 -52.93 9.12
C THR Y 154 14.31 -53.13 7.90
N GLU Y 155 14.12 -54.38 7.49
CA GLU Y 155 13.29 -54.67 6.32
C GLU Y 155 11.84 -54.23 6.48
N GLU Y 156 11.34 -54.22 7.71
CA GLU Y 156 9.96 -53.80 7.95
C GLU Y 156 9.82 -52.27 7.84
N GLY Y 157 10.87 -51.55 8.20
CA GLY Y 157 10.86 -50.11 8.08
C GLY Y 157 10.92 -49.74 6.62
N LEU Y 158 11.80 -50.41 5.89
CA LEU Y 158 11.93 -50.14 4.47
C LEU Y 158 10.61 -50.35 3.71
N ASP Y 159 9.83 -51.33 4.13
CA ASP Y 159 8.56 -51.59 3.46
C ASP Y 159 7.55 -50.52 3.83
N LEU Y 160 7.66 -50.01 5.05
CA LEU Y 160 6.78 -48.96 5.50
C LEU Y 160 7.17 -47.67 4.78
N LEU Y 161 8.45 -47.38 4.65
CA LEU Y 161 8.86 -46.18 3.94
C LEU Y 161 8.39 -46.26 2.50
N LYS Y 162 8.45 -47.45 1.92
CA LYS Y 162 8.01 -47.65 0.55
C LYS Y 162 6.53 -47.31 0.39
N LEU Y 163 5.70 -47.74 1.33
CA LEU Y 163 4.29 -47.45 1.28
C LEU Y 163 4.10 -45.94 1.37
N CYS Y 164 4.89 -45.30 2.22
CA CYS Y 164 4.86 -43.86 2.42
C CYS Y 164 5.19 -43.16 1.11
N VAL Y 165 6.27 -43.55 0.49
CA VAL Y 165 6.69 -42.96 -0.76
C VAL Y 165 5.62 -43.15 -1.84
N GLN Y 166 4.90 -44.26 -1.79
CA GLN Y 166 3.86 -44.52 -2.77
C GLN Y 166 2.70 -43.54 -2.58
N GLU Y 167 2.31 -43.31 -1.35
CA GLU Y 167 1.23 -42.38 -1.10
C GLU Y 167 1.64 -41.01 -1.57
N LEU Y 168 2.88 -40.63 -1.30
CA LEU Y 168 3.39 -39.33 -1.71
C LEU Y 168 3.36 -39.25 -3.22
N GLU Y 169 3.79 -40.30 -3.89
CA GLU Y 169 3.78 -40.28 -5.34
C GLU Y 169 2.39 -40.26 -5.90
N LYS Y 170 1.41 -40.75 -5.15
CA LYS Y 170 0.04 -40.74 -5.64
C LYS Y 170 -0.60 -39.39 -5.46
N ARG Y 171 -0.65 -38.93 -4.22
CA ARG Y 171 -1.30 -37.67 -3.90
C ARG Y 171 -0.53 -36.34 -3.91
N MET Y 172 0.80 -36.34 -3.82
CA MET Y 172 1.54 -35.08 -3.81
C MET Y 172 1.75 -34.57 -5.24
N PRO Y 173 1.42 -33.29 -5.51
CA PRO Y 173 1.53 -32.62 -6.81
C PRO Y 173 2.86 -32.56 -7.55
N MET Y 174 3.97 -32.42 -6.84
CA MET Y 174 5.27 -32.32 -7.51
C MET Y 174 5.97 -33.64 -7.66
N ASP Y 175 6.77 -33.76 -8.71
CA ASP Y 175 7.53 -34.98 -8.99
C ASP Y 175 8.87 -34.81 -8.32
N PHE Y 176 9.03 -35.40 -7.15
CA PHE Y 176 10.27 -35.30 -6.42
C PHE Y 176 11.30 -36.30 -6.89
N LYS Y 177 11.01 -36.97 -7.99
CA LYS Y 177 11.95 -37.92 -8.57
C LYS Y 177 12.50 -39.05 -7.72
N GLY Y 178 11.72 -39.55 -6.78
CA GLY Y 178 12.19 -40.66 -5.97
C GLY Y 178 12.99 -40.25 -4.75
N VAL Y 179 13.39 -41.23 -3.95
CA VAL Y 179 14.16 -40.97 -2.75
C VAL Y 179 15.41 -41.82 -2.62
N ILE Y 180 16.41 -41.25 -1.93
CA ILE Y 180 17.63 -41.97 -1.66
C ILE Y 180 17.39 -42.34 -0.21
N VAL Y 181 17.63 -43.61 0.13
CA VAL Y 181 17.42 -44.10 1.49
C VAL Y 181 18.74 -44.51 2.09
N LYS Y 182 18.91 -44.20 3.37
CA LYS Y 182 20.13 -44.56 4.04
C LYS Y 182 19.77 -45.13 5.38
N ILE Y 183 20.54 -46.13 5.80
CA ILE Y 183 20.31 -46.80 7.08
C ILE Y 183 21.52 -46.54 8.00
N VAL Y 184 21.23 -46.13 9.24
CA VAL Y 184 22.24 -45.85 10.24
C VAL Y 184 22.08 -46.92 11.34
N ASP Y 185 23.13 -47.71 11.60
CA ASP Y 185 23.09 -48.74 12.65
C ASP Y 185 24.46 -48.93 13.31
N LYS Y 186 24.59 -49.97 14.14
CA LYS Y 186 25.85 -50.23 14.84
C LYS Y 186 27.06 -50.27 13.94
N ASP Y 187 26.88 -50.67 12.70
CA ASP Y 187 28.02 -50.77 11.80
C ASP Y 187 28.25 -49.56 10.93
N GLY Y 188 27.50 -48.49 11.19
CA GLY Y 188 27.68 -47.28 10.41
C GLY Y 188 26.52 -46.81 9.57
N ILE Y 189 26.84 -46.25 8.42
CA ILE Y 189 25.85 -45.71 7.50
C ILE Y 189 26.00 -46.35 6.14
N ARG Y 190 24.91 -46.90 5.62
CA ARG Y 190 24.93 -47.51 4.31
C ARG Y 190 23.75 -46.99 3.52
N GLN Y 191 23.97 -46.81 2.23
CA GLN Y 191 22.94 -46.34 1.31
C GLN Y 191 22.27 -47.57 0.68
N VAL Y 192 20.97 -47.65 0.84
CA VAL Y 192 20.19 -48.74 0.30
C VAL Y 192 20.02 -48.44 -1.18
N ASP Y 193 20.76 -49.11 -2.04
CA ASP Y 193 20.64 -48.85 -3.48
C ASP Y 193 19.39 -49.45 -4.13
N ASP Y 194 18.62 -50.23 -3.37
CA ASP Y 194 17.40 -50.86 -3.88
C ASP Y 194 16.08 -50.30 -3.31
N PHE Y 195 15.54 -49.26 -3.96
CA PHE Y 195 14.27 -48.66 -3.52
C PHE Y 195 13.33 -48.23 -4.65
N GLN Y 196 13.90 -47.99 -5.84
CA GLN Y 196 13.11 -47.58 -7.00
C GLN Y 196 12.00 -48.61 -7.20
N ALA Y 197 12.28 -49.84 -6.75
CA ALA Y 197 11.37 -50.99 -6.82
C ALA Y 197 11.93 -52.09 -5.87
N GLN Y 198 11.18 -52.45 -4.82
CA GLN Y 198 11.61 -53.46 -3.84
C GLN Y 198 10.61 -54.61 -3.67
N THR Z 1 18.47 -15.37 -23.30
CA THR Z 1 19.79 -16.05 -23.18
C THR Z 1 19.63 -17.54 -22.99
N THR Z 2 20.53 -18.28 -23.60
CA THR Z 2 20.55 -19.72 -23.49
C THR Z 2 22.01 -20.12 -23.45
N THR Z 3 22.34 -20.87 -22.42
CA THR Z 3 23.69 -21.32 -22.26
C THR Z 3 23.57 -22.76 -21.87
N LEU Z 4 24.52 -23.58 -22.33
CA LEU Z 4 24.51 -24.96 -21.95
C LEU Z 4 25.91 -25.51 -21.87
N ALA Z 5 26.03 -26.57 -21.09
CA ALA Z 5 27.29 -27.25 -20.92
C ALA Z 5 26.96 -28.69 -20.59
N PHE Z 6 27.58 -29.61 -21.31
CA PHE Z 6 27.36 -31.01 -21.03
C PHE Z 6 28.68 -31.77 -21.05
N ARG Z 7 28.70 -32.87 -20.29
CA ARG Z 7 29.82 -33.77 -20.12
C ARG Z 7 29.75 -34.99 -21.06
N PHE Z 8 30.87 -35.38 -21.67
CA PHE Z 8 30.90 -36.55 -22.55
C PHE Z 8 32.29 -37.25 -22.70
N GLN Z 9 32.38 -38.23 -23.59
CA GLN Z 9 33.61 -38.98 -23.86
C GLN Z 9 34.87 -38.13 -24.03
N GLY Z 10 34.80 -37.14 -24.92
CA GLY Z 10 35.97 -36.30 -25.17
C GLY Z 10 36.05 -34.98 -24.44
N GLY Z 11 35.37 -34.84 -23.31
CA GLY Z 11 35.44 -33.58 -22.60
C GLY Z 11 34.12 -32.92 -22.26
N ILE Z 12 34.08 -31.60 -22.47
CA ILE Z 12 32.87 -30.83 -22.16
C ILE Z 12 32.50 -29.98 -23.36
N ILE Z 13 31.20 -29.84 -23.60
CA ILE Z 13 30.78 -28.96 -24.68
C ILE Z 13 30.10 -27.81 -24.00
N VAL Z 14 30.53 -26.60 -24.32
CA VAL Z 14 29.92 -25.43 -23.76
C VAL Z 14 29.44 -24.63 -24.96
N ALA Z 15 28.15 -24.30 -25.01
CA ALA Z 15 27.59 -23.53 -26.11
C ALA Z 15 26.66 -22.50 -25.53
N VAL Z 16 26.67 -21.32 -26.10
CA VAL Z 16 25.84 -20.26 -25.59
C VAL Z 16 25.40 -19.40 -26.75
N ASP Z 17 24.35 -18.60 -26.57
CA ASP Z 17 23.91 -17.68 -27.63
C ASP Z 17 24.63 -16.36 -27.34
N SER Z 18 24.20 -15.26 -27.95
CA SER Z 18 24.86 -14.00 -27.69
C SER Z 18 23.98 -12.77 -27.76
N ARG Z 19 22.73 -12.89 -27.31
CA ARG Z 19 21.82 -11.75 -27.34
C ARG Z 19 21.63 -11.15 -25.94
N ALA Z 20 21.47 -9.85 -25.89
CA ALA Z 20 21.22 -9.14 -24.64
C ALA Z 20 20.03 -8.22 -24.93
N THR Z 21 19.07 -8.17 -24.02
CA THR Z 21 17.88 -7.36 -24.20
C THR Z 21 17.57 -6.53 -22.97
N ALA Z 22 17.02 -5.34 -23.18
CA ALA Z 22 16.62 -4.46 -22.08
C ALA Z 22 15.18 -4.15 -22.41
N GLY Z 23 14.27 -4.97 -21.87
CA GLY Z 23 12.86 -4.81 -22.16
C GLY Z 23 12.60 -5.56 -23.46
N ASN Z 24 12.23 -4.84 -24.52
CA ASN Z 24 11.98 -5.45 -25.84
C ASN Z 24 13.12 -5.04 -26.78
N TRP Z 25 13.97 -4.15 -26.30
CA TRP Z 25 15.12 -3.63 -27.03
C TRP Z 25 16.27 -4.64 -27.06
N VAL Z 26 16.75 -4.97 -28.25
CA VAL Z 26 17.87 -5.89 -28.39
C VAL Z 26 19.13 -5.04 -28.25
N ALA Z 27 19.73 -5.07 -27.07
CA ALA Z 27 20.91 -4.26 -26.76
C ALA Z 27 22.16 -4.66 -27.52
N SER Z 28 22.32 -5.96 -27.72
CA SER Z 28 23.48 -6.46 -28.44
C SER Z 28 23.16 -7.82 -29.00
N GLN Z 29 23.74 -8.12 -30.14
CA GLN Z 29 23.56 -9.41 -30.76
C GLN Z 29 24.93 -10.08 -30.75
N THR Z 30 25.89 -9.44 -30.08
CA THR Z 30 27.27 -9.90 -30.02
C THR Z 30 27.89 -9.99 -28.62
N VAL Z 31 27.10 -10.39 -27.62
CA VAL Z 31 27.57 -10.50 -26.25
C VAL Z 31 28.39 -11.74 -26.06
N LYS Z 32 29.48 -11.66 -25.31
CA LYS Z 32 30.28 -12.85 -25.05
C LYS Z 32 29.75 -13.44 -23.76
N ARG Z 33 29.09 -14.59 -23.85
CA ARG Z 33 28.53 -15.20 -22.67
C ARG Z 33 29.36 -16.27 -22.02
N VAL Z 34 30.54 -16.51 -22.56
CA VAL Z 34 31.43 -17.49 -21.96
C VAL Z 34 32.58 -16.65 -21.49
N ILE Z 35 32.91 -16.76 -20.21
CA ILE Z 35 34.03 -16.02 -19.65
C ILE Z 35 35.19 -17.01 -19.63
N GLU Z 36 36.33 -16.61 -20.18
CA GLU Z 36 37.52 -17.46 -20.20
C GLU Z 36 38.28 -17.14 -18.93
N ILE Z 37 37.91 -17.85 -17.86
CA ILE Z 37 38.49 -17.70 -16.53
C ILE Z 37 40.01 -17.80 -16.61
N ASN Z 38 40.48 -18.87 -17.26
CA ASN Z 38 41.90 -19.13 -17.54
C ASN Z 38 41.93 -20.14 -18.68
N PRO Z 39 43.12 -20.54 -19.14
CA PRO Z 39 43.16 -21.50 -20.25
C PRO Z 39 42.55 -22.90 -20.04
N PHE Z 40 42.15 -23.21 -18.83
CA PHE Z 40 41.58 -24.51 -18.49
C PHE Z 40 40.16 -24.48 -17.96
N LEU Z 41 39.67 -23.32 -17.53
CA LEU Z 41 38.32 -23.25 -17.00
C LEU Z 41 37.43 -22.29 -17.77
N LEU Z 42 36.16 -22.67 -17.96
CA LEU Z 42 35.18 -21.82 -18.65
C LEU Z 42 34.02 -21.52 -17.72
N GLY Z 43 33.36 -20.40 -17.93
CA GLY Z 43 32.22 -20.06 -17.12
C GLY Z 43 31.20 -19.46 -18.06
N THR Z 44 29.92 -19.75 -17.81
CA THR Z 44 28.85 -19.24 -18.65
C THR Z 44 28.13 -18.08 -17.94
N MET Z 45 27.74 -17.08 -18.71
CA MET Z 45 27.06 -15.87 -18.21
C MET Z 45 25.54 -15.91 -18.37
N ALA Z 46 24.82 -15.82 -17.27
CA ALA Z 46 23.37 -15.79 -17.32
C ALA Z 46 22.94 -15.08 -16.07
N GLY Z 47 21.96 -14.20 -16.19
CA GLY Z 47 21.51 -13.46 -15.03
C GLY Z 47 22.09 -12.10 -15.29
N GLY Z 48 22.81 -11.55 -14.32
CA GLY Z 48 23.39 -10.24 -14.50
C GLY Z 48 24.71 -10.31 -15.23
N ALA Z 49 24.85 -9.54 -16.31
CA ALA Z 49 26.06 -9.49 -17.10
C ALA Z 49 27.29 -9.09 -16.31
N ALA Z 50 27.19 -7.97 -15.60
CA ALA Z 50 28.26 -7.43 -14.77
C ALA Z 50 28.61 -8.42 -13.68
N ASP Z 51 27.60 -8.90 -12.95
CA ASP Z 51 27.81 -9.88 -11.88
C ASP Z 51 28.62 -11.08 -12.33
N CYS Z 52 28.18 -11.72 -13.39
CA CYS Z 52 28.90 -12.87 -13.90
C CYS Z 52 30.31 -12.48 -14.36
N GLN Z 53 30.37 -11.50 -15.25
CA GLN Z 53 31.64 -11.04 -15.78
C GLN Z 53 32.65 -10.64 -14.69
N PHE Z 54 32.20 -9.88 -13.71
CA PHE Z 54 33.06 -9.43 -12.62
C PHE Z 54 33.55 -10.56 -11.71
N TRP Z 55 32.62 -11.35 -11.19
CA TRP Z 55 33.01 -12.39 -10.28
C TRP Z 55 33.71 -13.54 -10.91
N GLU Z 56 33.49 -13.77 -12.19
CA GLU Z 56 34.19 -14.85 -12.85
C GLU Z 56 35.58 -14.44 -13.30
N THR Z 57 35.80 -13.15 -13.55
CA THR Z 57 37.13 -12.68 -13.89
C THR Z 57 37.90 -12.73 -12.56
N TRP Z 58 37.26 -12.33 -11.48
CA TRP Z 58 37.90 -12.37 -10.16
C TRP Z 58 38.24 -13.81 -9.84
N LEU Z 59 37.34 -14.73 -10.18
CA LEU Z 59 37.58 -16.13 -9.92
C LEU Z 59 38.88 -16.45 -10.63
N GLY Z 60 39.02 -16.00 -11.86
CA GLY Z 60 40.22 -16.26 -12.64
C GLY Z 60 41.47 -15.85 -11.89
N SER Z 61 41.36 -14.84 -11.04
CA SER Z 61 42.48 -14.38 -10.24
C SER Z 61 42.74 -15.26 -9.03
N GLN Z 62 41.68 -15.61 -8.31
CA GLN Z 62 41.82 -16.48 -7.14
C GLN Z 62 42.40 -17.84 -7.51
N CYS Z 63 42.08 -18.31 -8.71
CA CYS Z 63 42.59 -19.58 -9.20
C CYS Z 63 44.08 -19.43 -9.46
N ARG Z 64 44.49 -18.33 -10.07
CA ARG Z 64 45.89 -18.10 -10.38
C ARG Z 64 46.71 -18.07 -9.09
N LEU Z 65 46.16 -17.41 -8.09
CA LEU Z 65 46.80 -17.30 -6.79
C LEU Z 65 46.95 -18.68 -6.14
N HIS Z 66 45.93 -19.51 -6.24
CA HIS Z 66 45.97 -20.84 -5.68
C HIS Z 66 47.11 -21.62 -6.32
N GLU Z 67 47.25 -21.51 -7.62
CA GLU Z 67 48.29 -22.22 -8.35
C GLU Z 67 49.68 -21.77 -8.03
N LEU Z 68 49.80 -20.51 -7.66
CA LEU Z 68 51.10 -19.97 -7.29
C LEU Z 68 51.46 -20.51 -5.91
N ARG Z 69 50.49 -20.53 -4.99
CA ARG Z 69 50.70 -21.01 -3.63
C ARG Z 69 50.92 -22.51 -3.52
N GLU Z 70 50.08 -23.28 -4.20
CA GLU Z 70 50.15 -24.74 -4.11
C GLU Z 70 50.89 -25.48 -5.20
N LYS Z 71 51.36 -24.78 -6.22
CA LYS Z 71 52.10 -25.41 -7.31
C LYS Z 71 51.38 -26.54 -8.04
N GLU Z 72 50.06 -26.56 -7.91
CA GLU Z 72 49.25 -27.59 -8.54
C GLU Z 72 48.01 -26.90 -9.11
N ARG Z 73 47.56 -27.39 -10.26
CA ARG Z 73 46.37 -26.87 -10.93
C ARG Z 73 45.14 -26.95 -10.03
N ILE Z 74 44.30 -25.91 -10.05
CA ILE Z 74 43.11 -25.91 -9.21
C ILE Z 74 42.04 -26.84 -9.75
N SER Z 75 41.36 -27.53 -8.86
CA SER Z 75 40.30 -28.43 -9.27
C SER Z 75 39.03 -27.64 -9.53
N VAL Z 76 38.17 -28.17 -10.40
CA VAL Z 76 36.92 -27.52 -10.72
C VAL Z 76 36.05 -27.44 -9.47
N ALA Z 77 36.18 -28.42 -8.57
CA ALA Z 77 35.41 -28.43 -7.33
C ALA Z 77 35.77 -27.25 -6.46
N ALA Z 78 37.07 -26.97 -6.36
CA ALA Z 78 37.53 -25.87 -5.55
C ALA Z 78 37.29 -24.55 -6.22
N ALA Z 79 37.49 -24.51 -7.52
CA ALA Z 79 37.30 -23.27 -8.24
C ALA Z 79 35.85 -22.85 -8.12
N SER Z 80 34.95 -23.77 -8.44
CA SER Z 80 33.54 -23.48 -8.37
C SER Z 80 33.13 -23.06 -6.97
N LYS Z 81 33.67 -23.72 -5.96
CA LYS Z 81 33.33 -23.39 -4.60
C LYS Z 81 33.82 -22.01 -4.18
N ILE Z 82 34.90 -21.56 -4.79
CA ILE Z 82 35.39 -20.23 -4.47
C ILE Z 82 34.30 -19.25 -4.86
N LEU Z 83 33.76 -19.43 -6.07
CA LEU Z 83 32.74 -18.57 -6.60
C LEU Z 83 31.51 -18.73 -5.77
N SER Z 84 31.07 -19.95 -5.61
CA SER Z 84 29.88 -20.22 -4.85
C SER Z 84 29.90 -19.66 -3.44
N ASN Z 85 31.00 -19.82 -2.73
CA ASN Z 85 31.08 -19.30 -1.38
C ASN Z 85 31.01 -17.79 -1.36
N LEU Z 86 31.58 -17.15 -2.36
CA LEU Z 86 31.61 -15.70 -2.45
C LEU Z 86 30.18 -15.22 -2.59
N VAL Z 87 29.52 -15.76 -3.59
CA VAL Z 87 28.15 -15.44 -3.91
C VAL Z 87 27.24 -15.57 -2.68
N TYR Z 88 27.53 -16.56 -1.83
CA TYR Z 88 26.74 -16.78 -0.62
C TYR Z 88 26.95 -15.68 0.40
N GLN Z 89 28.15 -15.08 0.41
CA GLN Z 89 28.43 -13.99 1.35
C GLN Z 89 27.49 -12.82 1.06
N TYR Z 90 27.25 -12.57 -0.23
CA TYR Z 90 26.38 -11.50 -0.71
C TYR Z 90 24.91 -11.87 -0.80
N LYS Z 91 24.52 -13.05 -0.32
CA LYS Z 91 23.13 -13.45 -0.43
C LYS Z 91 22.14 -12.47 0.18
N GLY Z 92 21.14 -12.11 -0.62
CA GLY Z 92 20.12 -11.18 -0.18
C GLY Z 92 20.36 -9.76 -0.62
N ALA Z 93 21.55 -9.48 -1.13
CA ALA Z 93 21.91 -8.15 -1.58
C ALA Z 93 21.46 -7.82 -2.99
N GLY Z 94 21.19 -8.86 -3.78
CA GLY Z 94 20.73 -8.61 -5.13
C GLY Z 94 21.55 -9.09 -6.31
N LEU Z 95 22.59 -9.89 -6.09
CA LEU Z 95 23.36 -10.37 -7.22
C LEU Z 95 22.45 -11.28 -8.03
N SER Z 96 22.73 -11.39 -9.32
CA SER Z 96 21.94 -12.26 -10.16
C SER Z 96 22.85 -13.01 -11.11
N MET Z 97 22.96 -14.32 -10.92
CA MET Z 97 23.79 -15.14 -11.80
C MET Z 97 23.47 -16.61 -11.78
N GLY Z 98 23.53 -17.21 -12.96
CA GLY Z 98 23.29 -18.63 -13.14
C GLY Z 98 24.44 -18.99 -14.03
N THR Z 99 25.39 -19.76 -13.53
CA THR Z 99 26.52 -20.06 -14.34
C THR Z 99 26.99 -21.48 -14.22
N MET Z 100 27.72 -21.95 -15.22
CA MET Z 100 28.27 -23.28 -15.19
C MET Z 100 29.77 -23.08 -15.16
N ILE Z 101 30.43 -23.72 -14.20
CA ILE Z 101 31.86 -23.66 -14.09
C ILE Z 101 32.32 -25.00 -14.67
N CYS Z 102 33.03 -24.92 -15.77
CA CYS Z 102 33.46 -26.11 -16.47
C CYS Z 102 34.96 -26.27 -16.54
N GLY Z 103 35.41 -27.49 -16.29
CA GLY Z 103 36.84 -27.77 -16.36
C GLY Z 103 37.07 -29.26 -16.50
N TYR Z 104 38.26 -29.64 -16.91
CA TYR Z 104 38.61 -31.06 -17.08
C TYR Z 104 39.99 -31.26 -16.46
N THR Z 105 40.04 -31.79 -15.25
CA THR Z 105 41.33 -32.01 -14.60
C THR Z 105 41.67 -33.48 -14.54
N ARG Z 106 42.94 -33.78 -14.28
CA ARG Z 106 43.41 -35.14 -14.18
C ARG Z 106 42.70 -35.88 -13.03
N LYS Z 107 42.63 -35.24 -11.88
CA LYS Z 107 42.02 -35.84 -10.69
C LYS Z 107 40.52 -36.09 -10.77
N GLU Z 108 39.80 -35.18 -11.44
CA GLU Z 108 38.35 -35.23 -11.54
C GLU Z 108 37.74 -35.71 -12.86
N GLY Z 109 38.40 -35.42 -13.96
CA GLY Z 109 37.85 -35.78 -15.25
C GLY Z 109 37.03 -34.58 -15.66
N PRO Z 110 36.24 -34.66 -16.76
CA PRO Z 110 35.45 -33.49 -17.13
C PRO Z 110 34.48 -33.20 -15.99
N THR Z 111 34.38 -31.95 -15.56
CA THR Z 111 33.51 -31.57 -14.45
C THR Z 111 32.77 -30.28 -14.72
N ILE Z 112 31.45 -30.28 -14.46
CA ILE Z 112 30.60 -29.10 -14.62
C ILE Z 112 29.87 -28.85 -13.33
N TYR Z 113 29.91 -27.63 -12.83
CA TYR Z 113 29.19 -27.26 -11.62
C TYR Z 113 28.32 -26.07 -11.96
N TYR Z 114 27.06 -26.15 -11.60
CA TYR Z 114 26.12 -25.08 -11.82
C TYR Z 114 26.20 -24.28 -10.51
N VAL Z 115 26.37 -22.99 -10.60
CA VAL Z 115 26.45 -22.14 -9.40
C VAL Z 115 25.54 -20.93 -9.61
N ASP Z 116 24.69 -20.61 -8.64
CA ASP Z 116 23.85 -19.44 -8.83
C ASP Z 116 23.89 -18.51 -7.65
N SER Z 117 23.34 -17.31 -7.85
CA SER Z 117 23.31 -16.29 -6.82
C SER Z 117 22.55 -16.63 -5.55
N ASP Z 118 21.74 -17.69 -5.59
CA ASP Z 118 21.02 -18.15 -4.40
C ASP Z 118 21.98 -18.96 -3.48
N GLY Z 119 23.12 -19.38 -4.02
CA GLY Z 119 24.09 -20.17 -3.26
C GLY Z 119 24.20 -21.62 -3.69
N THR Z 120 23.35 -22.04 -4.63
CA THR Z 120 23.35 -23.40 -5.09
C THR Z 120 24.61 -23.71 -5.84
N ARG Z 121 25.18 -24.88 -5.55
CA ARG Z 121 26.36 -25.37 -6.23
C ARG Z 121 26.06 -26.83 -6.47
N LEU Z 122 25.94 -27.21 -7.74
CA LEU Z 122 25.60 -28.58 -8.12
C LEU Z 122 26.47 -29.16 -9.18
N LYS Z 123 26.91 -30.39 -8.96
CA LYS Z 123 27.73 -31.08 -9.93
C LYS Z 123 26.74 -31.78 -10.86
N GLY Z 124 27.03 -31.87 -12.15
CA GLY Z 124 26.11 -32.54 -13.03
C GLY Z 124 26.69 -32.79 -14.40
N ASP Z 125 25.94 -33.50 -15.23
CA ASP Z 125 26.40 -33.85 -16.57
C ASP Z 125 25.88 -32.94 -17.64
N ILE Z 126 24.67 -32.41 -17.45
CA ILE Z 126 24.02 -31.52 -18.42
C ILE Z 126 23.32 -30.37 -17.73
N PHE Z 127 23.59 -29.13 -18.12
CA PHE Z 127 22.89 -27.99 -17.51
C PHE Z 127 22.61 -27.01 -18.60
N CYS Z 128 21.45 -26.36 -18.53
CA CYS Z 128 21.03 -25.31 -19.48
C CYS Z 128 20.48 -24.22 -18.58
N VAL Z 129 20.85 -22.99 -18.88
CA VAL Z 129 20.41 -21.90 -18.05
C VAL Z 129 20.07 -20.72 -18.92
N GLY Z 130 19.04 -19.99 -18.57
CA GLY Z 130 18.67 -18.84 -19.35
C GLY Z 130 17.21 -18.88 -19.75
N SER Z 131 16.73 -17.81 -20.38
CA SER Z 131 15.35 -17.73 -20.80
C SER Z 131 15.02 -18.80 -21.82
N GLY Z 132 16.04 -19.29 -22.52
CA GLY Z 132 15.82 -20.31 -23.53
C GLY Z 132 16.17 -21.70 -23.10
N GLN Z 133 16.45 -21.89 -21.82
CA GLN Z 133 16.84 -23.19 -21.32
C GLN Z 133 15.91 -24.36 -21.64
N THR Z 134 14.59 -24.18 -21.54
CA THR Z 134 13.67 -25.26 -21.83
C THR Z 134 13.76 -25.80 -23.25
N PHE Z 135 14.01 -24.92 -24.21
CA PHE Z 135 14.12 -25.36 -25.57
C PHE Z 135 15.40 -26.13 -25.76
N ALA Z 136 16.49 -25.65 -25.20
CA ALA Z 136 17.77 -26.33 -25.32
C ALA Z 136 17.72 -27.71 -24.72
N TYR Z 137 17.04 -27.87 -23.60
CA TYR Z 137 16.93 -29.16 -22.93
C TYR Z 137 16.20 -30.22 -23.76
N GLY Z 138 15.22 -29.80 -24.53
CA GLY Z 138 14.48 -30.77 -25.32
C GLY Z 138 15.44 -31.48 -26.25
N VAL Z 139 16.14 -30.68 -27.04
CA VAL Z 139 17.11 -31.18 -27.98
C VAL Z 139 18.22 -31.98 -27.28
N LEU Z 140 18.79 -31.40 -26.23
CA LEU Z 140 19.84 -32.04 -25.48
C LEU Z 140 19.42 -33.40 -24.96
N ASP Z 141 18.35 -33.46 -24.19
CA ASP Z 141 17.90 -34.72 -23.63
C ASP Z 141 17.70 -35.88 -24.59
N SER Z 142 17.09 -35.63 -25.75
CA SER Z 142 16.81 -36.69 -26.70
C SER Z 142 17.95 -37.16 -27.60
N ASN Z 143 19.05 -36.41 -27.62
CA ASN Z 143 20.16 -36.81 -28.47
C ASN Z 143 21.45 -37.01 -27.72
N TYR Z 144 21.46 -36.71 -26.43
CA TYR Z 144 22.65 -36.89 -25.64
C TYR Z 144 22.95 -38.35 -25.38
N LYS Z 145 24.20 -38.70 -25.66
CA LYS Z 145 24.74 -40.04 -25.46
C LYS Z 145 26.17 -39.80 -24.96
N TRP Z 146 26.61 -40.54 -23.94
CA TRP Z 146 27.97 -40.39 -23.42
C TRP Z 146 29.04 -40.62 -24.47
N ASP Z 147 28.76 -41.48 -25.44
CA ASP Z 147 29.74 -41.80 -26.48
C ASP Z 147 29.76 -40.93 -27.71
N LEU Z 148 29.24 -39.72 -27.64
CA LEU Z 148 29.24 -38.83 -28.80
C LEU Z 148 30.66 -38.46 -29.23
N SER Z 149 30.87 -38.30 -30.53
CA SER Z 149 32.18 -37.93 -31.02
C SER Z 149 32.31 -36.43 -30.78
N VAL Z 150 33.54 -35.93 -30.68
CA VAL Z 150 33.75 -34.50 -30.47
C VAL Z 150 33.06 -33.63 -31.54
N GLU Z 151 32.92 -34.14 -32.75
CA GLU Z 151 32.26 -33.42 -33.86
C GLU Z 151 30.73 -33.41 -33.70
N ASP Z 152 30.14 -34.55 -33.31
CA ASP Z 152 28.70 -34.65 -33.11
C ASP Z 152 28.28 -33.92 -31.85
N ALA Z 153 29.10 -33.97 -30.81
CA ALA Z 153 28.81 -33.27 -29.57
C ALA Z 153 28.73 -31.75 -29.81
N LEU Z 154 29.74 -31.21 -30.48
CA LEU Z 154 29.78 -29.79 -30.80
C LEU Z 154 28.52 -29.41 -31.56
N TYR Z 155 28.09 -30.27 -32.46
CA TYR Z 155 26.90 -30.03 -33.23
C TYR Z 155 25.67 -30.01 -32.35
N LEU Z 156 25.54 -30.97 -31.46
CA LEU Z 156 24.39 -31.03 -30.57
C LEU Z 156 24.29 -29.74 -29.77
N GLY Z 157 25.38 -29.31 -29.15
CA GLY Z 157 25.35 -28.10 -28.38
C GLY Z 157 24.90 -26.95 -29.26
N LYS Z 158 25.46 -26.89 -30.45
CA LYS Z 158 25.14 -25.86 -31.42
C LYS Z 158 23.67 -25.90 -31.81
N ARG Z 159 23.16 -27.10 -32.07
CA ARG Z 159 21.79 -27.30 -32.46
C ARG Z 159 20.83 -26.89 -31.35
N SER Z 160 21.15 -27.28 -30.12
CA SER Z 160 20.30 -26.95 -29.00
C SER Z 160 20.15 -25.46 -28.83
N ILE Z 161 21.22 -24.71 -29.06
CA ILE Z 161 21.15 -23.29 -28.93
C ILE Z 161 20.26 -22.77 -30.04
N LEU Z 162 20.42 -23.31 -31.23
CA LEU Z 162 19.60 -22.89 -32.36
C LEU Z 162 18.14 -23.09 -32.03
N ALA Z 163 17.81 -24.23 -31.45
CA ALA Z 163 16.44 -24.50 -31.08
C ALA Z 163 15.95 -23.39 -30.17
N ALA Z 164 16.77 -22.99 -29.19
CA ALA Z 164 16.36 -21.94 -28.29
C ALA Z 164 16.33 -20.60 -28.96
N ALA Z 165 17.28 -20.30 -29.84
CA ALA Z 165 17.31 -19.01 -30.51
C ALA Z 165 16.10 -18.77 -31.38
N HIS Z 166 15.58 -19.83 -31.99
CA HIS Z 166 14.41 -19.73 -32.84
C HIS Z 166 13.16 -19.37 -32.09
N ARG Z 167 12.87 -20.10 -31.02
CA ARG Z 167 11.68 -19.88 -30.24
C ARG Z 167 11.69 -18.82 -29.16
N ASP Z 168 12.82 -18.64 -28.49
CA ASP Z 168 12.92 -17.67 -27.41
C ASP Z 168 13.28 -16.33 -27.96
N ALA Z 169 12.41 -15.36 -27.72
CA ALA Z 169 12.64 -14.02 -28.21
C ALA Z 169 13.90 -13.44 -27.63
N TYR Z 170 14.25 -13.87 -26.43
CA TYR Z 170 15.42 -13.35 -25.76
C TYR Z 170 16.74 -14.05 -26.03
N SER Z 171 16.75 -14.95 -27.01
CA SER Z 171 17.97 -15.67 -27.35
C SER Z 171 18.14 -15.59 -28.84
N GLY Z 172 19.39 -15.49 -29.28
CA GLY Z 172 19.65 -15.42 -30.70
C GLY Z 172 20.98 -14.74 -30.92
N GLY Z 173 21.14 -14.10 -32.06
CA GLY Z 173 22.38 -13.42 -32.36
C GLY Z 173 23.31 -14.40 -33.04
N SER Z 174 24.07 -15.14 -32.24
CA SER Z 174 25.01 -16.12 -32.77
C SER Z 174 25.32 -17.12 -31.69
N VAL Z 175 25.91 -18.25 -32.07
CA VAL Z 175 26.27 -19.29 -31.13
C VAL Z 175 27.77 -19.36 -30.98
N ASN Z 176 28.25 -19.42 -29.75
CA ASN Z 176 29.69 -19.56 -29.52
C ASN Z 176 29.85 -20.94 -28.93
N LEU Z 177 30.77 -21.73 -29.49
CA LEU Z 177 31.02 -23.09 -29.03
C LEU Z 177 32.39 -23.28 -28.46
N TYR Z 178 32.50 -24.14 -27.47
CA TYR Z 178 33.79 -24.45 -26.86
C TYR Z 178 33.84 -25.90 -26.51
N HIS Z 179 35.02 -26.49 -26.70
CA HIS Z 179 35.26 -27.90 -26.36
C HIS Z 179 36.31 -27.88 -25.25
N VAL Z 180 35.98 -28.45 -24.10
CA VAL Z 180 36.92 -28.46 -22.99
C VAL Z 180 37.62 -29.80 -22.84
N THR Z 181 38.93 -29.83 -23.00
CA THR Z 181 39.69 -31.05 -22.82
C THR Z 181 40.64 -30.86 -21.66
N GLU Z 182 41.35 -31.92 -21.29
CA GLU Z 182 42.29 -31.85 -20.15
C GLU Z 182 43.45 -30.88 -20.39
N ASP Z 183 43.87 -30.73 -21.64
CA ASP Z 183 44.97 -29.84 -21.97
C ASP Z 183 44.50 -28.40 -22.14
N GLY Z 184 43.22 -28.16 -21.85
CA GLY Z 184 42.67 -26.83 -22.00
C GLY Z 184 41.45 -26.83 -22.91
N TRP Z 185 40.86 -25.66 -23.12
CA TRP Z 185 39.68 -25.57 -23.98
C TRP Z 185 40.04 -25.14 -25.37
N ILE Z 186 39.22 -25.54 -26.33
CA ILE Z 186 39.45 -25.17 -27.70
C ILE Z 186 38.20 -24.44 -28.17
N TYR Z 187 38.35 -23.25 -28.74
CA TYR Z 187 37.19 -22.50 -29.22
C TYR Z 187 36.81 -23.05 -30.57
N HIS Z 188 35.51 -23.30 -30.76
CA HIS Z 188 35.03 -23.83 -32.02
C HIS Z 188 34.14 -22.89 -32.83
N GLY Z 189 34.43 -21.60 -32.73
CA GLY Z 189 33.75 -20.60 -33.52
C GLY Z 189 32.51 -19.85 -33.08
N ASN Z 190 32.21 -18.81 -33.86
CA ASN Z 190 31.06 -17.94 -33.69
C ASN Z 190 30.22 -18.15 -34.93
N HIS Z 191 28.98 -18.59 -34.74
CA HIS Z 191 28.08 -18.85 -35.85
C HIS Z 191 26.82 -17.99 -35.83
N ASP Z 192 26.64 -17.12 -36.83
CA ASP Z 192 25.47 -16.26 -36.91
C ASP Z 192 24.21 -17.10 -36.99
N VAL Z 193 23.24 -16.86 -36.12
CA VAL Z 193 22.01 -17.65 -36.13
C VAL Z 193 21.24 -17.40 -37.39
N GLY Z 194 21.38 -16.23 -37.96
CA GLY Z 194 20.67 -15.94 -39.19
C GLY Z 194 21.08 -16.96 -40.24
N GLU Z 195 22.37 -17.02 -40.49
CA GLU Z 195 22.91 -17.94 -41.49
C GLU Z 195 22.78 -19.41 -41.08
N LEU Z 196 22.98 -19.72 -39.80
CA LEU Z 196 22.91 -21.09 -39.31
C LEU Z 196 21.53 -21.71 -39.39
N PHE Z 197 20.49 -20.90 -39.18
CA PHE Z 197 19.13 -21.40 -39.24
C PHE Z 197 18.83 -21.94 -40.62
N TRP Z 198 19.17 -21.19 -41.66
CA TRP Z 198 18.89 -21.62 -43.03
C TRP Z 198 19.66 -22.87 -43.45
N LYS Z 199 20.90 -22.98 -43.00
CA LYS Z 199 21.75 -24.13 -43.31
C LYS Z 199 21.16 -25.38 -42.66
N VAL Z 200 20.95 -25.32 -41.36
CA VAL Z 200 20.39 -26.44 -40.64
C VAL Z 200 19.06 -26.87 -41.27
N LYS Z 201 18.20 -25.91 -41.61
CA LYS Z 201 16.91 -26.24 -42.20
C LYS Z 201 17.01 -27.06 -43.48
N GLU Z 202 17.80 -26.62 -44.43
CA GLU Z 202 17.91 -27.35 -45.67
C GLU Z 202 18.60 -28.69 -45.48
N GLU Z 203 19.70 -28.70 -44.76
CA GLU Z 203 20.47 -29.91 -44.54
C GLU Z 203 19.78 -30.97 -43.69
N GLU Z 204 19.16 -30.52 -42.61
CA GLU Z 204 18.48 -31.43 -41.68
C GLU Z 204 17.02 -31.70 -42.03
N GLY Z 205 16.37 -30.72 -42.67
CA GLY Z 205 14.96 -30.84 -43.03
C GLY Z 205 14.02 -30.43 -41.91
N SER Z 206 14.59 -29.90 -40.83
CA SER Z 206 13.80 -29.48 -39.68
C SER Z 206 13.25 -28.07 -39.89
N PHE Z 207 12.45 -27.60 -38.93
CA PHE Z 207 11.82 -26.29 -39.02
C PHE Z 207 11.01 -26.24 -40.31
N ASN Z 208 10.28 -27.33 -40.58
CA ASN Z 208 9.49 -27.42 -41.79
C ASN Z 208 8.45 -26.33 -41.91
N ASN Z 209 7.83 -25.98 -40.79
CA ASN Z 209 6.80 -24.96 -40.79
C ASN Z 209 7.34 -23.59 -41.16
N VAL Z 210 8.67 -23.41 -41.14
CA VAL Z 210 9.23 -22.13 -41.50
C VAL Z 210 9.48 -22.13 -43.01
N ILE Z 211 8.97 -21.13 -43.71
CA ILE Z 211 9.14 -21.02 -45.16
C ILE Z 211 10.48 -20.39 -45.54
N GLY Z 212 11.18 -20.99 -46.52
CA GLY Z 212 12.46 -20.45 -46.94
C GLY Z 212 12.90 -20.99 -48.27
N GLN AA 1 9.44 11.38 -1.10
CA GLN AA 1 10.72 10.78 -0.68
C GLN AA 1 11.77 11.34 -1.64
N PHE AA 2 13.03 11.39 -1.22
CA PHE AA 2 14.12 11.92 -2.04
C PHE AA 2 14.51 10.85 -3.05
N ASN AA 3 14.67 11.28 -4.29
CA ASN AA 3 15.08 10.39 -5.35
C ASN AA 3 16.45 10.93 -5.73
N PRO AA 4 17.51 10.13 -5.50
CA PRO AA 4 18.89 10.51 -5.80
C PRO AA 4 19.28 10.53 -7.26
N TYR AA 5 18.36 10.15 -8.15
CA TYR AA 5 18.68 10.10 -9.55
C TYR AA 5 17.86 11.07 -10.39
N GLY AA 6 18.37 11.38 -11.58
CA GLY AA 6 17.71 12.27 -12.52
C GLY AA 6 18.07 11.77 -13.93
N ASP AA 7 17.48 12.35 -14.97
CA ASP AA 7 17.76 11.93 -16.35
C ASP AA 7 18.04 13.18 -17.13
N ASN AA 8 19.28 13.38 -17.55
CA ASN AA 8 19.64 14.59 -18.28
C ASN AA 8 19.61 14.43 -19.77
N GLY AA 9 18.92 13.40 -20.23
CA GLY AA 9 18.80 13.16 -21.66
C GLY AA 9 20.10 12.86 -22.33
N GLY AA 10 20.24 13.35 -23.54
CA GLY AA 10 21.47 13.13 -24.27
C GLY AA 10 21.55 11.81 -25.01
N THR AA 11 22.40 11.79 -26.02
CA THR AA 11 22.63 10.62 -26.82
C THR AA 11 24.10 10.73 -27.28
N ILE AA 12 24.80 9.60 -27.23
CA ILE AA 12 26.20 9.54 -27.61
C ILE AA 12 26.41 8.41 -28.61
N LEU AA 13 27.49 8.47 -29.37
CA LEU AA 13 27.75 7.46 -30.36
C LEU AA 13 29.24 7.25 -30.61
N GLY AA 14 29.68 6.01 -30.54
CA GLY AA 14 31.07 5.72 -30.76
C GLY AA 14 31.20 4.75 -31.92
N ILE AA 15 32.10 5.04 -32.85
CA ILE AA 15 32.30 4.16 -33.99
C ILE AA 15 33.78 3.99 -34.19
N ALA AA 16 34.22 2.74 -34.24
CA ALA AA 16 35.61 2.44 -34.42
C ALA AA 16 35.91 2.21 -35.90
N GLY AA 17 36.89 2.96 -36.40
CA GLY AA 17 37.30 2.83 -37.79
C GLY AA 17 38.54 1.94 -37.85
N GLU AA 18 39.10 1.70 -39.03
CA GLU AA 18 40.28 0.85 -39.13
C GLU AA 18 41.43 1.39 -38.30
N ASP AA 19 41.77 2.65 -38.49
CA ASP AA 19 42.87 3.23 -37.75
C ASP AA 19 42.47 4.49 -37.04
N PHE AA 20 41.20 4.55 -36.65
CA PHE AA 20 40.65 5.71 -35.95
C PHE AA 20 39.40 5.27 -35.21
N ALA AA 21 38.83 6.16 -34.42
CA ALA AA 21 37.61 5.87 -33.68
C ALA AA 21 37.00 7.22 -33.37
N VAL AA 22 35.67 7.30 -33.32
CA VAL AA 22 35.04 8.57 -33.01
C VAL AA 22 34.07 8.36 -31.87
N LEU AA 23 33.87 9.40 -31.08
CA LEU AA 23 32.91 9.35 -29.99
C LEU AA 23 32.20 10.68 -30.09
N ALA AA 24 30.95 10.61 -30.51
CA ALA AA 24 30.14 11.81 -30.69
C ALA AA 24 29.01 11.84 -29.69
N GLY AA 25 28.51 13.04 -29.42
CA GLY AA 25 27.42 13.17 -28.49
C GLY AA 25 26.74 14.49 -28.73
N ASP AA 26 25.45 14.58 -28.46
CA ASP AA 26 24.79 15.85 -28.64
C ASP AA 26 25.20 16.73 -27.49
N THR AA 27 24.87 18.00 -27.60
CA THR AA 27 25.28 18.98 -26.64
C THR AA 27 24.16 19.49 -25.74
N ARG AA 28 22.96 18.96 -25.92
CA ARG AA 28 21.81 19.38 -25.14
C ARG AA 28 21.72 18.66 -23.78
N ASN AA 29 21.40 19.42 -22.73
CA ASN AA 29 21.22 18.91 -21.37
C ASN AA 29 19.81 19.33 -20.97
N ILE AA 30 18.97 18.36 -20.58
CA ILE AA 30 17.59 18.63 -20.24
C ILE AA 30 17.13 18.11 -18.90
N THR AA 31 15.95 18.57 -18.48
CA THR AA 31 15.30 18.11 -17.26
C THR AA 31 13.81 18.15 -17.59
N ASP AA 32 13.22 16.99 -17.71
CA ASP AA 32 11.80 16.89 -18.02
C ASP AA 32 11.56 17.58 -19.35
N TYR AA 33 10.82 18.68 -19.35
CA TYR AA 33 10.53 19.38 -20.59
C TYR AA 33 11.36 20.64 -20.82
N SER AA 34 12.32 20.93 -19.95
CA SER AA 34 13.11 22.13 -20.07
C SER AA 34 14.51 21.83 -20.56
N ILE AA 35 15.13 22.82 -21.20
CA ILE AA 35 16.49 22.70 -21.69
C ILE AA 35 17.31 23.40 -20.62
N ASN AA 36 18.33 22.72 -20.13
CA ASN AA 36 19.19 23.28 -19.10
C ASN AA 36 20.33 24.02 -19.76
N SER AA 37 20.82 23.47 -20.86
CA SER AA 37 21.90 24.10 -21.58
C SER AA 37 21.83 23.59 -22.99
N ARG AA 38 22.19 24.43 -23.96
CA ARG AA 38 22.23 24.01 -25.35
C ARG AA 38 23.65 23.61 -25.67
N TYR AA 39 24.58 23.96 -24.79
CA TYR AA 39 25.98 23.60 -24.97
C TYR AA 39 26.66 23.20 -23.67
N GLU AA 40 26.57 21.92 -23.33
CA GLU AA 40 27.20 21.38 -22.14
C GLU AA 40 27.86 20.11 -22.64
N PRO AA 41 29.15 20.19 -22.94
CA PRO AA 41 29.97 19.08 -23.44
C PRO AA 41 29.82 17.82 -22.60
N LYS AA 42 29.67 16.70 -23.29
CA LYS AA 42 29.46 15.39 -22.67
C LYS AA 42 30.54 14.38 -23.00
N VAL AA 43 31.35 14.66 -24.02
CA VAL AA 43 32.41 13.76 -24.44
C VAL AA 43 33.71 14.47 -24.12
N PHE AA 44 34.61 13.76 -23.45
CA PHE AA 44 35.88 14.33 -23.01
C PHE AA 44 37.17 13.59 -23.35
N ASP AA 45 38.26 14.35 -23.57
CA ASP AA 45 39.58 13.79 -23.85
C ASP AA 45 40.16 13.55 -22.45
N CYS AA 46 40.40 12.30 -22.12
CA CYS AA 46 40.89 11.95 -20.81
C CYS AA 46 42.39 11.78 -20.72
N GLY AA 47 43.07 12.15 -21.79
CA GLY AA 47 44.52 12.01 -21.79
C GLY AA 47 44.79 10.63 -22.30
N ASP AA 48 46.02 10.40 -22.75
CA ASP AA 48 46.45 9.11 -23.27
C ASP AA 48 45.74 8.61 -24.49
N ASN AA 49 45.14 9.54 -25.24
CA ASN AA 49 44.44 9.19 -26.46
C ASN AA 49 43.17 8.38 -26.19
N ILE AA 50 42.48 8.69 -25.10
CA ILE AA 50 41.24 8.01 -24.73
C ILE AA 50 40.17 9.05 -24.56
N VAL AA 51 39.04 8.83 -25.22
CA VAL AA 51 37.89 9.74 -25.12
C VAL AA 51 36.80 8.95 -24.42
N MET AA 52 35.99 9.64 -23.62
CA MET AA 52 34.97 8.97 -22.82
C MET AA 52 33.72 9.81 -22.66
N SER AA 53 32.59 9.15 -22.47
CA SER AA 53 31.32 9.82 -22.24
C SER AA 53 30.52 8.93 -21.32
N ALA AA 54 30.00 9.48 -20.24
CA ALA AA 54 29.21 8.68 -19.31
C ALA AA 54 27.85 9.36 -19.37
N ASN AA 55 26.97 8.83 -20.20
CA ASN AA 55 25.67 9.43 -20.40
C ASN AA 55 24.51 8.89 -19.59
N GLY AA 56 23.67 9.78 -19.09
CA GLY AA 56 22.51 9.38 -18.32
C GLY AA 56 22.20 10.47 -17.32
N PHE AA 57 22.42 10.18 -16.05
CA PHE AA 57 22.24 11.12 -14.96
C PHE AA 57 23.57 11.85 -14.96
N ALA AA 58 23.55 13.11 -15.36
CA ALA AA 58 24.76 13.89 -15.47
C ALA AA 58 25.62 14.02 -14.23
N ALA AA 59 25.03 14.01 -13.05
CA ALA AA 59 25.86 14.12 -11.86
C ALA AA 59 26.77 12.90 -11.73
N ASP AA 60 26.26 11.72 -12.08
CA ASP AA 60 27.02 10.49 -12.00
C ASP AA 60 27.99 10.42 -13.14
N GLY AA 61 27.58 10.94 -14.29
CA GLY AA 61 28.45 10.95 -15.45
C GLY AA 61 29.66 11.77 -15.11
N ASP AA 62 29.44 12.96 -14.55
CA ASP AA 62 30.51 13.90 -14.14
C ASP AA 62 31.47 13.25 -13.15
N ALA AA 63 30.91 12.64 -12.11
CA ALA AA 63 31.69 11.97 -11.10
C ALA AA 63 32.54 10.86 -11.65
N LEU AA 64 31.96 10.00 -12.48
CA LEU AA 64 32.68 8.88 -13.06
C LEU AA 64 33.84 9.36 -13.95
N VAL AA 65 33.59 10.36 -14.79
CA VAL AA 65 34.61 10.90 -15.68
C VAL AA 65 35.73 11.56 -14.86
N LYS AA 66 35.38 12.28 -13.81
CA LYS AA 66 36.38 12.91 -12.94
C LYS AA 66 37.25 11.81 -12.30
N ARG AA 67 36.63 10.72 -11.82
CA ARG AA 67 37.35 9.61 -11.21
C ARG AA 67 38.26 8.89 -12.17
N PHE AA 68 37.82 8.74 -13.42
CA PHE AA 68 38.66 8.04 -14.39
C PHE AA 68 39.87 8.86 -14.81
N LYS AA 69 39.67 10.15 -15.05
CA LYS AA 69 40.76 11.03 -15.44
C LYS AA 69 41.79 10.99 -14.33
N ASN AA 70 41.32 10.88 -13.10
CA ASN AA 70 42.18 10.81 -11.95
C ASN AA 70 42.88 9.45 -11.93
N SER AA 71 42.21 8.41 -12.37
CA SER AA 71 42.81 7.09 -12.38
C SER AA 71 43.98 7.11 -13.33
N VAL AA 72 43.82 7.84 -14.44
CA VAL AA 72 44.89 7.98 -15.43
C VAL AA 72 46.09 8.71 -14.83
N LYS AA 73 45.84 9.78 -14.08
CA LYS AA 73 46.88 10.55 -13.43
C LYS AA 73 47.73 9.69 -12.47
N TRP AA 74 47.06 8.88 -11.65
CA TRP AA 74 47.75 8.01 -10.71
C TRP AA 74 48.41 6.79 -11.33
N TYR AA 75 47.88 6.33 -12.45
CA TYR AA 75 48.46 5.21 -13.14
C TYR AA 75 49.88 5.63 -13.56
N HIS AA 76 50.00 6.84 -14.09
CA HIS AA 76 51.28 7.38 -14.51
C HIS AA 76 52.20 7.48 -13.30
N PHE AA 77 51.69 8.08 -12.22
CA PHE AA 77 52.44 8.23 -10.99
C PHE AA 77 52.95 6.89 -10.49
N ASP AA 78 52.03 5.97 -10.30
CA ASP AA 78 52.33 4.65 -9.78
C ASP AA 78 53.03 3.69 -10.72
N HIS AA 79 53.07 3.98 -12.01
CA HIS AA 79 53.71 3.06 -12.95
C HIS AA 79 54.66 3.73 -13.93
N ASN AA 80 55.51 4.61 -13.40
CA ASN AA 80 56.50 5.32 -14.19
C ASN AA 80 56.03 5.81 -15.56
N ASP AA 81 55.06 6.72 -15.55
CA ASP AA 81 54.54 7.32 -16.78
C ASP AA 81 54.09 6.39 -17.90
N LYS AA 82 53.78 5.14 -17.58
CA LYS AA 82 53.33 4.20 -18.61
C LYS AA 82 52.00 4.66 -19.19
N LYS AA 83 51.84 4.51 -20.50
CA LYS AA 83 50.62 4.89 -21.18
C LYS AA 83 49.56 3.85 -20.93
N LEU AA 84 48.39 4.34 -20.53
CA LEU AA 84 47.23 3.50 -20.22
C LEU AA 84 46.53 3.08 -21.51
N SER AA 85 46.61 1.81 -21.84
CA SER AA 85 46.00 1.31 -23.04
C SER AA 85 44.49 1.23 -22.87
N ILE AA 86 43.78 1.39 -23.97
CA ILE AA 86 42.32 1.36 -23.99
C ILE AA 86 41.69 0.12 -23.33
N ASN AA 87 42.30 -1.05 -23.48
CA ASN AA 87 41.76 -2.26 -22.86
C ASN AA 87 41.94 -2.19 -21.35
N SER AA 88 42.99 -1.49 -20.94
CA SER AA 88 43.29 -1.34 -19.55
C SER AA 88 42.40 -0.28 -18.94
N ALA AA 89 42.10 0.74 -19.73
CA ALA AA 89 41.21 1.81 -19.29
C ALA AA 89 39.82 1.17 -19.07
N ALA AA 90 39.41 0.32 -20.00
CA ALA AA 90 38.14 -0.37 -19.92
C ALA AA 90 38.03 -1.18 -18.66
N ARG AA 91 38.96 -2.10 -18.44
CA ARG AA 91 38.92 -2.92 -17.23
C ARG AA 91 38.87 -2.04 -16.00
N ASN AA 92 39.69 -1.00 -15.98
CA ASN AA 92 39.72 -0.11 -14.84
C ASN AA 92 38.35 0.53 -14.59
N ILE AA 93 37.66 0.92 -15.65
CA ILE AA 93 36.35 1.53 -15.54
C ILE AA 93 35.37 0.51 -15.01
N GLN AA 94 35.55 -0.76 -15.37
CA GLN AA 94 34.66 -1.80 -14.86
C GLN AA 94 34.71 -1.75 -13.36
N HIS AA 95 35.91 -1.66 -12.82
CA HIS AA 95 36.03 -1.62 -11.37
C HIS AA 95 35.44 -0.37 -10.74
N LEU AA 96 35.52 0.75 -11.44
CA LEU AA 96 34.97 1.98 -10.90
C LEU AA 96 33.50 1.83 -10.79
N LEU AA 97 32.91 1.35 -11.87
CA LEU AA 97 31.49 1.15 -11.94
C LEU AA 97 30.96 0.12 -10.98
N TYR AA 98 31.58 -1.06 -10.96
CA TYR AA 98 31.16 -2.13 -10.08
C TYR AA 98 31.41 -1.80 -8.62
N GLY AA 99 32.25 -0.81 -8.39
CA GLY AA 99 32.50 -0.38 -7.03
C GLY AA 99 31.22 0.15 -6.45
N LYS AA 100 30.31 0.64 -7.30
CA LYS AA 100 29.03 1.15 -6.86
C LYS AA 100 27.84 0.26 -7.25
N ARG AA 101 28.06 -1.05 -7.23
CA ARG AA 101 27.05 -2.03 -7.59
C ARG AA 101 25.73 -1.93 -6.84
N PHE AA 102 25.77 -1.47 -5.59
CA PHE AA 102 24.54 -1.38 -4.83
C PHE AA 102 23.95 0.02 -4.67
N PHE AA 103 24.42 0.94 -5.52
CA PHE AA 103 23.98 2.33 -5.60
C PHE AA 103 24.69 2.79 -6.86
N PRO AA 104 24.32 2.22 -8.00
CA PRO AA 104 24.90 2.50 -9.31
C PRO AA 104 25.01 3.91 -9.79
N TYR AA 105 25.93 4.07 -10.75
CA TYR AA 105 26.17 5.31 -11.46
C TYR AA 105 25.17 5.09 -12.60
N TYR AA 106 24.10 5.86 -12.62
CA TYR AA 106 23.07 5.69 -13.64
C TYR AA 106 23.55 6.24 -14.96
N VAL AA 107 24.53 5.60 -15.58
CA VAL AA 107 25.06 6.07 -16.84
C VAL AA 107 25.43 4.91 -17.75
N HIS AA 108 25.44 5.17 -19.04
CA HIS AA 108 25.85 4.19 -20.04
C HIS AA 108 27.15 4.83 -20.52
N THR AA 109 28.29 4.26 -20.16
CA THR AA 109 29.54 4.84 -20.59
C THR AA 109 30.17 4.19 -21.80
N ILE AA 110 30.89 4.99 -22.57
CA ILE AA 110 31.58 4.55 -23.78
C ILE AA 110 32.91 5.27 -23.82
N ILE AA 111 33.96 4.53 -24.12
CA ILE AA 111 35.26 5.14 -24.26
C ILE AA 111 35.72 4.67 -25.63
N ALA AA 112 36.47 5.53 -26.32
CA ALA AA 112 37.00 5.20 -27.64
C ALA AA 112 38.47 5.59 -27.69
N GLY AA 113 39.21 4.94 -28.58
CA GLY AA 113 40.61 5.22 -28.72
C GLY AA 113 41.23 4.27 -29.71
N LEU AA 114 42.49 3.90 -29.51
CA LEU AA 114 43.17 2.96 -30.39
C LEU AA 114 43.79 1.88 -29.53
N ASP AA 115 43.73 0.64 -29.99
CA ASP AA 115 44.32 -0.44 -29.23
C ASP AA 115 45.83 -0.45 -29.43
N GLU AA 116 46.48 -1.48 -28.92
CA GLU AA 116 47.92 -1.59 -29.00
C GLU AA 116 48.50 -1.87 -30.38
N ASP AA 117 47.66 -2.30 -31.31
CA ASP AA 117 48.09 -2.56 -32.68
C ASP AA 117 47.79 -1.32 -33.53
N GLY AA 118 47.22 -0.30 -32.89
CA GLY AA 118 46.87 0.92 -33.60
C GLY AA 118 45.55 0.88 -34.36
N LYS AA 119 44.68 -0.09 -34.05
CA LYS AA 119 43.39 -0.21 -34.69
C LYS AA 119 42.33 0.49 -33.84
N GLY AA 120 41.28 1.02 -34.45
CA GLY AA 120 40.27 1.74 -33.69
C GLY AA 120 39.54 0.88 -32.68
N ALA AA 121 39.18 1.48 -31.55
CA ALA AA 121 38.50 0.70 -30.52
C ALA AA 121 37.46 1.47 -29.77
N VAL AA 122 36.35 0.80 -29.49
CA VAL AA 122 35.25 1.36 -28.74
C VAL AA 122 34.86 0.33 -27.71
N TYR AA 123 34.59 0.75 -26.50
CA TYR AA 123 34.16 -0.18 -25.48
C TYR AA 123 32.93 0.46 -24.89
N SER AA 124 31.91 -0.33 -24.57
CA SER AA 124 30.69 0.20 -23.95
C SER AA 124 30.36 -0.52 -22.65
N PHE AA 125 29.85 0.24 -21.67
CA PHE AA 125 29.55 -0.28 -20.34
C PHE AA 125 28.09 -0.16 -19.85
N ASP AA 126 27.76 -1.06 -18.96
CA ASP AA 126 26.49 -1.17 -18.27
C ASP AA 126 26.62 -0.19 -17.16
N PRO AA 127 25.51 0.15 -16.49
CA PRO AA 127 25.66 1.09 -15.39
C PRO AA 127 26.46 0.44 -14.24
N VAL AA 128 26.57 -0.88 -14.25
CA VAL AA 128 27.30 -1.55 -13.19
C VAL AA 128 28.58 -2.22 -13.64
N GLY AA 129 29.08 -1.87 -14.81
CA GLY AA 129 30.34 -2.44 -15.20
C GLY AA 129 30.49 -3.56 -16.19
N SER AA 130 29.43 -4.02 -16.81
CA SER AA 130 29.57 -5.07 -17.79
C SER AA 130 30.12 -4.32 -18.98
N TYR AA 131 31.13 -4.85 -19.67
CA TYR AA 131 31.67 -4.14 -20.82
C TYR AA 131 32.10 -5.11 -21.89
N GLU AA 132 32.16 -4.63 -23.12
CA GLU AA 132 32.54 -5.45 -24.25
C GLU AA 132 33.17 -4.51 -25.25
N ARG AA 133 34.05 -5.03 -26.10
CA ARG AA 133 34.64 -4.20 -27.14
C ARG AA 133 33.70 -4.31 -28.31
N GLU AA 134 33.37 -3.18 -28.93
CA GLU AA 134 32.45 -3.18 -30.05
C GLU AA 134 32.87 -2.39 -31.25
N GLN AA 135 32.12 -2.56 -32.33
CA GLN AA 135 32.34 -1.88 -33.60
C GLN AA 135 31.74 -0.49 -33.51
N CYS AA 136 30.48 -0.41 -33.13
CA CYS AA 136 29.83 0.87 -32.98
C CYS AA 136 28.77 0.71 -31.92
N ARG AA 137 28.47 1.79 -31.23
CA ARG AA 137 27.48 1.75 -30.17
C ARG AA 137 26.92 3.13 -29.94
N ALA AA 138 25.59 3.24 -29.96
CA ALA AA 138 24.88 4.47 -29.70
C ALA AA 138 24.43 4.32 -28.29
N GLY AA 139 24.37 5.41 -27.54
CA GLY AA 139 23.94 5.29 -26.16
C GLY AA 139 23.03 6.43 -25.77
N GLY AA 140 22.19 6.20 -24.78
CA GLY AA 140 21.30 7.24 -24.33
C GLY AA 140 19.91 7.20 -24.91
N ALA AA 141 19.27 8.35 -24.81
CA ALA AA 141 17.89 8.56 -25.25
C ALA AA 141 17.53 7.99 -26.63
N ALA AA 142 18.24 8.43 -27.67
CA ALA AA 142 17.93 7.97 -29.00
C ALA AA 142 18.72 6.79 -29.48
N ALA AA 143 19.31 6.05 -28.55
CA ALA AA 143 20.10 4.88 -28.94
C ALA AA 143 19.28 3.96 -29.82
N SER AA 144 18.01 3.80 -29.49
CA SER AA 144 17.11 2.91 -30.24
C SER AA 144 16.81 3.39 -31.65
N LEU AA 145 16.98 4.69 -31.91
CA LEU AA 145 16.73 5.23 -33.23
C LEU AA 145 17.98 5.14 -34.09
N ILE AA 146 19.14 5.26 -33.46
CA ILE AA 146 20.41 5.22 -34.16
C ILE AA 146 20.96 3.82 -34.45
N MET AA 147 20.93 2.95 -33.45
CA MET AA 147 21.47 1.62 -33.61
C MET AA 147 21.05 0.83 -34.84
N PRO AA 148 19.74 0.70 -35.10
CA PRO AA 148 19.30 -0.06 -36.28
C PRO AA 148 19.90 0.47 -37.57
N PHE AA 149 20.09 1.79 -37.62
CA PHE AA 149 20.65 2.47 -38.79
C PHE AA 149 22.10 2.12 -39.03
N LEU AA 150 22.87 2.10 -37.94
CA LEU AA 150 24.29 1.76 -37.97
C LEU AA 150 24.43 0.29 -38.36
N ASP AA 151 23.56 -0.56 -37.85
CA ASP AA 151 23.61 -1.97 -38.21
C ASP AA 151 23.48 -2.13 -39.72
N ASN AA 152 22.65 -1.30 -40.31
CA ASN AA 152 22.40 -1.34 -41.73
C ASN AA 152 23.50 -0.66 -42.55
N GLN AA 153 23.94 0.49 -42.07
CA GLN AA 153 24.94 1.24 -42.81
C GLN AA 153 26.42 1.07 -42.46
N VAL AA 154 26.73 0.58 -41.27
CA VAL AA 154 28.12 0.35 -40.86
C VAL AA 154 28.47 -1.13 -41.02
N ASN AA 155 27.61 -2.01 -40.49
CA ASN AA 155 27.83 -3.45 -40.56
C ASN AA 155 27.13 -4.13 -41.75
N PHE AA 156 26.44 -3.35 -42.57
CA PHE AA 156 25.72 -3.80 -43.78
C PHE AA 156 24.73 -4.95 -43.61
N LYS AA 157 24.09 -5.03 -42.44
CA LYS AA 157 23.12 -6.10 -42.16
C LYS AA 157 21.92 -6.03 -43.10
N ASN AA 158 21.38 -7.19 -43.46
CA ASN AA 158 20.22 -7.29 -44.34
C ASN AA 158 20.45 -6.88 -45.78
N GLN AA 159 21.61 -6.34 -46.09
CA GLN AA 159 21.91 -5.96 -47.47
C GLN AA 159 22.57 -7.12 -48.21
N TYR AA 160 22.12 -7.38 -49.44
CA TYR AA 160 22.68 -8.45 -50.26
C TYR AA 160 23.10 -7.93 -51.66
N GLU AA 161 23.93 -8.70 -52.37
CA GLU AA 161 24.42 -8.31 -53.72
C GLU AA 161 23.32 -8.44 -54.77
N PRO AA 162 23.00 -7.36 -55.45
CA PRO AA 162 21.97 -7.35 -56.48
C PRO AA 162 22.17 -8.45 -57.49
N GLY AA 163 21.18 -9.32 -57.62
CA GLY AA 163 21.24 -10.42 -58.58
C GLY AA 163 21.47 -11.80 -58.02
N THR AA 164 22.02 -11.91 -56.81
CA THR AA 164 22.32 -13.20 -56.20
C THR AA 164 21.22 -13.93 -55.45
N ASN AA 165 19.97 -13.52 -55.64
CA ASN AA 165 18.83 -14.16 -54.98
C ASN AA 165 19.03 -14.16 -53.45
N GLY AA 166 19.63 -13.09 -52.92
CA GLY AA 166 19.86 -12.99 -51.49
C GLY AA 166 20.69 -14.12 -50.95
N LYS AA 167 21.68 -14.55 -51.72
CA LYS AA 167 22.54 -15.64 -51.32
C LYS AA 167 23.98 -15.21 -51.04
N VAL AA 168 24.34 -13.99 -51.45
CA VAL AA 168 25.68 -13.44 -51.21
C VAL AA 168 25.56 -12.10 -50.45
N LYS AA 169 26.04 -12.05 -49.20
CA LYS AA 169 25.97 -10.81 -48.40
C LYS AA 169 26.85 -9.69 -48.95
N LYS AA 170 26.43 -8.44 -48.79
CA LYS AA 170 27.23 -7.31 -49.26
C LYS AA 170 28.54 -7.38 -48.50
N PRO AA 171 29.67 -7.33 -49.23
CA PRO AA 171 31.01 -7.38 -48.64
C PRO AA 171 31.31 -6.21 -47.69
N LEU AA 172 31.86 -6.58 -46.52
CA LEU AA 172 32.20 -5.63 -45.46
C LEU AA 172 33.44 -4.75 -45.67
N LYS AA 173 33.34 -3.75 -46.56
CA LYS AA 173 34.45 -2.81 -46.80
C LYS AA 173 34.54 -1.88 -45.59
N TYR AA 174 35.72 -1.39 -45.24
CA TYR AA 174 35.74 -0.49 -44.12
C TYR AA 174 35.83 0.97 -44.45
N LEU AA 175 34.95 1.70 -43.77
CA LEU AA 175 34.75 3.14 -43.88
C LEU AA 175 35.90 3.99 -43.42
N SER AA 176 36.01 5.15 -44.06
CA SER AA 176 37.03 6.12 -43.75
C SER AA 176 36.42 7.04 -42.72
N VAL AA 177 37.24 7.89 -42.10
CA VAL AA 177 36.74 8.81 -41.11
C VAL AA 177 35.70 9.74 -41.70
N GLU AA 178 35.91 10.10 -42.95
CA GLU AA 178 35.01 10.98 -43.67
C GLU AA 178 33.62 10.36 -43.82
N GLU AA 179 33.54 9.08 -44.19
CA GLU AA 179 32.23 8.44 -44.36
C GLU AA 179 31.57 8.19 -43.00
N VAL AA 180 32.35 7.87 -41.98
CA VAL AA 180 31.81 7.63 -40.63
C VAL AA 180 31.16 8.89 -40.08
N ILE AA 181 31.82 10.03 -40.28
CA ILE AA 181 31.29 11.29 -39.81
C ILE AA 181 29.98 11.62 -40.51
N LYS AA 182 29.84 11.18 -41.75
CA LYS AA 182 28.60 11.42 -42.48
C LYS AA 182 27.51 10.67 -41.75
N LEU AA 183 27.77 9.40 -41.44
CA LEU AA 183 26.82 8.57 -40.73
C LEU AA 183 26.49 9.15 -39.38
N VAL AA 184 27.49 9.66 -38.67
CA VAL AA 184 27.24 10.24 -37.37
C VAL AA 184 26.32 11.45 -37.44
N ARG AA 185 26.58 12.34 -38.39
CA ARG AA 185 25.78 13.55 -38.56
C ARG AA 185 24.36 13.19 -38.93
N ASP AA 186 24.22 12.23 -39.84
CA ASP AA 186 22.91 11.77 -40.26
C ASP AA 186 22.19 11.09 -39.11
N SER AA 187 22.90 10.26 -38.35
CA SER AA 187 22.31 9.59 -37.20
C SER AA 187 21.73 10.63 -36.30
N PHE AA 188 22.46 11.72 -36.09
CA PHE AA 188 22.00 12.76 -35.21
C PHE AA 188 20.90 13.67 -35.70
N THR AA 189 20.93 14.05 -36.97
CA THR AA 189 19.86 14.90 -37.46
C THR AA 189 18.57 14.10 -37.50
N SER AA 190 18.66 12.82 -37.82
CA SER AA 190 17.48 11.97 -37.83
C SER AA 190 16.92 11.81 -36.45
N ALA AA 191 17.80 11.60 -35.48
CA ALA AA 191 17.38 11.45 -34.10
C ALA AA 191 16.76 12.75 -33.62
N THR AA 192 17.32 13.87 -34.03
CA THR AA 192 16.80 15.15 -33.62
C THR AA 192 15.39 15.39 -34.09
N GLU AA 193 15.07 14.88 -35.27
CA GLU AA 193 13.75 15.03 -35.85
C GLU AA 193 12.71 14.31 -35.04
N ARG AA 194 13.05 13.17 -34.50
CA ARG AA 194 12.09 12.37 -33.75
C ARG AA 194 12.21 12.21 -32.23
N HIS AA 195 13.29 12.69 -31.63
CA HIS AA 195 13.42 12.58 -30.19
C HIS AA 195 13.52 13.98 -29.62
N ILE AA 196 12.64 14.33 -28.69
CA ILE AA 196 12.64 15.68 -28.13
C ILE AA 196 13.85 16.04 -27.27
N GLN AA 197 14.61 15.05 -26.86
CA GLN AA 197 15.76 15.28 -26.02
C GLN AA 197 17.03 15.41 -26.81
N VAL AA 198 16.97 15.19 -28.10
CA VAL AA 198 18.15 15.28 -28.93
C VAL AA 198 18.08 16.54 -29.78
N GLY AA 199 19.14 17.33 -29.75
CA GLY AA 199 19.19 18.55 -30.54
C GLY AA 199 20.27 19.52 -30.09
N ASP AA 200 20.15 20.75 -30.53
CA ASP AA 200 21.07 21.84 -30.18
C ASP AA 200 22.47 21.79 -30.79
N GLY AA 201 23.22 20.74 -30.49
CA GLY AA 201 24.55 20.64 -31.05
C GLY AA 201 25.07 19.24 -31.02
N LEU AA 202 26.03 18.98 -31.88
CA LEU AA 202 26.66 17.69 -31.97
C LEU AA 202 28.15 17.96 -31.95
N GLU AA 203 28.85 17.36 -30.99
CA GLU AA 203 30.30 17.52 -30.88
C GLU AA 203 30.90 16.14 -31.05
N ILE AA 204 31.80 16.01 -32.01
CA ILE AA 204 32.42 14.74 -32.31
C ILE AA 204 33.89 14.78 -31.94
N LEU AA 205 34.39 13.80 -31.20
CA LEU AA 205 35.82 13.75 -30.90
C LEU AA 205 36.36 12.59 -31.73
N ILE AA 206 37.38 12.87 -32.54
CA ILE AA 206 38.03 11.88 -33.43
C ILE AA 206 39.45 11.57 -32.94
N VAL AA 207 39.78 10.28 -32.85
CA VAL AA 207 41.08 9.83 -32.35
C VAL AA 207 41.89 9.03 -33.36
N THR AA 208 43.11 9.48 -33.65
CA THR AA 208 44.03 8.79 -34.56
C THR AA 208 45.41 8.76 -33.91
N LYS AA 209 46.38 8.16 -34.57
CA LYS AA 209 47.75 8.08 -34.06
C LYS AA 209 48.30 9.48 -33.78
N ASP AA 210 47.74 10.47 -34.46
CA ASP AA 210 48.18 11.86 -34.31
C ASP AA 210 47.57 12.54 -33.10
N GLY AA 211 46.57 11.92 -32.47
CA GLY AA 211 45.95 12.51 -31.30
C GLY AA 211 44.44 12.63 -31.35
N VAL AA 212 43.90 13.55 -30.56
CA VAL AA 212 42.46 13.80 -30.48
C VAL AA 212 42.13 15.14 -31.12
N ARG AA 213 41.21 15.10 -32.07
CA ARG AA 213 40.74 16.24 -32.86
C ARG AA 213 39.22 16.43 -32.60
N LYS AA 214 38.74 17.67 -32.51
CA LYS AA 214 37.32 17.93 -32.25
C LYS AA 214 36.61 18.60 -33.44
N GLU AA 215 35.33 18.26 -33.66
CA GLU AA 215 34.49 18.84 -34.71
C GLU AA 215 33.13 19.17 -34.05
N PHE AA 216 32.47 20.23 -34.50
CA PHE AA 216 31.19 20.64 -33.91
C PHE AA 216 30.19 21.13 -34.95
N TYR AA 217 28.98 20.58 -34.90
CA TYR AA 217 27.95 20.97 -35.84
C TYR AA 217 26.68 21.33 -35.10
N GLU AA 218 25.92 22.26 -35.63
CA GLU AA 218 24.69 22.64 -34.97
C GLU AA 218 23.59 21.67 -35.34
N LEU AA 219 22.60 21.56 -34.45
CA LEU AA 219 21.43 20.69 -34.63
C LEU AA 219 20.19 21.56 -34.35
N LYS AA 220 19.00 21.14 -34.80
CA LYS AA 220 17.80 21.94 -34.59
C LYS AA 220 17.57 22.21 -33.12
N ARG AA 221 17.12 23.41 -32.82
CA ARG AA 221 16.91 23.85 -31.44
C ARG AA 221 15.51 23.76 -30.86
N ASP AA 222 14.60 23.09 -31.55
CA ASP AA 222 13.23 22.95 -31.07
C ASP AA 222 13.05 21.69 -30.22
N THR BA 1 17.49 12.21 3.78
CA THR BA 1 16.06 11.84 3.65
C THR BA 1 15.35 12.99 4.35
N GLN BA 2 14.92 14.00 3.59
CA GLN BA 2 14.27 15.15 4.20
C GLN BA 2 13.22 15.80 3.31
N GLN BA 3 12.67 16.93 3.77
CA GLN BA 3 11.65 17.67 3.02
C GLN BA 3 11.87 19.12 3.37
N PRO BA 4 11.84 20.00 2.37
CA PRO BA 4 12.04 21.42 2.58
C PRO BA 4 10.89 22.08 3.36
N ILE BA 5 11.22 23.04 4.21
CA ILE BA 5 10.23 23.74 5.00
C ILE BA 5 10.08 25.20 4.58
N VAL BA 6 11.05 26.05 4.92
CA VAL BA 6 10.99 27.46 4.52
C VAL BA 6 11.72 27.47 3.21
N THR BA 7 11.09 27.99 2.15
CA THR BA 7 11.72 27.96 0.84
C THR BA 7 11.81 29.27 0.10
N GLY BA 8 12.79 29.31 -0.80
CA GLY BA 8 13.02 30.46 -1.64
C GLY BA 8 12.78 29.99 -3.04
N THR BA 9 12.14 30.83 -3.85
CA THR BA 9 11.82 30.52 -5.23
C THR BA 9 12.95 30.86 -6.20
N SER BA 10 12.64 31.21 -7.44
CA SER BA 10 13.65 31.49 -8.47
C SER BA 10 14.87 32.35 -8.18
N VAL BA 11 15.94 32.04 -8.91
CA VAL BA 11 17.18 32.79 -8.89
C VAL BA 11 17.43 32.85 -10.37
N ILE BA 12 17.54 34.03 -10.95
CA ILE BA 12 17.78 34.10 -12.38
C ILE BA 12 19.07 34.82 -12.68
N SER BA 13 19.68 34.52 -13.79
CA SER BA 13 20.92 35.14 -14.09
C SER BA 13 21.24 35.00 -15.56
N MET BA 14 22.14 35.83 -16.06
CA MET BA 14 22.54 35.78 -17.46
C MET BA 14 23.86 36.48 -17.54
N LYS BA 15 24.65 36.12 -18.52
CA LYS BA 15 25.93 36.76 -18.65
C LYS BA 15 25.89 37.72 -19.81
N TYR BA 16 26.59 38.86 -19.66
CA TYR BA 16 26.67 39.90 -20.67
C TYR BA 16 28.14 40.16 -21.04
N ASP BA 17 28.39 41.06 -22.00
CA ASP BA 17 29.76 41.34 -22.49
C ASP BA 17 30.92 41.51 -21.51
N ASN BA 18 30.67 42.15 -20.37
CA ASN BA 18 31.70 42.39 -19.35
C ASN BA 18 31.40 41.83 -17.97
N GLY BA 19 30.37 41.00 -17.83
CA GLY BA 19 30.06 40.47 -16.52
C GLY BA 19 28.86 39.55 -16.50
N VAL BA 20 28.22 39.45 -15.34
CA VAL BA 20 27.06 38.61 -15.17
C VAL BA 20 26.14 39.35 -14.25
N ILE BA 21 24.87 39.03 -14.28
CA ILE BA 21 23.90 39.66 -13.38
C ILE BA 21 23.12 38.51 -12.80
N ILE BA 22 22.68 38.64 -11.56
CA ILE BA 22 21.93 37.59 -10.93
C ILE BA 22 20.93 38.27 -10.03
N ALA BA 23 19.74 37.70 -9.92
CA ALA BA 23 18.72 38.28 -9.07
C ALA BA 23 17.87 37.21 -8.43
N ALA BA 24 17.23 37.56 -7.32
CA ALA BA 24 16.38 36.63 -6.60
C ALA BA 24 15.55 37.47 -5.67
N ASP BA 25 14.28 37.12 -5.53
CA ASP BA 25 13.40 37.89 -4.65
C ASP BA 25 13.74 37.68 -3.20
N ASN BA 26 13.09 38.42 -2.32
CA ASN BA 26 13.40 38.34 -0.92
C ASN BA 26 12.41 37.59 -0.06
N LEU BA 27 11.83 36.53 -0.59
CA LEU BA 27 10.84 35.80 0.18
C LEU BA 27 11.28 34.43 0.68
N GLY BA 28 10.72 34.04 1.82
CA GLY BA 28 10.97 32.76 2.42
C GLY BA 28 9.57 32.25 2.71
N SER BA 29 9.07 31.34 1.87
CA SER BA 29 7.73 30.82 2.05
C SER BA 29 7.69 29.61 2.94
N TYR BA 30 6.56 29.38 3.57
CA TYR BA 30 6.33 28.23 4.43
C TYR BA 30 5.09 27.57 3.79
N GLY BA 31 5.31 26.84 2.71
CA GLY BA 31 4.18 26.26 2.01
C GLY BA 31 3.58 27.39 1.20
N SER BA 32 2.29 27.65 1.38
CA SER BA 32 1.59 28.72 0.67
C SER BA 32 1.54 30.04 1.46
N LEU BA 33 2.06 30.04 2.68
CA LEU BA 33 2.11 31.24 3.49
C LEU BA 33 3.39 31.98 3.12
N LEU BA 34 3.28 33.21 2.63
CA LEU BA 34 4.46 33.98 2.25
C LEU BA 34 4.96 34.58 3.56
N ARG BA 35 5.56 33.71 4.36
CA ARG BA 35 6.02 34.03 5.71
C ARG BA 35 7.03 35.13 6.01
N PHE BA 36 8.21 35.03 5.41
CA PHE BA 36 9.27 35.99 5.68
C PHE BA 36 9.58 36.84 4.48
N ASN BA 37 9.42 38.15 4.63
CA ASN BA 37 9.68 39.08 3.53
C ASN BA 37 11.04 39.77 3.48
N GLY BA 38 11.96 39.44 4.37
CA GLY BA 38 13.24 40.12 4.32
C GLY BA 38 14.40 39.16 4.22
N VAL BA 39 14.29 38.15 3.36
CA VAL BA 39 15.32 37.16 3.22
C VAL BA 39 16.21 37.45 2.04
N GLU BA 40 17.50 37.52 2.29
CA GLU BA 40 18.42 37.80 1.21
C GLU BA 40 18.93 36.47 0.71
N ARG BA 41 18.68 36.18 -0.55
CA ARG BA 41 19.11 34.93 -1.13
C ARG BA 41 20.28 35.05 -2.07
N LEU BA 42 20.86 36.24 -2.14
CA LEU BA 42 22.03 36.45 -2.99
C LEU BA 42 23.18 36.63 -2.00
N ILE BA 43 24.20 35.78 -2.13
CA ILE BA 43 25.34 35.82 -1.24
C ILE BA 43 26.65 36.15 -1.92
N PRO BA 44 27.17 37.36 -1.66
CA PRO BA 44 28.43 37.82 -2.24
C PRO BA 44 29.58 37.14 -1.53
N VAL BA 45 30.54 36.66 -2.30
CA VAL BA 45 31.71 36.04 -1.71
C VAL BA 45 32.89 36.87 -2.19
N GLY BA 46 33.42 37.70 -1.30
CA GLY BA 46 34.52 38.54 -1.66
C GLY BA 46 34.01 39.64 -2.56
N ASP BA 47 34.80 40.03 -3.54
CA ASP BA 47 34.36 41.07 -4.42
C ASP BA 47 34.22 40.61 -5.86
N ASN BA 48 34.10 39.31 -6.08
CA ASN BA 48 33.98 38.83 -7.46
C ASN BA 48 33.05 37.65 -7.68
N THR BA 49 32.17 37.38 -6.73
CA THR BA 49 31.25 36.26 -6.81
C THR BA 49 29.98 36.50 -6.03
N VAL BA 50 28.86 36.03 -6.56
CA VAL BA 50 27.59 36.11 -5.88
C VAL BA 50 26.94 34.76 -6.12
N VAL BA 51 26.53 34.13 -5.04
CA VAL BA 51 25.91 32.82 -5.11
C VAL BA 51 24.45 33.02 -4.82
N GLY BA 52 23.61 32.64 -5.78
CA GLY BA 52 22.19 32.79 -5.57
C GLY BA 52 21.63 31.45 -5.19
N ILE BA 53 20.81 31.39 -4.15
CA ILE BA 53 20.27 30.12 -3.71
C ILE BA 53 18.76 30.05 -3.58
N SER BA 54 18.16 28.99 -4.12
CA SER BA 54 16.71 28.75 -4.00
C SER BA 54 16.55 27.43 -3.29
N GLY BA 55 15.37 27.18 -2.74
CA GLY BA 55 15.20 25.93 -2.06
C GLY BA 55 15.03 26.13 -0.58
N ASP BA 56 15.44 25.16 0.21
CA ASP BA 56 15.31 25.22 1.65
C ASP BA 56 16.22 26.30 2.27
N ILE BA 57 15.60 27.16 3.06
CA ILE BA 57 16.28 28.27 3.72
C ILE BA 57 17.18 27.86 4.85
N SER BA 58 16.84 26.85 5.63
CA SER BA 58 17.75 26.46 6.70
C SER BA 58 19.03 25.93 6.08
N ASP BA 59 18.91 25.28 4.93
CA ASP BA 59 20.06 24.77 4.19
C ASP BA 59 20.83 25.91 3.51
N MET BA 60 20.14 26.95 3.09
CA MET BA 60 20.82 28.08 2.48
C MET BA 60 21.65 28.74 3.58
N GLN BA 61 21.05 28.89 4.75
CA GLN BA 61 21.76 29.48 5.87
C GLN BA 61 23.01 28.66 6.21
N HIS BA 62 22.96 27.36 5.96
CA HIS BA 62 24.12 26.50 6.20
C HIS BA 62 25.16 26.78 5.15
N ILE BA 63 24.75 26.90 3.89
CA ILE BA 63 25.68 27.19 2.81
C ILE BA 63 26.33 28.56 3.02
N GLU BA 64 25.60 29.49 3.62
CA GLU BA 64 26.15 30.81 3.91
C GLU BA 64 27.33 30.68 4.87
N ARG BA 65 27.11 29.97 5.96
CA ARG BA 65 28.12 29.72 6.98
C ARG BA 65 29.34 29.07 6.35
N LEU BA 66 29.10 28.11 5.47
CA LEU BA 66 30.20 27.45 4.79
C LEU BA 66 31.01 28.41 3.94
N LEU BA 67 30.35 29.33 3.26
CA LEU BA 67 31.07 30.27 2.42
C LEU BA 67 31.90 31.25 3.22
N LYS BA 68 31.37 31.70 4.35
CA LYS BA 68 32.10 32.62 5.18
C LYS BA 68 33.34 31.90 5.71
N ASP BA 69 33.22 30.60 5.95
CA ASP BA 69 34.36 29.82 6.46
C ASP BA 69 35.45 29.65 5.44
N LEU BA 70 35.05 29.44 4.19
CA LEU BA 70 35.99 29.29 3.10
C LEU BA 70 36.87 30.55 3.00
N VAL BA 71 36.25 31.71 3.19
CA VAL BA 71 36.95 32.99 3.13
C VAL BA 71 37.92 33.14 4.29
N THR BA 72 37.50 32.78 5.50
CA THR BA 72 38.36 32.86 6.68
C THR BA 72 39.56 31.95 6.56
N GLU BA 73 39.30 30.71 6.14
CA GLU BA 73 40.31 29.68 5.97
C GLU BA 73 41.27 29.91 4.80
N ASN BA 74 40.88 30.70 3.81
CA ASN BA 74 41.73 30.98 2.65
C ASN BA 74 42.68 32.13 2.98
N ALA BA 75 42.33 32.92 4.00
CA ALA BA 75 43.17 34.04 4.39
C ALA BA 75 44.31 33.52 5.23
N TYR BA 76 44.10 32.37 5.87
CA TYR BA 76 45.12 31.75 6.73
C TYR BA 76 46.43 31.47 6.01
N ASP BA 77 47.52 31.97 6.58
CA ASP BA 77 48.86 31.78 6.04
C ASP BA 77 48.86 32.02 4.54
N ASN BA 78 48.12 33.05 4.14
CA ASN BA 78 47.99 33.46 2.76
C ASN BA 78 48.28 34.95 2.69
N PRO BA 79 49.54 35.30 2.35
CA PRO BA 79 49.91 36.72 2.27
C PRO BA 79 49.19 37.41 1.09
N LEU BA 80 48.75 36.60 0.13
CA LEU BA 80 48.07 37.07 -1.07
C LEU BA 80 46.54 36.83 -1.07
N ALA BA 81 45.95 36.78 0.12
CA ALA BA 81 44.52 36.57 0.27
C ALA BA 81 43.63 37.63 -0.37
N ASP BA 82 44.10 38.89 -0.39
CA ASP BA 82 43.30 39.95 -1.01
C ASP BA 82 43.83 40.29 -2.41
N ALA BA 83 44.56 39.35 -3.00
CA ALA BA 83 45.16 39.52 -4.32
C ALA BA 83 45.19 38.25 -5.19
N GLU BA 84 46.39 37.82 -5.60
CA GLU BA 84 46.56 36.64 -6.45
C GLU BA 84 45.94 35.34 -5.95
N GLU BA 85 45.84 35.15 -4.64
CA GLU BA 85 45.29 33.90 -4.14
C GLU BA 85 43.99 34.13 -3.41
N ALA BA 86 43.12 34.92 -4.03
CA ALA BA 86 41.83 35.18 -3.47
C ALA BA 86 40.91 34.14 -4.09
N LEU BA 87 39.75 33.94 -3.49
CA LEU BA 87 38.78 32.97 -3.99
C LEU BA 87 38.19 33.41 -5.31
N GLU BA 88 38.24 32.50 -6.27
CA GLU BA 88 37.69 32.70 -7.61
C GLU BA 88 36.30 32.06 -7.69
N PRO BA 89 35.43 32.56 -8.57
CA PRO BA 89 34.10 31.97 -8.70
C PRO BA 89 34.21 30.46 -8.94
N SER BA 90 35.17 30.04 -9.77
CA SER BA 90 35.36 28.62 -10.09
C SER BA 90 35.73 27.78 -8.91
N TYR BA 91 36.36 28.39 -7.90
CA TYR BA 91 36.76 27.64 -6.71
C TYR BA 91 35.53 27.47 -5.84
N ILE BA 92 34.79 28.55 -5.65
CA ILE BA 92 33.58 28.52 -4.83
C ILE BA 92 32.55 27.56 -5.44
N PHE BA 93 32.45 27.56 -6.76
CA PHE BA 93 31.52 26.68 -7.39
C PHE BA 93 31.89 25.23 -7.20
N GLU BA 94 33.10 24.87 -7.62
CA GLU BA 94 33.55 23.50 -7.50
C GLU BA 94 33.40 22.97 -6.07
N TYR BA 95 33.67 23.82 -5.10
CA TYR BA 95 33.54 23.44 -3.70
C TYR BA 95 32.09 23.09 -3.40
N LEU BA 96 31.18 23.98 -3.77
CA LEU BA 96 29.77 23.74 -3.51
C LEU BA 96 29.27 22.51 -4.28
N ALA BA 97 29.61 22.41 -5.55
CA ALA BA 97 29.18 21.27 -6.33
C ALA BA 97 29.69 19.99 -5.71
N THR BA 98 30.84 20.06 -5.04
CA THR BA 98 31.37 18.86 -4.41
C THR BA 98 30.51 18.50 -3.21
N VAL BA 99 30.19 19.49 -2.39
CA VAL BA 99 29.37 19.27 -1.20
C VAL BA 99 28.00 18.74 -1.56
N MET BA 100 27.37 19.38 -2.54
CA MET BA 100 26.04 18.98 -2.97
C MET BA 100 26.01 17.51 -3.38
N TYR BA 101 26.91 17.09 -4.26
CA TYR BA 101 26.93 15.72 -4.69
C TYR BA 101 27.25 14.73 -3.57
N GLN BA 102 28.12 15.12 -2.65
CA GLN BA 102 28.44 14.24 -1.54
C GLN BA 102 27.21 14.08 -0.67
N ARG BA 103 26.50 15.17 -0.42
CA ARG BA 103 25.32 15.09 0.41
C ARG BA 103 24.23 14.26 -0.25
N ARG BA 104 24.10 14.30 -1.56
CA ARG BA 104 23.07 13.50 -2.21
C ARG BA 104 23.47 12.05 -2.15
N SER BA 105 24.75 11.77 -2.26
CA SER BA 105 25.22 10.40 -2.23
C SER BA 105 25.11 9.76 -0.85
N LYS BA 106 24.84 10.57 0.17
CA LYS BA 106 24.66 10.04 1.53
C LYS BA 106 23.18 10.04 1.85
N MET BA 107 22.37 10.32 0.84
CA MET BA 107 20.92 10.36 0.97
C MET BA 107 20.43 11.39 1.97
N ASN BA 108 21.12 12.51 2.04
CA ASN BA 108 20.77 13.59 2.96
C ASN BA 108 21.23 14.84 2.22
N PRO BA 109 20.44 15.26 1.23
CA PRO BA 109 20.76 16.43 0.43
C PRO BA 109 20.52 17.77 1.06
N LEU BA 110 21.16 18.78 0.51
CA LEU BA 110 20.95 20.15 0.92
C LEU BA 110 19.90 20.45 -0.15
N TRP BA 111 18.67 20.65 0.28
CA TRP BA 111 17.57 20.86 -0.65
C TRP BA 111 17.60 22.20 -1.34
N ASN BA 112 18.57 22.39 -2.24
CA ASN BA 112 18.72 23.66 -2.92
C ASN BA 112 19.04 23.56 -4.37
N ALA BA 113 18.95 24.69 -5.04
CA ALA BA 113 19.32 24.85 -6.43
C ALA BA 113 20.15 26.15 -6.28
N ILE BA 114 21.37 26.12 -6.76
CA ILE BA 114 22.29 27.24 -6.60
C ILE BA 114 22.89 27.70 -7.91
N ILE BA 115 23.07 29.00 -8.06
CA ILE BA 115 23.72 29.53 -9.24
C ILE BA 115 24.89 30.37 -8.74
N VAL BA 116 26.08 30.09 -9.24
CA VAL BA 116 27.22 30.86 -8.85
C VAL BA 116 27.57 31.73 -10.03
N ALA BA 117 27.48 33.03 -9.82
CA ALA BA 117 27.75 34.00 -10.85
C ALA BA 117 28.96 34.80 -10.46
N GLY BA 118 29.87 35.00 -11.39
CA GLY BA 118 31.05 35.76 -11.05
C GLY BA 118 31.97 36.05 -12.21
N VAL BA 119 33.10 36.68 -11.91
CA VAL BA 119 34.07 37.00 -12.95
C VAL BA 119 35.45 36.54 -12.49
N GLN BA 120 36.07 35.71 -13.31
CA GLN BA 120 37.38 35.18 -13.02
C GLN BA 120 38.44 36.29 -13.08
N SER BA 121 39.59 36.05 -12.48
CA SER BA 121 40.69 37.03 -12.44
C SER BA 121 41.19 37.50 -13.81
N ASN BA 122 41.03 36.68 -14.84
CA ASN BA 122 41.46 37.05 -16.17
C ASN BA 122 40.33 37.69 -16.96
N GLY BA 123 39.23 38.02 -16.28
CA GLY BA 123 38.11 38.64 -16.96
C GLY BA 123 36.95 37.77 -17.42
N ASP BA 124 37.15 36.47 -17.52
CA ASP BA 124 36.09 35.55 -17.96
C ASP BA 124 34.86 35.57 -17.06
N GLN BA 125 33.70 35.55 -17.67
CA GLN BA 125 32.47 35.53 -16.90
C GLN BA 125 32.31 34.08 -16.47
N PHE BA 126 31.71 33.88 -15.31
CA PHE BA 126 31.47 32.53 -14.79
C PHE BA 126 30.01 32.47 -14.38
N LEU BA 127 29.32 31.46 -14.87
CA LEU BA 127 27.92 31.27 -14.53
C LEU BA 127 27.70 29.79 -14.55
N ARG BA 128 27.41 29.19 -13.40
CA ARG BA 128 27.19 27.76 -13.38
C ARG BA 128 26.21 27.37 -12.30
N TYR BA 129 25.40 26.36 -12.61
CA TYR BA 129 24.35 25.87 -11.71
C TYR BA 129 24.70 24.54 -11.06
N VAL BA 130 24.21 24.32 -9.84
CA VAL BA 130 24.36 23.07 -9.13
C VAL BA 130 23.14 22.92 -8.23
N ASN BA 131 22.53 21.73 -8.18
CA ASN BA 131 21.36 21.53 -7.32
C ASN BA 131 21.50 20.38 -6.33
N LEU BA 132 20.42 20.08 -5.64
CA LEU BA 132 20.39 19.04 -4.63
C LEU BA 132 20.89 17.69 -5.07
N LEU BA 133 20.97 17.43 -6.37
CA LEU BA 133 21.44 16.14 -6.85
C LEU BA 133 22.90 16.17 -7.31
N GLY BA 134 23.55 17.32 -7.28
CA GLY BA 134 24.92 17.41 -7.73
C GLY BA 134 25.02 17.64 -9.22
N VAL BA 135 23.88 17.88 -9.86
CA VAL BA 135 23.85 18.12 -11.29
C VAL BA 135 24.32 19.52 -11.51
N THR BA 136 25.17 19.71 -12.52
CA THR BA 136 25.74 21.02 -12.83
C THR BA 136 25.69 21.29 -14.32
N TYR BA 137 25.51 22.55 -14.68
CA TYR BA 137 25.51 22.96 -16.08
C TYR BA 137 25.73 24.45 -16.22
N SER BA 138 26.19 24.85 -17.38
CA SER BA 138 26.45 26.24 -17.63
C SER BA 138 25.74 26.64 -18.92
N SER BA 139 25.32 27.90 -19.00
CA SER BA 139 24.62 28.43 -20.17
C SER BA 139 24.67 29.93 -20.07
N PRO BA 140 24.47 30.65 -21.19
CA PRO BA 140 24.49 32.11 -21.18
C PRO BA 140 23.43 32.68 -20.25
N THR BA 141 22.39 31.89 -19.95
CA THR BA 141 21.37 32.29 -18.99
C THR BA 141 21.12 31.06 -18.14
N LEU BA 142 20.80 31.27 -16.87
CA LEU BA 142 20.52 30.17 -15.97
C LEU BA 142 19.51 30.67 -15.02
N ALA BA 143 18.53 29.84 -14.72
CA ALA BA 143 17.49 30.21 -13.79
C ALA BA 143 17.07 28.93 -13.11
N THR BA 144 16.60 29.04 -11.87
CA THR BA 144 16.18 27.88 -11.12
C THR BA 144 14.67 27.87 -10.93
N GLY BA 145 14.15 26.71 -10.57
CA GLY BA 145 12.73 26.54 -10.32
C GLY BA 145 11.83 27.15 -11.37
N PHE BA 146 10.87 27.90 -10.91
CA PHE BA 146 9.91 28.53 -11.80
C PHE BA 146 10.58 29.36 -12.89
N GLY BA 147 11.63 30.09 -12.52
CA GLY BA 147 12.32 30.93 -13.47
C GLY BA 147 12.91 30.18 -14.64
N ALA BA 148 13.12 28.90 -14.49
CA ALA BA 148 13.68 28.16 -15.61
C ALA BA 148 12.64 28.11 -16.70
N HIS BA 149 11.37 28.06 -16.30
CA HIS BA 149 10.26 27.98 -17.23
C HIS BA 149 9.87 29.30 -17.89
N MET BA 150 9.83 30.39 -17.11
CA MET BA 150 9.46 31.70 -17.62
C MET BA 150 10.59 32.69 -17.83
N ALA BA 151 11.63 32.70 -17.02
CA ALA BA 151 12.71 33.65 -17.25
C ALA BA 151 13.65 33.25 -18.38
N ASN BA 152 14.06 32.01 -18.44
CA ASN BA 152 14.95 31.62 -19.51
C ASN BA 152 14.45 31.95 -20.90
N PRO BA 153 13.17 31.73 -21.18
CA PRO BA 153 12.70 32.06 -22.54
C PRO BA 153 12.89 33.53 -22.87
N LEU BA 154 12.73 34.37 -21.86
CA LEU BA 154 12.88 35.80 -22.05
C LEU BA 154 14.35 36.19 -22.16
N LEU BA 155 15.18 35.77 -21.20
CA LEU BA 155 16.59 36.11 -21.23
C LEU BA 155 17.26 35.57 -22.47
N ARG BA 156 16.76 34.44 -22.98
CA ARG BA 156 17.33 33.82 -24.18
C ARG BA 156 17.07 34.58 -25.47
N LYS BA 157 16.06 35.44 -25.48
CA LYS BA 157 15.73 36.25 -26.64
C LYS BA 157 16.78 37.35 -26.78
N VAL BA 158 17.50 37.59 -25.68
CA VAL BA 158 18.56 38.59 -25.62
C VAL BA 158 19.87 37.91 -25.96
N VAL BA 159 20.17 36.80 -25.29
CA VAL BA 159 21.37 36.03 -25.52
C VAL BA 159 20.98 34.58 -25.83
N ASP BA 160 20.79 34.31 -27.11
CA ASP BA 160 20.38 32.99 -27.57
C ASP BA 160 21.54 32.00 -27.72
N ARG BA 161 22.75 32.53 -27.93
CA ARG BA 161 23.95 31.70 -28.08
C ARG BA 161 25.18 32.43 -27.55
N GLU BA 162 26.33 31.76 -27.56
CA GLU BA 162 27.58 32.35 -27.05
C GLU BA 162 27.98 33.66 -27.76
N SER BA 163 27.86 33.68 -29.08
CA SER BA 163 28.19 34.87 -29.85
C SER BA 163 27.36 36.09 -29.44
N ASP BA 164 26.19 35.90 -28.84
CA ASP BA 164 25.37 37.04 -28.44
C ASP BA 164 25.87 37.74 -27.16
N ILE BA 165 26.74 37.09 -26.42
CA ILE BA 165 27.23 37.70 -25.19
C ILE BA 165 27.99 39.00 -25.44
N PRO BA 166 29.00 39.00 -26.33
CA PRO BA 166 29.73 40.25 -26.58
C PRO BA 166 28.90 41.41 -27.17
N LYS BA 167 27.67 41.14 -27.61
CA LYS BA 167 26.81 42.17 -28.18
C LYS BA 167 25.81 42.70 -27.17
N THR BA 168 25.88 42.23 -25.93
CA THR BA 168 24.94 42.64 -24.89
C THR BA 168 25.55 43.52 -23.81
N THR BA 169 24.94 44.67 -23.55
CA THR BA 169 25.41 45.62 -22.55
C THR BA 169 24.71 45.44 -21.21
N VAL BA 170 25.30 45.97 -20.15
CA VAL BA 170 24.74 45.88 -18.81
C VAL BA 170 23.36 46.48 -18.77
N GLN BA 171 23.16 47.53 -19.55
CA GLN BA 171 21.89 48.21 -19.57
C GLN BA 171 20.82 47.26 -20.08
N VAL BA 172 21.11 46.62 -21.21
CA VAL BA 172 20.20 45.66 -21.84
C VAL BA 172 19.95 44.47 -20.92
N ALA BA 173 21.03 43.89 -20.40
CA ALA BA 173 20.93 42.76 -19.51
C ALA BA 173 20.12 43.10 -18.28
N GLU BA 174 20.42 44.20 -17.61
CA GLU BA 174 19.66 44.55 -16.42
C GLU BA 174 18.19 44.76 -16.72
N GLU BA 175 17.89 45.32 -17.90
CA GLU BA 175 16.50 45.54 -18.30
C GLU BA 175 15.76 44.20 -18.42
N ALA BA 176 16.39 43.25 -19.09
CA ALA BA 176 15.80 41.93 -19.26
C ALA BA 176 15.62 41.25 -17.92
N ILE BA 177 16.63 41.28 -17.06
CA ILE BA 177 16.51 40.66 -15.75
C ILE BA 177 15.34 41.27 -15.02
N VAL BA 178 15.26 42.59 -15.01
CA VAL BA 178 14.20 43.26 -14.30
C VAL BA 178 12.79 42.91 -14.82
N ASN BA 179 12.69 42.73 -16.13
CA ASN BA 179 11.39 42.37 -16.73
C ASN BA 179 11.01 40.92 -16.34
N ALA BA 180 11.98 40.00 -16.39
CA ALA BA 180 11.75 38.61 -16.01
C ALA BA 180 11.24 38.60 -14.59
N MET BA 181 11.88 39.35 -13.72
CA MET BA 181 11.45 39.39 -12.34
C MET BA 181 10.02 39.86 -12.20
N ARG BA 182 9.56 40.69 -13.15
CA ARG BA 182 8.18 41.18 -13.12
C ARG BA 182 7.25 40.07 -13.58
N VAL BA 183 7.63 39.38 -14.64
CA VAL BA 183 6.83 38.29 -15.15
C VAL BA 183 6.64 37.24 -14.05
N LEU BA 184 7.70 36.95 -13.33
CA LEU BA 184 7.65 35.98 -12.25
C LEU BA 184 6.73 36.45 -11.11
N TYR BA 185 6.63 37.74 -10.87
CA TYR BA 185 5.73 38.20 -9.81
C TYR BA 185 4.29 38.03 -10.30
N TYR BA 186 4.13 38.13 -11.61
CA TYR BA 186 2.83 37.97 -12.22
C TYR BA 186 2.33 36.54 -12.12
N ARG BA 187 3.15 35.61 -12.60
CA ARG BA 187 2.75 34.22 -12.66
C ARG BA 187 3.21 33.19 -11.63
N ASP BA 188 4.16 33.50 -10.76
CA ASP BA 188 4.61 32.55 -9.74
C ASP BA 188 3.90 32.92 -8.46
N ALA BA 189 3.10 32.02 -7.93
CA ALA BA 189 2.33 32.24 -6.70
C ALA BA 189 3.21 32.29 -5.47
N ARG BA 190 4.49 31.96 -5.62
CA ARG BA 190 5.40 31.99 -4.48
C ARG BA 190 6.45 33.09 -4.62
N SER BA 191 6.14 34.14 -5.36
CA SER BA 191 7.09 35.21 -5.55
C SER BA 191 6.74 36.36 -4.66
N SER BA 192 7.69 37.28 -4.56
CA SER BA 192 7.52 38.47 -3.78
C SER BA 192 7.82 39.56 -4.76
N ARG BA 193 7.33 40.75 -4.42
CA ARG BA 193 7.53 41.91 -5.26
C ARG BA 193 8.90 42.52 -4.99
N ASN BA 194 9.44 42.27 -3.81
CA ASN BA 194 10.73 42.81 -3.42
C ASN BA 194 11.86 41.86 -3.79
N PHE BA 195 12.91 42.38 -4.43
CA PHE BA 195 14.03 41.54 -4.83
C PHE BA 195 15.41 42.17 -4.74
N SER BA 196 16.44 41.38 -5.02
CA SER BA 196 17.79 41.86 -4.98
C SER BA 196 18.43 41.47 -6.28
N LEU BA 197 19.33 42.32 -6.76
CA LEU BA 197 20.01 42.09 -8.02
C LEU BA 197 21.48 42.42 -7.83
N ALA BA 198 22.35 41.65 -8.45
CA ALA BA 198 23.76 41.90 -8.31
C ALA BA 198 24.40 41.79 -9.67
N ILE BA 199 25.32 42.70 -9.94
CA ILE BA 199 26.06 42.74 -11.20
C ILE BA 199 27.52 42.58 -10.84
N ILE BA 200 28.23 41.71 -11.55
CA ILE BA 200 29.64 41.49 -11.31
C ILE BA 200 30.30 41.80 -12.63
N ASP BA 201 30.91 42.98 -12.72
CA ASP BA 201 31.56 43.49 -13.92
C ASP BA 201 33.09 43.49 -13.81
N LYS BA 202 33.77 43.15 -14.89
CA LYS BA 202 35.24 43.12 -14.89
C LYS BA 202 35.96 44.47 -14.74
N ASN BA 203 35.20 45.56 -14.77
CA ASN BA 203 35.76 46.89 -14.63
C ASN BA 203 35.21 47.58 -13.41
N THR BA 204 33.90 47.66 -13.32
CA THR BA 204 33.27 48.32 -12.18
C THR BA 204 33.11 47.45 -10.94
N GLY BA 205 33.49 46.18 -11.05
CA GLY BA 205 33.41 45.24 -9.92
C GLY BA 205 32.02 44.78 -9.53
N LEU BA 206 31.81 44.63 -8.23
CA LEU BA 206 30.52 44.19 -7.70
C LEU BA 206 29.64 45.32 -7.27
N THR BA 207 28.48 45.40 -7.90
CA THR BA 207 27.46 46.37 -7.59
C THR BA 207 26.33 45.50 -7.08
N PHE BA 208 25.89 45.71 -5.85
CA PHE BA 208 24.84 44.91 -5.28
C PHE BA 208 23.63 45.77 -4.95
N LYS BA 209 22.54 45.60 -5.67
CA LYS BA 209 21.35 46.42 -5.44
C LYS BA 209 20.31 45.73 -4.58
N LYS BA 210 20.05 46.31 -3.42
CA LYS BA 210 19.08 45.79 -2.48
C LYS BA 210 17.80 46.61 -2.55
N ASN BA 211 16.73 46.04 -2.02
CA ASN BA 211 15.42 46.68 -1.96
C ASN BA 211 14.79 47.18 -3.27
N LEU BA 212 14.94 46.40 -4.32
CA LEU BA 212 14.34 46.73 -5.61
C LEU BA 212 12.88 46.27 -5.56
N GLN BA 213 12.01 46.90 -6.34
CA GLN BA 213 10.61 46.56 -6.37
C GLN BA 213 10.18 46.49 -7.80
N VAL BA 214 9.34 45.53 -8.12
CA VAL BA 214 8.83 45.40 -9.48
C VAL BA 214 7.92 46.61 -9.66
N GLU BA 215 8.16 47.39 -10.72
CA GLU BA 215 7.35 48.59 -11.02
C GLU BA 215 6.89 48.51 -12.48
N ASN BA 216 6.07 49.47 -12.91
CA ASN BA 216 5.55 49.51 -14.29
C ASN BA 216 4.71 48.29 -14.63
N MET BA 217 3.80 47.92 -13.75
CA MET BA 217 2.95 46.75 -13.97
C MET BA 217 1.65 47.10 -14.70
N LYS BA 218 1.17 46.16 -15.50
CA LYS BA 218 -0.06 46.32 -16.24
C LYS BA 218 -1.16 45.51 -15.57
N TRP BA 219 -2.13 46.20 -14.97
CA TRP BA 219 -3.25 45.55 -14.31
C TRP BA 219 -4.53 46.23 -14.71
N ASP BA 220 -4.43 47.38 -15.36
CA ASP BA 220 -5.62 48.12 -15.75
C ASP BA 220 -6.64 47.32 -16.55
N PHE BA 221 -6.21 46.50 -17.49
CA PHE BA 221 -7.13 45.72 -18.32
C PHE BA 221 -8.12 44.86 -17.53
N ALA BA 222 -7.81 44.57 -16.28
CA ALA BA 222 -8.65 43.76 -15.44
C ALA BA 222 -10.02 44.36 -15.22
N LYS BA 223 -10.15 45.66 -15.41
CA LYS BA 223 -11.41 46.36 -15.18
C LYS BA 223 -12.51 45.91 -16.13
N ASP BA 224 -12.09 45.50 -17.32
CA ASP BA 224 -12.99 45.06 -18.38
C ASP BA 224 -13.31 43.57 -18.37
N ILE BA 225 -12.79 42.81 -17.40
CA ILE BA 225 -13.05 41.38 -17.35
C ILE BA 225 -14.12 41.12 -16.33
N LYS BA 226 -15.16 40.44 -16.76
CA LYS BA 226 -16.27 40.15 -15.87
C LYS BA 226 -16.77 38.74 -16.14
N GLY BA 227 -17.10 38.02 -15.08
CA GLY BA 227 -17.57 36.66 -15.25
C GLY BA 227 -16.48 35.76 -15.78
N TYR BA 228 -16.91 34.61 -16.30
CA TYR BA 228 -16.00 33.64 -16.86
C TYR BA 228 -16.53 33.08 -18.16
N GLY BA 229 -17.37 33.86 -18.83
CA GLY BA 229 -17.91 33.43 -20.09
C GLY BA 229 -19.09 34.23 -20.58
N THR BA 230 -20.24 34.09 -19.93
CA THR BA 230 -21.43 34.79 -20.37
C THR BA 230 -21.86 36.00 -19.57
N GLN BA 231 -21.38 36.12 -18.34
CA GLN BA 231 -21.77 37.25 -17.53
C GLN BA 231 -21.44 38.52 -18.26
N LYS BA 232 -22.39 39.45 -18.30
CA LYS BA 232 -22.22 40.72 -18.99
C LYS BA 232 -21.90 41.90 -18.09
N ILE BA 233 -22.26 41.80 -16.81
CA ILE BA 233 -21.97 42.88 -15.89
C ILE BA 233 -21.00 42.42 -14.81
#